data_9ETZ
#
_entry.id   9ETZ
#
_cell.length_a   1.00
_cell.length_b   1.00
_cell.length_c   1.00
_cell.angle_alpha   90.00
_cell.angle_beta   90.00
_cell.angle_gamma   90.00
#
_symmetry.space_group_name_H-M   'P 1'
#
loop_
_entity.id
_entity.type
_entity.pdbx_description
1 polymer 'Cytochrome b-c1 complex subunit 1, mitochondrial'
2 polymer 'Cytochrome b-c1 complex subunit 2, mitochondrial'
3 polymer 'Cytochrome b'
4 polymer 'Cytochrome c1, heme protein, mitochondrial'
5 polymer 'Cytochrome b-c1 complex subunit Rieske, mitochondrial'
6 polymer 'Cytochrome b-c1 complex subunit 6, mitochondrial'
7 polymer 'Cytochrome b-c1 complex subunit 7, mitochondrial'
8 polymer 'Cytochrome b-c1 complex subunit 8, mitochondrial'
9 polymer 'Cytochrome b-c1 complex subunit 9, mitochondrial'
10 polymer 'Cytochrome b-c1 complex subunit 10, mitochondrial'
11 polymer 'Cytochrome c oxidase subunit 1'
12 polymer 'Cytochrome c oxidase subunit 2'
13 polymer 'Cytochrome c oxidase subunit 3'
14 polymer 'Cytochrome c oxidase subunit 4, mitochondrial'
15 polymer 'Cytochrome c oxidase subunit 6, mitochondrial'
16 polymer 'Cytochrome c oxidase subunit 7, mitochondrial'
17 polymer 'Cytochrome c oxidase subunit 8, mitochondrial'
18 polymer 'Cytochrome c oxidase subunit 9, mitochondrial'
19 polymer 'Cytochrome c oxidase subunit 12, mitochondrial'
20 polymer 'Cytochrome c oxidase subunit 13, mitochondrial'
21 polymer 'Cytochrome c oxidase subunit 26, mitochondrial'
22 polymer 'Cytochrome c oxidase subunit 5A, mitochondrial'
23 non-polymer CARDIOLIPIN
24 non-polymer 'PROTOPORPHYRIN IX CONTAINING FE'
25 non-polymer DI-PALMITOYL-3-SN-PHOSPHATIDYLETHANOLAMINE
26 non-polymer 1,2-DIACYL-SN-GLYCERO-3-PHOSHOCHOLINE
27 non-polymer 5-(3,7,11,15,19,23-HEXAMETHYL-TETRACOSA-2,6,10,14,18,22-HEXAENYL)-2,3-DIMETHOXY-6-METHYL-BENZENE-1,4-DIOL
28 non-polymer 'HEME C'
29 non-polymer 'FE2/S2 (INORGANIC) CLUSTER'
30 non-polymer 'COPPER (II) ION'
31 non-polymer HEME-A
32 non-polymer 'CALCIUM ION'
33 non-polymer 'MAGNESIUM ION'
34 non-polymer 'DINUCLEAR COPPER ION'
35 non-polymer 'ZINC ION'
36 water water
#
loop_
_entity_poly.entity_id
_entity_poly.type
_entity_poly.pdbx_seq_one_letter_code
_entity_poly.pdbx_strand_id
1 'polypeptide(L)'
;AEVTQLSNGIVVATEHNPSAHTASVGVVFGSGAANENPYNNGVSNLWKNIFLSKENSAVAAKEGLALSSNISRDFQSYIV
SSLPGSTDKSLDFLNQSFIQQKANLLSSSNFEATKKSVLKQVQDFEENDHPNRVLEHLHSTAFQNTPLSLPTRGTLESLE
NLVVADLESFANNHFLNSNAVVVGTGNIKHEDLVNSIESKNLSLQTGTKPVLKKKAAFLGSEVRLRDDTLPKAWISLAVE
GEPVNSPNYFVAKLAAQIFGSYNAFEPASRLQGIKLLDNIQEYQLCDNFNHFSLSYKDSGLWGFSTATRNVTMIDDLIHF
TLKQWNRLTISVTDTEVERAKSLLKLQLGQLYESGNPVNDANLLGAEVLIKGSKLSLGEAFKKIDAITVKDVKAWAGKRL
WDQDIAIAGTGQIEGLLDYMRIRSDMSMMRW
;
A,L
2 'polypeptide(L)'
;LTVSARDAPTKISTLAVKVHGGSRYATKDGVAHLLNRFNFQNTNTRSALKLVRESELLGGTFKSTLDREYITLKATFLKD
DLPYYVNALADVLYKTAFKPHELTESVLPAARYDYAVAEQCPVKSAEDQLYAITFRKGLGNPLLYDGVERVSLQDIKDFA
DKVYTKENLEVSGENVVEADLKRFVDESLLSTLPAGKSLVSKSEPKFFLGEENRVRFIGDSVAAIGIPVNKASLAQYEVL
ANYLTSALSELSGLISSAKLDKFTDGGLFTLFVRDQDSAVVSSNIKKIVADLKKGKDLSPAINYTKLKNAVQNESVSSPI
ELNFDAVKDFKLGKFNYVAVGDVSNLPYLDEL
;
B,M
3 'polypeptide(L)'
;MAFRKSNVYLSLVNSYIIDSPQPSSINYWWNMGSLLGLCLVIQIVTGIFMAMHYSSNIELAFSSVEHIMRDVHNGYILRY
LHANGASFFFMVMFMHMAKGLYYGSYRSPRVTLWNVGVIIFILTIATAFLGYCCVYGQMSHWGATVITNLFSAIPFVGND
IVSWLWGGFSVSNPTIQRFFALHYLVPFIIAAMVIMHLMALHIHGSSNPLGITGNLDRIPMHSYFIFKDLVTVFLFMLIL
ALFVFYSPNTLGHPDNYIPGNPLVTPASIVPEWYLLPFYAILRSIPDKLLGVITMFAAILVLLVLPFTDRSVVRGNTFKV
LSKFFFFIFVFNFVLLGQIGACHVEVPYVLMGQIATFIYFAYFLIIVPVISTIENVLFYIGRVNK
;
C,N
4 'polypeptide(L)'
;MTAAEHGLHAPAYAWSHNGPFETFDHASIRRGYQVYREVCAACHSLDRVAWRTLVGVSHTNEEVRNMAEEFEYDDEPDEQ
GNPKKRPGKLSDYIPGPYPNEQAARAANQGALPPDLSLIVKARHGGCDYIFSLLTGYPDEPPAGVALPPGSNYNPYFPGG
SIAMARVLFDDMVEYEDGTPATTSQMAKDVTTFLNWCAEPEHDERKRLGLKTVIILSSLYLLSIWVKKFKWAGIKTRKFV
FNPPKPR
;
D,O
5 'polypeptide(L)'
;KSTYRTPNFDDVLKENNDADKGRSYAYFMVGAMGLLSSAGAKSTVETFISSMTATADVLAMAKVEVNLAAIPLGKNVVVK
WQGKPVFIRHRTPHEIQEANSVDMSALKDPQTDADRVKDPQWLIMLGICTHLGCVPIGEAGDFGGWFCPCHGSHYDISGR
IRKGPAPLNLEIPAYEFDGDKVIVG
;
E,P
6 'polypeptide(L)' EVTDQLEDLREHFKNTEEGKALVHHYEECAERVKIQQQQPGYADLEHKEDCVEEFFHLQHYLDTATAPRLFDKLK F,Q
7 'polypeptide(L)'
;PQSFTSIARIGDYILKSPVLSKLCVPVANQFINLAGYKKLGLKFDDLIAEENPIMQTALRRLPEDESYARAYRIIRAHQT
ELTHHLLPRNEWIKAQEDVPYLLPYILEAEAAAKEKDELDNIEVSK
;
G,R
8 'polypeptide(L)'
;GPPSGKTYMGWWGHMGGPKQKGITSYAVSPYAQKPLQGIFHNAVFNSFRRFKSQFLYVLIPAGIYWYWWKNGNEYNEFLY
SKAGREELERVNV
;
H,S
9 'polypeptide(L)' SFSSLYKTFFKRNAVFVGTIFAGAFVFQTVFDTAITSWYENHNKGKLWKDVKARIAA I,T
10 'polypeptide(L)' AYTSHLSSKTGLHFGRLSLRSLTAYAPNLMLWGGASMLGLFVFTEGWPKFQDTLYKKIPLLGPTLEDHTPPEDKPN J,U
11 'polypeptide(L)'
;MVQRWLYSTNAKDIAVLYFMLAIFSGMAGTAMSLIIRLELAAPGSQYLHGNSQLFNVLVVGHAVLMIFFLVMPALIGGFG
NYLLPLMIGATDTAFPRINNIAFWVLPMGLVCLVTSTLVESGAGTGWTVYPPLSSIQAHSGPSVDLAIFALHLTSISSLL
GAINFIVTTLNMRTNGMTMHKLPLFVWSIFITAFLLLLSLPVLSAGITMLLLDRNFNTSFFEVSGGGDPILYEHLFWFFG
HPEVYILIIPGFGIISHVVSTYSKKPVFGEISMVYAMASIGLLGFLVWSHHMYIVGLDADTRAYFTSATMIIAIPTGIKI
FSWLATIHGGSIRLATPMLYAIAFLFLFTMGGLTGVALANASLDVAFHDTYYVVGHFHYVLSMGAIFSLFAGYYYWSPQI
LGLNYNEKLAQIQFWLIFIGANVIFFPMHFLGINGMPRRIPDYPDAFAGWNYVASIGSFIATLSLFLFIYILYDQLVNGL
NNKVNNKSVIYNKAPDFVESNTIFNLNTVKSSSIEFLLTSPPAVHSFNTPAVQS
;
a
12 'polypeptide(L)'
;DVPTPYACYFQDSATPNQEGILELHDNIMFYLLVILGLVSWMLYTIVMTYSKNPIAYKYIKHGQTIEVIWTIFPAVILLI
IAFPSFILLYLCDEVISPAMTIKAIGYQWYWKYEYSDFINDSGETVEFESYVIPDELLEEGQLRLLDTDTSMVVPVDTHI
RFVVTAADVIHDFAIPSLGIKVDATPGRLNQVSALIQREGVFYGACSELCGTGHANMPIKIEAVSLPKFLEWLNEQ
;
b
13 'polypeptide(L)'
;MTHLERSRHQQHPFHMVMPSPWPIVVSFALLSLALSTALTMHGYIGNMNMVYLALFVLLTSSILWFRDIVAEATYLGDHT
MAVRKGINLGFLMFVLSEVLIFAGLFWAYFHSAMSPDVTLGACWPPVGIEAVQPTELPLLNTIILLSSGATVTYSHHALI
AGNRNKALSGLLITFWLIVIFVTCQYIEYTNAAFTISDGVYGSVFYAGTGLHFLHMVMLAAMLGVNYWRMRNYHLTAGHH
VGYETTIIYTHVLDVIWLFLYVVFYWWGV
;
c
14 'polypeptide(L)'
;VVKTAQNLAEVNGPETLIGPGAKEGTVPTDLDQETGLARLELLGKLEGIDVFDTKPLDSSRKGTMKDPIIIESYDDYRYV
GCTGSPAGSHTIMWLKPTVNEVARCWECGSVYKLNPVGVP
;
d
15 'polypeptide(L)'
;DEETFEEFTARYEKEFDEAYDLFEVQRVLNNCFSYDLVPAPAVIEKALRAARRVNDLPTAIRVFEALKYKVENEDQYKAY
LDELKDVRQELGVPLKEELFPS
;
f
16 'polypeptide(L)' ANKVIQLQKIFQSSTKPLWWRHPRSALYLYPFYAIFAVAVVTPLLYIPNAIRGIKAKKA g
17 'polypeptide(L)' VHFKDGVYENIPFKVKGRKTPYALSHFGFFAIGFAVPFVACYVQLKKSGAF h
18 'polypeptide(L)' TIAPITGTIKRRVIMDIVLGFSLGGVMASYWWWGFHMDKINKREKFYAELAERKK i
19 'polypeptide(L)' SPLHTVGFDARFPQQNQTKHCWQSYVDYHKCVNMKGEDFAPCKVFWKTYNALCPLDWIEKWDDQREKGIFAGDIN j
20 'polypeptide(L)'
;LPPNALKPAFGPPDKVAAQKFKESLMATEKHAKDTSNMWVKISVWVALPAIALTAVNTYFVEKEHAEHREHLKHVPDSEW
PRDYEFMNIRSKPFFWGDGDKTLFWNPVVNRHI
;
k
21 'polypeptide(L)' GRIGESWVITEGRRLIPEIFQWSAVLSVCLGWPGAVYFFSKARKA l
22 'polypeptide(L)'
;AQTHALSNAAVMDLQSRWENMPSTEQQDIVSKLSERQKLPWAQLTEPEKQAVWYISYGEWGPRRPVLNKGDSSFIAKGVA
AGLLFSVGLFAVVRMAGGQDAKTMNKEWQLKSDEYLKSKNANPWGGYSQVQSK
;
e
#
loop_
_chem_comp.id
_chem_comp.type
_chem_comp.name
_chem_comp.formula
CA non-polymer 'CALCIUM ION' 'Ca 2'
CDL non-polymer CARDIOLIPIN 'C81 H156 O17 P2 -2'
CU non-polymer 'COPPER (II) ION' 'Cu 2'
CUA non-polymer 'DINUCLEAR COPPER ION' Cu2
FES non-polymer 'FE2/S2 (INORGANIC) CLUSTER' 'Fe2 S2'
HEA non-polymer HEME-A 'C49 H56 Fe N4 O6'
HEC non-polymer 'HEME C' 'C34 H34 Fe N4 O4'
HEM non-polymer 'PROTOPORPHYRIN IX CONTAINING FE' 'C34 H32 Fe N4 O4'
MG non-polymer 'MAGNESIUM ION' 'Mg 2'
PCF non-polymer 1,2-DIACYL-SN-GLYCERO-3-PHOSHOCHOLINE 'C40 H80 N O8 P'
PEF non-polymer DI-PALMITOYL-3-SN-PHOSPHATIDYLETHANOLAMINE 'C37 H74 N O8 P'
UQ6 non-polymer 5-(3,7,11,15,19,23-HEXAMETHYL-TETRACOSA-2,6,10,14,18,22-HEXAENYL)-2,3-DIMETHOXY-6-METHYL-BENZENE-1,4-DIOL 'C39 H60 O4'
ZN non-polymer 'ZINC ION' 'Zn 2'
#
# COMPACT_ATOMS: atom_id res chain seq x y z
N ALA A 1 -50.80 34.77 -4.58
CA ALA A 1 -51.29 34.37 -5.89
C ALA A 1 -52.02 33.02 -5.81
N GLU A 2 -51.27 31.96 -5.57
CA GLU A 2 -51.85 30.63 -5.52
C GLU A 2 -52.74 30.47 -4.29
N VAL A 3 -53.81 29.69 -4.45
CA VAL A 3 -54.75 29.43 -3.38
C VAL A 3 -54.93 27.92 -3.24
N THR A 4 -54.91 27.44 -2.00
CA THR A 4 -55.08 26.02 -1.71
C THR A 4 -56.19 25.85 -0.68
N GLN A 5 -57.12 24.94 -0.95
CA GLN A 5 -58.19 24.60 -0.03
C GLN A 5 -58.22 23.10 0.22
N LEU A 6 -58.69 22.73 1.40
CA LEU A 6 -58.98 21.33 1.74
C LEU A 6 -60.46 21.25 2.06
N SER A 7 -61.28 21.10 1.02
CA SER A 7 -62.72 20.98 1.25
C SER A 7 -63.08 19.59 1.75
N ASN A 8 -62.30 18.60 1.38
CA ASN A 8 -62.53 17.20 1.75
C ASN A 8 -61.17 16.52 1.80
N GLY A 9 -61.16 15.19 1.70
CA GLY A 9 -59.90 14.47 1.62
C GLY A 9 -59.05 14.90 0.45
N ILE A 10 -59.67 15.44 -0.60
CA ILE A 10 -58.94 15.96 -1.76
C ILE A 10 -58.58 17.41 -1.50
N VAL A 11 -57.50 17.85 -2.15
CA VAL A 11 -56.99 19.21 -1.99
C VAL A 11 -57.04 19.90 -3.34
N VAL A 12 -57.46 21.16 -3.35
CA VAL A 12 -57.60 21.94 -4.57
C VAL A 12 -56.60 23.09 -4.53
N ALA A 13 -55.72 23.13 -5.53
CA ALA A 13 -54.73 24.19 -5.66
C ALA A 13 -54.84 24.80 -7.05
N THR A 14 -54.65 26.12 -7.13
CA THR A 14 -54.90 26.83 -8.38
C THR A 14 -53.83 27.90 -8.58
N GLU A 15 -53.78 28.42 -9.82
CA GLU A 15 -52.90 29.53 -10.18
C GLU A 15 -53.59 30.30 -11.29
N HIS A 16 -54.27 31.39 -10.93
CA HIS A 16 -55.04 32.17 -11.88
C HIS A 16 -54.12 33.06 -12.71
N ASN A 17 -54.25 32.99 -14.03
CA ASN A 17 -53.50 33.83 -14.96
C ASN A 17 -54.50 34.43 -15.95
N PRO A 18 -55.09 35.57 -15.62
CA PRO A 18 -56.17 36.10 -16.46
C PRO A 18 -55.75 36.47 -17.87
N SER A 19 -54.46 36.68 -18.11
CA SER A 19 -53.95 37.04 -19.43
C SER A 19 -53.47 35.83 -20.22
N ALA A 20 -54.05 34.67 -19.97
CA ALA A 20 -53.74 33.46 -20.71
C ALA A 20 -54.86 33.13 -21.68
N HIS A 21 -54.59 32.20 -22.58
CA HIS A 21 -55.54 31.81 -23.61
C HIS A 21 -55.93 30.33 -23.53
N THR A 22 -55.45 29.60 -22.54
CA THR A 22 -55.83 28.21 -22.33
C THR A 22 -56.01 27.97 -20.84
N ALA A 23 -56.61 26.83 -20.52
CA ALA A 23 -56.73 26.38 -19.14
C ALA A 23 -56.41 24.90 -19.09
N SER A 24 -55.95 24.43 -17.93
CA SER A 24 -55.64 23.02 -17.73
C SER A 24 -56.07 22.60 -16.34
N VAL A 25 -56.70 21.43 -16.25
CA VAL A 25 -57.09 20.83 -14.98
C VAL A 25 -56.58 19.39 -14.97
N GLY A 26 -56.38 18.87 -13.77
CA GLY A 26 -55.88 17.51 -13.65
C GLY A 26 -55.70 17.12 -12.20
N VAL A 27 -55.15 15.94 -12.00
CA VAL A 27 -54.93 15.36 -10.69
C VAL A 27 -53.49 14.85 -10.61
N VAL A 28 -52.80 15.18 -9.53
CA VAL A 28 -51.42 14.74 -9.29
C VAL A 28 -51.41 13.86 -8.04
N PHE A 29 -50.86 12.67 -8.16
CA PHE A 29 -50.78 11.72 -7.06
C PHE A 29 -49.38 11.73 -6.46
N GLY A 30 -49.30 11.50 -5.15
CA GLY A 30 -48.03 11.50 -4.46
C GLY A 30 -47.33 10.15 -4.46
N SER A 31 -47.35 9.45 -5.59
CA SER A 31 -46.64 8.19 -5.73
C SER A 31 -45.97 8.14 -7.09
N GLY A 32 -44.82 7.48 -7.15
CA GLY A 32 -44.09 7.35 -8.38
C GLY A 32 -43.39 6.02 -8.52
N ALA A 33 -42.26 5.98 -9.22
CA ALA A 33 -41.50 4.76 -9.35
C ALA A 33 -40.84 4.33 -8.04
N ALA A 34 -40.82 5.20 -7.04
CA ALA A 34 -40.26 4.85 -5.73
C ALA A 34 -41.22 4.02 -4.90
N ASN A 35 -42.45 3.82 -5.35
CA ASN A 35 -43.45 3.00 -4.66
C ASN A 35 -43.74 1.71 -5.43
N GLU A 36 -42.70 1.11 -6.01
CA GLU A 36 -42.85 -0.18 -6.65
C GLU A 36 -41.84 -1.18 -6.11
N ASN A 37 -41.68 -2.30 -6.78
CA ASN A 37 -40.71 -3.33 -6.43
C ASN A 37 -40.12 -3.91 -7.70
N PRO A 38 -38.97 -4.57 -7.62
CA PRO A 38 -38.31 -5.06 -8.83
C PRO A 38 -39.18 -5.88 -9.76
N TYR A 39 -40.23 -6.52 -9.25
CA TYR A 39 -40.98 -7.49 -10.04
C TYR A 39 -42.17 -6.86 -10.78
N ASN A 40 -42.66 -5.71 -10.33
CA ASN A 40 -43.68 -4.96 -11.07
C ASN A 40 -43.18 -3.62 -11.54
N ASN A 41 -41.87 -3.44 -11.67
CA ASN A 41 -41.34 -2.16 -12.13
C ASN A 41 -41.91 -1.80 -13.50
N GLY A 42 -42.40 -0.58 -13.62
CA GLY A 42 -42.99 -0.13 -14.87
C GLY A 42 -44.51 -0.19 -14.94
N VAL A 43 -45.18 -0.50 -13.83
CA VAL A 43 -46.64 -0.47 -13.83
C VAL A 43 -47.14 0.97 -14.00
N SER A 44 -46.50 1.92 -13.33
CA SER A 44 -46.93 3.31 -13.43
C SER A 44 -46.66 3.88 -14.82
N ASN A 45 -45.69 3.31 -15.53
CA ASN A 45 -45.46 3.69 -16.93
C ASN A 45 -46.54 3.12 -17.84
N LEU A 46 -47.07 1.94 -17.51
CA LEU A 46 -48.16 1.36 -18.27
C LEU A 46 -49.46 2.11 -18.07
N TRP A 47 -49.69 2.66 -16.87
CA TRP A 47 -50.90 3.42 -16.61
C TRP A 47 -50.91 4.72 -17.39
N LYS A 48 -49.74 5.34 -17.59
CA LYS A 48 -49.67 6.58 -18.35
C LYS A 48 -50.07 6.37 -19.79
N ASN A 49 -49.63 5.27 -20.40
CA ASN A 49 -49.95 4.98 -21.79
C ASN A 49 -51.37 4.49 -21.99
N ILE A 50 -52.02 3.97 -20.94
CA ILE A 50 -53.44 3.66 -21.03
C ILE A 50 -54.27 4.93 -21.07
N PHE A 51 -53.89 5.93 -20.26
CA PHE A 51 -54.57 7.22 -20.27
C PHE A 51 -54.43 7.91 -21.62
N LEU A 52 -53.31 7.69 -22.32
CA LEU A 52 -53.05 8.31 -23.61
C LEU A 52 -53.26 7.35 -24.78
N SER A 53 -54.14 6.36 -24.61
CA SER A 53 -54.40 5.41 -25.67
C SER A 53 -55.28 6.05 -26.75
N LYS A 54 -55.39 5.36 -27.89
CA LYS A 54 -56.09 5.92 -29.04
C LYS A 54 -57.57 6.13 -28.73
N GLU A 55 -58.23 5.12 -28.15
CA GLU A 55 -59.66 5.22 -27.87
C GLU A 55 -59.96 6.32 -26.85
N ASN A 56 -59.13 6.43 -25.82
CA ASN A 56 -59.32 7.48 -24.82
C ASN A 56 -59.12 8.86 -25.44
N SER A 57 -58.12 9.00 -26.31
CA SER A 57 -57.82 10.30 -26.90
C SER A 57 -58.83 10.69 -27.97
N ALA A 58 -59.46 9.71 -28.62
CA ALA A 58 -60.47 10.03 -29.63
C ALA A 58 -61.69 10.71 -29.00
N VAL A 59 -62.09 10.25 -27.82
CA VAL A 59 -63.22 10.87 -27.12
C VAL A 59 -62.87 12.30 -26.73
N ALA A 60 -61.65 12.53 -26.26
CA ALA A 60 -61.26 13.87 -25.84
C ALA A 60 -61.07 14.81 -27.02
N ALA A 61 -60.61 14.29 -28.16
CA ALA A 61 -60.40 15.14 -29.33
C ALA A 61 -61.71 15.67 -29.88
N LYS A 62 -62.75 14.83 -29.89
CA LYS A 62 -64.06 15.26 -30.39
C LYS A 62 -64.64 16.39 -29.57
N GLU A 63 -64.17 16.59 -28.33
CA GLU A 63 -64.62 17.67 -27.47
C GLU A 63 -63.67 18.85 -27.45
N GLY A 64 -62.55 18.77 -28.17
CA GLY A 64 -61.57 19.83 -28.16
C GLY A 64 -60.70 19.84 -26.91
N LEU A 65 -60.13 18.68 -26.56
CA LEU A 65 -59.32 18.53 -25.37
C LEU A 65 -58.01 17.84 -25.72
N ALA A 66 -56.97 18.15 -24.96
CA ALA A 66 -55.65 17.55 -25.12
C ALA A 66 -55.21 16.91 -23.82
N LEU A 67 -54.62 15.72 -23.91
CA LEU A 67 -54.26 14.91 -22.75
C LEU A 67 -52.74 14.90 -22.55
N SER A 68 -52.32 15.00 -21.29
CA SER A 68 -50.91 14.96 -20.93
C SER A 68 -50.73 14.13 -19.67
N SER A 69 -49.60 13.44 -19.57
CA SER A 69 -49.29 12.63 -18.40
C SER A 69 -47.78 12.55 -18.22
N ASN A 70 -47.34 12.51 -16.96
CA ASN A 70 -45.92 12.49 -16.62
C ASN A 70 -45.71 11.60 -15.40
N ILE A 71 -44.60 10.85 -15.42
CA ILE A 71 -44.24 9.95 -14.33
C ILE A 71 -42.86 10.35 -13.81
N SER A 72 -42.77 10.58 -12.50
CA SER A 72 -41.52 10.92 -11.84
C SER A 72 -41.25 9.90 -10.73
N ARG A 73 -40.19 10.17 -9.95
CA ARG A 73 -39.84 9.29 -8.85
C ARG A 73 -40.76 9.46 -7.65
N ASP A 74 -41.30 10.66 -7.44
CA ASP A 74 -42.15 10.93 -6.29
C ASP A 74 -43.60 11.25 -6.64
N PHE A 75 -43.95 11.37 -7.91
CA PHE A 75 -45.31 11.77 -8.26
C PHE A 75 -45.61 11.34 -9.69
N GLN A 76 -46.90 11.42 -10.02
CA GLN A 76 -47.40 11.20 -11.38
C GLN A 76 -48.64 12.04 -11.56
N SER A 77 -48.83 12.56 -12.78
CA SER A 77 -49.89 13.51 -13.05
C SER A 77 -50.66 13.14 -14.31
N TYR A 78 -51.92 13.56 -14.34
CA TYR A 78 -52.82 13.33 -15.47
C TYR A 78 -53.58 14.62 -15.72
N ILE A 79 -53.26 15.30 -16.84
CA ILE A 79 -53.73 16.65 -17.10
C ILE A 79 -54.60 16.66 -18.35
N VAL A 80 -55.59 17.56 -18.36
CA VAL A 80 -56.45 17.79 -19.51
C VAL A 80 -56.45 19.29 -19.81
N SER A 81 -56.08 19.66 -21.03
CA SER A 81 -56.00 21.05 -21.44
C SER A 81 -57.19 21.42 -22.31
N SER A 82 -57.62 22.67 -22.22
CA SER A 82 -58.82 23.11 -22.92
C SER A 82 -58.81 24.63 -23.03
N LEU A 83 -59.73 25.15 -23.84
CA LEU A 83 -59.91 26.58 -23.96
C LEU A 83 -60.55 27.13 -22.68
N PRO A 84 -60.41 28.43 -22.42
CA PRO A 84 -60.86 28.98 -21.14
C PRO A 84 -62.35 28.81 -20.87
N GLY A 85 -63.17 28.66 -21.90
CA GLY A 85 -64.60 28.56 -21.68
C GLY A 85 -65.12 27.13 -21.59
N SER A 86 -64.24 26.17 -21.37
CA SER A 86 -64.62 24.75 -21.38
C SER A 86 -63.96 24.00 -20.24
N THR A 87 -63.95 24.59 -19.05
CA THR A 87 -63.32 23.93 -17.90
C THR A 87 -64.18 22.79 -17.38
N ASP A 88 -65.50 22.98 -17.32
CA ASP A 88 -66.38 21.92 -16.85
C ASP A 88 -66.43 20.74 -17.80
N LYS A 89 -66.09 20.93 -19.07
CA LYS A 89 -66.00 19.82 -20.00
C LYS A 89 -64.83 18.91 -19.69
N SER A 90 -63.72 19.47 -19.21
CA SER A 90 -62.54 18.68 -18.88
C SER A 90 -62.70 17.95 -17.56
N LEU A 91 -63.38 18.56 -16.59
CA LEU A 91 -63.63 17.87 -15.32
C LEU A 91 -64.50 16.64 -15.53
N ASP A 92 -65.49 16.75 -16.42
CA ASP A 92 -66.34 15.60 -16.70
C ASP A 92 -65.55 14.48 -17.38
N PHE A 93 -64.66 14.83 -18.32
CA PHE A 93 -63.87 13.81 -18.98
C PHE A 93 -62.94 13.10 -18.01
N LEU A 94 -62.29 13.86 -17.13
CA LEU A 94 -61.41 13.26 -16.14
C LEU A 94 -62.17 12.31 -15.22
N ASN A 95 -63.38 12.70 -14.83
CA ASN A 95 -64.18 11.88 -13.92
C ASN A 95 -64.61 10.58 -14.59
N GLN A 96 -65.20 10.67 -15.79
CA GLN A 96 -65.81 9.51 -16.41
C GLN A 96 -64.79 8.55 -17.01
N SER A 97 -63.56 8.98 -17.23
CA SER A 97 -62.56 8.13 -17.86
C SER A 97 -61.47 7.65 -16.92
N PHE A 98 -61.18 8.40 -15.86
CA PHE A 98 -60.10 8.02 -14.94
C PHE A 98 -60.60 7.72 -13.53
N ILE A 99 -61.35 8.64 -12.93
CA ILE A 99 -61.78 8.45 -11.54
C ILE A 99 -62.72 7.25 -11.45
N GLN A 100 -63.67 7.15 -12.37
CA GLN A 100 -64.58 6.02 -12.45
C GLN A 100 -64.59 5.49 -13.87
N GLN A 101 -65.22 4.33 -14.04
CA GLN A 101 -65.28 3.64 -15.33
C GLN A 101 -63.87 3.42 -15.89
N LYS A 102 -63.03 2.76 -15.10
CA LYS A 102 -61.67 2.43 -15.51
C LYS A 102 -61.57 1.04 -16.13
N ALA A 103 -62.66 0.27 -16.16
CA ALA A 103 -62.60 -1.09 -16.67
C ALA A 103 -62.57 -1.14 -18.19
N ASN A 104 -63.26 -0.21 -18.87
CA ASN A 104 -63.25 -0.21 -20.32
C ASN A 104 -61.88 0.15 -20.88
N LEU A 105 -61.14 1.03 -20.21
CA LEU A 105 -59.77 1.31 -20.59
C LEU A 105 -58.89 0.07 -20.42
N LEU A 106 -59.09 -0.66 -19.33
CA LEU A 106 -58.30 -1.85 -19.03
C LEU A 106 -58.78 -3.09 -19.77
N SER A 107 -59.58 -2.91 -20.81
CA SER A 107 -60.09 -4.05 -21.55
C SER A 107 -58.96 -4.73 -22.31
N SER A 108 -59.21 -5.98 -22.69
CA SER A 108 -58.29 -6.67 -23.57
C SER A 108 -58.36 -6.05 -24.97
N SER A 109 -57.35 -6.38 -25.78
CA SER A 109 -57.14 -5.79 -27.11
C SER A 109 -56.72 -4.32 -26.98
N ASN A 110 -56.78 -3.78 -25.77
CA ASN A 110 -56.28 -2.45 -25.45
C ASN A 110 -55.11 -2.49 -24.49
N PHE A 111 -55.17 -3.36 -23.49
CA PHE A 111 -54.00 -3.60 -22.65
C PHE A 111 -52.89 -4.29 -23.45
N GLU A 112 -53.26 -5.26 -24.30
CA GLU A 112 -52.25 -5.99 -25.06
C GLU A 112 -51.52 -5.08 -26.05
N ALA A 113 -52.27 -4.23 -26.76
CA ALA A 113 -51.65 -3.34 -27.74
C ALA A 113 -50.80 -2.28 -27.06
N THR A 114 -51.29 -1.71 -25.96
CA THR A 114 -50.52 -0.70 -25.25
C THR A 114 -49.25 -1.30 -24.65
N LYS A 115 -49.35 -2.51 -24.11
CA LYS A 115 -48.18 -3.17 -23.54
C LYS A 115 -47.13 -3.45 -24.61
N LYS A 116 -47.58 -3.84 -25.81
CA LYS A 116 -46.63 -4.13 -26.89
C LYS A 116 -45.88 -2.88 -27.32
N SER A 117 -46.53 -1.72 -27.30
CA SER A 117 -45.87 -0.50 -27.71
C SER A 117 -44.92 0.04 -26.64
N VAL A 118 -45.27 -0.11 -25.37
CA VAL A 118 -44.39 0.34 -24.30
C VAL A 118 -43.11 -0.49 -24.25
N LEU A 119 -43.22 -1.79 -24.57
CA LEU A 119 -42.03 -2.62 -24.64
C LEU A 119 -41.07 -2.13 -25.71
N LYS A 120 -41.58 -1.52 -26.78
CA LYS A 120 -40.73 -0.99 -27.83
C LYS A 120 -40.07 0.32 -27.40
N GLN A 121 -40.80 1.16 -26.68
CA GLN A 121 -40.22 2.42 -26.19
C GLN A 121 -39.06 2.16 -25.24
N VAL A 122 -39.20 1.16 -24.37
CA VAL A 122 -38.17 0.87 -23.39
C VAL A 122 -36.93 0.28 -24.06
N GLN A 123 -37.12 -0.60 -25.03
CA GLN A 123 -35.99 -1.20 -25.73
C GLN A 123 -35.18 -0.15 -26.50
N ASP A 124 -35.86 0.79 -27.14
CA ASP A 124 -35.16 1.85 -27.86
C ASP A 124 -34.39 2.76 -26.91
N PHE A 125 -34.96 3.04 -25.75
CA PHE A 125 -34.29 3.90 -24.78
C PHE A 125 -32.99 3.27 -24.29
N GLU A 126 -32.99 1.96 -24.08
CA GLU A 126 -31.83 1.27 -23.56
C GLU A 126 -30.74 1.04 -24.59
N GLU A 127 -31.00 1.35 -25.85
CA GLU A 127 -30.01 1.15 -26.91
C GLU A 127 -29.60 2.41 -27.64
N ASN A 128 -30.28 3.53 -27.41
CA ASN A 128 -30.00 4.72 -28.21
C ASN A 128 -29.76 5.97 -27.36
N ASP A 129 -30.39 6.05 -26.20
CA ASP A 129 -30.33 7.26 -25.37
C ASP A 129 -29.24 7.12 -24.31
N HIS A 130 -27.99 7.19 -24.78
CA HIS A 130 -26.85 6.96 -23.89
C HIS A 130 -26.74 7.98 -22.76
N PRO A 131 -26.84 9.29 -22.99
CA PRO A 131 -26.73 10.22 -21.86
C PRO A 131 -27.81 10.05 -20.81
N ASN A 132 -29.01 9.62 -21.19
CA ASN A 132 -30.10 9.48 -20.22
C ASN A 132 -30.09 8.14 -19.51
N ARG A 133 -29.64 7.07 -20.16
CA ARG A 133 -29.52 5.78 -19.50
C ARG A 133 -28.33 5.73 -18.54
N VAL A 134 -27.35 6.62 -18.68
CA VAL A 134 -26.26 6.69 -17.71
C VAL A 134 -26.73 7.37 -16.43
N LEU A 135 -27.54 8.42 -16.55
CA LEU A 135 -28.09 9.06 -15.36
C LEU A 135 -29.05 8.15 -14.61
N GLU A 136 -29.68 7.21 -15.30
CA GLU A 136 -30.57 6.26 -14.63
C GLU A 136 -29.79 5.19 -13.88
N HIS A 137 -28.62 4.80 -14.39
CA HIS A 137 -27.77 3.87 -13.67
C HIS A 137 -27.06 4.52 -12.49
N LEU A 138 -26.91 5.85 -12.51
CA LEU A 138 -26.36 6.56 -11.37
C LEU A 138 -27.27 6.45 -10.16
N HIS A 139 -28.58 6.58 -10.36
CA HIS A 139 -29.54 6.35 -9.28
C HIS A 139 -29.52 4.88 -8.86
N SER A 140 -29.36 3.98 -9.82
CA SER A 140 -29.40 2.55 -9.53
C SER A 140 -28.26 2.13 -8.62
N THR A 141 -27.08 2.74 -8.75
CA THR A 141 -25.94 2.37 -7.95
C THR A 141 -25.77 3.24 -6.70
N ALA A 142 -26.27 4.47 -6.72
CA ALA A 142 -26.14 5.31 -5.54
C ALA A 142 -27.11 4.92 -4.44
N PHE A 143 -28.29 4.41 -4.80
CA PHE A 143 -29.33 4.02 -3.86
C PHE A 143 -29.69 2.55 -4.02
N GLN A 144 -28.70 1.69 -4.26
CA GLN A 144 -28.99 0.28 -4.48
C GLN A 144 -29.67 -0.33 -3.25
N ASN A 145 -30.62 -1.23 -3.51
CA ASN A 145 -31.41 -1.86 -2.46
C ASN A 145 -32.16 -0.82 -1.64
N THR A 146 -33.03 -0.11 -2.31
CA THR A 146 -33.73 1.04 -1.76
C THR A 146 -34.83 1.45 -2.74
N PRO A 147 -35.92 2.06 -2.27
CA PRO A 147 -36.94 2.55 -3.21
C PRO A 147 -36.43 3.52 -4.27
N LEU A 148 -35.46 4.37 -3.94
CA LEU A 148 -35.04 5.43 -4.84
C LEU A 148 -34.15 4.95 -5.99
N SER A 149 -33.97 3.64 -6.17
CA SER A 149 -33.11 3.10 -7.21
C SER A 149 -33.88 2.52 -8.39
N LEU A 150 -35.20 2.67 -8.42
CA LEU A 150 -35.88 2.00 -9.51
C LEU A 150 -36.10 2.95 -10.68
N PRO A 151 -35.79 2.51 -11.90
CA PRO A 151 -35.99 3.38 -13.07
C PRO A 151 -37.46 3.70 -13.30
N THR A 152 -37.71 4.91 -13.79
CA THR A 152 -39.07 5.40 -13.96
C THR A 152 -39.79 4.78 -15.16
N ARG A 153 -39.10 4.08 -16.04
CA ARG A 153 -39.72 3.44 -17.19
C ARG A 153 -39.92 1.94 -17.01
N GLY A 154 -39.36 1.35 -15.96
CA GLY A 154 -39.38 -0.09 -15.81
C GLY A 154 -38.28 -0.75 -16.59
N THR A 155 -38.24 -2.08 -16.50
CA THR A 155 -37.25 -2.87 -17.21
C THR A 155 -37.96 -3.81 -18.19
N LEU A 156 -37.18 -4.36 -19.11
CA LEU A 156 -37.73 -5.31 -20.07
C LEU A 156 -38.22 -6.59 -19.41
N GLU A 157 -37.70 -6.93 -18.24
CA GLU A 157 -38.13 -8.16 -17.56
C GLU A 157 -39.33 -7.95 -16.65
N SER A 158 -39.45 -6.79 -16.01
CA SER A 158 -40.68 -6.49 -15.27
C SER A 158 -41.87 -6.42 -16.22
N LEU A 159 -41.71 -5.69 -17.33
CA LEU A 159 -42.84 -5.47 -18.23
C LEU A 159 -43.24 -6.75 -18.94
N GLU A 160 -42.27 -7.57 -19.34
CA GLU A 160 -42.59 -8.78 -20.09
C GLU A 160 -43.40 -9.78 -19.27
N ASN A 161 -43.33 -9.72 -17.95
CA ASN A 161 -44.09 -10.61 -17.09
C ASN A 161 -45.32 -9.95 -16.49
N LEU A 162 -45.52 -8.65 -16.71
CA LEU A 162 -46.72 -8.01 -16.22
C LEU A 162 -47.94 -8.60 -16.91
N VAL A 163 -49.01 -8.75 -16.15
CA VAL A 163 -50.17 -9.52 -16.55
C VAL A 163 -51.41 -8.70 -16.26
N VAL A 164 -52.56 -9.29 -16.59
CA VAL A 164 -53.83 -8.56 -16.54
C VAL A 164 -54.20 -8.12 -15.13
N ALA A 165 -53.86 -8.90 -14.12
CA ALA A 165 -54.25 -8.54 -12.76
C ALA A 165 -53.24 -7.62 -12.06
N ASP A 166 -52.09 -7.34 -12.66
CA ASP A 166 -51.10 -6.53 -11.97
C ASP A 166 -51.42 -5.04 -11.97
N LEU A 167 -52.04 -4.51 -13.02
CA LEU A 167 -52.33 -3.08 -13.06
C LEU A 167 -53.46 -2.68 -12.14
N GLU A 168 -54.47 -3.53 -11.97
CA GLU A 168 -55.59 -3.20 -11.10
C GLU A 168 -55.17 -3.18 -9.64
N SER A 169 -54.16 -3.98 -9.28
CA SER A 169 -53.66 -3.97 -7.91
C SER A 169 -53.06 -2.62 -7.53
N PHE A 170 -52.28 -2.02 -8.44
CA PHE A 170 -51.57 -0.79 -8.10
C PHE A 170 -52.52 0.38 -7.87
N ALA A 171 -53.53 0.52 -8.73
CA ALA A 171 -54.45 1.65 -8.61
C ALA A 171 -55.30 1.58 -7.35
N ASN A 172 -55.53 0.38 -6.82
CA ASN A 172 -56.28 0.26 -5.56
C ASN A 172 -55.52 0.89 -4.41
N ASN A 173 -54.21 0.70 -4.36
CA ASN A 173 -53.42 1.14 -3.22
C ASN A 173 -53.02 2.61 -3.28
N HIS A 174 -53.01 3.23 -4.46
CA HIS A 174 -52.34 4.51 -4.62
C HIS A 174 -53.20 5.64 -5.17
N PHE A 175 -54.33 5.36 -5.81
CA PHE A 175 -55.17 6.40 -6.40
C PHE A 175 -56.29 6.72 -5.41
N LEU A 176 -55.97 7.54 -4.41
CA LEU A 176 -56.87 7.80 -3.30
C LEU A 176 -56.98 9.30 -3.04
N ASN A 177 -58.01 9.68 -2.30
CA ASN A 177 -58.25 11.09 -2.01
C ASN A 177 -57.13 11.69 -1.17
N SER A 178 -56.62 10.93 -0.20
CA SER A 178 -55.55 11.43 0.65
C SER A 178 -54.22 11.54 -0.07
N ASN A 179 -54.09 10.89 -1.23
CA ASN A 179 -52.86 10.88 -2.00
C ASN A 179 -52.92 11.76 -3.24
N ALA A 180 -53.95 12.61 -3.35
CA ALA A 180 -54.23 13.31 -4.60
C ALA A 180 -54.35 14.81 -4.36
N VAL A 181 -54.00 15.57 -5.39
CA VAL A 181 -54.21 17.02 -5.44
C VAL A 181 -54.82 17.34 -6.79
N VAL A 182 -55.90 18.12 -6.80
CA VAL A 182 -56.53 18.60 -8.02
C VAL A 182 -56.02 19.99 -8.31
N VAL A 183 -55.51 20.20 -9.53
CA VAL A 183 -54.74 21.39 -9.88
C VAL A 183 -55.39 22.06 -11.07
N GLY A 184 -55.54 23.38 -11.00
CA GLY A 184 -56.00 24.16 -12.13
C GLY A 184 -55.12 25.36 -12.41
N THR A 185 -54.53 25.41 -13.61
CA THR A 185 -53.62 26.49 -13.98
C THR A 185 -54.07 27.12 -15.28
N GLY A 186 -53.68 28.38 -15.47
CA GLY A 186 -54.01 29.11 -16.68
C GLY A 186 -55.09 30.14 -16.47
N ASN A 187 -56.05 30.18 -17.40
CA ASN A 187 -57.17 31.13 -17.32
C ASN A 187 -58.36 30.48 -16.61
N ILE A 188 -58.14 30.19 -15.32
CA ILE A 188 -59.14 29.57 -14.48
C ILE A 188 -59.19 30.30 -13.14
N LYS A 189 -60.31 30.15 -12.44
CA LYS A 189 -60.52 30.82 -11.16
C LYS A 189 -60.70 29.78 -10.06
N HIS A 190 -60.18 30.10 -8.87
CA HIS A 190 -60.23 29.17 -7.76
C HIS A 190 -61.68 28.88 -7.35
N GLU A 191 -62.51 29.92 -7.29
CA GLU A 191 -63.89 29.75 -6.89
C GLU A 191 -64.68 28.95 -7.93
N ASP A 192 -64.35 29.13 -9.21
CA ASP A 192 -65.07 28.41 -10.27
C ASP A 192 -64.68 26.95 -10.31
N LEU A 193 -63.46 26.60 -9.89
CA LEU A 193 -63.05 25.20 -9.89
C LEU A 193 -63.58 24.45 -8.68
N VAL A 194 -63.59 25.08 -7.50
CA VAL A 194 -64.10 24.40 -6.31
C VAL A 194 -65.61 24.20 -6.42
N ASN A 195 -66.31 25.17 -6.99
CA ASN A 195 -67.76 25.06 -7.15
C ASN A 195 -68.18 24.00 -8.15
N SER A 196 -67.25 23.50 -8.97
CA SER A 196 -67.56 22.45 -9.92
C SER A 196 -67.34 21.05 -9.35
N ILE A 197 -66.32 20.88 -8.51
CA ILE A 197 -66.10 19.59 -7.86
C ILE A 197 -67.20 19.31 -6.85
N GLU A 198 -67.67 20.35 -6.15
CA GLU A 198 -68.71 20.18 -5.16
C GLU A 198 -70.06 19.86 -5.77
N SER A 199 -70.25 20.09 -7.06
CA SER A 199 -71.50 19.80 -7.73
C SER A 199 -71.50 18.39 -8.33
N LYS A 200 -70.44 18.04 -9.05
CA LYS A 200 -70.36 16.72 -9.68
C LYS A 200 -70.08 15.61 -8.69
N ASN A 201 -69.81 15.95 -7.42
CA ASN A 201 -69.53 14.96 -6.37
C ASN A 201 -68.36 14.06 -6.76
N LEU A 202 -67.27 14.69 -7.21
CA LEU A 202 -66.08 13.96 -7.59
C LEU A 202 -65.41 13.40 -6.35
N SER A 203 -65.03 12.12 -6.40
CA SER A 203 -64.35 11.50 -5.27
C SER A 203 -63.64 10.23 -5.75
N LEU A 204 -62.46 10.00 -5.21
CA LEU A 204 -61.69 8.79 -5.44
C LEU A 204 -61.92 7.80 -4.30
N GLN A 205 -61.10 6.75 -4.25
CA GLN A 205 -61.20 5.77 -3.18
C GLN A 205 -60.80 6.38 -1.84
N THR A 206 -61.17 5.70 -0.76
CA THR A 206 -61.03 6.22 0.60
C THR A 206 -60.17 5.29 1.46
N GLY A 207 -59.05 4.85 0.91
CA GLY A 207 -58.09 4.03 1.62
C GLY A 207 -56.90 4.84 2.12
N THR A 208 -55.76 4.17 2.27
CA THR A 208 -54.52 4.82 2.61
C THR A 208 -53.36 4.09 1.94
N LYS A 209 -52.38 4.87 1.47
CA LYS A 209 -51.27 4.30 0.72
C LYS A 209 -50.36 3.50 1.65
N PRO A 210 -49.78 2.39 1.17
CA PRO A 210 -48.91 1.58 2.02
C PRO A 210 -47.66 2.33 2.45
N VAL A 211 -47.12 1.94 3.59
CA VAL A 211 -45.94 2.57 4.18
C VAL A 211 -44.74 1.66 3.93
N LEU A 212 -43.72 2.19 3.27
CA LEU A 212 -42.52 1.41 2.96
C LEU A 212 -41.72 1.12 4.23
N LYS A 213 -40.87 0.11 4.15
CA LYS A 213 -40.02 -0.27 5.28
C LYS A 213 -38.68 0.46 5.26
N LYS A 214 -37.98 0.38 4.14
CA LYS A 214 -36.66 0.99 4.00
C LYS A 214 -36.79 2.48 3.71
N LYS A 215 -35.65 3.17 3.79
CA LYS A 215 -35.52 4.57 3.43
C LYS A 215 -34.36 4.73 2.46
N ALA A 216 -34.26 5.91 1.86
CA ALA A 216 -33.20 6.17 0.91
C ALA A 216 -31.86 6.25 1.62
N ALA A 217 -30.86 5.53 1.11
CA ALA A 217 -29.53 5.48 1.71
C ALA A 217 -28.49 5.53 0.61
N PHE A 218 -27.66 6.56 0.62
CA PHE A 218 -26.57 6.69 -0.34
C PHE A 218 -25.44 5.72 0.00
N LEU A 219 -24.86 5.12 -1.04
CA LEU A 219 -23.72 4.23 -0.88
C LEU A 219 -22.73 4.49 -2.00
N GLY A 220 -21.49 4.81 -1.63
CA GLY A 220 -20.44 5.03 -2.61
C GLY A 220 -20.11 3.78 -3.39
N SER A 221 -20.29 3.83 -4.70
CA SER A 221 -20.11 2.66 -5.56
C SER A 221 -19.96 3.14 -7.00
N GLU A 222 -19.86 2.19 -7.92
CA GLU A 222 -19.74 2.50 -9.33
C GLU A 222 -20.26 1.35 -10.17
N VAL A 223 -20.79 1.67 -11.34
CA VAL A 223 -21.20 0.69 -12.33
C VAL A 223 -20.63 1.12 -13.68
N ARG A 224 -20.07 0.17 -14.41
CA ARG A 224 -19.43 0.44 -15.70
C ARG A 224 -20.05 -0.45 -16.76
N LEU A 225 -20.56 0.16 -17.82
CA LEU A 225 -21.14 -0.56 -18.96
C LEU A 225 -20.30 -0.24 -20.18
N ARG A 226 -19.20 -0.96 -20.35
CA ARG A 226 -18.28 -0.68 -21.44
C ARG A 226 -18.84 -1.16 -22.77
N ASP A 227 -18.59 -0.37 -23.81
CA ASP A 227 -19.07 -0.66 -25.16
C ASP A 227 -18.12 0.01 -26.13
N ASP A 228 -17.21 -0.77 -26.70
CA ASP A 228 -16.17 -0.22 -27.57
C ASP A 228 -16.68 0.16 -28.95
N THR A 229 -17.87 -0.29 -29.34
CA THR A 229 -18.42 0.07 -30.63
C THR A 229 -19.03 1.47 -30.67
N LEU A 230 -19.29 2.06 -29.51
CA LEU A 230 -19.81 3.41 -29.45
C LEU A 230 -18.71 4.43 -29.70
N PRO A 231 -19.05 5.60 -30.26
CA PRO A 231 -18.01 6.56 -30.62
C PRO A 231 -17.57 7.49 -29.50
N LYS A 232 -18.34 7.62 -28.42
CA LYS A 232 -18.04 8.58 -27.37
C LYS A 232 -17.90 7.86 -26.01
N ALA A 233 -17.77 8.67 -24.96
CA ALA A 233 -17.79 8.19 -23.58
C ALA A 233 -18.70 9.09 -22.78
N TRP A 234 -19.71 8.50 -22.15
CA TRP A 234 -20.66 9.23 -21.32
C TRP A 234 -20.45 8.85 -19.86
N ILE A 235 -20.34 9.85 -18.98
CA ILE A 235 -19.97 9.64 -17.58
C ILE A 235 -20.82 10.55 -16.71
N SER A 236 -21.29 10.01 -15.58
CA SER A 236 -21.99 10.76 -14.55
C SER A 236 -21.33 10.52 -13.20
N LEU A 237 -21.22 11.56 -12.39
CA LEU A 237 -20.52 11.50 -11.12
C LEU A 237 -21.22 12.42 -10.13
N ALA A 238 -21.50 11.94 -8.93
CA ALA A 238 -22.23 12.76 -7.97
C ALA A 238 -21.93 12.30 -6.54
N VAL A 239 -22.20 13.21 -5.60
CA VAL A 239 -22.18 12.91 -4.17
C VAL A 239 -23.59 13.03 -3.63
N GLU A 240 -23.78 12.73 -2.36
CA GLU A 240 -25.09 12.87 -1.74
C GLU A 240 -25.48 14.34 -1.61
N GLY A 241 -26.72 14.65 -1.96
CA GLY A 241 -27.16 16.03 -2.00
C GLY A 241 -28.23 16.36 -0.99
N GLU A 242 -29.14 17.26 -1.35
CA GLU A 242 -30.14 17.75 -0.41
C GLU A 242 -31.54 17.33 -0.82
N PRO A 243 -32.34 16.86 0.11
CA PRO A 243 -33.76 16.64 -0.17
C PRO A 243 -34.54 17.94 -0.16
N VAL A 244 -35.76 17.87 -0.69
CA VAL A 244 -36.67 19.01 -0.58
C VAL A 244 -37.09 19.16 0.88
N ASN A 245 -37.23 20.42 1.32
CA ASN A 245 -37.48 20.96 2.68
C ASN A 245 -36.20 21.08 3.48
N SER A 246 -35.04 20.86 2.87
CA SER A 246 -33.77 21.07 3.55
C SER A 246 -33.49 22.56 3.70
N PRO A 247 -32.88 22.99 4.81
CA PRO A 247 -32.45 24.39 4.91
C PRO A 247 -31.42 24.78 3.86
N ASN A 248 -30.54 23.88 3.46
CA ASN A 248 -29.54 24.15 2.43
C ASN A 248 -30.02 23.72 1.06
N TYR A 249 -31.21 24.18 0.68
CA TYR A 249 -31.78 23.83 -0.63
C TYR A 249 -31.30 24.77 -1.73
N PHE A 250 -31.19 26.06 -1.44
CA PHE A 250 -30.77 27.02 -2.43
C PHE A 250 -29.26 27.22 -2.47
N VAL A 251 -28.56 26.84 -1.40
CA VAL A 251 -27.09 26.88 -1.42
C VAL A 251 -26.55 25.80 -2.34
N ALA A 252 -27.16 24.62 -2.32
CA ALA A 252 -26.70 23.54 -3.19
C ALA A 252 -27.02 23.81 -4.65
N LYS A 253 -28.11 24.53 -4.93
CA LYS A 253 -28.43 24.92 -6.30
C LYS A 253 -27.54 26.05 -6.78
N LEU A 254 -27.20 26.98 -5.89
CA LEU A 254 -26.24 28.03 -6.24
C LEU A 254 -24.85 27.46 -6.46
N ALA A 255 -24.47 26.43 -5.71
CA ALA A 255 -23.15 25.82 -5.87
C ALA A 255 -23.04 25.13 -7.23
N ALA A 256 -24.12 24.53 -7.71
CA ALA A 256 -24.12 23.94 -9.05
C ALA A 256 -24.12 24.99 -10.15
N GLN A 257 -24.61 26.19 -9.86
CA GLN A 257 -24.62 27.26 -10.84
C GLN A 257 -23.26 27.92 -11.02
N ILE A 258 -22.34 27.69 -10.08
CA ILE A 258 -21.01 28.28 -10.19
C ILE A 258 -20.23 27.64 -11.35
N PHE A 259 -20.42 26.35 -11.57
CA PHE A 259 -19.74 25.66 -12.67
C PHE A 259 -20.58 25.52 -13.93
N GLY A 260 -21.91 25.54 -13.81
CA GLY A 260 -22.82 25.70 -14.93
C GLY A 260 -22.72 24.60 -15.98
N SER A 261 -23.00 24.99 -17.22
CA SER A 261 -23.00 24.09 -18.36
C SER A 261 -22.07 24.63 -19.44
N TYR A 262 -21.80 23.80 -20.45
CA TYR A 262 -20.82 24.14 -21.47
C TYR A 262 -21.14 23.38 -22.74
N ASN A 263 -20.93 24.03 -23.88
CA ASN A 263 -21.08 23.43 -25.20
C ASN A 263 -19.90 23.86 -26.03
N ALA A 264 -19.10 22.89 -26.48
CA ALA A 264 -17.86 23.22 -27.20
C ALA A 264 -18.11 23.88 -28.53
N PHE A 265 -19.26 23.66 -29.15
CA PHE A 265 -19.54 24.15 -30.49
C PHE A 265 -20.30 25.47 -30.50
N GLU A 266 -20.57 26.04 -29.33
CA GLU A 266 -21.26 27.32 -29.24
C GLU A 266 -20.26 28.40 -28.91
N PRO A 267 -20.07 29.40 -29.78
CA PRO A 267 -19.04 30.43 -29.51
C PRO A 267 -19.26 31.20 -28.21
N ALA A 268 -20.50 31.46 -27.84
CA ALA A 268 -20.75 32.23 -26.62
C ALA A 268 -20.58 31.41 -25.35
N SER A 269 -20.65 30.09 -25.43
CA SER A 269 -20.44 29.25 -24.26
C SER A 269 -18.96 29.09 -23.92
N ARG A 270 -18.05 29.50 -24.80
CA ARG A 270 -16.63 29.45 -24.53
C ARG A 270 -16.11 30.72 -23.87
N LEU A 271 -16.94 31.74 -23.72
CA LEU A 271 -16.55 33.00 -23.10
C LEU A 271 -17.12 33.16 -21.70
N GLN A 272 -17.70 32.11 -21.13
CA GLN A 272 -18.32 32.21 -19.82
C GLN A 272 -17.27 32.42 -18.72
N GLY A 273 -17.68 33.07 -17.64
CA GLY A 273 -16.81 33.35 -16.53
C GLY A 273 -16.66 32.19 -15.57
N ILE A 274 -16.15 31.06 -16.06
CA ILE A 274 -15.91 29.86 -15.27
C ILE A 274 -14.44 29.50 -15.42
N LYS A 275 -13.73 29.38 -14.29
CA LYS A 275 -12.31 29.10 -14.34
C LYS A 275 -11.99 27.69 -14.82
N LEU A 276 -12.97 26.80 -14.81
CA LEU A 276 -12.74 25.43 -15.29
C LEU A 276 -12.48 25.42 -16.79
N LEU A 277 -13.00 26.40 -17.53
CA LEU A 277 -12.83 26.41 -18.97
C LEU A 277 -11.40 26.68 -19.40
N ASP A 278 -10.58 27.25 -18.53
CA ASP A 278 -9.19 27.53 -18.89
C ASP A 278 -8.34 26.27 -18.95
N ASN A 279 -8.72 25.21 -18.25
CA ASN A 279 -7.94 23.98 -18.25
C ASN A 279 -8.39 22.95 -19.28
N ILE A 280 -9.61 23.08 -19.80
CA ILE A 280 -10.19 22.05 -20.65
C ILE A 280 -10.28 22.44 -22.12
N GLN A 281 -9.98 23.69 -22.47
CA GLN A 281 -10.11 24.14 -23.85
C GLN A 281 -8.83 24.02 -24.66
N GLU A 282 -7.67 23.96 -24.00
CA GLU A 282 -6.40 23.91 -24.73
C GLU A 282 -6.27 22.60 -25.51
N TYR A 283 -6.68 21.48 -24.93
CA TYR A 283 -6.60 20.20 -25.61
C TYR A 283 -7.95 19.58 -25.89
N GLN A 284 -9.04 20.33 -25.70
CA GLN A 284 -10.39 19.89 -26.05
C GLN A 284 -10.76 18.60 -25.32
N LEU A 285 -10.87 18.72 -23.99
CA LEU A 285 -11.10 17.54 -23.17
C LEU A 285 -12.50 16.98 -23.33
N CYS A 286 -13.51 17.83 -23.51
CA CYS A 286 -14.89 17.38 -23.57
C CYS A 286 -15.66 18.15 -24.64
N ASP A 287 -16.82 17.59 -25.02
CA ASP A 287 -17.75 18.26 -25.92
C ASP A 287 -18.78 19.10 -25.17
N ASN A 288 -19.26 18.61 -24.03
CA ASN A 288 -20.24 19.34 -23.24
C ASN A 288 -20.28 18.78 -21.83
N PHE A 289 -20.66 19.62 -20.87
CA PHE A 289 -20.94 19.16 -19.52
C PHE A 289 -22.03 20.03 -18.91
N ASN A 290 -22.63 19.51 -17.84
CA ASN A 290 -23.62 20.28 -17.08
C ASN A 290 -23.64 19.79 -15.64
N HIS A 291 -23.80 20.73 -14.72
CA HIS A 291 -23.87 20.45 -13.29
C HIS A 291 -25.33 20.52 -12.84
N PHE A 292 -25.72 19.60 -11.96
CA PHE A 292 -27.10 19.52 -11.50
C PHE A 292 -27.16 19.47 -9.97
N SER A 293 -28.37 19.65 -9.46
CA SER A 293 -28.66 19.51 -8.04
C SER A 293 -30.08 18.93 -7.94
N LEU A 294 -30.16 17.61 -7.85
CA LEU A 294 -31.44 16.90 -7.82
C LEU A 294 -31.90 16.73 -6.38
N SER A 295 -33.19 17.01 -6.14
CA SER A 295 -33.76 16.96 -4.79
C SER A 295 -35.00 16.09 -4.80
N TYR A 296 -35.05 15.11 -3.90
CA TYR A 296 -36.19 14.23 -3.74
C TYR A 296 -36.71 14.36 -2.31
N LYS A 297 -37.66 13.49 -1.95
CA LYS A 297 -38.27 13.55 -0.63
C LYS A 297 -37.27 13.18 0.47
N ASP A 298 -36.45 12.17 0.22
CA ASP A 298 -35.55 11.64 1.24
C ASP A 298 -34.10 12.09 1.06
N SER A 299 -33.61 12.16 -0.16
CA SER A 299 -32.20 12.50 -0.40
C SER A 299 -32.10 13.20 -1.74
N GLY A 300 -30.89 13.28 -2.28
CA GLY A 300 -30.66 13.92 -3.56
C GLY A 300 -29.25 13.66 -4.05
N LEU A 301 -28.94 14.22 -5.21
CA LEU A 301 -27.64 14.04 -5.85
C LEU A 301 -27.10 15.39 -6.28
N TRP A 302 -25.76 15.52 -6.24
CA TRP A 302 -25.08 16.73 -6.65
C TRP A 302 -23.83 16.33 -7.43
N GLY A 303 -23.75 16.73 -8.69
CA GLY A 303 -22.64 16.35 -9.54
C GLY A 303 -22.67 16.94 -10.93
N PHE A 304 -22.21 16.17 -11.93
CA PHE A 304 -22.16 16.66 -13.30
C PHE A 304 -22.16 15.48 -14.27
N SER A 305 -22.44 15.77 -15.53
CA SER A 305 -22.43 14.79 -16.60
C SER A 305 -21.60 15.30 -17.77
N THR A 306 -20.89 14.39 -18.44
CA THR A 306 -20.04 14.75 -19.57
C THR A 306 -20.19 13.75 -20.70
N ALA A 307 -19.95 14.24 -21.92
CA ALA A 307 -19.79 13.42 -23.11
C ALA A 307 -18.57 13.92 -23.86
N THR A 308 -17.66 13.00 -24.20
CA THR A 308 -16.39 13.39 -24.80
C THR A 308 -16.01 12.42 -25.90
N ARG A 309 -15.16 12.90 -26.80
CA ARG A 309 -14.53 12.08 -27.83
C ARG A 309 -13.04 11.91 -27.62
N ASN A 310 -12.46 12.64 -26.65
CA ASN A 310 -11.03 12.55 -26.34
C ASN A 310 -10.83 11.41 -25.35
N VAL A 311 -10.81 10.19 -25.89
CA VAL A 311 -10.85 9.01 -25.05
C VAL A 311 -9.52 8.74 -24.35
N THR A 312 -8.43 9.34 -24.81
CA THR A 312 -7.13 9.11 -24.19
C THR A 312 -6.80 10.11 -23.11
N MET A 313 -7.65 11.10 -22.87
CA MET A 313 -7.40 12.12 -21.86
C MET A 313 -8.58 12.28 -20.92
N ILE A 314 -9.29 11.18 -20.64
CA ILE A 314 -10.45 11.24 -19.74
C ILE A 314 -10.01 11.56 -18.32
N ASP A 315 -8.85 11.03 -17.91
CA ASP A 315 -8.37 11.25 -16.55
C ASP A 315 -8.10 12.73 -16.28
N ASP A 316 -7.61 13.45 -17.28
CA ASP A 316 -7.39 14.89 -17.12
C ASP A 316 -8.71 15.62 -16.91
N LEU A 317 -9.75 15.22 -17.64
CA LEU A 317 -11.05 15.87 -17.50
C LEU A 317 -11.62 15.67 -16.10
N ILE A 318 -11.51 14.45 -15.56
CA ILE A 318 -12.01 14.18 -14.22
C ILE A 318 -11.13 14.85 -13.17
N HIS A 319 -9.81 14.82 -13.37
CA HIS A 319 -8.89 15.40 -12.39
C HIS A 319 -9.08 16.90 -12.27
N PHE A 320 -9.28 17.59 -13.38
CA PHE A 320 -9.38 19.04 -13.35
C PHE A 320 -10.72 19.51 -12.79
N THR A 321 -11.80 18.78 -13.09
CA THR A 321 -13.11 19.21 -12.59
C THR A 321 -13.24 19.01 -11.10
N LEU A 322 -12.64 17.96 -10.55
CA LEU A 322 -12.72 17.71 -9.12
C LEU A 322 -11.84 18.68 -8.33
N LYS A 323 -10.73 19.12 -8.91
CA LYS A 323 -9.89 20.12 -8.27
C LYS A 323 -10.57 21.48 -8.23
N GLN A 324 -11.53 21.75 -9.11
CA GLN A 324 -12.31 22.97 -9.02
C GLN A 324 -13.37 22.88 -7.93
N TRP A 325 -13.93 21.69 -7.70
CA TRP A 325 -14.85 21.51 -6.58
C TRP A 325 -14.14 21.72 -5.25
N ASN A 326 -12.83 21.47 -5.20
CA ASN A 326 -12.06 21.66 -3.98
C ASN A 326 -12.02 23.11 -3.54
N ARG A 327 -12.20 24.06 -4.46
CA ARG A 327 -12.13 25.47 -4.12
C ARG A 327 -13.38 25.98 -3.42
N LEU A 328 -14.49 25.25 -3.48
CA LEU A 328 -15.68 25.66 -2.75
C LEU A 328 -15.44 25.62 -1.25
N THR A 329 -14.68 24.62 -0.78
CA THR A 329 -14.43 24.45 0.64
C THR A 329 -13.41 25.43 1.19
N ILE A 330 -12.44 25.86 0.39
CA ILE A 330 -11.27 26.57 0.88
C ILE A 330 -11.20 28.00 0.38
N SER A 331 -11.44 28.23 -0.91
CA SER A 331 -11.19 29.55 -1.51
C SER A 331 -12.12 29.73 -2.69
N VAL A 332 -13.22 30.45 -2.48
CA VAL A 332 -14.15 30.81 -3.54
C VAL A 332 -14.37 32.32 -3.45
N THR A 333 -14.25 33.00 -4.59
CA THR A 333 -14.27 34.44 -4.60
C THR A 333 -15.69 34.98 -4.41
N ASP A 334 -15.77 36.27 -4.09
CA ASP A 334 -17.06 36.94 -3.99
C ASP A 334 -17.71 37.07 -5.36
N THR A 335 -16.91 37.32 -6.39
CA THR A 335 -17.46 37.50 -7.74
C THR A 335 -18.14 36.23 -8.23
N GLU A 336 -17.57 35.06 -7.93
CA GLU A 336 -18.18 33.81 -8.35
C GLU A 336 -19.56 33.63 -7.72
N VAL A 337 -19.70 34.03 -6.46
CA VAL A 337 -20.98 33.91 -5.77
C VAL A 337 -22.00 34.91 -6.34
N GLU A 338 -21.55 36.13 -6.62
CA GLU A 338 -22.46 37.15 -7.14
C GLU A 338 -22.90 36.85 -8.56
N ARG A 339 -22.03 36.28 -9.39
CA ARG A 339 -22.42 35.91 -10.73
C ARG A 339 -23.43 34.76 -10.73
N ALA A 340 -23.22 33.77 -9.86
CA ALA A 340 -24.14 32.64 -9.79
C ALA A 340 -25.49 33.04 -9.23
N LYS A 341 -25.54 34.07 -8.40
CA LYS A 341 -26.81 34.57 -7.90
C LYS A 341 -27.69 35.09 -9.03
N SER A 342 -27.09 35.84 -9.95
CA SER A 342 -27.85 36.43 -11.04
C SER A 342 -28.30 35.39 -12.06
N LEU A 343 -27.51 34.35 -12.28
CA LEU A 343 -27.88 33.32 -13.23
C LEU A 343 -28.87 32.31 -12.66
N LEU A 344 -28.86 32.10 -11.34
CA LEU A 344 -29.85 31.22 -10.73
C LEU A 344 -31.24 31.86 -10.72
N LYS A 345 -31.32 33.16 -10.46
CA LYS A 345 -32.60 33.85 -10.50
C LYS A 345 -33.18 33.84 -11.90
N LEU A 346 -32.34 34.04 -12.91
CA LEU A 346 -32.80 33.98 -14.29
C LEU A 346 -33.27 32.58 -14.66
N GLN A 347 -32.56 31.56 -14.19
CA GLN A 347 -32.93 30.19 -14.52
C GLN A 347 -34.23 29.78 -13.84
N LEU A 348 -34.41 30.18 -12.57
CA LEU A 348 -35.66 29.88 -11.88
C LEU A 348 -36.82 30.68 -12.45
N GLY A 349 -36.57 31.95 -12.81
CA GLY A 349 -37.62 32.76 -13.39
C GLY A 349 -38.14 32.22 -14.70
N GLN A 350 -37.27 31.60 -15.50
CA GLN A 350 -37.70 31.01 -16.75
C GLN A 350 -38.52 29.74 -16.50
N LEU A 351 -38.13 28.94 -15.53
CA LEU A 351 -38.82 27.68 -15.26
C LEU A 351 -40.24 27.91 -14.76
N TYR A 352 -40.44 28.92 -13.92
CA TYR A 352 -41.74 29.16 -13.31
C TYR A 352 -42.58 30.16 -14.09
N GLU A 353 -42.07 30.70 -15.19
CA GLU A 353 -42.81 31.63 -16.04
C GLU A 353 -42.63 31.26 -17.51
N SER A 354 -42.73 29.96 -17.81
CA SER A 354 -42.60 29.50 -19.19
C SER A 354 -43.83 29.81 -20.02
N GLY A 355 -44.97 30.09 -19.38
CA GLY A 355 -46.20 30.34 -20.10
C GLY A 355 -46.95 29.10 -20.53
N ASN A 356 -46.46 27.91 -20.22
CA ASN A 356 -47.14 26.68 -20.56
C ASN A 356 -47.93 26.20 -19.36
N PRO A 357 -49.27 26.21 -19.41
CA PRO A 357 -50.05 25.78 -18.24
C PRO A 357 -49.82 24.34 -17.84
N VAL A 358 -49.39 23.47 -18.76
CA VAL A 358 -49.12 22.08 -18.39
C VAL A 358 -47.90 22.00 -17.48
N ASN A 359 -46.86 22.78 -17.77
CA ASN A 359 -45.67 22.78 -16.93
C ASN A 359 -45.98 23.29 -15.53
N ASP A 360 -46.79 24.34 -15.43
CA ASP A 360 -47.11 24.89 -14.13
C ASP A 360 -47.92 23.92 -13.28
N ALA A 361 -48.78 23.12 -13.90
CA ALA A 361 -49.59 22.17 -13.15
C ALA A 361 -48.73 21.11 -12.49
N ASN A 362 -47.72 20.61 -13.21
CA ASN A 362 -46.82 19.61 -12.62
C ASN A 362 -46.02 20.20 -11.47
N LEU A 363 -45.54 21.44 -11.63
CA LEU A 363 -44.76 22.06 -10.57
C LEU A 363 -45.61 22.42 -9.36
N LEU A 364 -46.86 22.81 -9.59
CA LEU A 364 -47.72 23.21 -8.48
C LEU A 364 -48.17 22.02 -7.66
N GLY A 365 -48.59 20.94 -8.32
CA GLY A 365 -49.06 19.77 -7.60
C GLY A 365 -47.97 19.07 -6.82
N ALA A 366 -46.76 18.99 -7.39
CA ALA A 366 -45.65 18.34 -6.72
C ALA A 366 -45.22 19.10 -5.48
N GLU A 367 -45.27 20.43 -5.53
CA GLU A 367 -44.86 21.23 -4.37
C GLU A 367 -45.87 21.13 -3.25
N VAL A 368 -47.17 21.20 -3.57
CA VAL A 368 -48.21 21.10 -2.54
C VAL A 368 -48.24 19.70 -1.92
N LEU A 369 -47.97 18.67 -2.72
CA LEU A 369 -48.00 17.30 -2.20
C LEU A 369 -46.95 17.05 -1.13
N ILE A 370 -45.95 17.92 -1.01
CA ILE A 370 -44.90 17.74 -0.02
C ILE A 370 -44.99 18.82 1.05
N LYS A 371 -44.81 20.07 0.65
CA LYS A 371 -44.72 21.17 1.61
C LYS A 371 -46.07 21.64 2.12
N GLY A 372 -47.17 21.20 1.52
CA GLY A 372 -48.48 21.68 1.88
C GLY A 372 -48.88 22.99 1.21
N SER A 373 -47.92 23.81 0.82
CA SER A 373 -48.17 25.03 0.08
C SER A 373 -47.03 25.21 -0.92
N LYS A 374 -46.99 26.37 -1.58
CA LYS A 374 -45.98 26.65 -2.58
C LYS A 374 -45.33 27.99 -2.28
N LEU A 375 -44.00 28.00 -2.28
CA LEU A 375 -43.25 29.23 -2.00
C LEU A 375 -43.31 30.17 -3.20
N SER A 376 -43.52 31.45 -2.92
CA SER A 376 -43.59 32.46 -3.96
C SER A 376 -42.23 32.66 -4.62
N LEU A 377 -42.23 33.09 -5.88
CA LEU A 377 -40.99 33.37 -6.57
C LEU A 377 -40.26 34.55 -5.94
N GLY A 378 -41.00 35.58 -5.53
CA GLY A 378 -40.39 36.70 -4.85
C GLY A 378 -39.76 36.31 -3.51
N GLU A 379 -40.37 35.37 -2.80
CA GLU A 379 -39.79 34.90 -1.55
C GLU A 379 -38.52 34.09 -1.80
N ALA A 380 -38.46 33.37 -2.91
CA ALA A 380 -37.25 32.62 -3.23
C ALA A 380 -36.10 33.55 -3.60
N PHE A 381 -36.40 34.69 -4.23
CA PHE A 381 -35.35 35.63 -4.60
C PHE A 381 -34.71 36.26 -3.37
N LYS A 382 -35.48 36.47 -2.30
CA LYS A 382 -34.92 36.99 -1.06
C LYS A 382 -33.94 36.00 -0.43
N LYS A 383 -34.29 34.71 -0.45
CA LYS A 383 -33.40 33.71 0.12
C LYS A 383 -32.12 33.55 -0.70
N ILE A 384 -32.22 33.64 -2.02
CA ILE A 384 -31.04 33.52 -2.87
C ILE A 384 -30.12 34.72 -2.67
N ASP A 385 -30.68 35.91 -2.54
CA ASP A 385 -29.89 37.12 -2.38
C ASP A 385 -29.17 37.19 -1.03
N ALA A 386 -29.57 36.37 -0.06
CA ALA A 386 -28.98 36.41 1.28
C ALA A 386 -27.80 35.48 1.47
N ILE A 387 -27.46 34.66 0.47
CA ILE A 387 -26.38 33.70 0.61
C ILE A 387 -25.04 34.45 0.59
N THR A 388 -24.11 34.00 1.42
CA THR A 388 -22.78 34.60 1.52
C THR A 388 -21.72 33.57 1.17
N VAL A 389 -20.47 34.04 1.11
CA VAL A 389 -19.34 33.15 0.84
C VAL A 389 -19.15 32.17 2.00
N LYS A 390 -19.41 32.63 3.23
CA LYS A 390 -19.28 31.75 4.39
C LYS A 390 -20.30 30.61 4.36
N ASP A 391 -21.47 30.84 3.77
CA ASP A 391 -22.45 29.77 3.67
C ASP A 391 -22.03 28.70 2.67
N VAL A 392 -21.41 29.12 1.57
CA VAL A 392 -20.93 28.15 0.57
C VAL A 392 -19.82 27.29 1.15
N LYS A 393 -18.89 27.90 1.88
CA LYS A 393 -17.77 27.15 2.46
C LYS A 393 -18.26 26.15 3.49
N ALA A 394 -19.21 26.55 4.34
CA ALA A 394 -19.76 25.63 5.34
C ALA A 394 -20.49 24.47 4.69
N TRP A 395 -21.25 24.73 3.63
CA TRP A 395 -21.98 23.66 2.97
C TRP A 395 -21.04 22.68 2.28
N ALA A 396 -20.06 23.21 1.53
CA ALA A 396 -19.17 22.34 0.78
C ALA A 396 -18.24 21.54 1.70
N GLY A 397 -17.92 22.09 2.87
CA GLY A 397 -17.07 21.38 3.80
C GLY A 397 -17.68 20.10 4.31
N LYS A 398 -19.00 20.08 4.50
CA LYS A 398 -19.67 18.91 5.04
C LYS A 398 -20.20 17.96 3.97
N ARG A 399 -20.35 18.42 2.73
CA ARG A 399 -20.93 17.61 1.68
C ARG A 399 -19.95 17.17 0.62
N LEU A 400 -18.88 17.92 0.40
CA LEU A 400 -17.96 17.65 -0.71
C LEU A 400 -16.57 17.27 -0.27
N TRP A 401 -16.01 17.94 0.74
CA TRP A 401 -14.62 17.73 1.12
C TRP A 401 -14.43 16.32 1.68
N ASP A 402 -13.71 15.49 0.94
CA ASP A 402 -13.33 14.14 1.37
C ASP A 402 -14.57 13.28 1.65
N GLN A 403 -15.39 13.10 0.62
CA GLN A 403 -16.63 12.35 0.74
C GLN A 403 -16.70 11.29 -0.36
N ASP A 404 -17.52 10.28 -0.11
CA ASP A 404 -17.69 9.20 -1.08
C ASP A 404 -18.53 9.66 -2.27
N ILE A 405 -18.33 9.00 -3.41
CA ILE A 405 -18.95 9.38 -4.66
C ILE A 405 -19.56 8.15 -5.32
N ALA A 406 -20.50 8.39 -6.22
CA ALA A 406 -21.08 7.37 -7.07
C ALA A 406 -20.76 7.69 -8.53
N ILE A 407 -20.39 6.67 -9.29
CA ILE A 407 -19.95 6.84 -10.68
C ILE A 407 -20.72 5.89 -11.58
N ALA A 408 -21.13 6.39 -12.74
CA ALA A 408 -21.70 5.57 -13.80
C ALA A 408 -21.14 6.02 -15.13
N GLY A 409 -20.92 5.07 -16.04
CA GLY A 409 -20.37 5.41 -17.33
C GLY A 409 -20.63 4.33 -18.36
N THR A 410 -20.58 4.73 -19.62
CA THR A 410 -20.72 3.80 -20.73
C THR A 410 -19.99 4.33 -21.95
N GLY A 411 -19.75 3.45 -22.91
CA GLY A 411 -19.04 3.82 -24.12
C GLY A 411 -17.61 3.35 -24.15
N GLN A 412 -16.69 4.24 -24.54
CA GLN A 412 -15.27 3.94 -24.54
C GLN A 412 -14.66 4.52 -23.27
N ILE A 413 -14.76 3.75 -22.19
CA ILE A 413 -14.40 4.22 -20.86
C ILE A 413 -13.21 3.44 -20.32
N GLU A 414 -12.37 2.93 -21.21
CA GLU A 414 -11.16 2.25 -20.77
C GLU A 414 -10.20 3.20 -20.06
N GLY A 415 -10.24 4.48 -20.39
CA GLY A 415 -9.40 5.48 -19.81
C GLY A 415 -9.90 6.10 -18.52
N LEU A 416 -11.04 5.66 -18.01
CA LEU A 416 -11.53 6.10 -16.71
C LEU A 416 -10.83 5.30 -15.63
N LEU A 417 -10.15 5.98 -14.71
CA LEU A 417 -9.33 5.31 -13.73
C LEU A 417 -10.19 4.65 -12.65
N ASP A 418 -9.52 3.94 -11.75
CA ASP A 418 -10.18 3.17 -10.70
C ASP A 418 -10.88 4.09 -9.71
N TYR A 419 -11.71 3.48 -8.86
CA TYR A 419 -12.49 4.24 -7.91
C TYR A 419 -11.60 5.02 -6.94
N MET A 420 -10.60 4.35 -6.37
CA MET A 420 -9.80 4.98 -5.33
C MET A 420 -8.95 6.12 -5.89
N ARG A 421 -8.47 5.99 -7.12
CA ARG A 421 -7.74 7.07 -7.75
C ARG A 421 -8.62 8.31 -7.92
N ILE A 422 -9.86 8.11 -8.36
CA ILE A 422 -10.81 9.23 -8.48
C ILE A 422 -11.24 9.71 -7.10
N ARG A 423 -11.45 8.78 -6.16
CA ARG A 423 -11.92 9.15 -4.83
C ARG A 423 -10.89 10.01 -4.10
N SER A 424 -9.61 9.72 -4.29
CA SER A 424 -8.55 10.46 -3.62
C SER A 424 -8.43 11.90 -4.11
N ASP A 425 -9.09 12.25 -5.21
CA ASP A 425 -9.05 13.60 -5.75
C ASP A 425 -10.06 14.53 -5.09
N MET A 426 -10.85 14.04 -4.14
CA MET A 426 -11.91 14.85 -3.56
C MET A 426 -11.40 15.78 -2.47
N SER A 427 -10.14 15.65 -2.07
CA SER A 427 -9.46 16.62 -1.23
C SER A 427 -8.07 16.82 -1.82
N MET A 428 -7.22 17.56 -1.13
CA MET A 428 -5.83 17.66 -1.56
C MET A 428 -4.91 17.88 -0.37
N MET A 429 -3.70 17.32 -0.49
CA MET A 429 -2.76 17.31 0.62
C MET A 429 -2.12 18.67 0.87
N ARG A 430 -2.21 19.59 -0.09
CA ARG A 430 -1.73 20.94 0.13
C ARG A 430 -2.73 21.81 0.86
N TRP A 431 -4.03 21.48 0.80
CA TRP A 431 -5.12 22.37 1.17
C TRP A 431 -5.03 23.68 0.38
N LEU B 1 -39.82 50.89 -38.23
CA LEU B 1 -39.54 50.92 -36.80
C LEU B 1 -40.84 50.94 -36.01
N THR B 2 -41.43 49.76 -35.82
CA THR B 2 -42.64 49.60 -35.05
C THR B 2 -42.29 48.96 -33.71
N VAL B 3 -42.73 49.59 -32.62
CA VAL B 3 -42.41 49.16 -31.27
C VAL B 3 -43.71 48.81 -30.56
N SER B 4 -43.76 47.64 -29.94
CA SER B 4 -44.94 47.19 -29.23
C SER B 4 -44.53 46.24 -28.10
N ALA B 5 -45.30 46.25 -27.02
CA ALA B 5 -44.99 45.43 -25.85
C ALA B 5 -46.26 45.25 -25.02
N ARG B 6 -46.23 44.24 -24.15
CA ARG B 6 -47.30 43.96 -23.22
C ARG B 6 -46.73 43.80 -21.82
N ASP B 7 -47.41 44.37 -20.83
CA ASP B 7 -46.95 44.36 -19.45
C ASP B 7 -47.54 43.20 -18.67
N ALA B 8 -46.91 42.89 -17.55
CA ALA B 8 -47.34 41.79 -16.68
C ALA B 8 -46.62 41.93 -15.34
N PRO B 9 -47.18 41.37 -14.27
CA PRO B 9 -46.47 41.31 -12.98
C PRO B 9 -45.54 40.10 -12.90
N THR B 10 -44.36 40.23 -13.50
CA THR B 10 -43.46 39.11 -13.70
C THR B 10 -42.02 39.61 -13.61
N LYS B 11 -41.12 38.75 -13.11
CA LYS B 11 -39.74 39.14 -12.85
C LYS B 11 -38.83 39.03 -14.07
N ILE B 12 -39.27 38.41 -15.16
CA ILE B 12 -38.43 38.18 -16.33
C ILE B 12 -39.05 38.89 -17.54
N SER B 13 -38.19 39.52 -18.34
CA SER B 13 -38.61 40.21 -19.55
C SER B 13 -37.88 39.66 -20.76
N THR B 14 -38.47 39.86 -21.94
CA THR B 14 -37.88 39.40 -23.19
C THR B 14 -37.99 40.50 -24.25
N LEU B 15 -36.95 40.63 -25.07
CA LEU B 15 -36.91 41.63 -26.12
C LEU B 15 -36.43 40.98 -27.41
N ALA B 16 -37.16 41.19 -28.49
CA ALA B 16 -36.85 40.58 -29.79
C ALA B 16 -36.84 41.63 -30.87
N VAL B 17 -35.92 41.47 -31.83
CA VAL B 17 -35.82 42.34 -33.00
C VAL B 17 -35.90 41.43 -34.21
N LYS B 18 -36.96 41.58 -35.00
CA LYS B 18 -37.20 40.73 -36.16
C LYS B 18 -36.89 41.50 -37.44
N VAL B 19 -36.05 40.92 -38.28
CA VAL B 19 -35.59 41.55 -39.51
C VAL B 19 -35.97 40.66 -40.68
N HIS B 20 -36.53 41.26 -41.72
CA HIS B 20 -36.87 40.54 -42.94
C HIS B 20 -35.59 40.27 -43.74
N GLY B 21 -34.79 39.36 -43.21
CA GLY B 21 -33.53 39.01 -43.82
C GLY B 21 -33.24 37.52 -43.83
N GLY B 22 -34.29 36.71 -43.97
CA GLY B 22 -34.13 35.27 -43.97
C GLY B 22 -33.51 34.78 -45.26
N SER B 23 -33.45 33.44 -45.36
CA SER B 23 -32.79 32.81 -46.50
C SER B 23 -33.49 33.08 -47.82
N ARG B 24 -34.77 33.46 -47.80
CA ARG B 24 -35.47 33.77 -49.03
C ARG B 24 -35.09 35.11 -49.62
N TYR B 25 -34.36 35.94 -48.87
CA TYR B 25 -33.85 37.20 -49.38
C TYR B 25 -32.35 37.16 -49.64
N ALA B 26 -31.73 35.99 -49.55
CA ALA B 26 -30.28 35.90 -49.63
C ALA B 26 -29.80 36.08 -51.06
N THR B 27 -28.77 36.93 -51.23
CA THR B 27 -28.18 37.14 -52.55
C THR B 27 -27.32 35.95 -52.97
N LYS B 28 -26.68 35.29 -52.02
CA LYS B 28 -25.85 34.13 -52.29
C LYS B 28 -26.27 32.99 -51.36
N ASP B 29 -25.91 31.78 -51.76
CA ASP B 29 -26.28 30.60 -50.98
C ASP B 29 -25.57 30.61 -49.64
N GLY B 30 -26.35 30.67 -48.56
CA GLY B 30 -25.79 30.64 -47.23
C GLY B 30 -25.30 31.97 -46.70
N VAL B 31 -25.54 33.07 -47.41
CA VAL B 31 -25.10 34.37 -46.93
C VAL B 31 -25.91 34.83 -45.72
N ALA B 32 -27.16 34.38 -45.60
CA ALA B 32 -27.95 34.71 -44.42
C ALA B 32 -27.56 33.85 -43.23
N HIS B 33 -27.10 32.62 -43.48
CA HIS B 33 -26.61 31.78 -42.40
C HIS B 33 -25.33 32.34 -41.80
N LEU B 34 -24.45 32.90 -42.64
CA LEU B 34 -23.20 33.46 -42.15
C LEU B 34 -23.43 34.77 -41.40
N LEU B 35 -24.39 35.58 -41.82
CA LEU B 35 -24.71 36.79 -41.07
C LEU B 35 -25.33 36.47 -39.72
N ASN B 36 -26.14 35.41 -39.65
CA ASN B 36 -26.73 35.00 -38.38
C ASN B 36 -25.65 34.55 -37.40
N ARG B 37 -24.67 33.78 -37.87
CA ARG B 37 -23.58 33.32 -37.02
C ARG B 37 -22.60 34.43 -36.68
N PHE B 38 -22.67 35.57 -37.36
CA PHE B 38 -21.78 36.69 -37.12
C PHE B 38 -22.38 37.74 -36.20
N ASN B 39 -23.59 37.50 -35.69
CA ASN B 39 -24.37 38.55 -35.03
C ASN B 39 -23.70 39.10 -33.78
N PHE B 40 -23.56 38.28 -32.74
CA PHE B 40 -23.05 38.77 -31.46
C PHE B 40 -21.54 38.59 -31.33
N GLN B 41 -20.80 39.06 -32.31
CA GLN B 41 -19.35 39.08 -32.26
C GLN B 41 -18.90 40.47 -31.79
N ASN B 42 -17.61 40.77 -31.93
CA ASN B 42 -17.10 42.06 -31.51
C ASN B 42 -17.77 43.18 -32.29
N THR B 43 -18.15 44.23 -31.58
CA THR B 43 -18.60 45.47 -32.21
C THR B 43 -17.47 46.49 -32.11
N ASN B 44 -17.72 47.68 -32.67
CA ASN B 44 -16.66 48.68 -32.73
C ASN B 44 -16.38 49.33 -31.38
N THR B 45 -17.31 49.24 -30.43
CA THR B 45 -17.10 49.80 -29.10
C THR B 45 -16.93 48.75 -28.01
N ARG B 46 -17.31 47.51 -28.25
CA ARG B 46 -17.27 46.48 -27.21
C ARG B 46 -16.88 45.15 -27.83
N SER B 47 -16.26 44.30 -27.03
CA SER B 47 -15.84 42.98 -27.46
C SER B 47 -16.91 41.95 -27.13
N ALA B 48 -16.82 40.80 -27.81
CA ALA B 48 -17.73 39.70 -27.51
C ALA B 48 -17.51 39.17 -26.10
N LEU B 49 -16.26 39.07 -25.67
CA LEU B 49 -15.96 38.60 -24.32
C LEU B 49 -16.51 39.55 -23.27
N LYS B 50 -16.40 40.85 -23.49
CA LYS B 50 -16.89 41.82 -22.51
C LYS B 50 -18.41 41.76 -22.40
N LEU B 51 -19.11 41.56 -23.52
CA LEU B 51 -20.57 41.50 -23.49
C LEU B 51 -21.06 40.31 -22.68
N VAL B 52 -20.43 39.15 -22.87
CA VAL B 52 -20.85 37.95 -22.14
C VAL B 52 -20.57 38.10 -20.65
N ARG B 53 -19.39 38.59 -20.28
CA ARG B 53 -19.04 38.72 -18.88
C ARG B 53 -19.91 39.74 -18.17
N GLU B 54 -20.19 40.87 -18.81
CA GLU B 54 -20.99 41.92 -18.18
C GLU B 54 -22.45 41.51 -18.06
N SER B 55 -22.99 40.84 -19.09
CA SER B 55 -24.39 40.44 -19.06
C SER B 55 -24.64 39.34 -18.04
N GLU B 56 -23.66 38.47 -17.80
CA GLU B 56 -23.83 37.40 -16.83
C GLU B 56 -23.98 37.95 -15.41
N LEU B 57 -23.24 39.01 -15.08
CA LEU B 57 -23.37 39.63 -13.78
C LEU B 57 -24.67 40.39 -13.61
N LEU B 58 -25.39 40.65 -14.69
CA LEU B 58 -26.70 41.30 -14.63
C LEU B 58 -27.87 40.33 -14.81
N GLY B 59 -27.60 39.07 -15.16
CA GLY B 59 -28.66 38.11 -15.37
C GLY B 59 -29.34 38.22 -16.72
N GLY B 60 -28.61 37.95 -17.79
CA GLY B 60 -29.19 38.00 -19.12
C GLY B 60 -28.47 37.10 -20.10
N THR B 61 -29.15 36.80 -21.21
CA THR B 61 -28.60 35.95 -22.25
C THR B 61 -29.04 36.46 -23.61
N PHE B 62 -28.27 36.07 -24.64
CA PHE B 62 -28.50 36.51 -26.01
C PHE B 62 -28.63 35.28 -26.91
N LYS B 63 -29.32 35.48 -28.03
CA LYS B 63 -29.54 34.39 -28.98
C LYS B 63 -29.93 34.99 -30.33
N SER B 64 -29.47 34.34 -31.40
CA SER B 64 -29.81 34.72 -32.77
C SER B 64 -30.32 33.51 -33.52
N THR B 65 -31.45 33.66 -34.20
CA THR B 65 -32.14 32.55 -34.86
C THR B 65 -32.43 32.90 -36.30
N LEU B 66 -32.37 31.90 -37.18
CA LEU B 66 -32.56 32.08 -38.61
C LEU B 66 -33.63 31.11 -39.12
N ASP B 67 -34.56 31.63 -39.91
CA ASP B 67 -35.51 30.81 -40.66
C ASP B 67 -35.59 31.37 -42.07
N ARG B 68 -36.58 30.91 -42.84
CA ARG B 68 -36.70 31.32 -44.24
C ARG B 68 -37.27 32.71 -44.42
N GLU B 69 -37.74 33.35 -43.36
CA GLU B 69 -38.32 34.68 -43.47
C GLU B 69 -37.63 35.73 -42.61
N TYR B 70 -37.14 35.37 -41.44
CA TYR B 70 -36.64 36.35 -40.47
C TYR B 70 -35.22 36.00 -40.03
N ILE B 71 -34.54 37.03 -39.52
CA ILE B 71 -33.41 36.87 -38.62
C ILE B 71 -33.80 37.57 -37.31
N THR B 72 -33.76 36.83 -36.21
CA THR B 72 -34.28 37.31 -34.93
C THR B 72 -33.18 37.36 -33.90
N LEU B 73 -33.08 38.51 -33.21
CA LEU B 73 -32.14 38.71 -32.11
C LEU B 73 -32.94 38.81 -30.82
N LYS B 74 -32.68 37.92 -29.87
CA LYS B 74 -33.48 37.77 -28.66
C LYS B 74 -32.63 37.97 -27.42
N ALA B 75 -33.20 38.63 -26.42
CA ALA B 75 -32.54 38.88 -25.14
C ALA B 75 -33.51 38.57 -24.01
N THR B 76 -33.13 37.64 -23.13
CA THR B 76 -33.89 37.31 -21.93
C THR B 76 -33.12 37.82 -20.71
N PHE B 77 -33.79 38.56 -19.84
CA PHE B 77 -33.11 39.27 -18.77
C PHE B 77 -34.07 39.55 -17.63
N LEU B 78 -33.52 40.07 -16.54
CA LEU B 78 -34.33 40.54 -15.42
C LEU B 78 -34.98 41.88 -15.77
N LYS B 79 -36.11 42.17 -15.13
CA LYS B 79 -37.01 43.21 -15.62
C LYS B 79 -36.36 44.59 -15.62
N ASP B 80 -35.53 44.89 -14.62
CA ASP B 80 -35.02 46.25 -14.45
C ASP B 80 -33.83 46.57 -15.34
N ASP B 81 -33.32 45.61 -16.11
CA ASP B 81 -32.15 45.83 -16.96
C ASP B 81 -32.54 46.19 -18.39
N LEU B 82 -33.73 46.72 -18.61
CA LEU B 82 -34.21 46.97 -19.98
C LEU B 82 -33.31 47.93 -20.76
N PRO B 83 -32.93 49.11 -20.26
CA PRO B 83 -32.13 50.02 -21.08
C PRO B 83 -30.77 49.48 -21.46
N TYR B 84 -30.22 48.53 -20.72
CA TYR B 84 -28.93 47.95 -21.07
C TYR B 84 -29.03 47.11 -22.34
N TYR B 85 -30.10 46.32 -22.46
CA TYR B 85 -30.23 45.41 -23.59
C TYR B 85 -30.81 46.07 -24.83
N VAL B 86 -31.38 47.27 -24.70
CA VAL B 86 -31.80 48.00 -25.89
C VAL B 86 -30.57 48.51 -26.64
N ASN B 87 -29.59 49.07 -25.91
CA ASN B 87 -28.38 49.55 -26.55
C ASN B 87 -27.53 48.40 -27.06
N ALA B 88 -27.50 47.29 -26.32
CA ALA B 88 -26.71 46.14 -26.75
C ALA B 88 -27.22 45.59 -28.08
N LEU B 89 -28.54 45.50 -28.24
CA LEU B 89 -29.10 45.05 -29.51
C LEU B 89 -28.91 46.09 -30.61
N ALA B 90 -29.00 47.38 -30.25
CA ALA B 90 -28.80 48.43 -31.25
C ALA B 90 -27.36 48.45 -31.77
N ASP B 91 -26.39 48.14 -30.91
CA ASP B 91 -25.00 48.15 -31.35
C ASP B 91 -24.71 47.02 -32.32
N VAL B 92 -25.38 45.87 -32.16
CA VAL B 92 -25.14 44.74 -33.06
C VAL B 92 -25.57 45.09 -34.47
N LEU B 93 -26.71 45.75 -34.62
CA LEU B 93 -27.22 46.12 -35.93
C LEU B 93 -26.53 47.33 -36.54
N TYR B 94 -25.65 48.00 -35.81
CA TYR B 94 -25.07 49.26 -36.26
C TYR B 94 -23.57 49.18 -36.51
N LYS B 95 -22.79 48.64 -35.59
CA LYS B 95 -21.33 48.78 -35.61
C LYS B 95 -20.63 47.45 -35.35
N THR B 96 -21.06 46.39 -36.02
CA THR B 96 -20.35 45.13 -35.95
C THR B 96 -19.00 45.26 -36.66
N ALA B 97 -17.97 44.63 -36.08
CA ALA B 97 -16.61 44.83 -36.56
C ALA B 97 -16.36 44.14 -37.90
N PHE B 98 -16.82 42.90 -38.05
CA PHE B 98 -16.60 42.11 -39.26
C PHE B 98 -15.11 41.93 -39.54
N LYS B 99 -14.38 41.45 -38.53
CA LYS B 99 -12.94 41.26 -38.66
C LYS B 99 -12.64 40.00 -39.47
N PRO B 100 -11.59 40.03 -40.30
CA PRO B 100 -11.25 38.84 -41.10
C PRO B 100 -10.90 37.62 -40.28
N HIS B 101 -10.28 37.80 -39.11
CA HIS B 101 -9.90 36.65 -38.29
C HIS B 101 -11.09 36.07 -37.53
N GLU B 102 -12.17 36.84 -37.37
CA GLU B 102 -13.37 36.30 -36.72
C GLU B 102 -14.14 35.36 -37.63
N LEU B 103 -13.97 35.49 -38.96
CA LEU B 103 -14.67 34.59 -39.86
C LEU B 103 -14.04 33.20 -39.89
N THR B 104 -12.72 33.12 -39.85
CA THR B 104 -12.04 31.83 -39.93
C THR B 104 -11.98 31.11 -38.60
N GLU B 105 -12.02 31.83 -37.48
CA GLU B 105 -11.82 31.24 -36.17
C GLU B 105 -13.11 30.90 -35.45
N SER B 106 -14.18 31.65 -35.68
CA SER B 106 -15.41 31.42 -34.92
C SER B 106 -16.64 31.25 -35.79
N VAL B 107 -16.75 31.98 -36.89
CA VAL B 107 -17.99 32.00 -37.65
C VAL B 107 -18.06 30.81 -38.61
N LEU B 108 -17.00 30.58 -39.37
CA LEU B 108 -17.00 29.43 -40.28
C LEU B 108 -17.07 28.09 -39.56
N PRO B 109 -16.29 27.82 -38.50
CA PRO B 109 -16.45 26.54 -37.81
C PRO B 109 -17.83 26.32 -37.23
N ALA B 110 -18.51 27.37 -36.76
CA ALA B 110 -19.85 27.22 -36.22
C ALA B 110 -20.85 26.84 -37.31
N ALA B 111 -20.70 27.42 -38.49
CA ALA B 111 -21.59 27.07 -39.60
C ALA B 111 -21.36 25.65 -40.09
N ARG B 112 -20.14 25.14 -39.98
CA ARG B 112 -19.88 23.76 -40.36
C ARG B 112 -20.59 22.78 -39.43
N TYR B 113 -20.68 23.10 -38.14
CA TYR B 113 -21.36 22.22 -37.20
C TYR B 113 -22.86 22.19 -37.46
N ASP B 114 -23.46 23.35 -37.78
CA ASP B 114 -24.88 23.37 -38.07
C ASP B 114 -25.21 22.55 -39.30
N TYR B 115 -24.36 22.63 -40.33
CA TYR B 115 -24.59 21.85 -41.54
C TYR B 115 -24.37 20.36 -41.31
N ALA B 116 -23.43 20.01 -40.43
CA ALA B 116 -23.11 18.60 -40.20
C ALA B 116 -24.25 17.89 -39.49
N VAL B 117 -24.90 18.55 -38.53
CA VAL B 117 -25.98 17.92 -37.77
C VAL B 117 -27.31 17.94 -38.51
N ALA B 118 -27.41 18.66 -39.63
CA ALA B 118 -28.62 18.66 -40.42
C ALA B 118 -28.56 17.74 -41.63
N GLU B 119 -27.36 17.39 -42.09
CA GLU B 119 -27.24 16.46 -43.20
C GLU B 119 -27.42 15.02 -42.78
N GLN B 120 -27.50 14.75 -41.48
CA GLN B 120 -27.70 13.40 -40.98
C GLN B 120 -29.16 13.06 -40.73
N CYS B 121 -30.07 14.02 -40.85
CA CYS B 121 -31.50 13.78 -40.64
C CYS B 121 -32.19 13.71 -41.98
N PRO B 122 -32.73 12.56 -42.38
CA PRO B 122 -33.39 12.47 -43.69
C PRO B 122 -34.65 13.32 -43.81
N VAL B 123 -35.31 13.66 -42.70
CA VAL B 123 -36.50 14.48 -42.77
C VAL B 123 -36.14 15.91 -43.13
N LYS B 124 -35.03 16.44 -42.59
CA LYS B 124 -34.61 17.78 -42.96
C LYS B 124 -34.12 17.85 -44.39
N SER B 125 -33.51 16.77 -44.89
CA SER B 125 -33.08 16.75 -46.29
C SER B 125 -34.28 16.73 -47.22
N ALA B 126 -35.33 15.99 -46.86
CA ALA B 126 -36.51 15.89 -47.71
C ALA B 126 -37.30 17.18 -47.72
N GLU B 127 -37.35 17.91 -46.60
CA GLU B 127 -38.09 19.16 -46.55
C GLU B 127 -37.45 20.22 -47.43
N ASP B 128 -36.11 20.31 -47.42
CA ASP B 128 -35.41 21.24 -48.28
C ASP B 128 -35.59 20.89 -49.75
N GLN B 129 -35.65 19.60 -50.08
CA GLN B 129 -35.92 19.19 -51.45
C GLN B 129 -37.32 19.60 -51.89
N LEU B 130 -38.29 19.49 -50.98
CA LEU B 130 -39.66 19.88 -51.32
C LEU B 130 -39.78 21.38 -51.54
N TYR B 131 -39.07 22.17 -50.72
CA TYR B 131 -39.07 23.60 -50.93
C TYR B 131 -38.43 23.97 -52.26
N ALA B 132 -37.39 23.24 -52.66
CA ALA B 132 -36.66 23.57 -53.88
C ALA B 132 -37.51 23.32 -55.13
N ILE B 133 -38.25 22.21 -55.16
CA ILE B 133 -39.00 21.87 -56.36
C ILE B 133 -40.35 22.56 -56.43
N THR B 134 -40.88 23.04 -55.30
CA THR B 134 -42.13 23.78 -55.31
C THR B 134 -41.91 25.23 -55.74
N PHE B 135 -41.10 25.96 -54.99
CA PHE B 135 -40.62 27.28 -55.37
C PHE B 135 -39.15 27.14 -55.73
N ARG B 136 -38.75 27.71 -56.86
CA ARG B 136 -37.40 27.47 -57.35
C ARG B 136 -36.39 28.45 -56.75
N LYS B 137 -36.62 29.75 -56.94
CA LYS B 137 -35.73 30.80 -56.42
C LYS B 137 -36.52 31.69 -55.49
N GLY B 138 -36.00 31.89 -54.28
CA GLY B 138 -36.72 32.64 -53.27
C GLY B 138 -36.97 31.80 -52.03
N LEU B 139 -38.23 31.43 -51.81
CA LEU B 139 -38.55 30.50 -50.74
C LEU B 139 -37.88 29.15 -50.94
N GLY B 140 -37.50 28.82 -52.16
CA GLY B 140 -36.78 27.60 -52.45
C GLY B 140 -35.28 27.70 -52.32
N ASN B 141 -34.76 28.82 -51.82
CA ASN B 141 -33.34 28.98 -51.61
C ASN B 141 -32.86 28.08 -50.47
N PRO B 142 -31.62 27.58 -50.55
CA PRO B 142 -31.10 26.76 -49.44
C PRO B 142 -31.04 27.53 -48.14
N LEU B 143 -31.21 26.80 -47.04
CA LEU B 143 -31.25 27.43 -45.73
C LEU B 143 -29.85 27.64 -45.16
N LEU B 144 -29.04 26.59 -45.15
CA LEU B 144 -27.72 26.63 -44.53
C LEU B 144 -26.62 26.77 -45.59
N TYR B 145 -25.42 27.08 -45.10
CA TYR B 145 -24.25 27.28 -45.94
C TYR B 145 -23.45 25.98 -46.01
N ASP B 146 -23.16 25.54 -47.23
CA ASP B 146 -22.38 24.32 -47.43
C ASP B 146 -21.14 24.51 -48.30
N GLY B 147 -20.86 25.74 -48.73
CA GLY B 147 -19.65 25.99 -49.50
C GLY B 147 -19.75 25.73 -50.99
N VAL B 148 -20.94 25.43 -51.51
CA VAL B 148 -21.09 25.21 -52.95
C VAL B 148 -20.88 26.50 -53.71
N GLU B 149 -21.38 27.62 -53.19
CA GLU B 149 -21.15 28.94 -53.76
C GLU B 149 -20.22 29.72 -52.83
N ARG B 150 -19.20 30.33 -53.41
CA ARG B 150 -18.17 31.01 -52.62
C ARG B 150 -18.72 32.31 -52.06
N VAL B 151 -18.71 32.43 -50.73
CA VAL B 151 -19.19 33.62 -50.03
C VAL B 151 -18.01 34.23 -49.27
N SER B 152 -17.77 35.51 -49.50
CA SER B 152 -16.63 36.21 -48.93
C SER B 152 -17.10 37.16 -47.82
N LEU B 153 -16.12 37.77 -47.15
CA LEU B 153 -16.41 38.69 -46.07
C LEU B 153 -17.13 39.93 -46.57
N GLN B 154 -16.79 40.41 -47.77
CA GLN B 154 -17.46 41.57 -48.33
C GLN B 154 -18.92 41.27 -48.66
N ASP B 155 -19.23 40.02 -49.00
CA ASP B 155 -20.61 39.65 -49.28
C ASP B 155 -21.46 39.70 -48.02
N ILE B 156 -20.91 39.29 -46.87
CA ILE B 156 -21.64 39.37 -45.62
C ILE B 156 -21.84 40.82 -45.21
N LYS B 157 -20.83 41.67 -45.43
CA LYS B 157 -20.99 43.09 -45.14
C LYS B 157 -22.06 43.73 -46.01
N ASP B 158 -22.11 43.37 -47.29
CA ASP B 158 -23.08 43.95 -48.19
C ASP B 158 -24.50 43.49 -47.85
N PHE B 159 -24.66 42.21 -47.50
CA PHE B 159 -25.97 41.70 -47.14
C PHE B 159 -26.52 42.38 -45.91
N ALA B 160 -25.66 42.64 -44.92
CA ALA B 160 -26.11 43.28 -43.70
C ALA B 160 -26.61 44.70 -43.96
N ASP B 161 -25.91 45.45 -44.80
CA ASP B 161 -26.33 46.82 -45.10
C ASP B 161 -27.67 46.85 -45.82
N LYS B 162 -28.00 45.80 -46.55
CA LYS B 162 -29.26 45.74 -47.28
C LYS B 162 -30.44 45.44 -46.36
N VAL B 163 -30.24 44.61 -45.33
CA VAL B 163 -31.34 44.13 -44.52
C VAL B 163 -31.47 44.91 -43.22
N TYR B 164 -30.36 45.44 -42.70
CA TYR B 164 -30.40 46.18 -41.44
C TYR B 164 -30.72 47.65 -41.71
N THR B 165 -31.99 47.89 -42.05
CA THR B 165 -32.51 49.22 -42.31
C THR B 165 -33.68 49.50 -41.39
N LYS B 166 -33.99 50.79 -41.24
CA LYS B 166 -35.02 51.21 -40.30
C LYS B 166 -36.40 50.69 -40.69
N GLU B 167 -36.67 50.54 -41.98
CA GLU B 167 -37.98 50.13 -42.46
C GLU B 167 -38.13 48.63 -42.58
N ASN B 168 -37.12 47.86 -42.21
CA ASN B 168 -37.12 46.41 -42.43
C ASN B 168 -37.10 45.61 -41.12
N LEU B 169 -37.37 46.26 -39.98
CA LEU B 169 -37.31 45.56 -38.71
C LEU B 169 -38.47 45.99 -37.83
N GLU B 170 -38.84 45.10 -36.91
CA GLU B 170 -39.89 45.32 -35.93
C GLU B 170 -39.38 44.97 -34.55
N VAL B 171 -39.71 45.80 -33.55
CA VAL B 171 -39.26 45.62 -32.19
C VAL B 171 -40.46 45.25 -31.32
N SER B 172 -40.33 44.17 -30.56
CA SER B 172 -41.39 43.70 -29.68
C SER B 172 -40.80 43.22 -28.37
N GLY B 173 -41.56 43.37 -27.29
CA GLY B 173 -41.12 42.94 -25.99
C GLY B 173 -42.24 42.28 -25.21
N GLU B 174 -41.84 41.38 -24.31
CA GLU B 174 -42.76 40.67 -23.43
C GLU B 174 -42.46 41.06 -21.99
N ASN B 175 -43.51 41.34 -21.22
CA ASN B 175 -43.38 41.83 -19.84
C ASN B 175 -42.55 43.12 -19.81
N VAL B 176 -42.88 44.03 -20.72
CA VAL B 176 -42.17 45.30 -20.88
C VAL B 176 -43.18 46.42 -20.85
N VAL B 177 -42.85 47.49 -20.15
CA VAL B 177 -43.67 48.70 -20.19
C VAL B 177 -43.52 49.33 -21.56
N GLU B 178 -44.63 49.43 -22.30
CA GLU B 178 -44.57 49.91 -23.67
C GLU B 178 -44.13 51.37 -23.74
N ALA B 179 -44.60 52.20 -22.81
CA ALA B 179 -44.21 53.61 -22.81
C ALA B 179 -42.71 53.77 -22.60
N ASP B 180 -42.12 52.94 -21.74
CA ASP B 180 -40.69 53.02 -21.47
C ASP B 180 -39.85 52.48 -22.62
N LEU B 181 -40.33 51.45 -23.31
CA LEU B 181 -39.56 50.90 -24.42
C LEU B 181 -39.43 51.90 -25.56
N LYS B 182 -40.49 52.64 -25.86
CA LYS B 182 -40.44 53.61 -26.96
C LYS B 182 -39.41 54.70 -26.68
N ARG B 183 -39.33 55.17 -25.44
CA ARG B 183 -38.35 56.19 -25.09
C ARG B 183 -36.93 55.68 -25.23
N PHE B 184 -36.67 54.43 -24.83
CA PHE B 184 -35.33 53.88 -24.92
C PHE B 184 -34.94 53.59 -26.36
N VAL B 185 -35.86 53.10 -27.17
CA VAL B 185 -35.59 52.88 -28.59
C VAL B 185 -35.37 54.21 -29.31
N ASP B 186 -36.09 55.26 -28.90
CA ASP B 186 -36.00 56.54 -29.59
C ASP B 186 -34.62 57.16 -29.45
N GLU B 187 -33.99 57.02 -28.28
CA GLU B 187 -32.72 57.66 -28.00
C GLU B 187 -31.54 56.69 -28.08
N SER B 188 -31.72 55.55 -28.72
CA SER B 188 -30.66 54.58 -28.90
C SER B 188 -30.07 54.72 -30.31
N LEU B 189 -29.16 53.81 -30.66
CA LEU B 189 -28.56 53.82 -31.98
C LEU B 189 -29.48 53.26 -33.05
N LEU B 190 -30.64 52.69 -32.67
CA LEU B 190 -31.59 52.20 -33.67
C LEU B 190 -32.19 53.35 -34.47
N SER B 191 -32.45 54.49 -33.81
CA SER B 191 -33.07 55.62 -34.48
C SER B 191 -32.17 56.27 -35.51
N THR B 192 -30.87 55.97 -35.50
CA THR B 192 -29.92 56.53 -36.46
C THR B 192 -29.56 55.54 -37.57
N LEU B 193 -30.29 54.44 -37.68
CA LEU B 193 -30.07 53.51 -38.77
C LEU B 193 -30.51 54.13 -40.09
N PRO B 194 -29.96 53.67 -41.21
CA PRO B 194 -30.46 54.12 -42.51
C PRO B 194 -31.92 53.74 -42.70
N ALA B 195 -32.66 54.62 -43.38
CA ALA B 195 -34.05 54.36 -43.73
C ALA B 195 -34.06 53.79 -45.14
N GLY B 196 -33.96 52.47 -45.24
CA GLY B 196 -33.94 51.82 -46.53
C GLY B 196 -35.33 51.56 -47.08
N LYS B 197 -35.55 50.33 -47.54
CA LYS B 197 -36.85 49.94 -48.09
C LYS B 197 -37.22 48.57 -47.54
N SER B 198 -38.53 48.31 -47.45
CA SER B 198 -39.00 47.02 -47.00
C SER B 198 -38.77 45.97 -48.08
N LEU B 199 -38.25 44.82 -47.68
CA LEU B 199 -37.96 43.75 -48.63
C LEU B 199 -39.14 42.82 -48.87
N VAL B 200 -40.22 42.96 -48.12
CA VAL B 200 -41.38 42.08 -48.27
C VAL B 200 -42.24 42.58 -49.42
N SER B 201 -42.62 41.67 -50.30
CA SER B 201 -43.47 41.99 -51.44
C SER B 201 -44.92 41.63 -51.14
N LYS B 202 -45.84 42.34 -51.78
CA LYS B 202 -47.27 42.15 -51.57
C LYS B 202 -47.90 41.19 -52.55
N SER B 203 -47.14 40.65 -53.50
CA SER B 203 -47.67 39.72 -54.48
C SER B 203 -47.59 38.29 -53.95
N GLU B 204 -48.01 37.32 -54.80
CA GLU B 204 -48.01 35.89 -54.51
C GLU B 204 -46.79 35.22 -55.15
N PRO B 205 -46.25 34.20 -54.47
CA PRO B 205 -45.05 33.54 -54.99
C PRO B 205 -45.40 32.48 -56.03
N LYS B 206 -44.64 32.49 -57.12
CA LYS B 206 -44.84 31.50 -58.18
C LYS B 206 -44.46 30.11 -57.68
N PHE B 207 -45.29 29.13 -58.01
CA PHE B 207 -45.09 27.77 -57.55
C PHE B 207 -45.23 26.81 -58.73
N PHE B 208 -44.82 25.56 -58.50
CA PHE B 208 -44.84 24.51 -59.50
C PHE B 208 -45.45 23.25 -58.89
N LEU B 209 -46.18 22.49 -59.70
CA LEU B 209 -46.91 21.32 -59.25
C LEU B 209 -46.58 20.12 -60.12
N GLY B 210 -46.59 18.95 -59.51
CA GLY B 210 -46.28 17.72 -60.22
C GLY B 210 -44.81 17.36 -60.31
N GLU B 211 -43.97 17.93 -59.45
CA GLU B 211 -42.54 17.70 -59.50
C GLU B 211 -42.14 16.49 -58.64
N GLU B 212 -40.90 16.04 -58.81
CA GLU B 212 -40.41 14.85 -58.14
C GLU B 212 -38.89 14.93 -57.99
N ASN B 213 -38.36 14.18 -57.03
CA ASN B 213 -36.93 14.11 -56.78
C ASN B 213 -36.63 12.90 -55.90
N ARG B 214 -35.46 12.31 -56.10
CA ARG B 214 -35.00 11.16 -55.33
C ARG B 214 -33.55 11.38 -54.91
N VAL B 215 -33.24 11.07 -53.64
CA VAL B 215 -31.90 11.21 -53.10
C VAL B 215 -31.51 9.91 -52.41
N ARG B 216 -30.33 9.39 -52.72
CA ARG B 216 -29.81 8.22 -52.04
C ARG B 216 -29.23 8.60 -50.68
N PHE B 217 -29.42 7.71 -49.71
CA PHE B 217 -29.04 8.01 -48.33
C PHE B 217 -28.84 6.71 -47.59
N ILE B 218 -27.87 6.69 -46.67
CA ILE B 218 -27.59 5.53 -45.84
C ILE B 218 -28.26 5.75 -44.49
N GLY B 219 -29.29 4.97 -44.21
CA GLY B 219 -30.03 5.11 -42.97
C GLY B 219 -31.52 4.90 -43.14
N ASP B 220 -32.32 5.69 -42.43
CA ASP B 220 -33.77 5.57 -42.52
C ASP B 220 -34.28 6.10 -43.85
N SER B 221 -35.35 5.49 -44.35
CA SER B 221 -36.00 5.92 -45.57
C SER B 221 -37.15 6.86 -45.26
N VAL B 222 -37.33 7.88 -46.09
CA VAL B 222 -38.34 8.91 -45.90
C VAL B 222 -39.07 9.14 -47.21
N ALA B 223 -40.40 9.20 -47.16
CA ALA B 223 -41.22 9.62 -48.30
C ALA B 223 -42.07 10.80 -47.86
N ALA B 224 -42.20 11.80 -48.73
CA ALA B 224 -42.86 13.04 -48.35
C ALA B 224 -43.63 13.61 -49.54
N ILE B 225 -44.66 14.41 -49.24
CA ILE B 225 -45.43 15.11 -50.25
C ILE B 225 -45.58 16.57 -49.82
N GLY B 226 -45.78 17.44 -50.82
CA GLY B 226 -45.86 18.87 -50.57
C GLY B 226 -46.92 19.57 -51.41
N ILE B 227 -47.67 20.47 -50.78
CA ILE B 227 -48.78 21.16 -51.42
C ILE B 227 -48.65 22.66 -51.18
N PRO B 228 -48.43 23.49 -52.19
CA PRO B 228 -48.49 24.94 -51.99
C PRO B 228 -49.91 25.39 -51.69
N VAL B 229 -50.02 26.37 -50.80
CA VAL B 229 -51.31 26.85 -50.30
C VAL B 229 -51.35 28.36 -50.43
N ASN B 230 -52.47 28.89 -50.91
CA ASN B 230 -52.63 30.33 -51.03
C ASN B 230 -53.29 30.89 -49.76
N LYS B 231 -53.55 32.19 -49.77
CA LYS B 231 -54.03 32.87 -48.57
C LYS B 231 -55.43 32.41 -48.17
N ALA B 232 -56.29 32.14 -49.15
CA ALA B 232 -57.68 31.80 -48.85
C ALA B 232 -57.84 30.40 -48.27
N SER B 233 -56.90 29.50 -48.54
CA SER B 233 -57.01 28.11 -48.11
C SER B 233 -56.17 27.80 -46.87
N LEU B 234 -55.66 28.83 -46.18
CA LEU B 234 -54.76 28.59 -45.06
C LEU B 234 -55.46 27.85 -43.93
N ALA B 235 -56.72 28.20 -43.67
CA ALA B 235 -57.45 27.57 -42.56
C ALA B 235 -57.85 26.14 -42.87
N GLN B 236 -58.08 25.83 -44.15
CA GLN B 236 -58.46 24.46 -44.50
C GLN B 236 -57.31 23.48 -44.28
N TYR B 237 -56.09 23.88 -44.62
CA TYR B 237 -54.95 23.00 -44.44
C TYR B 237 -54.42 23.00 -43.02
N GLU B 238 -54.82 23.97 -42.20
CA GLU B 238 -54.46 23.93 -40.79
C GLU B 238 -55.27 22.88 -40.04
N VAL B 239 -56.55 22.73 -40.40
CA VAL B 239 -57.36 21.67 -39.82
C VAL B 239 -56.89 20.31 -40.32
N LEU B 240 -56.49 20.23 -41.59
CA LEU B 240 -56.04 18.96 -42.15
C LEU B 240 -54.78 18.45 -41.45
N ALA B 241 -53.87 19.36 -41.11
CA ALA B 241 -52.64 18.94 -40.43
C ALA B 241 -52.93 18.37 -39.05
N ASN B 242 -53.83 19.00 -38.29
CA ASN B 242 -54.16 18.53 -36.95
C ASN B 242 -55.06 17.31 -36.97
N TYR B 243 -55.90 17.17 -38.00
CA TYR B 243 -56.77 16.00 -38.10
C TYR B 243 -55.96 14.74 -38.39
N LEU B 244 -54.93 14.85 -39.22
CA LEU B 244 -54.18 13.67 -39.64
C LEU B 244 -53.28 13.13 -38.52
N THR B 245 -52.73 14.02 -37.69
CA THR B 245 -51.83 13.59 -36.62
C THR B 245 -52.56 13.16 -35.36
N SER B 246 -53.79 13.62 -35.14
CA SER B 246 -54.52 13.31 -33.92
C SER B 246 -55.14 11.91 -34.02
N ALA B 247 -55.89 11.55 -32.97
CA ALA B 247 -56.49 10.23 -32.88
C ALA B 247 -57.81 10.12 -33.63
N LEU B 248 -58.27 11.20 -34.26
CA LEU B 248 -59.51 11.18 -35.02
C LEU B 248 -59.37 10.49 -36.37
N SER B 249 -58.15 10.16 -36.79
CA SER B 249 -57.90 9.60 -38.11
C SER B 249 -57.24 8.22 -37.99
N GLU B 250 -57.68 7.29 -38.84
CA GLU B 250 -57.08 5.98 -38.91
C GLU B 250 -55.66 6.01 -39.47
N LEU B 251 -55.31 7.06 -40.20
CA LEU B 251 -54.00 7.18 -40.83
C LEU B 251 -52.92 7.69 -39.88
N SER B 252 -53.28 8.05 -38.64
CA SER B 252 -52.32 8.68 -37.75
C SER B 252 -51.16 7.77 -37.40
N GLY B 253 -51.39 6.45 -37.35
CA GLY B 253 -50.34 5.53 -37.01
C GLY B 253 -49.32 5.32 -38.12
N LEU B 254 -49.64 5.76 -39.34
CA LEU B 254 -48.73 5.64 -40.46
C LEU B 254 -47.99 6.93 -40.77
N ILE B 255 -48.39 8.05 -40.19
CA ILE B 255 -47.83 9.36 -40.51
C ILE B 255 -46.82 9.73 -39.42
N SER B 256 -45.57 9.95 -39.82
CA SER B 256 -44.55 10.36 -38.87
C SER B 256 -44.73 11.81 -38.43
N SER B 257 -45.03 12.70 -39.37
CA SER B 257 -45.21 14.10 -39.06
C SER B 257 -46.02 14.77 -40.16
N ALA B 258 -46.62 15.91 -39.83
CA ALA B 258 -47.42 16.68 -40.77
C ALA B 258 -47.63 18.07 -40.21
N LYS B 259 -47.39 19.09 -41.03
CA LYS B 259 -47.49 20.47 -40.55
C LYS B 259 -47.71 21.40 -41.72
N LEU B 260 -48.20 22.60 -41.40
CA LEU B 260 -48.35 23.68 -42.37
C LEU B 260 -47.48 24.86 -41.93
N ASP B 261 -46.62 25.32 -42.82
CA ASP B 261 -45.76 26.48 -42.58
C ASP B 261 -46.43 27.69 -43.21
N LYS B 262 -46.73 28.70 -42.40
CA LYS B 262 -47.53 29.84 -42.83
C LYS B 262 -46.64 31.06 -43.00
N PHE B 263 -46.78 31.72 -44.15
CA PHE B 263 -46.11 32.97 -44.45
C PHE B 263 -47.15 34.08 -44.59
N THR B 264 -46.68 35.28 -44.92
CA THR B 264 -47.61 36.40 -45.09
C THR B 264 -48.43 36.24 -46.37
N ASP B 265 -47.87 35.62 -47.41
CA ASP B 265 -48.51 35.52 -48.71
C ASP B 265 -48.95 34.11 -49.05
N GLY B 266 -48.83 33.16 -48.14
CA GLY B 266 -49.21 31.79 -48.46
C GLY B 266 -48.57 30.82 -47.48
N GLY B 267 -48.36 29.60 -47.95
CA GLY B 267 -47.77 28.58 -47.10
C GLY B 267 -47.48 27.32 -47.88
N LEU B 268 -47.00 26.31 -47.16
CA LEU B 268 -46.68 25.01 -47.73
C LEU B 268 -47.09 23.92 -46.75
N PHE B 269 -47.75 22.89 -47.25
CA PHE B 269 -48.19 21.75 -46.45
C PHE B 269 -47.22 20.59 -46.67
N THR B 270 -46.78 19.96 -45.59
CA THR B 270 -45.83 18.88 -45.65
C THR B 270 -46.33 17.68 -44.85
N LEU B 271 -45.99 16.49 -45.34
CA LEU B 271 -46.38 15.23 -44.71
C LEU B 271 -45.24 14.24 -44.89
N PHE B 272 -44.86 13.56 -43.82
CA PHE B 272 -43.67 12.71 -43.84
C PHE B 272 -43.99 11.31 -43.34
N VAL B 273 -43.42 10.31 -44.01
CA VAL B 273 -43.46 8.92 -43.58
C VAL B 273 -42.03 8.43 -43.49
N ARG B 274 -41.65 7.88 -42.33
CA ARG B 274 -40.27 7.51 -42.09
C ARG B 274 -40.20 6.20 -41.31
N ASP B 275 -39.37 5.27 -41.79
CA ASP B 275 -39.12 4.03 -41.08
C ASP B 275 -37.80 3.44 -41.58
N GLN B 276 -37.25 2.52 -40.78
CA GLN B 276 -35.99 1.88 -41.13
C GLN B 276 -36.16 0.81 -42.20
N ASP B 277 -37.37 0.31 -42.41
CA ASP B 277 -37.64 -0.67 -43.45
C ASP B 277 -38.25 0.03 -44.66
N SER B 278 -37.72 -0.25 -45.85
CA SER B 278 -38.23 0.38 -47.06
C SER B 278 -39.59 -0.16 -47.45
N ALA B 279 -39.85 -1.44 -47.19
CA ALA B 279 -41.15 -2.02 -47.51
C ALA B 279 -42.27 -1.39 -46.71
N VAL B 280 -42.01 -1.09 -45.43
CA VAL B 280 -43.02 -0.43 -44.60
C VAL B 280 -43.31 0.96 -45.13
N VAL B 281 -42.26 1.71 -45.49
CA VAL B 281 -42.46 3.06 -46.02
C VAL B 281 -43.24 3.02 -47.33
N SER B 282 -42.94 2.05 -48.18
CA SER B 282 -43.62 1.96 -49.48
C SER B 282 -45.11 1.68 -49.32
N SER B 283 -45.47 0.77 -48.42
CA SER B 283 -46.88 0.42 -48.24
C SER B 283 -47.66 1.54 -47.57
N ASN B 284 -47.03 2.29 -46.66
CA ASN B 284 -47.75 3.31 -45.92
C ASN B 284 -48.11 4.51 -46.80
N ILE B 285 -47.17 4.97 -47.62
CA ILE B 285 -47.41 6.17 -48.42
C ILE B 285 -48.48 5.89 -49.48
N LYS B 286 -48.51 4.67 -50.02
CA LYS B 286 -49.55 4.35 -51.00
C LYS B 286 -50.93 4.37 -50.37
N LYS B 287 -51.06 3.85 -49.15
CA LYS B 287 -52.35 3.85 -48.47
C LYS B 287 -52.79 5.24 -48.07
N ILE B 288 -51.84 6.13 -47.79
CA ILE B 288 -52.18 7.50 -47.38
C ILE B 288 -52.74 8.28 -48.56
N VAL B 289 -52.11 8.18 -49.73
CA VAL B 289 -52.54 9.00 -50.86
C VAL B 289 -53.82 8.46 -51.49
N ALA B 290 -54.08 7.16 -51.37
CA ALA B 290 -55.33 6.61 -51.89
C ALA B 290 -56.52 7.01 -51.03
N ASP B 291 -56.31 7.15 -49.73
CA ASP B 291 -57.41 7.55 -48.84
C ASP B 291 -57.74 9.03 -48.97
N LEU B 292 -56.72 9.87 -49.17
CA LEU B 292 -56.95 11.30 -49.31
C LEU B 292 -57.53 11.68 -50.66
N LYS B 293 -57.31 10.85 -51.69
CA LYS B 293 -57.90 11.14 -53.00
C LYS B 293 -59.41 10.94 -52.99
N LYS B 294 -59.91 10.06 -52.12
CA LYS B 294 -61.35 9.87 -52.01
C LYS B 294 -62.02 11.04 -51.30
N GLY B 295 -61.40 11.54 -50.23
CA GLY B 295 -61.95 12.68 -49.54
C GLY B 295 -62.03 12.49 -48.04
N LYS B 296 -62.15 13.60 -47.30
CA LYS B 296 -62.23 13.58 -45.86
C LYS B 296 -63.28 14.57 -45.39
N ASP B 297 -63.75 14.38 -44.17
CA ASP B 297 -64.65 15.32 -43.52
C ASP B 297 -63.92 15.94 -42.33
N LEU B 298 -63.52 17.20 -42.47
CA LEU B 298 -62.68 17.87 -41.49
C LEU B 298 -63.49 18.68 -40.48
N SER B 299 -64.77 18.37 -40.33
CA SER B 299 -65.64 19.04 -39.37
C SER B 299 -65.39 18.62 -37.93
N PRO B 300 -65.24 17.33 -37.63
CA PRO B 300 -65.01 16.93 -36.22
C PRO B 300 -63.71 17.43 -35.63
N ALA B 301 -62.83 18.06 -36.42
CA ALA B 301 -61.52 18.49 -35.93
C ALA B 301 -61.40 19.99 -35.75
N ILE B 302 -62.50 20.74 -35.91
CA ILE B 302 -62.41 22.20 -35.83
C ILE B 302 -62.12 22.64 -34.40
N ASN B 303 -62.84 22.07 -33.43
CA ASN B 303 -62.66 22.48 -32.04
C ASN B 303 -61.28 22.08 -31.53
N TYR B 304 -60.79 20.91 -31.94
CA TYR B 304 -59.45 20.47 -31.58
C TYR B 304 -58.40 21.41 -32.17
N THR B 305 -58.60 21.85 -33.41
CA THR B 305 -57.66 22.76 -34.05
C THR B 305 -57.63 24.12 -33.38
N LYS B 306 -58.79 24.59 -32.90
CA LYS B 306 -58.85 25.89 -32.24
C LYS B 306 -58.00 25.92 -30.98
N LEU B 307 -57.99 24.83 -30.23
CA LEU B 307 -57.17 24.75 -29.03
C LEU B 307 -55.69 24.69 -29.36
N LYS B 308 -55.32 23.89 -30.37
CA LYS B 308 -53.92 23.77 -30.74
C LYS B 308 -53.37 25.06 -31.32
N ASN B 309 -54.21 25.79 -32.07
CA ASN B 309 -53.79 27.07 -32.62
C ASN B 309 -53.47 28.07 -31.52
N ALA B 310 -54.32 28.13 -30.48
CA ALA B 310 -54.08 29.05 -29.38
C ALA B 310 -52.88 28.67 -28.55
N VAL B 311 -52.47 27.40 -28.58
CA VAL B 311 -51.29 26.98 -27.82
C VAL B 311 -50.02 27.52 -28.47
N GLN B 312 -49.89 27.39 -29.79
CA GLN B 312 -48.67 27.82 -30.47
C GLN B 312 -48.67 29.31 -30.78
N ASN B 313 -49.82 29.97 -30.72
CA ASN B 313 -49.88 31.42 -30.89
C ASN B 313 -49.75 32.17 -29.57
N GLU B 314 -49.53 31.46 -28.47
CA GLU B 314 -49.37 32.13 -27.19
C GLU B 314 -48.12 32.98 -27.15
N SER B 315 -47.02 32.49 -27.71
CA SER B 315 -45.76 33.23 -27.71
C SER B 315 -45.67 34.20 -28.87
N VAL B 316 -46.21 33.85 -30.03
CA VAL B 316 -46.11 34.71 -31.21
C VAL B 316 -46.93 35.97 -31.00
N SER B 317 -46.29 37.13 -31.20
CA SER B 317 -46.94 38.40 -30.96
C SER B 317 -47.70 38.95 -32.15
N SER B 318 -47.49 38.39 -33.35
CA SER B 318 -48.20 38.81 -34.56
C SER B 318 -48.76 37.59 -35.27
N PRO B 319 -49.76 36.93 -34.70
CA PRO B 319 -50.38 35.78 -35.38
C PRO B 319 -51.55 36.20 -36.26
N ILE B 320 -51.58 35.72 -37.50
CA ILE B 320 -52.71 36.00 -38.38
C ILE B 320 -53.94 35.26 -37.86
N GLU B 321 -55.07 35.96 -37.79
CA GLU B 321 -56.30 35.37 -37.27
C GLU B 321 -57.00 34.56 -38.36
N LEU B 322 -57.12 33.26 -38.13
CA LEU B 322 -57.82 32.35 -39.03
C LEU B 322 -59.21 32.05 -38.48
N ASN B 323 -60.10 31.62 -39.38
CA ASN B 323 -61.50 31.42 -39.03
C ASN B 323 -61.78 30.02 -38.50
N PHE B 324 -61.46 28.99 -39.30
CA PHE B 324 -61.67 27.58 -39.00
C PHE B 324 -63.13 27.17 -38.97
N ASP B 325 -64.07 28.10 -39.09
CA ASP B 325 -65.48 27.78 -38.94
C ASP B 325 -66.14 27.33 -40.23
N ALA B 326 -65.58 27.71 -41.38
CA ALA B 326 -66.16 27.36 -42.68
C ALA B 326 -65.39 26.25 -43.38
N VAL B 327 -64.88 25.28 -42.62
CA VAL B 327 -64.08 24.19 -43.15
C VAL B 327 -64.95 22.93 -43.16
N LYS B 328 -65.18 22.35 -44.33
CA LYS B 328 -66.08 21.21 -44.45
C LYS B 328 -65.38 19.94 -44.90
N ASP B 329 -64.76 19.93 -46.08
CA ASP B 329 -64.23 18.70 -46.65
C ASP B 329 -62.89 18.99 -47.30
N PHE B 330 -62.18 17.92 -47.66
CA PHE B 330 -60.91 18.01 -48.36
C PHE B 330 -60.85 16.96 -49.44
N LYS B 331 -60.15 17.27 -50.53
CA LYS B 331 -59.95 16.32 -51.61
C LYS B 331 -58.58 16.59 -52.22
N LEU B 332 -57.74 15.56 -52.28
CA LEU B 332 -56.37 15.71 -52.75
C LEU B 332 -56.33 15.87 -54.26
N GLY B 333 -55.58 16.86 -54.74
CA GLY B 333 -55.39 17.08 -56.16
C GLY B 333 -54.00 16.73 -56.62
N LYS B 334 -53.24 17.74 -57.03
CA LYS B 334 -51.87 17.56 -57.47
C LYS B 334 -50.89 17.97 -56.37
N PHE B 335 -49.74 17.30 -56.34
CA PHE B 335 -48.79 17.48 -55.25
C PHE B 335 -47.40 17.14 -55.75
N ASN B 336 -46.39 17.55 -54.97
CA ASN B 336 -45.00 17.21 -55.22
C ASN B 336 -44.59 16.04 -54.32
N TYR B 337 -43.57 15.31 -54.76
CA TYR B 337 -43.16 14.08 -54.09
C TYR B 337 -41.64 13.99 -54.06
N VAL B 338 -41.09 13.57 -52.92
CA VAL B 338 -39.66 13.38 -52.74
C VAL B 338 -39.43 12.08 -51.99
N ALA B 339 -38.44 11.30 -52.43
CA ALA B 339 -38.04 10.06 -51.77
C ALA B 339 -36.58 10.14 -51.37
N VAL B 340 -36.27 9.81 -50.12
CA VAL B 340 -34.92 9.85 -49.59
C VAL B 340 -34.61 8.51 -48.94
N GLY B 341 -33.48 7.91 -49.31
CA GLY B 341 -33.06 6.67 -48.71
C GLY B 341 -32.77 5.57 -49.71
N ASP B 342 -33.39 4.41 -49.52
CA ASP B 342 -33.27 3.27 -50.43
C ASP B 342 -34.20 3.48 -51.61
N VAL B 343 -33.78 4.35 -52.53
CA VAL B 343 -34.66 4.80 -53.61
C VAL B 343 -34.92 3.70 -54.63
N SER B 344 -34.11 2.65 -54.66
CA SER B 344 -34.35 1.55 -55.59
C SER B 344 -35.47 0.64 -55.11
N ASN B 345 -36.05 0.90 -53.93
CA ASN B 345 -37.15 0.12 -53.39
C ASN B 345 -38.29 1.00 -52.91
N LEU B 346 -38.37 2.24 -53.38
CA LEU B 346 -39.44 3.16 -53.04
C LEU B 346 -40.26 3.51 -54.27
N PRO B 347 -41.54 3.83 -54.11
CA PRO B 347 -42.40 4.07 -55.28
C PRO B 347 -42.07 5.37 -55.98
N TYR B 348 -42.48 5.43 -57.25
CA TYR B 348 -42.38 6.64 -58.04
C TYR B 348 -43.70 7.42 -57.99
N LEU B 349 -43.67 8.64 -58.53
CA LEU B 349 -44.86 9.49 -58.46
C LEU B 349 -46.02 8.90 -59.23
N ASP B 350 -45.75 8.36 -60.42
CA ASP B 350 -46.79 7.82 -61.27
C ASP B 350 -47.44 6.57 -60.70
N GLU B 351 -46.85 5.96 -59.68
CA GLU B 351 -47.42 4.79 -59.03
C GLU B 351 -48.23 5.14 -57.78
N LEU B 352 -48.41 6.41 -57.48
CA LEU B 352 -49.14 6.82 -56.29
C LEU B 352 -50.59 7.13 -56.63
N MET C 1 -3.47 19.53 -19.65
CA MET C 1 -2.69 18.40 -19.15
C MET C 1 -2.20 18.63 -17.73
N ALA C 2 -2.10 17.54 -16.96
CA ALA C 2 -1.54 17.62 -15.62
C ALA C 2 -0.04 17.88 -15.68
N PHE C 3 0.47 18.57 -14.66
CA PHE C 3 1.89 18.91 -14.64
C PHE C 3 2.76 17.66 -14.57
N ARG C 4 2.24 16.58 -13.99
CA ARG C 4 3.01 15.34 -13.93
C ARG C 4 3.17 14.67 -15.28
N LYS C 5 2.46 15.13 -16.31
CA LYS C 5 2.60 14.56 -17.64
C LYS C 5 3.20 15.53 -18.66
N SER C 6 3.15 16.83 -18.41
CA SER C 6 3.73 17.79 -19.33
C SER C 6 5.20 18.08 -19.03
N ASN C 7 5.62 17.94 -17.79
CA ASN C 7 7.01 18.20 -17.42
C ASN C 7 7.93 17.14 -18.02
N VAL C 8 9.16 17.57 -18.35
CA VAL C 8 10.10 16.67 -19.01
C VAL C 8 10.58 15.58 -18.04
N TYR C 9 10.84 15.94 -16.79
CA TYR C 9 11.37 14.99 -15.82
C TYR C 9 10.28 14.20 -15.11
N LEU C 10 9.18 14.86 -14.75
CA LEU C 10 8.09 14.18 -14.07
C LEU C 10 7.37 13.18 -14.98
N SER C 11 7.44 13.37 -16.28
CA SER C 11 6.82 12.43 -17.20
C SER C 11 7.47 11.04 -17.10
N LEU C 12 8.79 11.01 -16.93
CA LEU C 12 9.47 9.73 -16.77
C LEU C 12 9.06 9.04 -15.47
N VAL C 13 8.90 9.81 -14.39
CA VAL C 13 8.44 9.24 -13.13
C VAL C 13 7.01 8.75 -13.27
N ASN C 14 6.15 9.53 -13.93
CA ASN C 14 4.75 9.16 -14.09
C ASN C 14 4.61 7.90 -14.93
N SER C 15 5.38 7.80 -16.01
CA SER C 15 5.22 6.68 -16.92
C SER C 15 5.76 5.38 -16.37
N TYR C 16 6.58 5.42 -15.32
CA TYR C 16 7.19 4.21 -14.79
C TYR C 16 6.69 3.83 -13.41
N ILE C 17 6.17 4.76 -12.63
CA ILE C 17 5.84 4.53 -11.22
C ILE C 17 4.36 4.80 -10.94
N ILE C 18 3.84 5.91 -11.45
CA ILE C 18 2.50 6.36 -11.08
C ILE C 18 1.43 5.73 -11.94
N ASP C 19 1.52 5.90 -13.26
CA ASP C 19 0.44 5.55 -14.16
C ASP C 19 0.73 4.29 -14.99
N SER C 20 1.73 3.51 -14.61
CA SER C 20 2.08 2.33 -15.39
C SER C 20 0.95 1.30 -15.31
N PRO C 21 0.41 0.84 -16.44
CA PRO C 21 -0.69 -0.14 -16.41
C PRO C 21 -0.17 -1.54 -16.07
N GLN C 22 -0.69 -2.09 -14.99
CA GLN C 22 -0.24 -3.39 -14.51
C GLN C 22 -1.36 -4.42 -14.61
N PRO C 23 -1.03 -5.68 -14.87
CA PRO C 23 -2.05 -6.73 -14.78
C PRO C 23 -2.57 -6.86 -13.36
N SER C 24 -3.85 -7.19 -13.25
CA SER C 24 -4.48 -7.16 -11.94
C SER C 24 -4.24 -8.42 -11.12
N SER C 25 -3.64 -9.46 -11.70
CA SER C 25 -3.55 -10.76 -11.05
C SER C 25 -2.12 -11.18 -10.70
N ILE C 26 -1.17 -10.26 -10.71
CA ILE C 26 0.22 -10.62 -10.42
C ILE C 26 0.39 -10.82 -8.92
N ASN C 27 0.95 -11.96 -8.54
CA ASN C 27 1.05 -12.36 -7.14
C ASN C 27 2.30 -11.78 -6.50
N TYR C 28 2.65 -12.26 -5.31
CA TYR C 28 3.75 -11.68 -4.53
C TYR C 28 5.13 -12.03 -5.07
N TRP C 29 5.24 -12.97 -6.01
CA TRP C 29 6.53 -13.20 -6.65
C TRP C 29 6.96 -12.03 -7.52
N TRP C 30 6.02 -11.17 -7.91
CA TRP C 30 6.33 -9.99 -8.71
C TRP C 30 6.82 -8.82 -7.88
N ASN C 31 7.08 -9.04 -6.59
CA ASN C 31 7.61 -8.00 -5.72
C ASN C 31 9.12 -8.08 -5.55
N MET C 32 9.78 -9.03 -6.20
CA MET C 32 11.23 -9.16 -6.03
C MET C 32 12.02 -8.13 -6.80
N GLY C 33 11.49 -7.60 -7.90
CA GLY C 33 12.20 -6.56 -8.63
C GLY C 33 12.40 -5.30 -7.82
N SER C 34 11.36 -4.88 -7.08
CA SER C 34 11.49 -3.68 -6.26
C SER C 34 12.39 -3.93 -5.06
N LEU C 35 12.46 -5.16 -4.57
CA LEU C 35 13.39 -5.49 -3.49
C LEU C 35 14.83 -5.42 -3.95
N LEU C 36 15.10 -5.88 -5.17
CA LEU C 36 16.45 -5.83 -5.73
C LEU C 36 16.95 -4.41 -5.93
N GLY C 37 16.05 -3.45 -6.07
CA GLY C 37 16.45 -2.06 -6.19
C GLY C 37 16.70 -1.42 -4.85
N LEU C 38 16.10 -1.97 -3.80
CA LEU C 38 16.41 -1.54 -2.45
C LEU C 38 17.73 -2.13 -1.96
N CYS C 39 18.04 -3.35 -2.37
CA CYS C 39 19.33 -3.95 -2.03
C CYS C 39 20.48 -3.18 -2.62
N LEU C 40 20.33 -2.74 -3.88
CA LEU C 40 21.39 -1.98 -4.55
C LEU C 40 21.63 -0.63 -3.86
N VAL C 41 20.57 0.03 -3.42
CA VAL C 41 20.73 1.30 -2.72
C VAL C 41 21.37 1.09 -1.36
N ILE C 42 21.01 0.01 -0.66
CA ILE C 42 21.59 -0.27 0.65
C ILE C 42 23.09 -0.52 0.52
N GLN C 43 23.49 -1.30 -0.48
CA GLN C 43 24.91 -1.63 -0.64
C GLN C 43 25.74 -0.40 -0.98
N ILE C 44 25.22 0.46 -1.84
CA ILE C 44 25.99 1.62 -2.30
C ILE C 44 26.15 2.64 -1.17
N VAL C 45 25.09 2.90 -0.41
CA VAL C 45 25.16 3.92 0.63
C VAL C 45 26.05 3.47 1.79
N THR C 46 25.93 2.21 2.21
CA THR C 46 26.78 1.72 3.29
C THR C 46 28.24 1.61 2.84
N GLY C 47 28.47 1.24 1.58
CA GLY C 47 29.83 1.12 1.10
C GLY C 47 30.56 2.45 1.03
N ILE C 48 29.86 3.51 0.66
CA ILE C 48 30.50 4.82 0.54
C ILE C 48 30.90 5.36 1.90
N PHE C 49 30.04 5.17 2.92
CA PHE C 49 30.37 5.67 4.25
C PHE C 49 31.47 4.85 4.90
N MET C 50 31.59 3.56 4.56
CA MET C 50 32.71 2.77 5.03
C MET C 50 34.01 3.12 4.31
N ALA C 51 33.91 3.53 3.04
CA ALA C 51 35.09 3.87 2.25
C ALA C 51 35.79 5.12 2.76
N MET C 52 35.15 5.92 3.60
CA MET C 52 35.82 7.06 4.20
C MET C 52 36.80 6.66 5.29
N HIS C 53 36.84 5.39 5.68
CA HIS C 53 37.74 4.92 6.73
C HIS C 53 38.56 3.70 6.30
N TYR C 54 38.67 3.42 5.01
CA TYR C 54 39.31 2.20 4.53
C TYR C 54 40.63 2.52 3.87
N SER C 55 41.61 1.64 4.07
CA SER C 55 42.92 1.71 3.44
C SER C 55 43.17 0.42 2.67
N SER C 56 43.53 0.53 1.40
CA SER C 56 43.65 -0.62 0.52
C SER C 56 45.05 -1.23 0.47
N ASN C 57 46.01 -0.67 1.21
CA ASN C 57 47.34 -1.26 1.22
C ASN C 57 47.29 -2.65 1.84
N ILE C 58 48.12 -3.56 1.31
CA ILE C 58 48.06 -4.94 1.76
C ILE C 58 48.52 -5.08 3.21
N GLU C 59 49.30 -4.14 3.73
CA GLU C 59 49.67 -4.15 5.13
C GLU C 59 48.75 -3.31 6.01
N LEU C 60 47.71 -2.69 5.43
CA LEU C 60 46.75 -1.93 6.20
C LEU C 60 45.30 -2.34 5.97
N ALA C 61 45.03 -3.24 5.04
CA ALA C 61 43.64 -3.54 4.68
C ALA C 61 42.89 -4.25 5.80
N PHE C 62 43.50 -5.29 6.37
CA PHE C 62 42.84 -6.05 7.42
C PHE C 62 42.60 -5.20 8.67
N SER C 63 43.58 -4.39 9.05
CA SER C 63 43.46 -3.58 10.25
C SER C 63 42.50 -2.41 10.09
N SER C 64 42.23 -1.98 8.85
CA SER C 64 41.27 -0.91 8.64
C SER C 64 39.84 -1.38 8.87
N VAL C 65 39.55 -2.65 8.60
CA VAL C 65 38.23 -3.19 8.86
C VAL C 65 37.98 -3.28 10.36
N GLU C 66 38.99 -3.65 11.14
CA GLU C 66 38.86 -3.61 12.59
C GLU C 66 38.71 -2.20 13.12
N HIS C 67 39.40 -1.23 12.50
CA HIS C 67 39.23 0.16 12.89
C HIS C 67 37.80 0.62 12.64
N ILE C 68 37.14 0.06 11.62
CA ILE C 68 35.74 0.37 11.36
C ILE C 68 34.85 -0.23 12.45
N MET C 69 35.11 -1.50 12.80
CA MET C 69 34.27 -2.17 13.80
C MET C 69 34.44 -1.57 15.19
N ARG C 70 35.66 -1.22 15.57
CA ARG C 70 35.96 -0.82 16.94
C ARG C 70 35.89 0.68 17.17
N ASP C 71 36.52 1.48 16.32
CA ASP C 71 36.68 2.91 16.58
C ASP C 71 35.64 3.79 15.92
N VAL C 72 35.11 3.39 14.77
CA VAL C 72 34.13 4.21 14.07
C VAL C 72 32.79 4.11 14.79
N HIS C 73 32.14 5.25 14.98
CA HIS C 73 30.82 5.26 15.61
C HIS C 73 29.80 4.60 14.70
N ASN C 74 29.07 3.61 15.24
CA ASN C 74 28.13 2.80 14.48
C ASN C 74 28.82 2.06 13.33
N GLY C 75 30.12 1.83 13.46
CA GLY C 75 30.86 1.17 12.40
C GLY C 75 30.49 -0.28 12.20
N TYR C 76 30.22 -1.00 13.29
CA TYR C 76 29.85 -2.40 13.18
C TYR C 76 28.49 -2.58 12.51
N ILE C 77 27.59 -1.61 12.69
CA ILE C 77 26.30 -1.65 11.99
C ILE C 77 26.53 -1.55 10.48
N LEU C 78 27.35 -0.59 10.06
CA LEU C 78 27.62 -0.42 8.63
C LEU C 78 28.26 -1.67 8.03
N ARG C 79 29.23 -2.27 8.74
CA ARG C 79 29.89 -3.45 8.21
C ARG C 79 28.96 -4.65 8.19
N TYR C 80 28.16 -4.84 9.23
CA TYR C 80 27.25 -5.98 9.26
C TYR C 80 26.09 -5.80 8.29
N LEU C 81 25.66 -4.56 8.06
CA LEU C 81 24.65 -4.29 7.04
C LEU C 81 25.19 -4.60 5.66
N HIS C 82 26.42 -4.16 5.37
CA HIS C 82 27.02 -4.36 4.05
C HIS C 82 27.35 -5.83 3.80
N ALA C 83 27.85 -6.53 4.82
CA ALA C 83 28.24 -7.93 4.63
C ALA C 83 27.03 -8.83 4.52
N ASN C 84 26.03 -8.64 5.38
CA ASN C 84 24.81 -9.43 5.30
C ASN C 84 23.93 -8.99 4.15
N GLY C 85 23.98 -7.71 3.77
CA GLY C 85 23.18 -7.23 2.66
C GLY C 85 23.57 -7.88 1.34
N ALA C 86 24.85 -8.19 1.17
CA ALA C 86 25.29 -8.87 -0.04
C ALA C 86 24.80 -10.31 -0.07
N SER C 87 24.58 -10.91 1.09
CA SER C 87 24.04 -12.27 1.15
C SER C 87 22.54 -12.28 0.85
N PHE C 88 21.83 -11.25 1.30
CA PHE C 88 20.41 -11.11 0.98
C PHE C 88 20.20 -10.67 -0.47
N PHE C 89 21.19 -10.02 -1.07
CA PHE C 89 21.11 -9.67 -2.49
C PHE C 89 20.97 -10.92 -3.35
N PHE C 90 21.79 -11.93 -3.07
CA PHE C 90 21.79 -13.13 -3.91
C PHE C 90 20.62 -14.05 -3.61
N MET C 91 20.05 -13.99 -2.39
CA MET C 91 18.83 -14.73 -2.12
C MET C 91 17.68 -14.22 -2.97
N VAL C 92 17.48 -12.90 -2.98
CA VAL C 92 16.39 -12.31 -3.75
C VAL C 92 16.62 -12.50 -5.25
N MET C 93 17.86 -12.30 -5.70
CA MET C 93 18.16 -12.46 -7.12
C MET C 93 17.93 -13.90 -7.58
N PHE C 94 18.30 -14.87 -6.75
CA PHE C 94 18.10 -16.27 -7.13
C PHE C 94 16.64 -16.61 -7.31
N MET C 95 15.77 -16.08 -6.43
CA MET C 95 14.34 -16.34 -6.56
C MET C 95 13.67 -15.36 -7.52
N HIS C 96 14.34 -14.26 -7.87
CA HIS C 96 13.83 -13.42 -8.95
C HIS C 96 14.00 -14.08 -10.30
N MET C 97 15.12 -14.78 -10.48
CA MET C 97 15.36 -15.53 -11.72
C MET C 97 14.56 -16.83 -11.78
N ALA C 98 14.15 -17.37 -10.63
CA ALA C 98 13.34 -18.58 -10.61
C ALA C 98 11.88 -18.30 -10.93
N LYS C 99 11.39 -17.10 -10.63
CA LYS C 99 10.05 -16.72 -11.05
C LYS C 99 9.93 -16.66 -12.57
N GLY C 100 10.93 -16.07 -13.22
CA GLY C 100 10.90 -15.99 -14.67
C GLY C 100 10.97 -17.34 -15.34
N LEU C 101 11.68 -18.29 -14.74
CA LEU C 101 11.77 -19.63 -15.30
C LEU C 101 10.46 -20.40 -15.14
N TYR C 102 9.81 -20.28 -13.98
CA TYR C 102 8.57 -21.02 -13.76
C TYR C 102 7.44 -20.49 -14.63
N TYR C 103 7.32 -19.17 -14.73
CA TYR C 103 6.23 -18.54 -15.45
C TYR C 103 6.55 -18.25 -16.91
N GLY C 104 7.72 -18.64 -17.39
CA GLY C 104 8.07 -18.45 -18.78
C GLY C 104 8.19 -17.00 -19.20
N SER C 105 8.87 -16.18 -18.40
CA SER C 105 9.02 -14.77 -18.71
C SER C 105 10.12 -14.48 -19.72
N TYR C 106 10.75 -15.51 -20.26
CA TYR C 106 11.85 -15.38 -21.21
C TYR C 106 11.41 -15.58 -22.65
N ARG C 107 10.11 -15.69 -22.91
CA ARG C 107 9.61 -16.09 -24.21
C ARG C 107 9.72 -14.94 -25.21
N SER C 108 9.10 -15.13 -26.38
CA SER C 108 9.50 -14.36 -27.57
C SER C 108 9.41 -12.85 -27.42
N PRO C 109 8.30 -12.25 -26.98
CA PRO C 109 8.26 -10.78 -26.96
C PRO C 109 9.21 -10.14 -25.95
N ARG C 110 9.81 -10.92 -25.06
CA ARG C 110 10.66 -10.40 -24.00
C ARG C 110 12.01 -11.13 -23.96
N VAL C 111 12.54 -11.48 -25.13
CA VAL C 111 13.84 -12.16 -25.17
C VAL C 111 14.96 -11.19 -24.82
N THR C 112 14.88 -9.95 -25.29
CA THR C 112 15.93 -8.98 -25.02
C THR C 112 15.98 -8.60 -23.54
N LEU C 113 14.83 -8.54 -22.88
CA LEU C 113 14.80 -8.26 -21.45
C LEU C 113 15.44 -9.39 -20.64
N TRP C 114 15.28 -10.64 -21.09
CA TRP C 114 15.92 -11.77 -20.43
C TRP C 114 17.43 -11.72 -20.58
N ASN C 115 17.92 -11.31 -21.75
CA ASN C 115 19.37 -11.31 -21.99
C ASN C 115 20.09 -10.21 -21.22
N VAL C 116 19.45 -9.06 -21.05
CA VAL C 116 20.06 -8.00 -20.26
C VAL C 116 20.19 -8.43 -18.80
N GLY C 117 19.23 -9.20 -18.30
CA GLY C 117 19.30 -9.69 -16.93
C GLY C 117 20.47 -10.64 -16.71
N VAL C 118 20.80 -11.44 -17.72
CA VAL C 118 21.96 -12.34 -17.62
C VAL C 118 23.25 -11.55 -17.51
N ILE C 119 23.32 -10.40 -18.19
CA ILE C 119 24.48 -9.53 -18.07
C ILE C 119 24.59 -8.97 -16.65
N ILE C 120 23.47 -8.53 -16.08
CA ILE C 120 23.47 -8.01 -14.72
C ILE C 120 23.92 -9.07 -13.73
N PHE C 121 23.54 -10.32 -13.97
CA PHE C 121 23.93 -11.42 -13.09
C PHE C 121 25.44 -11.63 -13.10
N ILE C 122 26.06 -11.53 -14.28
CA ILE C 122 27.50 -11.69 -14.39
C ILE C 122 28.23 -10.57 -13.66
N LEU C 123 27.76 -9.33 -13.81
CA LEU C 123 28.43 -8.20 -13.19
C LEU C 123 28.31 -8.23 -11.67
N THR C 124 27.22 -8.79 -11.15
CA THR C 124 27.02 -8.85 -9.70
C THR C 124 27.94 -9.89 -9.06
N ILE C 125 28.21 -10.99 -9.75
CA ILE C 125 29.13 -11.99 -9.24
C ILE C 125 30.54 -11.41 -9.11
N ALA C 126 30.97 -10.65 -10.13
CA ALA C 126 32.29 -10.04 -10.08
C ALA C 126 32.40 -9.01 -8.96
N THR C 127 31.35 -8.21 -8.76
CA THR C 127 31.37 -7.18 -7.74
C THR C 127 31.50 -7.78 -6.34
N ALA C 128 30.78 -8.86 -6.07
CA ALA C 128 30.86 -9.50 -4.76
C ALA C 128 32.22 -10.14 -4.53
N PHE C 129 32.80 -10.74 -5.57
CA PHE C 129 34.12 -11.35 -5.43
C PHE C 129 35.18 -10.31 -5.15
N LEU C 130 35.11 -9.16 -5.81
CA LEU C 130 36.12 -8.12 -5.61
C LEU C 130 36.07 -7.55 -4.21
N GLY C 131 34.87 -7.37 -3.65
CA GLY C 131 34.76 -6.85 -2.31
C GLY C 131 35.20 -7.82 -1.24
N TYR C 132 35.04 -9.12 -1.50
CA TYR C 132 35.51 -10.13 -0.55
C TYR C 132 37.01 -10.14 -0.42
N CYS C 133 37.73 -9.81 -1.50
CA CYS C 133 39.18 -9.73 -1.44
C CYS C 133 39.66 -8.50 -0.69
N CYS C 134 38.82 -7.48 -0.54
CA CYS C 134 39.24 -6.24 0.10
C CYS C 134 39.40 -6.37 1.61
N VAL C 135 38.93 -7.48 2.20
CA VAL C 135 39.14 -7.70 3.63
C VAL C 135 40.54 -8.28 3.88
N TYR C 136 41.04 -9.07 2.94
CA TYR C 136 42.35 -9.73 3.03
C TYR C 136 42.48 -10.58 4.30
N GLY C 137 41.50 -11.45 4.50
CA GLY C 137 41.60 -12.53 5.45
C GLY C 137 42.22 -13.75 4.81
N GLN C 138 42.22 -14.85 5.56
CA GLN C 138 42.81 -16.08 5.04
C GLN C 138 41.99 -16.64 3.88
N MET C 139 40.67 -16.56 3.96
CA MET C 139 39.83 -16.98 2.84
C MET C 139 39.89 -16.00 1.69
N SER C 140 40.07 -14.70 1.99
CA SER C 140 40.17 -13.69 0.94
C SER C 140 41.43 -13.88 0.11
N HIS C 141 42.57 -14.08 0.76
CA HIS C 141 43.83 -14.22 0.03
C HIS C 141 43.84 -15.51 -0.79
N TRP C 142 43.51 -16.63 -0.16
CA TRP C 142 43.65 -17.93 -0.81
C TRP C 142 42.54 -18.21 -1.82
N GLY C 143 41.40 -17.55 -1.71
CA GLY C 143 40.38 -17.66 -2.73
C GLY C 143 40.72 -16.93 -4.01
N ALA C 144 41.59 -15.91 -3.92
CA ALA C 144 41.99 -15.15 -5.09
C ALA C 144 43.10 -15.83 -5.90
N THR C 145 43.90 -16.70 -5.28
CA THR C 145 44.96 -17.39 -6.00
C THR C 145 44.49 -18.69 -6.63
N VAL C 146 43.24 -19.09 -6.42
CA VAL C 146 42.66 -20.22 -7.13
C VAL C 146 41.67 -19.79 -8.19
N ILE C 147 41.26 -18.52 -8.19
CA ILE C 147 40.40 -17.97 -9.23
C ILE C 147 41.22 -17.30 -10.32
N THR C 148 42.18 -16.47 -9.93
CA THR C 148 43.04 -15.80 -10.91
C THR C 148 43.96 -16.80 -11.60
N ASN C 149 44.35 -17.86 -10.91
CA ASN C 149 45.18 -18.90 -11.52
C ASN C 149 44.43 -19.75 -12.53
N LEU C 150 43.10 -19.60 -12.60
CA LEU C 150 42.32 -20.33 -13.59
C LEU C 150 42.67 -19.89 -15.00
N PHE C 151 42.95 -18.60 -15.19
CA PHE C 151 43.24 -18.06 -16.51
C PHE C 151 44.61 -18.49 -17.03
N SER C 152 45.43 -19.12 -16.20
CA SER C 152 46.72 -19.64 -16.66
C SER C 152 46.57 -20.85 -17.57
N ALA C 153 45.38 -21.40 -17.69
CA ALA C 153 45.15 -22.61 -18.49
C ALA C 153 44.89 -22.31 -19.96
N ILE C 154 44.79 -21.04 -20.35
CA ILE C 154 44.61 -20.69 -21.76
C ILE C 154 45.87 -21.08 -22.53
N PRO C 155 45.73 -21.75 -23.70
CA PRO C 155 46.90 -22.30 -24.39
C PRO C 155 48.00 -21.28 -24.69
N PHE C 156 47.65 -20.20 -25.39
CA PHE C 156 48.61 -19.15 -25.70
C PHE C 156 48.30 -17.93 -24.83
N VAL C 157 49.37 -17.19 -24.51
CA VAL C 157 49.35 -15.98 -23.67
C VAL C 157 48.41 -16.10 -22.48
N GLY C 158 48.27 -17.31 -21.94
CA GLY C 158 47.52 -17.48 -20.71
C GLY C 158 48.29 -17.02 -19.48
N ASN C 159 49.61 -17.22 -19.48
CA ASN C 159 50.41 -16.79 -18.35
C ASN C 159 50.65 -15.28 -18.34
N ASP C 160 50.62 -14.65 -19.51
CA ASP C 160 50.80 -13.20 -19.57
C ASP C 160 49.57 -12.48 -19.05
N ILE C 161 48.39 -13.10 -19.13
CA ILE C 161 47.18 -12.46 -18.65
C ILE C 161 47.19 -12.39 -17.13
N VAL C 162 47.57 -13.47 -16.45
CA VAL C 162 47.55 -13.48 -15.00
C VAL C 162 48.59 -12.51 -14.44
N SER C 163 49.73 -12.36 -15.10
CA SER C 163 50.73 -11.39 -14.67
C SER C 163 50.19 -9.97 -14.76
N TRP C 164 49.46 -9.66 -15.83
CA TRP C 164 48.87 -8.34 -15.99
C TRP C 164 47.72 -8.12 -15.00
N LEU C 165 47.00 -9.18 -14.66
CA LEU C 165 45.93 -9.09 -13.67
C LEU C 165 46.48 -8.99 -12.25
N TRP C 166 47.58 -9.69 -11.96
CA TRP C 166 48.19 -9.63 -10.63
C TRP C 166 48.92 -8.31 -10.40
N GLY C 167 49.53 -7.75 -11.45
CA GLY C 167 50.41 -6.62 -11.27
C GLY C 167 51.77 -6.99 -10.74
N GLY C 168 52.12 -8.27 -10.77
CA GLY C 168 53.38 -8.74 -10.21
C GLY C 168 53.57 -10.22 -10.41
N PHE C 169 54.07 -10.91 -9.37
CA PHE C 169 54.36 -12.33 -9.46
C PHE C 169 53.40 -13.21 -8.66
N SER C 170 52.55 -12.62 -7.83
CA SER C 170 51.54 -13.34 -7.08
C SER C 170 50.53 -12.32 -6.56
N VAL C 171 49.58 -12.78 -5.76
CA VAL C 171 48.64 -11.87 -5.12
C VAL C 171 49.41 -11.06 -4.08
N SER C 172 49.48 -9.75 -4.29
CA SER C 172 50.34 -8.90 -3.47
C SER C 172 49.70 -7.52 -3.37
N ASN C 173 50.50 -6.54 -2.96
CA ASN C 173 49.99 -5.18 -2.80
C ASN C 173 49.41 -4.59 -4.09
N PRO C 174 50.01 -4.76 -5.28
CA PRO C 174 49.36 -4.23 -6.49
C PRO C 174 47.97 -4.79 -6.73
N THR C 175 47.75 -6.06 -6.38
CA THR C 175 46.46 -6.68 -6.65
C THR C 175 45.36 -6.13 -5.75
N ILE C 176 45.64 -5.98 -4.46
CA ILE C 176 44.62 -5.55 -3.52
C ILE C 176 44.22 -4.11 -3.77
N GLN C 177 45.16 -3.26 -4.13
CA GLN C 177 44.85 -1.85 -4.34
C GLN C 177 44.01 -1.64 -5.59
N ARG C 178 44.24 -2.43 -6.64
CA ARG C 178 43.45 -2.33 -7.86
C ARG C 178 42.10 -3.01 -7.75
N PHE C 179 41.96 -4.00 -6.86
CA PHE C 179 40.66 -4.65 -6.69
C PHE C 179 39.68 -3.75 -5.96
N PHE C 180 40.17 -2.86 -5.10
CA PHE C 180 39.28 -1.90 -4.45
C PHE C 180 38.81 -0.82 -5.42
N ALA C 181 39.67 -0.42 -6.36
CA ALA C 181 39.26 0.58 -7.34
C ALA C 181 38.18 0.04 -8.26
N LEU C 182 38.26 -1.25 -8.60
CA LEU C 182 37.24 -1.87 -9.44
C LEU C 182 35.96 -2.16 -8.67
N HIS C 183 36.06 -2.51 -7.39
CA HIS C 183 34.88 -2.72 -6.56
C HIS C 183 34.08 -1.44 -6.37
N TYR C 184 34.71 -0.28 -6.50
CA TYR C 184 34.01 1.00 -6.47
C TYR C 184 33.27 1.28 -7.78
N LEU C 185 33.79 0.79 -8.90
CA LEU C 185 33.29 1.19 -10.22
C LEU C 185 32.14 0.32 -10.72
N VAL C 186 32.27 -1.00 -10.60
CA VAL C 186 31.26 -1.90 -11.19
C VAL C 186 29.85 -1.61 -10.67
N PRO C 187 29.61 -1.30 -9.40
CA PRO C 187 28.24 -0.96 -8.99
C PRO C 187 27.60 0.17 -9.77
N PHE C 188 28.36 1.14 -10.26
CA PHE C 188 27.79 2.20 -11.08
C PHE C 188 27.49 1.73 -12.50
N ILE C 189 28.21 0.70 -12.98
CA ILE C 189 27.84 0.07 -14.24
C ILE C 189 26.56 -0.75 -14.07
N ILE C 190 26.37 -1.38 -12.91
CA ILE C 190 25.17 -2.13 -12.64
C ILE C 190 23.96 -1.21 -12.64
N ALA C 191 24.09 -0.02 -12.04
CA ALA C 191 22.98 0.93 -12.03
C ALA C 191 22.60 1.37 -13.44
N ALA C 192 23.56 1.38 -14.37
CA ALA C 192 23.27 1.76 -15.75
C ALA C 192 22.56 0.65 -16.51
N MET C 193 22.84 -0.61 -16.19
CA MET C 193 22.18 -1.72 -16.87
C MET C 193 20.80 -2.02 -16.29
N VAL C 194 20.50 -1.52 -15.08
CA VAL C 194 19.15 -1.64 -14.55
C VAL C 194 18.19 -0.76 -15.32
N ILE C 195 18.65 0.44 -15.71
CA ILE C 195 17.83 1.33 -16.53
C ILE C 195 17.55 0.70 -17.88
N MET C 196 18.56 0.09 -18.49
CA MET C 196 18.34 -0.65 -19.73
C MET C 196 17.43 -1.85 -19.50
N HIS C 197 17.47 -2.43 -18.30
CA HIS C 197 16.57 -3.51 -17.93
C HIS C 197 15.12 -3.03 -17.88
N LEU C 198 14.89 -1.85 -17.30
CA LEU C 198 13.54 -1.32 -17.19
C LEU C 198 13.03 -0.80 -18.52
N MET C 199 13.93 -0.34 -19.39
CA MET C 199 13.53 0.17 -20.70
C MET C 199 12.98 -0.95 -21.58
N ALA C 200 13.59 -2.14 -21.52
CA ALA C 200 13.12 -3.27 -22.29
C ALA C 200 11.85 -3.90 -21.72
N LEU C 201 11.58 -3.68 -20.44
CA LEU C 201 10.34 -4.17 -19.84
C LEU C 201 9.16 -3.30 -20.22
N HIS C 202 9.38 -2.00 -20.41
CA HIS C 202 8.32 -1.04 -20.66
C HIS C 202 7.72 -1.16 -22.06
N ILE C 203 8.32 -1.98 -22.93
CA ILE C 203 7.81 -2.11 -24.30
C ILE C 203 6.47 -2.85 -24.30
N HIS C 204 6.48 -4.10 -23.83
CA HIS C 204 5.27 -4.92 -23.79
C HIS C 204 4.70 -5.07 -22.40
N GLY C 205 5.30 -4.46 -21.39
CA GLY C 205 4.83 -4.62 -20.03
C GLY C 205 5.23 -5.95 -19.43
N SER C 206 4.77 -6.18 -18.21
CA SER C 206 5.07 -7.41 -17.50
C SER C 206 4.07 -8.50 -17.87
N SER C 207 4.34 -9.72 -17.42
CA SER C 207 3.47 -10.86 -17.63
C SER C 207 2.66 -11.13 -16.37
N ASN C 208 1.85 -12.17 -16.41
CA ASN C 208 0.95 -12.53 -15.32
C ASN C 208 1.05 -14.03 -15.05
N PRO C 209 0.64 -14.48 -13.86
CA PRO C 209 0.75 -15.91 -13.54
C PRO C 209 -0.14 -16.81 -14.39
N LEU C 210 -1.17 -16.27 -15.05
CA LEU C 210 -2.01 -17.09 -15.90
C LEU C 210 -1.37 -17.38 -17.25
N GLY C 211 -0.37 -16.60 -17.65
CA GLY C 211 0.33 -16.83 -18.90
C GLY C 211 -0.40 -16.35 -20.13
N ILE C 212 -1.47 -15.57 -19.98
CA ILE C 212 -2.23 -15.08 -21.11
C ILE C 212 -2.17 -13.56 -21.12
N THR C 213 -2.84 -12.95 -22.10
CA THR C 213 -2.79 -11.49 -22.25
C THR C 213 -3.39 -10.80 -21.04
N GLY C 214 -2.83 -9.65 -20.69
CA GLY C 214 -3.33 -8.86 -19.60
C GLY C 214 -3.85 -7.51 -20.03
N ASN C 215 -4.18 -7.38 -21.31
CA ASN C 215 -4.64 -6.12 -21.88
C ASN C 215 -6.12 -5.85 -21.63
N LEU C 216 -6.86 -6.83 -21.11
CA LEU C 216 -8.28 -6.65 -20.87
C LEU C 216 -8.60 -6.11 -19.48
N ASP C 217 -7.68 -6.23 -18.54
CA ASP C 217 -7.91 -5.74 -17.18
C ASP C 217 -6.58 -5.22 -16.64
N ARG C 218 -6.51 -3.90 -16.43
CA ARG C 218 -5.30 -3.26 -15.94
C ARG C 218 -5.66 -2.29 -14.82
N ILE C 219 -4.73 -2.12 -13.88
CA ILE C 219 -4.87 -1.12 -12.83
C ILE C 219 -3.57 -0.33 -12.74
N PRO C 220 -3.62 0.95 -12.40
CA PRO C 220 -2.39 1.74 -12.33
C PRO C 220 -1.48 1.26 -11.21
N MET C 221 -0.17 1.49 -11.40
CA MET C 221 0.79 1.05 -10.40
C MET C 221 0.63 1.79 -9.09
N HIS C 222 0.36 3.09 -9.13
CA HIS C 222 0.29 3.87 -7.91
C HIS C 222 -0.98 3.59 -7.13
N SER C 223 -0.82 3.46 -5.82
CA SER C 223 -1.84 3.22 -4.80
C SER C 223 -2.35 1.79 -4.78
N TYR C 224 -1.88 0.93 -5.69
CA TYR C 224 -2.23 -0.48 -5.64
C TYR C 224 -1.00 -1.36 -5.46
N PHE C 225 0.03 -1.15 -6.27
CA PHE C 225 1.28 -1.90 -6.13
C PHE C 225 2.36 -1.10 -5.44
N ILE C 226 2.15 0.19 -5.23
CA ILE C 226 3.02 0.95 -4.34
C ILE C 226 2.86 0.48 -2.90
N PHE C 227 1.62 0.26 -2.47
CA PHE C 227 1.36 -0.16 -1.11
C PHE C 227 1.52 -1.67 -0.93
N LYS C 228 1.36 -2.44 -2.00
CA LYS C 228 1.63 -3.88 -1.90
C LYS C 228 3.12 -4.17 -1.83
N ASP C 229 3.95 -3.28 -2.39
CA ASP C 229 5.40 -3.45 -2.29
C ASP C 229 5.93 -3.02 -0.93
N LEU C 230 5.25 -2.07 -0.27
CA LEU C 230 5.61 -1.69 1.08
C LEU C 230 5.47 -2.84 2.07
N VAL C 231 4.63 -3.83 1.76
CA VAL C 231 4.46 -4.98 2.65
C VAL C 231 5.75 -5.81 2.67
N THR C 232 6.33 -6.07 1.51
CA THR C 232 7.56 -6.85 1.44
C THR C 232 8.79 -6.04 1.81
N VAL C 233 8.74 -4.72 1.71
CA VAL C 233 9.87 -3.90 2.14
C VAL C 233 10.03 -3.97 3.66
N PHE C 234 8.93 -3.87 4.40
CA PHE C 234 9.00 -3.97 5.85
C PHE C 234 9.27 -5.40 6.31
N LEU C 235 8.87 -6.40 5.53
CA LEU C 235 9.21 -7.78 5.88
C LEU C 235 10.65 -8.12 5.56
N PHE C 236 11.18 -7.59 4.46
CA PHE C 236 12.59 -7.78 4.13
C PHE C 236 13.48 -7.10 5.16
N MET C 237 13.08 -5.92 5.62
CA MET C 237 13.87 -5.16 6.58
C MET C 237 13.89 -5.81 7.95
N LEU C 238 12.83 -6.54 8.30
CA LEU C 238 12.77 -7.20 9.61
C LEU C 238 13.67 -8.42 9.67
N ILE C 239 13.71 -9.21 8.61
CA ILE C 239 14.54 -10.42 8.61
C ILE C 239 16.01 -10.06 8.56
N LEU C 240 16.38 -9.03 7.80
CA LEU C 240 17.78 -8.61 7.77
C LEU C 240 18.23 -8.07 9.13
N ALA C 241 17.36 -7.32 9.80
CA ALA C 241 17.72 -6.81 11.12
C ALA C 241 17.89 -7.94 12.13
N LEU C 242 17.23 -9.07 11.94
CA LEU C 242 17.44 -10.21 12.81
C LEU C 242 18.83 -10.81 12.60
N PHE C 243 19.34 -10.76 11.38
CA PHE C 243 20.65 -11.29 11.06
C PHE C 243 21.79 -10.32 11.34
N VAL C 244 21.50 -9.06 11.59
CA VAL C 244 22.54 -8.07 11.83
C VAL C 244 22.78 -7.85 13.32
N PHE C 245 21.72 -7.85 14.12
CA PHE C 245 21.86 -7.59 15.55
C PHE C 245 21.90 -8.86 16.39
N TYR C 246 21.44 -10.00 15.87
CA TYR C 246 21.33 -11.21 16.67
C TYR C 246 22.15 -12.38 16.16
N SER C 247 22.58 -12.38 14.90
CA SER C 247 23.40 -13.47 14.35
C SER C 247 24.22 -12.92 13.18
N PRO C 248 25.15 -12.00 13.46
CA PRO C 248 25.82 -11.29 12.37
C PRO C 248 26.89 -12.10 11.65
N ASN C 249 27.28 -13.28 12.16
CA ASN C 249 28.35 -14.05 11.56
C ASN C 249 27.94 -15.47 11.19
N THR C 250 26.65 -15.77 11.18
CA THR C 250 26.20 -17.12 10.83
C THR C 250 26.52 -17.45 9.37
N LEU C 251 26.34 -16.49 8.47
CA LEU C 251 26.55 -16.72 7.05
C LEU C 251 28.00 -16.59 6.61
N GLY C 252 28.91 -16.26 7.52
CA GLY C 252 30.31 -16.09 7.19
C GLY C 252 31.15 -17.32 7.46
N HIS C 253 32.43 -17.19 7.18
CA HIS C 253 33.43 -18.22 7.46
C HIS C 253 34.40 -17.70 8.51
N PRO C 254 34.65 -18.47 9.58
CA PRO C 254 35.52 -17.96 10.66
C PRO C 254 36.98 -17.80 10.27
N ASP C 255 37.42 -18.41 9.17
CA ASP C 255 38.81 -18.29 8.75
C ASP C 255 39.15 -16.93 8.18
N ASN C 256 38.15 -16.08 7.93
CA ASN C 256 38.38 -14.75 7.40
C ASN C 256 38.59 -13.72 8.51
N TYR C 257 38.64 -14.16 9.77
CA TYR C 257 39.10 -13.32 10.87
C TYR C 257 40.57 -13.53 11.19
N ILE C 258 41.25 -14.35 10.41
CA ILE C 258 42.70 -14.51 10.48
C ILE C 258 43.33 -13.68 9.36
N PRO C 259 44.31 -12.84 9.66
CA PRO C 259 44.92 -12.04 8.58
C PRO C 259 45.55 -12.92 7.52
N GLY C 260 45.48 -12.47 6.27
CA GLY C 260 45.99 -13.22 5.14
C GLY C 260 47.47 -13.52 5.24
N ASN C 261 47.83 -14.78 5.02
CA ASN C 261 49.21 -15.24 5.12
C ASN C 261 49.55 -16.07 3.90
N PRO C 262 50.45 -15.62 3.02
CA PRO C 262 50.81 -16.41 1.84
C PRO C 262 51.63 -17.64 2.14
N LEU C 263 52.08 -17.83 3.39
CA LEU C 263 52.96 -18.94 3.73
C LEU C 263 52.25 -20.11 4.39
N VAL C 264 51.03 -19.92 4.90
CA VAL C 264 50.28 -20.98 5.55
C VAL C 264 48.98 -21.19 4.79
N THR C 265 48.69 -22.45 4.45
CA THR C 265 47.45 -22.64 3.71
C THR C 265 46.36 -23.19 4.61
N PRO C 266 45.13 -22.72 4.47
CA PRO C 266 44.04 -23.26 5.31
C PRO C 266 43.65 -24.67 4.90
N ALA C 267 42.98 -25.35 5.82
CA ALA C 267 42.61 -26.74 5.61
C ALA C 267 41.66 -26.91 4.43
N SER C 268 40.67 -26.03 4.32
CA SER C 268 39.69 -26.07 3.24
C SER C 268 39.52 -24.67 2.68
N ILE C 269 39.57 -24.56 1.35
CA ILE C 269 39.44 -23.28 0.66
C ILE C 269 38.12 -23.27 -0.09
N VAL C 270 37.22 -22.36 0.29
CA VAL C 270 35.92 -22.24 -0.36
C VAL C 270 35.57 -20.78 -0.52
N PRO C 271 34.75 -20.46 -1.52
CA PRO C 271 34.23 -19.10 -1.64
C PRO C 271 33.01 -18.88 -0.75
N GLU C 272 32.36 -17.72 -0.88
CA GLU C 272 31.12 -17.49 -0.18
C GLU C 272 30.04 -18.47 -0.64
N TRP C 273 28.98 -18.57 0.15
CA TRP C 273 28.01 -19.65 -0.05
C TRP C 273 27.26 -19.50 -1.37
N TYR C 274 27.08 -18.29 -1.88
CA TYR C 274 26.32 -18.11 -3.10
C TYR C 274 27.13 -18.39 -4.35
N LEU C 275 28.43 -18.66 -4.24
CA LEU C 275 29.24 -19.10 -5.36
C LEU C 275 29.56 -20.59 -5.31
N LEU C 276 29.09 -21.30 -4.28
CA LEU C 276 29.39 -22.71 -4.16
C LEU C 276 28.85 -23.57 -5.30
N PRO C 277 27.63 -23.39 -5.80
CA PRO C 277 27.17 -24.26 -6.91
C PRO C 277 28.05 -24.22 -8.14
N PHE C 278 28.54 -23.03 -8.51
CA PHE C 278 29.41 -22.91 -9.68
C PHE C 278 30.81 -23.43 -9.39
N TYR C 279 31.25 -23.34 -8.15
CA TYR C 279 32.52 -23.93 -7.74
C TYR C 279 32.49 -25.45 -7.91
N ALA C 280 31.38 -26.09 -7.53
CA ALA C 280 31.26 -27.53 -7.67
C ALA C 280 31.24 -27.96 -9.13
N ILE C 281 30.71 -27.11 -10.01
CA ILE C 281 30.72 -27.42 -11.44
C ILE C 281 32.14 -27.40 -11.98
N LEU C 282 32.95 -26.42 -11.54
CA LEU C 282 34.32 -26.30 -12.02
C LEU C 282 35.16 -27.49 -11.60
N ARG C 283 35.00 -27.98 -10.37
CA ARG C 283 35.81 -29.08 -9.89
C ARG C 283 35.41 -30.42 -10.49
N SER C 284 34.22 -30.51 -11.08
CA SER C 284 33.77 -31.78 -11.64
C SER C 284 34.60 -32.21 -12.84
N ILE C 285 35.00 -31.26 -13.69
CA ILE C 285 35.78 -31.58 -14.89
C ILE C 285 37.24 -31.81 -14.50
N PRO C 286 37.82 -32.97 -14.80
CA PRO C 286 39.21 -33.25 -14.46
C PRO C 286 40.21 -32.67 -15.45
N ASP C 287 40.02 -31.41 -15.81
CA ASP C 287 40.93 -30.69 -16.69
C ASP C 287 40.75 -29.20 -16.45
N LYS C 288 41.87 -28.46 -16.44
CA LYS C 288 41.82 -27.06 -16.08
C LYS C 288 41.18 -26.22 -17.18
N LEU C 289 41.57 -26.45 -18.45
CA LEU C 289 41.06 -25.64 -19.54
C LEU C 289 39.56 -25.87 -19.74
N LEU C 290 39.13 -27.13 -19.76
CA LEU C 290 37.72 -27.43 -19.92
C LEU C 290 36.90 -27.06 -18.69
N GLY C 291 37.52 -27.04 -17.51
CA GLY C 291 36.78 -26.72 -16.30
C GLY C 291 36.31 -25.27 -16.27
N VAL C 292 37.17 -24.34 -16.70
CA VAL C 292 36.78 -22.94 -16.68
C VAL C 292 35.79 -22.62 -17.81
N ILE C 293 35.88 -23.35 -18.92
CA ILE C 293 34.90 -23.18 -19.99
C ILE C 293 33.54 -23.71 -19.54
N THR C 294 33.52 -24.87 -18.88
CA THR C 294 32.28 -25.43 -18.39
C THR C 294 31.64 -24.54 -17.32
N MET C 295 32.46 -23.98 -16.43
CA MET C 295 31.93 -23.11 -15.39
C MET C 295 31.31 -21.85 -15.99
N PHE C 296 31.96 -21.27 -17.01
CA PHE C 296 31.40 -20.09 -17.67
C PHE C 296 30.17 -20.45 -18.49
N ALA C 297 30.14 -21.64 -19.09
CA ALA C 297 28.97 -22.06 -19.84
C ALA C 297 27.75 -22.17 -18.96
N ALA C 298 27.94 -22.50 -17.67
CA ALA C 298 26.81 -22.68 -16.77
C ALA C 298 25.97 -21.42 -16.61
N ILE C 299 26.52 -20.26 -16.96
CA ILE C 299 25.77 -19.01 -16.92
C ILE C 299 25.20 -18.71 -18.30
N LEU C 300 25.86 -19.20 -19.34
CA LEU C 300 25.46 -18.91 -20.70
C LEU C 300 24.39 -19.85 -21.24
N VAL C 301 24.11 -20.98 -20.58
CA VAL C 301 23.06 -21.87 -21.06
C VAL C 301 21.68 -21.28 -20.81
N LEU C 302 21.56 -20.28 -19.93
CA LEU C 302 20.29 -19.61 -19.74
C LEU C 302 19.79 -18.92 -21.00
N LEU C 303 20.68 -18.65 -21.96
CA LEU C 303 20.31 -17.93 -23.18
C LEU C 303 19.67 -18.82 -24.23
N VAL C 304 19.81 -20.15 -24.12
CA VAL C 304 19.18 -21.06 -25.07
C VAL C 304 17.75 -21.38 -24.70
N LEU C 305 17.26 -20.89 -23.57
CA LEU C 305 15.91 -21.21 -23.10
C LEU C 305 14.82 -20.76 -24.06
N PRO C 306 14.84 -19.56 -24.63
CA PRO C 306 13.75 -19.16 -25.54
C PRO C 306 13.62 -20.05 -26.77
N PHE C 307 14.66 -20.81 -27.12
CA PHE C 307 14.64 -21.64 -28.30
C PHE C 307 14.44 -23.12 -28.03
N THR C 308 14.75 -23.60 -26.83
CA THR C 308 14.54 -25.00 -26.49
C THR C 308 13.14 -25.29 -25.96
N ASP C 309 12.39 -24.26 -25.56
CA ASP C 309 11.00 -24.43 -25.14
C ASP C 309 10.13 -24.56 -26.38
N ARG C 310 9.36 -25.65 -26.46
CA ARG C 310 8.55 -25.97 -27.62
C ARG C 310 7.06 -25.91 -27.33
N SER C 311 6.65 -25.26 -26.24
CA SER C 311 5.26 -25.21 -25.83
C SER C 311 4.55 -24.02 -26.46
N VAL C 312 3.26 -24.21 -26.75
CA VAL C 312 2.41 -23.12 -27.22
C VAL C 312 1.76 -22.38 -26.07
N VAL C 313 1.98 -22.81 -24.83
CA VAL C 313 1.47 -22.14 -23.63
C VAL C 313 2.66 -21.60 -22.85
N ARG C 314 2.55 -20.34 -22.43
CA ARG C 314 3.60 -19.71 -21.64
C ARG C 314 3.34 -19.96 -20.17
N GLY C 315 4.25 -20.67 -19.51
CA GLY C 315 4.18 -20.90 -18.08
C GLY C 315 4.06 -22.37 -17.74
N ASN C 316 4.12 -22.63 -16.43
CA ASN C 316 4.04 -23.97 -15.87
C ASN C 316 2.79 -24.20 -15.05
N THR C 317 1.87 -23.23 -15.01
CA THR C 317 0.72 -23.30 -14.11
C THR C 317 -0.17 -24.50 -14.42
N PHE C 318 -0.41 -24.78 -15.69
CA PHE C 318 -1.35 -25.81 -16.10
C PHE C 318 -0.65 -27.03 -16.70
N LYS C 319 0.57 -27.32 -16.27
CA LYS C 319 1.33 -28.46 -16.76
C LYS C 319 1.83 -29.26 -15.58
N VAL C 320 1.63 -30.58 -15.62
CA VAL C 320 2.01 -31.43 -14.49
C VAL C 320 3.41 -32.03 -14.65
N LEU C 321 3.83 -32.31 -15.88
CA LEU C 321 5.17 -32.85 -16.09
C LEU C 321 6.23 -31.76 -15.97
N SER C 322 5.93 -30.56 -16.45
CA SER C 322 6.86 -29.45 -16.32
C SER C 322 6.96 -28.96 -14.88
N LYS C 323 5.87 -29.04 -14.13
CA LYS C 323 5.91 -28.64 -12.73
C LYS C 323 6.79 -29.58 -11.90
N PHE C 324 6.70 -30.88 -12.16
CA PHE C 324 7.49 -31.84 -11.39
C PHE C 324 8.98 -31.66 -11.64
N PHE C 325 9.37 -31.47 -12.89
CA PHE C 325 10.78 -31.37 -13.22
C PHE C 325 11.37 -30.00 -12.92
N PHE C 326 10.54 -28.99 -12.69
CA PHE C 326 11.06 -27.69 -12.27
C PHE C 326 11.67 -27.78 -10.88
N PHE C 327 11.04 -28.54 -9.98
CA PHE C 327 11.54 -28.67 -8.62
C PHE C 327 12.65 -29.72 -8.51
N ILE C 328 12.82 -30.57 -9.51
CA ILE C 328 14.01 -31.42 -9.58
C ILE C 328 15.24 -30.57 -9.84
N PHE C 329 15.10 -29.57 -10.72
CA PHE C 329 16.21 -28.67 -11.04
C PHE C 329 16.54 -27.77 -9.86
N VAL C 330 15.53 -27.35 -9.10
CA VAL C 330 15.76 -26.44 -7.98
C VAL C 330 16.52 -27.14 -6.87
N PHE C 331 16.10 -28.35 -6.51
CA PHE C 331 16.78 -29.10 -5.46
C PHE C 331 18.06 -29.74 -5.93
N ASN C 332 18.29 -29.82 -7.25
CA ASN C 332 19.60 -30.16 -7.76
C ASN C 332 20.60 -29.04 -7.53
N PHE C 333 20.13 -27.78 -7.62
CA PHE C 333 21.00 -26.63 -7.40
C PHE C 333 21.50 -26.56 -5.96
N VAL C 334 20.66 -26.98 -5.00
CA VAL C 334 21.08 -26.99 -3.60
C VAL C 334 22.12 -28.08 -3.37
N LEU C 335 21.93 -29.25 -3.99
CA LEU C 335 22.91 -30.33 -3.83
C LEU C 335 24.25 -29.95 -4.44
N LEU C 336 24.24 -29.21 -5.54
CA LEU C 336 25.50 -28.73 -6.12
C LEU C 336 26.22 -27.80 -5.18
N GLY C 337 25.49 -26.93 -4.49
CA GLY C 337 26.12 -26.02 -3.55
C GLY C 337 26.74 -26.74 -2.37
N GLN C 338 26.10 -27.81 -1.89
CA GLN C 338 26.61 -28.54 -0.74
C GLN C 338 27.88 -29.33 -1.10
N ILE C 339 27.96 -29.84 -2.32
CA ILE C 339 29.15 -30.55 -2.75
C ILE C 339 30.35 -29.60 -2.81
N GLY C 340 30.11 -28.35 -3.20
CA GLY C 340 31.17 -27.36 -3.27
C GLY C 340 31.79 -26.99 -1.94
N ALA C 341 31.11 -27.33 -0.84
CA ALA C 341 31.65 -27.11 0.50
C ALA C 341 32.22 -28.36 1.12
N CYS C 342 32.32 -29.45 0.36
CA CYS C 342 32.81 -30.72 0.86
C CYS C 342 34.24 -30.96 0.38
N HIS C 343 34.87 -31.98 0.96
CA HIS C 343 36.21 -32.38 0.55
C HIS C 343 36.14 -33.24 -0.72
N VAL C 344 37.30 -33.41 -1.35
CA VAL C 344 37.41 -34.20 -2.57
C VAL C 344 37.66 -35.64 -2.13
N GLU C 345 36.57 -36.36 -1.84
CA GLU C 345 36.64 -37.72 -1.33
C GLU C 345 35.89 -38.66 -2.28
N VAL C 346 35.75 -39.91 -1.86
CA VAL C 346 35.29 -40.99 -2.73
C VAL C 346 33.86 -40.77 -3.23
N PRO C 347 32.85 -40.58 -2.36
CA PRO C 347 31.47 -40.53 -2.88
C PRO C 347 31.11 -39.17 -3.45
N TYR C 348 31.72 -38.10 -2.95
CA TYR C 348 31.34 -36.75 -3.36
C TYR C 348 31.82 -36.41 -4.75
N VAL C 349 32.84 -37.09 -5.27
CA VAL C 349 33.34 -36.79 -6.60
C VAL C 349 32.35 -37.27 -7.66
N LEU C 350 31.82 -38.48 -7.50
CA LEU C 350 30.84 -39.00 -8.45
C LEU C 350 29.51 -38.26 -8.35
N MET C 351 29.12 -37.86 -7.14
CA MET C 351 27.85 -37.15 -6.98
C MET C 351 27.87 -35.82 -7.70
N GLY C 352 28.99 -35.09 -7.64
CA GLY C 352 29.09 -33.83 -8.34
C GLY C 352 29.06 -33.96 -9.85
N GLN C 353 29.63 -35.04 -10.38
CA GLN C 353 29.64 -35.25 -11.82
C GLN C 353 28.27 -35.62 -12.36
N ILE C 354 27.39 -36.18 -11.53
CA ILE C 354 26.03 -36.49 -11.95
C ILE C 354 25.13 -35.27 -11.82
N ALA C 355 25.24 -34.54 -10.70
CA ALA C 355 24.45 -33.33 -10.54
C ALA C 355 24.85 -32.26 -11.55
N THR C 356 26.09 -32.29 -12.03
CA THR C 356 26.50 -31.37 -13.09
C THR C 356 25.83 -31.72 -14.40
N PHE C 357 25.69 -33.02 -14.69
CA PHE C 357 25.03 -33.44 -15.91
C PHE C 357 23.56 -33.06 -15.90
N ILE C 358 22.88 -33.25 -14.77
CA ILE C 358 21.46 -32.91 -14.66
C ILE C 358 21.25 -31.41 -14.83
N TYR C 359 22.25 -30.60 -14.47
CA TYR C 359 22.14 -29.16 -14.66
C TYR C 359 22.03 -28.81 -16.15
N PHE C 360 22.86 -29.43 -16.98
CA PHE C 360 22.86 -29.10 -18.40
C PHE C 360 21.80 -29.87 -19.17
N ALA C 361 21.43 -31.06 -18.70
CA ALA C 361 20.42 -31.85 -19.40
C ALA C 361 19.04 -31.21 -19.28
N TYR C 362 18.82 -30.43 -18.23
CA TYR C 362 17.52 -29.79 -18.04
C TYR C 362 17.24 -28.78 -19.16
N PHE C 363 18.22 -27.95 -19.49
CA PHE C 363 18.01 -26.92 -20.49
C PHE C 363 18.01 -27.48 -21.91
N LEU C 364 18.74 -28.58 -22.14
CA LEU C 364 18.98 -29.06 -23.49
C LEU C 364 18.23 -30.34 -23.85
N ILE C 365 17.73 -31.09 -22.87
CA ILE C 365 17.07 -32.35 -23.18
C ILE C 365 15.68 -32.42 -22.56
N ILE C 366 15.59 -32.17 -21.25
CA ILE C 366 14.35 -32.37 -20.53
C ILE C 366 13.27 -31.41 -21.02
N VAL C 367 13.60 -30.12 -21.10
CA VAL C 367 12.60 -29.12 -21.50
C VAL C 367 12.10 -29.34 -22.92
N PRO C 368 12.97 -29.53 -23.93
CA PRO C 368 12.43 -29.77 -25.28
C PRO C 368 11.57 -31.01 -25.40
N VAL C 369 11.96 -32.12 -24.74
CA VAL C 369 11.23 -33.37 -24.88
C VAL C 369 9.89 -33.29 -24.15
N ILE C 370 9.88 -32.75 -22.94
CA ILE C 370 8.65 -32.68 -22.15
C ILE C 370 7.65 -31.73 -22.80
N SER C 371 8.13 -30.60 -23.34
CA SER C 371 7.24 -29.62 -23.96
C SER C 371 6.50 -30.22 -25.15
N THR C 372 7.20 -31.02 -25.95
CA THR C 372 6.56 -31.69 -27.09
C THR C 372 5.51 -32.69 -26.62
N ILE C 373 5.79 -33.41 -25.53
CA ILE C 373 4.86 -34.43 -25.05
C ILE C 373 3.56 -33.79 -24.57
N GLU C 374 3.65 -32.68 -23.84
CA GLU C 374 2.46 -32.02 -23.33
C GLU C 374 1.66 -31.33 -24.43
N ASN C 375 2.30 -30.95 -25.53
CA ASN C 375 1.56 -30.41 -26.67
C ASN C 375 0.59 -31.45 -27.22
N VAL C 376 1.04 -32.69 -27.37
CA VAL C 376 0.23 -33.74 -27.95
C VAL C 376 -0.89 -34.15 -27.01
N LEU C 377 -0.61 -34.25 -25.71
CA LEU C 377 -1.62 -34.68 -24.76
C LEU C 377 -2.78 -33.69 -24.70
N PHE C 378 -2.48 -32.39 -24.77
CA PHE C 378 -3.53 -31.38 -24.81
C PHE C 378 -4.41 -31.51 -26.04
N TYR C 379 -3.91 -32.10 -27.12
CA TYR C 379 -4.65 -32.20 -28.38
C TYR C 379 -5.56 -33.42 -28.40
N ILE C 380 -5.00 -34.62 -28.20
CA ILE C 380 -5.80 -35.84 -28.25
C ILE C 380 -6.76 -35.96 -27.07
N GLY C 381 -6.63 -35.10 -26.06
CA GLY C 381 -7.54 -35.14 -24.93
C GLY C 381 -8.87 -34.44 -25.15
N ARG C 382 -9.01 -33.72 -26.26
CA ARG C 382 -10.27 -33.04 -26.56
C ARG C 382 -10.71 -33.16 -28.01
N VAL C 383 -9.86 -33.58 -28.94
CA VAL C 383 -10.22 -33.68 -30.35
C VAL C 383 -10.67 -35.12 -30.59
N ASN C 384 -11.97 -35.35 -30.57
CA ASN C 384 -12.50 -36.68 -30.83
C ASN C 384 -12.43 -36.98 -32.32
N LYS C 385 -11.95 -38.18 -32.65
CA LYS C 385 -11.80 -38.58 -34.04
C LYS C 385 -11.99 -40.08 -34.20
N MET D 1 37.95 -36.97 5.62
CA MET D 1 39.07 -37.58 6.32
C MET D 1 38.68 -38.03 7.73
N THR D 2 39.60 -38.71 8.41
CA THR D 2 39.29 -39.37 9.67
C THR D 2 38.97 -38.38 10.77
N ALA D 3 38.20 -38.84 11.76
CA ALA D 3 37.77 -37.98 12.86
C ALA D 3 38.95 -37.51 13.70
N ALA D 4 40.05 -38.26 13.72
CA ALA D 4 41.25 -37.81 14.41
C ALA D 4 41.80 -36.54 13.77
N GLU D 5 41.79 -36.48 12.44
CA GLU D 5 42.29 -35.29 11.75
C GLU D 5 41.32 -34.12 11.85
N HIS D 6 40.03 -34.37 12.07
CA HIS D 6 39.08 -33.29 12.25
C HIS D 6 39.20 -32.65 13.62
N GLY D 7 39.37 -33.46 14.67
CA GLY D 7 39.30 -32.98 16.03
C GLY D 7 37.92 -33.23 16.63
N LEU D 8 37.88 -33.64 17.89
CA LEU D 8 36.62 -33.86 18.56
C LEU D 8 35.85 -32.55 18.72
N HIS D 9 34.55 -32.60 18.46
CA HIS D 9 33.70 -31.42 18.54
C HIS D 9 33.38 -31.09 19.98
N ALA D 10 33.33 -29.80 20.28
CA ALA D 10 33.03 -29.34 21.61
C ALA D 10 31.52 -29.39 21.88
N PRO D 11 31.12 -29.61 23.12
CA PRO D 11 29.70 -29.57 23.48
C PRO D 11 29.25 -28.14 23.71
N ALA D 12 28.00 -28.01 24.14
CA ALA D 12 27.39 -26.71 24.41
C ALA D 12 27.30 -26.49 25.92
N TYR D 13 27.78 -25.33 26.37
CA TYR D 13 27.75 -24.94 27.76
C TYR D 13 26.81 -23.75 27.93
N ALA D 14 26.24 -23.65 29.13
CA ALA D 14 25.24 -22.62 29.42
C ALA D 14 25.93 -21.30 29.78
N TRP D 15 26.54 -20.69 28.77
CA TRP D 15 27.19 -19.40 28.98
C TRP D 15 26.15 -18.36 29.37
N SER D 16 26.52 -17.49 30.32
CA SER D 16 25.59 -16.49 30.83
C SER D 16 25.15 -15.51 29.75
N HIS D 17 25.98 -15.28 28.73
CA HIS D 17 25.63 -14.40 27.63
C HIS D 17 24.99 -15.14 26.46
N ASN D 18 24.73 -16.44 26.61
CA ASN D 18 24.04 -17.23 25.59
C ASN D 18 22.55 -16.93 25.67
N GLY D 19 22.07 -16.04 24.80
CA GLY D 19 20.67 -15.73 24.74
C GLY D 19 20.46 -14.36 24.16
N PRO D 20 19.23 -14.06 23.75
CA PRO D 20 18.99 -12.81 23.01
C PRO D 20 18.80 -11.59 23.90
N PHE D 21 18.69 -11.77 25.20
CA PHE D 21 18.54 -10.64 26.11
C PHE D 21 19.68 -10.55 27.12
N GLU D 22 20.69 -11.41 27.02
CA GLU D 22 21.75 -11.47 28.00
C GLU D 22 22.91 -10.56 27.63
N THR D 23 23.49 -9.92 28.65
CA THR D 23 24.73 -9.18 28.51
C THR D 23 25.89 -10.03 29.02
N PHE D 24 27.09 -9.47 28.93
CA PHE D 24 28.26 -10.12 29.49
C PHE D 24 28.21 -10.05 31.02
N ASP D 25 28.79 -11.06 31.67
CA ASP D 25 29.00 -11.02 33.11
C ASP D 25 30.29 -10.24 33.36
N HIS D 26 30.15 -9.00 33.82
CA HIS D 26 31.31 -8.12 33.97
C HIS D 26 32.21 -8.50 35.13
N ALA D 27 31.74 -9.35 36.05
CA ALA D 27 32.63 -9.88 37.07
C ALA D 27 33.52 -10.97 36.52
N SER D 28 33.03 -11.75 35.55
CA SER D 28 33.87 -12.74 34.89
C SER D 28 34.85 -12.10 33.92
N ILE D 29 34.55 -10.91 33.39
CA ILE D 29 35.51 -10.21 32.54
C ILE D 29 36.68 -9.70 33.37
N ARG D 30 36.40 -9.12 34.53
CA ARG D 30 37.45 -8.61 35.41
C ARG D 30 38.34 -9.73 35.93
N ARG D 31 37.73 -10.86 36.31
CA ARG D 31 38.52 -12.01 36.73
C ARG D 31 39.31 -12.60 35.58
N GLY D 32 38.77 -12.56 34.36
CA GLY D 32 39.47 -13.11 33.22
C GLY D 32 40.72 -12.35 32.85
N TYR D 33 40.75 -11.04 33.09
CA TYR D 33 41.95 -10.27 32.81
C TYR D 33 43.11 -10.70 33.70
N GLN D 34 42.83 -10.97 34.97
CA GLN D 34 43.89 -11.40 35.89
C GLN D 34 44.49 -12.72 35.46
N VAL D 35 43.67 -13.62 34.92
CA VAL D 35 44.19 -14.86 34.36
C VAL D 35 45.05 -14.57 33.14
N TYR D 36 44.69 -13.55 32.35
CA TYR D 36 45.50 -13.20 31.19
C TYR D 36 46.86 -12.65 31.64
N ARG D 37 46.86 -11.69 32.57
CA ARG D 37 48.08 -11.02 32.96
C ARG D 37 49.06 -11.95 33.67
N GLU D 38 48.56 -12.92 34.42
CA GLU D 38 49.43 -13.78 35.21
C GLU D 38 49.79 -15.10 34.54
N VAL D 39 49.01 -15.54 33.54
CA VAL D 39 49.27 -16.82 32.90
C VAL D 39 49.44 -16.62 31.39
N CYS D 40 48.48 -15.94 30.77
CA CYS D 40 48.44 -15.85 29.31
C CYS D 40 49.54 -14.96 28.76
N ALA D 41 49.75 -13.80 29.38
CA ALA D 41 50.52 -12.71 28.80
C ALA D 41 52.00 -13.03 28.64
N ALA D 42 52.49 -14.09 29.27
CA ALA D 42 53.89 -14.45 29.10
C ALA D 42 54.21 -14.88 27.67
N CYS D 43 53.21 -15.32 26.90
CA CYS D 43 53.48 -15.85 25.58
C CYS D 43 52.43 -15.47 24.52
N HIS D 44 51.43 -14.66 24.84
CA HIS D 44 50.40 -14.28 23.90
C HIS D 44 50.23 -12.76 23.91
N SER D 45 49.66 -12.23 22.83
CA SER D 45 49.50 -10.80 22.64
C SER D 45 48.04 -10.42 22.43
N LEU D 46 47.75 -9.15 22.68
CA LEU D 46 46.44 -8.51 22.56
C LEU D 46 46.55 -7.18 21.83
N ASP D 47 47.20 -7.21 20.66
CA ASP D 47 47.64 -5.98 19.99
C ASP D 47 46.49 -5.04 19.67
N ARG D 48 45.29 -5.57 19.49
CA ARG D 48 44.17 -4.76 19.02
C ARG D 48 43.33 -4.15 20.15
N VAL D 49 43.75 -4.33 21.40
CA VAL D 49 43.00 -3.83 22.55
C VAL D 49 43.77 -2.66 23.15
N ALA D 50 43.09 -1.55 23.36
CA ALA D 50 43.68 -0.36 23.96
C ALA D 50 43.34 -0.29 25.44
N TRP D 51 44.14 0.48 26.17
CA TRP D 51 43.94 0.61 27.62
C TRP D 51 42.64 1.33 27.93
N ARG D 52 42.29 2.34 27.13
CA ARG D 52 41.12 3.17 27.41
C ARG D 52 39.81 2.39 27.27
N THR D 53 39.81 1.25 26.60
CA THR D 53 38.59 0.50 26.40
C THR D 53 38.21 -0.35 27.61
N LEU D 54 39.10 -0.51 28.59
CA LEU D 54 38.77 -1.24 29.80
C LEU D 54 38.08 -0.37 30.84
N VAL D 55 38.15 0.95 30.71
CA VAL D 55 37.54 1.85 31.68
C VAL D 55 36.03 1.81 31.53
N GLY D 56 35.33 1.63 32.65
CA GLY D 56 33.90 1.56 32.64
C GLY D 56 33.34 0.23 32.21
N VAL D 57 34.18 -0.74 31.91
CA VAL D 57 33.76 -2.08 31.51
C VAL D 57 34.14 -3.10 32.56
N SER D 58 35.41 -3.12 32.97
CA SER D 58 35.89 -4.03 33.99
C SER D 58 36.79 -3.37 35.02
N HIS D 59 37.17 -2.12 34.83
CA HIS D 59 38.08 -1.44 35.74
C HIS D 59 37.70 0.03 35.81
N THR D 60 38.29 0.72 36.79
CA THR D 60 38.10 2.15 36.99
C THR D 60 39.18 2.92 36.23
N ASN D 61 38.89 4.19 35.93
CA ASN D 61 39.87 5.03 35.24
C ASN D 61 41.18 5.10 36.02
N GLU D 62 41.08 5.34 37.33
CA GLU D 62 42.28 5.44 38.17
C GLU D 62 43.02 4.12 38.28
N GLU D 63 42.35 2.99 38.02
CA GLU D 63 43.02 1.69 38.08
C GLU D 63 43.73 1.36 36.78
N VAL D 64 43.13 1.70 35.64
CA VAL D 64 43.75 1.41 34.35
C VAL D 64 45.00 2.25 34.16
N ARG D 65 45.01 3.48 34.68
CA ARG D 65 46.19 4.33 34.55
C ARG D 65 47.39 3.71 35.24
N ASN D 66 47.19 3.13 36.43
CA ASN D 66 48.29 2.47 37.13
C ASN D 66 48.78 1.25 36.36
N MET D 67 47.86 0.51 35.73
CA MET D 67 48.26 -0.67 34.97
C MET D 67 49.13 -0.29 33.78
N ALA D 68 48.80 0.82 33.11
CA ALA D 68 49.55 1.22 31.92
C ALA D 68 50.91 1.79 32.26
N GLU D 69 51.05 2.42 33.42
CA GLU D 69 52.30 3.07 33.80
C GLU D 69 53.42 2.08 34.14
N GLU D 70 53.12 0.80 34.21
CA GLU D 70 54.11 -0.21 34.51
C GLU D 70 54.82 -0.75 33.28
N PHE D 71 54.53 -0.17 32.11
CA PHE D 71 55.18 -0.54 30.86
C PHE D 71 55.84 0.69 30.24
N GLU D 72 56.74 0.45 29.30
CA GLU D 72 57.53 1.50 28.67
C GLU D 72 57.27 1.55 27.17
N TYR D 73 57.17 2.77 26.64
CA TYR D 73 56.89 3.00 25.24
C TYR D 73 57.88 3.99 24.66
N ASP D 74 58.11 3.88 23.35
CA ASP D 74 59.00 4.80 22.66
C ASP D 74 58.40 6.19 22.65
N ASP D 75 59.23 7.19 22.91
CA ASP D 75 58.82 8.59 22.92
C ASP D 75 59.45 9.33 21.75
N GLU D 76 59.18 10.63 21.68
CA GLU D 76 59.82 11.47 20.69
C GLU D 76 61.29 11.68 21.04
N PRO D 77 62.17 11.77 20.06
CA PRO D 77 63.58 12.02 20.36
C PRO D 77 63.78 13.39 21.00
N ASP D 78 64.82 13.49 21.83
CA ASP D 78 65.11 14.72 22.54
C ASP D 78 65.73 15.74 21.59
N GLU D 79 66.18 16.87 22.13
CA GLU D 79 66.70 17.95 21.29
C GLU D 79 67.98 17.57 20.56
N GLN D 80 68.72 16.56 21.05
CA GLN D 80 69.90 16.08 20.36
C GLN D 80 69.60 14.95 19.40
N GLY D 81 68.39 14.41 19.40
CA GLY D 81 68.01 13.37 18.47
C GLY D 81 68.16 11.96 18.98
N ASN D 82 68.45 11.76 20.26
CA ASN D 82 68.59 10.42 20.80
C ASN D 82 67.23 9.81 21.11
N PRO D 83 67.12 8.48 21.09
CA PRO D 83 65.85 7.83 21.46
C PRO D 83 65.54 8.02 22.94
N LYS D 84 64.25 7.95 23.24
CA LYS D 84 63.75 8.16 24.60
C LYS D 84 62.63 7.17 24.90
N LYS D 85 62.33 7.00 26.18
CA LYS D 85 61.25 6.14 26.64
C LYS D 85 60.33 6.94 27.56
N ARG D 86 59.12 6.43 27.75
CA ARG D 86 58.14 7.08 28.62
C ARG D 86 57.17 6.02 29.13
N PRO D 87 56.51 6.27 30.26
CA PRO D 87 55.46 5.36 30.72
C PRO D 87 54.19 5.47 29.89
N GLY D 88 53.39 4.41 29.96
CA GLY D 88 52.21 4.32 29.10
C GLY D 88 51.10 5.26 29.51
N LYS D 89 50.18 5.47 28.57
CA LYS D 89 49.00 6.31 28.76
C LYS D 89 47.76 5.51 28.38
N LEU D 90 46.59 6.13 28.55
CA LEU D 90 45.34 5.49 28.22
C LEU D 90 45.16 5.28 26.72
N SER D 91 45.81 6.09 25.90
CA SER D 91 45.69 5.96 24.45
C SER D 91 46.60 4.90 23.86
N ASP D 92 47.42 4.25 24.67
CA ASP D 92 48.32 3.22 24.18
C ASP D 92 47.60 1.88 24.07
N TYR D 93 48.27 0.92 23.44
CA TYR D 93 47.74 -0.42 23.28
C TYR D 93 48.53 -1.39 24.17
N ILE D 94 47.88 -2.49 24.53
CA ILE D 94 48.47 -3.48 25.43
C ILE D 94 49.67 -4.13 24.75
N PRO D 95 50.84 -4.10 25.37
CA PRO D 95 52.05 -4.60 24.72
C PRO D 95 52.22 -6.10 24.85
N GLY D 96 52.94 -6.66 23.89
CA GLY D 96 53.18 -8.09 23.85
C GLY D 96 54.54 -8.47 24.40
N PRO D 97 54.75 -9.77 24.62
CA PRO D 97 56.01 -10.21 25.24
C PRO D 97 57.20 -10.27 24.28
N TYR D 98 56.99 -10.34 22.97
CA TYR D 98 58.11 -10.53 22.08
C TYR D 98 58.27 -9.36 21.12
N PRO D 99 59.51 -8.97 20.81
CA PRO D 99 59.73 -7.83 19.91
C PRO D 99 59.46 -8.14 18.44
N ASN D 100 59.68 -9.39 18.03
CA ASN D 100 59.42 -9.79 16.66
C ASN D 100 59.04 -11.27 16.64
N GLU D 101 58.67 -11.74 15.46
CA GLU D 101 58.23 -13.13 15.30
C GLU D 101 59.37 -14.12 15.48
N GLN D 102 60.58 -13.74 15.09
CA GLN D 102 61.74 -14.62 15.26
C GLN D 102 61.99 -14.91 16.73
N ALA D 103 61.87 -13.90 17.58
CA ALA D 103 62.05 -14.09 19.01
C ALA D 103 60.98 -14.98 19.61
N ALA D 104 59.78 -15.02 19.03
CA ALA D 104 58.71 -15.85 19.57
C ALA D 104 58.92 -17.33 19.25
N ARG D 105 59.29 -17.64 18.01
CA ARG D 105 59.48 -19.03 17.63
C ARG D 105 60.68 -19.65 18.33
N ALA D 106 61.68 -18.83 18.66
CA ALA D 106 62.84 -19.33 19.39
C ALA D 106 62.47 -19.81 20.78
N ALA D 107 61.56 -19.10 21.45
CA ALA D 107 61.19 -19.43 22.82
C ALA D 107 60.15 -20.55 22.92
N ASN D 108 59.55 -20.96 21.81
CA ASN D 108 58.48 -21.95 21.85
C ASN D 108 58.74 -23.10 20.87
N GLN D 109 60.01 -23.41 20.61
CA GLN D 109 60.40 -24.53 19.76
C GLN D 109 59.82 -24.36 18.35
N GLY D 110 60.17 -23.26 17.72
CA GLY D 110 59.77 -23.02 16.34
C GLY D 110 58.29 -22.84 16.10
N ALA D 111 57.50 -22.65 17.15
CA ALA D 111 56.06 -22.47 17.01
C ALA D 111 55.67 -21.07 17.46
N LEU D 112 54.75 -20.45 16.73
CA LEU D 112 54.37 -19.06 16.97
C LEU D 112 53.02 -18.99 17.65
N PRO D 113 52.93 -18.55 18.90
CA PRO D 113 51.63 -18.37 19.55
C PRO D 113 50.85 -17.25 18.88
N PRO D 114 49.60 -17.51 18.48
CA PRO D 114 48.82 -16.48 17.78
C PRO D 114 48.34 -15.37 18.70
N ASP D 115 48.03 -14.24 18.08
CA ASP D 115 47.39 -13.12 18.77
C ASP D 115 45.98 -13.52 19.19
N LEU D 116 45.58 -13.13 20.40
CA LEU D 116 44.34 -13.59 20.99
C LEU D 116 43.23 -12.54 20.96
N SER D 117 43.39 -11.49 20.15
CA SER D 117 42.37 -10.44 20.12
C SER D 117 41.11 -10.83 19.38
N LEU D 118 41.18 -11.80 18.46
CA LEU D 118 40.00 -12.23 17.72
C LEU D 118 39.89 -13.74 17.65
N ILE D 119 40.46 -14.45 18.64
CA ILE D 119 40.56 -15.90 18.55
C ILE D 119 39.20 -16.57 18.69
N VAL D 120 38.27 -15.95 19.43
CA VAL D 120 36.95 -16.54 19.61
C VAL D 120 36.17 -16.52 18.30
N LYS D 121 36.23 -15.40 17.58
CA LYS D 121 35.54 -15.30 16.30
C LYS D 121 36.27 -16.03 15.17
N ALA D 122 37.55 -16.36 15.36
CA ALA D 122 38.35 -17.01 14.34
C ALA D 122 38.37 -18.53 14.45
N ARG D 123 37.62 -19.10 15.38
CA ARG D 123 37.59 -20.54 15.58
C ARG D 123 36.17 -21.06 15.48
N HIS D 124 36.03 -22.22 14.83
CA HIS D 124 34.73 -22.88 14.71
C HIS D 124 34.39 -23.53 16.04
N GLY D 125 33.36 -23.00 16.70
CA GLY D 125 32.99 -23.45 18.04
C GLY D 125 32.80 -22.29 18.99
N GLY D 126 33.65 -21.27 18.86
CA GLY D 126 33.47 -20.07 19.67
C GLY D 126 33.99 -20.27 21.08
N CYS D 127 33.20 -19.82 22.05
CA CYS D 127 33.58 -19.96 23.45
C CYS D 127 33.71 -21.43 23.86
N ASP D 128 32.94 -22.32 23.23
CA ASP D 128 32.98 -23.72 23.60
C ASP D 128 34.30 -24.37 23.22
N TYR D 129 34.87 -24.02 22.07
CA TYR D 129 36.13 -24.62 21.65
C TYR D 129 37.28 -24.17 22.54
N ILE D 130 37.31 -22.88 22.90
CA ILE D 130 38.38 -22.39 23.75
C ILE D 130 38.33 -23.05 25.12
N PHE D 131 37.14 -23.16 25.69
CA PHE D 131 36.99 -23.76 27.02
C PHE D 131 37.36 -25.24 26.99
N SER D 132 36.89 -25.98 25.98
CA SER D 132 37.16 -27.41 25.92
C SER D 132 38.65 -27.68 25.68
N LEU D 133 39.30 -26.86 24.87
CA LEU D 133 40.73 -27.04 24.63
C LEU D 133 41.55 -26.81 25.89
N LEU D 134 41.17 -25.80 26.68
CA LEU D 134 41.96 -25.48 27.87
C LEU D 134 41.82 -26.54 28.95
N THR D 135 40.71 -27.27 28.97
CA THR D 135 40.44 -28.27 30.00
C THR D 135 40.40 -29.68 29.43
N GLY D 136 40.96 -29.88 28.24
CA GLY D 136 40.80 -31.16 27.58
C GLY D 136 42.07 -31.98 27.46
N TYR D 137 43.08 -31.65 28.24
CA TYR D 137 44.35 -32.37 28.17
C TYR D 137 44.28 -33.65 29.00
N PRO D 138 44.36 -34.82 28.37
CA PRO D 138 44.37 -36.06 29.15
C PRO D 138 45.69 -36.27 29.86
N ASP D 139 45.65 -37.07 30.91
CA ASP D 139 46.87 -37.38 31.65
C ASP D 139 47.84 -38.17 30.79
N GLU D 140 47.34 -39.12 30.00
CA GLU D 140 48.14 -39.92 29.09
C GLU D 140 47.51 -39.92 27.71
N PRO D 141 48.32 -40.03 26.67
CA PRO D 141 47.78 -40.14 25.31
C PRO D 141 47.08 -41.47 25.11
N PRO D 142 46.19 -41.57 24.12
CA PRO D 142 45.57 -42.86 23.81
C PRO D 142 46.63 -43.87 23.38
N ALA D 143 46.34 -45.13 23.64
CA ALA D 143 47.29 -46.20 23.34
C ALA D 143 47.50 -46.34 21.85
N GLY D 144 48.76 -46.43 21.43
CA GLY D 144 49.10 -46.70 20.05
C GLY D 144 49.49 -45.48 19.23
N VAL D 145 49.26 -44.27 19.74
CA VAL D 145 49.56 -43.08 18.96
C VAL D 145 51.04 -42.75 19.07
N ALA D 146 51.55 -42.05 18.06
CA ALA D 146 52.94 -41.59 18.02
C ALA D 146 52.96 -40.08 18.15
N LEU D 147 53.69 -39.59 19.15
CA LEU D 147 53.75 -38.16 19.43
C LEU D 147 55.12 -37.61 19.10
N PRO D 148 55.23 -36.61 18.24
CA PRO D 148 56.52 -35.97 18.03
C PRO D 148 57.00 -35.32 19.32
N PRO D 149 58.31 -35.27 19.54
CA PRO D 149 58.82 -34.71 20.78
C PRO D 149 58.57 -33.21 20.87
N GLY D 150 58.42 -32.74 22.11
CA GLY D 150 58.12 -31.34 22.34
C GLY D 150 56.69 -30.93 22.10
N SER D 151 55.80 -31.88 21.84
CA SER D 151 54.39 -31.61 21.58
C SER D 151 53.52 -32.49 22.46
N ASN D 152 52.39 -31.95 22.89
CA ASN D 152 51.46 -32.63 23.78
C ASN D 152 50.25 -33.12 23.01
N TYR D 153 49.32 -33.75 23.72
CA TYR D 153 48.12 -34.32 23.13
C TYR D 153 46.88 -33.61 23.63
N ASN D 154 45.97 -33.33 22.70
CA ASN D 154 44.66 -32.75 22.99
C ASN D 154 43.71 -33.18 21.88
N PRO D 155 42.59 -33.84 22.21
CA PRO D 155 41.71 -34.37 21.16
C PRO D 155 40.90 -33.31 20.43
N TYR D 156 40.66 -32.15 21.05
CA TYR D 156 39.88 -31.10 20.41
C TYR D 156 40.67 -30.33 19.35
N PHE D 157 41.98 -30.47 19.33
CA PHE D 157 42.87 -29.85 18.36
C PHE D 157 42.96 -30.72 17.11
N PRO D 158 42.74 -30.16 15.92
CA PRO D 158 42.82 -30.97 14.70
C PRO D 158 44.19 -31.62 14.55
N GLY D 159 44.19 -32.88 14.12
CA GLY D 159 45.40 -33.66 13.99
C GLY D 159 45.78 -34.40 15.25
N GLY D 160 45.63 -33.76 16.40
CA GLY D 160 45.87 -34.42 17.67
C GLY D 160 46.98 -33.82 18.51
N SER D 161 48.10 -33.48 17.89
CA SER D 161 49.28 -33.01 18.60
C SER D 161 49.35 -31.49 18.54
N ILE D 162 49.48 -30.87 19.70
CA ILE D 162 49.52 -29.41 19.83
C ILE D 162 50.85 -29.02 20.49
N ALA D 163 51.31 -27.82 20.17
CA ALA D 163 52.58 -27.32 20.66
C ALA D 163 52.45 -26.48 21.92
N MET D 164 51.25 -26.37 22.49
CA MET D 164 51.04 -25.71 23.77
C MET D 164 50.73 -26.78 24.81
N ALA D 165 51.48 -26.75 25.91
CA ALA D 165 51.25 -27.69 27.00
C ALA D 165 50.11 -27.20 27.88
N ARG D 166 49.71 -28.04 28.84
CA ARG D 166 48.72 -27.63 29.81
C ARG D 166 49.31 -26.57 30.74
N VAL D 167 48.57 -25.47 30.91
CA VAL D 167 49.08 -24.34 31.68
C VAL D 167 48.08 -23.88 32.73
N LEU D 168 47.04 -24.68 32.97
CA LEU D 168 46.05 -24.36 33.99
C LEU D 168 46.03 -25.46 35.04
N PHE D 169 46.28 -25.06 36.29
CA PHE D 169 46.31 -25.97 37.44
C PHE D 169 45.62 -25.28 38.61
N ASP D 170 45.09 -26.09 39.51
CA ASP D 170 44.29 -25.55 40.61
C ASP D 170 45.12 -24.62 41.49
N ASP D 171 44.52 -23.48 41.82
CA ASP D 171 45.00 -22.58 42.87
C ASP D 171 46.32 -21.89 42.54
N MET D 172 46.57 -21.54 41.28
CA MET D 172 47.75 -20.72 41.02
C MET D 172 47.45 -19.23 41.03
N VAL D 173 46.19 -18.84 41.08
CA VAL D 173 45.80 -17.43 41.07
C VAL D 173 45.00 -17.16 42.34
N GLU D 174 45.26 -16.02 42.97
CA GLU D 174 44.54 -15.58 44.15
C GLU D 174 43.58 -14.48 43.72
N TYR D 175 42.33 -14.86 43.47
CA TYR D 175 41.32 -13.89 43.06
C TYR D 175 41.09 -12.87 44.16
N GLU D 176 40.91 -11.60 43.77
CA GLU D 176 40.73 -10.54 44.74
C GLU D 176 39.36 -10.57 45.40
N ASP D 177 38.41 -11.31 44.86
CA ASP D 177 37.07 -11.39 45.42
C ASP D 177 36.82 -12.67 46.21
N GLY D 178 37.83 -13.53 46.36
CA GLY D 178 37.68 -14.75 47.12
C GLY D 178 37.11 -15.93 46.37
N THR D 179 36.84 -15.78 45.09
CA THR D 179 36.33 -16.89 44.30
C THR D 179 37.37 -18.00 44.23
N PRO D 180 37.01 -19.25 44.49
CA PRO D 180 37.97 -20.35 44.33
C PRO D 180 38.49 -20.42 42.90
N ALA D 181 39.79 -20.63 42.78
CA ALA D 181 40.47 -20.62 41.49
C ALA D 181 40.85 -22.04 41.11
N THR D 182 39.95 -22.70 40.40
CA THR D 182 40.17 -24.05 39.89
C THR D 182 40.39 -24.00 38.39
N THR D 183 40.79 -25.14 37.82
CA THR D 183 41.05 -25.19 36.39
C THR D 183 39.80 -24.84 35.59
N SER D 184 38.64 -25.35 36.02
CA SER D 184 37.40 -25.03 35.34
C SER D 184 37.03 -23.56 35.50
N GLN D 185 37.22 -23.01 36.69
CA GLN D 185 36.81 -21.63 36.95
C GLN D 185 37.61 -20.64 36.12
N MET D 186 38.94 -20.80 36.06
CA MET D 186 39.74 -19.85 35.29
C MET D 186 39.60 -20.05 33.79
N ALA D 187 39.37 -21.29 33.34
CA ALA D 187 39.08 -21.50 31.94
C ALA D 187 37.77 -20.82 31.53
N LYS D 188 36.78 -20.84 32.42
CA LYS D 188 35.53 -20.13 32.14
C LYS D 188 35.73 -18.62 32.17
N ASP D 189 36.52 -18.12 33.13
CA ASP D 189 36.68 -16.68 33.28
C ASP D 189 37.50 -16.09 32.14
N VAL D 190 38.56 -16.79 31.72
CA VAL D 190 39.40 -16.24 30.66
C VAL D 190 38.73 -16.33 29.29
N THR D 191 37.79 -17.25 29.11
CA THR D 191 37.08 -17.31 27.83
C THR D 191 36.07 -16.18 27.70
N THR D 192 35.42 -15.81 28.81
CA THR D 192 34.52 -14.67 28.79
C THR D 192 35.27 -13.37 28.51
N PHE D 193 36.45 -13.21 29.10
CA PHE D 193 37.26 -12.03 28.85
C PHE D 193 37.68 -11.94 27.39
N LEU D 194 38.08 -13.05 26.80
CA LEU D 194 38.49 -13.06 25.40
C LEU D 194 37.31 -12.79 24.47
N ASN D 195 36.12 -13.25 24.83
CA ASN D 195 34.94 -12.97 24.01
C ASN D 195 34.65 -11.48 23.96
N TRP D 196 34.79 -10.79 25.09
CA TRP D 196 34.60 -9.34 25.08
C TRP D 196 35.68 -8.65 24.27
N CYS D 197 36.91 -9.19 24.29
CA CYS D 197 37.97 -8.60 23.49
C CYS D 197 37.67 -8.68 22.00
N ALA D 198 37.03 -9.78 21.57
CA ALA D 198 36.68 -9.93 20.16
C ALA D 198 35.45 -9.09 19.80
N GLU D 199 34.48 -8.97 20.70
CA GLU D 199 33.21 -8.31 20.42
C GLU D 199 32.87 -7.30 21.52
N PRO D 200 33.58 -6.18 21.57
CA PRO D 200 33.32 -5.19 22.63
C PRO D 200 32.00 -4.45 22.49
N GLU D 201 31.29 -4.59 21.36
CA GLU D 201 30.00 -3.94 21.16
C GLU D 201 28.83 -4.86 21.47
N HIS D 202 29.11 -6.04 22.04
CA HIS D 202 28.10 -7.07 22.23
C HIS D 202 26.93 -6.58 23.06
N ASP D 203 27.21 -5.88 24.17
CA ASP D 203 26.15 -5.46 25.06
C ASP D 203 25.24 -4.42 24.40
N GLU D 204 25.83 -3.45 23.70
CA GLU D 204 25.04 -2.38 23.08
C GLU D 204 24.35 -2.85 21.81
N ARG D 205 24.91 -3.83 21.11
CA ARG D 205 24.27 -4.32 19.90
C ARG D 205 22.96 -5.04 20.20
N LYS D 206 22.93 -5.84 21.27
CA LYS D 206 21.71 -6.59 21.59
C LYS D 206 20.59 -5.66 22.07
N ARG D 207 20.92 -4.58 22.76
CA ARG D 207 19.91 -3.63 23.18
C ARG D 207 19.31 -2.90 21.97
N LEU D 208 20.13 -2.55 20.99
CA LEU D 208 19.62 -1.86 19.81
C LEU D 208 18.79 -2.78 18.93
N GLY D 209 19.05 -4.09 18.97
CA GLY D 209 18.24 -5.03 18.22
C GLY D 209 16.86 -5.25 18.77
N LEU D 210 16.65 -4.92 20.05
CA LEU D 210 15.32 -5.02 20.64
C LEU D 210 14.40 -3.90 20.14
N LYS D 211 14.94 -2.70 19.95
CA LYS D 211 14.12 -1.61 19.44
C LYS D 211 13.82 -1.78 17.95
N THR D 212 14.78 -2.31 17.20
CA THR D 212 14.57 -2.49 15.76
C THR D 212 13.45 -3.48 15.48
N VAL D 213 13.47 -4.63 16.16
CA VAL D 213 12.53 -5.70 15.86
C VAL D 213 11.11 -5.31 16.28
N ILE D 214 10.97 -4.65 17.42
CA ILE D 214 9.64 -4.25 17.88
C ILE D 214 9.04 -3.21 16.92
N ILE D 215 9.84 -2.22 16.54
CA ILE D 215 9.35 -1.18 15.63
C ILE D 215 9.05 -1.76 14.25
N LEU D 216 9.91 -2.64 13.76
CA LEU D 216 9.72 -3.21 12.44
C LEU D 216 8.63 -4.28 12.38
N SER D 217 8.36 -4.95 13.50
CA SER D 217 7.24 -5.89 13.52
C SER D 217 5.89 -5.18 13.51
N SER D 218 5.80 -4.04 14.19
CA SER D 218 4.56 -3.29 14.22
C SER D 218 4.32 -2.53 12.90
N LEU D 219 5.39 -2.14 12.21
CA LEU D 219 5.22 -1.53 10.90
C LEU D 219 4.76 -2.54 9.86
N TYR D 220 5.29 -3.76 9.92
CA TYR D 220 4.89 -4.80 8.98
C TYR D 220 3.42 -5.17 9.14
N LEU D 221 2.94 -5.26 10.38
CA LEU D 221 1.54 -5.59 10.61
C LEU D 221 0.63 -4.44 10.19
N LEU D 222 1.02 -3.21 10.51
CA LEU D 222 0.24 -2.05 10.08
C LEU D 222 0.21 -1.88 8.57
N SER D 223 1.19 -2.44 7.86
CA SER D 223 1.21 -2.37 6.40
C SER D 223 0.24 -3.35 5.77
N ILE D 224 -0.01 -4.49 6.40
CA ILE D 224 -0.96 -5.46 5.86
C ILE D 224 -2.37 -4.90 5.90
N TRP D 225 -2.73 -4.19 6.98
CA TRP D 225 -4.06 -3.59 7.06
C TRP D 225 -4.23 -2.49 6.01
N VAL D 226 -3.23 -1.63 5.84
CA VAL D 226 -3.34 -0.54 4.90
C VAL D 226 -3.45 -1.06 3.47
N LYS D 227 -2.70 -2.11 3.14
CA LYS D 227 -2.81 -2.70 1.81
C LYS D 227 -4.20 -3.29 1.59
N LYS D 228 -4.77 -3.93 2.60
CA LYS D 228 -6.08 -4.54 2.44
C LYS D 228 -7.18 -3.49 2.35
N PHE D 229 -6.98 -2.33 2.97
CA PHE D 229 -7.95 -1.25 2.86
C PHE D 229 -7.94 -0.63 1.47
N LYS D 230 -6.77 -0.51 0.84
CA LYS D 230 -6.68 0.07 -0.50
C LYS D 230 -7.12 -0.89 -1.58
N TRP D 231 -7.12 -2.19 -1.32
CA TRP D 231 -7.47 -3.20 -2.31
C TRP D 231 -8.89 -3.71 -2.16
N ALA D 232 -9.67 -3.14 -1.24
CA ALA D 232 -11.00 -3.68 -0.96
C ALA D 232 -11.92 -3.56 -2.17
N GLY D 233 -11.85 -2.45 -2.90
CA GLY D 233 -12.72 -2.27 -4.05
C GLY D 233 -12.44 -3.27 -5.16
N ILE D 234 -11.17 -3.55 -5.42
CA ILE D 234 -10.82 -4.49 -6.47
C ILE D 234 -11.11 -5.92 -6.03
N LYS D 235 -10.86 -6.25 -4.76
CA LYS D 235 -11.03 -7.62 -4.29
C LYS D 235 -12.49 -8.05 -4.36
N THR D 236 -13.41 -7.16 -3.98
CA THR D 236 -14.84 -7.44 -4.00
C THR D 236 -15.46 -6.75 -5.21
N ARG D 237 -15.30 -7.38 -6.37
CA ARG D 237 -15.76 -6.83 -7.65
C ARG D 237 -16.48 -7.92 -8.43
N LYS D 238 -17.59 -7.56 -9.06
CA LYS D 238 -18.46 -8.51 -9.73
C LYS D 238 -18.64 -8.17 -11.19
N PHE D 239 -18.60 -9.19 -12.04
CA PHE D 239 -18.78 -9.06 -13.48
C PHE D 239 -19.98 -9.88 -13.93
N VAL D 240 -20.78 -9.34 -14.85
CA VAL D 240 -21.89 -10.05 -15.46
C VAL D 240 -21.75 -9.95 -16.97
N PHE D 241 -22.33 -10.93 -17.67
CA PHE D 241 -22.23 -11.03 -19.12
C PHE D 241 -23.61 -11.30 -19.70
N ASN D 242 -24.11 -10.37 -20.50
CA ASN D 242 -25.32 -10.56 -21.28
C ASN D 242 -24.94 -10.56 -22.75
N PRO D 243 -24.95 -11.71 -23.42
CA PRO D 243 -24.46 -11.76 -24.82
C PRO D 243 -25.24 -10.82 -25.71
N PRO D 244 -24.55 -9.96 -26.45
CA PRO D 244 -25.25 -8.99 -27.30
C PRO D 244 -26.00 -9.67 -28.43
N LYS D 245 -27.06 -9.02 -28.88
CA LYS D 245 -27.82 -9.54 -30.01
C LYS D 245 -27.04 -9.34 -31.30
N PRO D 246 -27.21 -10.23 -32.28
CA PRO D 246 -26.44 -10.13 -33.52
C PRO D 246 -26.68 -8.82 -34.24
N ARG D 247 -25.59 -8.26 -34.78
CA ARG D 247 -25.64 -6.98 -35.46
C ARG D 247 -25.95 -7.16 -36.95
N LYS E 1 -30.84 -11.33 -16.80
CA LYS E 1 -30.75 -10.45 -15.63
C LYS E 1 -30.53 -9.00 -16.06
N SER E 2 -31.40 -8.12 -15.58
CA SER E 2 -31.28 -6.71 -15.90
C SER E 2 -30.02 -6.11 -15.30
N THR E 3 -29.44 -5.14 -16.00
CA THR E 3 -28.27 -4.44 -15.47
C THR E 3 -28.63 -3.49 -14.34
N TYR E 4 -29.92 -3.28 -14.07
CA TYR E 4 -30.36 -2.48 -12.95
C TYR E 4 -30.41 -3.26 -11.64
N ARG E 5 -30.11 -4.56 -11.68
CA ARG E 5 -30.08 -5.40 -10.48
C ARG E 5 -28.63 -5.56 -10.03
N THR E 6 -28.27 -4.86 -8.96
CA THR E 6 -26.93 -4.93 -8.41
C THR E 6 -26.72 -6.25 -7.67
N PRO E 7 -25.54 -6.86 -7.76
CA PRO E 7 -25.29 -8.12 -7.04
C PRO E 7 -25.29 -7.96 -5.53
N ASN E 8 -25.06 -9.07 -4.83
CA ASN E 8 -25.12 -9.12 -3.37
C ASN E 8 -23.77 -8.75 -2.78
N PHE E 9 -23.72 -7.66 -2.01
CA PHE E 9 -22.53 -7.22 -1.32
C PHE E 9 -22.69 -7.29 0.19
N ASP E 10 -23.66 -8.07 0.68
CA ASP E 10 -24.07 -7.99 2.08
C ASP E 10 -23.00 -8.50 3.03
N ASP E 11 -22.23 -9.50 2.62
CA ASP E 11 -21.28 -10.14 3.52
C ASP E 11 -19.92 -9.47 3.55
N VAL E 12 -19.77 -8.31 2.92
CA VAL E 12 -18.55 -7.52 3.02
C VAL E 12 -18.81 -6.09 3.46
N LEU E 13 -20.07 -5.70 3.64
CA LEU E 13 -20.42 -4.33 3.95
C LEU E 13 -20.49 -4.11 5.46
N LYS E 14 -20.22 -2.88 5.88
CA LYS E 14 -20.45 -2.50 7.26
C LYS E 14 -21.93 -2.25 7.49
N GLU E 15 -22.44 -2.77 8.62
CA GLU E 15 -23.84 -2.63 8.93
C GLU E 15 -24.20 -1.27 9.50
N ASN E 16 -23.20 -0.45 9.83
CA ASN E 16 -23.42 0.94 10.25
C ASN E 16 -22.39 1.78 9.52
N ASN E 17 -22.84 2.49 8.48
CA ASN E 17 -21.96 3.24 7.60
C ASN E 17 -22.02 4.72 7.98
N ASP E 18 -21.12 5.11 8.89
CA ASP E 18 -21.00 6.49 9.33
C ASP E 18 -19.74 7.11 8.71
N ALA E 19 -19.90 8.30 8.12
CA ALA E 19 -18.80 8.93 7.41
C ALA E 19 -17.70 9.37 8.38
N ASP E 20 -18.08 10.07 9.45
CA ASP E 20 -17.09 10.58 10.40
C ASP E 20 -16.41 9.45 11.16
N LYS E 21 -17.19 8.47 11.62
CA LYS E 21 -16.61 7.36 12.37
C LYS E 21 -15.73 6.49 11.49
N GLY E 22 -16.16 6.22 10.26
CA GLY E 22 -15.40 5.34 9.38
C GLY E 22 -14.16 5.96 8.78
N ARG E 23 -14.07 7.30 8.78
CA ARG E 23 -12.89 7.97 8.27
C ARG E 23 -11.84 8.15 9.37
N SER E 24 -12.27 8.48 10.58
CA SER E 24 -11.33 8.60 11.69
C SER E 24 -10.65 7.26 11.98
N TYR E 25 -11.34 6.15 11.76
CA TYR E 25 -10.73 4.84 11.96
C TYR E 25 -9.61 4.58 10.96
N ALA E 26 -9.84 4.94 9.69
CA ALA E 26 -8.83 4.65 8.66
C ALA E 26 -7.64 5.59 8.75
N TYR E 27 -7.88 6.86 9.07
CA TYR E 27 -6.79 7.81 9.16
C TYR E 27 -5.94 7.57 10.40
N PHE E 28 -6.50 6.96 11.44
CA PHE E 28 -5.72 6.63 12.63
C PHE E 28 -4.77 5.48 12.38
N MET E 29 -5.08 4.60 11.42
CA MET E 29 -4.17 3.51 11.08
C MET E 29 -3.06 3.94 10.13
N VAL E 30 -3.29 4.97 9.32
CA VAL E 30 -2.21 5.50 8.49
C VAL E 30 -1.35 6.50 9.26
N GLY E 31 -1.92 7.18 10.26
CA GLY E 31 -1.12 8.03 11.11
C GLY E 31 -0.15 7.24 11.97
N ALA E 32 -0.58 6.06 12.42
CA ALA E 32 0.33 5.18 13.16
C ALA E 32 1.49 4.72 12.28
N MET E 33 1.21 4.41 11.02
CA MET E 33 2.27 4.10 10.07
C MET E 33 3.22 5.28 9.90
N GLY E 34 2.68 6.48 9.68
CA GLY E 34 3.51 7.65 9.47
C GLY E 34 4.25 8.11 10.70
N LEU E 35 3.75 7.77 11.89
CA LEU E 35 4.47 8.09 13.11
C LEU E 35 5.69 7.20 13.29
N LEU E 36 5.53 5.89 13.06
CA LEU E 36 6.64 4.98 13.24
C LEU E 36 7.66 5.08 12.12
N SER E 37 7.20 5.33 10.89
CA SER E 37 8.14 5.48 9.78
C SER E 37 8.96 6.75 9.93
N SER E 38 8.33 7.83 10.40
CA SER E 38 9.07 9.07 10.66
C SER E 38 10.06 8.90 11.80
N ALA E 39 9.76 8.05 12.78
CA ALA E 39 10.71 7.77 13.85
C ALA E 39 11.86 6.92 13.35
N GLY E 40 11.60 5.97 12.47
CA GLY E 40 12.65 5.13 11.93
C GLY E 40 13.55 5.81 10.93
N ALA E 41 13.06 6.86 10.28
CA ALA E 41 13.89 7.62 9.35
C ALA E 41 14.89 8.48 10.11
N LYS E 42 14.49 9.01 11.26
CA LYS E 42 15.41 9.80 12.09
C LYS E 42 16.58 8.95 12.56
N SER E 43 16.31 7.71 12.97
CA SER E 43 17.38 6.82 13.43
C SER E 43 18.28 6.36 12.29
N THR E 44 17.83 6.47 11.04
CA THR E 44 18.66 6.06 9.92
C THR E 44 19.63 7.17 9.53
N VAL E 45 19.14 8.41 9.40
CA VAL E 45 20.01 9.51 9.02
C VAL E 45 20.99 9.84 10.14
N GLU E 46 20.60 9.62 11.40
CA GLU E 46 21.51 9.87 12.51
C GLU E 46 22.63 8.85 12.54
N THR E 47 22.34 7.60 12.19
CA THR E 47 23.36 6.56 12.19
C THR E 47 24.45 6.85 11.17
N PHE E 48 24.07 7.29 9.96
CA PHE E 48 25.06 7.53 8.92
C PHE E 48 25.84 8.81 9.17
N ILE E 49 25.16 9.87 9.60
CA ILE E 49 25.83 11.15 9.82
C ILE E 49 26.80 11.05 10.98
N SER E 50 26.40 10.39 12.07
CA SER E 50 27.26 10.30 13.25
C SER E 50 28.53 9.51 12.98
N SER E 51 28.53 8.62 11.98
CA SER E 51 29.75 7.88 11.66
C SER E 51 30.82 8.77 11.07
N MET E 52 30.47 9.98 10.65
CA MET E 52 31.43 10.94 10.09
C MET E 52 32.06 11.82 11.16
N THR E 53 31.64 11.70 12.42
CA THR E 53 32.22 12.48 13.49
C THR E 53 33.53 11.85 13.95
N ALA E 54 34.19 12.48 14.91
CA ALA E 54 35.51 12.05 15.35
C ALA E 54 35.45 10.64 15.94
N THR E 55 36.41 9.81 15.57
CA THR E 55 36.46 8.43 16.03
C THR E 55 36.96 8.36 17.47
N ALA E 56 36.97 7.15 18.01
CA ALA E 56 37.39 6.95 19.40
C ALA E 56 38.86 7.27 19.60
N ASP E 57 39.71 6.86 18.66
CA ASP E 57 41.14 7.11 18.79
C ASP E 57 41.47 8.59 18.63
N VAL E 58 40.77 9.29 17.73
CA VAL E 58 41.01 10.72 17.55
C VAL E 58 40.59 11.48 18.81
N LEU E 59 39.47 11.12 19.41
CA LEU E 59 39.00 11.79 20.61
C LEU E 59 39.93 11.59 21.79
N ALA E 60 40.74 10.53 21.78
CA ALA E 60 41.64 10.27 22.89
C ALA E 60 42.82 11.23 22.94
N MET E 61 43.11 11.91 21.84
CA MET E 61 44.25 12.82 21.74
C MET E 61 43.84 14.29 21.86
N ALA E 62 42.72 14.56 22.53
CA ALA E 62 42.24 15.93 22.63
C ALA E 62 43.05 16.75 23.64
N LYS E 63 43.48 16.13 24.73
CA LYS E 63 44.20 16.82 25.79
C LYS E 63 45.60 16.25 25.96
N VAL E 64 46.50 17.08 26.48
CA VAL E 64 47.89 16.74 26.67
C VAL E 64 48.28 17.04 28.12
N GLU E 65 48.93 16.09 28.78
CA GLU E 65 49.36 16.24 30.17
C GLU E 65 50.89 16.21 30.19
N VAL E 66 51.50 17.38 30.09
CA VAL E 66 52.96 17.52 30.18
C VAL E 66 53.33 17.68 31.65
N ASN E 67 54.56 17.33 31.99
CA ASN E 67 55.00 17.38 33.38
C ASN E 67 55.91 18.59 33.63
N LEU E 68 56.20 18.84 34.91
CA LEU E 68 56.92 20.03 35.34
C LEU E 68 58.37 19.75 35.74
N ALA E 69 58.58 18.76 36.61
CA ALA E 69 59.91 18.56 37.19
C ALA E 69 60.95 18.22 36.13
N ALA E 70 60.59 17.37 35.17
CA ALA E 70 61.56 16.92 34.18
C ALA E 70 62.01 18.02 33.23
N ILE E 71 61.29 19.13 33.15
CA ILE E 71 61.63 20.20 32.23
C ILE E 71 61.87 21.49 33.02
N PRO E 72 63.09 21.72 33.52
CA PRO E 72 63.35 22.95 34.28
C PRO E 72 63.67 24.12 33.36
N LEU E 73 64.07 25.25 33.95
CA LEU E 73 64.33 26.45 33.17
C LEU E 73 65.45 26.21 32.16
N GLY E 74 65.38 26.94 31.04
CA GLY E 74 66.32 26.74 29.95
C GLY E 74 65.76 27.14 28.60
N LYS E 75 65.79 26.22 27.65
CA LYS E 75 65.33 26.48 26.29
C LYS E 75 63.81 26.61 26.27
N ASN E 76 63.25 26.83 25.08
CA ASN E 76 61.82 27.03 24.90
C ASN E 76 61.14 25.74 24.44
N VAL E 77 59.88 25.59 24.83
CA VAL E 77 59.08 24.42 24.47
C VAL E 77 57.93 24.91 23.62
N VAL E 78 58.01 24.70 22.31
CA VAL E 78 56.92 25.04 21.39
C VAL E 78 56.37 23.74 20.81
N VAL E 79 55.35 23.18 21.46
CA VAL E 79 54.87 21.86 21.13
C VAL E 79 53.72 21.95 20.13
N LYS E 80 53.44 20.83 19.47
CA LYS E 80 52.31 20.68 18.57
C LYS E 80 51.19 19.96 19.31
N TRP E 81 49.97 20.48 19.19
CA TRP E 81 48.83 19.96 19.93
C TRP E 81 47.55 20.23 19.15
N GLN E 82 46.79 19.18 18.88
CA GLN E 82 45.48 19.29 18.24
C GLN E 82 45.56 20.03 16.91
N GLY E 83 46.60 19.74 16.14
CA GLY E 83 46.82 20.43 14.87
C GLY E 83 47.09 21.90 15.03
N LYS E 84 47.91 22.26 16.02
CA LYS E 84 48.21 23.67 16.28
C LYS E 84 49.46 23.77 17.15
N PRO E 85 50.44 24.59 16.75
CA PRO E 85 51.65 24.78 17.56
C PRO E 85 51.41 25.77 18.67
N VAL E 86 51.38 25.28 19.91
CA VAL E 86 51.29 26.14 21.07
C VAL E 86 52.68 26.24 21.71
N PHE E 87 52.83 27.19 22.61
CA PHE E 87 54.12 27.48 23.24
C PHE E 87 54.01 27.39 24.76
N ILE E 88 55.03 26.81 25.38
CA ILE E 88 55.06 26.57 26.81
C ILE E 88 56.43 26.98 27.33
N ARG E 89 56.46 27.72 28.45
CA ARG E 89 57.73 28.16 29.03
C ARG E 89 57.50 28.60 30.47
N HIS E 90 58.45 28.30 31.34
CA HIS E 90 58.40 28.76 32.73
C HIS E 90 58.57 30.27 32.79
N ARG E 91 58.42 30.81 33.99
CA ARG E 91 58.55 32.25 34.23
C ARG E 91 59.52 32.49 35.38
N THR E 92 60.33 33.55 35.25
CA THR E 92 61.31 34.03 36.20
C THR E 92 60.84 35.36 36.80
N PRO E 93 60.99 35.56 38.11
CA PRO E 93 60.45 36.78 38.72
C PRO E 93 61.01 38.07 38.16
N HIS E 94 62.12 38.02 37.41
CA HIS E 94 62.67 39.25 36.82
C HIS E 94 61.76 39.84 35.75
N GLU E 95 60.78 39.08 35.26
CA GLU E 95 59.90 39.55 34.20
C GLU E 95 58.45 39.77 34.64
N ILE E 96 58.04 39.22 35.77
CA ILE E 96 56.68 39.45 36.24
C ILE E 96 56.48 40.91 36.63
N GLN E 97 57.52 41.53 37.19
CA GLN E 97 57.48 42.97 37.43
C GLN E 97 57.42 43.73 36.12
N GLU E 98 58.15 43.27 35.10
CA GLU E 98 58.10 43.91 33.79
C GLU E 98 56.73 43.76 33.15
N ALA E 99 56.10 42.59 33.32
CA ALA E 99 54.74 42.41 32.82
C ALA E 99 53.73 43.24 33.61
N ASN E 100 53.95 43.40 34.92
CA ASN E 100 53.07 44.26 35.71
C ASN E 100 53.28 45.73 35.38
N SER E 101 54.52 46.12 35.06
CA SER E 101 54.83 47.50 34.69
C SER E 101 54.72 47.65 33.17
N VAL E 102 53.49 47.66 32.70
CA VAL E 102 53.19 47.86 31.28
C VAL E 102 52.28 49.08 31.15
N ASP E 103 51.86 49.37 29.92
CA ASP E 103 50.93 50.45 29.65
C ASP E 103 49.51 49.90 29.54
N MET E 104 48.56 50.80 29.28
CA MET E 104 47.15 50.45 29.16
C MET E 104 46.46 51.14 27.98
N SER E 105 47.06 52.19 27.42
CA SER E 105 46.64 52.74 26.13
C SER E 105 47.81 53.14 25.23
N ALA E 106 49.05 52.95 25.67
CA ALA E 106 50.20 53.11 24.79
C ALA E 106 50.43 51.90 23.91
N LEU E 107 49.45 51.00 23.84
CA LEU E 107 49.50 49.81 23.00
C LEU E 107 48.06 49.36 22.74
N LYS E 108 47.91 48.14 22.24
CA LYS E 108 46.60 47.60 21.87
C LYS E 108 46.16 46.48 22.83
N ASP E 109 46.62 46.52 24.07
CA ASP E 109 46.38 45.45 25.04
C ASP E 109 45.78 46.04 26.31
N PRO E 110 44.48 46.27 26.33
CA PRO E 110 43.81 46.74 27.54
C PRO E 110 43.45 45.64 28.52
N GLN E 111 43.98 44.43 28.34
CA GLN E 111 43.68 43.31 29.22
C GLN E 111 44.63 43.34 30.43
N THR E 112 44.55 42.31 31.26
CA THR E 112 45.40 42.16 32.43
C THR E 112 46.24 40.89 32.27
N ASP E 113 46.94 40.53 33.35
CA ASP E 113 47.77 39.32 33.35
C ASP E 113 47.12 38.14 34.05
N ALA E 114 46.24 38.39 35.03
CA ALA E 114 45.61 37.28 35.74
C ALA E 114 44.72 36.45 34.82
N ASP E 115 43.97 37.10 33.93
CA ASP E 115 43.15 36.36 32.97
C ASP E 115 44.01 35.74 31.88
N ARG E 116 45.07 36.45 31.46
CA ARG E 116 45.93 35.92 30.41
C ARG E 116 46.73 34.72 30.91
N VAL E 117 47.54 34.92 31.93
CA VAL E 117 48.36 33.85 32.52
C VAL E 117 48.01 33.80 34.00
N LYS E 118 47.07 32.92 34.37
CA LYS E 118 46.68 32.79 35.77
C LYS E 118 47.75 32.10 36.60
N ASP E 119 48.70 31.42 35.97
CA ASP E 119 49.83 30.83 36.68
C ASP E 119 50.95 31.85 36.72
N PRO E 120 51.35 32.34 37.89
CA PRO E 120 52.39 33.38 37.95
C PRO E 120 53.75 32.91 37.44
N GLN E 121 54.25 31.80 38.00
CA GLN E 121 55.58 31.31 37.66
C GLN E 121 55.58 30.47 36.38
N TRP E 122 54.53 30.55 35.57
CA TRP E 122 54.43 29.76 34.36
C TRP E 122 53.93 30.65 33.22
N LEU E 123 54.00 30.13 32.00
CA LEU E 123 53.61 30.93 30.83
C LEU E 123 53.35 29.98 29.67
N ILE E 124 52.10 29.93 29.20
CA ILE E 124 51.73 29.12 28.04
C ILE E 124 50.76 29.90 27.17
N MET E 125 50.97 29.83 25.85
CA MET E 125 50.07 30.44 24.88
C MET E 125 50.35 29.84 23.52
N LEU E 126 49.42 30.04 22.59
CA LEU E 126 49.58 29.54 21.23
C LEU E 126 50.78 30.21 20.57
N GLY E 127 51.60 29.41 19.89
CA GLY E 127 52.78 29.93 19.24
C GLY E 127 52.55 30.38 17.81
N ILE E 128 51.48 31.15 17.60
CA ILE E 128 51.09 31.61 16.27
C ILE E 128 50.94 33.13 16.31
N CYS E 129 51.56 33.80 15.33
CA CYS E 129 51.41 35.24 15.22
C CYS E 129 49.95 35.60 15.01
N THR E 130 49.49 36.63 15.71
CA THR E 130 48.08 37.00 15.76
C THR E 130 47.60 37.69 14.49
N HIS E 131 48.42 37.75 13.44
CA HIS E 131 48.05 38.42 12.21
C HIS E 131 47.81 37.44 11.07
N LEU E 132 48.81 36.63 10.71
CA LEU E 132 48.64 35.69 9.61
C LEU E 132 49.30 34.34 9.86
N GLY E 133 49.74 34.07 11.08
CA GLY E 133 50.40 32.82 11.38
C GLY E 133 51.89 32.86 11.12
N CYS E 134 52.69 32.44 12.10
CA CYS E 134 54.13 32.43 11.99
C CYS E 134 54.70 31.47 13.03
N VAL E 135 56.02 31.47 13.18
CA VAL E 135 56.70 30.62 14.14
C VAL E 135 57.53 31.49 15.08
N PRO E 136 57.45 31.29 16.39
CA PRO E 136 58.24 32.12 17.32
C PRO E 136 59.64 31.56 17.54
N ILE E 137 60.65 32.39 17.27
CA ILE E 137 62.02 32.01 17.57
C ILE E 137 62.27 32.12 19.06
N GLY E 138 62.99 31.15 19.62
CA GLY E 138 63.12 31.02 21.06
C GLY E 138 64.00 32.04 21.74
N GLU E 139 63.38 32.98 22.45
CA GLU E 139 64.06 33.96 23.31
C GLU E 139 65.11 34.75 22.52
N ALA E 140 64.61 35.53 21.56
CA ALA E 140 65.47 36.35 20.72
C ALA E 140 64.79 37.68 20.41
N GLY E 141 65.39 38.76 20.89
CA GLY E 141 64.90 40.10 20.59
C GLY E 141 63.87 40.65 21.56
N ASP E 142 63.70 41.97 21.54
CA ASP E 142 62.71 42.67 22.35
C ASP E 142 62.97 42.49 23.85
N PHE E 143 61.91 42.54 24.65
CA PHE E 143 62.01 42.53 26.10
C PHE E 143 62.15 41.10 26.62
N GLY E 144 63.12 40.38 26.06
CA GLY E 144 63.32 39.00 26.40
C GLY E 144 62.15 38.13 26.03
N GLY E 145 61.48 38.48 24.93
CA GLY E 145 60.32 37.73 24.49
C GLY E 145 60.64 36.69 23.43
N TRP E 146 59.95 36.75 22.29
CA TRP E 146 60.21 35.85 21.17
C TRP E 146 60.07 36.66 19.88
N PHE E 147 60.32 36.00 18.75
CA PHE E 147 60.47 36.68 17.47
C PHE E 147 59.47 36.13 16.47
N CYS E 148 58.75 37.03 15.79
CA CYS E 148 57.88 36.70 14.67
C CYS E 148 58.56 37.17 13.39
N PRO E 149 59.39 36.34 12.75
CA PRO E 149 60.19 36.81 11.61
C PRO E 149 59.43 36.87 10.28
N CYS E 150 58.11 36.68 10.29
CA CYS E 150 57.36 36.81 9.05
C CYS E 150 57.43 38.23 8.50
N HIS E 151 57.34 39.23 9.38
CA HIS E 151 57.45 40.62 8.98
C HIS E 151 58.53 41.38 9.73
N GLY E 152 58.85 40.99 10.97
CA GLY E 152 59.86 41.68 11.74
C GLY E 152 59.36 42.16 13.09
N SER E 153 58.31 41.53 13.61
CA SER E 153 57.77 41.85 14.92
C SER E 153 58.29 40.86 15.96
N HIS E 154 58.39 41.33 17.19
CA HIS E 154 58.92 40.53 18.29
C HIS E 154 57.81 40.35 19.35
N TYR E 155 58.18 39.78 20.49
CA TYR E 155 57.22 39.48 21.54
C TYR E 155 57.82 39.82 22.90
N ASP E 156 57.01 39.63 23.93
CA ASP E 156 57.42 39.79 25.32
C ASP E 156 56.80 38.68 26.14
N ILE E 157 57.30 38.53 27.38
CA ILE E 157 56.86 37.43 28.23
C ILE E 157 55.37 37.52 28.51
N SER E 158 54.84 38.74 28.65
CA SER E 158 53.42 38.92 28.87
C SER E 158 52.59 38.49 27.67
N GLY E 159 53.22 38.24 26.52
CA GLY E 159 52.48 37.88 25.32
C GLY E 159 51.82 39.06 24.65
N ARG E 160 52.34 40.26 24.87
CA ARG E 160 51.76 41.50 24.36
C ARG E 160 52.60 42.00 23.20
N ILE E 161 52.01 42.05 22.01
CA ILE E 161 52.74 42.49 20.83
C ILE E 161 52.94 44.00 20.90
N ARG E 162 54.19 44.43 20.71
CA ARG E 162 54.55 45.83 20.88
C ARG E 162 54.63 46.61 19.57
N LYS E 163 54.72 45.93 18.43
CA LYS E 163 54.82 46.60 17.15
C LYS E 163 54.35 45.67 16.04
N GLY E 164 53.67 46.23 15.05
CA GLY E 164 53.17 45.46 13.93
C GLY E 164 51.71 45.73 13.64
N PRO E 165 51.18 45.09 12.59
CA PRO E 165 49.77 45.29 12.23
C PRO E 165 48.85 44.33 12.96
N ALA E 166 49.33 43.72 14.04
CA ALA E 166 48.52 42.77 14.79
C ALA E 166 47.27 43.46 15.33
N PRO E 167 46.08 42.89 15.11
CA PRO E 167 44.86 43.57 15.58
C PRO E 167 44.63 43.45 17.07
N LEU E 168 44.94 42.29 17.66
CA LEU E 168 44.67 42.01 19.06
C LEU E 168 45.90 41.37 19.68
N ASN E 169 45.74 40.84 20.88
CA ASN E 169 46.83 40.19 21.60
C ASN E 169 46.87 38.70 21.29
N LEU E 170 47.94 38.05 21.76
CA LEU E 170 48.10 36.61 21.59
C LEU E 170 47.02 35.86 22.37
N GLU E 171 46.50 34.80 21.78
CA GLU E 171 45.44 34.01 22.40
C GLU E 171 46.04 32.92 23.28
N ILE E 172 45.38 32.67 24.40
CA ILE E 172 45.79 31.61 25.33
C ILE E 172 44.87 30.41 25.15
N PRO E 173 45.39 29.18 25.25
CA PRO E 173 44.52 28.01 25.17
C PRO E 173 43.89 27.72 26.53
N ALA E 174 42.90 26.84 26.50
CA ALA E 174 42.32 26.32 27.72
C ALA E 174 43.23 25.25 28.31
N TYR E 175 43.29 25.21 29.63
CA TYR E 175 44.13 24.23 30.31
C TYR E 175 43.71 24.14 31.78
N GLU E 176 44.31 23.18 32.47
CA GLU E 176 44.07 22.97 33.89
C GLU E 176 45.42 22.75 34.57
N PHE E 177 45.41 22.65 35.89
CA PHE E 177 46.62 22.59 36.70
C PHE E 177 46.69 21.29 37.47
N ASP E 178 47.85 20.64 37.43
CA ASP E 178 48.15 19.50 38.31
C ASP E 178 48.72 19.98 39.64
N GLY E 179 48.01 20.89 40.30
CA GLY E 179 48.48 21.49 41.53
C GLY E 179 49.42 22.65 41.27
N ASP E 180 50.65 22.32 40.83
CA ASP E 180 51.63 23.32 40.43
C ASP E 180 52.10 23.15 39.00
N LYS E 181 51.65 22.11 38.30
CA LYS E 181 52.09 21.83 36.95
C LYS E 181 51.14 22.49 35.95
N VAL E 182 51.48 22.36 34.65
CA VAL E 182 50.73 22.98 33.58
C VAL E 182 50.44 21.92 32.51
N ILE E 183 49.20 21.90 32.02
CA ILE E 183 48.81 20.99 30.95
C ILE E 183 48.38 21.79 29.74
N VAL E 184 48.04 21.10 28.65
CA VAL E 184 47.51 21.72 27.45
C VAL E 184 46.26 20.94 27.04
N GLY E 185 45.21 21.67 26.67
CA GLY E 185 43.98 21.05 26.22
C GLY E 185 42.77 21.95 26.36
N GLU F 1 39.80 -26.93 50.08
CA GLU F 1 38.92 -28.10 50.13
C GLU F 1 38.08 -28.20 48.86
N VAL F 2 38.30 -27.28 47.94
CA VAL F 2 37.56 -27.21 46.69
C VAL F 2 38.44 -27.72 45.56
N THR F 3 38.02 -28.80 44.93
CA THR F 3 38.72 -29.35 43.78
C THR F 3 37.98 -28.95 42.50
N ASP F 4 38.42 -29.49 41.37
CA ASP F 4 37.85 -29.10 40.09
C ASP F 4 36.48 -29.73 39.88
N GLN F 5 35.48 -28.87 39.65
CA GLN F 5 34.11 -29.35 39.50
C GLN F 5 33.95 -30.24 38.27
N LEU F 6 34.59 -29.87 37.16
CA LEU F 6 34.51 -30.67 35.94
C LEU F 6 35.19 -32.02 36.11
N GLU F 7 36.29 -32.07 36.86
CA GLU F 7 36.98 -33.33 37.08
C GLU F 7 36.15 -34.29 37.93
N ASP F 8 35.44 -33.79 38.94
CA ASP F 8 34.59 -34.65 39.74
C ASP F 8 33.42 -35.19 38.93
N LEU F 9 32.84 -34.36 38.07
CA LEU F 9 31.69 -34.79 37.27
C LEU F 9 32.07 -35.91 36.30
N ARG F 10 33.25 -35.82 35.71
CA ARG F 10 33.66 -36.83 34.74
C ARG F 10 33.78 -38.21 35.39
N GLU F 11 34.30 -38.26 36.62
CA GLU F 11 34.39 -39.52 37.33
C GLU F 11 33.01 -40.08 37.65
N HIS F 12 32.05 -39.20 37.98
CA HIS F 12 30.72 -39.65 38.34
C HIS F 12 30.05 -40.41 37.20
N PHE F 13 30.14 -39.88 35.98
CA PHE F 13 29.51 -40.52 34.84
C PHE F 13 30.35 -41.63 34.24
N LYS F 14 31.58 -41.83 34.73
CA LYS F 14 32.38 -42.97 34.33
C LYS F 14 31.96 -44.26 35.03
N ASN F 15 31.04 -44.17 35.98
CA ASN F 15 30.61 -45.32 36.77
C ASN F 15 29.19 -45.76 36.47
N THR F 16 28.45 -45.03 35.64
CA THR F 16 27.11 -45.46 35.27
C THR F 16 27.18 -46.75 34.45
N GLU F 17 26.01 -47.33 34.19
CA GLU F 17 25.97 -48.56 33.41
C GLU F 17 26.55 -48.34 32.02
N GLU F 18 26.20 -47.22 31.38
CA GLU F 18 26.75 -46.91 30.08
C GLU F 18 28.23 -46.52 30.18
N GLY F 19 28.61 -45.84 31.26
CA GLY F 19 29.99 -45.39 31.39
C GLY F 19 30.98 -46.54 31.48
N LYS F 20 30.68 -47.53 32.31
CA LYS F 20 31.59 -48.65 32.46
C LYS F 20 31.65 -49.51 31.20
N ALA F 21 30.55 -49.60 30.45
CA ALA F 21 30.57 -50.36 29.21
C ALA F 21 31.52 -49.74 28.19
N LEU F 22 31.48 -48.40 28.06
CA LEU F 22 32.39 -47.74 27.13
C LEU F 22 33.82 -47.76 27.61
N VAL F 23 34.04 -47.73 28.93
CA VAL F 23 35.40 -47.84 29.46
C VAL F 23 35.98 -49.21 29.11
N HIS F 24 35.19 -50.27 29.30
CA HIS F 24 35.67 -51.62 29.03
C HIS F 24 36.07 -51.80 27.57
N HIS F 25 35.37 -51.12 26.65
CA HIS F 25 35.73 -51.21 25.24
C HIS F 25 37.11 -50.62 24.99
N TYR F 26 37.42 -49.49 25.63
CA TYR F 26 38.72 -48.87 25.45
C TYR F 26 39.85 -49.74 26.00
N GLU F 27 39.63 -50.36 27.15
CA GLU F 27 40.67 -51.21 27.74
C GLU F 27 40.96 -52.42 26.87
N GLU F 28 39.92 -52.97 26.24
CA GLU F 28 40.14 -54.10 25.33
C GLU F 28 40.98 -53.71 24.13
N CYS F 29 40.91 -52.44 23.70
CA CYS F 29 41.79 -51.96 22.65
C CYS F 29 43.20 -51.75 23.16
N ALA F 30 43.34 -51.26 24.40
CA ALA F 30 44.66 -50.98 24.95
C ALA F 30 45.48 -52.25 25.10
N GLU F 31 44.86 -53.33 25.59
CA GLU F 31 45.59 -54.59 25.72
C GLU F 31 46.00 -55.14 24.35
N ARG F 32 45.11 -55.04 23.36
CA ARG F 32 45.44 -55.51 22.02
C ARG F 32 46.57 -54.71 21.38
N VAL F 33 46.79 -53.48 21.84
CA VAL F 33 47.88 -52.66 21.28
C VAL F 33 49.19 -52.97 21.97
N LYS F 34 49.18 -53.08 23.31
CA LYS F 34 50.42 -53.31 24.03
C LYS F 34 51.01 -54.68 23.77
N ILE F 35 50.22 -55.62 23.21
CA ILE F 35 50.75 -56.91 22.82
C ILE F 35 51.29 -56.92 21.40
N GLN F 36 51.30 -55.79 20.72
CA GLN F 36 51.82 -55.69 19.36
C GLN F 36 53.22 -55.09 19.29
N GLN F 37 53.52 -54.08 20.09
CA GLN F 37 54.89 -53.59 20.17
C GLN F 37 55.78 -54.50 21.02
N GLN F 38 55.19 -55.45 21.75
CA GLN F 38 55.93 -56.46 22.48
C GLN F 38 56.21 -57.71 21.64
N GLN F 39 56.16 -57.59 20.33
CA GLN F 39 56.35 -58.70 19.41
C GLN F 39 57.41 -58.37 18.38
N PRO F 40 58.16 -59.36 17.91
CA PRO F 40 59.19 -59.09 16.89
C PRO F 40 58.57 -58.60 15.60
N GLY F 41 59.30 -57.71 14.92
CA GLY F 41 58.83 -57.15 13.67
C GLY F 41 57.66 -56.22 13.86
N TYR F 42 57.89 -55.09 14.52
CA TYR F 42 56.87 -54.06 14.70
C TYR F 42 57.15 -52.79 13.94
N ALA F 43 58.41 -52.36 13.88
CA ALA F 43 58.77 -51.17 13.11
C ALA F 43 58.63 -51.37 11.61
N ASP F 44 58.46 -52.61 11.15
CA ASP F 44 58.26 -52.91 9.74
C ASP F 44 56.79 -53.10 9.39
N LEU F 45 55.89 -52.54 10.17
CA LEU F 45 54.45 -52.64 9.93
C LEU F 45 53.96 -51.31 9.39
N GLU F 46 53.51 -51.30 8.13
CA GLU F 46 52.97 -50.08 7.55
C GLU F 46 51.70 -49.65 8.27
N HIS F 47 50.81 -50.59 8.57
CA HIS F 47 49.54 -50.29 9.24
C HIS F 47 49.67 -50.68 10.70
N LYS F 48 49.65 -49.68 11.58
CA LYS F 48 49.75 -49.89 13.02
C LYS F 48 48.49 -49.35 13.68
N GLU F 49 47.83 -50.19 14.48
CA GLU F 49 46.54 -49.85 15.05
C GLU F 49 46.70 -48.88 16.23
N ASP F 50 45.74 -47.96 16.34
CA ASP F 50 45.66 -47.03 17.46
C ASP F 50 44.25 -47.06 18.02
N CYS F 51 44.13 -46.64 19.28
CA CYS F 51 42.84 -46.64 19.98
C CYS F 51 42.23 -45.25 20.04
N VAL F 52 42.38 -44.46 18.97
CA VAL F 52 41.81 -43.11 18.95
C VAL F 52 40.29 -43.17 18.91
N GLU F 53 39.73 -44.08 18.10
CA GLU F 53 38.28 -44.12 17.94
C GLU F 53 37.57 -44.45 19.25
N GLU F 54 38.09 -45.41 20.00
CA GLU F 54 37.47 -45.79 21.26
C GLU F 54 37.58 -44.66 22.29
N PHE F 55 38.70 -43.95 22.29
CA PHE F 55 38.85 -42.80 23.19
C PHE F 55 37.85 -41.71 22.85
N PHE F 56 37.61 -41.48 21.55
CA PHE F 56 36.65 -40.46 21.15
C PHE F 56 35.23 -40.82 21.60
N HIS F 57 34.87 -42.09 21.50
CA HIS F 57 33.53 -42.51 21.89
C HIS F 57 33.29 -42.26 23.38
N LEU F 58 34.27 -42.57 24.22
CA LEU F 58 34.14 -42.31 25.64
C LEU F 58 34.03 -40.82 25.94
N GLN F 59 34.85 -40.01 25.28
CA GLN F 59 34.85 -38.57 25.54
C GLN F 59 33.56 -37.92 25.06
N HIS F 60 33.05 -38.34 23.89
CA HIS F 60 31.82 -37.75 23.40
C HIS F 60 30.65 -38.03 24.33
N TYR F 61 30.57 -39.25 24.86
CA TYR F 61 29.53 -39.57 25.83
C TYR F 61 29.65 -38.69 27.07
N LEU F 62 30.87 -38.56 27.59
CA LEU F 62 31.08 -37.79 28.81
C LEU F 62 30.75 -36.32 28.61
N ASP F 63 31.12 -35.77 27.45
CA ASP F 63 30.88 -34.35 27.20
C ASP F 63 29.38 -34.03 27.21
N THR F 64 28.57 -34.87 26.56
CA THR F 64 27.13 -34.62 26.52
C THR F 64 26.51 -34.69 27.91
N ALA F 65 27.05 -35.53 28.79
CA ALA F 65 26.49 -35.68 30.12
C ALA F 65 26.79 -34.47 31.00
N THR F 66 28.04 -33.98 30.97
CA THR F 66 28.46 -32.93 31.89
C THR F 66 28.32 -31.52 31.32
N ALA F 67 28.05 -31.37 30.02
CA ALA F 67 27.93 -30.03 29.45
C ALA F 67 26.77 -29.24 30.04
N PRO F 68 25.54 -29.75 30.13
CA PRO F 68 24.45 -28.93 30.66
C PRO F 68 24.39 -28.82 32.17
N ARG F 69 25.31 -29.46 32.91
CA ARG F 69 25.24 -29.47 34.36
C ARG F 69 26.61 -29.21 34.97
N LEU F 70 27.41 -28.37 34.32
CA LEU F 70 28.72 -28.00 34.85
C LEU F 70 28.78 -26.56 35.33
N PHE F 71 28.26 -25.62 34.55
CA PHE F 71 28.30 -24.22 34.96
C PHE F 71 27.46 -23.97 36.19
N ASP F 72 26.53 -24.87 36.52
CA ASP F 72 25.78 -24.77 37.76
C ASP F 72 26.70 -24.88 38.98
N LYS F 73 27.69 -25.78 38.90
CA LYS F 73 28.62 -25.95 40.01
C LYS F 73 29.64 -24.82 40.10
N LEU F 74 29.89 -24.09 39.02
CA LEU F 74 30.88 -23.03 39.01
C LEU F 74 30.31 -21.76 39.62
N LYS F 75 31.03 -20.66 39.48
CA LYS F 75 30.59 -19.36 39.96
C LYS F 75 30.39 -18.41 38.78
N PRO G 1 6.76 -23.06 -29.52
CA PRO G 1 7.03 -22.70 -30.91
C PRO G 1 7.00 -23.90 -31.85
N GLN G 2 6.37 -24.98 -31.42
CA GLN G 2 6.01 -26.06 -32.33
C GLN G 2 4.73 -25.67 -33.05
N SER G 3 4.71 -25.88 -34.37
CA SER G 3 3.56 -25.51 -35.17
C SER G 3 2.38 -26.43 -34.87
N PHE G 4 1.17 -25.87 -34.92
CA PHE G 4 -0.03 -26.68 -34.73
C PHE G 4 -0.22 -27.70 -35.84
N THR G 5 0.34 -27.45 -37.02
CA THR G 5 0.34 -28.46 -38.07
C THR G 5 1.14 -29.69 -37.66
N SER G 6 2.25 -29.48 -36.95
CA SER G 6 3.05 -30.60 -36.45
C SER G 6 2.31 -31.35 -35.35
N ILE G 7 1.64 -30.62 -34.46
CA ILE G 7 0.91 -31.26 -33.37
C ILE G 7 -0.23 -32.10 -33.92
N ALA G 8 -0.98 -31.57 -34.88
CA ALA G 8 -2.10 -32.29 -35.44
C ALA G 8 -1.66 -33.53 -36.19
N ARG G 9 -0.53 -33.45 -36.90
CA ARG G 9 -0.04 -34.59 -37.64
C ARG G 9 0.33 -35.75 -36.72
N ILE G 10 1.00 -35.45 -35.60
CA ILE G 10 1.34 -36.50 -34.64
C ILE G 10 0.09 -36.99 -33.93
N GLY G 11 -0.80 -36.06 -33.54
CA GLY G 11 -1.97 -36.44 -32.78
C GLY G 11 -2.91 -37.34 -33.54
N ASP G 12 -3.11 -37.07 -34.84
CA ASP G 12 -4.02 -37.88 -35.64
C ASP G 12 -3.54 -39.32 -35.76
N TYR G 13 -2.23 -39.53 -35.95
CA TYR G 13 -1.72 -40.88 -36.07
C TYR G 13 -2.03 -41.73 -34.84
N ILE G 14 -2.07 -41.11 -33.67
CA ILE G 14 -2.43 -41.83 -32.45
C ILE G 14 -3.91 -42.19 -32.46
N LEU G 15 -4.77 -41.26 -32.91
CA LEU G 15 -6.21 -41.48 -32.85
C LEU G 15 -6.69 -42.49 -33.88
N LYS G 16 -6.04 -42.58 -35.03
CA LYS G 16 -6.45 -43.57 -36.03
C LYS G 16 -5.89 -44.96 -35.74
N SER G 17 -4.98 -45.10 -34.77
CA SER G 17 -4.45 -46.41 -34.41
C SER G 17 -5.28 -46.98 -33.27
N PRO G 18 -5.97 -48.11 -33.46
CA PRO G 18 -6.78 -48.67 -32.36
C PRO G 18 -5.95 -49.05 -31.14
N VAL G 19 -4.73 -49.54 -31.32
CA VAL G 19 -3.91 -49.93 -30.19
C VAL G 19 -3.45 -48.71 -29.40
N LEU G 20 -2.94 -47.69 -30.10
CA LEU G 20 -2.40 -46.52 -29.41
C LEU G 20 -3.50 -45.67 -28.79
N SER G 21 -4.69 -45.65 -29.40
CA SER G 21 -5.76 -44.81 -28.86
C SER G 21 -6.21 -45.30 -27.49
N LYS G 22 -6.23 -46.62 -27.27
CA LYS G 22 -6.71 -47.16 -26.00
C LYS G 22 -5.70 -46.99 -24.87
N LEU G 23 -4.43 -46.76 -25.19
CA LEU G 23 -3.41 -46.61 -24.16
C LEU G 23 -2.99 -45.16 -23.92
N CYS G 24 -3.17 -44.27 -24.91
CA CYS G 24 -2.73 -42.90 -24.79
C CYS G 24 -3.85 -41.93 -24.44
N VAL G 25 -5.03 -42.10 -25.04
CA VAL G 25 -6.15 -41.19 -24.75
C VAL G 25 -6.55 -41.21 -23.28
N PRO G 26 -6.64 -42.36 -22.60
CA PRO G 26 -6.96 -42.31 -21.17
C PRO G 26 -5.96 -41.51 -20.35
N VAL G 27 -4.68 -41.54 -20.73
CA VAL G 27 -3.67 -40.75 -20.01
C VAL G 27 -3.89 -39.26 -20.25
N ALA G 28 -4.25 -38.89 -21.48
CA ALA G 28 -4.44 -37.48 -21.81
C ALA G 28 -5.62 -36.88 -21.07
N ASN G 29 -6.70 -37.66 -20.89
CA ASN G 29 -7.85 -37.16 -20.15
C ASN G 29 -7.51 -36.87 -18.70
N GLN G 30 -6.73 -37.74 -18.07
CA GLN G 30 -6.29 -37.49 -16.70
C GLN G 30 -5.30 -36.33 -16.63
N PHE G 31 -4.50 -36.16 -17.68
CA PHE G 31 -3.58 -35.02 -17.73
C PHE G 31 -4.32 -33.70 -17.75
N ILE G 32 -5.43 -33.63 -18.50
CA ILE G 32 -6.18 -32.39 -18.62
C ILE G 32 -6.89 -32.06 -17.32
N ASN G 33 -7.47 -33.08 -16.66
CA ASN G 33 -8.18 -32.83 -15.41
C ASN G 33 -7.24 -32.32 -14.33
N LEU G 34 -6.02 -32.87 -14.27
CA LEU G 34 -5.05 -32.42 -13.28
C LEU G 34 -4.51 -31.03 -13.59
N ALA G 35 -4.55 -30.61 -14.86
CA ALA G 35 -4.09 -29.27 -15.21
C ALA G 35 -4.95 -28.21 -14.54
N GLY G 36 -6.27 -28.39 -14.53
CA GLY G 36 -7.14 -27.57 -13.73
C GLY G 36 -7.48 -26.21 -14.28
N TYR G 37 -7.35 -25.99 -15.59
CA TYR G 37 -7.78 -24.72 -16.16
C TYR G 37 -9.29 -24.60 -16.24
N LYS G 38 -10.01 -25.72 -16.27
CA LYS G 38 -11.47 -25.68 -16.30
C LYS G 38 -12.05 -25.13 -15.00
N LYS G 39 -11.34 -25.34 -13.89
CA LYS G 39 -11.79 -24.83 -12.59
C LYS G 39 -11.69 -23.32 -12.50
N LEU G 40 -11.03 -22.67 -13.45
CA LEU G 40 -11.02 -21.21 -13.55
C LEU G 40 -11.97 -20.70 -14.63
N GLY G 41 -12.77 -21.58 -15.23
CA GLY G 41 -13.68 -21.18 -16.28
C GLY G 41 -13.03 -20.83 -17.59
N LEU G 42 -12.07 -21.64 -18.03
CA LEU G 42 -11.35 -21.40 -19.27
C LEU G 42 -11.34 -22.66 -20.12
N LYS G 43 -11.33 -22.46 -21.43
CA LYS G 43 -11.02 -23.53 -22.37
C LYS G 43 -9.55 -23.50 -22.72
N PHE G 44 -9.05 -24.60 -23.26
CA PHE G 44 -7.63 -24.66 -23.60
C PHE G 44 -7.25 -23.64 -24.67
N ASP G 45 -8.14 -23.42 -25.63
CA ASP G 45 -7.84 -22.50 -26.72
C ASP G 45 -7.71 -21.06 -26.24
N ASP G 46 -8.11 -20.76 -25.00
CA ASP G 46 -7.87 -19.46 -24.42
C ASP G 46 -6.46 -19.31 -23.85
N LEU G 47 -5.72 -20.42 -23.69
CA LEU G 47 -4.41 -20.40 -23.08
C LEU G 47 -3.27 -20.22 -24.07
N ILE G 48 -3.55 -20.29 -25.37
CA ILE G 48 -2.51 -20.22 -26.38
C ILE G 48 -1.94 -18.80 -26.43
N ALA G 49 -0.61 -18.70 -26.41
CA ALA G 49 0.04 -17.39 -26.46
C ALA G 49 -0.24 -16.71 -27.79
N GLU G 50 -0.54 -15.41 -27.72
CA GLU G 50 -1.09 -14.70 -28.87
C GLU G 50 -0.17 -13.62 -29.42
N GLU G 51 1.04 -13.48 -28.92
CA GLU G 51 1.91 -12.38 -29.33
C GLU G 51 2.79 -12.77 -30.52
N ASN G 52 2.16 -13.27 -31.57
CA ASN G 52 2.82 -13.59 -32.83
C ASN G 52 1.86 -13.25 -33.96
N PRO G 53 2.37 -13.03 -35.17
CA PRO G 53 1.48 -12.70 -36.29
C PRO G 53 0.46 -13.78 -36.63
N ILE G 54 0.79 -15.06 -36.45
CA ILE G 54 -0.15 -16.13 -36.81
C ILE G 54 -1.39 -16.06 -35.93
N MET G 55 -1.21 -15.89 -34.62
CA MET G 55 -2.36 -15.86 -33.73
C MET G 55 -3.09 -14.52 -33.77
N GLN G 56 -2.44 -13.45 -34.24
CA GLN G 56 -3.14 -12.19 -34.41
C GLN G 56 -4.02 -12.21 -35.64
N THR G 57 -3.65 -12.98 -36.67
CA THR G 57 -4.51 -13.17 -37.82
C THR G 57 -5.74 -14.01 -37.47
N ALA G 58 -5.54 -15.10 -36.74
CA ALA G 58 -6.64 -15.98 -36.38
C ALA G 58 -7.66 -15.27 -35.50
N LEU G 59 -7.19 -14.47 -34.54
CA LEU G 59 -8.09 -13.74 -33.66
C LEU G 59 -8.85 -12.64 -34.39
N ARG G 60 -8.32 -12.15 -35.50
CA ARG G 60 -9.01 -11.14 -36.29
C ARG G 60 -10.20 -11.73 -37.04
N ARG G 61 -10.08 -12.96 -37.51
CA ARG G 61 -11.11 -13.61 -38.32
C ARG G 61 -12.14 -14.35 -37.49
N LEU G 62 -12.03 -14.33 -36.18
CA LEU G 62 -13.01 -14.99 -35.32
C LEU G 62 -14.31 -14.19 -35.31
N PRO G 63 -15.46 -14.86 -35.39
CA PRO G 63 -16.74 -14.14 -35.38
C PRO G 63 -16.97 -13.39 -34.07
N GLU G 64 -17.83 -12.37 -34.15
CA GLU G 64 -18.01 -11.43 -33.05
C GLU G 64 -18.55 -12.11 -31.80
N ASP G 65 -19.54 -13.00 -31.96
CA ASP G 65 -20.14 -13.65 -30.81
C ASP G 65 -19.12 -14.50 -30.06
N GLU G 66 -18.27 -15.22 -30.80
CA GLU G 66 -17.20 -15.98 -30.15
C GLU G 66 -16.18 -15.06 -29.52
N SER G 67 -15.87 -13.94 -30.16
CA SER G 67 -14.86 -13.01 -29.64
C SER G 67 -15.34 -12.35 -28.35
N TYR G 68 -16.62 -11.98 -28.28
CA TYR G 68 -17.15 -11.38 -27.06
C TYR G 68 -17.14 -12.37 -25.91
N ALA G 69 -17.49 -13.63 -26.17
CA ALA G 69 -17.51 -14.64 -25.12
C ALA G 69 -16.11 -14.90 -24.59
N ARG G 70 -15.13 -14.97 -25.48
CA ARG G 70 -13.75 -15.24 -25.06
C ARG G 70 -13.24 -14.13 -24.15
N ALA G 71 -13.58 -12.88 -24.45
CA ALA G 71 -13.14 -11.77 -23.61
C ALA G 71 -13.74 -11.84 -22.21
N TYR G 72 -14.93 -12.41 -22.07
CA TYR G 72 -15.52 -12.53 -20.74
C TYR G 72 -14.86 -13.63 -19.94
N ARG G 73 -14.53 -14.76 -20.57
CA ARG G 73 -13.89 -15.84 -19.85
C ARG G 73 -12.50 -15.43 -19.35
N ILE G 74 -11.79 -14.63 -20.14
CA ILE G 74 -10.46 -14.19 -19.75
C ILE G 74 -10.52 -13.21 -18.59
N ILE G 75 -11.45 -12.25 -18.64
CA ILE G 75 -11.58 -11.29 -17.55
C ILE G 75 -11.98 -11.98 -16.26
N ARG G 76 -12.92 -12.94 -16.35
CA ARG G 76 -13.37 -13.65 -15.17
C ARG G 76 -12.24 -14.46 -14.54
N ALA G 77 -11.35 -15.01 -15.34
CA ALA G 77 -10.24 -15.81 -14.79
C ALA G 77 -9.23 -14.93 -14.06
N HIS G 78 -9.00 -13.71 -14.55
CA HIS G 78 -8.07 -12.81 -13.89
C HIS G 78 -8.59 -12.40 -12.51
N GLN G 79 -9.89 -12.13 -12.39
CA GLN G 79 -10.46 -11.73 -11.11
C GLN G 79 -10.54 -12.89 -10.13
N THR G 80 -10.83 -14.10 -10.63
CA THR G 80 -10.86 -15.27 -9.75
C THR G 80 -9.48 -15.57 -9.18
N GLU G 81 -8.44 -15.50 -10.01
CA GLU G 81 -7.09 -15.74 -9.53
C GLU G 81 -6.63 -14.65 -8.57
N LEU G 82 -7.08 -13.41 -8.80
CA LEU G 82 -6.75 -12.29 -7.92
C LEU G 82 -7.10 -12.59 -6.47
N THR G 83 -8.17 -13.33 -6.23
CA THR G 83 -8.68 -13.60 -4.89
C THR G 83 -8.14 -14.91 -4.30
N HIS G 84 -7.31 -15.64 -5.04
CA HIS G 84 -6.75 -16.91 -4.57
C HIS G 84 -7.85 -17.93 -4.25
N HIS G 85 -8.87 -17.97 -5.09
CA HIS G 85 -9.95 -18.94 -4.94
C HIS G 85 -10.18 -19.68 -6.24
N LEU G 86 -11.18 -20.53 -6.29
CA LEU G 86 -11.65 -21.16 -7.52
C LEU G 86 -13.08 -20.70 -7.78
N LEU G 87 -13.60 -21.06 -8.94
CA LEU G 87 -15.00 -20.80 -9.23
C LEU G 87 -15.87 -21.84 -8.54
N PRO G 88 -17.13 -21.50 -8.26
CA PRO G 88 -18.06 -22.50 -7.75
C PRO G 88 -18.20 -23.66 -8.72
N ARG G 89 -18.37 -24.87 -8.16
CA ARG G 89 -18.26 -26.09 -8.96
C ARG G 89 -19.24 -26.12 -10.12
N ASN G 90 -20.41 -25.49 -9.97
CA ASN G 90 -21.38 -25.49 -11.05
C ASN G 90 -21.02 -24.54 -12.18
N GLU G 91 -20.05 -23.65 -11.97
CA GLU G 91 -19.59 -22.74 -13.02
C GLU G 91 -18.38 -23.26 -13.78
N TRP G 92 -17.86 -24.43 -13.43
CA TRP G 92 -16.70 -24.97 -14.10
C TRP G 92 -17.05 -25.36 -15.55
N ILE G 93 -16.05 -25.29 -16.42
CA ILE G 93 -16.23 -25.70 -17.80
C ILE G 93 -16.32 -27.21 -17.88
N LYS G 94 -17.32 -27.71 -18.59
CA LYS G 94 -17.48 -29.14 -18.79
C LYS G 94 -16.58 -29.64 -19.90
N ALA G 95 -16.39 -30.96 -19.94
CA ALA G 95 -15.56 -31.57 -20.98
C ALA G 95 -16.18 -31.40 -22.36
N GLN G 96 -17.51 -31.50 -22.47
CA GLN G 96 -18.17 -31.35 -23.75
C GLN G 96 -18.15 -29.91 -24.25
N GLU G 97 -17.89 -28.94 -23.37
CA GLU G 97 -17.76 -27.54 -23.78
C GLU G 97 -16.35 -27.14 -24.15
N ASP G 98 -15.34 -27.93 -23.76
CA ASP G 98 -13.94 -27.65 -24.08
C ASP G 98 -13.68 -28.16 -25.49
N VAL G 99 -14.06 -27.34 -26.47
CA VAL G 99 -13.90 -27.72 -27.87
C VAL G 99 -12.85 -26.79 -28.51
N PRO G 100 -12.09 -27.27 -29.48
CA PRO G 100 -11.12 -26.41 -30.20
C PRO G 100 -11.80 -25.48 -31.20
N TYR G 101 -12.29 -24.34 -30.70
CA TYR G 101 -13.00 -23.39 -31.53
C TYR G 101 -12.07 -22.58 -32.42
N LEU G 102 -10.87 -22.26 -31.93
CA LEU G 102 -9.92 -21.43 -32.66
C LEU G 102 -8.98 -22.23 -33.55
N LEU G 103 -8.93 -23.56 -33.39
CA LEU G 103 -7.97 -24.38 -34.13
C LEU G 103 -8.13 -24.28 -35.64
N PRO G 104 -9.33 -24.37 -36.23
CA PRO G 104 -9.42 -24.25 -37.69
C PRO G 104 -8.91 -22.94 -38.24
N TYR G 105 -9.07 -21.83 -37.52
CA TYR G 105 -8.53 -20.56 -37.97
C TYR G 105 -7.01 -20.53 -37.90
N ILE G 106 -6.43 -21.20 -36.92
CA ILE G 106 -4.98 -21.25 -36.79
C ILE G 106 -4.36 -22.07 -37.90
N LEU G 107 -4.97 -23.21 -38.23
CA LEU G 107 -4.41 -24.08 -39.27
C LEU G 107 -4.49 -23.42 -40.64
N GLU G 108 -5.58 -22.70 -40.92
CA GLU G 108 -5.72 -22.01 -42.19
C GLU G 108 -4.69 -20.91 -42.35
N ALA G 109 -4.41 -20.16 -41.28
CA ALA G 109 -3.39 -19.13 -41.34
C ALA G 109 -1.99 -19.72 -41.44
N GLU G 110 -1.78 -20.90 -40.86
CA GLU G 110 -0.45 -21.53 -40.92
C GLU G 110 -0.16 -22.09 -42.30
N ALA G 111 -1.19 -22.60 -42.99
CA ALA G 111 -0.98 -23.14 -44.33
C ALA G 111 -0.68 -22.04 -45.34
N ALA G 112 -1.26 -20.86 -45.15
CA ALA G 112 -0.97 -19.76 -46.06
C ALA G 112 0.46 -19.26 -45.91
N ALA G 113 0.95 -19.16 -44.67
CA ALA G 113 2.29 -18.67 -44.44
C ALA G 113 3.36 -19.65 -44.91
N LYS G 114 3.07 -20.95 -44.88
CA LYS G 114 4.03 -21.93 -45.37
C LYS G 114 4.14 -21.89 -46.89
N GLU G 115 3.01 -21.72 -47.58
CA GLU G 115 3.04 -21.64 -49.03
C GLU G 115 3.71 -20.36 -49.51
N LYS G 116 3.66 -19.29 -48.73
CA LYS G 116 4.37 -18.08 -49.10
C LYS G 116 5.88 -18.26 -48.99
N ASP G 117 6.33 -19.04 -48.00
CA ASP G 117 7.76 -19.29 -47.84
C ASP G 117 8.29 -20.24 -48.90
N GLU G 118 7.46 -21.15 -49.40
CA GLU G 118 7.89 -22.08 -50.44
C GLU G 118 7.89 -21.44 -51.82
N LEU G 119 7.18 -20.33 -52.01
CA LEU G 119 7.17 -19.63 -53.29
C LEU G 119 8.24 -18.55 -53.36
N ASP G 120 8.65 -18.02 -52.21
CA ASP G 120 9.77 -17.07 -52.17
C ASP G 120 11.10 -17.75 -52.42
N ASN G 121 11.19 -19.05 -52.15
CA ASN G 121 12.39 -19.84 -52.38
C ASN G 121 12.19 -20.81 -53.54
N ILE G 122 11.47 -20.37 -54.56
CA ILE G 122 11.16 -21.22 -55.70
C ILE G 122 12.35 -21.25 -56.66
N GLU G 123 12.50 -22.38 -57.35
CA GLU G 123 13.55 -22.55 -58.35
C GLU G 123 12.92 -23.20 -59.56
N VAL G 124 13.05 -22.55 -60.72
CA VAL G 124 12.38 -22.99 -61.94
C VAL G 124 13.31 -23.92 -62.70
N SER G 125 12.83 -25.13 -63.00
CA SER G 125 13.59 -26.13 -63.71
C SER G 125 13.60 -25.81 -65.20
N LYS G 126 14.22 -26.69 -65.99
CA LYS G 126 14.32 -26.59 -67.45
C LYS G 126 14.66 -25.18 -67.97
N GLY H 1 10.29 13.86 -31.70
CA GLY H 1 10.81 12.50 -31.76
C GLY H 1 10.11 11.66 -32.79
N PRO H 2 10.81 10.64 -33.30
CA PRO H 2 10.20 9.74 -34.28
C PRO H 2 9.46 8.61 -33.59
N PRO H 3 8.44 8.05 -34.24
CA PRO H 3 7.74 6.90 -33.66
C PRO H 3 8.58 5.63 -33.72
N SER H 4 8.29 4.71 -32.81
CA SER H 4 9.02 3.47 -32.68
C SER H 4 8.24 2.32 -33.29
N GLY H 5 8.76 1.11 -33.11
CA GLY H 5 8.13 -0.07 -33.67
C GLY H 5 6.83 -0.42 -32.98
N LYS H 6 6.11 -1.36 -33.59
CA LYS H 6 4.83 -1.81 -33.05
C LYS H 6 5.05 -2.76 -31.89
N THR H 7 4.33 -2.53 -30.79
CA THR H 7 4.44 -3.29 -29.56
C THR H 7 3.15 -4.07 -29.31
N TYR H 8 3.10 -4.75 -28.17
CA TYR H 8 1.95 -5.55 -27.78
C TYR H 8 1.22 -4.98 -26.57
N MET H 9 1.57 -3.77 -26.14
CA MET H 9 0.83 -3.05 -25.12
C MET H 9 0.69 -1.60 -25.54
N GLY H 10 -0.45 -0.99 -25.22
CA GLY H 10 -0.67 0.40 -25.50
C GLY H 10 -0.68 1.24 -24.24
N TRP H 11 -1.63 2.15 -24.11
CA TRP H 11 -1.80 2.95 -22.91
C TRP H 11 -3.29 3.07 -22.61
N TRP H 12 -3.62 3.89 -21.61
CA TRP H 12 -5.01 4.07 -21.21
C TRP H 12 -5.81 4.69 -22.34
N GLY H 13 -6.81 3.96 -22.83
CA GLY H 13 -7.65 4.39 -23.92
C GLY H 13 -7.39 3.65 -25.22
N HIS H 14 -6.18 3.13 -25.41
CA HIS H 14 -5.82 2.36 -26.59
C HIS H 14 -4.93 1.19 -26.21
N MET H 15 -5.32 0.45 -25.16
CA MET H 15 -4.46 -0.62 -24.64
C MET H 15 -4.23 -1.74 -25.64
N GLY H 16 -5.13 -1.94 -26.60
CA GLY H 16 -4.87 -2.88 -27.67
C GLY H 16 -5.39 -4.28 -27.46
N GLY H 17 -6.43 -4.46 -26.65
CA GLY H 17 -7.07 -5.74 -26.52
C GLY H 17 -8.22 -5.91 -27.49
N PRO H 18 -8.97 -6.98 -27.36
CA PRO H 18 -10.18 -7.16 -28.19
C PRO H 18 -11.25 -6.15 -27.82
N LYS H 19 -12.20 -5.98 -28.74
CA LYS H 19 -13.35 -5.11 -28.48
C LYS H 19 -14.30 -5.78 -27.50
N GLN H 20 -14.76 -5.02 -26.51
CA GLN H 20 -15.57 -5.55 -25.42
C GLN H 20 -16.99 -5.05 -25.53
N LYS H 21 -17.96 -5.94 -25.30
CA LYS H 21 -19.36 -5.58 -25.35
C LYS H 21 -20.15 -6.60 -24.55
N GLY H 22 -21.05 -6.09 -23.70
CA GLY H 22 -21.93 -6.95 -22.92
C GLY H 22 -21.44 -7.31 -21.54
N ILE H 23 -20.39 -6.68 -21.04
CA ILE H 23 -19.82 -6.98 -19.74
C ILE H 23 -20.04 -5.78 -18.84
N THR H 24 -20.69 -6.01 -17.69
CA THR H 24 -20.92 -4.98 -16.70
C THR H 24 -20.17 -5.33 -15.43
N SER H 25 -19.65 -4.32 -14.74
CA SER H 25 -18.89 -4.51 -13.51
C SER H 25 -19.44 -3.60 -12.43
N TYR H 26 -19.41 -4.10 -11.19
CA TYR H 26 -19.86 -3.36 -10.02
C TYR H 26 -18.79 -3.40 -8.94
N ALA H 27 -18.73 -2.34 -8.15
CA ALA H 27 -17.76 -2.26 -7.06
C ALA H 27 -18.29 -1.29 -6.01
N VAL H 28 -17.86 -1.51 -4.77
CA VAL H 28 -18.26 -0.70 -3.63
C VAL H 28 -17.03 -0.01 -3.04
N SER H 29 -17.24 1.17 -2.47
CA SER H 29 -16.14 1.94 -1.91
C SER H 29 -15.53 1.21 -0.73
N PRO H 30 -14.20 1.22 -0.60
CA PRO H 30 -13.57 0.59 0.57
C PRO H 30 -13.90 1.26 1.90
N TYR H 31 -14.30 2.53 1.89
CA TYR H 31 -14.66 3.19 3.15
C TYR H 31 -15.93 2.64 3.76
N ALA H 32 -16.74 1.94 2.97
CA ALA H 32 -17.98 1.34 3.44
C ALA H 32 -17.88 -0.18 3.56
N GLN H 33 -16.68 -0.74 3.45
CA GLN H 33 -16.45 -2.16 3.52
C GLN H 33 -15.76 -2.51 4.83
N LYS H 34 -15.56 -3.81 5.04
CA LYS H 34 -14.85 -4.31 6.22
C LYS H 34 -13.58 -5.01 5.77
N PRO H 35 -12.42 -4.37 5.87
CA PRO H 35 -11.16 -5.08 5.65
C PRO H 35 -10.97 -6.12 6.74
N LEU H 36 -10.06 -7.06 6.49
CA LEU H 36 -9.79 -8.21 7.35
C LEU H 36 -10.98 -9.17 7.43
N GLN H 37 -12.04 -8.94 6.68
CA GLN H 37 -13.21 -9.80 6.75
C GLN H 37 -12.85 -11.21 6.28
N GLY H 38 -13.12 -12.20 7.12
CA GLY H 38 -12.93 -13.59 6.74
C GLY H 38 -11.51 -14.11 6.84
N ILE H 39 -10.61 -13.40 7.51
CA ILE H 39 -9.22 -13.84 7.58
C ILE H 39 -9.09 -15.14 8.35
N PHE H 40 -9.81 -15.26 9.47
CA PHE H 40 -9.71 -16.48 10.28
C PHE H 40 -10.21 -17.70 9.51
N HIS H 41 -11.32 -17.56 8.78
CA HIS H 41 -11.82 -18.66 7.97
C HIS H 41 -10.84 -19.01 6.85
N ASN H 42 -10.26 -17.99 6.21
CA ASN H 42 -9.34 -18.25 5.11
C ASN H 42 -8.01 -18.80 5.61
N ALA H 43 -7.61 -18.45 6.82
CA ALA H 43 -6.30 -18.86 7.33
C ALA H 43 -6.18 -20.35 7.55
N VAL H 44 -7.28 -21.10 7.53
CA VAL H 44 -7.28 -22.52 7.82
C VAL H 44 -7.86 -23.34 6.67
N PHE H 45 -8.98 -22.91 6.11
CA PHE H 45 -9.65 -23.69 5.09
C PHE H 45 -9.09 -23.41 3.70
N ASN H 46 -8.82 -22.15 3.38
CA ASN H 46 -8.21 -21.82 2.09
C ASN H 46 -6.77 -22.30 2.03
N SER H 47 -6.05 -22.18 3.15
CA SER H 47 -4.67 -22.64 3.19
C SER H 47 -4.56 -24.14 3.03
N PHE H 48 -5.52 -24.90 3.57
CA PHE H 48 -5.49 -26.34 3.39
C PHE H 48 -5.80 -26.73 1.95
N ARG H 49 -6.69 -25.98 1.29
CA ARG H 49 -7.00 -26.25 -0.11
C ARG H 49 -5.77 -26.02 -1.00
N ARG H 50 -5.07 -24.92 -0.79
CA ARG H 50 -3.91 -24.60 -1.61
C ARG H 50 -2.76 -25.56 -1.33
N PHE H 51 -2.54 -25.92 -0.07
CA PHE H 51 -1.43 -26.81 0.28
C PHE H 51 -1.62 -28.20 -0.31
N LYS H 52 -2.85 -28.71 -0.28
CA LYS H 52 -3.11 -30.08 -0.71
C LYS H 52 -2.86 -30.27 -2.21
N SER H 53 -3.11 -29.25 -3.01
CA SER H 53 -2.99 -29.39 -4.46
C SER H 53 -1.56 -29.23 -4.97
N GLN H 54 -0.63 -28.75 -4.15
CA GLN H 54 0.72 -28.48 -4.63
C GLN H 54 1.82 -29.21 -3.87
N PHE H 55 1.55 -29.76 -2.69
CA PHE H 55 2.63 -30.29 -1.86
C PHE H 55 3.31 -31.52 -2.46
N LEU H 56 2.64 -32.24 -3.36
CA LEU H 56 3.26 -33.41 -3.96
C LEU H 56 4.29 -33.04 -5.03
N TYR H 57 4.11 -31.90 -5.70
CA TYR H 57 5.07 -31.46 -6.69
C TYR H 57 6.37 -30.98 -6.05
N VAL H 58 6.34 -30.61 -4.78
CA VAL H 58 7.50 -30.05 -4.09
C VAL H 58 8.18 -31.08 -3.21
N LEU H 59 7.40 -31.91 -2.50
CA LEU H 59 7.95 -32.83 -1.51
C LEU H 59 8.61 -34.06 -2.12
N ILE H 60 8.07 -34.60 -3.19
CA ILE H 60 8.65 -35.79 -3.82
C ILE H 60 10.04 -35.49 -4.38
N PRO H 61 10.25 -34.40 -5.13
CA PRO H 61 11.64 -34.05 -5.49
C PRO H 61 12.52 -33.76 -4.29
N ALA H 62 11.98 -33.11 -3.25
CA ALA H 62 12.78 -32.79 -2.07
C ALA H 62 13.20 -34.04 -1.33
N GLY H 63 12.30 -35.03 -1.21
CA GLY H 63 12.63 -36.24 -0.49
C GLY H 63 13.58 -37.15 -1.25
N ILE H 64 13.58 -37.06 -2.59
CA ILE H 64 14.50 -37.87 -3.38
C ILE H 64 15.93 -37.40 -3.20
N TYR H 65 16.14 -36.08 -3.23
CA TYR H 65 17.48 -35.52 -3.11
C TYR H 65 18.01 -35.57 -1.69
N TRP H 66 17.12 -35.57 -0.69
CA TRP H 66 17.55 -35.67 0.69
C TRP H 66 17.97 -37.09 1.07
N TYR H 67 17.31 -38.10 0.52
CA TYR H 67 17.74 -39.48 0.74
C TYR H 67 19.08 -39.75 0.08
N TRP H 68 19.31 -39.19 -1.09
CA TRP H 68 20.59 -39.36 -1.77
C TRP H 68 21.72 -38.72 -0.96
N TRP H 69 21.47 -37.55 -0.37
CA TRP H 69 22.49 -36.86 0.39
C TRP H 69 22.86 -37.60 1.66
N LYS H 70 21.87 -38.10 2.39
CA LYS H 70 22.16 -38.83 3.63
C LYS H 70 22.86 -40.15 3.36
N ASN H 71 22.45 -40.86 2.31
CA ASN H 71 23.10 -42.13 1.99
C ASN H 71 24.55 -41.94 1.60
N GLY H 72 24.85 -40.91 0.80
CA GLY H 72 26.22 -40.62 0.43
C GLY H 72 27.05 -40.06 1.54
N ASN H 73 26.42 -39.43 2.53
CA ASN H 73 27.13 -38.93 3.69
C ASN H 73 27.47 -40.06 4.67
N GLU H 74 26.58 -41.04 4.82
CA GLU H 74 26.85 -42.15 5.72
C GLU H 74 27.94 -43.06 5.20
N TYR H 75 28.03 -43.21 3.88
CA TYR H 75 29.08 -44.03 3.28
C TYR H 75 30.46 -43.42 3.53
N ASN H 76 30.56 -42.09 3.47
CA ASN H 76 31.83 -41.42 3.70
C ASN H 76 32.32 -41.64 5.13
N GLU H 77 31.39 -41.66 6.09
CA GLU H 77 31.76 -41.92 7.48
C GLU H 77 32.27 -43.34 7.68
N PHE H 78 31.81 -44.28 6.87
CA PHE H 78 32.24 -45.67 6.99
C PHE H 78 33.64 -45.88 6.44
N LEU H 79 34.01 -45.18 5.37
CA LEU H 79 35.31 -45.40 4.75
C LEU H 79 36.44 -44.83 5.59
N TYR H 80 36.18 -43.76 6.35
CA TYR H 80 37.21 -43.08 7.11
C TYR H 80 37.16 -43.44 8.59
N SER H 81 36.68 -44.64 8.90
CA SER H 81 36.75 -45.23 10.23
C SER H 81 37.60 -46.49 10.18
N LYS H 82 37.83 -47.09 11.34
CA LYS H 82 38.64 -48.30 11.39
C LYS H 82 37.94 -49.48 10.73
N ALA H 83 36.60 -49.48 10.74
CA ALA H 83 35.86 -50.62 10.21
C ALA H 83 35.99 -50.73 8.70
N GLY H 84 36.09 -49.61 7.99
CA GLY H 84 36.13 -49.65 6.55
C GLY H 84 37.41 -49.13 5.93
N ARG H 85 38.54 -49.41 6.57
CA ARG H 85 39.83 -48.99 6.02
C ARG H 85 40.27 -49.86 4.86
N GLU H 86 39.86 -51.13 4.84
CA GLU H 86 40.21 -52.00 3.72
C GLU H 86 39.54 -51.57 2.43
N GLU H 87 38.26 -51.18 2.50
CA GLU H 87 37.54 -50.74 1.32
C GLU H 87 38.08 -49.41 0.80
N LEU H 88 38.54 -48.54 1.69
CA LEU H 88 39.09 -47.26 1.29
C LEU H 88 40.30 -47.41 0.38
N GLU H 89 41.05 -48.50 0.51
CA GLU H 89 42.20 -48.72 -0.35
C GLU H 89 41.79 -49.03 -1.79
N ARG H 90 40.85 -49.96 -1.97
CA ARG H 90 40.48 -50.39 -3.30
C ARG H 90 39.72 -49.29 -4.05
N VAL H 91 38.74 -48.68 -3.39
CA VAL H 91 37.89 -47.68 -4.05
C VAL H 91 38.70 -46.46 -4.45
N ASN H 92 39.62 -46.02 -3.58
CA ASN H 92 40.41 -44.83 -3.87
C ASN H 92 41.43 -45.12 -4.98
N VAL H 93 42.31 -46.07 -4.74
CA VAL H 93 43.34 -46.41 -5.72
C VAL H 93 43.08 -47.78 -6.35
N SER I 1 -17.39 14.34 20.07
CA SER I 1 -18.12 13.77 18.94
C SER I 1 -17.17 13.34 17.83
N PHE I 2 -17.55 12.33 17.07
CA PHE I 2 -16.74 11.90 15.94
C PHE I 2 -16.68 12.95 14.84
N SER I 3 -17.69 13.83 14.75
CA SER I 3 -17.66 14.89 13.77
C SER I 3 -16.66 15.98 14.16
N SER I 4 -16.67 16.39 15.43
CA SER I 4 -15.71 17.38 15.89
C SER I 4 -14.30 16.81 15.99
N LEU I 5 -14.17 15.49 16.10
CA LEU I 5 -12.85 14.88 16.05
C LEU I 5 -12.28 14.92 14.64
N TYR I 6 -13.13 14.77 13.62
CA TYR I 6 -12.66 14.86 12.25
C TYR I 6 -12.31 16.29 11.86
N LYS I 7 -13.13 17.25 12.27
CA LYS I 7 -12.91 18.64 11.89
C LYS I 7 -11.64 19.22 12.50
N THR I 8 -11.13 18.63 13.57
CA THR I 8 -9.98 19.17 14.29
C THR I 8 -8.67 18.53 13.88
N PHE I 9 -8.66 17.23 13.60
CA PHE I 9 -7.42 16.50 13.36
C PHE I 9 -7.23 16.00 11.94
N PHE I 10 -8.31 15.72 11.21
CA PHE I 10 -8.18 15.06 9.91
C PHE I 10 -8.65 15.89 8.73
N LYS I 11 -9.23 17.07 8.94
CA LYS I 11 -9.71 17.85 7.81
C LYS I 11 -8.55 18.49 7.05
N ARG I 12 -7.74 19.28 7.74
CA ARG I 12 -6.59 19.92 7.13
C ARG I 12 -5.36 19.03 7.25
N ASN I 13 -4.61 18.90 6.15
CA ASN I 13 -3.41 18.08 6.18
C ASN I 13 -2.27 18.75 6.93
N ALA I 14 -2.31 20.08 7.08
CA ALA I 14 -1.31 20.75 7.89
C ALA I 14 -1.41 20.39 9.36
N VAL I 15 -2.60 20.02 9.83
CA VAL I 15 -2.75 19.56 11.21
C VAL I 15 -2.52 18.05 11.32
N PHE I 16 -2.87 17.28 10.29
CA PHE I 16 -2.63 15.85 10.33
C PHE I 16 -1.14 15.53 10.33
N VAL I 17 -0.36 16.22 9.49
CA VAL I 17 1.08 15.99 9.44
C VAL I 17 1.75 16.54 10.69
N GLY I 18 1.33 17.71 11.17
CA GLY I 18 1.92 18.27 12.37
C GLY I 18 1.68 17.42 13.59
N THR I 19 0.51 16.81 13.70
CA THR I 19 0.23 15.93 14.82
C THR I 19 1.08 14.67 14.77
N ILE I 20 1.33 14.14 13.57
CA ILE I 20 2.15 12.95 13.43
C ILE I 20 3.58 13.22 13.90
N PHE I 21 4.12 14.38 13.54
CA PHE I 21 5.46 14.74 13.98
C PHE I 21 5.52 14.94 15.48
N ALA I 22 4.52 15.62 16.06
CA ALA I 22 4.51 15.83 17.51
C ALA I 22 4.39 14.53 18.26
N GLY I 23 3.68 13.54 17.70
CA GLY I 23 3.64 12.23 18.30
C GLY I 23 4.89 11.41 18.09
N ALA I 24 5.69 11.73 17.07
CA ALA I 24 6.97 11.07 16.87
C ALA I 24 8.04 11.58 17.82
N PHE I 25 7.98 12.85 18.22
CA PHE I 25 8.91 13.37 19.21
C PHE I 25 8.71 12.72 20.56
N VAL I 26 7.46 12.55 20.98
CA VAL I 26 7.17 11.95 22.28
C VAL I 26 7.50 10.46 22.29
N PHE I 27 7.14 9.75 21.21
CA PHE I 27 7.41 8.32 21.16
C PHE I 27 8.91 8.04 21.21
N GLN I 28 9.71 8.88 20.55
CA GLN I 28 11.16 8.69 20.53
C GLN I 28 11.74 8.72 21.94
N THR I 29 11.32 9.69 22.75
CA THR I 29 11.90 9.87 24.08
C THR I 29 11.49 8.74 25.02
N VAL I 30 10.20 8.42 25.06
CA VAL I 30 9.68 7.45 26.02
C VAL I 30 10.14 6.03 25.65
N PHE I 31 10.16 5.71 24.36
CA PHE I 31 10.51 4.36 23.95
C PHE I 31 11.95 4.00 24.30
N ASP I 32 12.84 4.99 24.34
CA ASP I 32 14.23 4.71 24.69
C ASP I 32 14.36 4.32 26.15
N THR I 33 13.75 5.10 27.05
CA THR I 33 13.88 4.83 28.48
C THR I 33 13.25 3.49 28.86
N ALA I 34 12.10 3.17 28.27
CA ALA I 34 11.42 1.92 28.61
C ALA I 34 12.25 0.71 28.21
N ILE I 35 12.88 0.74 27.04
CA ILE I 35 13.66 -0.40 26.58
C ILE I 35 14.93 -0.54 27.42
N THR I 36 15.59 0.58 27.72
CA THR I 36 16.80 0.52 28.55
C THR I 36 16.48 0.03 29.95
N SER I 37 15.40 0.52 30.55
CA SER I 37 15.04 0.12 31.90
C SER I 37 14.74 -1.37 31.99
N TRP I 38 13.99 -1.90 31.02
CA TRP I 38 13.71 -3.33 31.03
C TRP I 38 14.97 -4.15 30.76
N TYR I 39 15.81 -3.69 29.84
CA TYR I 39 17.03 -4.41 29.50
C TYR I 39 17.99 -4.48 30.68
N GLU I 40 18.10 -3.39 31.44
CA GLU I 40 19.02 -3.35 32.56
C GLU I 40 18.52 -4.10 33.78
N ASN I 41 17.23 -4.41 33.84
CA ASN I 41 16.70 -5.19 34.96
C ASN I 41 16.67 -6.68 34.67
N HIS I 42 16.57 -7.08 33.40
CA HIS I 42 16.69 -8.49 33.05
C HIS I 42 18.09 -9.02 33.31
N ASN I 43 19.08 -8.13 33.37
CA ASN I 43 20.47 -8.48 33.55
C ASN I 43 21.02 -7.91 34.85
N LYS I 44 20.24 -8.02 35.92
CA LYS I 44 20.71 -7.59 37.23
C LYS I 44 21.86 -8.48 37.72
N GLY I 45 22.72 -7.89 38.53
CA GLY I 45 23.84 -8.63 39.09
C GLY I 45 24.97 -8.91 38.14
N LYS I 46 24.93 -8.37 36.93
CA LYS I 46 25.97 -8.63 35.94
C LYS I 46 26.59 -7.37 35.33
N LEU I 47 25.96 -6.21 35.47
CA LEU I 47 26.47 -4.99 34.87
C LEU I 47 27.64 -4.44 35.70
N TRP I 48 28.37 -3.51 35.09
CA TRP I 48 29.55 -2.94 35.75
C TRP I 48 29.15 -2.16 37.00
N LYS I 49 28.02 -1.48 36.97
CA LYS I 49 27.58 -0.72 38.14
C LYS I 49 27.30 -1.63 39.33
N ASP I 50 26.72 -2.81 39.08
CA ASP I 50 26.53 -3.76 40.17
C ASP I 50 27.86 -4.29 40.68
N VAL I 51 28.78 -4.61 39.78
CA VAL I 51 30.08 -5.12 40.16
C VAL I 51 30.89 -4.06 40.89
N LYS I 52 30.77 -2.81 40.45
CA LYS I 52 31.46 -1.70 41.11
C LYS I 52 31.02 -1.57 42.57
N ALA I 53 29.77 -1.93 42.87
CA ALA I 53 29.27 -1.85 44.25
C ALA I 53 29.79 -2.98 45.12
N ARG I 54 30.07 -4.15 44.53
CA ARG I 54 30.55 -5.28 45.31
C ARG I 54 32.01 -5.18 45.71
N ILE I 55 32.78 -4.31 45.06
CA ILE I 55 34.15 -4.03 45.46
C ILE I 55 34.26 -2.74 46.26
N ALA I 56 33.13 -2.17 46.68
CA ALA I 56 33.13 -0.99 47.50
C ALA I 56 32.35 -1.17 48.79
N ALA I 57 31.85 -2.37 49.07
CA ALA I 57 31.10 -2.63 50.28
C ALA I 57 31.27 -4.08 50.72
N ALA J 1 -34.75 53.22 -10.73
CA ALA J 1 -35.77 52.33 -11.27
C ALA J 1 -35.19 51.38 -12.31
N TYR J 2 -34.39 51.92 -13.23
CA TYR J 2 -33.81 51.16 -14.32
C TYR J 2 -32.29 51.21 -14.23
N THR J 3 -31.66 50.16 -14.76
CA THR J 3 -30.21 50.02 -14.76
C THR J 3 -29.72 49.90 -16.21
N SER J 4 -28.73 50.71 -16.57
CA SER J 4 -28.16 50.70 -17.91
C SER J 4 -26.67 50.43 -17.94
N HIS J 5 -26.01 50.31 -16.77
CA HIS J 5 -24.58 50.06 -16.70
C HIS J 5 -24.31 49.01 -15.63
N LEU J 6 -23.04 48.64 -15.51
CA LEU J 6 -22.56 47.77 -14.43
C LEU J 6 -21.30 48.39 -13.85
N SER J 7 -21.38 48.86 -12.61
CA SER J 7 -20.22 49.44 -11.95
C SER J 7 -19.29 48.35 -11.46
N SER J 8 -17.99 48.53 -11.67
CA SER J 8 -17.03 47.51 -11.32
C SER J 8 -15.65 48.15 -11.13
N LYS J 9 -14.71 47.33 -10.67
CA LYS J 9 -13.32 47.73 -10.50
C LYS J 9 -12.46 46.48 -10.50
N THR J 10 -11.17 46.66 -10.70
CA THR J 10 -10.23 45.55 -10.76
C THR J 10 -9.50 45.41 -9.43
N GLY J 11 -9.41 44.17 -8.95
CA GLY J 11 -8.70 43.89 -7.72
C GLY J 11 -7.21 43.73 -7.94
N LEU J 12 -6.45 43.95 -6.87
CA LEU J 12 -4.99 43.88 -6.95
C LEU J 12 -4.53 42.46 -7.21
N HIS J 13 -3.60 42.31 -8.15
CA HIS J 13 -3.09 41.00 -8.52
C HIS J 13 -1.75 41.16 -9.23
N PHE J 14 -1.06 40.05 -9.39
CA PHE J 14 0.21 40.02 -10.12
C PHE J 14 0.34 38.63 -10.72
N GLY J 15 0.03 38.51 -12.01
CA GLY J 15 0.09 37.21 -12.66
C GLY J 15 -1.11 36.37 -12.27
N ARG J 16 -0.85 35.13 -11.88
CA ARG J 16 -1.91 34.22 -11.44
C ARG J 16 -2.24 34.37 -9.96
N LEU J 17 -1.49 35.20 -9.22
CA LEU J 17 -1.68 35.36 -7.80
C LEU J 17 -2.39 36.68 -7.53
N SER J 18 -3.51 36.62 -6.84
CA SER J 18 -4.28 37.80 -6.48
C SER J 18 -4.21 38.05 -4.98
N LEU J 19 -4.65 39.25 -4.58
CA LEU J 19 -4.66 39.59 -3.17
C LEU J 19 -5.73 38.83 -2.41
N ARG J 20 -6.84 38.50 -3.07
CA ARG J 20 -7.91 37.77 -2.38
C ARG J 20 -7.53 36.31 -2.13
N SER J 21 -6.70 35.73 -3.01
CA SER J 21 -6.28 34.36 -2.81
C SER J 21 -5.25 34.24 -1.69
N LEU J 22 -4.46 35.29 -1.45
CA LEU J 22 -3.46 35.24 -0.41
C LEU J 22 -4.07 35.31 0.98
N THR J 23 -5.14 36.11 1.15
CA THR J 23 -5.81 36.18 2.44
C THR J 23 -6.50 34.87 2.79
N ALA J 24 -7.00 34.14 1.79
CA ALA J 24 -7.63 32.86 2.05
C ALA J 24 -6.61 31.81 2.50
N TYR J 25 -5.39 31.87 1.97
CA TYR J 25 -4.37 30.88 2.27
C TYR J 25 -3.50 31.24 3.46
N ALA J 26 -3.61 32.47 3.97
CA ALA J 26 -2.71 32.90 5.05
C ALA J 26 -2.84 32.06 6.31
N PRO J 27 -4.03 31.80 6.86
CA PRO J 27 -4.10 30.98 8.07
C PRO J 27 -3.54 29.58 7.90
N ASN J 28 -3.66 28.99 6.71
CA ASN J 28 -3.16 27.64 6.51
C ASN J 28 -1.65 27.59 6.38
N LEU J 29 -1.03 28.67 5.88
CA LEU J 29 0.42 28.68 5.73
C LEU J 29 1.12 28.75 7.09
N MET J 30 0.50 29.40 8.08
CA MET J 30 1.09 29.45 9.41
C MET J 30 1.08 28.08 10.07
N LEU J 31 0.07 27.25 9.77
CA LEU J 31 0.05 25.90 10.32
C LEU J 31 1.13 25.03 9.67
N TRP J 32 1.35 25.21 8.36
CA TRP J 32 2.45 24.50 7.70
C TRP J 32 3.79 24.93 8.26
N GLY J 33 3.94 26.23 8.55
CA GLY J 33 5.16 26.69 9.20
C GLY J 33 5.33 26.13 10.59
N GLY J 34 4.23 25.98 11.33
CA GLY J 34 4.28 25.31 12.60
C GLY J 34 4.59 23.83 12.48
N ALA J 35 3.98 23.15 11.51
CA ALA J 35 4.23 21.74 11.29
C ALA J 35 5.62 21.45 10.76
N SER J 36 6.26 22.43 10.13
CA SER J 36 7.63 22.25 9.66
C SER J 36 8.64 22.35 10.80
N MET J 37 8.38 23.19 11.80
CA MET J 37 9.24 23.26 12.96
C MET J 37 9.19 21.96 13.76
N LEU J 38 8.01 21.37 13.90
CA LEU J 38 7.86 20.12 14.62
C LEU J 38 8.65 19.00 13.95
N GLY J 39 8.60 18.94 12.62
CA GLY J 39 9.38 17.95 11.90
C GLY J 39 10.88 18.14 12.08
N LEU J 40 11.32 19.40 12.19
CA LEU J 40 12.73 19.67 12.45
C LEU J 40 13.13 19.18 13.85
N PHE J 41 12.25 19.33 14.83
CA PHE J 41 12.56 18.89 16.19
C PHE J 41 12.73 17.39 16.27
N VAL J 42 12.06 16.64 15.39
CA VAL J 42 12.18 15.19 15.40
C VAL J 42 13.55 14.76 14.92
N PHE J 43 14.08 15.42 13.89
CA PHE J 43 15.31 14.98 13.24
C PHE J 43 16.57 15.55 13.87
N THR J 44 16.46 16.50 14.79
CA THR J 44 17.62 17.08 15.45
C THR J 44 17.62 16.81 16.95
N GLU J 45 16.96 15.72 17.38
CA GLU J 45 16.89 15.43 18.80
C GLU J 45 18.21 14.87 19.35
N GLY J 46 18.99 14.18 18.53
CA GLY J 46 20.26 13.66 18.94
C GLY J 46 21.41 14.64 18.90
N TRP J 47 21.15 15.86 18.45
CA TRP J 47 22.16 16.89 18.38
C TRP J 47 22.37 17.51 19.76
N PRO J 48 23.55 17.38 20.35
CA PRO J 48 23.75 17.90 21.72
C PRO J 48 23.59 19.40 21.85
N LYS J 49 23.94 20.17 20.82
CA LYS J 49 23.79 21.62 20.91
C LYS J 49 22.33 22.02 21.03
N PHE J 50 21.44 21.33 20.30
CA PHE J 50 20.02 21.59 20.45
C PHE J 50 19.47 21.05 21.76
N GLN J 51 20.03 19.94 22.26
CA GLN J 51 19.57 19.38 23.52
C GLN J 51 19.84 20.35 24.68
N ASP J 52 21.03 20.95 24.71
CA ASP J 52 21.38 21.85 25.79
C ASP J 52 20.66 23.19 25.72
N THR J 53 20.04 23.51 24.59
CA THR J 53 19.36 24.78 24.40
C THR J 53 17.84 24.67 24.43
N LEU J 54 17.27 23.62 23.86
CA LEU J 54 15.83 23.50 23.74
C LEU J 54 15.25 22.29 24.46
N TYR J 55 15.73 21.08 24.13
CA TYR J 55 15.00 19.87 24.51
C TYR J 55 15.14 19.53 25.99
N LYS J 56 16.27 19.86 26.61
CA LYS J 56 16.47 19.53 28.02
C LYS J 56 15.60 20.36 28.95
N LYS J 57 15.00 21.44 28.46
CA LYS J 57 14.13 22.27 29.27
C LYS J 57 12.67 21.86 29.23
N ILE J 58 12.32 20.88 28.40
CA ILE J 58 10.94 20.40 28.31
C ILE J 58 10.63 19.57 29.56
N PRO J 59 9.59 19.90 30.31
CA PRO J 59 9.29 19.14 31.53
C PRO J 59 8.94 17.69 31.21
N LEU J 60 9.36 16.79 32.09
CA LEU J 60 9.04 15.37 32.06
C LEU J 60 9.69 14.64 30.89
N LEU J 61 10.34 15.39 29.99
CA LEU J 61 10.99 14.78 28.83
C LEU J 61 12.44 15.23 28.77
N GLY J 62 12.71 16.45 29.25
CA GLY J 62 14.04 16.99 29.26
C GLY J 62 15.03 16.20 30.09
N PRO J 63 14.70 15.96 31.37
CA PRO J 63 15.62 15.19 32.22
C PRO J 63 15.88 13.78 31.73
N THR J 64 15.04 13.25 30.84
CA THR J 64 15.27 11.91 30.30
C THR J 64 16.58 11.86 29.50
N LEU J 65 16.86 12.90 28.72
CA LEU J 65 18.05 12.90 27.86
C LEU J 65 19.35 13.08 28.63
N GLU J 66 19.30 13.49 29.89
CA GLU J 66 20.52 13.76 30.64
C GLU J 66 21.34 12.49 30.86
N ASP J 67 22.65 12.61 30.73
CA ASP J 67 23.58 11.54 31.01
C ASP J 67 24.14 11.70 32.41
N HIS J 68 24.16 10.60 33.16
CA HIS J 68 24.58 10.63 34.56
C HIS J 68 25.71 9.64 34.84
N THR J 69 26.55 9.38 33.84
CA THR J 69 27.68 8.48 34.05
C THR J 69 28.71 9.16 34.94
N PRO J 70 29.11 8.53 36.05
CA PRO J 70 30.10 9.16 36.92
C PRO J 70 31.44 9.25 36.25
N PRO J 71 32.29 10.22 36.65
CA PRO J 71 33.56 10.43 35.96
C PRO J 71 34.53 9.26 36.03
N GLU J 72 34.36 8.35 36.99
CA GLU J 72 35.28 7.24 37.15
C GLU J 72 35.07 6.12 36.13
N ASP J 73 34.05 6.21 35.28
CA ASP J 73 33.84 5.26 34.20
C ASP J 73 34.04 5.87 32.82
N LYS J 74 34.58 7.08 32.74
CA LYS J 74 34.83 7.72 31.47
C LYS J 74 36.32 7.77 31.18
N PRO J 75 36.79 7.18 30.08
CA PRO J 75 38.21 7.29 29.73
C PRO J 75 38.59 8.69 29.28
N ASN J 76 37.64 9.41 28.69
CA ASN J 76 37.90 10.73 28.14
C ASN J 76 36.82 11.72 28.55
N ALA K 1 9.61 -8.24 -92.09
CA ALA K 1 8.32 -7.62 -92.35
C ALA K 1 8.51 -6.15 -92.69
N GLU K 2 9.36 -5.46 -91.93
CA GLU K 2 9.67 -4.07 -92.22
C GLU K 2 10.48 -3.98 -93.50
N VAL K 3 10.05 -3.13 -94.42
CA VAL K 3 10.71 -2.92 -95.70
C VAL K 3 11.08 -1.45 -95.81
N THR K 4 12.35 -1.17 -96.11
CA THR K 4 12.86 0.19 -96.14
C THR K 4 13.53 0.44 -97.49
N GLN K 5 13.08 1.48 -98.19
CA GLN K 5 13.66 1.93 -99.45
C GLN K 5 14.19 3.35 -99.30
N LEU K 6 14.99 3.77 -100.28
CA LEU K 6 15.51 5.12 -100.36
C LEU K 6 15.14 5.73 -101.71
N SER K 7 14.91 7.05 -101.69
CA SER K 7 14.48 7.75 -102.90
C SER K 7 14.92 9.21 -102.81
N ASN K 8 16.04 9.53 -103.46
CA ASN K 8 16.53 10.90 -103.65
C ASN K 8 16.79 11.65 -102.35
N GLY K 9 16.71 10.98 -101.21
CA GLY K 9 16.96 11.63 -99.93
C GLY K 9 15.98 11.22 -98.85
N ILE K 10 14.74 10.99 -99.23
CA ILE K 10 13.72 10.58 -98.27
C ILE K 10 13.72 9.07 -98.18
N VAL K 11 13.36 8.56 -97.01
CA VAL K 11 13.34 7.13 -96.73
C VAL K 11 11.89 6.70 -96.55
N VAL K 12 11.52 5.60 -97.20
CA VAL K 12 10.17 5.06 -97.13
C VAL K 12 10.23 3.73 -96.40
N ALA K 13 9.46 3.61 -95.32
CA ALA K 13 9.39 2.38 -94.53
C ALA K 13 7.94 2.03 -94.27
N THR K 14 7.61 0.74 -94.37
CA THR K 14 6.25 0.26 -94.17
C THR K 14 6.26 -0.97 -93.28
N GLU K 15 5.10 -1.21 -92.63
CA GLU K 15 4.85 -2.40 -91.84
C GLU K 15 3.47 -2.91 -92.24
N HIS K 16 3.43 -3.75 -93.28
CA HIS K 16 2.15 -4.19 -93.84
C HIS K 16 1.45 -5.17 -92.91
N ASN K 17 0.12 -5.06 -92.87
CA ASN K 17 -0.71 -5.90 -92.00
C ASN K 17 -2.06 -6.07 -92.67
N PRO K 18 -2.27 -7.16 -93.40
CA PRO K 18 -3.53 -7.32 -94.15
C PRO K 18 -4.77 -7.33 -93.27
N SER K 19 -4.69 -7.87 -92.05
CA SER K 19 -5.84 -7.96 -91.18
C SER K 19 -6.28 -6.60 -90.64
N ALA K 20 -5.50 -5.55 -90.83
CA ALA K 20 -5.88 -4.24 -90.36
C ALA K 20 -7.06 -3.70 -91.15
N HIS K 21 -7.84 -2.84 -90.50
CA HIS K 21 -8.99 -2.19 -91.11
C HIS K 21 -8.75 -0.69 -91.31
N THR K 22 -7.50 -0.25 -91.21
CA THR K 22 -7.18 1.18 -91.29
C THR K 22 -5.71 1.33 -91.66
N ALA K 23 -5.45 2.14 -92.68
CA ALA K 23 -4.08 2.45 -93.09
C ALA K 23 -3.69 3.82 -92.58
N SER K 24 -2.39 4.02 -92.38
CA SER K 24 -1.87 5.26 -91.83
C SER K 24 -0.57 5.62 -92.53
N VAL K 25 -0.47 6.89 -92.97
CA VAL K 25 0.76 7.40 -93.58
C VAL K 25 1.10 8.74 -92.93
N GLY K 26 2.38 9.09 -93.00
CA GLY K 26 2.83 10.34 -92.42
C GLY K 26 4.32 10.51 -92.60
N VAL K 27 4.85 11.55 -91.95
CA VAL K 27 6.26 11.90 -92.05
C VAL K 27 6.80 12.11 -90.64
N VAL K 28 7.96 11.51 -90.35
CA VAL K 28 8.61 11.63 -89.06
C VAL K 28 9.96 12.31 -89.25
N PHE K 29 10.17 13.42 -88.55
CA PHE K 29 11.40 14.18 -88.64
C PHE K 29 12.34 13.78 -87.50
N GLY K 30 13.64 13.76 -87.80
CA GLY K 30 14.63 13.35 -86.83
C GLY K 30 15.15 14.48 -85.98
N SER K 31 14.30 15.46 -85.69
CA SER K 31 14.64 16.57 -84.81
C SER K 31 13.49 16.81 -83.86
N GLY K 32 13.80 17.11 -82.61
CA GLY K 32 12.79 17.29 -81.60
C GLY K 32 13.04 18.42 -80.63
N ALA K 33 12.67 18.22 -79.37
CA ALA K 33 12.81 19.27 -78.37
C ALA K 33 14.27 19.52 -78.00
N ALA K 34 15.14 18.54 -78.20
CA ALA K 34 16.56 18.69 -77.89
C ALA K 34 17.32 19.48 -78.94
N ASN K 35 16.62 20.07 -79.91
CA ASN K 35 17.25 20.83 -80.98
C ASN K 35 16.87 22.30 -80.94
N GLU K 36 16.38 22.78 -79.80
CA GLU K 36 16.01 24.17 -79.61
C GLU K 36 16.96 24.82 -78.61
N ASN K 37 16.67 26.06 -78.26
CA ASN K 37 17.46 26.83 -77.31
C ASN K 37 16.52 27.47 -76.29
N PRO K 38 17.05 27.90 -75.13
CA PRO K 38 16.18 28.39 -74.06
C PRO K 38 15.37 29.63 -74.40
N TYR K 39 15.47 30.14 -75.62
CA TYR K 39 14.71 31.32 -76.02
C TYR K 39 13.65 31.03 -77.06
N ASN K 40 13.78 29.95 -77.83
CA ASN K 40 12.75 29.50 -78.76
C ASN K 40 12.11 28.20 -78.30
N ASN K 41 12.21 27.88 -77.01
CA ASN K 41 11.63 26.66 -76.47
C ASN K 41 10.11 26.73 -76.57
N GLY K 42 9.51 25.73 -77.22
CA GLY K 42 8.09 25.73 -77.48
C GLY K 42 7.72 25.92 -78.93
N VAL K 43 8.68 26.04 -79.84
CA VAL K 43 8.37 26.17 -81.26
C VAL K 43 7.72 24.89 -81.79
N SER K 44 8.29 23.74 -81.46
CA SER K 44 7.76 22.48 -81.94
C SER K 44 6.38 22.16 -81.35
N ASN K 45 6.02 22.79 -80.23
CA ASN K 45 4.67 22.65 -79.70
C ASN K 45 3.67 23.48 -80.50
N LEU K 46 4.09 24.66 -80.96
CA LEU K 46 3.21 25.47 -81.80
C LEU K 46 2.98 24.82 -83.15
N TRP K 47 4.02 24.22 -83.73
CA TRP K 47 3.86 23.56 -85.02
C TRP K 47 2.93 22.36 -84.93
N LYS K 48 2.84 21.73 -83.76
CA LYS K 48 1.94 20.59 -83.60
C LYS K 48 0.48 21.04 -83.59
N ASN K 49 0.18 22.12 -82.87
CA ASN K 49 -1.19 22.61 -82.79
C ASN K 49 -1.61 23.40 -84.02
N ILE K 50 -0.67 23.92 -84.80
CA ILE K 50 -1.01 24.52 -86.08
C ILE K 50 -1.46 23.44 -87.07
N PHE K 51 -0.79 22.29 -87.05
CA PHE K 51 -1.19 21.18 -87.91
C PHE K 51 -2.59 20.68 -87.53
N LEU K 52 -2.89 20.63 -86.24
CA LEU K 52 -4.20 20.19 -85.76
C LEU K 52 -5.17 21.36 -85.54
N SER K 53 -5.00 22.45 -86.27
CA SER K 53 -5.87 23.60 -86.11
C SER K 53 -7.27 23.30 -86.64
N LYS K 54 -8.22 24.14 -86.25
CA LYS K 54 -9.61 23.89 -86.58
C LYS K 54 -9.85 23.97 -88.09
N GLU K 55 -9.26 24.96 -88.76
CA GLU K 55 -9.48 25.10 -90.20
C GLU K 55 -8.74 24.02 -90.97
N ASN K 56 -7.54 23.66 -90.54
CA ASN K 56 -6.80 22.60 -91.21
C ASN K 56 -7.49 21.25 -91.03
N SER K 57 -8.02 20.97 -89.84
CA SER K 57 -8.65 19.69 -89.58
C SER K 57 -10.07 19.59 -90.13
N ALA K 58 -10.70 20.73 -90.44
CA ALA K 58 -12.01 20.68 -91.07
C ALA K 58 -11.91 20.22 -92.53
N VAL K 59 -10.84 20.61 -93.21
CA VAL K 59 -10.63 20.15 -94.58
C VAL K 59 -10.40 18.65 -94.60
N ALA K 60 -9.68 18.12 -93.61
CA ALA K 60 -9.37 16.70 -93.58
C ALA K 60 -10.58 15.85 -93.26
N ALA K 61 -11.55 16.38 -92.50
CA ALA K 61 -12.71 15.60 -92.13
C ALA K 61 -13.63 15.35 -93.30
N LYS K 62 -13.70 16.28 -94.26
CA LYS K 62 -14.58 16.10 -95.42
C LYS K 62 -14.17 14.89 -96.24
N GLU K 63 -12.87 14.68 -96.45
CA GLU K 63 -12.41 13.49 -97.15
C GLU K 63 -12.45 12.25 -96.28
N GLY K 64 -12.63 12.38 -94.97
CA GLY K 64 -12.69 11.24 -94.10
C GLY K 64 -11.35 10.86 -93.52
N LEU K 65 -10.53 11.86 -93.18
CA LEU K 65 -9.21 11.64 -92.63
C LEU K 65 -9.12 12.20 -91.23
N ALA K 66 -8.28 11.58 -90.41
CA ALA K 66 -8.03 12.02 -89.04
C ALA K 66 -6.53 12.27 -88.87
N LEU K 67 -6.18 13.30 -88.10
CA LEU K 67 -4.82 13.77 -87.98
C LEU K 67 -4.28 13.54 -86.57
N SER K 68 -2.97 13.31 -86.48
CA SER K 68 -2.29 13.12 -85.21
C SER K 68 -0.88 13.69 -85.32
N SER K 69 -0.29 14.01 -84.17
CA SER K 69 1.07 14.54 -84.13
C SER K 69 1.65 14.36 -82.73
N ASN K 70 2.94 14.06 -82.68
CA ASN K 70 3.65 13.77 -81.43
C ASN K 70 4.98 14.52 -81.40
N ILE K 71 5.34 15.04 -80.22
CA ILE K 71 6.58 15.78 -80.03
C ILE K 71 7.40 15.09 -78.95
N SER K 72 8.65 14.76 -79.28
CA SER K 72 9.54 14.09 -78.35
C SER K 72 10.87 14.83 -78.21
N ARG K 73 11.85 14.21 -77.55
CA ARG K 73 13.16 14.85 -77.42
C ARG K 73 13.96 14.76 -78.71
N ASP K 74 13.77 13.70 -79.49
CA ASP K 74 14.57 13.47 -80.69
C ASP K 74 13.77 13.53 -81.99
N PHE K 75 12.47 13.27 -81.95
CA PHE K 75 11.69 13.18 -83.17
C PHE K 75 10.33 13.83 -83.00
N GLN K 76 9.76 14.29 -84.10
CA GLN K 76 8.37 14.74 -84.18
C GLN K 76 7.73 14.13 -85.42
N SER K 77 6.44 13.82 -85.31
CA SER K 77 5.74 13.10 -86.37
C SER K 77 4.42 13.78 -86.68
N TYR K 78 4.00 13.63 -87.94
CA TYR K 78 2.73 14.16 -88.45
C TYR K 78 2.06 13.04 -89.24
N ILE K 79 0.93 12.56 -88.75
CA ILE K 79 0.29 11.35 -89.28
C ILE K 79 -1.10 11.67 -89.79
N VAL K 80 -1.51 10.99 -90.85
CA VAL K 80 -2.85 11.08 -91.41
C VAL K 80 -3.40 9.66 -91.52
N SER K 81 -4.56 9.42 -90.89
CA SER K 81 -5.16 8.10 -90.85
C SER K 81 -6.44 8.07 -91.69
N SER K 82 -6.67 6.96 -92.36
CA SER K 82 -7.83 6.82 -93.24
C SER K 82 -8.10 5.34 -93.49
N LEU K 83 -9.25 5.08 -94.11
CA LEU K 83 -9.61 3.72 -94.46
C LEU K 83 -8.70 3.21 -95.57
N PRO K 84 -8.53 1.89 -95.69
CA PRO K 84 -7.77 1.34 -96.81
C PRO K 84 -8.42 1.68 -98.13
N GLY K 85 -7.60 1.99 -99.13
CA GLY K 85 -8.06 2.45 -100.41
C GLY K 85 -8.16 3.96 -100.51
N SER K 86 -8.15 4.67 -99.40
CA SER K 86 -8.13 6.13 -99.38
C SER K 86 -6.74 6.68 -99.12
N THR K 87 -5.71 5.87 -99.32
CA THR K 87 -4.34 6.30 -99.04
C THR K 87 -3.86 7.40 -100.00
N ASP K 88 -4.44 7.46 -101.21
CA ASP K 88 -4.03 8.48 -102.16
C ASP K 88 -4.41 9.88 -101.70
N LYS K 89 -5.56 10.02 -101.05
CA LYS K 89 -5.98 11.33 -100.57
C LYS K 89 -5.15 11.78 -99.36
N SER K 90 -4.74 10.83 -98.52
CA SER K 90 -3.94 11.18 -97.34
C SER K 90 -2.58 11.76 -97.75
N LEU K 91 -1.93 11.15 -98.74
CA LEU K 91 -0.69 11.69 -99.26
C LEU K 91 -0.91 13.06 -99.88
N ASP K 92 -2.02 13.23 -100.60
CA ASP K 92 -2.33 14.53 -101.20
C ASP K 92 -2.55 15.60 -100.14
N PHE K 93 -3.25 15.25 -99.06
CA PHE K 93 -3.49 16.22 -97.99
C PHE K 93 -2.19 16.65 -97.33
N LEU K 94 -1.31 15.69 -97.06
CA LEU K 94 -0.04 16.03 -96.42
C LEU K 94 0.81 16.92 -97.30
N ASN K 95 0.74 16.71 -98.62
CA ASN K 95 1.58 17.46 -99.55
C ASN K 95 1.21 18.94 -99.55
N GLN K 96 -0.07 19.25 -99.78
CA GLN K 96 -0.47 20.62 -100.08
C GLN K 96 -0.90 21.41 -98.84
N SER K 97 -0.86 20.79 -97.66
CA SER K 97 -1.21 21.48 -96.43
C SER K 97 -0.06 21.66 -95.46
N PHE K 98 0.95 20.80 -95.49
CA PHE K 98 2.07 20.91 -94.57
C PHE K 98 3.42 20.93 -95.28
N ILE K 99 3.55 20.22 -96.40
CA ILE K 99 4.85 20.07 -97.04
C ILE K 99 5.16 21.26 -97.94
N GLN K 100 4.19 21.67 -98.77
CA GLN K 100 4.45 22.68 -99.79
C GLN K 100 3.76 24.01 -99.56
N GLN K 101 2.74 24.07 -98.70
CA GLN K 101 2.00 25.30 -98.48
C GLN K 101 1.76 25.46 -96.98
N LYS K 102 2.53 26.33 -96.35
CA LYS K 102 2.36 26.66 -94.94
C LYS K 102 1.92 28.09 -94.72
N ALA K 103 1.65 28.84 -95.79
CA ALA K 103 1.28 30.24 -95.65
C ALA K 103 -0.15 30.40 -95.14
N ASN K 104 -1.08 29.58 -95.63
CA ASN K 104 -2.47 29.68 -95.20
C ASN K 104 -2.62 29.30 -93.73
N LEU K 105 -1.86 28.30 -93.28
CA LEU K 105 -1.91 27.89 -91.88
C LEU K 105 -1.27 28.93 -90.97
N LEU K 106 -0.21 29.60 -91.44
CA LEU K 106 0.52 30.57 -90.64
C LEU K 106 -0.05 31.98 -90.77
N SER K 107 -1.30 32.12 -91.17
CA SER K 107 -1.93 33.43 -91.27
C SER K 107 -2.20 34.01 -89.88
N SER K 108 -2.39 35.32 -89.85
CA SER K 108 -2.82 35.96 -88.62
C SER K 108 -4.25 35.54 -88.29
N SER K 109 -4.59 35.64 -87.01
CA SER K 109 -5.88 35.21 -86.45
C SER K 109 -5.97 33.70 -86.41
N ASN K 110 -5.02 33.01 -87.04
CA ASN K 110 -4.84 31.58 -86.87
C ASN K 110 -3.59 31.24 -86.07
N PHE K 111 -2.54 32.04 -86.21
CA PHE K 111 -1.39 31.93 -85.31
C PHE K 111 -1.71 32.56 -83.96
N GLU K 112 -2.47 33.66 -83.94
CA GLU K 112 -2.82 34.31 -82.70
C GLU K 112 -3.83 33.53 -81.88
N ALA K 113 -4.67 32.72 -82.53
CA ALA K 113 -5.61 31.88 -81.79
C ALA K 113 -4.93 30.63 -81.26
N THR K 114 -4.07 30.00 -82.07
CA THR K 114 -3.36 28.81 -81.63
C THR K 114 -2.43 29.13 -80.46
N LYS K 115 -1.75 30.28 -80.52
CA LYS K 115 -0.87 30.67 -79.43
C LYS K 115 -1.65 30.91 -78.14
N LYS K 116 -2.87 31.39 -78.25
CA LYS K 116 -3.71 31.59 -77.07
C LYS K 116 -4.06 30.26 -76.41
N SER K 117 -4.31 29.22 -77.21
CA SER K 117 -4.72 27.93 -76.66
C SER K 117 -3.56 27.18 -76.04
N VAL K 118 -2.38 27.23 -76.67
CA VAL K 118 -1.22 26.53 -76.13
C VAL K 118 -0.75 27.17 -74.83
N LEU K 119 -0.82 28.49 -74.74
CA LEU K 119 -0.45 29.17 -73.51
C LEU K 119 -1.31 28.72 -72.33
N LYS K 120 -2.53 28.26 -72.62
CA LYS K 120 -3.40 27.73 -71.58
C LYS K 120 -3.12 26.26 -71.32
N GLN K 121 -2.64 25.52 -72.32
CA GLN K 121 -2.33 24.10 -72.12
C GLN K 121 -1.14 23.91 -71.20
N VAL K 122 -0.19 24.85 -71.22
CA VAL K 122 0.97 24.70 -70.36
C VAL K 122 0.77 25.36 -69.01
N GLN K 123 -0.17 26.30 -68.89
CA GLN K 123 -0.44 26.91 -67.60
C GLN K 123 -1.04 25.91 -66.64
N ASP K 124 -1.99 25.09 -67.10
CA ASP K 124 -2.60 24.10 -66.22
C ASP K 124 -1.76 22.84 -66.06
N PHE K 125 -0.88 22.55 -67.02
CA PHE K 125 0.07 21.46 -66.83
C PHE K 125 1.03 21.77 -65.70
N GLU K 126 1.44 23.03 -65.56
CA GLU K 126 2.41 23.43 -64.56
C GLU K 126 1.83 23.51 -63.16
N GLU K 127 0.51 23.44 -63.00
CA GLU K 127 -0.07 23.52 -61.66
C GLU K 127 -1.12 22.46 -61.37
N ASN K 128 -1.29 21.46 -62.23
CA ASN K 128 -2.29 20.43 -61.97
C ASN K 128 -1.73 19.03 -62.15
N ASP K 129 -0.71 18.89 -63.00
CA ASP K 129 -0.13 17.58 -63.32
C ASP K 129 1.21 17.46 -62.61
N HIS K 130 1.17 16.95 -61.39
CA HIS K 130 2.34 16.88 -60.53
C HIS K 130 3.28 15.72 -60.87
N PRO K 131 2.79 14.49 -61.04
CA PRO K 131 3.73 13.39 -61.36
C PRO K 131 4.50 13.59 -62.64
N ASN K 132 3.91 14.24 -63.65
CA ASN K 132 4.58 14.43 -64.93
C ASN K 132 5.38 15.72 -65.00
N ARG K 133 5.27 16.60 -64.01
CA ARG K 133 6.08 17.80 -63.96
C ARG K 133 7.30 17.67 -63.05
N VAL K 134 7.40 16.59 -62.27
CA VAL K 134 8.65 16.31 -61.57
C VAL K 134 9.56 15.42 -62.40
N LEU K 135 8.99 14.61 -63.29
CA LEU K 135 9.81 13.88 -64.25
C LEU K 135 10.41 14.81 -65.30
N GLU K 136 9.76 15.93 -65.56
CA GLU K 136 10.33 16.93 -66.46
C GLU K 136 11.42 17.75 -65.79
N HIS K 137 11.27 18.06 -64.51
CA HIS K 137 12.32 18.74 -63.77
C HIS K 137 13.50 17.82 -63.49
N LEU K 138 13.29 16.50 -63.49
CA LEU K 138 14.39 15.57 -63.37
C LEU K 138 15.31 15.65 -64.59
N HIS K 139 14.73 15.76 -65.78
CA HIS K 139 15.52 15.99 -66.97
C HIS K 139 16.23 17.34 -66.90
N SER K 140 15.54 18.35 -66.39
CA SER K 140 16.09 19.70 -66.35
C SER K 140 17.31 19.78 -65.45
N THR K 141 17.29 19.08 -64.32
CA THR K 141 18.41 19.16 -63.38
C THR K 141 19.52 18.17 -63.70
N ALA K 142 19.21 17.06 -64.36
CA ALA K 142 20.24 16.05 -64.63
C ALA K 142 21.04 16.36 -65.88
N PHE K 143 20.50 17.17 -66.79
CA PHE K 143 21.19 17.53 -68.02
C PHE K 143 21.28 19.04 -68.17
N GLN K 144 21.46 19.76 -67.06
CA GLN K 144 21.42 21.21 -67.10
C GLN K 144 22.50 21.76 -68.02
N ASN K 145 22.17 22.85 -68.72
CA ASN K 145 23.06 23.54 -69.65
C ASN K 145 23.46 22.67 -70.83
N THR K 146 22.68 21.64 -71.13
CA THR K 146 22.89 20.76 -72.27
C THR K 146 21.56 20.59 -72.99
N PRO K 147 21.58 20.21 -74.27
CA PRO K 147 20.33 20.19 -75.05
C PRO K 147 19.27 19.26 -74.51
N LEU K 148 19.65 18.25 -73.73
CA LEU K 148 18.70 17.25 -73.24
C LEU K 148 17.98 17.69 -71.97
N SER K 149 17.88 18.99 -71.73
CA SER K 149 17.24 19.50 -70.53
C SER K 149 16.05 20.41 -70.81
N LEU K 150 15.67 20.61 -72.06
CA LEU K 150 14.55 21.52 -72.29
C LEU K 150 13.24 20.75 -72.34
N PRO K 151 12.19 21.26 -71.71
CA PRO K 151 10.91 20.56 -71.73
C PRO K 151 10.31 20.50 -73.13
N THR K 152 9.63 19.39 -73.42
CA THR K 152 9.07 19.19 -74.75
C THR K 152 7.91 20.13 -75.04
N ARG K 153 7.14 20.51 -74.02
CA ARG K 153 6.02 21.42 -74.21
C ARG K 153 6.44 22.88 -74.29
N GLY K 154 7.68 23.19 -73.95
CA GLY K 154 8.10 24.57 -73.90
C GLY K 154 7.95 25.17 -72.53
N THR K 155 8.19 26.47 -72.45
CA THR K 155 8.16 27.22 -71.21
C THR K 155 7.16 28.36 -71.36
N LEU K 156 6.42 28.64 -70.30
CA LEU K 156 5.45 29.74 -70.34
C LEU K 156 6.14 31.06 -70.63
N GLU K 157 7.25 31.32 -69.95
CA GLU K 157 7.98 32.58 -70.16
C GLU K 157 8.54 32.67 -71.57
N SER K 158 8.96 31.54 -72.14
CA SER K 158 9.52 31.51 -73.49
C SER K 158 8.47 31.60 -74.58
N LEU K 159 7.24 31.15 -74.31
CA LEU K 159 6.21 31.11 -75.34
C LEU K 159 5.52 32.46 -75.55
N GLU K 160 5.65 33.40 -74.61
CA GLU K 160 5.06 34.72 -74.81
C GLU K 160 5.84 35.57 -75.79
N ASN K 161 7.04 35.18 -76.17
CA ASN K 161 7.87 35.97 -77.06
C ASN K 161 7.89 35.43 -78.49
N LEU K 162 7.45 34.21 -78.72
CA LEU K 162 7.48 33.63 -80.06
C LEU K 162 6.53 34.36 -80.98
N VAL K 163 6.97 34.58 -82.21
CA VAL K 163 6.16 35.20 -83.26
C VAL K 163 6.08 34.25 -84.44
N VAL K 164 5.41 34.68 -85.51
CA VAL K 164 5.27 33.81 -86.67
C VAL K 164 6.60 33.64 -87.39
N ALA K 165 7.49 34.63 -87.31
CA ALA K 165 8.77 34.55 -87.99
C ALA K 165 9.69 33.50 -87.38
N ASP K 166 9.50 33.17 -86.10
CA ASP K 166 10.30 32.12 -85.48
C ASP K 166 9.90 30.73 -85.97
N LEU K 167 8.64 30.56 -86.35
CA LEU K 167 8.19 29.26 -86.84
C LEU K 167 8.72 28.97 -88.24
N GLU K 168 8.89 30.01 -89.06
CA GLU K 168 9.47 29.80 -90.39
C GLU K 168 10.95 29.48 -90.32
N SER K 169 11.67 30.05 -89.35
CA SER K 169 13.08 29.73 -89.17
C SER K 169 13.27 28.26 -88.83
N PHE K 170 12.48 27.73 -87.90
CA PHE K 170 12.63 26.34 -87.49
C PHE K 170 12.26 25.38 -88.63
N ALA K 171 11.22 25.72 -89.40
CA ALA K 171 10.83 24.86 -90.51
C ALA K 171 11.90 24.82 -91.59
N ASN K 172 12.56 25.95 -91.86
CA ASN K 172 13.59 25.99 -92.88
C ASN K 172 14.82 25.19 -92.48
N ASN K 173 15.06 25.02 -91.19
CA ASN K 173 16.28 24.39 -90.71
C ASN K 173 16.12 22.90 -90.45
N HIS K 174 14.90 22.39 -90.31
CA HIS K 174 14.74 21.02 -89.84
C HIS K 174 13.83 20.17 -90.71
N PHE K 175 12.84 20.78 -91.37
CA PHE K 175 11.90 20.03 -92.20
C PHE K 175 12.52 19.83 -93.58
N LEU K 176 13.48 18.90 -93.64
CA LEU K 176 14.30 18.67 -94.81
C LEU K 176 14.22 17.21 -95.23
N ASN K 177 14.65 16.94 -96.47
CA ASN K 177 14.63 15.59 -97.00
C ASN K 177 15.60 14.68 -96.26
N SER K 178 16.75 15.21 -95.85
CA SER K 178 17.77 14.42 -95.16
C SER K 178 17.44 14.18 -93.69
N ASN K 179 16.37 14.78 -93.19
CA ASN K 179 15.96 14.67 -91.79
C ASN K 179 14.59 14.03 -91.64
N ALA K 180 14.09 13.37 -92.69
CA ALA K 180 12.72 12.92 -92.73
C ALA K 180 12.63 11.47 -93.15
N VAL K 181 11.62 10.78 -92.61
CA VAL K 181 11.29 9.41 -93.00
C VAL K 181 9.78 9.37 -93.26
N VAL K 182 9.41 8.83 -94.42
CA VAL K 182 8.00 8.66 -94.78
C VAL K 182 7.57 7.25 -94.37
N VAL K 183 6.53 7.17 -93.55
CA VAL K 183 6.12 5.91 -92.94
C VAL K 183 4.72 5.56 -93.41
N GLY K 184 4.44 4.26 -93.45
CA GLY K 184 3.11 3.77 -93.73
C GLY K 184 2.83 2.48 -92.98
N THR K 185 1.77 2.46 -92.17
CA THR K 185 1.44 1.32 -91.34
C THR K 185 -0.03 0.98 -91.48
N GLY K 186 -0.34 -0.28 -91.21
CA GLY K 186 -1.71 -0.77 -91.34
C GLY K 186 -1.88 -1.61 -92.59
N ASN K 187 -2.94 -1.34 -93.34
CA ASN K 187 -3.23 -2.05 -94.59
C ASN K 187 -2.76 -1.18 -95.75
N ILE K 188 -1.47 -1.27 -96.04
CA ILE K 188 -0.87 -0.54 -97.15
C ILE K 188 0.42 -1.23 -97.57
N LYS K 189 0.60 -1.43 -98.87
CA LYS K 189 1.75 -2.16 -99.40
C LYS K 189 2.92 -1.24 -99.66
N HIS K 190 4.12 -1.80 -99.57
CA HIS K 190 5.34 -1.00 -99.79
C HIS K 190 5.43 -0.52 -101.23
N GLU K 191 5.07 -1.38 -102.19
CA GLU K 191 5.14 -1.00 -103.60
C GLU K 191 4.15 0.12 -103.90
N ASP K 192 2.93 0.05 -103.34
CA ASP K 192 1.93 1.07 -103.61
C ASP K 192 2.34 2.42 -103.05
N LEU K 193 2.92 2.44 -101.84
CA LEU K 193 3.25 3.72 -101.21
C LEU K 193 4.37 4.44 -101.95
N VAL K 194 5.43 3.71 -102.33
CA VAL K 194 6.54 4.35 -103.03
C VAL K 194 6.12 4.80 -104.42
N ASN K 195 5.25 4.04 -105.08
CA ASN K 195 4.77 4.44 -106.40
C ASN K 195 3.99 5.74 -106.34
N SER K 196 3.19 5.93 -105.30
CA SER K 196 2.41 7.16 -105.16
C SER K 196 3.32 8.36 -104.93
N ILE K 197 4.37 8.20 -104.14
CA ILE K 197 5.25 9.32 -103.83
C ILE K 197 5.97 9.80 -105.09
N GLU K 198 6.45 8.87 -105.92
CA GLU K 198 7.15 9.26 -107.14
C GLU K 198 6.18 9.75 -108.22
N SER K 199 4.93 9.30 -108.20
CA SER K 199 3.95 9.80 -109.15
C SER K 199 3.70 11.30 -108.96
N LYS K 200 3.92 11.81 -107.75
CA LYS K 200 3.91 13.23 -107.49
C LYS K 200 5.34 13.73 -107.31
N ASN K 201 5.49 15.02 -107.05
CA ASN K 201 6.82 15.55 -106.73
C ASN K 201 7.23 15.14 -105.33
N LEU K 202 6.51 15.61 -104.32
CA LEU K 202 6.70 15.22 -102.93
C LEU K 202 8.16 15.34 -102.51
N SER K 203 8.67 16.57 -102.54
CA SER K 203 10.04 16.85 -102.14
C SER K 203 10.02 17.92 -101.05
N LEU K 204 10.77 17.68 -99.99
CA LEU K 204 10.94 18.65 -98.91
C LEU K 204 12.08 19.61 -99.30
N GLN K 205 12.56 20.38 -98.34
CA GLN K 205 13.64 21.33 -98.62
C GLN K 205 14.93 20.58 -98.92
N THR K 206 15.98 21.35 -99.23
CA THR K 206 17.24 20.80 -99.72
C THR K 206 18.38 20.89 -98.73
N GLY K 207 18.39 21.87 -97.84
CA GLY K 207 19.51 22.08 -96.96
C GLY K 207 19.67 20.97 -95.93
N THR K 208 20.73 21.10 -95.13
CA THR K 208 21.04 20.16 -94.06
C THR K 208 20.81 20.83 -92.70
N LYS K 209 20.49 20.01 -91.71
CA LYS K 209 20.17 20.54 -90.38
C LYS K 209 21.44 20.98 -89.67
N PRO K 210 21.37 22.03 -88.86
CA PRO K 210 22.54 22.46 -88.10
C PRO K 210 22.94 21.43 -87.06
N VAL K 211 24.23 21.40 -86.76
CA VAL K 211 24.78 20.47 -85.77
C VAL K 211 24.92 21.20 -84.44
N LEU K 212 24.80 20.44 -83.36
CA LEU K 212 24.89 20.99 -82.02
C LEU K 212 26.34 20.95 -81.54
N LYS K 213 26.74 22.01 -80.84
CA LYS K 213 28.13 22.13 -80.39
C LYS K 213 28.45 21.11 -79.31
N LYS K 214 27.74 21.18 -78.18
CA LYS K 214 28.02 20.33 -77.03
C LYS K 214 27.00 19.20 -76.94
N LYS K 215 27.48 18.04 -76.50
CA LYS K 215 26.63 16.88 -76.28
C LYS K 215 26.04 16.89 -74.87
N ALA K 216 25.15 15.94 -74.60
CA ALA K 216 24.49 15.84 -73.32
C ALA K 216 25.37 15.11 -72.31
N ALA K 217 25.47 15.66 -71.11
CA ALA K 217 26.29 15.08 -70.05
C ALA K 217 25.52 15.10 -68.74
N PHE K 218 25.56 13.99 -68.02
CA PHE K 218 24.86 13.84 -66.76
C PHE K 218 25.61 14.55 -65.63
N LEU K 219 24.85 15.15 -64.71
CA LEU K 219 25.42 15.80 -63.54
C LEU K 219 24.56 15.48 -62.32
N GLY K 220 25.20 14.98 -61.26
CA GLY K 220 24.49 14.69 -60.04
C GLY K 220 24.04 15.96 -59.35
N SER K 221 22.74 16.13 -59.17
CA SER K 221 22.18 17.38 -58.66
C SER K 221 20.79 17.10 -58.12
N GLU K 222 20.12 18.15 -57.65
CA GLU K 222 18.76 18.03 -57.14
C GLU K 222 18.04 19.36 -57.24
N VAL K 223 16.72 19.29 -57.39
CA VAL K 223 15.86 20.47 -57.40
C VAL K 223 14.62 20.15 -56.56
N ARG K 224 14.20 21.10 -55.74
CA ARG K 224 13.14 20.88 -54.76
C ARG K 224 12.06 21.93 -54.91
N LEU K 225 10.90 21.52 -55.43
CA LEU K 225 9.75 22.41 -55.61
C LEU K 225 8.74 22.18 -54.49
N ARG K 226 9.15 22.54 -53.27
CA ARG K 226 8.34 22.26 -52.10
C ARG K 226 7.07 23.10 -52.08
N ASP K 227 5.94 22.44 -51.83
CA ASP K 227 4.64 23.09 -51.76
C ASP K 227 3.82 22.42 -50.66
N ASP K 228 3.58 23.14 -49.58
CA ASP K 228 2.94 22.57 -48.39
C ASP K 228 1.42 22.58 -48.48
N THR K 229 0.84 23.05 -49.58
CA THR K 229 -0.60 23.04 -49.76
C THR K 229 -1.10 21.81 -50.49
N LEU K 230 -0.24 21.08 -51.19
CA LEU K 230 -0.61 19.86 -51.85
C LEU K 230 -0.74 18.72 -50.85
N PRO K 231 -1.60 17.72 -51.11
CA PRO K 231 -1.82 16.65 -50.14
C PRO K 231 -0.83 15.50 -50.20
N LYS K 232 0.05 15.45 -51.20
CA LYS K 232 0.95 14.31 -51.36
C LYS K 232 2.40 14.75 -51.52
N ALA K 233 3.27 13.79 -51.83
CA ALA K 233 4.65 14.05 -52.23
C ALA K 233 4.95 13.22 -53.46
N TRP K 234 5.56 13.84 -54.46
CA TRP K 234 5.96 13.16 -55.69
C TRP K 234 7.47 13.29 -55.84
N ILE K 235 8.16 12.18 -56.05
CA ILE K 235 9.61 12.14 -56.09
C ILE K 235 10.07 11.28 -57.27
N SER K 236 11.09 11.76 -57.99
CA SER K 236 11.75 11.01 -59.04
C SER K 236 13.25 10.94 -58.76
N LEU K 237 13.85 9.77 -58.97
CA LEU K 237 15.25 9.53 -58.65
C LEU K 237 15.85 8.63 -59.71
N ALA K 238 17.01 9.01 -60.25
CA ALA K 238 17.60 8.25 -61.34
C ALA K 238 19.11 8.42 -61.38
N VAL K 239 19.77 7.46 -62.03
CA VAL K 239 21.19 7.53 -62.36
C VAL K 239 21.31 7.66 -63.87
N GLU K 240 22.53 7.78 -64.37
CA GLU K 240 22.75 7.82 -65.82
C GLU K 240 22.48 6.44 -66.42
N GLY K 241 21.73 6.43 -67.52
CA GLY K 241 21.32 5.18 -68.14
C GLY K 241 22.06 4.86 -69.42
N GLU K 242 21.36 4.24 -70.38
CA GLU K 242 21.97 3.78 -71.61
C GLU K 242 21.40 4.51 -72.82
N PRO K 243 22.21 4.76 -73.84
CA PRO K 243 21.68 5.30 -75.11
C PRO K 243 20.95 4.23 -75.91
N VAL K 244 20.34 4.65 -77.02
CA VAL K 244 19.57 3.72 -77.85
C VAL K 244 20.47 2.68 -78.49
N ASN K 245 21.61 3.11 -79.03
CA ASN K 245 22.52 2.21 -79.74
C ASN K 245 23.62 1.72 -78.80
N SER K 246 23.23 0.85 -77.89
CA SER K 246 24.13 0.32 -76.88
C SER K 246 23.99 -1.19 -76.76
N PRO K 247 25.07 -1.88 -76.40
CA PRO K 247 24.95 -3.33 -76.15
C PRO K 247 24.20 -3.65 -74.87
N ASN K 248 24.19 -2.74 -73.89
CA ASN K 248 23.49 -2.95 -72.62
C ASN K 248 22.09 -2.37 -72.63
N TYR K 249 21.47 -2.22 -73.81
CA TYR K 249 20.14 -1.64 -73.91
C TYR K 249 19.08 -2.56 -73.31
N PHE K 250 19.16 -3.86 -73.60
CA PHE K 250 18.16 -4.79 -73.08
C PHE K 250 18.47 -5.24 -71.67
N VAL K 251 19.74 -5.19 -71.26
CA VAL K 251 20.11 -5.55 -69.90
C VAL K 251 19.61 -4.49 -68.91
N ALA K 252 19.69 -3.21 -69.29
CA ALA K 252 19.16 -2.16 -68.43
C ALA K 252 17.65 -2.22 -68.36
N LYS K 253 16.99 -2.55 -69.47
CA LYS K 253 15.54 -2.69 -69.48
C LYS K 253 15.08 -3.84 -68.60
N LEU K 254 15.78 -4.97 -68.66
CA LEU K 254 15.44 -6.10 -67.80
C LEU K 254 15.67 -5.79 -66.33
N ALA K 255 16.65 -4.95 -66.02
CA ALA K 255 16.93 -4.60 -64.63
C ALA K 255 15.78 -3.81 -64.01
N ALA K 256 15.15 -2.93 -64.79
CA ALA K 256 14.02 -2.18 -64.27
C ALA K 256 12.80 -3.07 -64.09
N GLN K 257 12.71 -4.16 -64.84
CA GLN K 257 11.58 -5.07 -64.71
C GLN K 257 11.62 -5.88 -63.42
N ILE K 258 12.82 -6.05 -62.82
CA ILE K 258 12.93 -6.83 -61.60
C ILE K 258 12.17 -6.16 -60.45
N PHE K 259 12.17 -4.84 -60.41
CA PHE K 259 11.44 -4.09 -59.40
C PHE K 259 10.05 -3.65 -59.84
N GLY K 260 9.86 -3.34 -61.11
CA GLY K 260 8.53 -3.23 -61.69
C GLY K 260 7.70 -2.07 -61.16
N SER K 261 6.39 -2.23 -61.23
CA SER K 261 5.42 -1.23 -60.82
C SER K 261 4.59 -1.77 -59.66
N TYR K 262 3.80 -0.89 -59.05
CA TYR K 262 3.05 -1.26 -57.86
C TYR K 262 1.86 -0.32 -57.70
N ASN K 263 0.73 -0.88 -57.30
CA ASN K 263 -0.47 -0.12 -56.96
C ASN K 263 -0.98 -0.64 -55.63
N ALA K 264 -1.08 0.25 -54.64
CA ALA K 264 -1.48 -0.17 -53.31
C ALA K 264 -2.95 -0.56 -53.24
N PHE K 265 -3.77 -0.06 -54.16
CA PHE K 265 -5.21 -0.27 -54.14
C PHE K 265 -5.66 -1.39 -55.05
N GLU K 266 -4.73 -2.14 -55.63
CA GLU K 266 -5.06 -3.28 -56.46
C GLU K 266 -4.72 -4.55 -55.69
N PRO K 267 -5.70 -5.42 -55.43
CA PRO K 267 -5.40 -6.65 -54.67
C PRO K 267 -4.35 -7.54 -55.33
N ALA K 268 -4.35 -7.64 -56.65
CA ALA K 268 -3.38 -8.49 -57.35
C ALA K 268 -2.00 -7.86 -57.45
N SER K 269 -1.89 -6.53 -57.31
CA SER K 269 -0.59 -5.89 -57.33
C SER K 269 0.19 -6.12 -56.06
N ARG K 270 -0.50 -6.47 -54.97
CA ARG K 270 0.14 -6.69 -53.68
C ARG K 270 0.68 -8.10 -53.52
N LEU K 271 0.51 -8.96 -54.52
CA LEU K 271 0.96 -10.34 -54.46
C LEU K 271 2.12 -10.62 -55.42
N GLN K 272 2.76 -9.59 -55.97
CA GLN K 272 3.81 -9.78 -56.95
C GLN K 272 5.07 -10.33 -56.31
N GLY K 273 5.85 -11.05 -57.12
CA GLY K 273 7.09 -11.65 -56.65
C GLY K 273 8.25 -10.69 -56.57
N ILE K 274 8.06 -9.58 -55.87
CA ILE K 274 9.07 -8.55 -55.70
C ILE K 274 9.43 -8.50 -54.22
N LYS K 275 10.71 -8.68 -53.92
CA LYS K 275 11.17 -8.69 -52.53
C LYS K 275 11.09 -7.32 -51.86
N LEU K 276 10.90 -6.24 -52.63
CA LEU K 276 10.73 -4.92 -52.03
C LEU K 276 9.38 -4.75 -51.38
N LEU K 277 8.37 -5.51 -51.82
CA LEU K 277 7.01 -5.28 -51.37
C LEU K 277 6.83 -5.61 -49.88
N ASP K 278 7.53 -6.63 -49.39
CA ASP K 278 7.37 -7.02 -47.99
C ASP K 278 8.01 -6.03 -47.03
N ASN K 279 8.81 -5.09 -47.52
CA ASN K 279 9.36 -4.04 -46.67
C ASN K 279 8.45 -2.83 -46.58
N ILE K 280 7.69 -2.52 -47.63
CA ILE K 280 6.93 -1.28 -47.70
C ILE K 280 5.45 -1.51 -47.45
N GLN K 281 5.05 -2.71 -47.02
CA GLN K 281 3.65 -3.02 -46.82
C GLN K 281 3.24 -3.11 -45.36
N GLU K 282 4.16 -3.42 -44.45
CA GLU K 282 3.82 -3.45 -43.02
C GLU K 282 3.35 -2.08 -42.55
N TYR K 283 4.13 -1.05 -42.86
CA TYR K 283 3.69 0.34 -42.77
C TYR K 283 3.52 0.84 -44.19
N GLN K 284 2.35 1.37 -44.51
CA GLN K 284 2.07 1.80 -45.87
C GLN K 284 2.96 2.98 -46.21
N LEU K 285 4.00 2.73 -47.00
CA LEU K 285 4.99 3.76 -47.29
C LEU K 285 4.65 4.57 -48.53
N CYS K 286 4.00 3.97 -49.52
CA CYS K 286 3.68 4.65 -50.76
C CYS K 286 2.37 4.12 -51.32
N ASP K 287 1.78 4.89 -52.24
CA ASP K 287 0.60 4.46 -52.96
C ASP K 287 0.93 3.76 -54.28
N ASN K 288 2.04 4.13 -54.92
CA ASN K 288 2.42 3.54 -56.19
C ASN K 288 3.88 3.89 -56.50
N PHE K 289 4.52 3.02 -57.28
CA PHE K 289 5.82 3.35 -57.85
C PHE K 289 5.99 2.61 -59.17
N ASN K 290 6.89 3.12 -60.01
CA ASN K 290 7.23 2.46 -61.26
C ASN K 290 8.70 2.68 -61.55
N HIS K 291 9.34 1.65 -62.11
CA HIS K 291 10.75 1.70 -62.49
C HIS K 291 10.85 1.82 -64.01
N PHE K 292 11.63 2.80 -64.46
CA PHE K 292 11.75 3.10 -65.88
C PHE K 292 13.19 2.96 -66.34
N SER K 293 13.35 2.97 -67.67
CA SER K 293 14.67 2.95 -68.30
C SER K 293 14.51 3.69 -69.64
N LEU K 294 14.80 4.98 -69.63
CA LEU K 294 14.60 5.85 -70.78
C LEU K 294 15.92 6.01 -71.53
N SER K 295 15.86 5.86 -72.85
CA SER K 295 17.04 5.94 -73.70
C SER K 295 16.86 7.03 -74.75
N TYR K 296 17.96 7.70 -75.08
CA TYR K 296 17.95 8.77 -76.06
C TYR K 296 19.12 8.61 -77.02
N LYS K 297 19.42 9.65 -77.80
CA LYS K 297 20.53 9.57 -78.74
C LYS K 297 21.87 9.66 -78.03
N ASP K 298 21.97 10.51 -77.01
CA ASP K 298 23.24 10.74 -76.33
C ASP K 298 23.37 9.99 -75.00
N SER K 299 22.31 9.93 -74.20
CA SER K 299 22.39 9.35 -72.87
C SER K 299 21.05 8.71 -72.51
N GLY K 300 20.82 8.49 -71.23
CA GLY K 300 19.58 7.90 -70.75
C GLY K 300 19.42 8.11 -69.27
N LEU K 301 18.33 7.57 -68.72
CA LEU K 301 18.03 7.67 -67.30
C LEU K 301 17.49 6.34 -66.81
N TRP K 302 17.90 5.94 -65.61
CA TRP K 302 17.46 4.70 -64.97
C TRP K 302 17.11 5.01 -63.53
N GLY K 303 15.88 4.69 -63.12
CA GLY K 303 15.41 4.94 -61.75
C GLY K 303 13.97 4.63 -61.49
N PHE K 304 13.30 5.43 -60.67
CA PHE K 304 11.90 5.16 -60.28
C PHE K 304 11.14 6.43 -59.94
N SER K 305 9.80 6.38 -59.98
CA SER K 305 8.95 7.53 -59.55
C SER K 305 7.97 7.06 -58.48
N THR K 306 7.75 7.86 -57.45
CA THR K 306 6.88 7.51 -56.33
C THR K 306 5.90 8.64 -56.02
N ALA K 307 4.78 8.25 -55.42
CA ALA K 307 3.81 9.18 -54.85
C ALA K 307 3.28 8.59 -53.56
N THR K 308 3.34 9.36 -52.47
CA THR K 308 2.97 8.83 -51.17
C THR K 308 2.19 9.88 -50.38
N ARG K 309 1.36 9.39 -49.47
CA ARG K 309 0.68 10.23 -48.50
C ARG K 309 1.29 10.12 -47.10
N ASN K 310 2.20 9.17 -46.89
CA ASN K 310 2.88 8.97 -45.62
C ASN K 310 4.10 9.90 -45.58
N VAL K 311 3.82 11.18 -45.28
CA VAL K 311 4.84 12.21 -45.39
C VAL K 311 5.86 12.16 -44.26
N THR K 312 5.60 11.43 -43.19
CA THR K 312 6.55 11.34 -42.09
C THR K 312 7.54 10.20 -42.23
N MET K 313 7.39 9.34 -43.23
CA MET K 313 8.26 8.19 -43.40
C MET K 313 8.82 8.11 -44.81
N ILE K 314 9.09 9.26 -45.43
CA ILE K 314 9.68 9.27 -46.77
C ILE K 314 11.07 8.69 -46.74
N ASP K 315 11.82 8.94 -45.66
CA ASP K 315 13.17 8.43 -45.56
C ASP K 315 13.20 6.91 -45.56
N ASP K 316 12.20 6.28 -44.93
CA ASP K 316 12.13 4.82 -44.92
C ASP K 316 11.90 4.27 -46.33
N LEU K 317 11.06 4.95 -47.11
CA LEU K 317 10.79 4.49 -48.47
C LEU K 317 12.05 4.55 -49.34
N ILE K 318 12.79 5.65 -49.25
CA ILE K 318 13.99 5.80 -50.05
C ILE K 318 15.08 4.83 -49.60
N HIS K 319 15.20 4.62 -48.28
CA HIS K 319 16.25 3.75 -47.77
C HIS K 319 16.05 2.30 -48.21
N PHE K 320 14.79 1.83 -48.20
CA PHE K 320 14.53 0.43 -48.54
C PHE K 320 14.65 0.17 -50.03
N THR K 321 14.24 1.12 -50.87
CA THR K 321 14.28 0.90 -52.31
C THR K 321 15.71 0.91 -52.83
N LEU K 322 16.57 1.76 -52.27
CA LEU K 322 17.96 1.82 -52.71
C LEU K 322 18.77 0.63 -52.20
N LYS K 323 18.36 0.04 -51.08
CA LYS K 323 19.05 -1.15 -50.58
C LYS K 323 18.77 -2.36 -51.45
N GLN K 324 17.62 -2.41 -52.12
CA GLN K 324 17.33 -3.48 -53.06
C GLN K 324 18.08 -3.31 -54.37
N TRP K 325 18.39 -2.06 -54.74
CA TRP K 325 19.22 -1.83 -55.92
C TRP K 325 20.63 -2.38 -55.72
N ASN K 326 21.12 -2.36 -54.48
CA ASN K 326 22.46 -2.85 -54.19
C ASN K 326 22.60 -4.33 -54.50
N ARG K 327 21.55 -5.10 -54.30
CA ARG K 327 21.60 -6.53 -54.53
C ARG K 327 21.77 -6.88 -56.00
N LEU K 328 21.56 -5.93 -56.92
CA LEU K 328 21.80 -6.20 -58.33
C LEU K 328 23.28 -6.39 -58.63
N THR K 329 24.16 -5.99 -57.72
CA THR K 329 25.60 -6.10 -57.89
C THR K 329 26.19 -7.30 -57.16
N ILE K 330 25.55 -7.78 -56.10
CA ILE K 330 26.15 -8.74 -55.19
C ILE K 330 25.38 -10.05 -55.11
N SER K 331 24.04 -9.99 -55.07
CA SER K 331 23.30 -11.19 -54.68
C SER K 331 21.99 -11.38 -55.46
N VAL K 332 21.93 -10.91 -56.70
CA VAL K 332 20.72 -11.14 -57.50
C VAL K 332 20.63 -12.62 -57.86
N THR K 333 19.43 -13.18 -57.74
CA THR K 333 19.22 -14.61 -57.86
C THR K 333 18.78 -14.99 -59.28
N ASP K 334 18.82 -16.30 -59.54
CA ASP K 334 18.45 -16.81 -60.85
C ASP K 334 16.95 -16.81 -61.08
N THR K 335 16.16 -16.95 -60.02
CA THR K 335 14.70 -16.89 -60.17
C THR K 335 14.24 -15.49 -60.53
N GLU K 336 14.87 -14.47 -59.97
CA GLU K 336 14.49 -13.09 -60.30
C GLU K 336 14.77 -12.76 -61.75
N VAL K 337 15.85 -13.28 -62.31
CA VAL K 337 16.18 -13.00 -63.71
C VAL K 337 15.22 -13.73 -64.65
N GLU K 338 14.83 -14.96 -64.31
CA GLU K 338 13.91 -15.71 -65.16
C GLU K 338 12.52 -15.08 -65.18
N ARG K 339 12.05 -14.60 -64.03
CA ARG K 339 10.74 -13.94 -63.99
C ARG K 339 10.75 -12.64 -64.77
N ALA K 340 11.80 -11.84 -64.64
CA ALA K 340 11.88 -10.57 -65.35
C ALA K 340 12.01 -10.77 -66.85
N LYS K 341 12.56 -11.91 -67.28
CA LYS K 341 12.62 -12.21 -68.70
C LYS K 341 11.22 -12.40 -69.27
N SER K 342 10.37 -13.13 -68.56
CA SER K 342 9.02 -13.43 -69.05
C SER K 342 8.14 -12.19 -69.08
N LEU K 343 8.28 -11.32 -68.08
CA LEU K 343 7.48 -10.10 -68.02
C LEU K 343 7.97 -9.04 -69.00
N LEU K 344 9.24 -9.05 -69.36
CA LEU K 344 9.73 -8.10 -70.36
C LEU K 344 9.29 -8.49 -71.77
N LYS K 345 9.24 -9.78 -72.07
CA LYS K 345 8.77 -10.23 -73.37
C LYS K 345 7.29 -9.95 -73.56
N LEU K 346 6.50 -10.05 -72.49
CA LEU K 346 5.08 -9.70 -72.58
C LEU K 346 4.90 -8.20 -72.78
N GLN K 347 5.67 -7.39 -72.06
CA GLN K 347 5.52 -5.95 -72.17
C GLN K 347 5.96 -5.43 -73.53
N LEU K 348 7.03 -6.00 -74.09
CA LEU K 348 7.45 -5.61 -75.42
C LEU K 348 6.44 -6.04 -76.48
N GLY K 349 5.83 -7.21 -76.30
CA GLY K 349 4.83 -7.69 -77.23
C GLY K 349 3.49 -6.99 -77.12
N GLN K 350 3.32 -6.11 -76.13
CA GLN K 350 2.12 -5.31 -76.00
C GLN K 350 2.31 -3.88 -76.50
N LEU K 351 3.54 -3.47 -76.75
CA LEU K 351 3.84 -2.14 -77.27
C LEU K 351 4.05 -2.12 -78.77
N TYR K 352 4.77 -3.10 -79.32
CA TYR K 352 4.98 -3.18 -80.76
C TYR K 352 3.87 -3.93 -81.47
N GLU K 353 3.09 -4.72 -80.76
CA GLU K 353 2.06 -5.57 -81.34
C GLU K 353 0.67 -5.17 -80.83
N SER K 354 0.44 -3.86 -80.72
CA SER K 354 -0.87 -3.35 -80.36
C SER K 354 -1.75 -3.30 -81.61
N GLY K 355 -2.95 -2.75 -81.48
CA GLY K 355 -3.85 -2.67 -82.61
C GLY K 355 -3.97 -1.28 -83.22
N ASN K 356 -3.07 -0.39 -82.87
CA ASN K 356 -3.15 1.00 -83.31
C ASN K 356 -2.07 1.28 -84.35
N PRO K 357 -2.43 1.47 -85.63
CA PRO K 357 -1.41 1.81 -86.62
C PRO K 357 -0.72 3.14 -86.37
N VAL K 358 -1.35 4.05 -85.63
CA VAL K 358 -0.70 5.32 -85.32
C VAL K 358 0.46 5.11 -84.35
N ASN K 359 0.26 4.24 -83.35
CA ASN K 359 1.35 3.91 -82.43
C ASN K 359 2.50 3.24 -83.15
N ASP K 360 2.19 2.37 -84.12
CA ASP K 360 3.23 1.69 -84.87
C ASP K 360 4.03 2.65 -85.75
N ALA K 361 3.36 3.66 -86.32
CA ALA K 361 4.05 4.60 -87.20
C ALA K 361 5.08 5.41 -86.44
N ASN K 362 4.75 5.86 -85.23
CA ASN K 362 5.72 6.60 -84.42
C ASN K 362 6.90 5.71 -84.04
N LEU K 363 6.62 4.47 -83.63
CA LEU K 363 7.68 3.57 -83.21
C LEU K 363 8.60 3.20 -84.37
N LEU K 364 8.02 2.95 -85.54
CA LEU K 364 8.83 2.51 -86.68
C LEU K 364 9.64 3.66 -87.26
N GLY K 365 9.04 4.85 -87.36
CA GLY K 365 9.74 5.99 -87.91
C GLY K 365 10.90 6.47 -87.05
N ALA K 366 10.74 6.39 -85.73
CA ALA K 366 11.80 6.84 -84.83
C ALA K 366 12.99 5.90 -84.82
N GLU K 367 12.78 4.60 -84.99
CA GLU K 367 13.87 3.64 -84.99
C GLU K 367 14.66 3.63 -86.29
N VAL K 368 14.09 4.15 -87.37
CA VAL K 368 14.82 4.23 -88.63
C VAL K 368 15.64 5.52 -88.73
N LEU K 369 15.15 6.61 -88.13
CA LEU K 369 15.89 7.86 -88.12
C LEU K 369 17.17 7.78 -87.30
N ILE K 370 17.35 6.75 -86.49
CA ILE K 370 18.50 6.63 -85.60
C ILE K 370 19.51 5.62 -86.13
N LYS K 371 19.05 4.44 -86.54
CA LYS K 371 19.96 3.37 -86.94
C LYS K 371 19.67 2.84 -88.34
N GLY K 372 18.80 3.51 -89.09
CA GLY K 372 18.59 3.17 -90.48
C GLY K 372 17.79 1.91 -90.74
N SER K 373 17.35 1.21 -89.71
CA SER K 373 16.56 -0.01 -89.87
C SER K 373 15.77 -0.24 -88.60
N LYS K 374 14.98 -1.32 -88.60
CA LYS K 374 14.15 -1.68 -87.46
C LYS K 374 14.45 -3.12 -87.07
N LEU K 375 14.75 -3.34 -85.80
CA LEU K 375 14.98 -4.68 -85.28
C LEU K 375 13.65 -5.37 -85.02
N SER K 376 13.52 -6.60 -85.51
CA SER K 376 12.26 -7.32 -85.40
C SER K 376 12.02 -7.77 -83.96
N LEU K 377 10.78 -8.18 -83.69
CA LEU K 377 10.42 -8.66 -82.36
C LEU K 377 10.96 -10.06 -82.09
N GLY K 378 11.09 -10.89 -83.14
CA GLY K 378 11.68 -12.20 -82.96
C GLY K 378 13.14 -12.15 -82.58
N GLU K 379 13.90 -11.20 -83.14
CA GLU K 379 15.32 -11.09 -82.82
C GLU K 379 15.53 -10.53 -81.42
N ALA K 380 14.68 -9.61 -80.97
CA ALA K 380 14.81 -9.08 -79.63
C ALA K 380 14.55 -10.14 -78.56
N PHE K 381 13.63 -11.06 -78.82
CA PHE K 381 13.36 -12.14 -77.88
C PHE K 381 14.58 -13.04 -77.70
N LYS K 382 15.34 -13.27 -78.77
CA LYS K 382 16.57 -14.04 -78.69
C LYS K 382 17.65 -13.34 -77.88
N LYS K 383 17.67 -12.00 -77.91
CA LYS K 383 18.64 -11.26 -77.12
C LYS K 383 18.26 -11.20 -75.65
N ILE K 384 16.97 -11.11 -75.33
CA ILE K 384 16.54 -11.11 -73.93
C ILE K 384 16.78 -12.46 -73.30
N ASP K 385 16.54 -13.54 -74.05
CA ASP K 385 16.71 -14.89 -73.50
C ASP K 385 18.16 -15.18 -73.16
N ALA K 386 19.11 -14.52 -73.82
CA ALA K 386 20.53 -14.80 -73.62
C ALA K 386 21.10 -14.16 -72.37
N ILE K 387 20.36 -13.28 -71.70
CA ILE K 387 20.90 -12.59 -70.53
C ILE K 387 21.09 -13.57 -69.38
N THR K 388 22.21 -13.44 -68.68
CA THR K 388 22.55 -14.28 -67.54
C THR K 388 22.71 -13.42 -66.29
N VAL K 389 22.93 -14.08 -65.16
CA VAL K 389 23.09 -13.36 -63.89
C VAL K 389 24.41 -12.60 -63.87
N LYS K 390 25.46 -13.17 -64.45
CA LYS K 390 26.75 -12.48 -64.50
C LYS K 390 26.68 -11.21 -65.34
N ASP K 391 25.77 -11.17 -66.31
CA ASP K 391 25.58 -9.96 -67.10
C ASP K 391 24.97 -8.84 -66.26
N VAL K 392 23.97 -9.17 -65.44
CA VAL K 392 23.31 -8.16 -64.62
C VAL K 392 24.28 -7.57 -63.61
N LYS K 393 25.08 -8.43 -62.95
CA LYS K 393 26.00 -7.96 -61.93
C LYS K 393 27.08 -7.07 -62.54
N ALA K 394 27.55 -7.39 -63.74
CA ALA K 394 28.54 -6.55 -64.41
C ALA K 394 27.95 -5.20 -64.78
N TRP K 395 26.69 -5.16 -65.24
CA TRP K 395 26.08 -3.89 -65.62
C TRP K 395 25.79 -3.04 -64.39
N ALA K 396 25.31 -3.66 -63.31
CA ALA K 396 24.96 -2.89 -62.12
C ALA K 396 26.18 -2.34 -61.42
N GLY K 397 27.29 -3.09 -61.40
CA GLY K 397 28.50 -2.59 -60.79
C GLY K 397 29.11 -1.40 -61.50
N LYS K 398 28.80 -1.24 -62.78
CA LYS K 398 29.31 -0.14 -63.59
C LYS K 398 28.43 1.10 -63.54
N ARG K 399 27.11 0.91 -63.45
CA ARG K 399 26.16 2.01 -63.55
C ARG K 399 25.52 2.40 -62.24
N LEU K 400 25.40 1.48 -61.28
CA LEU K 400 24.64 1.72 -60.07
C LEU K 400 25.50 1.85 -58.82
N TRP K 401 26.43 0.92 -58.62
CA TRP K 401 27.22 0.85 -57.38
C TRP K 401 28.05 2.10 -57.14
N ASP K 402 27.68 2.86 -56.11
CA ASP K 402 28.45 4.03 -55.65
C ASP K 402 28.57 5.09 -56.75
N GLN K 403 27.42 5.54 -57.25
CA GLN K 403 27.36 6.49 -58.35
C GLN K 403 26.54 7.71 -57.96
N ASP K 404 26.72 8.79 -58.72
CA ASP K 404 25.96 10.01 -58.49
C ASP K 404 24.53 9.87 -59.00
N ILE K 405 23.63 10.65 -58.42
CA ILE K 405 22.19 10.51 -58.67
C ILE K 405 21.59 11.89 -58.92
N ALA K 406 20.40 11.90 -59.50
CA ALA K 406 19.61 13.10 -59.71
C ALA K 406 18.26 12.95 -59.03
N ILE K 407 17.81 14.00 -58.36
CA ILE K 407 16.58 13.97 -57.56
C ILE K 407 15.70 15.16 -57.95
N ALA K 408 14.40 14.90 -58.07
CA ALA K 408 13.40 15.95 -58.23
C ALA K 408 12.20 15.63 -57.36
N GLY K 409 11.54 16.65 -56.85
CA GLY K 409 10.40 16.44 -55.98
C GLY K 409 9.55 17.68 -55.83
N THR K 410 8.29 17.46 -55.43
CA THR K 410 7.35 18.54 -55.16
C THR K 410 6.33 18.05 -54.15
N GLY K 411 5.59 18.99 -53.58
CA GLY K 411 4.59 18.67 -52.58
C GLY K 411 5.11 18.82 -51.17
N GLN K 412 4.73 17.90 -50.29
CA GLN K 412 5.20 17.92 -48.90
C GLN K 412 6.44 17.05 -48.83
N ILE K 413 7.60 17.68 -49.07
CA ILE K 413 8.87 16.96 -49.16
C ILE K 413 9.84 17.46 -48.10
N GLU K 414 9.31 17.90 -46.95
CA GLU K 414 10.18 18.25 -45.85
C GLU K 414 10.90 17.03 -45.29
N GLY K 415 10.26 15.87 -45.32
CA GLY K 415 10.84 14.64 -44.83
C GLY K 415 11.82 13.98 -45.75
N LEU K 416 12.05 14.51 -46.94
CA LEU K 416 13.10 14.04 -47.82
C LEU K 416 14.43 14.63 -47.36
N LEU K 417 15.40 13.75 -47.07
CA LEU K 417 16.64 14.18 -46.46
C LEU K 417 17.55 14.84 -47.49
N ASP K 418 18.77 15.16 -47.06
CA ASP K 418 19.71 15.89 -47.89
C ASP K 418 20.34 14.96 -48.93
N TYR K 419 21.11 15.56 -49.84
CA TYR K 419 21.70 14.79 -50.93
C TYR K 419 22.68 13.75 -50.43
N MET K 420 23.50 14.11 -49.43
CA MET K 420 24.56 13.21 -48.99
C MET K 420 24.02 12.01 -48.24
N ARG K 421 22.93 12.17 -47.47
CA ARG K 421 22.34 11.02 -46.80
C ARG K 421 21.77 10.01 -47.79
N ILE K 422 21.17 10.51 -48.88
CA ILE K 422 20.60 9.62 -49.89
C ILE K 422 21.70 8.97 -50.72
N ARG K 423 22.73 9.72 -51.09
CA ARG K 423 23.81 9.16 -51.89
C ARG K 423 24.62 8.11 -51.16
N SER K 424 24.62 8.15 -49.82
CA SER K 424 25.31 7.13 -49.04
C SER K 424 24.68 5.75 -49.20
N ASP K 425 23.43 5.67 -49.64
CA ASP K 425 22.71 4.41 -49.78
C ASP K 425 23.01 3.67 -51.06
N MET K 426 23.85 4.22 -51.94
CA MET K 426 24.19 3.56 -53.18
C MET K 426 25.23 2.47 -53.00
N SER K 427 25.70 2.24 -51.78
CA SER K 427 26.64 1.16 -51.49
C SER K 427 26.44 0.73 -50.05
N MET K 428 27.01 -0.42 -49.71
CA MET K 428 26.94 -0.99 -48.37
C MET K 428 28.33 -1.12 -47.79
N MET K 429 28.50 -0.73 -46.52
CA MET K 429 29.76 -0.93 -45.82
C MET K 429 29.96 -2.37 -45.37
N ARG K 430 28.93 -3.20 -45.42
CA ARG K 430 29.07 -4.60 -45.04
C ARG K 430 29.61 -5.47 -46.17
N TRP K 431 29.81 -4.90 -47.35
CA TRP K 431 30.31 -5.68 -48.48
C TRP K 431 31.73 -5.25 -48.83
N LEU L 1 -22.78 -21.85 -75.01
CA LEU L 1 -21.33 -22.01 -75.06
C LEU L 1 -20.81 -21.77 -76.47
N THR L 2 -20.61 -20.50 -76.81
CA THR L 2 -20.11 -20.11 -78.12
C THR L 2 -18.60 -19.88 -78.02
N VAL L 3 -17.86 -20.47 -78.96
CA VAL L 3 -16.41 -20.35 -79.02
C VAL L 3 -16.02 -19.88 -80.41
N SER L 4 -15.20 -18.83 -80.46
CA SER L 4 -14.71 -18.30 -81.73
C SER L 4 -13.35 -17.68 -81.49
N ALA L 5 -12.51 -17.68 -82.53
CA ALA L 5 -11.16 -17.16 -82.42
C ALA L 5 -10.68 -16.67 -83.77
N ARG L 6 -9.72 -15.76 -83.74
CA ARG L 6 -9.03 -15.27 -84.93
C ARG L 6 -7.54 -15.52 -84.79
N ASP L 7 -6.92 -15.91 -85.89
CA ASP L 7 -5.52 -16.31 -85.91
C ASP L 7 -4.65 -15.21 -86.52
N ALA L 8 -3.36 -15.25 -86.17
CA ALA L 8 -2.38 -14.30 -86.67
C ALA L 8 -0.96 -14.77 -86.32
N PRO L 9 0.04 -14.44 -87.12
CA PRO L 9 1.45 -14.77 -86.78
C PRO L 9 2.07 -13.72 -85.86
N THR L 10 1.82 -13.86 -84.56
CA THR L 10 2.29 -12.89 -83.58
C THR L 10 2.82 -13.64 -82.37
N LYS L 11 3.15 -12.89 -81.32
CA LYS L 11 3.73 -13.45 -80.10
C LYS L 11 2.75 -13.49 -78.93
N ILE L 12 1.83 -12.55 -78.84
CA ILE L 12 0.95 -12.41 -77.70
C ILE L 12 -0.44 -12.90 -78.09
N SER L 13 -1.13 -13.53 -77.14
CA SER L 13 -2.50 -13.99 -77.32
C SER L 13 -3.41 -13.35 -76.27
N THR L 14 -4.70 -13.35 -76.57
CA THR L 14 -5.71 -12.80 -75.68
C THR L 14 -6.91 -13.73 -75.64
N LEU L 15 -7.40 -13.99 -74.43
CA LEU L 15 -8.58 -14.83 -74.20
C LEU L 15 -9.56 -14.06 -73.33
N ALA L 16 -10.82 -14.02 -73.76
CA ALA L 16 -11.86 -13.29 -73.05
C ALA L 16 -13.08 -14.17 -72.85
N VAL L 17 -13.70 -14.06 -71.68
CA VAL L 17 -14.95 -14.73 -71.37
C VAL L 17 -15.94 -13.66 -70.95
N LYS L 18 -17.00 -13.47 -71.73
CA LYS L 18 -18.00 -12.45 -71.48
C LYS L 18 -19.25 -13.09 -70.92
N VAL L 19 -19.73 -12.58 -69.80
CA VAL L 19 -20.90 -13.11 -69.11
C VAL L 19 -21.96 -12.03 -69.07
N HIS L 20 -23.21 -12.41 -69.38
CA HIS L 20 -24.34 -11.49 -69.29
C HIS L 20 -24.71 -11.31 -67.81
N GLY L 21 -23.84 -10.63 -67.09
CA GLY L 21 -24.04 -10.44 -65.67
C GLY L 21 -23.73 -9.03 -65.20
N GLY L 22 -23.94 -8.04 -66.06
CA GLY L 22 -23.61 -6.68 -65.73
C GLY L 22 -24.59 -6.08 -64.73
N SER L 23 -24.46 -4.76 -64.57
CA SER L 23 -25.26 -4.05 -63.57
C SER L 23 -26.75 -4.08 -63.88
N ARG L 24 -27.15 -4.30 -65.12
CA ARG L 24 -28.56 -4.31 -65.46
C ARG L 24 -29.26 -5.59 -65.04
N TYR L 25 -28.53 -6.61 -64.60
CA TYR L 25 -29.10 -7.85 -64.11
C TYR L 25 -28.93 -8.02 -62.60
N ALA L 26 -28.46 -6.99 -61.90
CA ALA L 26 -28.19 -7.12 -60.48
C ALA L 26 -29.48 -7.21 -59.68
N THR L 27 -29.55 -8.19 -58.77
CA THR L 27 -30.71 -8.32 -57.91
C THR L 27 -30.72 -7.29 -56.79
N LYS L 28 -29.54 -6.91 -56.28
CA LYS L 28 -29.42 -5.86 -55.28
C LYS L 28 -28.42 -4.83 -55.77
N ASP L 29 -28.50 -3.63 -55.19
CA ASP L 29 -27.66 -2.51 -55.61
C ASP L 29 -26.18 -2.81 -55.39
N GLY L 30 -25.42 -2.88 -56.48
CA GLY L 30 -24.00 -3.07 -56.39
C GLY L 30 -23.54 -4.50 -56.19
N VAL L 31 -24.42 -5.48 -56.32
CA VAL L 31 -24.02 -6.87 -56.13
C VAL L 31 -23.16 -7.36 -57.29
N ALA L 32 -23.32 -6.76 -58.47
CA ALA L 32 -22.48 -7.12 -59.60
C ALA L 32 -21.09 -6.53 -59.49
N HIS L 33 -20.98 -5.34 -58.89
CA HIS L 33 -19.67 -4.76 -58.62
C HIS L 33 -18.88 -5.61 -57.64
N LEU L 34 -19.56 -6.16 -56.63
CA LEU L 34 -18.89 -6.98 -55.63
C LEU L 34 -18.46 -8.32 -56.20
N LEU L 35 -19.25 -8.90 -57.11
CA LEU L 35 -18.83 -10.13 -57.77
C LEU L 35 -17.65 -9.91 -58.69
N ASN L 36 -17.48 -8.70 -59.22
CA ASN L 36 -16.34 -8.39 -60.06
C ASN L 36 -15.04 -8.42 -59.27
N ARG L 37 -15.07 -7.97 -58.03
CA ARG L 37 -13.86 -7.85 -57.19
C ARG L 37 -13.62 -9.14 -56.39
N PHE L 38 -14.24 -10.25 -56.76
CA PHE L 38 -14.01 -11.56 -56.11
C PHE L 38 -13.61 -12.55 -57.19
N ASN L 39 -13.43 -12.09 -58.41
CA ASN L 39 -13.24 -13.01 -59.56
C ASN L 39 -11.89 -13.73 -59.54
N PHE L 40 -10.83 -13.11 -59.03
CA PHE L 40 -9.53 -13.76 -59.04
C PHE L 40 -8.96 -13.91 -57.63
N GLN L 41 -9.82 -14.24 -56.67
CA GLN L 41 -9.40 -14.56 -55.32
C GLN L 41 -9.15 -16.08 -55.24
N ASN L 42 -9.04 -16.60 -54.02
CA ASN L 42 -8.76 -18.03 -53.86
C ASN L 42 -9.86 -18.88 -54.47
N THR L 43 -9.46 -20.00 -55.06
CA THR L 43 -10.38 -21.06 -55.47
C THR L 43 -10.23 -22.23 -54.51
N ASN L 44 -10.93 -23.32 -54.81
CA ASN L 44 -10.88 -24.51 -53.96
C ASN L 44 -9.69 -25.41 -54.24
N THR L 45 -8.86 -25.07 -55.22
CA THR L 45 -7.68 -25.86 -55.54
C THR L 45 -6.40 -25.04 -55.60
N ARG L 46 -6.47 -23.72 -55.70
CA ARG L 46 -5.29 -22.89 -55.87
C ARG L 46 -5.54 -21.55 -55.21
N SER L 47 -4.49 -21.00 -54.59
CA SER L 47 -4.60 -19.73 -53.91
C SER L 47 -4.44 -18.57 -54.88
N ALA L 48 -4.86 -17.39 -54.44
CA ALA L 48 -4.67 -16.18 -55.25
C ALA L 48 -3.19 -15.85 -55.40
N LEU L 49 -2.42 -16.01 -54.33
CA LEU L 49 -0.98 -15.75 -54.40
C LEU L 49 -0.29 -16.73 -55.34
N LYS L 50 -0.67 -18.00 -55.29
CA LYS L 50 -0.03 -19.00 -56.14
C LYS L 50 -0.28 -18.73 -57.61
N LEU L 51 -1.49 -18.29 -57.95
CA LEU L 51 -1.82 -18.00 -59.35
C LEU L 51 -1.01 -16.81 -59.87
N VAL L 52 -0.86 -15.77 -59.06
CA VAL L 52 -0.10 -14.60 -59.48
C VAL L 52 1.36 -14.96 -59.69
N ARG L 53 1.95 -15.74 -58.76
CA ARG L 53 3.35 -16.08 -58.87
C ARG L 53 3.63 -17.05 -60.01
N GLU L 54 2.70 -17.95 -60.29
CA GLU L 54 2.92 -18.94 -61.34
C GLU L 54 2.81 -18.33 -62.73
N SER L 55 1.84 -17.44 -62.94
CA SER L 55 1.66 -16.85 -64.27
C SER L 55 2.73 -15.83 -64.59
N GLU L 56 3.33 -15.22 -63.56
CA GLU L 56 4.42 -14.28 -63.80
C GLU L 56 5.62 -14.99 -64.41
N LEU L 57 5.91 -16.20 -63.96
CA LEU L 57 7.01 -16.98 -64.53
C LEU L 57 6.68 -17.57 -65.89
N LEU L 58 5.41 -17.55 -66.29
CA LEU L 58 5.02 -18.00 -67.62
C LEU L 58 4.75 -16.85 -68.59
N GLY L 59 4.61 -15.63 -68.09
CA GLY L 59 4.38 -14.49 -68.96
C GLY L 59 2.92 -14.20 -69.27
N GLY L 60 2.12 -13.94 -68.24
CA GLY L 60 0.72 -13.63 -68.44
C GLY L 60 0.15 -12.81 -67.30
N THR L 61 -1.02 -12.24 -67.56
CA THR L 61 -1.71 -11.39 -66.59
C THR L 61 -3.21 -11.67 -66.66
N PHE L 62 -3.94 -11.12 -65.70
CA PHE L 62 -5.37 -11.34 -65.55
C PHE L 62 -6.07 -10.02 -65.25
N LYS L 63 -7.36 -9.97 -65.57
CA LYS L 63 -8.15 -8.78 -65.29
C LYS L 63 -9.64 -9.14 -65.39
N SER L 64 -10.46 -8.34 -64.70
CA SER L 64 -11.91 -8.45 -64.78
C SER L 64 -12.53 -7.06 -64.79
N THR L 65 -13.49 -6.85 -65.68
CA THR L 65 -14.09 -5.54 -65.88
C THR L 65 -15.60 -5.65 -65.87
N LEU L 66 -16.26 -4.60 -65.37
CA LEU L 66 -17.70 -4.54 -65.22
C LEU L 66 -18.26 -3.34 -65.97
N ASP L 67 -19.38 -3.56 -66.65
CA ASP L 67 -20.19 -2.47 -67.19
C ASP L 67 -21.66 -2.82 -66.96
N ARG L 68 -22.55 -2.10 -67.63
CA ARG L 68 -23.98 -2.27 -67.39
C ARG L 68 -24.56 -3.49 -68.07
N GLU L 69 -23.77 -4.21 -68.87
CA GLU L 69 -24.31 -5.36 -69.59
C GLU L 69 -23.48 -6.62 -69.37
N TYR L 70 -22.17 -6.47 -69.20
CA TYR L 70 -21.25 -7.59 -69.23
C TYR L 70 -20.39 -7.64 -67.98
N ILE L 71 -19.93 -8.85 -67.65
CA ILE L 71 -18.78 -9.06 -66.80
C ILE L 71 -17.76 -9.82 -67.64
N THR L 72 -16.55 -9.28 -67.75
CA THR L 72 -15.56 -9.79 -68.68
C THR L 72 -14.32 -10.24 -67.95
N LEU L 73 -13.89 -11.49 -68.20
CA LEU L 73 -12.65 -12.04 -67.67
C LEU L 73 -11.67 -12.17 -68.83
N LYS L 74 -10.50 -11.54 -68.69
CA LYS L 74 -9.53 -11.44 -69.76
C LYS L 74 -8.16 -11.91 -69.30
N ALA L 75 -7.43 -12.53 -70.22
CA ALA L 75 -6.07 -12.99 -69.96
C ALA L 75 -5.19 -12.68 -71.15
N THR L 76 -4.07 -12.01 -70.90
CA THR L 76 -3.06 -11.71 -71.92
C THR L 76 -1.80 -12.50 -71.60
N PHE L 77 -1.30 -13.26 -72.57
CA PHE L 77 -0.21 -14.19 -72.31
C PHE L 77 0.59 -14.42 -73.58
N LEU L 78 1.67 -15.17 -73.45
CA LEU L 78 2.46 -15.58 -74.60
C LEU L 78 1.76 -16.72 -75.32
N LYS L 79 1.98 -16.82 -76.63
CA LYS L 79 1.12 -17.60 -77.51
C LYS L 79 1.13 -19.09 -77.19
N ASP L 80 2.08 -19.59 -76.42
CA ASP L 80 2.23 -21.03 -76.24
C ASP L 80 1.71 -21.53 -74.90
N ASP L 81 1.17 -20.66 -74.05
CA ASP L 81 0.62 -21.07 -72.76
C ASP L 81 -0.90 -21.13 -72.78
N LEU L 82 -1.50 -21.45 -73.94
CA LEU L 82 -2.95 -21.39 -74.05
C LEU L 82 -3.67 -22.35 -73.11
N PRO L 83 -3.32 -23.64 -73.01
CA PRO L 83 -4.07 -24.52 -72.11
C PRO L 83 -4.02 -24.11 -70.65
N TYR L 84 -2.94 -23.49 -70.20
CA TYR L 84 -2.85 -23.09 -68.80
C TYR L 84 -3.90 -22.03 -68.46
N TYR L 85 -4.09 -21.05 -69.33
CA TYR L 85 -4.99 -19.95 -69.03
C TYR L 85 -6.45 -20.28 -69.31
N VAL L 86 -6.73 -21.34 -70.07
CA VAL L 86 -8.11 -21.80 -70.22
C VAL L 86 -8.63 -22.36 -68.90
N ASN L 87 -7.82 -23.19 -68.24
CA ASN L 87 -8.24 -23.81 -66.99
C ASN L 87 -8.26 -22.79 -65.84
N ALA L 88 -7.39 -21.79 -65.88
CA ALA L 88 -7.39 -20.77 -64.83
C ALA L 88 -8.70 -19.99 -64.83
N LEU L 89 -9.21 -19.66 -66.02
CA LEU L 89 -10.50 -18.99 -66.12
C LEU L 89 -11.66 -19.93 -65.84
N ALA L 90 -11.53 -21.20 -66.22
CA ALA L 90 -12.58 -22.18 -65.93
C ALA L 90 -12.75 -22.40 -64.43
N ASP L 91 -11.64 -22.38 -63.69
CA ASP L 91 -11.72 -22.56 -62.24
C ASP L 91 -12.36 -21.37 -61.56
N VAL L 92 -12.22 -20.17 -62.13
CA VAL L 92 -12.81 -18.97 -61.52
C VAL L 92 -14.33 -19.05 -61.56
N LEU L 93 -14.88 -19.42 -62.71
CA LEU L 93 -16.32 -19.51 -62.87
C LEU L 93 -16.93 -20.73 -62.20
N TYR L 94 -16.11 -21.68 -61.75
CA TYR L 94 -16.58 -22.94 -61.22
C TYR L 94 -16.48 -23.04 -59.71
N LYS L 95 -15.30 -22.79 -59.13
CA LYS L 95 -15.02 -23.16 -57.74
C LYS L 95 -14.32 -22.03 -57.01
N THR L 96 -14.85 -20.82 -57.12
CA THR L 96 -14.35 -19.72 -56.29
C THR L 96 -14.71 -19.98 -54.83
N ALA L 97 -13.77 -19.67 -53.93
CA ALA L 97 -13.90 -20.10 -52.54
C ALA L 97 -14.99 -19.34 -51.80
N PHE L 98 -15.08 -18.02 -51.99
CA PHE L 98 -16.06 -17.17 -51.31
C PHE L 98 -15.90 -17.27 -49.79
N LYS L 99 -14.73 -16.86 -49.31
CA LYS L 99 -14.46 -16.95 -47.89
C LYS L 99 -14.90 -15.68 -47.16
N PRO L 100 -15.36 -15.82 -45.92
CA PRO L 100 -15.83 -14.64 -45.17
C PRO L 100 -14.76 -13.59 -44.94
N HIS L 101 -13.49 -13.98 -44.78
CA HIS L 101 -12.43 -13.02 -44.54
C HIS L 101 -11.84 -12.44 -45.82
N GLU L 102 -12.12 -13.03 -46.98
CA GLU L 102 -11.71 -12.41 -48.23
C GLU L 102 -12.54 -11.17 -48.53
N LEU L 103 -13.82 -11.18 -48.16
CA LEU L 103 -14.66 -10.02 -48.38
C LEU L 103 -14.27 -8.86 -47.47
N THR L 104 -13.90 -9.15 -46.24
CA THR L 104 -13.56 -8.10 -45.27
C THR L 104 -12.20 -7.49 -45.52
N GLU L 105 -11.24 -8.26 -46.02
CA GLU L 105 -9.87 -7.80 -46.12
C GLU L 105 -9.46 -7.37 -47.52
N SER L 106 -10.07 -7.93 -48.57
CA SER L 106 -9.66 -7.63 -49.93
C SER L 106 -10.76 -7.02 -50.79
N VAL L 107 -11.99 -7.54 -50.71
CA VAL L 107 -13.01 -7.17 -51.68
C VAL L 107 -13.66 -5.85 -51.31
N LEU L 108 -14.13 -5.71 -50.07
CA LEU L 108 -14.78 -4.47 -49.66
C LEU L 108 -13.86 -3.26 -49.74
N PRO L 109 -12.61 -3.29 -49.24
CA PRO L 109 -11.74 -2.13 -49.41
C PRO L 109 -11.46 -1.77 -50.85
N ALA L 110 -11.42 -2.75 -51.76
CA ALA L 110 -11.24 -2.45 -53.18
C ALA L 110 -12.45 -1.75 -53.76
N ALA L 111 -13.65 -2.14 -53.33
CA ALA L 111 -14.86 -1.50 -53.84
C ALA L 111 -15.01 -0.07 -53.33
N ARG L 112 -14.56 0.21 -52.10
CA ARG L 112 -14.63 1.56 -51.58
C ARG L 112 -13.73 2.51 -52.38
N TYR L 113 -12.57 2.02 -52.82
CA TYR L 113 -11.67 2.85 -53.62
C TYR L 113 -12.30 3.19 -54.97
N ASP L 114 -12.95 2.22 -55.62
CA ASP L 114 -13.59 2.50 -56.90
C ASP L 114 -14.69 3.53 -56.76
N TYR L 115 -15.50 3.41 -55.71
CA TYR L 115 -16.61 4.33 -55.53
C TYR L 115 -16.13 5.74 -55.22
N ALA L 116 -15.06 5.86 -54.42
CA ALA L 116 -14.55 7.18 -54.07
C ALA L 116 -13.91 7.88 -55.27
N VAL L 117 -13.32 7.13 -56.18
CA VAL L 117 -12.72 7.73 -57.37
C VAL L 117 -13.78 8.27 -58.31
N ALA L 118 -14.83 7.48 -58.57
CA ALA L 118 -15.89 7.92 -59.48
C ALA L 118 -16.74 9.02 -58.89
N GLU L 119 -16.81 9.14 -57.57
CA GLU L 119 -17.63 10.16 -56.95
C GLU L 119 -17.03 11.54 -57.12
N GLN L 120 -15.70 11.63 -57.24
CA GLN L 120 -15.04 12.92 -57.39
C GLN L 120 -15.20 13.52 -58.78
N CYS L 121 -15.75 12.78 -59.74
CA CYS L 121 -15.94 13.28 -61.10
C CYS L 121 -17.39 13.68 -61.31
N PRO L 122 -17.69 14.96 -61.56
CA PRO L 122 -19.08 15.36 -61.82
C PRO L 122 -19.66 14.81 -63.13
N VAL L 123 -18.83 14.45 -64.10
CA VAL L 123 -19.36 13.90 -65.35
C VAL L 123 -19.88 12.49 -65.15
N LYS L 124 -19.19 11.69 -64.31
CA LYS L 124 -19.71 10.36 -64.00
C LYS L 124 -21.01 10.44 -63.21
N SER L 125 -21.15 11.44 -62.35
CA SER L 125 -22.39 11.61 -61.60
C SER L 125 -23.55 11.94 -62.53
N ALA L 126 -23.33 12.88 -63.46
CA ALA L 126 -24.41 13.30 -64.35
C ALA L 126 -24.85 12.18 -65.29
N GLU L 127 -23.92 11.31 -65.68
CA GLU L 127 -24.26 10.19 -66.54
C GLU L 127 -25.08 9.16 -65.78
N ASP L 128 -24.81 8.97 -64.49
CA ASP L 128 -25.55 8.01 -63.69
C ASP L 128 -27.01 8.40 -63.54
N GLN L 129 -27.28 9.69 -63.30
CA GLN L 129 -28.67 10.14 -63.19
C GLN L 129 -29.39 10.08 -64.52
N LEU L 130 -28.68 10.32 -65.63
CA LEU L 130 -29.31 10.21 -66.94
C LEU L 130 -29.78 8.79 -67.20
N TYR L 131 -28.99 7.80 -66.79
CA TYR L 131 -29.43 6.42 -66.90
C TYR L 131 -30.57 6.12 -65.95
N ALA L 132 -30.60 6.77 -64.79
CA ALA L 132 -31.62 6.47 -63.79
C ALA L 132 -32.98 7.02 -64.17
N ILE L 133 -33.02 8.24 -64.72
CA ILE L 133 -34.31 8.85 -65.05
C ILE L 133 -34.85 8.38 -66.40
N THR L 134 -33.99 7.91 -67.30
CA THR L 134 -34.47 7.41 -68.58
C THR L 134 -35.03 6.00 -68.45
N PHE L 135 -34.22 5.08 -67.97
CA PHE L 135 -34.66 3.74 -67.60
C PHE L 135 -34.64 3.65 -66.09
N ARG L 136 -35.73 3.18 -65.49
CA ARG L 136 -35.80 3.27 -64.03
C ARG L 136 -35.19 2.05 -63.34
N LYS L 137 -35.58 0.84 -63.74
CA LYS L 137 -35.13 -0.37 -63.06
C LYS L 137 -34.33 -1.32 -63.93
N GLY L 138 -34.07 -0.96 -65.19
CA GLY L 138 -33.31 -1.84 -66.07
C GLY L 138 -31.88 -1.38 -66.18
N LEU L 139 -31.58 -0.62 -67.23
CA LEU L 139 -30.27 0.01 -67.37
C LEU L 139 -30.05 1.12 -66.36
N GLY L 140 -31.07 1.52 -65.60
CA GLY L 140 -30.96 2.54 -64.59
C GLY L 140 -30.43 2.11 -63.26
N ASN L 141 -30.10 0.83 -63.09
CA ASN L 141 -29.51 0.37 -61.85
C ASN L 141 -28.15 1.01 -61.63
N PRO L 142 -27.79 1.29 -60.37
CA PRO L 142 -26.45 1.84 -60.10
C PRO L 142 -25.36 0.87 -60.53
N LEU L 143 -24.27 1.42 -61.05
CA LEU L 143 -23.15 0.59 -61.50
C LEU L 143 -22.32 0.10 -60.32
N LEU L 144 -21.86 1.02 -59.48
CA LEU L 144 -20.97 0.70 -58.38
C LEU L 144 -21.73 0.53 -57.07
N TYR L 145 -21.05 -0.06 -56.10
CA TYR L 145 -21.62 -0.36 -54.80
C TYR L 145 -21.25 0.73 -53.81
N ASP L 146 -22.23 1.25 -53.09
CA ASP L 146 -22.00 2.33 -52.14
C ASP L 146 -22.53 2.05 -50.74
N GLY L 147 -23.12 0.88 -50.49
CA GLY L 147 -23.58 0.53 -49.17
C GLY L 147 -24.96 1.04 -48.81
N VAL L 148 -25.68 1.66 -49.73
CA VAL L 148 -27.05 2.08 -49.45
C VAL L 148 -27.94 0.88 -49.22
N GLU L 149 -27.76 -0.18 -49.99
CA GLU L 149 -28.47 -1.44 -49.81
C GLU L 149 -27.49 -2.49 -49.30
N ARG L 150 -27.88 -3.20 -48.25
CA ARG L 150 -27.00 -4.19 -47.64
C ARG L 150 -26.86 -5.41 -48.53
N VAL L 151 -25.63 -5.84 -48.78
CA VAL L 151 -25.33 -7.02 -49.57
C VAL L 151 -24.45 -7.93 -48.74
N SER L 152 -24.89 -9.17 -48.55
CA SER L 152 -24.18 -10.14 -47.74
C SER L 152 -23.35 -11.08 -48.60
N LEU L 153 -22.58 -11.94 -47.93
CA LEU L 153 -21.74 -12.90 -48.64
C LEU L 153 -22.59 -13.93 -49.37
N GLN L 154 -23.72 -14.34 -48.77
CA GLN L 154 -24.61 -15.27 -49.45
C GLN L 154 -25.26 -14.64 -50.68
N ASP L 155 -25.48 -13.34 -50.66
CA ASP L 155 -26.04 -12.67 -51.82
C ASP L 155 -25.11 -12.75 -53.02
N ILE L 156 -23.81 -12.58 -52.79
CA ILE L 156 -22.84 -12.68 -53.88
C ILE L 156 -22.74 -14.11 -54.39
N LYS L 157 -22.79 -15.09 -53.49
CA LYS L 157 -22.78 -16.49 -53.91
C LYS L 157 -24.02 -16.83 -54.73
N ASP L 158 -25.18 -16.32 -54.33
CA ASP L 158 -26.41 -16.57 -55.07
C ASP L 158 -26.36 -15.95 -56.46
N PHE L 159 -25.82 -14.73 -56.56
CA PHE L 159 -25.75 -14.05 -57.85
C PHE L 159 -24.85 -14.79 -58.81
N ALA L 160 -23.73 -15.33 -58.32
CA ALA L 160 -22.83 -16.09 -59.17
C ALA L 160 -23.45 -17.39 -59.65
N ASP L 161 -24.28 -18.03 -58.82
CA ASP L 161 -24.96 -19.25 -59.24
C ASP L 161 -25.96 -19.01 -60.36
N LYS L 162 -26.39 -17.78 -60.55
CA LYS L 162 -27.40 -17.45 -61.54
C LYS L 162 -26.80 -17.00 -62.87
N VAL L 163 -25.69 -16.27 -62.85
CA VAL L 163 -25.11 -15.74 -64.07
C VAL L 163 -24.01 -16.62 -64.67
N TYR L 164 -23.37 -17.47 -63.87
CA TYR L 164 -22.28 -18.33 -64.36
C TYR L 164 -22.87 -19.67 -64.82
N THR L 165 -23.54 -19.63 -65.96
CA THR L 165 -24.19 -20.79 -66.52
C THR L 165 -23.74 -20.97 -67.97
N LYS L 166 -23.85 -22.20 -68.46
CA LYS L 166 -23.29 -22.55 -69.76
C LYS L 166 -23.99 -21.85 -70.92
N GLU L 167 -25.23 -21.43 -70.75
CA GLU L 167 -25.97 -20.77 -71.81
C GLU L 167 -25.88 -19.25 -71.75
N ASN L 168 -25.10 -18.70 -70.83
CA ASN L 168 -25.07 -17.27 -70.59
C ASN L 168 -23.73 -16.62 -70.89
N LEU L 169 -22.75 -17.36 -71.41
CA LEU L 169 -21.41 -16.84 -71.62
C LEU L 169 -20.88 -17.21 -72.99
N GLU L 170 -19.96 -16.40 -73.49
CA GLU L 170 -19.28 -16.63 -74.75
C GLU L 170 -17.77 -16.56 -74.53
N VAL L 171 -17.04 -17.30 -75.35
CA VAL L 171 -15.58 -17.37 -75.25
C VAL L 171 -15.00 -16.88 -76.58
N SER L 172 -14.07 -15.92 -76.50
CA SER L 172 -13.45 -15.33 -77.68
C SER L 172 -11.95 -15.27 -77.47
N GLY L 173 -11.22 -15.25 -78.58
CA GLY L 173 -9.77 -15.22 -78.53
C GLY L 173 -9.19 -14.51 -79.73
N GLU L 174 -8.04 -13.87 -79.51
CA GLU L 174 -7.32 -13.15 -80.56
C GLU L 174 -5.91 -13.74 -80.69
N ASN L 175 -5.47 -13.93 -81.94
CA ASN L 175 -4.22 -14.62 -82.23
C ASN L 175 -4.19 -16.01 -81.61
N VAL L 176 -5.31 -16.72 -81.74
CA VAL L 176 -5.50 -18.04 -81.15
C VAL L 176 -6.04 -18.98 -82.22
N VAL L 177 -5.49 -20.18 -82.29
CA VAL L 177 -6.02 -21.19 -83.20
C VAL L 177 -7.38 -21.64 -82.70
N GLU L 178 -8.38 -21.62 -83.58
CA GLU L 178 -9.75 -21.88 -83.16
C GLU L 178 -9.98 -23.37 -82.88
N ALA L 179 -9.37 -24.25 -83.67
CA ALA L 179 -9.52 -25.68 -83.43
C ALA L 179 -8.93 -26.08 -82.09
N ASP L 180 -7.78 -25.50 -81.73
CA ASP L 180 -7.15 -25.81 -80.45
C ASP L 180 -7.96 -25.23 -79.29
N LEU L 181 -8.53 -24.04 -79.46
CA LEU L 181 -9.32 -23.45 -78.40
C LEU L 181 -10.56 -24.27 -78.10
N LYS L 182 -11.21 -24.80 -79.15
CA LYS L 182 -12.41 -25.60 -78.95
C LYS L 182 -12.09 -26.89 -78.20
N ARG L 183 -10.94 -27.50 -78.49
CA ARG L 183 -10.53 -28.69 -77.77
C ARG L 183 -10.31 -28.39 -76.29
N PHE L 184 -9.64 -27.28 -75.97
CA PHE L 184 -9.34 -26.95 -74.59
C PHE L 184 -10.56 -26.44 -73.84
N VAL L 185 -11.51 -25.81 -74.53
CA VAL L 185 -12.75 -25.40 -73.88
C VAL L 185 -13.53 -26.62 -73.44
N ASP L 186 -13.61 -27.64 -74.28
CA ASP L 186 -14.05 -28.95 -73.83
C ASP L 186 -12.96 -29.57 -72.96
N GLU L 187 -13.23 -30.77 -72.45
CA GLU L 187 -12.36 -31.44 -71.48
C GLU L 187 -11.87 -30.45 -70.42
N SER L 188 -12.74 -29.53 -70.02
CA SER L 188 -12.43 -28.51 -69.04
C SER L 188 -13.62 -28.38 -68.09
N LEU L 189 -13.42 -27.58 -67.04
CA LEU L 189 -14.49 -27.37 -66.07
C LEU L 189 -15.58 -26.44 -66.61
N LEU L 190 -15.37 -25.80 -67.76
CA LEU L 190 -16.43 -25.01 -68.37
C LEU L 190 -17.55 -25.90 -68.90
N SER L 191 -17.20 -27.09 -69.41
CA SER L 191 -18.20 -28.02 -69.93
C SER L 191 -19.04 -28.65 -68.84
N THR L 192 -18.62 -28.57 -67.57
CA THR L 192 -19.37 -29.13 -66.46
C THR L 192 -20.18 -28.09 -65.70
N LEU L 193 -20.25 -26.86 -66.22
CA LEU L 193 -21.06 -25.85 -65.57
C LEU L 193 -22.54 -26.18 -65.74
N PRO L 194 -23.40 -25.69 -64.83
CA PRO L 194 -24.83 -25.85 -65.03
C PRO L 194 -25.29 -25.17 -66.31
N ALA L 195 -26.24 -25.79 -66.99
CA ALA L 195 -26.81 -25.25 -68.23
C ALA L 195 -28.09 -24.53 -67.86
N GLY L 196 -27.96 -23.26 -67.49
CA GLY L 196 -29.12 -22.47 -67.11
C GLY L 196 -29.83 -21.89 -68.32
N LYS L 197 -30.12 -20.58 -68.26
CA LYS L 197 -30.80 -19.91 -69.35
C LYS L 197 -30.13 -18.58 -69.63
N SER L 198 -30.30 -18.09 -70.85
CA SER L 198 -29.78 -16.78 -71.20
C SER L 198 -30.64 -15.69 -70.57
N LEU L 199 -29.99 -14.74 -69.91
CA LEU L 199 -30.69 -13.65 -69.24
C LEU L 199 -31.07 -12.52 -70.20
N VAL L 200 -30.70 -12.61 -71.47
CA VAL L 200 -30.94 -11.53 -72.42
C VAL L 200 -32.41 -11.51 -72.81
N SER L 201 -33.02 -10.33 -72.71
CA SER L 201 -34.39 -10.11 -73.16
C SER L 201 -34.39 -9.30 -74.44
N LYS L 202 -35.08 -9.80 -75.46
CA LYS L 202 -35.06 -9.19 -76.79
C LYS L 202 -35.94 -7.94 -76.90
N SER L 203 -36.97 -7.81 -76.07
CA SER L 203 -37.89 -6.69 -76.19
C SER L 203 -37.20 -5.37 -75.84
N GLU L 204 -37.68 -4.30 -76.46
CA GLU L 204 -37.14 -2.98 -76.19
C GLU L 204 -37.51 -2.54 -74.78
N PRO L 205 -36.58 -1.97 -74.02
CA PRO L 205 -36.89 -1.57 -72.65
C PRO L 205 -37.78 -0.33 -72.61
N LYS L 206 -38.47 -0.19 -71.49
CA LYS L 206 -39.30 0.99 -71.25
C LYS L 206 -38.43 2.19 -70.93
N PHE L 207 -38.76 3.33 -71.54
CA PHE L 207 -38.00 4.55 -71.33
C PHE L 207 -38.96 5.70 -71.03
N PHE L 208 -38.40 6.78 -70.50
CA PHE L 208 -39.16 7.95 -70.07
C PHE L 208 -38.50 9.21 -70.62
N LEU L 209 -39.33 10.16 -71.05
CA LEU L 209 -38.88 11.37 -71.71
C LEU L 209 -39.40 12.60 -70.98
N GLY L 210 -38.59 13.67 -70.99
CA GLY L 210 -38.98 14.91 -70.35
C GLY L 210 -38.67 15.00 -68.88
N GLU L 211 -37.73 14.22 -68.36
CA GLU L 211 -37.41 14.21 -66.95
C GLU L 211 -36.28 15.20 -66.63
N GLU L 212 -36.03 15.39 -65.34
CA GLU L 212 -35.04 16.35 -64.89
C GLU L 212 -34.53 15.93 -63.51
N ASN L 213 -33.34 16.41 -63.16
CA ASN L 213 -32.73 16.14 -61.86
C ASN L 213 -31.58 17.10 -61.63
N ARG L 214 -31.36 17.46 -60.37
CA ARG L 214 -30.31 18.42 -59.99
C ARG L 214 -29.57 17.91 -58.77
N VAL L 215 -28.24 18.05 -58.79
CA VAL L 215 -27.38 17.62 -57.70
C VAL L 215 -26.41 18.75 -57.34
N ARG L 216 -26.35 19.11 -56.07
CA ARG L 216 -25.37 20.08 -55.59
C ARG L 216 -24.01 19.40 -55.42
N PHE L 217 -22.96 20.11 -55.82
CA PHE L 217 -21.62 19.54 -55.87
C PHE L 217 -20.60 20.66 -55.77
N ILE L 218 -19.48 20.39 -55.12
CA ILE L 218 -18.41 21.37 -54.96
C ILE L 218 -17.32 21.03 -55.97
N GLY L 219 -17.12 21.92 -56.94
CA GLY L 219 -16.16 21.68 -58.00
C GLY L 219 -16.58 22.28 -59.33
N ASP L 220 -16.59 21.47 -60.38
CA ASP L 220 -16.97 21.92 -61.71
C ASP L 220 -18.45 21.70 -61.95
N SER L 221 -19.10 22.68 -62.55
CA SER L 221 -20.50 22.55 -62.95
C SER L 221 -20.59 21.79 -64.27
N VAL L 222 -21.61 20.96 -64.39
CA VAL L 222 -21.83 20.13 -65.57
C VAL L 222 -23.31 20.18 -65.94
N ALA L 223 -23.59 20.39 -67.23
CA ALA L 223 -24.93 20.27 -67.78
C ALA L 223 -24.94 19.20 -68.86
N ALA L 224 -25.91 18.29 -68.78
CA ALA L 224 -25.96 17.15 -69.69
C ALA L 224 -27.38 16.92 -70.15
N ILE L 225 -27.51 16.33 -71.34
CA ILE L 225 -28.80 15.91 -71.88
C ILE L 225 -28.66 14.48 -72.38
N GLY L 226 -29.79 13.76 -72.37
CA GLY L 226 -29.80 12.37 -72.80
C GLY L 226 -31.01 11.99 -73.62
N ILE L 227 -30.83 11.12 -74.60
CA ILE L 227 -31.91 10.73 -75.51
C ILE L 227 -31.92 9.22 -75.70
N PRO L 228 -33.00 8.53 -75.38
CA PRO L 228 -33.09 7.11 -75.69
C PRO L 228 -33.22 6.87 -77.19
N VAL L 229 -32.57 5.82 -77.67
CA VAL L 229 -32.50 5.50 -79.09
C VAL L 229 -32.97 4.07 -79.30
N ASN L 230 -33.80 3.87 -80.32
CA ASN L 230 -34.26 2.52 -80.66
C ASN L 230 -33.23 1.81 -81.52
N LYS L 231 -33.55 0.58 -81.91
CA LYS L 231 -32.60 -0.24 -82.67
C LYS L 231 -32.45 0.21 -84.11
N ALA L 232 -33.50 0.82 -84.68
CA ALA L 232 -33.48 1.21 -86.08
C ALA L 232 -32.90 2.60 -86.31
N SER L 233 -32.62 3.35 -85.26
CA SER L 233 -32.08 4.71 -85.39
C SER L 233 -30.72 4.84 -84.71
N LEU L 234 -29.98 3.73 -84.60
CA LEU L 234 -28.66 3.79 -83.96
C LEU L 234 -27.64 4.48 -84.87
N ALA L 235 -27.73 4.25 -86.18
CA ALA L 235 -26.76 4.83 -87.10
C ALA L 235 -26.90 6.34 -87.19
N GLN L 236 -28.14 6.85 -87.12
CA GLN L 236 -28.35 8.29 -87.19
C GLN L 236 -27.68 9.00 -86.02
N TYR L 237 -27.79 8.45 -84.81
CA TYR L 237 -27.17 9.05 -83.65
C TYR L 237 -25.69 8.72 -83.54
N GLU L 238 -25.19 7.75 -84.31
CA GLU L 238 -23.75 7.51 -84.35
C GLU L 238 -23.05 8.59 -85.17
N VAL L 239 -23.66 9.03 -86.26
CA VAL L 239 -23.09 10.12 -87.05
C VAL L 239 -23.15 11.43 -86.27
N LEU L 240 -24.24 11.66 -85.54
CA LEU L 240 -24.41 12.93 -84.84
C LEU L 240 -23.35 13.13 -83.76
N ALA L 241 -22.98 12.06 -83.06
CA ALA L 241 -21.97 12.18 -82.01
C ALA L 241 -20.61 12.56 -82.59
N ASN L 242 -20.21 11.92 -83.69
CA ASN L 242 -18.93 12.25 -84.30
C ASN L 242 -18.94 13.65 -84.91
N TYR L 243 -20.07 14.03 -85.52
CA TYR L 243 -20.18 15.36 -86.12
C TYR L 243 -20.08 16.45 -85.06
N LEU L 244 -20.68 16.24 -83.89
CA LEU L 244 -20.73 17.28 -82.87
C LEU L 244 -19.38 17.47 -82.18
N THR L 245 -18.48 16.50 -82.25
CA THR L 245 -17.15 16.60 -81.67
C THR L 245 -16.08 16.54 -82.75
N SER L 246 -16.30 17.24 -83.85
CA SER L 246 -15.34 17.30 -84.94
C SER L 246 -15.19 18.73 -85.40
N ALA L 247 -14.22 18.95 -86.30
CA ALA L 247 -13.96 20.29 -86.81
C ALA L 247 -15.03 20.76 -87.78
N LEU L 248 -15.94 19.89 -88.20
CA LEU L 248 -17.02 20.25 -89.12
C LEU L 248 -18.13 21.05 -88.46
N SER L 249 -18.16 21.11 -87.14
CA SER L 249 -19.23 21.78 -86.40
C SER L 249 -18.69 22.97 -85.63
N GLU L 250 -19.47 24.03 -85.57
CA GLU L 250 -19.10 25.19 -84.77
C GLU L 250 -19.39 25.00 -83.29
N LEU L 251 -20.23 24.02 -82.94
CA LEU L 251 -20.56 23.76 -81.55
C LEU L 251 -19.52 22.90 -80.84
N SER L 252 -18.57 22.34 -81.57
CA SER L 252 -17.58 21.46 -80.96
C SER L 252 -16.70 22.18 -79.95
N GLY L 253 -16.54 23.49 -80.08
CA GLY L 253 -15.79 24.25 -79.09
C GLY L 253 -16.50 24.42 -77.78
N LEU L 254 -17.83 24.34 -77.77
CA LEU L 254 -18.62 24.48 -76.56
C LEU L 254 -18.96 23.15 -75.90
N ILE L 255 -18.66 22.03 -76.55
CA ILE L 255 -19.02 20.71 -76.07
C ILE L 255 -17.78 20.05 -75.48
N SER L 256 -17.92 19.49 -74.28
CA SER L 256 -16.85 18.75 -73.64
C SER L 256 -16.78 17.30 -74.09
N SER L 257 -17.91 16.64 -74.23
CA SER L 257 -17.94 15.25 -74.66
C SER L 257 -19.31 14.91 -75.22
N ALA L 258 -19.36 13.85 -76.02
CA ALA L 258 -20.59 13.38 -76.65
C ALA L 258 -20.37 11.98 -77.18
N LYS L 259 -21.28 11.07 -76.88
CA LYS L 259 -21.10 9.67 -77.27
C LYS L 259 -22.46 8.98 -77.35
N LEU L 260 -22.45 7.82 -77.99
CA LEU L 260 -23.61 6.94 -78.06
C LEU L 260 -23.22 5.57 -77.53
N ASP L 261 -23.80 5.17 -76.40
CA ASP L 261 -23.56 3.87 -75.81
C ASP L 261 -24.55 2.87 -76.41
N LYS L 262 -24.02 1.79 -76.98
CA LYS L 262 -24.82 0.87 -77.78
C LYS L 262 -25.05 -0.43 -77.03
N PHE L 263 -26.30 -0.90 -77.08
CA PHE L 263 -26.71 -2.18 -76.52
C PHE L 263 -27.35 -3.02 -77.62
N THR L 264 -27.64 -4.27 -77.31
CA THR L 264 -28.24 -5.17 -78.28
C THR L 264 -29.72 -4.87 -78.51
N ASP L 265 -30.31 -3.97 -77.72
CA ASP L 265 -31.72 -3.62 -77.85
C ASP L 265 -31.96 -2.13 -78.07
N GLY L 266 -30.92 -1.32 -78.10
CA GLY L 266 -31.08 0.12 -78.24
C GLY L 266 -29.82 0.84 -77.81
N GLY L 267 -29.98 2.08 -77.37
CA GLY L 267 -28.84 2.86 -76.93
C GLY L 267 -29.27 4.11 -76.23
N LEU L 268 -28.28 4.88 -75.80
CA LEU L 268 -28.51 6.17 -75.15
C LEU L 268 -27.48 7.17 -75.66
N PHE L 269 -27.95 8.35 -76.07
CA PHE L 269 -27.10 9.42 -76.55
C PHE L 269 -26.85 10.40 -75.40
N THR L 270 -25.58 10.75 -75.19
CA THR L 270 -25.19 11.63 -74.10
C THR L 270 -24.36 12.79 -74.64
N LEU L 271 -24.55 13.96 -74.04
CA LEU L 271 -23.82 15.18 -74.41
C LEU L 271 -23.55 15.96 -73.14
N PHE L 272 -22.30 16.37 -72.93
CA PHE L 272 -21.90 17.01 -71.68
C PHE L 272 -21.25 18.36 -71.95
N VAL L 273 -21.54 19.32 -71.09
CA VAL L 273 -20.89 20.63 -71.09
C VAL L 273 -20.33 20.85 -69.69
N ARG L 274 -19.03 21.10 -69.59
CA ARG L 274 -18.35 21.19 -68.31
C ARG L 274 -17.45 22.42 -68.27
N ASP L 275 -17.54 23.19 -67.20
CA ASP L 275 -16.67 24.35 -67.01
C ASP L 275 -16.64 24.69 -65.52
N GLN L 276 -15.59 25.43 -65.13
CA GLN L 276 -15.45 25.85 -63.75
C GLN L 276 -16.44 26.96 -63.39
N ASP L 277 -16.73 27.85 -64.33
CA ASP L 277 -17.64 28.97 -64.10
C ASP L 277 -19.03 28.59 -64.57
N SER L 278 -20.03 28.80 -63.70
CA SER L 278 -21.39 28.41 -64.02
C SER L 278 -22.05 29.33 -65.03
N ALA L 279 -21.48 30.52 -65.26
CA ALA L 279 -22.04 31.42 -66.27
C ALA L 279 -21.76 30.91 -67.69
N VAL L 280 -20.59 30.31 -67.90
CA VAL L 280 -20.29 29.72 -69.20
C VAL L 280 -21.13 28.46 -69.43
N VAL L 281 -21.35 27.65 -68.41
CA VAL L 281 -22.13 26.43 -68.57
C VAL L 281 -23.57 26.76 -68.95
N SER L 282 -24.14 27.79 -68.33
CA SER L 282 -25.51 28.17 -68.64
C SER L 282 -25.63 28.71 -70.06
N SER L 283 -24.63 29.48 -70.50
CA SER L 283 -24.70 30.09 -71.84
C SER L 283 -24.43 29.06 -72.94
N ASN L 284 -23.49 28.14 -72.71
CA ASN L 284 -23.15 27.16 -73.74
C ASN L 284 -24.30 26.18 -73.98
N ILE L 285 -24.95 25.73 -72.90
CA ILE L 285 -26.00 24.73 -73.05
C ILE L 285 -27.22 25.31 -73.75
N LYS L 286 -27.48 26.61 -73.59
CA LYS L 286 -28.61 27.24 -74.25
C LYS L 286 -28.39 27.35 -75.75
N LYS L 287 -27.16 27.70 -76.16
CA LYS L 287 -26.85 27.83 -77.58
C LYS L 287 -26.89 26.47 -78.26
N ILE L 288 -26.41 25.42 -77.60
CA ILE L 288 -26.41 24.09 -78.21
C ILE L 288 -27.83 23.60 -78.42
N VAL L 289 -28.69 23.75 -77.42
CA VAL L 289 -30.05 23.23 -77.50
C VAL L 289 -30.84 23.96 -78.58
N ALA L 290 -30.72 25.30 -78.63
CA ALA L 290 -31.46 26.07 -79.62
C ALA L 290 -31.01 25.71 -81.04
N ASP L 291 -29.72 25.51 -81.23
CA ASP L 291 -29.20 25.19 -82.56
C ASP L 291 -29.64 23.81 -83.02
N LEU L 292 -29.68 22.85 -82.11
CA LEU L 292 -30.09 21.50 -82.49
C LEU L 292 -31.57 21.42 -82.80
N LYS L 293 -32.39 22.30 -82.20
CA LYS L 293 -33.81 22.31 -82.48
C LYS L 293 -34.10 22.74 -83.91
N LYS L 294 -33.32 23.68 -84.45
CA LYS L 294 -33.51 24.11 -85.83
C LYS L 294 -33.22 22.97 -86.80
N GLY L 295 -32.17 22.20 -86.56
CA GLY L 295 -31.84 21.08 -87.42
C GLY L 295 -30.43 21.14 -87.96
N LYS L 296 -29.83 19.98 -88.20
CA LYS L 296 -28.47 19.88 -88.70
C LYS L 296 -28.42 18.91 -89.87
N ASP L 297 -27.50 19.16 -90.78
CA ASP L 297 -27.26 18.29 -91.92
C ASP L 297 -26.03 17.43 -91.64
N LEU L 298 -26.23 16.12 -91.55
CA LEU L 298 -25.17 15.20 -91.14
C LEU L 298 -24.53 14.47 -92.31
N SER L 299 -24.96 14.74 -93.54
CA SER L 299 -24.34 14.10 -94.70
C SER L 299 -22.85 14.37 -94.84
N PRO L 300 -22.34 15.58 -94.60
CA PRO L 300 -20.87 15.79 -94.72
C PRO L 300 -20.03 14.93 -93.79
N ALA L 301 -20.59 14.44 -92.69
CA ALA L 301 -19.83 13.72 -91.68
C ALA L 301 -19.95 12.20 -91.80
N ILE L 302 -20.53 11.70 -92.89
CA ILE L 302 -20.75 10.25 -93.03
C ILE L 302 -19.42 9.54 -93.24
N ASN L 303 -18.57 10.08 -94.13
CA ASN L 303 -17.30 9.43 -94.41
C ASN L 303 -16.38 9.47 -93.20
N TYR L 304 -16.40 10.57 -92.46
CA TYR L 304 -15.58 10.67 -91.25
C TYR L 304 -16.00 9.64 -90.21
N THR L 305 -17.31 9.44 -90.04
CA THR L 305 -17.80 8.50 -89.04
C THR L 305 -17.63 7.04 -89.46
N LYS L 306 -17.40 6.78 -90.75
CA LYS L 306 -17.10 5.42 -91.18
C LYS L 306 -15.71 4.99 -90.73
N LEU L 307 -14.74 5.91 -90.77
CA LEU L 307 -13.39 5.61 -90.35
C LEU L 307 -13.29 5.51 -88.83
N LYS L 308 -13.95 6.43 -88.11
CA LYS L 308 -13.89 6.40 -86.66
C LYS L 308 -14.50 5.11 -86.12
N ASN L 309 -15.59 4.65 -86.73
CA ASN L 309 -16.20 3.40 -86.31
C ASN L 309 -15.28 2.21 -86.57
N ALA L 310 -14.45 2.28 -87.62
CA ALA L 310 -13.51 1.20 -87.88
C ALA L 310 -12.41 1.16 -86.82
N VAL L 311 -12.02 2.32 -86.29
CA VAL L 311 -10.96 2.36 -85.28
C VAL L 311 -11.42 1.63 -84.01
N GLN L 312 -12.65 1.89 -83.57
CA GLN L 312 -13.15 1.27 -82.35
C GLN L 312 -13.41 -0.21 -82.52
N ASN L 313 -13.89 -0.63 -83.69
CA ASN L 313 -14.30 -2.01 -83.89
C ASN L 313 -13.13 -2.97 -84.06
N GLU L 314 -11.90 -2.48 -84.26
CA GLU L 314 -10.76 -3.38 -84.40
C GLU L 314 -10.55 -4.19 -83.13
N SER L 315 -10.65 -3.55 -81.97
CA SER L 315 -10.48 -4.28 -80.71
C SER L 315 -11.71 -5.14 -80.41
N VAL L 316 -12.90 -4.61 -80.61
CA VAL L 316 -14.13 -5.35 -80.32
C VAL L 316 -14.27 -6.51 -81.30
N SER L 317 -14.94 -7.58 -80.86
CA SER L 317 -15.17 -8.74 -81.70
C SER L 317 -16.61 -8.88 -82.18
N SER L 318 -17.59 -8.33 -81.45
CA SER L 318 -18.99 -8.40 -81.85
C SER L 318 -19.59 -7.00 -81.83
N PRO L 319 -19.22 -6.15 -82.80
CA PRO L 319 -19.81 -4.82 -82.86
C PRO L 319 -21.17 -4.84 -83.52
N ILE L 320 -21.92 -3.75 -83.33
CA ILE L 320 -23.21 -3.61 -83.97
C ILE L 320 -23.01 -3.22 -85.43
N GLU L 321 -23.65 -3.97 -86.33
CA GLU L 321 -23.51 -3.70 -87.76
C GLU L 321 -24.35 -2.49 -88.15
N LEU L 322 -23.70 -1.47 -88.69
CA LEU L 322 -24.36 -0.22 -89.05
C LEU L 322 -24.11 0.06 -90.53
N ASN L 323 -24.91 0.98 -91.07
CA ASN L 323 -24.87 1.27 -92.50
C ASN L 323 -24.35 2.67 -92.80
N PHE L 324 -24.94 3.71 -92.20
CA PHE L 324 -24.56 5.11 -92.35
C PHE L 324 -24.86 5.65 -93.74
N ASP L 325 -25.37 4.85 -94.67
CA ASP L 325 -25.56 5.29 -96.04
C ASP L 325 -26.88 6.01 -96.25
N ALA L 326 -27.76 6.05 -95.25
CA ALA L 326 -29.07 6.69 -95.39
C ALA L 326 -29.29 7.79 -94.37
N VAL L 327 -28.25 8.24 -93.68
CA VAL L 327 -28.38 9.32 -92.70
C VAL L 327 -28.38 10.65 -93.44
N LYS L 328 -29.43 11.42 -93.27
CA LYS L 328 -29.57 12.69 -93.98
C LYS L 328 -29.71 13.90 -93.05
N ASP L 329 -30.60 13.84 -92.07
CA ASP L 329 -30.96 15.02 -91.29
C ASP L 329 -31.15 14.66 -89.83
N PHE L 330 -31.37 15.68 -89.02
CA PHE L 330 -31.65 15.51 -87.60
C PHE L 330 -32.34 16.76 -87.07
N LYS L 331 -33.33 16.56 -86.20
CA LYS L 331 -33.97 17.67 -85.49
C LYS L 331 -34.31 17.21 -84.09
N LEU L 332 -33.91 18.00 -83.10
CA LEU L 332 -34.08 17.59 -81.71
C LEU L 332 -35.53 17.68 -81.29
N GLY L 333 -36.00 16.64 -80.58
CA GLY L 333 -37.33 16.62 -80.04
C GLY L 333 -37.37 16.73 -78.54
N LYS L 334 -37.60 15.61 -77.86
CA LYS L 334 -37.69 15.57 -76.41
C LYS L 334 -36.45 14.89 -75.84
N PHE L 335 -36.06 15.32 -74.64
CA PHE L 335 -34.82 14.86 -74.03
C PHE L 335 -34.91 15.01 -72.52
N ASN L 336 -34.02 14.32 -71.82
CA ASN L 336 -33.86 14.43 -70.38
C ASN L 336 -32.67 15.35 -70.07
N TYR L 337 -32.64 15.85 -68.84
CA TYR L 337 -31.69 16.90 -68.48
C TYR L 337 -31.23 16.73 -67.04
N VAL L 338 -29.94 16.85 -66.81
CA VAL L 338 -29.36 16.77 -65.47
C VAL L 338 -28.37 17.92 -65.30
N ALA L 339 -28.43 18.58 -64.13
CA ALA L 339 -27.52 19.66 -63.78
C ALA L 339 -26.78 19.30 -62.51
N VAL L 340 -25.45 19.35 -62.56
CA VAL L 340 -24.59 19.01 -61.43
C VAL L 340 -23.63 20.17 -61.20
N GLY L 341 -23.49 20.58 -59.95
CA GLY L 341 -22.60 21.66 -59.60
C GLY L 341 -23.24 22.77 -58.80
N ASP L 342 -23.03 24.02 -59.21
CA ASP L 342 -23.70 25.17 -58.61
C ASP L 342 -25.06 25.33 -59.28
N VAL L 343 -26.03 24.54 -58.82
CA VAL L 343 -27.31 24.43 -59.49
C VAL L 343 -28.12 25.72 -59.41
N SER L 344 -27.86 26.58 -58.40
CA SER L 344 -28.62 27.81 -58.29
C SER L 344 -28.34 28.79 -59.41
N ASN L 345 -27.27 28.58 -60.19
CA ASN L 345 -26.95 29.43 -61.32
C ASN L 345 -26.95 28.67 -62.64
N LEU L 346 -27.63 27.52 -62.69
CA LEU L 346 -27.77 26.72 -63.89
C LEU L 346 -29.23 26.64 -64.31
N PRO L 347 -29.52 26.57 -65.61
CA PRO L 347 -30.90 26.68 -66.06
C PRO L 347 -31.72 25.43 -65.76
N TYR L 348 -33.03 25.59 -65.83
CA TYR L 348 -33.98 24.50 -65.70
C TYR L 348 -34.38 23.99 -67.08
N LEU L 349 -35.16 22.91 -67.08
CA LEU L 349 -35.59 22.30 -68.35
C LEU L 349 -36.56 23.20 -69.10
N ASP L 350 -37.44 23.90 -68.38
CA ASP L 350 -38.41 24.74 -69.05
C ASP L 350 -37.79 25.99 -69.67
N GLU L 351 -36.58 26.37 -69.25
CA GLU L 351 -35.91 27.53 -69.80
C GLU L 351 -35.06 27.20 -71.02
N LEU L 352 -34.82 25.93 -71.31
CA LEU L 352 -34.02 25.54 -72.46
C LEU L 352 -34.89 25.43 -73.69
N MET M 1 9.89 -0.10 -40.91
CA MET M 1 10.84 0.96 -40.59
C MET M 1 12.25 0.39 -40.42
N ALA M 2 13.24 1.28 -40.36
CA ALA M 2 14.62 0.86 -40.21
C ALA M 2 14.89 0.33 -38.82
N PHE M 3 15.85 -0.60 -38.72
CA PHE M 3 16.19 -1.18 -37.43
C PHE M 3 16.73 -0.14 -36.46
N ARG M 4 17.30 0.96 -36.97
CA ARG M 4 17.80 2.01 -36.10
C ARG M 4 16.68 2.83 -35.47
N LYS M 5 15.45 2.72 -35.98
CA LYS M 5 14.32 3.41 -35.40
C LYS M 5 13.40 2.52 -34.59
N SER M 6 13.40 1.20 -34.85
CA SER M 6 12.51 0.29 -34.18
C SER M 6 13.11 -0.31 -32.91
N ASN M 7 14.43 -0.44 -32.83
CA ASN M 7 15.07 -1.02 -31.66
C ASN M 7 14.94 -0.09 -30.46
N VAL M 8 14.85 -0.69 -29.27
CA VAL M 8 14.64 0.09 -28.05
C VAL M 8 15.87 0.92 -27.71
N TYR M 9 17.07 0.35 -27.90
CA TYR M 9 18.29 1.06 -27.53
C TYR M 9 18.83 1.91 -28.67
N LEU M 10 18.73 1.43 -29.91
CA LEU M 10 19.25 2.19 -31.04
C LEU M 10 18.43 3.45 -31.29
N SER M 11 17.14 3.44 -30.94
CA SER M 11 16.28 4.59 -31.18
C SER M 11 16.68 5.78 -30.32
N LEU M 12 17.29 5.54 -29.17
CA LEU M 12 17.83 6.64 -28.37
C LEU M 12 19.11 7.19 -28.97
N VAL M 13 19.91 6.33 -29.60
CA VAL M 13 21.10 6.81 -30.31
C VAL M 13 20.69 7.57 -31.56
N ASN M 14 19.74 7.02 -32.32
CA ASN M 14 19.33 7.66 -33.57
C ASN M 14 18.70 9.01 -33.32
N SER M 15 17.91 9.14 -32.26
CA SER M 15 17.19 10.38 -32.00
C SER M 15 18.08 11.48 -31.44
N TYR M 16 19.32 11.18 -31.07
CA TYR M 16 20.17 12.16 -30.41
C TYR M 16 21.41 12.53 -31.19
N ILE M 17 22.02 11.61 -31.94
CA ILE M 17 23.26 11.87 -32.65
C ILE M 17 23.23 11.48 -34.11
N ILE M 18 22.09 11.03 -34.65
CA ILE M 18 22.06 10.64 -36.05
C ILE M 18 21.03 11.46 -36.81
N ASP M 19 19.77 11.38 -36.42
CA ASP M 19 18.69 12.03 -37.15
C ASP M 19 18.23 13.33 -36.49
N SER M 20 18.95 13.81 -35.49
CA SER M 20 18.54 15.02 -34.81
C SER M 20 18.53 16.20 -35.77
N PRO M 21 17.43 16.95 -35.86
CA PRO M 21 17.35 18.09 -36.79
C PRO M 21 18.05 19.31 -36.21
N GLN M 22 19.11 19.75 -36.85
CA GLN M 22 19.88 20.89 -36.36
C GLN M 22 19.71 22.08 -37.29
N PRO M 23 19.75 23.30 -36.76
CA PRO M 23 19.74 24.48 -37.63
C PRO M 23 21.01 24.52 -38.48
N SER M 24 20.88 25.05 -39.68
CA SER M 24 21.99 25.08 -40.63
C SER M 24 22.91 26.27 -40.44
N SER M 25 22.63 27.13 -39.47
CA SER M 25 23.34 28.38 -39.31
C SER M 25 24.26 28.44 -38.10
N ILE M 26 24.37 27.37 -37.32
CA ILE M 26 25.14 27.39 -36.09
C ILE M 26 26.63 27.33 -36.41
N ASN M 27 27.42 28.18 -35.76
CA ASN M 27 28.83 28.32 -36.05
C ASN M 27 29.65 27.41 -35.13
N TYR M 28 30.97 27.64 -35.08
CA TYR M 28 31.87 26.80 -34.31
C TYR M 28 31.74 27.00 -32.81
N TRP M 29 31.09 28.07 -32.35
CA TRP M 29 30.83 28.22 -30.92
C TRP M 29 29.86 27.17 -30.40
N TRP M 30 29.08 26.55 -31.28
CA TRP M 30 28.20 25.45 -30.92
C TRP M 30 28.92 24.11 -30.86
N ASN M 31 30.25 24.12 -30.81
CA ASN M 31 31.04 22.90 -30.75
C ASN M 31 31.60 22.64 -29.35
N MET M 32 31.41 23.55 -28.40
CA MET M 32 31.99 23.39 -27.08
C MET M 32 31.25 22.34 -26.25
N GLY M 33 29.98 22.10 -26.54
CA GLY M 33 29.24 21.09 -25.81
C GLY M 33 29.77 19.69 -26.03
N SER M 34 30.10 19.35 -27.28
CA SER M 34 30.67 18.04 -27.56
C SER M 34 32.09 17.91 -27.00
N LEU M 35 32.80 19.02 -26.88
CA LEU M 35 34.14 19.00 -26.27
C LEU M 35 34.07 18.71 -24.79
N LEU M 36 33.07 19.29 -24.09
CA LEU M 36 32.90 19.02 -22.67
C LEU M 36 32.58 17.56 -22.41
N GLY M 37 31.91 16.89 -23.35
CA GLY M 37 31.69 15.46 -23.23
C GLY M 37 32.95 14.64 -23.32
N LEU M 38 33.88 15.05 -24.19
CA LEU M 38 35.18 14.38 -24.29
C LEU M 38 36.05 14.66 -23.08
N CYS M 39 35.97 15.86 -22.50
CA CYS M 39 36.73 16.17 -21.30
C CYS M 39 36.31 15.28 -20.13
N LEU M 40 35.01 15.08 -19.96
CA LEU M 40 34.51 14.28 -18.86
C LEU M 40 34.94 12.82 -19.00
N VAL M 41 34.99 12.30 -20.22
CA VAL M 41 35.45 10.94 -20.43
C VAL M 41 36.94 10.82 -20.12
N ILE M 42 37.73 11.82 -20.52
CA ILE M 42 39.17 11.78 -20.28
C ILE M 42 39.48 11.78 -18.79
N GLN M 43 38.77 12.60 -18.01
CA GLN M 43 39.04 12.70 -16.59
C GLN M 43 38.66 11.41 -15.85
N ILE M 44 37.58 10.75 -16.26
CA ILE M 44 37.14 9.55 -15.57
C ILE M 44 38.09 8.39 -15.84
N VAL M 45 38.54 8.24 -17.09
CA VAL M 45 39.38 7.10 -17.44
C VAL M 45 40.78 7.23 -16.84
N THR M 46 41.37 8.43 -16.90
CA THR M 46 42.69 8.61 -16.31
C THR M 46 42.65 8.51 -14.80
N GLY M 47 41.57 8.98 -14.17
CA GLY M 47 41.46 8.89 -12.73
C GLY M 47 41.35 7.46 -12.22
N ILE M 48 40.61 6.62 -12.94
CA ILE M 48 40.44 5.24 -12.50
C ILE M 48 41.75 4.47 -12.61
N PHE M 49 42.48 4.65 -13.71
CA PHE M 49 43.75 3.93 -13.87
C PHE M 49 44.81 4.44 -12.90
N MET M 50 44.74 5.72 -12.51
CA MET M 50 45.65 6.24 -11.49
C MET M 50 45.26 5.77 -10.09
N ALA M 51 43.97 5.53 -9.85
CA ALA M 51 43.52 5.12 -8.53
C ALA M 51 43.95 3.70 -8.16
N MET M 52 44.44 2.92 -9.12
CA MET M 52 44.98 1.60 -8.81
C MET M 52 46.35 1.66 -8.14
N HIS M 53 46.97 2.84 -8.05
CA HIS M 53 48.29 2.98 -7.46
C HIS M 53 48.34 4.07 -6.39
N TYR M 54 47.20 4.48 -5.84
CA TYR M 54 47.12 5.62 -4.95
C TYR M 54 46.70 5.20 -3.55
N SER M 55 47.25 5.87 -2.54
CA SER M 55 46.92 5.63 -1.15
C SER M 55 46.49 6.94 -0.51
N SER M 56 45.35 6.92 0.19
CA SER M 56 44.76 8.16 0.71
C SER M 56 45.15 8.46 2.15
N ASN M 57 45.99 7.64 2.78
CA ASN M 57 46.49 7.99 4.11
C ASN M 57 47.29 9.28 4.04
N ILE M 58 47.15 10.11 5.09
CA ILE M 58 47.82 11.40 5.08
C ILE M 58 49.34 11.25 5.15
N GLU M 59 49.85 10.10 5.60
CA GLU M 59 51.27 9.85 5.63
C GLU M 59 51.80 9.24 4.34
N LEU M 60 50.92 8.83 3.43
CA LEU M 60 51.35 8.22 2.18
C LEU M 60 50.77 8.89 0.94
N ALA M 61 49.96 9.93 1.09
CA ALA M 61 49.28 10.53 -0.06
C ALA M 61 50.27 11.21 -1.01
N PHE M 62 51.17 12.04 -0.46
CA PHE M 62 52.14 12.73 -1.29
C PHE M 62 53.10 11.75 -1.97
N SER M 63 53.56 10.73 -1.23
CA SER M 63 54.51 9.79 -1.79
C SER M 63 53.88 8.87 -2.83
N SER M 64 52.56 8.65 -2.77
CA SER M 64 51.91 7.81 -3.77
C SER M 64 51.81 8.52 -5.11
N VAL M 65 51.68 9.85 -5.11
CA VAL M 65 51.70 10.58 -6.37
C VAL M 65 53.10 10.56 -6.98
N GLU M 66 54.13 10.70 -6.14
CA GLU M 66 55.50 10.57 -6.63
C GLU M 66 55.79 9.16 -7.11
N HIS M 67 55.12 8.15 -6.52
CA HIS M 67 55.28 6.79 -6.98
C HIS M 67 54.70 6.59 -8.38
N ILE M 68 53.59 7.27 -8.67
CA ILE M 68 52.97 7.17 -9.99
C ILE M 68 53.88 7.74 -11.06
N MET M 69 54.51 8.89 -10.80
CA MET M 69 55.36 9.52 -11.79
C MET M 69 56.59 8.68 -12.11
N ARG M 70 57.21 8.09 -11.09
CA ARG M 70 58.51 7.45 -11.25
C ARG M 70 58.41 5.96 -11.58
N ASP M 71 57.61 5.21 -10.83
CA ASP M 71 57.64 3.75 -10.91
C ASP M 71 56.62 3.17 -11.88
N VAL M 72 55.44 3.78 -11.99
CA VAL M 72 54.40 3.26 -12.87
C VAL M 72 54.76 3.56 -14.32
N HIS M 73 54.63 2.55 -15.19
CA HIS M 73 54.95 2.73 -16.60
C HIS M 73 53.93 3.66 -17.26
N ASN M 74 54.44 4.68 -17.96
CA ASN M 74 53.63 5.75 -18.52
C ASN M 74 52.81 6.47 -17.46
N GLY M 75 53.25 6.43 -16.21
CA GLY M 75 52.47 7.02 -15.14
C GLY M 75 52.48 8.53 -15.14
N TYR M 76 53.58 9.13 -15.61
CA TYR M 76 53.64 10.58 -15.72
C TYR M 76 52.71 11.10 -16.81
N ILE M 77 52.47 10.29 -17.84
CA ILE M 77 51.51 10.69 -18.88
C ILE M 77 50.10 10.76 -18.30
N LEU M 78 49.72 9.77 -17.49
CA LEU M 78 48.40 9.79 -16.87
C LEU M 78 48.24 10.98 -15.94
N ARG M 79 49.25 11.27 -15.13
CA ARG M 79 49.15 12.36 -14.16
C ARG M 79 49.08 13.72 -14.83
N TYR M 80 49.94 13.96 -15.82
CA TYR M 80 49.92 15.24 -16.51
C TYR M 80 48.68 15.39 -17.37
N LEU M 81 48.14 14.29 -17.90
CA LEU M 81 46.88 14.34 -18.60
C LEU M 81 45.73 14.70 -17.67
N HIS M 82 45.72 14.14 -16.46
CA HIS M 82 44.63 14.40 -15.52
C HIS M 82 44.73 15.81 -14.93
N ALA M 83 45.95 16.28 -14.64
CA ALA M 83 46.10 17.60 -14.05
C ALA M 83 45.84 18.70 -15.06
N ASN M 84 46.38 18.56 -16.27
CA ASN M 84 46.16 19.56 -17.32
C ASN M 84 44.78 19.43 -17.94
N GLY M 85 44.25 18.22 -18.00
CA GLY M 85 42.90 18.04 -18.53
C GLY M 85 41.85 18.76 -17.71
N ALA M 86 42.04 18.83 -16.40
CA ALA M 86 41.12 19.55 -15.55
C ALA M 86 41.19 21.06 -15.80
N SER M 87 42.37 21.56 -16.18
CA SER M 87 42.49 22.97 -16.51
C SER M 87 41.79 23.29 -17.82
N PHE M 88 41.87 22.38 -18.80
CA PHE M 88 41.18 22.56 -20.06
C PHE M 88 39.67 22.34 -19.92
N PHE M 89 39.25 21.58 -18.91
CA PHE M 89 37.83 21.41 -18.64
C PHE M 89 37.17 22.75 -18.33
N PHE M 90 37.81 23.56 -17.49
CA PHE M 90 37.23 24.85 -17.12
C PHE M 90 37.39 25.90 -18.22
N MET M 91 38.39 25.74 -19.08
CA MET M 91 38.53 26.65 -20.21
C MET M 91 37.32 26.55 -21.14
N VAL M 92 36.96 25.33 -21.53
CA VAL M 92 35.83 25.13 -22.43
C VAL M 92 34.52 25.52 -21.74
N MET M 93 34.37 25.17 -20.46
CA MET M 93 33.12 25.48 -19.76
C MET M 93 32.90 26.97 -19.64
N PHE M 94 33.97 27.74 -19.43
CA PHE M 94 33.84 29.20 -19.38
C PHE M 94 33.37 29.74 -20.73
N MET M 95 33.90 29.21 -21.83
CA MET M 95 33.48 29.66 -23.16
C MET M 95 32.09 29.13 -23.50
N HIS M 96 31.74 27.94 -23.00
CA HIS M 96 30.41 27.38 -23.22
C HIS M 96 29.33 28.24 -22.58
N MET M 97 29.59 28.75 -21.37
CA MET M 97 28.63 29.60 -20.67
C MET M 97 28.57 31.01 -21.25
N ALA M 98 29.67 31.51 -21.79
CA ALA M 98 29.66 32.84 -22.41
C ALA M 98 28.99 32.84 -23.77
N LYS M 99 28.99 31.70 -24.47
CA LYS M 99 28.26 31.60 -25.73
C LYS M 99 26.77 31.80 -25.50
N GLY M 100 26.21 31.12 -24.51
CA GLY M 100 24.79 31.25 -24.21
C GLY M 100 24.41 32.58 -23.62
N LEU M 101 25.36 33.27 -22.98
CA LEU M 101 25.11 34.61 -22.49
C LEU M 101 25.09 35.62 -23.63
N TYR M 102 25.91 35.40 -24.66
CA TYR M 102 25.95 36.32 -25.79
C TYR M 102 24.72 36.13 -26.69
N TYR M 103 24.31 34.89 -26.91
CA TYR M 103 23.26 34.58 -27.86
C TYR M 103 21.89 34.43 -27.22
N GLY M 104 21.76 34.78 -25.94
CA GLY M 104 20.46 34.74 -25.28
C GLY M 104 19.87 33.34 -25.18
N SER M 105 20.71 32.33 -24.94
CA SER M 105 20.24 30.95 -24.87
C SER M 105 19.55 30.64 -23.56
N TYR M 106 19.52 31.57 -22.63
CA TYR M 106 18.85 31.40 -21.34
C TYR M 106 17.39 31.83 -21.37
N ARG M 107 16.91 32.38 -22.49
CA ARG M 107 15.60 33.01 -22.52
C ARG M 107 14.49 31.97 -22.48
N SER M 108 13.25 32.47 -22.48
CA SER M 108 12.03 31.82 -22.03
C SER M 108 11.91 30.33 -22.33
N PRO M 109 11.95 29.89 -23.60
CA PRO M 109 11.66 28.47 -23.87
C PRO M 109 12.65 27.50 -23.24
N ARG M 110 13.85 27.95 -22.89
CA ARG M 110 14.91 27.08 -22.45
C ARG M 110 15.46 27.49 -21.07
N VAL M 111 14.57 27.89 -20.16
CA VAL M 111 15.01 28.26 -18.82
C VAL M 111 15.44 27.02 -18.04
N THR M 112 14.72 25.91 -18.20
CA THR M 112 15.06 24.68 -17.49
C THR M 112 16.43 24.16 -17.90
N LEU M 113 16.76 24.24 -19.19
CA LEU M 113 18.07 23.82 -19.66
C LEU M 113 19.18 24.67 -19.04
N TRP M 114 18.95 25.98 -18.93
CA TRP M 114 19.93 26.87 -18.31
C TRP M 114 20.11 26.56 -16.82
N ASN M 115 19.03 26.22 -16.12
CA ASN M 115 19.11 25.98 -14.68
C ASN M 115 19.90 24.71 -14.38
N VAL M 116 19.76 23.68 -15.19
CA VAL M 116 20.51 22.45 -14.98
C VAL M 116 22.00 22.70 -15.18
N GLY M 117 22.36 23.57 -16.11
CA GLY M 117 23.76 23.89 -16.33
C GLY M 117 24.41 24.53 -15.12
N VAL M 118 23.66 25.37 -14.39
CA VAL M 118 24.20 26.01 -13.20
C VAL M 118 24.50 24.98 -12.13
N ILE M 119 23.69 23.92 -12.04
CA ILE M 119 23.95 22.84 -11.09
C ILE M 119 25.21 22.08 -11.47
N ILE M 120 25.42 21.84 -12.77
CA ILE M 120 26.64 21.16 -13.22
C ILE M 120 27.86 22.01 -12.92
N PHE M 121 27.72 23.33 -13.01
CA PHE M 121 28.84 24.23 -12.71
C PHE M 121 29.23 24.15 -11.24
N ILE M 122 28.24 24.06 -10.35
CA ILE M 122 28.53 23.98 -8.92
C ILE M 122 29.22 22.66 -8.58
N LEU M 123 28.75 21.56 -9.15
CA LEU M 123 29.34 20.26 -8.85
C LEU M 123 30.77 20.16 -9.37
N THR M 124 31.04 20.73 -10.54
CA THR M 124 32.39 20.65 -11.10
C THR M 124 33.40 21.43 -10.28
N ILE M 125 32.98 22.57 -9.72
CA ILE M 125 33.85 23.33 -8.83
C ILE M 125 34.21 22.50 -7.61
N ALA M 126 33.23 21.80 -7.04
CA ALA M 126 33.48 20.96 -5.87
C ALA M 126 34.39 19.79 -6.19
N THR M 127 34.20 19.17 -7.36
CA THR M 127 35.02 18.02 -7.74
C THR M 127 36.49 18.41 -7.90
N ALA M 128 36.76 19.57 -8.52
CA ALA M 128 38.13 20.00 -8.72
C ALA M 128 38.79 20.36 -7.40
N PHE M 129 38.05 20.95 -6.47
CA PHE M 129 38.59 21.27 -5.16
C PHE M 129 38.96 20.02 -4.39
N LEU M 130 38.11 18.99 -4.44
CA LEU M 130 38.36 17.77 -3.68
C LEU M 130 39.57 17.02 -4.22
N GLY M 131 39.78 17.01 -5.54
CA GLY M 131 40.93 16.32 -6.09
C GLY M 131 42.23 17.04 -5.87
N TYR M 132 42.20 18.38 -5.77
CA TYR M 132 43.41 19.12 -5.47
C TYR M 132 43.92 18.79 -4.07
N CYS M 133 42.99 18.61 -3.12
CA CYS M 133 43.37 18.26 -1.75
C CYS M 133 44.00 16.88 -1.65
N CYS M 134 43.75 16.01 -2.62
CA CYS M 134 44.23 14.63 -2.52
C CYS M 134 45.72 14.50 -2.80
N VAL M 135 46.35 15.50 -3.42
CA VAL M 135 47.79 15.48 -3.60
C VAL M 135 48.50 15.66 -2.28
N TYR M 136 47.95 16.52 -1.42
CA TYR M 136 48.50 16.88 -0.11
C TYR M 136 49.90 17.50 -0.24
N GLY M 137 49.95 18.59 -0.99
CA GLY M 137 51.10 19.47 -1.00
C GLY M 137 50.91 20.63 -0.04
N GLN M 138 51.78 21.63 -0.18
CA GLN M 138 51.70 22.78 0.71
C GLN M 138 50.55 23.71 0.37
N MET M 139 50.16 23.78 -0.90
CA MET M 139 49.03 24.63 -1.28
C MET M 139 47.69 23.93 -1.16
N SER M 140 47.67 22.60 -1.23
CA SER M 140 46.44 21.86 -1.05
C SER M 140 46.04 21.76 0.42
N HIS M 141 47.01 21.63 1.33
CA HIS M 141 46.68 21.56 2.76
C HIS M 141 46.20 22.92 3.27
N TRP M 142 46.91 23.99 2.95
CA TRP M 142 46.54 25.31 3.43
C TRP M 142 45.36 25.90 2.66
N GLY M 143 45.14 25.46 1.42
CA GLY M 143 43.93 25.84 0.73
C GLY M 143 42.69 25.22 1.34
N ALA M 144 42.80 23.96 1.77
CA ALA M 144 41.68 23.30 2.42
C ALA M 144 41.38 23.89 3.78
N THR M 145 42.39 24.45 4.46
CA THR M 145 42.18 25.03 5.78
C THR M 145 41.31 26.27 5.69
N VAL M 146 41.62 27.17 4.75
CA VAL M 146 40.87 28.43 4.65
C VAL M 146 39.45 28.17 4.14
N ILE M 147 39.29 27.26 3.19
CA ILE M 147 37.99 27.04 2.58
C ILE M 147 37.01 26.43 3.59
N THR M 148 37.45 25.37 4.28
CA THR M 148 36.57 24.70 5.22
C THR M 148 36.35 25.49 6.51
N ASN M 149 37.21 26.47 6.80
CA ASN M 149 37.04 27.29 7.98
C ASN M 149 36.01 28.40 7.80
N LEU M 150 35.55 28.64 6.57
CA LEU M 150 34.55 29.66 6.33
C LEU M 150 33.15 29.20 6.74
N PHE M 151 32.92 27.90 6.84
CA PHE M 151 31.64 27.39 7.32
C PHE M 151 31.41 27.66 8.80
N SER M 152 32.45 28.02 9.55
CA SER M 152 32.30 28.32 10.96
C SER M 152 31.61 29.64 11.21
N ALA M 153 31.38 30.45 10.18
CA ALA M 153 30.70 31.72 10.34
C ALA M 153 29.18 31.58 10.36
N ILE M 154 28.65 30.40 10.11
CA ILE M 154 27.20 30.17 10.16
C ILE M 154 26.74 30.27 11.62
N PRO M 155 25.65 30.98 11.90
CA PRO M 155 25.23 31.15 13.29
C PRO M 155 24.82 29.84 13.93
N PHE M 156 25.05 29.76 15.25
CA PHE M 156 24.63 28.63 16.08
C PHE M 156 25.35 27.34 15.71
N VAL M 157 25.07 26.81 14.51
CA VAL M 157 25.54 25.49 14.13
C VAL M 157 26.85 25.53 13.36
N GLY M 158 27.46 26.71 13.24
CA GLY M 158 28.63 26.84 12.36
C GLY M 158 29.82 26.02 12.82
N ASN M 159 30.13 26.08 14.12
CA ASN M 159 31.32 25.39 14.62
C ASN M 159 31.16 23.88 14.56
N ASP M 160 29.94 23.37 14.71
CA ASP M 160 29.72 21.93 14.66
C ASP M 160 29.83 21.38 13.25
N ILE M 161 29.51 22.19 12.24
CA ILE M 161 29.61 21.72 10.85
C ILE M 161 31.07 21.50 10.47
N VAL M 162 31.97 22.35 10.94
CA VAL M 162 33.39 22.21 10.61
C VAL M 162 33.96 20.94 11.23
N SER M 163 33.62 20.65 12.49
CA SER M 163 34.10 19.43 13.12
C SER M 163 33.59 18.19 12.41
N TRP M 164 32.34 18.20 11.99
CA TRP M 164 31.78 17.08 11.24
C TRP M 164 32.45 16.93 9.89
N LEU M 165 32.81 18.04 9.24
CA LEU M 165 33.50 17.98 7.95
C LEU M 165 34.93 17.50 8.10
N TRP M 166 35.64 18.02 9.11
CA TRP M 166 37.03 17.63 9.33
C TRP M 166 37.14 16.17 9.76
N GLY M 167 36.23 15.72 10.60
CA GLY M 167 36.39 14.45 11.26
C GLY M 167 37.30 14.50 12.47
N GLY M 168 37.57 15.70 12.97
CA GLY M 168 38.50 15.89 14.06
C GLY M 168 38.63 17.35 14.43
N PHE M 169 39.83 17.79 14.80
CA PHE M 169 40.05 19.15 15.26
C PHE M 169 40.75 20.03 14.24
N SER M 170 41.26 19.47 13.15
CA SER M 170 41.88 20.23 12.08
C SER M 170 41.94 19.32 10.84
N VAL M 171 42.56 19.82 9.78
CA VAL M 171 42.72 19.04 8.56
C VAL M 171 43.74 17.95 8.82
N SER M 172 43.28 16.70 8.88
CA SER M 172 44.09 15.60 9.35
C SER M 172 43.79 14.38 8.49
N ASN M 173 44.22 13.21 8.96
CA ASN M 173 43.98 11.96 8.23
C ASN M 173 42.50 11.68 7.95
N PRO M 174 41.56 11.88 8.88
CA PRO M 174 40.15 11.64 8.52
C PRO M 174 39.66 12.52 7.38
N THR M 175 40.19 13.73 7.24
CA THR M 175 39.75 14.62 6.17
C THR M 175 40.23 14.14 4.81
N ILE M 176 41.48 13.68 4.73
CA ILE M 176 42.06 13.33 3.44
C ILE M 176 41.43 12.07 2.88
N GLN M 177 41.15 11.08 3.73
CA GLN M 177 40.47 9.88 3.25
C GLN M 177 39.00 10.17 2.94
N ARG M 178 38.41 11.15 3.63
CA ARG M 178 37.06 11.60 3.31
C ARG M 178 36.98 12.17 1.91
N PHE M 179 37.97 12.97 1.52
CA PHE M 179 37.91 13.71 0.27
C PHE M 179 38.20 12.84 -0.95
N PHE M 180 39.00 11.78 -0.80
CA PHE M 180 39.23 10.90 -1.94
C PHE M 180 37.98 10.09 -2.26
N ALA M 181 37.24 9.67 -1.24
CA ALA M 181 36.01 8.91 -1.47
C ALA M 181 34.96 9.77 -2.18
N LEU M 182 34.85 11.05 -1.80
CA LEU M 182 33.91 11.94 -2.46
C LEU M 182 34.38 12.32 -3.86
N HIS M 183 35.69 12.41 -4.07
CA HIS M 183 36.22 12.71 -5.39
C HIS M 183 35.96 11.59 -6.39
N TYR M 184 35.79 10.35 -5.91
CA TYR M 184 35.42 9.25 -6.78
C TYR M 184 33.95 9.28 -7.16
N LEU M 185 33.09 9.79 -6.28
CA LEU M 185 31.65 9.68 -6.45
C LEU M 185 31.05 10.85 -7.24
N VAL M 186 31.44 12.08 -6.92
CA VAL M 186 30.79 13.25 -7.53
C VAL M 186 30.86 13.25 -9.04
N PRO M 187 31.94 12.83 -9.70
CA PRO M 187 31.92 12.77 -11.18
C PRO M 187 30.80 11.90 -11.75
N PHE M 188 30.35 10.88 -11.02
CA PHE M 188 29.23 10.07 -11.51
C PHE M 188 27.90 10.80 -11.37
N ILE M 189 27.78 11.70 -10.39
CA ILE M 189 26.60 12.54 -10.30
C ILE M 189 26.56 13.54 -11.45
N ILE M 190 27.72 14.05 -11.86
CA ILE M 190 27.80 14.95 -13.00
C ILE M 190 27.37 14.24 -14.28
N ALA M 191 27.81 12.99 -14.46
CA ALA M 191 27.43 12.23 -15.64
C ALA M 191 25.93 11.98 -15.70
N ALA M 192 25.29 11.81 -14.53
CA ALA M 192 23.84 11.62 -14.51
C ALA M 192 23.09 12.93 -14.73
N MET M 193 23.67 14.07 -14.30
CA MET M 193 23.05 15.36 -14.56
C MET M 193 23.34 15.88 -15.95
N VAL M 194 24.31 15.31 -16.66
CA VAL M 194 24.51 15.66 -18.06
C VAL M 194 23.43 15.04 -18.93
N ILE M 195 22.95 13.85 -18.58
CA ILE M 195 21.84 13.24 -19.32
C ILE M 195 20.57 14.06 -19.16
N MET M 196 20.33 14.58 -17.94
CA MET M 196 19.22 15.49 -17.75
C MET M 196 19.42 16.81 -18.51
N HIS M 197 20.67 17.18 -18.74
CA HIS M 197 20.97 18.37 -19.55
C HIS M 197 20.55 18.16 -21.00
N LEU M 198 20.79 16.97 -21.55
CA LEU M 198 20.43 16.69 -22.94
C LEU M 198 18.92 16.47 -23.10
N MET M 199 18.26 15.98 -22.04
CA MET M 199 16.82 15.76 -22.12
C MET M 199 16.06 17.08 -22.23
N ALA M 200 16.52 18.11 -21.50
CA ALA M 200 15.89 19.42 -21.55
C ALA M 200 16.22 20.17 -22.83
N LEU M 201 17.28 19.79 -23.53
CA LEU M 201 17.61 20.43 -24.80
C LEU M 201 16.78 19.86 -25.94
N HIS M 202 16.35 18.60 -25.82
CA HIS M 202 15.67 17.91 -26.91
C HIS M 202 14.23 18.38 -27.10
N ILE M 203 13.64 19.05 -26.12
CA ILE M 203 12.23 19.42 -26.24
C ILE M 203 12.04 20.53 -27.28
N HIS M 204 12.93 21.51 -27.30
CA HIS M 204 12.84 22.61 -28.25
C HIS M 204 14.01 22.72 -29.20
N GLY M 205 15.06 21.92 -29.02
CA GLY M 205 16.21 21.98 -29.89
C GLY M 205 17.16 23.11 -29.57
N SER M 206 18.20 23.23 -30.39
CA SER M 206 19.20 24.27 -30.22
C SER M 206 18.70 25.60 -30.77
N SER M 207 19.44 26.65 -30.44
CA SER M 207 19.21 27.98 -30.99
C SER M 207 20.21 28.23 -32.13
N ASN M 208 20.17 29.43 -32.69
CA ASN M 208 21.02 29.77 -33.83
C ASN M 208 21.62 31.15 -33.61
N PRO M 209 22.72 31.46 -34.31
CA PRO M 209 23.34 32.79 -34.14
C PRO M 209 22.46 33.96 -34.50
N LEU M 210 21.49 33.76 -35.40
CA LEU M 210 20.61 34.86 -35.79
C LEU M 210 19.56 35.18 -34.72
N GLY M 211 19.23 34.22 -33.87
CA GLY M 211 18.27 34.45 -32.81
C GLY M 211 16.81 34.28 -33.20
N ILE M 212 16.54 33.78 -34.40
CA ILE M 212 15.17 33.57 -34.86
C ILE M 212 14.92 32.07 -35.01
N THR M 213 13.72 31.71 -35.42
CA THR M 213 13.33 30.31 -35.51
C THR M 213 14.20 29.57 -36.53
N GLY M 214 14.43 28.29 -36.25
CA GLY M 214 15.19 27.46 -37.16
C GLY M 214 14.38 26.32 -37.73
N ASN M 215 13.05 26.45 -37.67
CA ASN M 215 12.15 25.39 -38.12
C ASN M 215 11.95 25.37 -39.62
N LEU M 216 12.49 26.34 -40.34
CA LEU M 216 12.33 26.44 -41.78
C LEU M 216 13.47 25.80 -42.57
N ASP M 217 14.59 25.51 -41.92
CA ASP M 217 15.75 24.97 -42.62
C ASP M 217 16.56 24.15 -41.63
N ARG M 218 16.53 22.82 -41.76
CA ARG M 218 17.21 21.92 -40.85
C ARG M 218 18.00 20.89 -41.63
N ILE M 219 19.11 20.43 -41.04
CA ILE M 219 19.91 19.35 -41.61
C ILE M 219 20.15 18.31 -40.52
N PRO M 220 20.28 17.04 -40.86
CA PRO M 220 20.48 16.01 -39.83
C PRO M 220 21.85 16.15 -39.18
N MET M 221 21.94 15.62 -37.96
CA MET M 221 23.19 15.70 -37.21
C MET M 221 24.29 14.86 -37.86
N HIS M 222 23.97 13.65 -38.31
CA HIS M 222 24.99 12.76 -38.81
C HIS M 222 25.52 13.21 -40.16
N SER M 223 26.84 13.15 -40.32
CA SER M 223 27.61 13.46 -41.52
C SER M 223 27.67 14.94 -41.83
N TYR M 224 27.04 15.76 -41.04
CA TYR M 224 27.20 17.20 -41.21
C TYR M 224 27.84 17.85 -40.01
N PHE M 225 27.38 17.54 -38.81
CA PHE M 225 27.98 18.04 -37.59
C PHE M 225 28.79 16.98 -36.85
N ILE M 226 28.73 15.72 -37.27
CA ILE M 226 29.66 14.73 -36.77
C ILE M 226 31.07 15.04 -37.24
N PHE M 227 31.22 15.41 -38.52
CA PHE M 227 32.52 15.76 -39.06
C PHE M 227 32.94 17.19 -38.73
N LYS M 228 32.00 18.08 -38.44
CA LYS M 228 32.37 19.41 -37.96
C LYS M 228 32.82 19.37 -36.50
N ASP M 229 32.29 18.44 -35.71
CA ASP M 229 32.79 18.24 -34.36
C ASP M 229 34.15 17.56 -34.35
N LEU M 230 34.43 16.74 -35.34
CA LEU M 230 35.74 16.09 -35.46
C LEU M 230 36.86 17.09 -35.73
N VAL M 231 36.54 18.25 -36.30
CA VAL M 231 37.56 19.25 -36.58
C VAL M 231 38.09 19.84 -35.28
N THR M 232 37.19 20.22 -34.37
CA THR M 232 37.62 20.78 -33.09
C THR M 232 38.07 19.72 -32.11
N VAL M 233 37.71 18.47 -32.33
CA VAL M 233 38.22 17.40 -31.47
C VAL M 233 39.70 17.21 -31.71
N PHE M 234 40.14 17.20 -32.96
CA PHE M 234 41.56 17.05 -33.26
C PHE M 234 42.35 18.27 -32.84
N LEU M 235 41.79 19.47 -33.00
CA LEU M 235 42.46 20.68 -32.53
C LEU M 235 42.55 20.69 -31.01
N PHE M 236 41.55 20.13 -30.32
CA PHE M 236 41.59 20.10 -28.86
C PHE M 236 42.73 19.25 -28.34
N MET M 237 42.96 18.07 -28.95
CA MET M 237 44.03 17.23 -28.45
C MET M 237 45.41 17.74 -28.85
N LEU M 238 45.49 18.56 -29.91
CA LEU M 238 46.78 19.11 -30.31
C LEU M 238 47.29 20.10 -29.29
N ILE M 239 46.44 21.01 -28.81
CA ILE M 239 46.86 21.98 -27.82
C ILE M 239 47.10 21.31 -26.46
N LEU M 240 46.29 20.31 -26.12
CA LEU M 240 46.51 19.58 -24.87
C LEU M 240 47.83 18.82 -24.89
N ALA M 241 48.18 18.20 -26.03
CA ALA M 241 49.44 17.48 -26.13
C ALA M 241 50.63 18.43 -26.02
N LEU M 242 50.47 19.68 -26.46
CA LEU M 242 51.55 20.66 -26.30
C LEU M 242 51.84 20.93 -24.84
N PHE M 243 50.80 21.08 -24.03
CA PHE M 243 50.98 21.36 -22.61
C PHE M 243 51.38 20.14 -21.80
N VAL M 244 51.13 18.93 -22.30
CA VAL M 244 51.42 17.73 -21.53
C VAL M 244 52.86 17.28 -21.74
N PHE M 245 53.38 17.41 -22.97
CA PHE M 245 54.71 16.91 -23.28
C PHE M 245 55.78 17.99 -23.31
N TYR M 246 55.41 19.27 -23.42
CA TYR M 246 56.40 20.34 -23.55
C TYR M 246 56.32 21.39 -22.46
N SER M 247 55.23 21.46 -21.70
CA SER M 247 55.14 22.42 -20.61
C SER M 247 54.13 21.95 -19.56
N PRO M 248 54.41 20.87 -18.85
CA PRO M 248 53.39 20.28 -17.98
C PRO M 248 53.16 21.04 -16.67
N ASN M 249 54.04 21.94 -16.27
CA ASN M 249 53.92 22.62 -14.99
C ASN M 249 53.74 24.12 -15.13
N THR M 250 53.31 24.59 -16.31
CA THR M 250 53.10 26.02 -16.51
C THR M 250 51.83 26.52 -15.84
N LEU M 251 50.82 25.68 -15.73
CA LEU M 251 49.54 26.07 -15.15
C LEU M 251 49.42 25.77 -13.67
N GLY M 252 50.47 25.23 -13.04
CA GLY M 252 50.43 24.86 -11.64
C GLY M 252 51.14 25.87 -10.75
N HIS M 253 51.30 25.45 -9.49
CA HIS M 253 52.01 26.22 -8.48
C HIS M 253 53.21 25.42 -7.97
N PRO M 254 54.41 26.00 -7.94
CA PRO M 254 55.58 25.23 -7.48
C PRO M 254 55.53 24.83 -6.02
N ASP M 255 54.74 25.52 -5.19
CA ASP M 255 54.67 25.19 -3.77
C ASP M 255 53.95 23.89 -3.49
N ASN M 256 53.29 23.29 -4.49
CA ASN M 256 52.61 22.02 -4.31
C ASN M 256 53.53 20.83 -4.54
N TYR M 257 54.82 21.07 -4.73
CA TYR M 257 55.82 20.01 -4.70
C TYR M 257 56.53 19.91 -3.35
N ILE M 258 56.14 20.76 -2.40
CA ILE M 258 56.61 20.67 -1.02
C ILE M 258 55.54 19.92 -0.23
N PRO M 259 55.88 18.80 0.43
CA PRO M 259 54.85 18.03 1.14
C PRO M 259 54.16 18.86 2.20
N GLY M 260 52.88 18.57 2.42
CA GLY M 260 52.07 19.33 3.35
C GLY M 260 52.61 19.34 4.76
N ASN M 261 52.73 20.54 5.33
CA ASN M 261 53.24 20.72 6.69
C ASN M 261 52.29 21.65 7.42
N PRO M 262 51.64 21.21 8.49
CA PRO M 262 50.72 22.09 9.22
C PRO M 262 51.40 23.13 10.09
N LEU M 263 52.73 23.19 10.11
CA LEU M 263 53.45 24.08 11.00
C LEU M 263 54.12 25.26 10.31
N VAL M 264 54.16 25.28 8.98
CA VAL M 264 54.79 26.37 8.23
C VAL M 264 53.78 26.93 7.24
N THR M 265 53.44 28.20 7.39
CA THR M 265 52.55 28.86 6.44
C THR M 265 53.28 29.07 5.11
N PRO M 266 52.68 28.70 3.99
CA PRO M 266 53.35 28.83 2.68
C PRO M 266 53.23 30.22 2.06
N ALA M 267 53.49 31.25 2.87
CA ALA M 267 53.49 32.65 2.45
C ALA M 267 52.11 32.96 1.87
N SER M 268 51.99 33.33 0.60
CA SER M 268 50.68 33.59 0.01
C SER M 268 49.98 32.27 -0.33
N ILE M 269 48.71 32.16 0.04
CA ILE M 269 47.89 30.99 -0.21
C ILE M 269 46.85 31.36 -1.27
N VAL M 270 46.88 30.66 -2.41
CA VAL M 270 45.90 30.88 -3.46
C VAL M 270 45.43 29.54 -4.00
N PRO M 271 44.19 29.49 -4.48
CA PRO M 271 43.70 28.27 -5.15
C PRO M 271 44.18 28.16 -6.58
N GLU M 272 43.68 27.18 -7.32
CA GLU M 272 43.99 27.09 -8.74
C GLU M 272 43.43 28.31 -9.49
N TRP M 273 43.87 28.48 -10.73
CA TRP M 273 43.60 29.72 -11.43
C TRP M 273 42.13 29.88 -11.77
N TYR M 274 41.41 28.78 -12.01
CA TYR M 274 40.02 28.92 -12.42
C TYR M 274 39.07 29.25 -11.28
N LEU M 275 39.52 29.13 -10.03
CA LEU M 275 38.73 29.55 -8.88
C LEU M 275 39.15 30.92 -8.36
N LEU M 276 40.17 31.53 -8.97
CA LEU M 276 40.64 32.83 -8.52
C LEU M 276 39.60 33.95 -8.63
N PRO M 277 38.80 34.06 -9.70
CA PRO M 277 37.81 35.15 -9.74
C PRO M 277 36.83 35.12 -8.58
N PHE M 278 36.40 33.93 -8.16
CA PHE M 278 35.47 33.81 -7.03
C PHE M 278 36.18 33.98 -5.70
N TYR M 279 37.49 33.76 -5.65
CA TYR M 279 38.25 34.01 -4.43
C TYR M 279 38.38 35.50 -4.14
N ALA M 280 38.46 36.33 -5.18
CA ALA M 280 38.59 37.77 -4.98
C ALA M 280 37.28 38.39 -4.52
N ILE M 281 36.15 37.83 -4.91
CA ILE M 281 34.86 38.35 -4.47
C ILE M 281 34.68 38.11 -2.96
N LEU M 282 35.12 36.94 -2.49
CA LEU M 282 35.01 36.64 -1.07
C LEU M 282 35.83 37.59 -0.21
N ARG M 283 37.04 37.93 -0.66
CA ARG M 283 37.93 38.78 0.12
C ARG M 283 37.55 40.25 0.07
N SER M 284 36.62 40.66 -0.79
CA SER M 284 36.29 42.07 -0.91
C SER M 284 35.35 42.57 0.18
N ILE M 285 34.70 41.67 0.90
CA ILE M 285 33.76 42.03 1.96
C ILE M 285 34.46 41.89 3.30
N PRO M 286 34.62 42.96 4.08
CA PRO M 286 35.25 42.88 5.40
C PRO M 286 34.36 42.27 6.47
N ASP M 287 33.83 41.09 6.18
CA ASP M 287 32.96 40.37 7.11
C ASP M 287 32.89 38.91 6.66
N LYS M 288 33.15 38.00 7.60
CA LYS M 288 33.20 36.58 7.25
C LYS M 288 31.83 36.08 6.79
N LEU M 289 30.79 36.33 7.58
CA LEU M 289 29.46 35.82 7.22
C LEU M 289 28.96 36.43 5.92
N LEU M 290 29.01 37.76 5.80
CA LEU M 290 28.54 38.42 4.58
C LEU M 290 29.43 38.08 3.40
N GLY M 291 30.75 38.01 3.61
CA GLY M 291 31.64 37.71 2.53
C GLY M 291 31.46 36.31 1.98
N VAL M 292 31.16 35.36 2.85
CA VAL M 292 30.92 34.00 2.40
C VAL M 292 29.62 33.91 1.60
N ILE M 293 28.57 34.58 2.07
CA ILE M 293 27.28 34.54 1.37
C ILE M 293 27.43 35.11 -0.04
N THR M 294 28.16 36.21 -0.19
CA THR M 294 28.37 36.83 -1.49
C THR M 294 29.08 35.92 -2.47
N MET M 295 29.86 34.94 -1.98
CA MET M 295 30.63 34.09 -2.88
C MET M 295 29.74 33.11 -3.64
N PHE M 296 28.74 32.52 -2.95
CA PHE M 296 27.79 31.68 -3.66
C PHE M 296 26.71 32.48 -4.38
N ALA M 297 26.53 33.75 -4.03
CA ALA M 297 25.61 34.59 -4.80
C ALA M 297 26.12 34.76 -6.23
N ALA M 298 27.43 34.86 -6.40
CA ALA M 298 28.01 35.09 -7.71
C ALA M 298 27.70 33.96 -8.69
N ILE M 299 27.28 32.80 -8.19
CA ILE M 299 26.89 31.69 -9.06
C ILE M 299 25.36 31.64 -9.14
N LEU M 300 24.68 32.16 -8.13
CA LEU M 300 23.22 32.11 -8.10
C LEU M 300 22.56 33.29 -8.80
N VAL M 301 23.30 34.36 -9.07
CA VAL M 301 22.74 35.49 -9.82
C VAL M 301 22.54 35.13 -11.29
N LEU M 302 23.22 34.09 -11.77
CA LEU M 302 23.00 33.62 -13.14
C LEU M 302 21.57 33.16 -13.38
N LEU M 303 20.83 32.83 -12.32
CA LEU M 303 19.44 32.42 -12.47
C LEU M 303 18.49 33.59 -12.62
N VAL M 304 18.95 34.81 -12.31
CA VAL M 304 18.11 36.00 -12.44
C VAL M 304 18.06 36.50 -13.87
N LEU M 305 18.96 36.02 -14.73
CA LEU M 305 19.08 36.53 -16.09
C LEU M 305 17.80 36.45 -16.91
N PRO M 306 17.06 35.33 -16.94
CA PRO M 306 15.87 35.27 -17.81
C PRO M 306 14.78 36.26 -17.46
N PHE M 307 14.91 37.00 -16.36
CA PHE M 307 13.88 37.93 -15.93
C PHE M 307 14.30 39.39 -15.94
N THR M 308 15.61 39.67 -16.00
CA THR M 308 16.11 41.03 -16.12
C THR M 308 16.44 41.41 -17.55
N ASP M 309 16.22 40.51 -18.51
CA ASP M 309 16.39 40.83 -19.93
C ASP M 309 15.03 41.27 -20.47
N ARG M 310 14.88 42.58 -20.71
CA ARG M 310 13.63 43.17 -21.16
C ARG M 310 13.60 43.38 -22.68
N SER M 311 14.35 42.57 -23.42
CA SER M 311 14.47 42.73 -24.86
C SER M 311 13.53 41.79 -25.59
N VAL M 312 12.96 42.27 -26.70
CA VAL M 312 12.07 41.46 -27.53
C VAL M 312 12.83 40.68 -28.60
N VAL M 313 14.15 40.84 -28.68
CA VAL M 313 14.99 40.10 -29.61
C VAL M 313 15.99 39.28 -28.80
N ARG M 314 16.20 38.04 -29.21
CA ARG M 314 17.06 37.10 -28.51
C ARG M 314 18.48 37.17 -29.10
N GLY M 315 19.43 37.58 -28.29
CA GLY M 315 20.83 37.62 -28.67
C GLY M 315 21.35 39.04 -28.84
N ASN M 316 22.67 39.13 -29.03
CA ASN M 316 23.36 40.40 -29.18
C ASN M 316 23.88 40.64 -30.59
N THR M 317 23.48 39.83 -31.57
CA THR M 317 24.03 39.94 -32.91
C THR M 317 23.75 41.30 -33.54
N PHE M 318 22.54 41.83 -33.34
CA PHE M 318 22.14 43.08 -33.96
C PHE M 318 21.98 44.21 -32.94
N LYS M 319 22.59 44.09 -31.78
CA LYS M 319 22.49 45.09 -30.72
C LYS M 319 23.83 45.76 -30.52
N VAL M 320 23.84 47.10 -30.63
CA VAL M 320 25.10 47.85 -30.57
C VAL M 320 25.59 47.98 -29.14
N LEU M 321 24.75 48.49 -28.25
CA LEU M 321 25.18 48.74 -26.87
C LEU M 321 25.40 47.44 -26.12
N SER M 322 24.56 46.43 -26.35
CA SER M 322 24.70 45.16 -25.66
C SER M 322 26.00 44.45 -26.03
N LYS M 323 26.46 44.63 -27.27
CA LYS M 323 27.73 44.06 -27.69
C LYS M 323 28.90 44.71 -26.96
N PHE M 324 28.86 46.03 -26.77
CA PHE M 324 29.94 46.73 -26.11
C PHE M 324 30.05 46.34 -24.64
N PHE M 325 28.93 46.39 -23.91
CA PHE M 325 28.95 46.09 -22.49
C PHE M 325 29.13 44.61 -22.19
N PHE M 326 28.95 43.73 -23.18
CA PHE M 326 29.22 42.31 -22.94
C PHE M 326 30.70 42.06 -22.72
N PHE M 327 31.56 42.71 -23.51
CA PHE M 327 33.00 42.52 -23.36
C PHE M 327 33.56 43.28 -22.16
N ILE M 328 32.83 44.27 -21.65
CA ILE M 328 33.22 44.89 -20.39
C ILE M 328 33.11 43.88 -19.24
N PHE M 329 32.02 43.11 -19.23
CA PHE M 329 31.85 42.07 -18.22
C PHE M 329 32.92 40.98 -18.36
N VAL M 330 33.26 40.62 -19.59
CA VAL M 330 34.22 39.54 -19.82
C VAL M 330 35.58 39.91 -19.27
N PHE M 331 36.06 41.12 -19.60
CA PHE M 331 37.37 41.54 -19.13
C PHE M 331 37.35 41.99 -17.68
N ASN M 332 36.18 42.33 -17.14
CA ASN M 332 36.04 42.51 -15.69
C ASN M 332 36.28 41.20 -14.97
N PHE M 333 35.83 40.08 -15.55
CA PHE M 333 36.07 38.76 -14.97
C PHE M 333 37.56 38.43 -14.93
N VAL M 334 38.29 38.79 -15.98
CA VAL M 334 39.72 38.50 -16.03
C VAL M 334 40.48 39.31 -14.98
N LEU M 335 40.11 40.58 -14.81
CA LEU M 335 40.76 41.41 -13.81
C LEU M 335 40.50 40.90 -12.39
N LEU M 336 39.33 40.30 -12.15
CA LEU M 336 39.05 39.75 -10.83
C LEU M 336 40.00 38.61 -10.47
N GLY M 337 40.34 37.77 -11.45
CA GLY M 337 41.29 36.71 -11.19
C GLY M 337 42.68 37.24 -10.86
N GLN M 338 43.09 38.32 -11.52
CA GLN M 338 44.40 38.91 -11.24
C GLN M 338 44.47 39.42 -9.81
N ILE M 339 43.41 40.05 -9.32
CA ILE M 339 43.38 40.53 -7.95
C ILE M 339 43.44 39.36 -6.96
N GLY M 340 42.82 38.24 -7.31
CA GLY M 340 42.83 37.07 -6.45
C GLY M 340 44.20 36.46 -6.25
N ALA M 341 45.12 36.68 -7.18
CA ALA M 341 46.49 36.19 -7.07
C ALA M 341 47.44 37.27 -6.57
N CYS M 342 46.92 38.39 -6.09
CA CYS M 342 47.71 39.50 -5.59
C CYS M 342 47.68 39.53 -4.07
N HIS M 343 48.59 40.32 -3.51
CA HIS M 343 48.62 40.53 -2.07
C HIS M 343 47.55 41.56 -1.67
N VAL M 344 47.36 41.70 -0.37
CA VAL M 344 46.40 42.66 0.17
C VAL M 344 47.16 43.98 0.34
N GLU M 345 47.19 44.76 -0.72
CA GLU M 345 47.94 46.01 -0.78
C GLU M 345 46.98 47.19 -0.96
N VAL M 346 47.55 48.39 -0.99
CA VAL M 346 46.77 49.63 -0.98
C VAL M 346 45.88 49.78 -2.21
N PRO M 347 46.40 49.63 -3.46
CA PRO M 347 45.51 49.84 -4.61
C PRO M 347 44.62 48.64 -4.89
N TYR M 348 45.15 47.43 -4.66
CA TYR M 348 44.45 46.22 -5.07
C TYR M 348 43.20 45.95 -4.25
N VAL M 349 43.10 46.49 -3.04
CA VAL M 349 41.91 46.27 -2.22
C VAL M 349 40.71 47.00 -2.82
N LEU M 350 40.90 48.26 -3.20
CA LEU M 350 39.80 49.02 -3.80
C LEU M 350 39.53 48.57 -5.24
N MET M 351 40.54 48.09 -5.95
CA MET M 351 40.32 47.62 -7.31
C MET M 351 39.39 46.43 -7.33
N GLY M 352 39.54 45.51 -6.37
CA GLY M 352 38.67 44.34 -6.30
C GLY M 352 37.28 44.62 -5.76
N GLN M 353 37.12 45.70 -4.99
CA GLN M 353 35.80 46.07 -4.50
C GLN M 353 34.95 46.71 -5.59
N ILE M 354 35.55 47.55 -6.43
CA ILE M 354 34.83 48.15 -7.54
C ILE M 354 34.51 47.10 -8.60
N ALA M 355 35.48 46.24 -8.92
CA ALA M 355 35.25 45.20 -9.91
C ALA M 355 34.21 44.20 -9.43
N THR M 356 34.09 44.01 -8.12
CA THR M 356 33.01 43.19 -7.58
C THR M 356 31.66 43.85 -7.81
N PHE M 357 31.59 45.17 -7.65
CA PHE M 357 30.34 45.87 -7.89
C PHE M 357 29.89 45.77 -9.34
N ILE M 358 30.84 45.88 -10.27
CA ILE M 358 30.51 45.78 -11.69
C ILE M 358 29.97 44.41 -12.02
N TYR M 359 30.49 43.36 -11.38
CA TYR M 359 30.02 42.00 -11.64
C TYR M 359 28.53 41.86 -11.34
N PHE M 360 28.09 42.39 -10.20
CA PHE M 360 26.69 42.27 -9.81
C PHE M 360 25.81 43.31 -10.51
N ALA M 361 26.33 44.51 -10.74
CA ALA M 361 25.53 45.54 -11.41
C ALA M 361 25.21 45.20 -12.85
N TYR M 362 25.97 44.28 -13.46
CA TYR M 362 25.72 43.92 -14.85
C TYR M 362 24.37 43.21 -15.00
N PHE M 363 24.09 42.25 -14.12
CA PHE M 363 22.83 41.51 -14.21
C PHE M 363 21.66 42.36 -13.74
N LEU M 364 21.83 43.12 -12.67
CA LEU M 364 20.71 43.77 -12.00
C LEU M 364 20.47 45.20 -12.45
N ILE M 365 21.42 45.85 -13.10
CA ILE M 365 21.23 47.25 -13.48
C ILE M 365 21.49 47.46 -14.96
N ILE M 366 22.64 47.00 -15.45
CA ILE M 366 23.05 47.33 -16.81
C ILE M 366 22.14 46.66 -17.84
N VAL M 367 21.91 45.36 -17.68
CA VAL M 367 21.10 44.63 -18.66
C VAL M 367 19.65 45.13 -18.69
N PRO M 368 18.95 45.30 -17.57
CA PRO M 368 17.58 45.85 -17.66
C PRO M 368 17.50 47.24 -18.27
N VAL M 369 18.43 48.13 -17.92
CA VAL M 369 18.35 49.51 -18.42
C VAL M 369 18.70 49.57 -19.90
N ILE M 370 19.75 48.86 -20.32
CA ILE M 370 20.17 48.91 -21.71
C ILE M 370 19.10 48.29 -22.61
N SER M 371 18.52 47.16 -22.19
CA SER M 371 17.59 46.44 -23.06
C SER M 371 16.31 47.23 -23.29
N THR M 372 15.90 48.06 -22.35
CA THR M 372 14.73 48.91 -22.56
C THR M 372 15.02 50.06 -23.50
N ILE M 373 16.24 50.62 -23.46
CA ILE M 373 16.59 51.73 -24.33
C ILE M 373 16.63 51.29 -25.79
N GLU M 374 17.21 50.12 -26.06
CA GLU M 374 17.30 49.64 -27.43
C GLU M 374 15.95 49.32 -28.04
N ASN M 375 14.98 48.93 -27.20
CA ASN M 375 13.63 48.66 -27.71
C ASN M 375 13.02 49.90 -28.31
N VAL M 376 13.21 51.05 -27.67
CA VAL M 376 12.65 52.30 -28.19
C VAL M 376 13.39 52.74 -29.46
N LEU M 377 14.71 52.58 -29.48
CA LEU M 377 15.48 52.99 -30.65
C LEU M 377 15.09 52.21 -31.89
N PHE M 378 14.82 50.91 -31.73
CA PHE M 378 14.32 50.12 -32.84
C PHE M 378 12.97 50.63 -33.32
N TYR M 379 12.13 51.11 -32.39
CA TYR M 379 10.79 51.55 -32.74
C TYR M 379 10.81 52.90 -33.44
N ILE M 380 11.29 53.94 -32.75
CA ILE M 380 11.27 55.30 -33.30
C ILE M 380 12.16 55.46 -34.51
N GLY M 381 13.04 54.51 -34.79
CA GLY M 381 13.89 54.60 -35.95
C GLY M 381 13.26 54.22 -37.26
N ARG M 382 12.04 53.70 -37.23
CA ARG M 382 11.35 53.32 -38.46
C ARG M 382 9.88 53.71 -38.52
N VAL M 383 9.25 54.07 -37.42
CA VAL M 383 7.84 54.44 -37.43
C VAL M 383 7.71 55.92 -37.77
N ASN M 384 6.77 56.24 -38.64
CA ASN M 384 6.51 57.60 -39.08
C ASN M 384 5.30 58.13 -38.31
N LYS M 385 5.56 58.66 -37.12
CA LYS M 385 4.50 59.25 -36.30
C LYS M 385 4.79 60.74 -36.08
N MET N 1 54.76 44.03 -0.96
CA MET N 1 55.97 44.00 -0.15
C MET N 1 57.15 44.59 -0.91
N THR N 2 58.23 44.85 -0.18
CA THR N 2 59.42 45.44 -0.78
C THR N 2 60.20 44.40 -1.58
N ALA N 3 61.10 44.89 -2.42
CA ALA N 3 61.91 44.00 -3.25
C ALA N 3 62.92 43.20 -2.42
N ALA N 4 63.26 43.67 -1.22
CA ALA N 4 64.16 42.93 -0.35
C ALA N 4 63.51 41.64 0.14
N GLU N 5 62.26 41.74 0.62
CA GLU N 5 61.55 40.55 1.07
C GLU N 5 61.00 39.73 -0.08
N HIS N 6 60.94 40.27 -1.28
CA HIS N 6 60.59 39.47 -2.44
C HIS N 6 61.75 38.58 -2.87
N GLY N 7 62.96 39.11 -2.85
CA GLY N 7 64.12 38.41 -3.37
C GLY N 7 64.42 38.79 -4.80
N LEU N 8 65.70 38.94 -5.12
CA LEU N 8 66.10 39.32 -6.47
C LEU N 8 65.76 38.21 -7.46
N HIS N 9 65.26 38.60 -8.63
CA HIS N 9 64.88 37.63 -9.66
C HIS N 9 66.11 37.11 -10.37
N ALA N 10 66.19 35.79 -10.53
CA ALA N 10 67.33 35.19 -11.18
C ALA N 10 67.28 35.45 -12.69
N PRO N 11 68.43 35.67 -13.33
CA PRO N 11 68.44 35.85 -14.79
C PRO N 11 68.25 34.54 -15.53
N ALA N 12 68.34 34.56 -16.85
CA ALA N 12 68.11 33.40 -17.69
C ALA N 12 69.41 32.97 -18.35
N TYR N 13 69.83 31.73 -18.09
CA TYR N 13 71.02 31.16 -18.68
C TYR N 13 70.67 30.20 -19.80
N ALA N 14 71.66 29.90 -20.63
CA ALA N 14 71.45 29.08 -21.83
C ALA N 14 71.78 27.62 -21.49
N TRP N 15 70.88 26.98 -20.77
CA TRP N 15 71.05 25.57 -20.44
C TRP N 15 70.97 24.71 -21.68
N SER N 16 71.74 23.63 -21.68
CA SER N 16 71.79 22.74 -22.84
C SER N 16 70.54 21.88 -22.99
N HIS N 17 69.75 21.73 -21.93
CA HIS N 17 68.50 20.97 -22.02
C HIS N 17 67.30 21.86 -22.29
N ASN N 18 67.50 23.17 -22.48
CA ASN N 18 66.42 24.05 -22.88
C ASN N 18 66.14 23.88 -24.38
N GLY N 19 64.87 23.68 -24.72
CA GLY N 19 64.48 23.53 -26.10
C GLY N 19 63.67 22.27 -26.35
N PRO N 20 62.73 22.34 -27.29
CA PRO N 20 61.86 21.19 -27.54
C PRO N 20 62.56 19.96 -28.08
N PHE N 21 63.76 20.07 -28.66
CA PHE N 21 64.46 18.92 -29.21
C PHE N 21 65.70 18.56 -28.42
N GLU N 22 65.90 19.15 -27.24
CA GLU N 22 67.12 19.01 -26.47
C GLU N 22 66.92 18.04 -25.30
N THR N 23 67.98 17.30 -24.99
CA THR N 23 68.01 16.39 -23.86
C THR N 23 69.00 16.88 -22.81
N PHE N 24 69.18 16.07 -21.76
CA PHE N 24 70.15 16.35 -20.74
C PHE N 24 71.56 16.06 -21.23
N ASP N 25 72.52 16.84 -20.75
CA ASP N 25 73.93 16.56 -20.97
C ASP N 25 74.37 15.54 -19.92
N HIS N 26 74.53 14.29 -20.32
CA HIS N 26 74.80 13.21 -19.37
C HIS N 26 76.20 13.25 -18.80
N ALA N 27 77.11 14.03 -19.38
CA ALA N 27 78.41 14.23 -18.75
C ALA N 27 78.32 15.19 -17.58
N SER N 28 77.42 16.16 -17.62
CA SER N 28 77.20 17.04 -16.48
C SER N 28 76.44 16.34 -15.37
N ILE N 29 75.59 15.37 -15.71
CA ILE N 29 74.91 14.57 -14.70
C ILE N 29 75.93 13.73 -13.93
N ARG N 30 76.85 13.10 -14.64
CA ARG N 30 77.88 12.30 -13.99
C ARG N 30 78.78 13.15 -13.11
N ARG N 31 79.17 14.32 -13.59
CA ARG N 31 79.97 15.23 -12.79
C ARG N 31 79.19 15.80 -11.61
N GLY N 32 77.88 16.03 -11.79
CA GLY N 32 77.08 16.59 -10.72
C GLY N 32 76.88 15.67 -9.54
N TYR N 33 76.91 14.36 -9.76
CA TYR N 33 76.80 13.42 -8.65
C TYR N 33 78.03 13.49 -7.76
N GLN N 34 79.21 13.68 -8.36
CA GLN N 34 80.43 13.78 -7.58
C GLN N 34 80.41 15.00 -6.67
N VAL N 35 79.86 16.11 -7.16
CA VAL N 35 79.73 17.30 -6.33
C VAL N 35 78.78 17.05 -5.18
N TYR N 36 77.67 16.34 -5.43
CA TYR N 36 76.72 16.05 -4.36
C TYR N 36 77.35 15.17 -3.29
N ARG N 37 78.04 14.11 -3.70
CA ARG N 37 78.61 13.17 -2.74
C ARG N 37 79.70 13.80 -1.89
N GLU N 38 80.48 14.70 -2.46
CA GLU N 38 81.63 15.26 -1.76
C GLU N 38 81.34 16.56 -1.03
N VAL N 39 80.27 17.26 -1.37
CA VAL N 39 79.93 18.54 -0.76
C VAL N 39 78.51 18.53 -0.20
N CYS N 40 77.52 18.15 -1.02
CA CYS N 40 76.12 18.30 -0.63
C CYS N 40 75.68 17.24 0.37
N ALA N 41 76.17 16.01 0.22
CA ALA N 41 75.62 14.87 0.95
C ALA N 41 75.88 14.94 2.44
N ALA N 42 76.74 15.84 2.90
CA ALA N 42 76.98 15.99 4.33
C ALA N 42 75.76 16.51 5.07
N CYS N 43 74.86 17.21 4.39
CA CYS N 43 73.72 17.82 5.07
C CYS N 43 72.38 17.68 4.36
N HIS N 44 72.34 17.18 3.12
CA HIS N 44 71.10 17.05 2.38
C HIS N 44 70.88 15.60 1.98
N SER N 45 69.61 15.23 1.79
CA SER N 45 69.23 13.87 1.44
C SER N 45 68.61 13.82 0.05
N LEU N 46 68.58 12.61 -0.50
CA LEU N 46 68.03 12.30 -1.82
C LEU N 46 67.16 11.05 -1.74
N ASP N 47 66.26 11.00 -0.76
CA ASP N 47 65.62 9.75 -0.39
C ASP N 47 64.61 9.25 -1.41
N ARG N 48 64.27 10.03 -2.43
CA ARG N 48 63.34 9.59 -3.46
C ARG N 48 64.04 8.97 -4.66
N VAL N 49 65.36 8.85 -4.63
CA VAL N 49 66.14 8.34 -5.74
C VAL N 49 66.73 6.99 -5.34
N ALA N 50 66.46 5.97 -6.14
CA ALA N 50 66.97 4.63 -5.88
C ALA N 50 68.30 4.41 -6.62
N TRP N 51 69.07 3.45 -6.12
CA TRP N 51 70.38 3.18 -6.73
C TRP N 51 70.24 2.69 -8.16
N ARG N 52 69.20 1.90 -8.44
CA ARG N 52 69.04 1.31 -9.76
C ARG N 52 68.76 2.34 -10.84
N THR N 53 68.22 3.51 -10.50
CA THR N 53 67.89 4.50 -11.50
C THR N 53 69.11 5.22 -12.06
N LEU N 54 70.29 5.03 -11.47
CA LEU N 54 71.52 5.61 -11.98
C LEU N 54 72.17 4.76 -13.05
N VAL N 55 71.78 3.50 -13.18
CA VAL N 55 72.39 2.62 -14.17
C VAL N 55 71.89 2.98 -15.56
N GLY N 56 72.83 3.17 -16.49
CA GLY N 56 72.49 3.52 -17.84
C GLY N 56 72.23 4.99 -18.08
N VAL N 57 72.30 5.82 -17.05
CA VAL N 57 72.12 7.25 -17.17
C VAL N 57 73.45 7.99 -16.97
N SER N 58 74.16 7.67 -15.89
CA SER N 58 75.44 8.30 -15.63
C SER N 58 76.50 7.33 -15.10
N HIS N 59 76.20 6.04 -14.98
CA HIS N 59 77.14 5.08 -14.41
C HIS N 59 76.85 3.72 -15.00
N THR N 60 77.85 2.84 -14.93
CA THR N 60 77.70 1.47 -15.35
C THR N 60 77.03 0.66 -14.23
N ASN N 61 76.56 -0.54 -14.58
CA ASN N 61 75.91 -1.39 -13.59
C ASN N 61 76.87 -1.79 -12.48
N GLU N 62 78.12 -2.10 -12.82
CA GLU N 62 79.09 -2.49 -11.81
C GLU N 62 79.49 -1.33 -10.92
N GLU N 63 79.57 -0.11 -11.47
CA GLU N 63 79.94 1.04 -10.67
C GLU N 63 78.93 1.31 -9.56
N VAL N 64 77.64 1.25 -9.89
CA VAL N 64 76.60 1.52 -8.89
C VAL N 64 76.58 0.43 -7.83
N ARG N 65 76.93 -0.80 -8.20
CA ARG N 65 77.02 -1.86 -7.20
C ARG N 65 78.06 -1.54 -6.14
N ASN N 66 79.22 -1.04 -6.57
CA ASN N 66 80.27 -0.69 -5.63
C ASN N 66 79.95 0.58 -4.85
N MET N 67 79.10 1.46 -5.39
CA MET N 67 78.76 2.68 -4.67
C MET N 67 77.78 2.40 -3.53
N ALA N 68 76.79 1.55 -3.77
CA ALA N 68 75.78 1.28 -2.75
C ALA N 68 76.32 0.38 -1.64
N GLU N 69 77.29 -0.47 -1.96
CA GLU N 69 77.83 -1.43 -1.00
C GLU N 69 78.69 -0.78 0.08
N GLU N 70 78.88 0.54 0.05
CA GLU N 70 79.63 1.24 1.06
C GLU N 70 78.77 1.75 2.21
N PHE N 71 77.46 1.48 2.18
CA PHE N 71 76.56 1.89 3.24
C PHE N 71 75.91 0.66 3.85
N GLU N 72 75.48 0.79 5.10
CA GLU N 72 74.89 -0.30 5.86
C GLU N 72 73.39 -0.09 5.98
N TYR N 73 72.63 -1.14 5.65
CA TYR N 73 71.18 -1.12 5.70
C TYR N 73 70.68 -2.19 6.66
N ASP N 74 69.52 -1.95 7.26
CA ASP N 74 68.94 -2.90 8.19
C ASP N 74 68.49 -4.16 7.46
N ASP N 75 68.71 -5.31 8.10
CA ASP N 75 68.35 -6.61 7.56
C ASP N 75 67.27 -7.25 8.44
N GLU N 76 66.81 -8.41 8.03
CA GLU N 76 65.88 -9.19 8.83
C GLU N 76 66.58 -9.76 10.06
N PRO N 77 65.88 -9.88 11.18
CA PRO N 77 66.50 -10.44 12.39
C PRO N 77 66.88 -11.90 12.20
N ASP N 78 67.87 -12.33 12.98
CA ASP N 78 68.42 -13.68 12.86
C ASP N 78 67.47 -14.68 13.51
N GLU N 79 67.92 -15.93 13.64
CA GLU N 79 67.09 -17.00 14.19
C GLU N 79 66.68 -16.69 15.62
N GLN N 80 67.53 -16.04 16.40
CA GLN N 80 67.21 -15.68 17.77
C GLN N 80 66.49 -14.35 17.88
N GLY N 81 66.26 -13.66 16.77
CA GLY N 81 65.54 -12.39 16.80
C GLY N 81 66.39 -11.16 17.00
N ASN N 82 67.71 -11.28 17.02
CA ASN N 82 68.57 -10.13 17.17
C ASN N 82 68.68 -9.37 15.84
N PRO N 83 68.82 -8.05 15.89
CA PRO N 83 68.94 -7.26 14.66
C PRO N 83 70.24 -7.51 13.92
N LYS N 84 70.21 -7.24 12.62
CA LYS N 84 71.36 -7.46 11.75
C LYS N 84 71.47 -6.30 10.76
N LYS N 85 72.61 -6.25 10.07
CA LYS N 85 72.90 -5.24 9.07
C LYS N 85 73.48 -5.91 7.83
N ARG N 86 73.33 -5.27 6.68
CA ARG N 86 73.82 -5.80 5.42
C ARG N 86 74.28 -4.65 4.55
N PRO N 87 75.18 -4.90 3.61
CA PRO N 87 75.54 -3.87 2.62
C PRO N 87 74.41 -3.63 1.63
N GLY N 88 74.43 -2.45 1.02
CA GLY N 88 73.37 -2.03 0.14
C GLY N 88 73.36 -2.78 -1.17
N LYS N 89 72.25 -2.64 -1.89
CA LYS N 89 72.04 -3.29 -3.17
C LYS N 89 71.36 -2.31 -4.12
N LEU N 90 71.16 -2.74 -5.37
CA LEU N 90 70.63 -1.86 -6.40
C LEU N 90 69.19 -1.43 -6.13
N SER N 91 68.44 -2.18 -5.34
CA SER N 91 67.03 -1.88 -5.10
C SER N 91 66.81 -0.92 -3.94
N ASP N 92 67.88 -0.43 -3.32
CA ASP N 92 67.77 0.44 -2.16
C ASP N 92 67.61 1.91 -2.59
N TYR N 93 67.60 2.80 -1.61
CA TYR N 93 67.52 4.23 -1.84
C TYR N 93 68.72 4.92 -1.20
N ILE N 94 69.11 6.06 -1.76
CA ILE N 94 70.28 6.80 -1.30
C ILE N 94 70.04 7.31 0.12
N PRO N 95 70.90 6.96 1.08
CA PRO N 95 70.64 7.33 2.48
C PRO N 95 71.11 8.73 2.82
N GLY N 96 70.51 9.27 3.88
CA GLY N 96 70.79 10.62 4.31
C GLY N 96 71.74 10.70 5.48
N PRO N 97 72.24 11.91 5.76
CA PRO N 97 73.26 12.05 6.81
C PRO N 97 72.74 12.02 8.23
N TYR N 98 71.43 12.13 8.45
CA TYR N 98 70.91 12.26 9.80
C TYR N 98 69.85 11.19 10.09
N PRO N 99 69.74 10.74 11.34
CA PRO N 99 68.72 9.73 11.66
C PRO N 99 67.31 10.29 11.80
N ASN N 100 67.19 11.55 12.23
CA ASN N 100 65.87 12.17 12.36
C ASN N 100 66.04 13.69 12.22
N GLU N 101 64.92 14.39 12.34
CA GLU N 101 64.90 15.84 12.15
C GLU N 101 65.52 16.58 13.32
N GLN N 102 65.37 16.07 14.55
CA GLN N 102 66.00 16.71 15.70
C GLN N 102 67.52 16.68 15.57
N ALA N 103 68.07 15.60 15.02
CA ALA N 103 69.51 15.53 14.79
C ALA N 103 69.95 16.56 13.75
N ALA N 104 69.15 16.77 12.71
CA ALA N 104 69.50 17.71 11.67
C ALA N 104 69.50 19.15 12.18
N ARG N 105 68.46 19.52 12.93
CA ARG N 105 68.40 20.88 13.47
C ARG N 105 69.49 21.12 14.51
N ALA N 106 69.92 20.07 15.22
CA ALA N 106 70.97 20.22 16.21
C ALA N 106 72.32 20.53 15.57
N ALA N 107 72.57 20.00 14.38
CA ALA N 107 73.84 20.20 13.69
C ALA N 107 73.85 21.42 12.77
N ASN N 108 72.75 22.18 12.73
CA ASN N 108 72.63 23.29 11.79
C ASN N 108 72.07 24.53 12.45
N GLN N 109 72.33 24.71 13.75
CA GLN N 109 71.88 25.88 14.51
C GLN N 109 70.36 26.03 14.46
N GLY N 110 69.64 24.92 14.53
CA GLY N 110 68.20 24.92 14.60
C GLY N 110 67.48 25.02 13.27
N ALA N 111 68.20 25.10 12.17
CA ALA N 111 67.60 25.15 10.84
C ALA N 111 67.62 23.77 10.19
N LEU N 112 66.63 23.51 9.36
CA LEU N 112 66.46 22.20 8.72
C LEU N 112 66.83 22.26 7.26
N PRO N 113 67.88 21.58 6.83
CA PRO N 113 68.19 21.51 5.39
C PRO N 113 67.16 20.67 4.66
N PRO N 114 66.52 21.22 3.64
CA PRO N 114 65.46 20.48 2.94
C PRO N 114 66.01 19.34 2.09
N ASP N 115 65.13 18.39 1.80
CA ASP N 115 65.43 17.32 0.86
C ASP N 115 65.59 17.90 -0.55
N LEU N 116 66.47 17.28 -1.34
CA LEU N 116 66.83 17.78 -2.65
C LEU N 116 66.47 16.79 -3.75
N SER N 117 65.26 16.22 -3.70
CA SER N 117 64.79 15.36 -4.77
C SER N 117 63.82 16.06 -5.72
N LEU N 118 63.12 17.10 -5.25
CA LEU N 118 62.21 17.86 -6.09
C LEU N 118 62.46 19.37 -5.96
N ILE N 119 63.67 19.76 -5.52
CA ILE N 119 63.92 21.16 -5.22
C ILE N 119 63.90 22.02 -6.47
N VAL N 120 64.25 21.46 -7.63
CA VAL N 120 64.22 22.23 -8.87
C VAL N 120 62.78 22.56 -9.24
N LYS N 121 61.86 21.60 -9.08
CA LYS N 121 60.46 21.81 -9.41
C LYS N 121 59.70 22.57 -8.34
N ALA N 122 60.24 22.69 -7.13
CA ALA N 122 59.54 23.29 -6.01
C ALA N 122 59.88 24.76 -5.80
N ARG N 123 60.67 25.35 -6.68
CA ARG N 123 61.07 26.74 -6.55
C ARG N 123 60.74 27.50 -7.83
N HIS N 124 60.32 28.75 -7.68
CA HIS N 124 60.01 29.61 -8.82
C HIS N 124 61.31 30.10 -9.43
N GLY N 125 61.66 29.54 -10.58
CA GLY N 125 62.91 29.87 -11.23
C GLY N 125 63.62 28.64 -11.76
N GLY N 126 63.40 27.51 -11.11
CA GLY N 126 63.95 26.26 -11.59
C GLY N 126 65.47 26.24 -11.50
N CYS N 127 66.10 25.90 -12.63
CA CYS N 127 67.55 25.79 -12.67
C CYS N 127 68.23 27.16 -12.54
N ASP N 128 67.57 28.23 -12.97
CA ASP N 128 68.17 29.55 -12.87
C ASP N 128 68.23 30.05 -11.44
N TYR N 129 67.35 29.56 -10.56
CA TYR N 129 67.36 30.00 -9.17
C TYR N 129 68.40 29.27 -8.35
N ILE N 130 68.57 27.96 -8.60
CA ILE N 130 69.57 27.20 -7.87
C ILE N 130 70.97 27.69 -8.20
N PHE N 131 71.26 27.91 -9.49
CA PHE N 131 72.57 28.39 -9.90
C PHE N 131 72.86 29.78 -9.33
N SER N 132 71.88 30.67 -9.38
CA SER N 132 72.10 32.03 -8.90
C SER N 132 72.28 32.08 -7.39
N LEU N 133 71.61 31.19 -6.65
CA LEU N 133 71.76 31.14 -5.20
C LEU N 133 73.12 30.58 -4.79
N LEU N 134 73.65 29.61 -5.51
CA LEU N 134 74.92 29.01 -5.18
C LEU N 134 76.10 29.90 -5.52
N THR N 135 75.93 30.85 -6.42
CA THR N 135 77.01 31.75 -6.85
C THR N 135 76.70 33.20 -6.55
N GLY N 136 75.81 33.47 -5.60
CA GLY N 136 75.40 34.83 -5.33
C GLY N 136 75.63 35.27 -3.90
N TYR N 137 76.73 34.83 -3.30
CA TYR N 137 77.08 35.25 -1.95
C TYR N 137 78.06 36.41 -2.03
N PRO N 138 77.67 37.61 -1.64
CA PRO N 138 78.63 38.73 -1.63
C PRO N 138 79.58 38.63 -0.45
N ASP N 139 80.80 39.11 -0.66
CA ASP N 139 81.79 39.13 0.42
C ASP N 139 81.35 40.04 1.56
N GLU N 140 80.48 41.01 1.29
CA GLU N 140 79.99 41.93 2.30
C GLU N 140 78.49 42.16 2.15
N PRO N 141 77.77 42.27 3.27
CA PRO N 141 76.37 42.65 3.22
C PRO N 141 76.22 44.14 2.94
N PRO N 142 75.20 44.53 2.18
CA PRO N 142 75.07 45.94 1.80
C PRO N 142 74.94 46.84 3.03
N ALA N 143 75.53 48.03 2.93
CA ALA N 143 75.61 48.96 4.05
C ALA N 143 74.23 49.31 4.60
N GLY N 144 73.96 48.89 5.83
CA GLY N 144 72.69 49.18 6.47
C GLY N 144 72.00 47.96 7.04
N VAL N 145 72.12 46.82 6.37
CA VAL N 145 71.45 45.61 6.82
C VAL N 145 72.11 45.09 8.10
N ALA N 146 71.32 44.45 8.94
CA ALA N 146 71.79 43.93 10.23
C ALA N 146 71.45 42.44 10.28
N LEU N 147 72.44 41.61 9.99
CA LEU N 147 72.23 40.16 9.96
C LEU N 147 72.17 39.61 11.38
N PRO N 148 71.21 38.74 11.68
CA PRO N 148 71.26 38.01 12.94
C PRO N 148 72.47 37.11 12.98
N PRO N 149 73.02 36.86 14.16
CA PRO N 149 74.21 36.00 14.26
C PRO N 149 73.92 34.59 13.75
N GLY N 150 74.91 34.01 13.10
CA GLY N 150 74.75 32.68 12.53
C GLY N 150 74.02 32.62 11.22
N SER N 151 73.76 33.76 10.58
CA SER N 151 73.08 33.81 9.31
C SER N 151 73.93 34.59 8.31
N ASN N 152 73.79 34.23 7.04
CA ASN N 152 74.55 34.84 5.96
C ASN N 152 73.62 35.66 5.07
N TYR N 153 74.21 36.44 4.17
CA TYR N 153 73.46 37.28 3.26
C TYR N 153 73.50 36.73 1.85
N ASN N 154 72.35 36.75 1.19
CA ASN N 154 72.21 36.36 -0.22
C ASN N 154 71.03 37.13 -0.80
N PRO N 155 71.27 37.94 -1.84
CA PRO N 155 70.16 38.73 -2.40
C PRO N 155 69.06 37.90 -3.04
N TYR N 156 69.34 36.67 -3.43
CA TYR N 156 68.35 35.84 -4.12
C TYR N 156 67.43 35.11 -3.16
N PHE N 157 67.69 35.13 -1.88
CA PHE N 157 66.83 34.48 -0.90
C PHE N 157 65.76 35.44 -0.41
N PRO N 158 64.49 35.05 -0.44
CA PRO N 158 63.44 35.93 0.06
C PRO N 158 63.66 36.32 1.52
N GLY N 159 63.87 37.62 1.75
CA GLY N 159 64.17 38.17 3.05
C GLY N 159 65.61 38.61 3.22
N GLY N 160 66.55 37.93 2.56
CA GLY N 160 67.94 38.33 2.57
C GLY N 160 68.86 37.43 3.36
N SER N 161 68.42 36.99 4.54
CA SER N 161 69.24 36.19 5.44
C SER N 161 68.93 34.71 5.25
N ILE N 162 69.97 33.91 5.04
CA ILE N 162 69.83 32.49 4.80
C ILE N 162 70.77 31.73 5.73
N ALA N 163 70.29 30.61 6.28
CA ALA N 163 71.03 29.83 7.25
C ALA N 163 72.15 28.99 6.65
N MET N 164 72.20 28.86 5.33
CA MET N 164 73.28 28.13 4.68
C MET N 164 74.36 29.10 4.25
N ALA N 165 75.61 28.76 4.53
CA ALA N 165 76.75 29.56 4.14
C ALA N 165 77.28 29.10 2.78
N ARG N 166 78.18 29.91 2.22
CA ARG N 166 78.81 29.53 0.95
C ARG N 166 79.60 28.25 1.13
N VAL N 167 79.47 27.33 0.18
CA VAL N 167 80.03 26.00 0.32
C VAL N 167 80.87 25.63 -0.89
N LEU N 168 80.78 26.43 -1.95
CA LEU N 168 81.48 26.14 -3.20
C LEU N 168 82.67 27.08 -3.34
N PHE N 169 83.87 26.50 -3.41
CA PHE N 169 85.11 27.24 -3.59
C PHE N 169 85.93 26.59 -4.69
N ASP N 170 86.75 27.41 -5.36
CA ASP N 170 87.46 26.93 -6.53
C ASP N 170 88.41 25.80 -6.19
N ASP N 171 88.45 24.81 -7.09
CA ASP N 171 89.37 23.67 -7.00
C ASP N 171 89.23 22.92 -5.67
N MET N 172 87.98 22.62 -5.31
CA MET N 172 87.71 21.80 -4.14
C MET N 172 87.35 20.36 -4.50
N VAL N 173 87.08 20.08 -5.77
CA VAL N 173 86.78 18.73 -6.26
C VAL N 173 87.69 18.46 -7.45
N GLU N 174 88.19 17.22 -7.54
CA GLU N 174 89.04 16.81 -8.64
C GLU N 174 88.23 15.89 -9.55
N TYR N 175 87.75 16.44 -10.67
CA TYR N 175 87.00 15.65 -11.64
C TYR N 175 87.88 14.60 -12.28
N GLU N 176 87.29 13.46 -12.60
CA GLU N 176 88.04 12.38 -13.24
C GLU N 176 88.34 12.65 -14.71
N ASP N 177 87.52 13.45 -15.38
CA ASP N 177 87.67 13.71 -16.80
C ASP N 177 88.58 14.91 -17.09
N GLY N 178 89.16 15.53 -16.06
CA GLY N 178 90.09 16.62 -16.26
C GLY N 178 89.50 17.99 -16.43
N THR N 179 88.22 18.15 -16.19
CA THR N 179 87.58 19.45 -16.33
C THR N 179 87.96 20.36 -15.17
N PRO N 180 88.42 21.58 -15.43
CA PRO N 180 88.73 22.51 -14.33
C PRO N 180 87.52 22.82 -13.48
N ALA N 181 87.56 22.43 -12.21
CA ALA N 181 86.43 22.57 -11.29
C ALA N 181 86.49 23.91 -10.59
N THR N 182 85.69 24.86 -11.08
CA THR N 182 85.59 26.19 -10.50
C THR N 182 84.23 26.34 -9.83
N THR N 183 84.02 27.50 -9.20
CA THR N 183 82.74 27.75 -8.53
C THR N 183 81.58 27.72 -9.53
N SER N 184 81.76 28.34 -10.69
CA SER N 184 80.69 28.35 -11.68
C SER N 184 80.54 26.98 -12.35
N GLN N 185 81.64 26.28 -12.58
CA GLN N 185 81.56 24.98 -13.23
C GLN N 185 80.88 23.96 -12.34
N MET N 186 81.18 23.98 -11.03
CA MET N 186 80.56 23.02 -10.12
C MET N 186 79.09 23.36 -9.87
N ALA N 187 78.77 24.66 -9.78
CA ALA N 187 77.37 25.05 -9.59
C ALA N 187 76.53 24.71 -10.81
N LYS N 188 77.13 24.72 -12.01
CA LYS N 188 76.40 24.36 -13.21
C LYS N 188 76.17 22.85 -13.28
N ASP N 189 77.15 22.06 -12.84
CA ASP N 189 77.04 20.61 -12.94
C ASP N 189 76.08 20.03 -11.92
N VAL N 190 76.12 20.52 -10.67
CA VAL N 190 75.22 19.99 -9.65
C VAL N 190 73.79 20.39 -9.90
N THR N 191 73.55 21.49 -10.63
CA THR N 191 72.18 21.88 -10.94
C THR N 191 71.58 20.99 -12.02
N THR N 192 72.39 20.59 -13.01
CA THR N 192 71.91 19.64 -14.01
C THR N 192 71.57 18.30 -13.37
N PHE N 193 72.40 17.84 -12.43
CA PHE N 193 72.14 16.58 -11.76
C PHE N 193 70.85 16.63 -10.95
N LEU N 194 70.63 17.72 -10.22
CA LEU N 194 69.42 17.85 -9.42
C LEU N 194 68.18 17.94 -10.30
N ASN N 195 68.30 18.55 -11.49
CA ASN N 195 67.17 18.57 -12.42
C ASN N 195 66.83 17.17 -12.91
N TRP N 196 67.83 16.33 -13.15
CA TRP N 196 67.53 14.95 -13.51
C TRP N 196 66.88 14.19 -12.37
N CYS N 197 67.21 14.53 -11.12
CA CYS N 197 66.57 13.89 -9.98
C CYS N 197 65.09 14.22 -9.91
N ALA N 198 64.71 15.45 -10.25
CA ALA N 198 63.31 15.85 -10.20
C ALA N 198 62.50 15.30 -11.37
N GLU N 199 63.10 15.26 -12.56
CA GLU N 199 62.40 14.85 -13.78
C GLU N 199 63.20 13.78 -14.52
N PRO N 200 63.21 12.55 -14.02
CA PRO N 200 63.97 11.48 -14.70
C PRO N 200 63.35 11.02 -16.02
N GLU N 201 62.18 11.52 -16.40
CA GLU N 201 61.52 11.16 -17.64
C GLU N 201 61.69 12.22 -18.72
N HIS N 202 62.55 13.21 -18.49
CA HIS N 202 62.66 14.36 -19.37
C HIS N 202 63.05 13.97 -20.78
N ASP N 203 64.01 13.05 -20.91
CA ASP N 203 64.50 12.69 -22.24
C ASP N 203 63.44 11.96 -23.05
N GLU N 204 62.76 10.98 -22.44
CA GLU N 204 61.78 10.20 -23.17
C GLU N 204 60.46 10.93 -23.34
N ARG N 205 60.17 11.93 -22.51
CA ARG N 205 58.93 12.69 -22.69
C ARG N 205 59.01 13.57 -23.92
N LYS N 206 60.16 14.20 -24.18
CA LYS N 206 60.30 15.08 -25.33
C LYS N 206 60.33 14.31 -26.64
N ARG N 207 60.83 13.08 -26.63
CA ARG N 207 60.78 12.26 -27.83
C ARG N 207 59.37 11.82 -28.15
N LEU N 208 58.54 11.56 -27.13
CA LEU N 208 57.16 11.17 -27.37
C LEU N 208 56.31 12.35 -27.80
N GLY N 209 56.67 13.57 -27.37
CA GLY N 209 55.93 14.73 -27.79
C GLY N 209 56.13 15.09 -29.25
N LEU N 210 57.28 14.71 -29.81
CA LEU N 210 57.51 14.93 -31.23
C LEU N 210 56.60 14.06 -32.09
N LYS N 211 56.46 12.78 -31.73
CA LYS N 211 55.58 11.90 -32.47
C LYS N 211 54.12 12.32 -32.33
N THR N 212 53.72 12.73 -31.12
CA THR N 212 52.33 13.10 -30.88
C THR N 212 51.91 14.33 -31.68
N VAL N 213 52.76 15.35 -31.71
CA VAL N 213 52.41 16.60 -32.40
C VAL N 213 52.39 16.39 -33.91
N ILE N 214 53.33 15.60 -34.43
CA ILE N 214 53.37 15.36 -35.87
C ILE N 214 52.13 14.62 -36.33
N ILE N 215 51.72 13.59 -35.59
CA ILE N 215 50.55 12.81 -35.98
C ILE N 215 49.28 13.63 -35.81
N LEU N 216 49.16 14.35 -34.69
CA LEU N 216 47.94 15.11 -34.43
C LEU N 216 47.79 16.31 -35.35
N SER N 217 48.89 16.90 -35.82
CA SER N 217 48.78 18.02 -36.75
C SER N 217 48.31 17.57 -38.13
N SER N 218 48.74 16.38 -38.57
CA SER N 218 48.27 15.85 -39.84
C SER N 218 46.77 15.58 -39.80
N LEU N 219 46.28 15.02 -38.69
CA LEU N 219 44.86 14.71 -38.58
C LEU N 219 44.01 15.96 -38.58
N TYR N 220 44.49 17.04 -37.96
CA TYR N 220 43.74 18.29 -37.96
C TYR N 220 43.63 18.87 -39.36
N LEU N 221 44.68 18.74 -40.17
CA LEU N 221 44.61 19.22 -41.54
C LEU N 221 43.73 18.33 -42.41
N LEU N 222 43.81 17.01 -42.21
CA LEU N 222 43.01 16.08 -43.00
C LEU N 222 41.52 16.25 -42.71
N SER N 223 41.17 16.52 -41.45
CA SER N 223 39.76 16.67 -41.09
C SER N 223 39.15 17.95 -41.64
N ILE N 224 39.97 18.98 -41.88
CA ILE N 224 39.45 20.19 -42.50
C ILE N 224 39.03 19.93 -43.94
N TRP N 225 39.82 19.16 -44.68
CA TRP N 225 39.45 18.82 -46.05
C TRP N 225 38.20 17.96 -46.09
N VAL N 226 38.10 16.98 -45.19
CA VAL N 226 36.96 16.09 -45.20
C VAL N 226 35.68 16.84 -44.85
N LYS N 227 35.76 17.76 -43.88
CA LYS N 227 34.59 18.55 -43.53
C LYS N 227 34.11 19.40 -44.69
N LYS N 228 35.04 20.04 -45.41
CA LYS N 228 34.67 20.88 -46.53
C LYS N 228 34.14 20.06 -47.71
N PHE N 229 34.58 18.82 -47.85
CA PHE N 229 34.05 17.96 -48.91
C PHE N 229 32.62 17.54 -48.62
N LYS N 230 32.32 17.19 -47.37
CA LYS N 230 30.98 16.76 -47.02
C LYS N 230 29.98 17.91 -46.99
N TRP N 231 30.45 19.15 -46.85
CA TRP N 231 29.58 20.31 -46.79
C TRP N 231 29.47 21.04 -48.12
N ALA N 232 30.03 20.46 -49.19
CA ALA N 232 30.08 21.17 -50.46
C ALA N 232 28.70 21.45 -51.02
N GLY N 233 27.77 20.49 -50.89
CA GLY N 233 26.43 20.68 -51.42
C GLY N 233 25.66 21.76 -50.69
N ILE N 234 25.83 21.85 -49.38
CA ILE N 234 25.11 22.85 -48.60
C ILE N 234 25.73 24.23 -48.75
N LYS N 235 27.06 24.31 -48.87
CA LYS N 235 27.72 25.61 -48.99
C LYS N 235 27.34 26.32 -50.28
N THR N 236 27.23 25.57 -51.38
CA THR N 236 26.83 26.12 -52.68
C THR N 236 25.41 25.67 -52.96
N ARG N 237 24.44 26.45 -52.48
CA ARG N 237 23.02 26.14 -52.60
C ARG N 237 22.28 27.42 -52.91
N LYS N 238 21.32 27.35 -53.83
CA LYS N 238 20.63 28.52 -54.33
C LYS N 238 19.13 28.44 -54.09
N PHE N 239 18.52 29.60 -53.83
CA PHE N 239 17.09 29.72 -53.57
C PHE N 239 16.51 30.80 -54.48
N VAL N 240 15.32 30.54 -55.02
CA VAL N 240 14.60 31.51 -55.85
C VAL N 240 13.18 31.60 -55.36
N PHE N 241 12.65 32.83 -55.29
CA PHE N 241 11.28 33.07 -54.86
C PHE N 241 10.45 33.61 -56.01
N ASN N 242 9.34 32.94 -56.30
CA ASN N 242 8.34 33.43 -57.24
C ASN N 242 7.02 33.53 -56.51
N PRO N 243 6.52 34.73 -56.21
CA PRO N 243 5.31 34.86 -55.38
C PRO N 243 4.13 34.14 -55.99
N PRO N 244 3.41 33.36 -55.20
CA PRO N 244 2.26 32.61 -55.73
C PRO N 244 1.08 33.53 -56.03
N LYS N 245 0.19 33.03 -56.88
CA LYS N 245 -1.01 33.79 -57.22
C LYS N 245 -2.06 33.63 -56.13
N PRO N 246 -2.83 34.68 -55.85
CA PRO N 246 -3.82 34.62 -54.76
C PRO N 246 -4.91 33.60 -55.05
N ARG N 247 -5.06 32.65 -54.13
CA ARG N 247 -6.10 31.64 -54.19
C ARG N 247 -6.28 30.99 -52.83
N LYS O 1 11.40 34.65 -63.73
CA LYS O 1 12.27 33.59 -64.23
C LYS O 1 11.60 32.23 -64.10
N SER O 2 11.82 31.37 -65.08
CA SER O 2 11.27 30.03 -65.06
C SER O 2 12.01 29.17 -64.02
N THR O 3 11.37 28.08 -63.64
CA THR O 3 12.00 27.11 -62.75
C THR O 3 12.83 26.07 -63.50
N TYR O 4 12.79 26.08 -64.83
CA TYR O 4 13.65 25.22 -65.63
C TYR O 4 15.00 25.85 -65.94
N ARG O 5 15.21 27.11 -65.56
CA ARG O 5 16.50 27.78 -65.73
C ARG O 5 17.31 27.59 -64.45
N THR O 6 18.28 26.69 -64.50
CA THR O 6 19.14 26.45 -63.34
C THR O 6 20.08 27.64 -63.15
N PRO O 7 20.39 28.02 -61.91
CA PRO O 7 21.34 29.11 -61.68
C PRO O 7 22.77 28.77 -62.09
N ASN O 8 23.68 29.72 -61.90
CA ASN O 8 25.06 29.56 -62.31
C ASN O 8 25.86 28.83 -61.22
N PHE O 9 26.49 27.72 -61.60
CA PHE O 9 27.31 26.93 -60.69
C PHE O 9 28.74 26.78 -61.19
N ASP O 10 29.14 27.56 -62.19
CA ASP O 10 30.42 27.33 -62.87
C ASP O 10 31.62 27.75 -62.02
N ASP O 11 31.41 28.53 -60.97
CA ASP O 11 32.51 28.95 -60.12
C ASP O 11 32.94 27.89 -59.13
N VAL O 12 32.25 26.75 -59.06
CA VAL O 12 32.57 25.72 -58.08
C VAL O 12 32.71 24.36 -58.75
N LEU O 13 32.39 24.29 -60.03
CA LEU O 13 32.44 23.02 -60.75
C LEU O 13 33.85 22.73 -61.23
N LYS O 14 34.19 21.45 -61.31
CA LYS O 14 35.48 21.02 -61.82
C LYS O 14 35.36 20.68 -63.30
N GLU O 15 36.36 21.08 -64.08
CA GLU O 15 36.27 21.00 -65.54
C GLU O 15 36.14 19.57 -66.01
N ASN O 16 36.91 18.65 -65.43
CA ASN O 16 36.86 17.24 -65.79
C ASN O 16 36.07 16.51 -64.72
N ASN O 17 35.03 15.79 -65.13
CA ASN O 17 34.16 15.06 -64.22
C ASN O 17 34.27 13.57 -64.54
N ASP O 18 35.25 12.91 -63.92
CA ASP O 18 35.45 11.48 -64.06
C ASP O 18 35.09 10.79 -62.76
N ALA O 19 34.21 9.80 -62.84
CA ALA O 19 33.74 9.12 -61.63
C ALA O 19 34.85 8.32 -60.97
N ASP O 20 35.61 7.56 -61.77
CA ASP O 20 36.68 6.74 -61.20
C ASP O 20 37.81 7.60 -60.65
N LYS O 21 38.15 8.68 -61.35
CA LYS O 21 39.24 9.53 -60.92
C LYS O 21 38.86 10.38 -59.71
N GLY O 22 37.64 10.92 -59.70
CA GLY O 22 37.21 11.79 -58.61
C GLY O 22 36.78 11.06 -57.36
N ARG O 23 36.51 9.76 -57.46
CA ARG O 23 36.18 8.97 -56.28
C ARG O 23 37.44 8.41 -55.62
N SER O 24 38.43 8.01 -56.41
CA SER O 24 39.70 7.57 -55.86
C SER O 24 40.43 8.71 -55.15
N TYR O 25 40.28 9.94 -55.64
CA TYR O 25 40.87 11.07 -54.94
C TYR O 25 40.23 11.30 -53.58
N ALA O 26 38.92 11.15 -53.48
CA ALA O 26 38.22 11.41 -52.23
C ALA O 26 38.46 10.30 -51.21
N TYR O 27 38.52 9.06 -51.67
CA TYR O 27 38.73 7.93 -50.75
C TYR O 27 40.16 7.85 -50.26
N PHE O 28 41.12 8.39 -51.00
CA PHE O 28 42.50 8.43 -50.53
C PHE O 28 42.67 9.37 -49.34
N MET O 29 41.84 10.39 -49.24
CA MET O 29 41.95 11.33 -48.13
C MET O 29 41.15 10.89 -46.91
N VAL O 30 40.06 10.14 -47.09
CA VAL O 30 39.39 9.56 -45.93
C VAL O 30 40.07 8.27 -45.49
N GLY O 31 40.84 7.62 -46.37
CA GLY O 31 41.64 6.49 -45.96
C GLY O 31 42.93 6.87 -45.27
N ALA O 32 43.45 8.07 -45.53
CA ALA O 32 44.61 8.56 -44.81
C ALA O 32 44.24 9.00 -43.41
N MET O 33 43.07 9.63 -43.25
CA MET O 33 42.62 10.01 -41.92
C MET O 33 42.34 8.78 -41.07
N GLY O 34 41.78 7.73 -41.65
CA GLY O 34 41.54 6.50 -40.92
C GLY O 34 42.79 5.69 -40.64
N LEU O 35 43.84 5.88 -41.42
CA LEU O 35 45.11 5.19 -41.16
C LEU O 35 45.80 5.80 -39.94
N LEU O 36 45.85 7.13 -39.86
CA LEU O 36 46.49 7.78 -38.72
C LEU O 36 45.65 7.66 -37.46
N SER O 37 44.32 7.67 -37.59
CA SER O 37 43.46 7.47 -36.44
C SER O 37 43.59 6.05 -35.90
N SER O 38 43.77 5.07 -36.78
CA SER O 38 43.97 3.69 -36.33
C SER O 38 45.30 3.52 -35.59
N ALA O 39 46.34 4.20 -36.05
CA ALA O 39 47.64 4.12 -35.37
C ALA O 39 47.62 4.86 -34.04
N GLY O 40 46.88 5.97 -33.95
CA GLY O 40 46.76 6.69 -32.69
C GLY O 40 45.89 5.99 -31.68
N ALA O 41 44.99 5.12 -32.12
CA ALA O 41 44.18 4.35 -31.19
C ALA O 41 44.98 3.22 -30.56
N LYS O 42 45.88 2.58 -31.31
CA LYS O 42 46.74 1.56 -30.74
C LYS O 42 47.66 2.16 -29.67
N SER O 43 48.14 3.39 -29.91
CA SER O 43 48.98 4.04 -28.91
C SER O 43 48.22 4.31 -27.63
N THR O 44 46.96 4.74 -27.74
CA THR O 44 46.17 5.08 -26.56
C THR O 44 45.79 3.84 -25.75
N VAL O 45 45.44 2.75 -26.44
CA VAL O 45 45.05 1.54 -25.72
C VAL O 45 46.27 0.91 -25.02
N GLU O 46 47.44 0.97 -25.67
CA GLU O 46 48.63 0.37 -25.11
C GLU O 46 49.14 1.14 -23.91
N THR O 47 48.99 2.46 -23.90
CA THR O 47 49.44 3.27 -22.78
C THR O 47 48.68 2.90 -21.50
N PHE O 48 47.37 2.70 -21.61
CA PHE O 48 46.57 2.38 -20.41
C PHE O 48 46.79 0.94 -19.96
N ILE O 49 46.90 0.00 -20.90
CA ILE O 49 47.11 -1.39 -20.53
C ILE O 49 48.47 -1.58 -19.89
N SER O 50 49.50 -0.93 -20.44
CA SER O 50 50.87 -1.11 -19.96
C SER O 50 51.08 -0.57 -18.56
N SER O 51 50.25 0.37 -18.11
CA SER O 51 50.39 0.93 -16.77
C SER O 51 49.87 -0.01 -15.69
N MET O 52 49.56 -1.25 -16.03
CA MET O 52 49.01 -2.24 -15.12
C MET O 52 49.88 -3.47 -14.98
N THR O 53 51.06 -3.49 -15.60
CA THR O 53 51.81 -4.73 -15.72
C THR O 53 52.63 -5.04 -14.47
N ALA O 54 53.64 -4.21 -14.18
CA ALA O 54 54.46 -4.35 -12.99
C ALA O 54 55.34 -3.11 -12.86
N THR O 55 55.28 -2.45 -11.71
CA THR O 55 56.03 -1.21 -11.57
C THR O 55 57.52 -1.48 -11.47
N ALA O 56 58.31 -0.42 -11.55
CA ALA O 56 59.77 -0.55 -11.56
C ALA O 56 60.28 -1.14 -10.26
N ASP O 57 59.69 -0.77 -9.13
CA ASP O 57 60.15 -1.28 -7.85
C ASP O 57 59.79 -2.74 -7.65
N VAL O 58 58.68 -3.20 -8.22
CA VAL O 58 58.33 -4.62 -8.13
C VAL O 58 59.31 -5.46 -8.95
N LEU O 59 59.64 -5.01 -10.15
CA LEU O 59 60.56 -5.75 -11.00
C LEU O 59 61.97 -5.84 -10.41
N ALA O 60 62.35 -4.89 -9.56
CA ALA O 60 63.67 -4.93 -8.95
C ALA O 60 63.83 -6.13 -8.01
N MET O 61 62.75 -6.55 -7.36
CA MET O 61 62.79 -7.63 -6.40
C MET O 61 62.48 -8.99 -7.01
N ALA O 62 62.60 -9.12 -8.34
CA ALA O 62 62.31 -10.40 -8.98
C ALA O 62 63.29 -11.48 -8.57
N LYS O 63 64.58 -11.13 -8.49
CA LYS O 63 65.63 -12.07 -8.13
C LYS O 63 66.19 -11.73 -6.76
N VAL O 64 66.61 -12.76 -6.02
CA VAL O 64 67.21 -12.60 -4.70
C VAL O 64 68.72 -12.75 -4.84
N GLU O 65 69.44 -12.13 -3.90
CA GLU O 65 70.90 -12.17 -3.84
C GLU O 65 71.31 -12.56 -2.42
N VAL O 66 71.38 -13.87 -2.18
CA VAL O 66 71.81 -14.42 -0.89
C VAL O 66 73.03 -15.31 -1.13
N ASN O 67 74.09 -15.06 -0.38
CA ASN O 67 75.34 -15.82 -0.54
C ASN O 67 75.27 -17.13 0.24
N LEU O 68 76.22 -18.01 -0.05
CA LEU O 68 76.30 -19.33 0.56
C LEU O 68 77.51 -19.51 1.45
N ALA O 69 78.12 -18.40 1.89
CA ALA O 69 79.28 -18.45 2.77
C ALA O 69 78.93 -18.23 4.23
N ALA O 70 77.64 -18.29 4.59
CA ALA O 70 77.19 -18.07 5.95
C ALA O 70 76.18 -19.13 6.39
N ILE O 71 76.29 -20.33 5.84
CA ILE O 71 75.40 -21.42 6.23
C ILE O 71 76.25 -22.60 6.69
N PRO O 72 76.00 -23.15 7.88
CA PRO O 72 76.79 -24.30 8.34
C PRO O 72 76.37 -25.59 7.66
N LEU O 73 76.93 -26.72 8.09
CA LEU O 73 76.65 -28.02 7.51
C LEU O 73 75.70 -28.78 8.43
N GLY O 74 74.54 -29.19 7.90
CA GLY O 74 73.64 -30.05 8.63
C GLY O 74 72.46 -29.34 9.29
N LYS O 75 71.84 -28.40 8.57
CA LYS O 75 70.65 -27.75 9.07
C LYS O 75 69.88 -27.15 7.90
N ASN O 76 68.55 -27.17 8.00
CA ASN O 76 67.70 -26.64 6.95
C ASN O 76 67.59 -25.12 7.06
N VAL O 77 67.47 -24.47 5.91
CA VAL O 77 67.20 -23.03 5.83
C VAL O 77 66.08 -22.82 4.81
N VAL O 78 64.98 -22.23 5.25
CA VAL O 78 63.81 -22.00 4.40
C VAL O 78 63.62 -20.50 4.26
N VAL O 79 63.59 -20.01 3.02
CA VAL O 79 63.46 -18.59 2.73
C VAL O 79 62.35 -18.42 1.69
N LYS O 80 61.83 -17.20 1.62
CA LYS O 80 60.72 -16.85 0.75
C LYS O 80 61.22 -16.01 -0.43
N TRP O 81 60.83 -16.42 -1.64
CA TRP O 81 61.20 -15.70 -2.86
C TRP O 81 60.02 -15.72 -3.81
N GLN O 82 59.75 -14.59 -4.45
CA GLN O 82 58.68 -14.45 -5.44
C GLN O 82 57.30 -14.75 -4.83
N GLY O 83 57.17 -14.64 -3.51
CA GLY O 83 55.92 -14.94 -2.83
C GLY O 83 55.74 -16.38 -2.41
N LYS O 84 56.74 -17.24 -2.63
CA LYS O 84 56.65 -18.64 -2.26
C LYS O 84 57.91 -19.08 -1.54
N PRO O 85 57.82 -20.06 -0.66
CA PRO O 85 59.00 -20.53 0.09
C PRO O 85 59.83 -21.53 -0.68
N VAL O 86 61.13 -21.55 -0.34
CA VAL O 86 62.07 -22.52 -0.90
C VAL O 86 62.94 -23.05 0.24
N PHE O 87 63.54 -24.22 0.00
CA PHE O 87 64.48 -24.82 0.95
C PHE O 87 65.91 -24.68 0.45
N ILE O 88 66.85 -24.81 1.39
CA ILE O 88 68.26 -24.94 1.08
C ILE O 88 68.95 -25.57 2.29
N ARG O 89 69.92 -26.44 2.02
CA ARG O 89 70.66 -27.15 3.05
C ARG O 89 71.87 -27.83 2.42
N HIS O 90 72.95 -27.92 3.20
CA HIS O 90 74.13 -28.66 2.77
C HIS O 90 73.82 -30.14 2.62
N ARG O 91 74.55 -30.79 1.72
CA ARG O 91 74.33 -32.20 1.45
C ARG O 91 75.30 -33.07 2.26
N THR O 92 75.03 -34.37 2.25
CA THR O 92 75.78 -35.35 3.04
C THR O 92 76.48 -36.32 2.09
N PRO O 93 77.53 -37.03 2.57
CA PRO O 93 78.29 -37.90 1.67
C PRO O 93 77.48 -38.98 0.97
N HIS O 94 76.86 -39.89 1.73
CA HIS O 94 76.24 -41.06 1.13
C HIS O 94 74.74 -40.93 0.89
N GLU O 95 74.06 -39.99 1.55
CA GLU O 95 72.64 -39.80 1.30
C GLU O 95 72.39 -39.40 -0.15
N ILE O 96 73.23 -38.52 -0.68
CA ILE O 96 73.14 -38.18 -2.09
C ILE O 96 73.52 -39.37 -2.95
N GLN O 97 74.48 -40.18 -2.49
CA GLN O 97 74.80 -41.43 -3.18
C GLN O 97 73.65 -42.42 -3.02
N GLU O 98 72.94 -42.38 -1.91
CA GLU O 98 71.69 -43.12 -1.78
C GLU O 98 70.67 -42.61 -2.78
N ALA O 99 70.63 -41.28 -3.01
CA ALA O 99 69.78 -40.73 -4.05
C ALA O 99 70.19 -41.21 -5.43
N ASN O 100 71.46 -41.56 -5.62
CA ASN O 100 71.86 -42.28 -6.83
C ASN O 100 71.34 -43.72 -6.80
N SER O 101 71.35 -44.34 -5.61
CA SER O 101 70.87 -45.71 -5.45
C SER O 101 69.38 -45.78 -5.15
N VAL O 102 68.70 -44.65 -5.00
CA VAL O 102 67.27 -44.67 -4.74
C VAL O 102 66.55 -45.23 -5.98
N ASP O 103 65.28 -45.59 -5.77
CA ASP O 103 64.52 -46.26 -6.82
C ASP O 103 64.43 -45.38 -8.07
N MET O 104 64.60 -46.01 -9.25
CA MET O 104 64.56 -45.26 -10.49
C MET O 104 63.13 -44.90 -10.87
N SER O 105 62.34 -45.89 -11.29
CA SER O 105 61.02 -45.60 -11.83
C SER O 105 59.97 -46.60 -11.38
N ALA O 106 60.22 -47.37 -10.33
CA ALA O 106 59.34 -48.45 -9.92
C ALA O 106 58.28 -48.03 -8.92
N LEU O 107 58.33 -46.81 -8.38
CA LEU O 107 57.33 -46.40 -7.39
C LEU O 107 56.46 -45.26 -7.89
N LYS O 108 57.00 -44.07 -8.15
CA LYS O 108 56.13 -42.96 -8.53
C LYS O 108 56.55 -42.24 -9.80
N ASP O 109 57.82 -41.85 -9.90
CA ASP O 109 58.26 -40.86 -10.89
C ASP O 109 59.57 -41.28 -11.54
N PRO O 110 59.62 -41.44 -12.87
CA PRO O 110 60.89 -41.70 -13.57
C PRO O 110 61.74 -40.45 -13.70
N GLN O 111 62.37 -40.06 -12.59
CA GLN O 111 63.16 -38.84 -12.52
C GLN O 111 64.57 -39.18 -12.07
N THR O 112 65.56 -38.79 -12.87
CA THR O 112 66.95 -38.98 -12.51
C THR O 112 67.44 -37.82 -11.66
N ASP O 113 68.55 -38.05 -10.96
CA ASP O 113 69.18 -37.03 -10.13
C ASP O 113 70.09 -36.12 -10.94
N ALA O 114 70.07 -36.23 -12.27
CA ALA O 114 70.95 -35.43 -13.11
C ALA O 114 70.53 -33.96 -13.14
N ASP O 115 69.24 -33.68 -13.25
CA ASP O 115 68.76 -32.31 -13.30
C ASP O 115 68.25 -31.80 -11.96
N ARG O 116 67.94 -32.69 -11.02
CA ARG O 116 67.40 -32.25 -9.73
C ARG O 116 68.41 -31.38 -8.99
N VAL O 117 69.68 -31.78 -9.01
CA VAL O 117 70.74 -31.05 -8.31
C VAL O 117 71.82 -30.69 -9.32
N LYS O 118 72.17 -29.40 -9.39
CA LYS O 118 73.32 -28.94 -10.14
C LYS O 118 74.48 -28.53 -9.25
N ASP O 119 74.23 -28.27 -7.97
CA ASP O 119 75.29 -28.03 -6.99
C ASP O 119 75.25 -29.17 -5.98
N PRO O 120 76.16 -30.15 -6.09
CA PRO O 120 76.10 -31.33 -5.22
C PRO O 120 76.20 -31.03 -3.72
N GLN O 121 76.37 -29.77 -3.33
CA GLN O 121 76.42 -29.41 -1.92
C GLN O 121 75.25 -28.55 -1.46
N TRP O 122 74.33 -28.18 -2.35
CA TRP O 122 73.13 -27.47 -1.96
C TRP O 122 71.98 -27.96 -2.83
N LEU O 123 70.89 -28.38 -2.19
CA LEU O 123 69.68 -28.82 -2.90
C LEU O 123 68.55 -27.84 -2.60
N ILE O 124 68.13 -27.10 -3.62
CA ILE O 124 67.13 -26.06 -3.47
C ILE O 124 65.95 -26.39 -4.37
N MET O 125 64.74 -26.13 -3.88
CA MET O 125 63.52 -26.34 -4.64
C MET O 125 62.40 -25.57 -3.97
N LEU O 126 61.31 -25.39 -4.71
CA LEU O 126 60.15 -24.68 -4.16
C LEU O 126 59.59 -25.46 -2.98
N GLY O 127 59.21 -24.74 -1.93
CA GLY O 127 58.67 -25.36 -0.74
C GLY O 127 57.22 -25.77 -0.83
N ILE O 128 56.57 -25.48 -1.95
CA ILE O 128 55.18 -25.86 -2.14
C ILE O 128 55.09 -27.39 -2.21
N CYS O 129 54.27 -27.97 -1.33
CA CYS O 129 54.05 -29.41 -1.36
C CYS O 129 53.41 -29.82 -2.68
N THR O 130 53.86 -30.94 -3.23
CA THR O 130 53.46 -31.33 -4.57
C THR O 130 51.97 -31.65 -4.66
N HIS O 131 51.37 -32.15 -3.58
CA HIS O 131 49.96 -32.48 -3.60
C HIS O 131 49.10 -31.25 -3.83
N LEU O 132 49.09 -30.34 -2.86
CA LEU O 132 48.40 -29.06 -3.01
C LEU O 132 49.20 -27.87 -2.52
N GLY O 133 50.18 -28.05 -1.64
CA GLY O 133 51.06 -26.97 -1.23
C GLY O 133 50.90 -26.54 0.21
N CYS O 134 51.77 -27.03 1.08
CA CYS O 134 51.85 -26.58 2.47
C CYS O 134 53.30 -26.69 2.92
N VAL O 135 53.65 -25.93 3.95
CA VAL O 135 55.02 -25.84 4.44
C VAL O 135 55.29 -27.08 5.31
N PRO O 136 56.22 -27.95 4.93
CA PRO O 136 56.57 -29.08 5.80
C PRO O 136 57.69 -28.71 6.75
N ILE O 137 57.69 -29.36 7.91
CA ILE O 137 58.77 -29.16 8.88
C ILE O 137 60.06 -29.76 8.35
N GLY O 138 61.13 -28.98 8.37
CA GLY O 138 62.39 -29.40 7.83
C GLY O 138 63.15 -30.35 8.74
N GLU O 139 63.97 -31.20 8.12
CA GLU O 139 64.83 -32.16 8.83
C GLU O 139 64.01 -33.02 9.80
N ALA O 140 62.84 -33.48 9.34
CA ALA O 140 61.96 -34.28 10.18
C ALA O 140 61.28 -35.42 9.42
N GLY O 141 61.85 -35.85 8.29
CA GLY O 141 61.23 -36.84 7.44
C GLY O 141 61.54 -38.26 7.83
N ASP O 142 61.29 -39.18 6.89
CA ASP O 142 61.56 -40.59 7.13
C ASP O 142 63.07 -40.83 7.28
N PHE O 143 63.87 -40.30 6.35
CA PHE O 143 65.32 -40.39 6.40
C PHE O 143 65.93 -39.14 7.02
N GLY O 144 65.20 -38.47 7.90
CA GLY O 144 65.66 -37.20 8.45
C GLY O 144 65.44 -36.01 7.54
N GLY O 145 64.64 -36.17 6.48
CA GLY O 145 64.40 -35.09 5.54
C GLY O 145 63.17 -34.28 5.86
N TRP O 146 62.38 -33.96 4.84
CA TRP O 146 61.22 -33.09 4.97
C TRP O 146 59.96 -33.94 5.04
N PHE O 147 59.25 -33.86 6.17
CA PHE O 147 58.01 -34.59 6.39
C PHE O 147 56.84 -33.62 6.28
N CYS O 148 55.80 -34.01 5.54
CA CYS O 148 54.62 -33.18 5.33
C CYS O 148 53.56 -33.56 6.36
N PRO O 149 53.38 -32.78 7.43
CA PRO O 149 52.35 -33.12 8.42
C PRO O 149 50.94 -33.02 7.87
N CYS O 150 50.76 -32.32 6.73
CA CYS O 150 49.43 -32.16 6.17
C CYS O 150 48.83 -33.50 5.76
N HIS O 151 49.64 -34.39 5.18
CA HIS O 151 49.14 -35.70 4.75
C HIS O 151 49.99 -36.83 5.31
N GLY O 152 51.31 -36.61 5.37
CA GLY O 152 52.24 -37.64 5.74
C GLY O 152 53.30 -37.88 4.67
N SER O 153 53.32 -37.01 3.67
CA SER O 153 54.24 -37.15 2.56
C SER O 153 55.69 -36.91 3.02
N HIS O 154 56.60 -37.74 2.53
CA HIS O 154 57.99 -37.74 2.98
C HIS O 154 58.92 -37.30 1.87
N TYR O 155 59.95 -36.55 2.24
CA TYR O 155 60.99 -36.12 1.31
C TYR O 155 62.32 -36.13 2.03
N ASP O 156 63.22 -37.02 1.60
CA ASP O 156 64.59 -37.06 2.11
C ASP O 156 65.42 -35.98 1.41
N ILE O 157 66.74 -36.05 1.47
CA ILE O 157 67.51 -35.18 0.60
C ILE O 157 67.65 -35.88 -0.74
N SER O 158 66.54 -35.91 -1.49
CA SER O 158 66.52 -36.14 -2.94
C SER O 158 65.50 -35.27 -3.64
N GLY O 159 64.46 -34.79 -2.94
CA GLY O 159 63.37 -34.08 -3.55
C GLY O 159 62.23 -34.94 -4.03
N ARG O 160 62.28 -36.25 -3.80
CA ARG O 160 61.27 -37.18 -4.30
C ARG O 160 60.40 -37.68 -3.16
N ILE O 161 59.26 -38.27 -3.53
CA ILE O 161 58.24 -38.71 -2.59
C ILE O 161 58.55 -40.12 -2.12
N ARG O 162 58.12 -40.44 -0.90
CA ARG O 162 58.21 -41.81 -0.41
C ARG O 162 56.87 -42.28 0.14
N LYS O 163 56.14 -41.38 0.82
CA LYS O 163 54.85 -41.70 1.41
C LYS O 163 53.88 -40.56 1.10
N GLY O 164 52.65 -40.69 1.59
CA GLY O 164 51.64 -39.69 1.42
C GLY O 164 51.06 -39.68 0.02
N PRO O 165 49.83 -39.16 -0.12
CA PRO O 165 49.24 -39.03 -1.45
C PRO O 165 49.64 -37.73 -2.13
N ALA O 166 50.89 -37.65 -2.57
CA ALA O 166 51.43 -36.43 -3.18
C ALA O 166 51.66 -36.66 -4.66
N PRO O 167 50.80 -36.15 -5.54
CA PRO O 167 51.01 -36.30 -6.98
C PRO O 167 52.28 -35.64 -7.47
N LEU O 168 53.11 -36.41 -8.17
CA LEU O 168 54.30 -35.89 -8.86
C LEU O 168 55.37 -35.46 -7.88
N ASN O 169 56.45 -34.87 -8.40
CA ASN O 169 57.62 -34.50 -7.61
C ASN O 169 57.61 -33.00 -7.30
N LEU O 170 58.70 -32.54 -6.70
CA LEU O 170 58.86 -31.13 -6.41
C LEU O 170 59.34 -30.38 -7.65
N GLU O 171 58.99 -29.10 -7.71
CA GLU O 171 59.45 -28.23 -8.79
C GLU O 171 60.76 -27.56 -8.40
N ILE O 172 61.55 -27.22 -9.41
CA ILE O 172 62.86 -26.60 -9.24
C ILE O 172 62.80 -25.21 -9.88
N PRO O 173 63.21 -24.16 -9.18
CA PRO O 173 63.21 -22.83 -9.77
C PRO O 173 64.39 -22.63 -10.72
N ALA O 174 64.38 -21.48 -11.39
CA ALA O 174 65.46 -21.11 -12.31
C ALA O 174 66.54 -20.40 -11.50
N TYR O 175 67.55 -21.16 -11.07
CA TYR O 175 68.63 -20.66 -10.24
C TYR O 175 69.95 -20.71 -10.99
N GLU O 176 70.73 -19.65 -10.86
CA GLU O 176 72.07 -19.58 -11.44
C GLU O 176 73.11 -19.64 -10.33
N PHE O 177 74.38 -19.58 -10.72
CA PHE O 177 75.50 -19.76 -9.81
C PHE O 177 76.38 -18.52 -9.83
N ASP O 178 76.63 -17.95 -8.66
CA ASP O 178 77.58 -16.85 -8.50
C ASP O 178 78.98 -17.48 -8.56
N GLY O 179 79.40 -17.83 -9.76
CA GLY O 179 80.57 -18.66 -9.93
C GLY O 179 80.21 -20.10 -9.68
N ASP O 180 80.00 -20.45 -8.41
CA ASP O 180 79.42 -21.74 -8.04
C ASP O 180 78.35 -21.63 -6.96
N LYS O 181 78.34 -20.58 -6.14
CA LYS O 181 77.32 -20.44 -5.11
C LYS O 181 75.95 -20.22 -5.76
N VAL O 182 74.95 -20.95 -5.26
CA VAL O 182 73.62 -20.91 -5.84
C VAL O 182 72.98 -19.55 -5.62
N ILE O 183 72.41 -18.98 -6.68
CA ILE O 183 71.61 -17.77 -6.60
C ILE O 183 70.27 -18.03 -7.28
N VAL O 184 69.20 -17.51 -6.70
CA VAL O 184 67.84 -17.80 -7.12
C VAL O 184 67.26 -16.57 -7.79
N GLY O 185 66.72 -16.74 -8.99
CA GLY O 185 66.10 -15.64 -9.71
C GLY O 185 65.66 -16.01 -11.11
N GLU P 1 95.80 28.71 -12.66
CA GLU P 1 95.47 28.68 -14.07
C GLU P 1 94.08 29.29 -14.32
N VAL P 2 93.05 28.46 -14.25
CA VAL P 2 91.68 28.86 -14.56
C VAL P 2 91.01 29.35 -13.29
N THR P 3 90.44 30.55 -13.33
CA THR P 3 89.71 31.13 -12.22
C THR P 3 88.21 31.12 -12.54
N ASP P 4 87.43 31.75 -11.66
CA ASP P 4 85.98 31.76 -11.81
C ASP P 4 85.59 32.62 -13.01
N GLN P 5 84.96 31.99 -14.00
CA GLN P 5 84.54 32.71 -15.19
C GLN P 5 83.52 33.79 -14.86
N LEU P 6 82.57 33.48 -13.98
CA LEU P 6 81.56 34.46 -13.59
C LEU P 6 82.18 35.64 -12.86
N GLU P 7 83.18 35.40 -12.00
CA GLU P 7 83.84 36.51 -11.32
C GLU P 7 84.62 37.38 -12.28
N ASP P 8 85.29 36.76 -13.27
CA ASP P 8 86.02 37.53 -14.27
C ASP P 8 85.08 38.32 -15.17
N LEU P 9 83.91 37.77 -15.50
CA LEU P 9 82.97 38.47 -16.33
C LEU P 9 82.26 39.60 -15.58
N ARG P 10 82.00 39.40 -14.29
CA ARG P 10 81.33 40.46 -13.52
C ARG P 10 82.24 41.68 -13.35
N GLU P 11 83.55 41.46 -13.19
CA GLU P 11 84.47 42.59 -13.04
C GLU P 11 84.66 43.35 -14.35
N HIS P 12 84.35 42.73 -15.49
CA HIS P 12 84.48 43.41 -16.77
C HIS P 12 83.38 44.46 -16.94
N PHE P 13 82.13 44.02 -16.87
CA PHE P 13 81.00 44.93 -17.08
C PHE P 13 80.85 45.96 -15.95
N LYS P 14 81.51 45.76 -14.82
CA LYS P 14 81.48 46.80 -13.79
C LYS P 14 82.32 48.01 -14.15
N ASN P 15 83.18 47.90 -15.15
CA ASN P 15 84.05 48.99 -15.57
C ASN P 15 83.54 49.74 -16.79
N THR P 16 82.41 49.33 -17.36
CA THR P 16 81.84 50.04 -18.48
C THR P 16 81.24 51.37 -18.02
N GLU P 17 80.77 52.17 -18.97
CA GLU P 17 80.21 53.48 -18.62
C GLU P 17 78.94 53.33 -17.80
N GLU P 18 78.04 52.42 -18.22
CA GLU P 18 76.81 52.20 -17.46
C GLU P 18 77.12 51.59 -16.10
N GLY P 19 78.06 50.66 -16.04
CA GLY P 19 78.41 50.05 -14.77
C GLY P 19 78.97 51.04 -13.76
N LYS P 20 79.87 51.92 -14.23
CA LYS P 20 80.49 52.88 -13.32
C LYS P 20 79.47 53.85 -12.73
N ALA P 21 78.36 54.07 -13.42
CA ALA P 21 77.30 54.92 -12.88
C ALA P 21 76.60 54.22 -11.71
N LEU P 22 76.28 52.94 -11.87
CA LEU P 22 75.60 52.21 -10.81
C LEU P 22 76.54 51.94 -9.64
N VAL P 23 77.82 51.72 -9.89
CA VAL P 23 78.78 51.57 -8.81
C VAL P 23 78.93 52.88 -8.04
N HIS P 24 79.03 54.00 -8.75
CA HIS P 24 79.22 55.29 -8.08
C HIS P 24 78.01 55.67 -7.24
N HIS P 25 76.81 55.26 -7.65
CA HIS P 25 75.62 55.58 -6.88
C HIS P 25 75.54 54.76 -5.59
N TYR P 26 76.04 53.53 -5.61
CA TYR P 26 76.01 52.69 -4.41
C TYR P 26 76.96 53.23 -3.34
N GLU P 27 78.12 53.74 -3.77
CA GLU P 27 79.07 54.28 -2.79
C GLU P 27 78.55 55.54 -2.12
N GLU P 28 77.74 56.33 -2.83
CA GLU P 28 77.15 57.51 -2.20
C GLU P 28 76.18 57.13 -1.09
N CYS P 29 75.51 55.98 -1.23
CA CYS P 29 74.62 55.51 -0.17
C CYS P 29 75.42 54.99 1.03
N ALA P 30 76.55 54.34 0.77
CA ALA P 30 77.36 53.79 1.86
C ALA P 30 77.88 54.90 2.77
N GLU P 31 78.35 56.01 2.18
CA GLU P 31 78.89 57.10 2.99
C GLU P 31 77.82 57.75 3.84
N ARG P 32 76.60 57.89 3.30
CA ARG P 32 75.52 58.46 4.07
C ARG P 32 75.15 57.58 5.26
N VAL P 33 75.39 56.27 5.16
CA VAL P 33 75.15 55.36 6.27
C VAL P 33 76.38 55.21 7.14
N LYS P 34 77.57 55.17 6.54
CA LYS P 34 78.80 55.01 7.32
C LYS P 34 79.03 56.16 8.27
N ILE P 35 78.43 57.33 8.01
CA ILE P 35 78.56 58.46 8.93
C ILE P 35 77.33 58.63 9.82
N GLN P 36 76.18 58.09 9.43
CA GLN P 36 74.99 58.17 10.27
C GLN P 36 74.95 57.10 11.36
N GLN P 37 75.82 56.10 11.28
CA GLN P 37 75.90 55.08 12.30
C GLN P 37 76.81 55.48 13.47
N GLN P 38 77.41 56.66 13.40
CA GLN P 38 78.32 57.12 14.45
C GLN P 38 77.81 58.41 15.07
N GLN P 39 76.53 58.46 15.40
CA GLN P 39 75.93 59.63 16.02
C GLN P 39 75.06 59.21 17.20
N PRO P 40 74.93 60.07 18.21
CA PRO P 40 74.07 59.74 19.36
C PRO P 40 72.60 59.71 18.98
N GLY P 41 72.00 58.52 19.03
CA GLY P 41 70.60 58.37 18.68
C GLY P 41 70.37 57.30 17.64
N TYR P 42 71.41 56.97 16.88
CA TYR P 42 71.26 55.94 15.85
C TYR P 42 70.98 54.56 16.44
N ALA P 43 71.31 54.33 17.71
CA ALA P 43 71.03 53.04 18.32
C ALA P 43 69.53 52.77 18.38
N ASP P 44 68.71 53.81 18.45
CA ASP P 44 67.25 53.63 18.54
C ASP P 44 66.57 54.83 17.88
N LEU P 45 66.24 54.68 16.59
CA LEU P 45 65.49 55.72 15.89
C LEU P 45 64.42 55.11 14.98
N GLU P 46 64.05 53.85 15.20
CA GLU P 46 62.99 53.15 14.47
C GLU P 46 63.35 52.96 13.01
N HIS P 47 63.34 54.03 12.22
CA HIS P 47 63.62 53.95 10.79
C HIS P 47 65.12 54.11 10.56
N LYS P 48 65.78 53.04 10.14
CA LYS P 48 67.20 53.04 9.85
C LYS P 48 67.39 52.75 8.37
N GLU P 49 67.94 53.73 7.64
CA GLU P 49 68.13 53.59 6.20
C GLU P 49 69.19 52.55 5.89
N ASP P 50 68.95 51.77 4.83
CA ASP P 50 69.90 50.81 4.30
C ASP P 50 70.16 51.13 2.83
N CYS P 51 70.96 50.29 2.19
CA CYS P 51 71.35 50.48 0.79
C CYS P 51 71.04 49.24 -0.03
N VAL P 52 69.93 48.56 0.28
CA VAL P 52 69.57 47.36 -0.48
C VAL P 52 69.10 47.73 -1.88
N GLU P 53 68.34 48.81 -2.01
CA GLU P 53 67.80 49.19 -3.31
C GLU P 53 68.90 49.54 -4.30
N GLU P 54 69.90 50.31 -3.88
CA GLU P 54 71.00 50.65 -4.75
C GLU P 54 71.81 49.41 -5.13
N PHE P 55 71.97 48.48 -4.17
CA PHE P 55 72.64 47.22 -4.46
C PHE P 55 71.85 46.40 -5.47
N PHE P 56 70.51 46.44 -5.38
CA PHE P 56 69.68 45.69 -6.32
C PHE P 56 69.75 46.25 -7.73
N HIS P 57 69.76 47.58 -7.86
CA HIS P 57 69.83 48.19 -9.19
C HIS P 57 71.12 47.82 -9.91
N LEU P 58 72.25 47.85 -9.19
CA LEU P 58 73.52 47.49 -9.79
C LEU P 58 73.58 46.01 -10.12
N GLN P 59 73.14 45.16 -9.17
CA GLN P 59 73.24 43.71 -9.36
C GLN P 59 72.40 43.24 -10.54
N HIS P 60 71.24 43.86 -10.77
CA HIS P 60 70.40 43.47 -11.89
C HIS P 60 71.11 43.72 -13.21
N TYR P 61 71.86 44.82 -13.31
CA TYR P 61 72.52 45.16 -14.57
C TYR P 61 73.58 44.13 -14.95
N LEU P 62 74.37 43.68 -13.98
CA LEU P 62 75.38 42.66 -14.27
C LEU P 62 74.75 41.33 -14.69
N ASP P 63 73.54 41.04 -14.24
CA ASP P 63 72.91 39.77 -14.55
C ASP P 63 72.44 39.70 -15.99
N THR P 64 71.90 40.79 -16.53
CA THR P 64 71.49 40.79 -17.93
C THR P 64 72.69 40.75 -18.87
N ALA P 65 73.81 41.34 -18.47
CA ALA P 65 74.99 41.34 -19.32
C ALA P 65 75.70 39.99 -19.33
N THR P 66 75.70 39.28 -18.20
CA THR P 66 76.52 38.09 -18.05
C THR P 66 75.78 36.80 -18.36
N ALA P 67 74.46 36.76 -18.14
CA ALA P 67 73.70 35.53 -18.35
C ALA P 67 73.78 34.99 -19.76
N PRO P 68 73.63 35.78 -20.83
CA PRO P 68 73.70 35.20 -22.18
C PRO P 68 75.07 34.70 -22.59
N ARG P 69 76.13 35.04 -21.86
CA ARG P 69 77.48 34.72 -22.30
C ARG P 69 78.22 33.71 -21.43
N LEU P 70 77.79 33.50 -20.18
CA LEU P 70 78.59 32.72 -19.25
C LEU P 70 78.74 31.27 -19.70
N PHE P 71 77.64 30.63 -20.12
CA PHE P 71 77.66 29.19 -20.33
C PHE P 71 78.50 28.77 -21.53
N ASP P 72 78.93 29.71 -22.37
CA ASP P 72 79.80 29.37 -23.49
C ASP P 72 81.25 29.22 -23.08
N LYS P 73 81.62 29.70 -21.88
CA LYS P 73 82.95 29.53 -21.34
C LYS P 73 83.09 28.28 -20.48
N LEU P 74 81.98 27.60 -20.19
CA LEU P 74 81.99 26.40 -19.37
C LEU P 74 82.04 25.17 -20.26
N LYS P 75 81.89 23.99 -19.66
CA LYS P 75 81.91 22.74 -20.39
C LYS P 75 80.64 21.93 -20.13
N PRO Q 1 10.16 40.53 -23.22
CA PRO Q 1 9.29 40.58 -22.06
C PRO Q 1 8.66 41.94 -21.83
N GLN Q 2 9.26 43.02 -22.35
CA GLN Q 2 8.59 44.31 -22.37
C GLN Q 2 7.55 44.30 -23.48
N SER Q 3 6.31 44.62 -23.14
CA SER Q 3 5.21 44.55 -24.08
C SER Q 3 5.31 45.66 -25.11
N PHE Q 4 4.86 45.35 -26.33
CA PHE Q 4 4.85 46.35 -27.40
C PHE Q 4 3.90 47.50 -27.11
N THR Q 5 2.89 47.29 -26.26
CA THR Q 5 2.04 48.40 -25.83
C THR Q 5 2.85 49.44 -25.06
N SER Q 6 3.74 48.98 -24.17
CA SER Q 6 4.59 49.90 -23.42
C SER Q 6 5.63 50.54 -24.31
N ILE Q 7 6.19 49.77 -25.26
CA ILE Q 7 7.20 50.30 -26.16
C ILE Q 7 6.61 51.44 -27.00
N ALA Q 8 5.40 51.24 -27.53
CA ALA Q 8 4.76 52.26 -28.35
C ALA Q 8 4.36 53.48 -27.53
N ARG Q 9 3.98 53.28 -26.27
CA ARG Q 9 3.60 54.41 -25.42
C ARG Q 9 4.76 55.37 -25.22
N ILE Q 10 5.95 54.84 -24.95
CA ILE Q 10 7.13 55.70 -24.81
C ILE Q 10 7.54 56.28 -26.15
N GLY Q 11 7.49 55.46 -27.20
CA GLY Q 11 7.93 55.93 -28.52
C GLY Q 11 7.05 57.03 -29.10
N ASP Q 12 5.73 56.90 -28.94
CA ASP Q 12 4.82 57.89 -29.51
C ASP Q 12 4.93 59.22 -28.78
N TYR Q 13 5.20 59.20 -27.47
CA TYR Q 13 5.41 60.45 -26.75
C TYR Q 13 6.65 61.17 -27.26
N ILE Q 14 7.72 60.43 -27.56
CA ILE Q 14 8.94 61.04 -28.06
C ILE Q 14 8.72 61.65 -29.43
N LEU Q 15 8.01 60.93 -30.31
CA LEU Q 15 7.84 61.36 -31.69
C LEU Q 15 6.90 62.54 -31.85
N LYS Q 16 6.21 62.97 -30.79
CA LYS Q 16 5.33 64.12 -30.86
C LYS Q 16 5.88 65.33 -30.14
N SER Q 17 7.02 65.21 -29.46
CA SER Q 17 7.67 66.35 -28.84
C SER Q 17 8.68 66.94 -29.82
N PRO Q 18 8.55 68.21 -30.21
CA PRO Q 18 9.47 68.78 -31.21
C PRO Q 18 10.92 68.72 -30.81
N VAL Q 19 11.24 68.97 -29.54
CA VAL Q 19 12.62 68.90 -29.09
C VAL Q 19 13.10 67.45 -29.04
N LEU Q 20 12.29 66.56 -28.46
CA LEU Q 20 12.71 65.18 -28.28
C LEU Q 20 12.84 64.45 -29.61
N SER Q 21 12.00 64.79 -30.59
CA SER Q 21 12.09 64.15 -31.90
C SER Q 21 13.29 64.60 -32.70
N LYS Q 22 14.01 65.64 -32.25
CA LYS Q 22 15.11 66.21 -33.01
C LYS Q 22 16.44 65.56 -32.70
N LEU Q 23 16.63 65.03 -31.49
CA LEU Q 23 17.90 64.41 -31.13
C LEU Q 23 17.82 62.89 -31.03
N CYS Q 24 16.65 62.34 -30.67
CA CYS Q 24 16.54 60.89 -30.51
C CYS Q 24 16.50 60.18 -31.85
N VAL Q 25 15.73 60.72 -32.80
CA VAL Q 25 15.60 60.05 -34.10
C VAL Q 25 16.91 59.97 -34.87
N PRO Q 26 17.71 61.04 -34.98
CA PRO Q 26 18.98 60.91 -35.71
C PRO Q 26 19.92 59.85 -35.13
N VAL Q 27 19.94 59.69 -33.80
CA VAL Q 27 20.78 58.65 -33.22
C VAL Q 27 20.11 57.28 -33.32
N ALA Q 28 18.79 57.23 -33.51
CA ALA Q 28 18.10 55.96 -33.74
C ALA Q 28 18.30 55.46 -35.17
N ASN Q 29 18.44 56.35 -36.14
CA ASN Q 29 18.70 55.92 -37.51
C ASN Q 29 20.11 55.35 -37.64
N GLN Q 30 21.09 55.95 -36.96
CA GLN Q 30 22.44 55.41 -36.97
C GLN Q 30 22.53 54.11 -36.22
N PHE Q 31 21.75 53.96 -35.15
CA PHE Q 31 21.72 52.71 -34.41
C PHE Q 31 21.22 51.56 -35.28
N ILE Q 32 20.20 51.81 -36.11
CA ILE Q 32 19.66 50.76 -36.97
C ILE Q 32 20.64 50.42 -38.08
N ASN Q 33 21.32 51.43 -38.63
CA ASN Q 33 22.30 51.18 -39.69
C ASN Q 33 23.46 50.34 -39.19
N LEU Q 34 23.92 50.59 -37.97
CA LEU Q 34 25.01 49.81 -37.40
C LEU Q 34 24.57 48.40 -37.00
N ALA Q 35 23.28 48.20 -36.75
CA ALA Q 35 22.80 46.88 -36.36
C ALA Q 35 23.05 45.85 -37.46
N GLY Q 36 22.83 46.23 -38.71
CA GLY Q 36 23.29 45.43 -39.82
C GLY Q 36 22.39 44.29 -40.25
N TYR Q 37 21.15 44.25 -39.80
CA TYR Q 37 20.26 43.17 -40.22
C TYR Q 37 19.75 43.37 -41.64
N LYS Q 38 19.69 44.62 -42.12
CA LYS Q 38 19.25 44.88 -43.48
C LYS Q 38 20.22 44.35 -44.52
N LYS Q 39 21.48 44.13 -44.14
CA LYS Q 39 22.48 43.58 -45.05
C LYS Q 39 22.37 42.08 -45.21
N LEU Q 40 21.48 41.42 -44.47
CA LEU Q 40 21.18 40.01 -44.67
C LEU Q 40 19.85 39.79 -45.37
N GLY Q 41 19.11 40.86 -45.64
CA GLY Q 41 17.82 40.74 -46.29
C GLY Q 41 16.68 40.55 -45.32
N LEU Q 42 16.70 41.29 -44.22
CA LEU Q 42 15.74 41.11 -43.15
C LEU Q 42 15.15 42.46 -42.76
N LYS Q 43 13.90 42.43 -42.31
CA LYS Q 43 13.26 43.56 -41.65
C LYS Q 43 13.26 43.31 -40.15
N PHE Q 44 13.04 44.38 -39.38
CA PHE Q 44 13.10 44.24 -37.92
C PHE Q 44 12.03 43.29 -37.42
N ASP Q 45 10.85 43.33 -38.01
CA ASP Q 45 9.74 42.50 -37.57
C ASP Q 45 10.02 41.01 -37.73
N ASP Q 46 11.03 40.64 -38.51
CA ASP Q 46 11.42 39.24 -38.64
C ASP Q 46 12.33 38.77 -37.50
N LEU Q 47 12.81 39.67 -36.65
CA LEU Q 47 13.73 39.33 -35.58
C LEU Q 47 13.04 39.13 -34.24
N ILE Q 48 11.72 39.36 -34.16
CA ILE Q 48 11.02 39.25 -32.90
C ILE Q 48 10.89 37.78 -32.52
N ALA Q 49 11.17 37.46 -31.25
CA ALA Q 49 11.04 36.10 -30.77
C ALA Q 49 9.58 35.66 -30.84
N GLU Q 50 9.35 34.45 -31.35
CA GLU Q 50 8.02 33.99 -31.71
C GLU Q 50 7.52 32.84 -30.86
N GLU Q 51 8.22 32.46 -29.80
CA GLU Q 51 7.87 31.31 -28.99
C GLU Q 51 6.97 31.66 -27.81
N ASN Q 52 6.20 32.73 -27.91
CA ASN Q 52 5.20 33.09 -26.91
C ASN Q 52 3.81 32.94 -27.50
N PRO Q 53 2.79 32.74 -26.65
CA PRO Q 53 1.42 32.63 -27.18
C PRO Q 53 0.92 33.88 -27.89
N ILE Q 54 1.38 35.07 -27.51
CA ILE Q 54 0.90 36.29 -28.16
C ILE Q 54 1.35 36.33 -29.62
N MET Q 55 2.63 36.06 -29.86
CA MET Q 55 3.17 36.11 -31.22
C MET Q 55 2.76 34.92 -32.07
N GLN Q 56 2.19 33.87 -31.47
CA GLN Q 56 1.69 32.76 -32.27
C GLN Q 56 0.34 33.08 -32.91
N THR Q 57 -0.50 33.89 -32.26
CA THR Q 57 -1.75 34.31 -32.88
C THR Q 57 -1.53 35.37 -33.94
N ALA Q 58 -0.55 36.28 -33.73
CA ALA Q 58 -0.26 37.30 -34.71
C ALA Q 58 0.22 36.69 -36.03
N LEU Q 59 1.10 35.69 -35.95
CA LEU Q 59 1.56 35.01 -37.15
C LEU Q 59 0.46 34.17 -37.80
N ARG Q 60 -0.51 33.71 -37.00
CA ARG Q 60 -1.64 32.97 -37.56
C ARG Q 60 -2.54 33.88 -38.39
N ARG Q 61 -2.76 35.10 -37.91
CA ARG Q 61 -3.67 36.04 -38.54
C ARG Q 61 -3.01 36.87 -39.64
N LEU Q 62 -1.71 36.71 -39.87
CA LEU Q 62 -1.04 37.46 -40.91
C LEU Q 62 -1.56 37.03 -42.29
N PRO Q 63 -1.80 37.98 -43.19
CA PRO Q 63 -2.31 37.62 -44.53
C PRO Q 63 -1.35 36.68 -45.24
N GLU Q 64 -1.92 35.84 -46.11
CA GLU Q 64 -1.20 34.71 -46.66
C GLU Q 64 -0.01 35.16 -47.52
N ASP Q 65 -0.20 36.20 -48.32
CA ASP Q 65 0.88 36.64 -49.20
C ASP Q 65 2.05 37.23 -48.42
N GLU Q 66 1.77 37.94 -47.34
CA GLU Q 66 2.86 38.47 -46.51
C GLU Q 66 3.58 37.36 -45.77
N SER Q 67 2.87 36.27 -45.45
CA SER Q 67 3.49 35.15 -44.75
C SER Q 67 4.44 34.36 -45.64
N TYR Q 68 4.14 34.24 -46.93
CA TYR Q 68 5.03 33.55 -47.85
C TYR Q 68 6.34 34.30 -48.03
N ALA Q 69 6.27 35.63 -48.11
CA ALA Q 69 7.47 36.45 -48.29
C ALA Q 69 8.38 36.35 -47.09
N ARG Q 70 7.81 36.34 -45.88
CA ARG Q 70 8.60 36.28 -44.66
C ARG Q 70 9.39 34.98 -44.58
N ALA Q 71 8.82 33.88 -45.06
CA ALA Q 71 9.52 32.60 -45.04
C ALA Q 71 10.73 32.61 -45.95
N TYR Q 72 10.67 33.35 -47.06
CA TYR Q 72 11.81 33.40 -47.97
C TYR Q 72 12.94 34.22 -47.38
N ARG Q 73 12.63 35.35 -46.74
CA ARG Q 73 13.66 36.19 -46.15
C ARG Q 73 14.37 35.49 -44.99
N ILE Q 74 13.64 34.68 -44.23
CA ILE Q 74 14.26 33.95 -43.13
C ILE Q 74 15.18 32.85 -43.64
N ILE Q 75 14.74 32.10 -44.66
CA ILE Q 75 15.58 31.04 -45.21
C ILE Q 75 16.80 31.64 -45.90
N ARG Q 76 16.63 32.79 -46.55
CA ARG Q 76 17.76 33.43 -47.23
C ARG Q 76 18.84 33.86 -46.25
N ALA Q 77 18.45 34.36 -45.08
CA ALA Q 77 19.43 34.82 -44.10
C ALA Q 77 20.22 33.66 -43.50
N HIS Q 78 19.57 32.52 -43.27
CA HIS Q 78 20.27 31.37 -42.74
C HIS Q 78 21.33 30.87 -43.72
N GLN Q 79 21.01 30.86 -45.01
CA GLN Q 79 21.98 30.43 -46.01
C GLN Q 79 23.12 31.43 -46.15
N THR Q 80 22.84 32.72 -46.05
CA THR Q 80 23.89 33.73 -46.14
C THR Q 80 24.84 33.65 -44.95
N GLU Q 81 24.29 33.47 -43.74
CA GLU Q 81 25.13 33.35 -42.56
C GLU Q 81 25.95 32.08 -42.58
N LEU Q 82 25.42 31.01 -43.19
CA LEU Q 82 26.13 29.75 -43.28
C LEU Q 82 27.42 29.89 -44.06
N THR Q 83 27.48 30.82 -45.01
CA THR Q 83 28.67 31.05 -45.82
C THR Q 83 29.59 32.13 -45.26
N HIS Q 84 29.19 32.78 -44.17
CA HIS Q 84 29.97 33.86 -43.55
C HIS Q 84 30.18 35.03 -44.49
N HIS Q 85 29.23 35.28 -45.38
CA HIS Q 85 29.27 36.41 -46.30
C HIS Q 85 28.09 37.33 -46.02
N LEU Q 86 27.97 38.37 -46.85
CA LEU Q 86 26.84 39.27 -46.83
C LEU Q 86 26.13 39.22 -48.18
N LEU Q 87 24.92 39.78 -48.22
CA LEU Q 87 24.21 39.86 -49.48
C LEU Q 87 24.81 40.98 -50.34
N PRO Q 88 24.72 40.85 -51.66
CA PRO Q 88 25.14 41.95 -52.54
C PRO Q 88 24.37 43.22 -52.24
N ARG Q 89 25.05 44.36 -52.41
CA ARG Q 89 24.51 45.65 -51.98
C ARG Q 89 23.17 45.98 -52.64
N ASN Q 90 22.87 45.41 -53.80
CA ASN Q 90 21.59 45.67 -54.45
C ASN Q 90 20.45 44.86 -53.84
N GLU Q 91 20.75 43.84 -53.05
CA GLU Q 91 19.73 43.02 -52.40
C GLU Q 91 19.47 43.44 -50.97
N TRP Q 92 20.11 44.51 -50.49
CA TRP Q 92 19.88 44.96 -49.12
C TRP Q 92 18.49 45.58 -48.98
N ILE Q 93 17.92 45.43 -47.78
CA ILE Q 93 16.62 46.04 -47.50
C ILE Q 93 16.80 47.53 -47.34
N LYS Q 94 15.97 48.30 -48.03
CA LYS Q 94 16.06 49.76 -47.98
C LYS Q 94 15.22 50.32 -46.84
N ALA Q 95 15.43 51.62 -46.57
CA ALA Q 95 14.75 52.25 -45.45
C ALA Q 95 13.23 52.31 -45.64
N GLN Q 96 12.79 52.58 -46.86
CA GLN Q 96 11.36 52.67 -47.12
C GLN Q 96 10.66 51.31 -47.14
N GLU Q 97 11.41 50.21 -47.17
CA GLU Q 97 10.84 48.88 -47.13
C GLU Q 97 10.84 48.27 -45.74
N ASP Q 98 11.60 48.82 -44.80
CA ASP Q 98 11.65 48.33 -43.43
C ASP Q 98 10.47 48.94 -42.67
N VAL Q 99 9.29 48.36 -42.91
CA VAL Q 99 8.06 48.85 -42.30
C VAL Q 99 7.57 47.86 -41.26
N PRO Q 100 6.87 48.30 -40.23
CA PRO Q 100 6.31 47.37 -39.23
C PRO Q 100 5.02 46.69 -39.71
N TYR Q 101 5.20 45.63 -40.50
CA TYR Q 101 4.05 44.95 -41.09
C TYR Q 101 3.29 44.11 -40.07
N LEU Q 102 4.00 43.52 -39.10
CA LEU Q 102 3.38 42.67 -38.09
C LEU Q 102 2.96 43.43 -36.83
N LEU Q 103 3.32 44.71 -36.72
CA LEU Q 103 3.01 45.46 -35.51
C LEU Q 103 1.52 45.55 -35.21
N PRO Q 104 0.64 45.87 -36.16
CA PRO Q 104 -0.80 45.94 -35.82
C PRO Q 104 -1.37 44.63 -35.32
N TYR Q 105 -0.88 43.48 -35.80
CA TYR Q 105 -1.37 42.20 -35.33
C TYR Q 105 -0.88 41.85 -33.94
N ILE Q 106 0.18 42.49 -33.46
CA ILE Q 106 0.67 42.26 -32.11
C ILE Q 106 -0.07 43.15 -31.11
N LEU Q 107 -0.26 44.42 -31.45
CA LEU Q 107 -0.94 45.34 -30.54
C LEU Q 107 -2.39 44.93 -30.31
N GLU Q 108 -3.04 44.34 -31.32
CA GLU Q 108 -4.42 43.91 -31.16
C GLU Q 108 -4.52 42.64 -30.33
N ALA Q 109 -3.61 41.70 -30.54
CA ALA Q 109 -3.61 40.48 -29.72
C ALA Q 109 -3.27 40.80 -28.27
N GLU Q 110 -2.38 41.76 -28.04
CA GLU Q 110 -2.00 42.12 -26.68
C GLU Q 110 -3.14 42.84 -25.96
N ALA Q 111 -3.90 43.66 -26.66
CA ALA Q 111 -5.03 44.35 -26.05
C ALA Q 111 -6.11 43.36 -25.61
N ALA Q 112 -6.36 42.34 -26.41
CA ALA Q 112 -7.33 41.31 -26.05
C ALA Q 112 -6.89 40.54 -24.82
N ALA Q 113 -5.59 40.24 -24.71
CA ALA Q 113 -5.10 39.51 -23.54
C ALA Q 113 -5.18 40.37 -22.28
N LYS Q 114 -4.94 41.67 -22.41
CA LYS Q 114 -5.02 42.55 -21.24
C LYS Q 114 -6.45 42.67 -20.73
N GLU Q 115 -7.42 42.70 -21.65
CA GLU Q 115 -8.82 42.80 -21.24
C GLU Q 115 -9.28 41.52 -20.54
N LYS Q 116 -8.79 40.36 -20.97
CA LYS Q 116 -9.16 39.12 -20.32
C LYS Q 116 -8.70 39.10 -18.87
N ASP Q 117 -7.45 39.52 -18.61
CA ASP Q 117 -6.93 39.53 -17.26
C ASP Q 117 -7.72 40.47 -16.36
N GLU Q 118 -8.10 41.64 -16.88
CA GLU Q 118 -8.89 42.58 -16.11
C GLU Q 118 -10.28 42.05 -15.79
N LEU Q 119 -10.79 41.10 -16.57
CA LEU Q 119 -12.12 40.56 -16.35
C LEU Q 119 -12.13 39.32 -15.46
N ASP Q 120 -11.00 38.64 -15.31
CA ASP Q 120 -10.93 37.58 -14.31
C ASP Q 120 -10.71 38.11 -12.90
N ASN Q 121 -10.36 39.38 -12.75
CA ASN Q 121 -10.16 40.01 -11.46
C ASN Q 121 -11.19 41.12 -11.24
N ILE Q 122 -12.39 40.93 -11.78
CA ILE Q 122 -13.45 41.94 -11.68
C ILE Q 122 -14.04 41.91 -10.28
N GLU Q 123 -14.42 43.08 -9.78
CA GLU Q 123 -15.01 43.23 -8.45
C GLU Q 123 -16.25 44.11 -8.56
N VAL Q 124 -17.43 43.52 -8.35
CA VAL Q 124 -18.67 44.28 -8.46
C VAL Q 124 -18.85 45.14 -7.21
N SER Q 125 -19.18 46.41 -7.41
CA SER Q 125 -19.25 47.39 -6.33
C SER Q 125 -20.53 47.17 -5.52
N LYS Q 126 -20.54 46.06 -4.79
CA LYS Q 126 -21.64 45.76 -3.89
C LYS Q 126 -21.38 46.42 -2.54
N GLY R 1 2.93 4.40 -24.34
CA GLY R 1 3.37 5.56 -23.61
C GLY R 1 2.39 6.72 -23.71
N PRO R 2 2.33 7.53 -22.66
CA PRO R 2 1.41 8.68 -22.66
C PRO R 2 1.92 9.78 -23.56
N PRO R 3 1.06 10.71 -23.96
CA PRO R 3 1.50 11.86 -24.73
C PRO R 3 2.22 12.88 -23.84
N SER R 4 2.92 13.79 -24.48
CA SER R 4 3.66 14.85 -23.81
C SER R 4 3.00 16.20 -24.07
N GLY R 5 3.63 17.25 -23.56
CA GLY R 5 3.11 18.59 -23.71
C GLY R 5 3.37 19.16 -25.09
N LYS R 6 3.11 20.46 -25.21
CA LYS R 6 3.27 21.18 -26.47
C LYS R 6 4.62 21.88 -26.48
N THR R 7 5.41 21.62 -27.52
CA THR R 7 6.74 22.15 -27.68
C THR R 7 6.78 23.11 -28.88
N TYR R 8 7.98 23.58 -29.20
CA TYR R 8 8.19 24.47 -30.34
C TYR R 8 9.10 23.84 -31.39
N MET R 9 9.22 22.52 -31.40
CA MET R 9 9.95 21.81 -32.43
C MET R 9 9.30 20.45 -32.63
N GLY R 10 9.27 19.98 -33.87
CA GLY R 10 8.72 18.67 -34.17
C GLY R 10 9.76 17.71 -34.70
N TRP R 11 9.41 16.94 -35.73
CA TRP R 11 10.34 16.04 -36.38
C TRP R 11 10.15 16.18 -37.89
N TRP R 12 10.79 15.30 -38.65
CA TRP R 12 10.77 15.38 -40.09
C TRP R 12 9.36 15.12 -40.61
N GLY R 13 8.81 16.06 -41.37
CA GLY R 13 7.47 15.99 -41.90
C GLY R 13 6.46 16.83 -41.14
N HIS R 14 6.71 17.10 -39.86
CA HIS R 14 5.84 17.93 -39.04
C HIS R 14 6.67 18.86 -38.16
N MET R 15 7.62 19.56 -38.77
CA MET R 15 8.58 20.37 -38.00
C MET R 15 7.89 21.49 -37.24
N GLY R 16 6.91 22.14 -37.85
CA GLY R 16 6.14 23.13 -37.13
C GLY R 16 6.42 24.56 -37.50
N GLY R 17 6.72 24.82 -38.76
CA GLY R 17 6.90 26.16 -39.26
C GLY R 17 5.73 26.61 -40.09
N PRO R 18 5.87 27.77 -40.73
CA PRO R 18 4.83 28.23 -41.67
C PRO R 18 4.82 27.39 -42.95
N LYS R 19 3.65 27.39 -43.59
CA LYS R 19 3.52 26.71 -44.88
C LYS R 19 4.38 27.41 -45.93
N GLN R 20 5.11 26.63 -46.72
CA GLN R 20 6.05 27.15 -47.69
C GLN R 20 5.51 26.92 -49.10
N LYS R 21 5.53 27.97 -49.91
CA LYS R 21 5.03 27.90 -51.28
C LYS R 21 5.76 28.94 -52.11
N GLY R 22 6.36 28.51 -53.22
CA GLY R 22 7.02 29.39 -54.15
C GLY R 22 8.53 29.44 -54.06
N ILE R 23 9.15 28.71 -53.15
CA ILE R 23 10.59 28.70 -52.99
C ILE R 23 11.14 27.43 -53.63
N THR R 24 12.17 27.59 -54.46
CA THR R 24 12.84 26.49 -55.15
C THR R 24 14.31 26.47 -54.77
N SER R 25 14.87 25.28 -54.62
CA SER R 25 16.26 25.12 -54.23
C SER R 25 16.99 24.22 -55.22
N TYR R 26 18.26 24.53 -55.46
CA TYR R 26 19.12 23.77 -56.35
C TYR R 26 20.42 23.46 -55.64
N ALA R 27 20.98 22.27 -55.93
CA ALA R 27 22.26 21.88 -55.36
C ALA R 27 22.97 20.94 -56.31
N VAL R 28 24.30 20.88 -56.16
CA VAL R 28 25.15 20.02 -56.96
C VAL R 28 25.85 19.03 -56.04
N SER R 29 26.17 17.86 -56.58
CA SER R 29 26.80 16.82 -55.79
C SER R 29 28.20 17.26 -55.33
N PRO R 30 28.57 16.95 -54.08
CA PRO R 30 29.93 17.26 -53.64
C PRO R 30 31.01 16.52 -54.40
N TYR R 31 30.71 15.36 -54.99
CA TYR R 31 31.70 14.63 -55.78
C TYR R 31 32.06 15.32 -57.07
N ALA R 32 31.32 16.37 -57.46
CA ALA R 32 31.55 17.08 -58.71
C ALA R 32 32.00 18.52 -58.49
N GLN R 33 32.51 18.83 -57.30
CA GLN R 33 32.89 20.18 -56.94
C GLN R 33 34.34 20.22 -56.50
N LYS R 34 34.83 21.44 -56.27
CA LYS R 34 36.16 21.66 -55.74
C LYS R 34 36.05 22.11 -54.29
N PRO R 35 36.39 21.27 -53.32
CA PRO R 35 36.17 21.66 -51.91
C PRO R 35 36.95 22.89 -51.48
N LEU R 36 38.15 23.11 -52.01
CA LEU R 36 39.01 24.19 -51.57
C LEU R 36 38.94 25.41 -52.47
N GLN R 37 37.77 25.71 -53.03
CA GLN R 37 37.61 26.84 -53.93
C GLN R 37 37.62 28.14 -53.15
N GLY R 38 38.53 29.04 -53.52
CA GLY R 38 38.54 30.38 -52.97
C GLY R 38 39.09 30.51 -51.56
N ILE R 39 39.92 29.59 -51.10
CA ILE R 39 40.44 29.66 -49.75
C ILE R 39 41.44 30.81 -49.62
N PHE R 40 42.32 30.97 -50.63
CA PHE R 40 43.30 32.06 -50.58
C PHE R 40 42.62 33.42 -50.64
N HIS R 41 41.59 33.56 -51.48
CA HIS R 41 40.89 34.84 -51.58
C HIS R 41 40.15 35.17 -50.30
N ASN R 42 39.51 34.19 -49.67
CA ASN R 42 38.75 34.45 -48.45
C ASN R 42 39.67 34.69 -47.27
N ALA R 43 40.86 34.09 -47.26
CA ALA R 43 41.75 34.21 -46.12
C ALA R 43 42.29 35.62 -45.93
N VAL R 44 42.18 36.47 -46.95
CA VAL R 44 42.70 37.84 -46.90
C VAL R 44 41.56 38.86 -46.94
N PHE R 45 40.70 38.76 -47.95
CA PHE R 45 39.69 39.80 -48.17
C PHE R 45 38.47 39.60 -47.29
N ASN R 46 37.97 38.37 -47.19
CA ASN R 46 36.87 38.10 -46.27
C ASN R 46 37.32 38.26 -44.83
N SER R 47 38.55 37.84 -44.51
CA SER R 47 39.06 37.99 -43.15
C SER R 47 39.17 39.47 -42.76
N PHE R 48 39.55 40.32 -43.70
CA PHE R 48 39.66 41.75 -43.40
C PHE R 48 38.28 42.37 -43.14
N ARG R 49 37.26 41.93 -43.89
CA ARG R 49 35.92 42.46 -43.69
C ARG R 49 35.38 42.07 -42.31
N ARG R 50 35.55 40.81 -41.91
CA ARG R 50 35.05 40.37 -40.62
C ARG R 50 35.75 41.07 -39.47
N PHE R 51 37.08 41.23 -39.57
CA PHE R 51 37.83 41.88 -38.50
C PHE R 51 37.42 43.35 -38.37
N LYS R 52 37.26 44.04 -39.49
CA LYS R 52 37.01 45.48 -39.48
C LYS R 52 35.66 45.83 -38.88
N SER R 53 34.73 44.88 -38.81
CA SER R 53 33.40 45.17 -38.30
C SER R 53 33.24 44.92 -36.81
N GLN R 54 34.10 44.09 -36.21
CA GLN R 54 33.94 43.73 -34.81
C GLN R 54 35.10 44.16 -33.92
N PHE R 55 36.23 44.60 -34.48
CA PHE R 55 37.41 44.85 -33.66
C PHE R 55 37.26 46.03 -32.73
N LEU R 56 36.28 46.91 -32.96
CA LEU R 56 36.08 48.05 -32.07
C LEU R 56 35.30 47.69 -30.82
N TYR R 57 34.48 46.64 -30.86
CA TYR R 57 33.72 46.22 -29.68
C TYR R 57 34.56 45.43 -28.69
N VAL R 58 35.73 44.94 -29.09
CA VAL R 58 36.57 44.12 -28.23
C VAL R 58 37.76 44.91 -27.70
N LEU R 59 38.39 45.73 -28.55
CA LEU R 59 39.64 46.37 -28.18
C LEU R 59 39.43 47.50 -27.19
N ILE R 60 38.38 48.30 -27.35
CA ILE R 60 38.15 49.41 -26.44
C ILE R 60 37.93 48.95 -25.00
N PRO R 61 37.05 47.99 -24.71
CA PRO R 61 36.98 47.48 -23.33
C PRO R 61 38.29 46.86 -22.85
N ALA R 62 39.00 46.17 -23.73
CA ALA R 62 40.28 45.57 -23.35
C ALA R 62 41.31 46.63 -23.00
N GLY R 63 41.38 47.70 -23.79
CA GLY R 63 42.34 48.76 -23.51
C GLY R 63 42.02 49.55 -22.26
N ILE R 64 40.72 49.65 -21.92
CA ILE R 64 40.34 50.34 -20.69
C ILE R 64 40.78 49.55 -19.47
N TYR R 65 40.59 48.23 -19.49
CA TYR R 65 40.94 47.39 -18.36
C TYR R 65 42.43 47.08 -18.28
N TRP R 66 43.17 47.27 -19.37
CA TRP R 66 44.62 47.09 -19.35
C TRP R 66 45.32 48.35 -18.86
N TYR R 67 44.81 49.52 -19.22
CA TYR R 67 45.36 50.77 -18.69
C TYR R 67 45.10 50.88 -17.19
N TRP R 68 43.95 50.38 -16.73
CA TRP R 68 43.65 50.36 -15.31
C TRP R 68 44.62 49.46 -14.56
N TRP R 69 44.93 48.30 -15.13
CA TRP R 69 45.80 47.35 -14.46
C TRP R 69 47.23 47.88 -14.34
N LYS R 70 47.76 48.44 -15.42
CA LYS R 70 49.14 48.91 -15.40
C LYS R 70 49.31 50.10 -14.46
N ASN R 71 48.32 50.99 -14.42
CA ASN R 71 48.40 52.14 -13.52
C ASN R 71 48.35 51.72 -12.07
N GLY R 72 47.66 50.62 -11.76
CA GLY R 72 47.63 50.13 -10.39
C GLY R 72 48.87 49.36 -9.99
N ASN R 73 49.56 48.78 -10.96
CA ASN R 73 50.80 48.06 -10.65
C ASN R 73 51.94 49.02 -10.35
N GLU R 74 52.05 50.11 -11.12
CA GLU R 74 53.12 51.08 -10.90
C GLU R 74 52.95 51.80 -9.57
N TYR R 75 51.71 52.10 -9.19
CA TYR R 75 51.46 52.79 -7.93
C TYR R 75 51.88 51.93 -6.73
N ASN R 76 51.59 50.63 -6.79
CA ASN R 76 51.97 49.73 -5.71
C ASN R 76 53.48 49.61 -5.60
N GLU R 77 54.18 49.53 -6.73
CA GLU R 77 55.64 49.44 -6.71
C GLU R 77 56.25 50.69 -6.10
N PHE R 78 55.73 51.86 -6.47
CA PHE R 78 56.24 53.11 -5.90
C PHE R 78 55.96 53.20 -4.40
N LEU R 79 54.86 52.60 -3.94
CA LEU R 79 54.48 52.72 -2.54
C LEU R 79 55.44 51.97 -1.63
N TYR R 80 55.96 50.83 -2.08
CA TYR R 80 56.83 49.99 -1.27
C TYR R 80 58.30 50.21 -1.60
N SER R 81 58.65 51.37 -2.13
CA SER R 81 60.02 51.75 -2.40
C SER R 81 60.49 52.77 -1.36
N LYS R 82 61.77 53.12 -1.43
CA LYS R 82 62.32 54.07 -0.46
C LYS R 82 61.71 55.46 -0.63
N ALA R 83 61.35 55.82 -1.86
CA ALA R 83 60.77 57.13 -2.14
C ALA R 83 59.27 57.18 -1.86
N GLY R 84 58.66 56.06 -1.47
CA GLY R 84 57.24 56.04 -1.19
C GLY R 84 56.91 55.76 0.26
N ARG R 85 57.89 55.89 1.15
CA ARG R 85 57.64 55.61 2.56
C ARG R 85 56.79 56.70 3.21
N GLU R 86 56.83 57.91 2.68
CA GLU R 86 55.99 58.98 3.22
C GLU R 86 54.52 58.80 2.85
N GLU R 87 54.23 58.08 1.77
CA GLU R 87 52.85 57.83 1.37
C GLU R 87 52.30 56.53 1.92
N LEU R 88 53.16 55.53 2.13
CA LEU R 88 52.70 54.25 2.64
C LEU R 88 52.13 54.38 4.05
N GLU R 89 52.76 55.22 4.89
CA GLU R 89 52.27 55.40 6.25
C GLU R 89 50.98 56.20 6.29
N ARG R 90 50.78 57.11 5.33
CA ARG R 90 49.61 57.97 5.34
C ARG R 90 48.41 57.35 4.64
N VAL R 91 48.55 56.15 4.07
CA VAL R 91 47.45 55.51 3.37
C VAL R 91 47.07 54.21 4.08
N ASN R 92 48.03 53.30 4.22
CA ASN R 92 47.72 51.98 4.77
C ASN R 92 47.45 52.00 6.27
N VAL R 93 47.91 53.02 6.97
CA VAL R 93 47.66 53.11 8.42
C VAL R 93 46.38 53.88 8.67
N SER S 1 45.15 1.87 -64.89
CA SER S 1 44.03 2.77 -65.15
C SER S 1 43.34 3.18 -63.85
N PHE S 2 42.63 4.31 -63.89
CA PHE S 2 41.85 4.73 -62.74
C PHE S 2 40.64 3.84 -62.49
N SER S 3 40.14 3.16 -63.52
CA SER S 3 39.04 2.23 -63.31
C SER S 3 39.51 0.97 -62.61
N SER S 4 40.71 0.48 -62.96
CA SER S 4 41.26 -0.68 -62.29
C SER S 4 41.68 -0.37 -60.86
N LEU S 5 42.14 0.85 -60.61
CA LEU S 5 42.49 1.25 -59.25
C LEU S 5 41.26 1.28 -58.35
N TYR S 6 40.13 1.78 -58.86
CA TYR S 6 38.91 1.78 -58.07
C TYR S 6 38.38 0.37 -57.86
N LYS S 7 38.48 -0.48 -58.88
CA LYS S 7 37.90 -1.82 -58.81
C LYS S 7 38.65 -2.71 -57.83
N THR S 8 39.93 -2.44 -57.56
CA THR S 8 40.73 -3.30 -56.71
C THR S 8 40.66 -2.90 -55.24
N PHE S 9 40.77 -1.61 -54.94
CA PHE S 9 40.91 -1.15 -53.57
C PHE S 9 39.68 -0.42 -53.02
N PHE S 10 38.86 0.17 -53.87
CA PHE S 10 37.79 1.06 -53.40
C PHE S 10 36.39 0.53 -53.65
N LYS S 11 36.23 -0.62 -54.30
CA LYS S 11 34.89 -1.13 -54.58
C LYS S 11 34.32 -1.92 -53.40
N ARG S 12 35.11 -2.80 -52.81
CA ARG S 12 34.69 -3.58 -51.66
C ARG S 12 35.23 -2.94 -50.39
N ASN S 13 34.35 -2.77 -49.40
CA ASN S 13 34.77 -2.16 -48.14
C ASN S 13 35.74 -3.05 -47.38
N ALA S 14 35.65 -4.37 -47.57
CA ALA S 14 36.55 -5.29 -46.88
C ALA S 14 37.99 -5.06 -47.31
N VAL S 15 38.23 -4.88 -48.60
CA VAL S 15 39.57 -4.61 -49.09
C VAL S 15 40.02 -3.21 -48.67
N PHE S 16 39.09 -2.25 -48.66
CA PHE S 16 39.42 -0.89 -48.24
C PHE S 16 39.83 -0.87 -46.78
N VAL S 17 39.10 -1.57 -45.92
CA VAL S 17 39.43 -1.59 -44.49
C VAL S 17 40.71 -2.39 -44.24
N GLY S 18 40.88 -3.52 -44.93
CA GLY S 18 42.09 -4.30 -44.79
C GLY S 18 43.33 -3.55 -45.24
N THR S 19 43.21 -2.74 -46.29
CA THR S 19 44.35 -1.96 -46.76
C THR S 19 44.74 -0.88 -45.75
N ILE S 20 43.76 -0.27 -45.09
CA ILE S 20 44.06 0.73 -44.06
C ILE S 20 44.80 0.10 -42.90
N PHE S 21 44.38 -1.10 -42.47
CA PHE S 21 45.05 -1.77 -41.37
C PHE S 21 46.46 -2.20 -41.73
N ALA S 22 46.66 -2.69 -42.95
CA ALA S 22 48.00 -3.10 -43.37
C ALA S 22 48.92 -1.92 -43.63
N GLY S 23 48.35 -0.73 -43.88
CA GLY S 23 49.17 0.45 -44.05
C GLY S 23 49.50 1.10 -42.72
N ALA S 24 48.67 0.85 -41.71
CA ALA S 24 48.96 1.30 -40.36
C ALA S 24 50.01 0.45 -39.67
N PHE S 25 50.09 -0.83 -40.01
CA PHE S 25 51.14 -1.69 -39.46
C PHE S 25 52.50 -1.26 -39.95
N VAL S 26 52.63 -0.96 -41.24
CA VAL S 26 53.92 -0.56 -41.80
C VAL S 26 54.31 0.82 -41.29
N PHE S 27 53.36 1.76 -41.27
CA PHE S 27 53.65 3.10 -40.79
C PHE S 27 54.13 3.09 -39.35
N GLN S 28 53.60 2.18 -38.52
CA GLN S 28 53.89 2.19 -37.09
C GLN S 28 55.36 1.92 -36.83
N THR S 29 55.93 0.91 -37.50
CA THR S 29 57.32 0.56 -37.25
C THR S 29 58.28 1.57 -37.89
N VAL S 30 57.95 2.04 -39.09
CA VAL S 30 58.84 2.96 -39.79
C VAL S 30 58.87 4.33 -39.12
N PHE S 31 57.72 4.80 -38.64
CA PHE S 31 57.67 6.12 -38.03
C PHE S 31 58.48 6.18 -36.74
N ASP S 32 58.44 5.11 -35.94
CA ASP S 32 59.21 5.11 -34.70
C ASP S 32 60.71 5.15 -34.95
N THR S 33 61.19 4.30 -35.87
CA THR S 33 62.61 4.20 -36.14
C THR S 33 63.16 5.52 -36.67
N ALA S 34 62.44 6.17 -37.58
CA ALA S 34 62.90 7.42 -38.16
C ALA S 34 62.88 8.56 -37.15
N ILE S 35 62.13 8.44 -36.07
CA ILE S 35 62.05 9.53 -35.10
C ILE S 35 63.20 9.44 -34.09
N THR S 36 63.49 8.25 -33.58
CA THR S 36 64.62 8.08 -32.68
C THR S 36 65.93 8.42 -33.37
N SER S 37 66.06 8.04 -34.64
CA SER S 37 67.30 8.31 -35.38
C SER S 37 67.55 9.80 -35.47
N TRP S 38 66.53 10.58 -35.80
CA TRP S 38 66.69 12.03 -35.86
C TRP S 38 66.92 12.61 -34.47
N TYR S 39 66.20 12.10 -33.47
CA TYR S 39 66.33 12.61 -32.11
C TYR S 39 67.71 12.34 -31.54
N GLU S 40 68.25 11.14 -31.77
CA GLU S 40 69.58 10.82 -31.27
C GLU S 40 70.65 11.65 -31.98
N ASN S 41 70.51 11.83 -33.30
CA ASN S 41 71.51 12.57 -34.06
C ASN S 41 71.52 14.04 -33.68
N HIS S 42 70.37 14.61 -33.33
CA HIS S 42 70.31 16.01 -32.92
C HIS S 42 71.02 16.25 -31.59
N ASN S 43 71.20 15.21 -30.78
CA ASN S 43 71.82 15.31 -29.46
C ASN S 43 73.08 14.46 -29.39
N LYS S 44 73.91 14.51 -30.43
CA LYS S 44 75.14 13.74 -30.42
C LYS S 44 76.12 14.33 -29.40
N GLY S 45 76.75 13.46 -28.61
CA GLY S 45 77.68 13.86 -27.60
C GLY S 45 77.09 14.10 -26.23
N LYS S 46 75.77 14.06 -26.09
CA LYS S 46 75.10 14.26 -24.81
C LYS S 46 74.48 13.00 -24.25
N LEU S 47 74.49 11.90 -24.99
CA LEU S 47 73.87 10.67 -24.54
C LEU S 47 74.84 9.84 -23.70
N TRP S 48 74.27 8.94 -22.89
CA TRP S 48 75.11 8.09 -22.06
C TRP S 48 76.00 7.20 -22.92
N LYS S 49 75.47 6.69 -24.03
CA LYS S 49 76.27 5.85 -24.91
C LYS S 49 77.48 6.60 -25.46
N ASP S 50 77.30 7.88 -25.79
CA ASP S 50 78.41 8.68 -26.29
C ASP S 50 79.48 8.87 -25.22
N VAL S 51 79.07 9.24 -24.00
CA VAL S 51 80.05 9.55 -22.96
C VAL S 51 80.65 8.28 -22.39
N LYS S 52 79.91 7.16 -22.42
CA LYS S 52 80.45 5.92 -21.90
C LYS S 52 81.63 5.43 -22.73
N ALA S 53 81.53 5.55 -24.06
CA ALA S 53 82.62 5.12 -24.92
C ALA S 53 83.81 6.08 -24.87
N ARG S 54 83.55 7.36 -24.60
CA ARG S 54 84.64 8.32 -24.51
C ARG S 54 85.54 8.02 -23.31
N ILE S 55 84.95 7.77 -22.14
CA ILE S 55 85.74 7.39 -20.97
C ILE S 55 86.31 5.99 -21.08
N ALA S 56 85.90 5.23 -22.09
CA ALA S 56 86.45 3.92 -22.36
C ALA S 56 87.63 3.98 -23.33
N ALA S 57 88.29 5.13 -23.43
CA ALA S 57 89.43 5.30 -24.33
C ALA S 57 90.72 5.50 -23.55
N ALA T 1 5.52 -26.61 -78.89
CA ALA T 1 4.54 -27.42 -78.17
C ALA T 1 3.79 -26.57 -77.15
N TYR T 2 2.60 -27.02 -76.77
CA TYR T 2 1.78 -26.32 -75.80
C TYR T 2 2.22 -26.68 -74.39
N THR T 3 2.42 -25.65 -73.56
CA THR T 3 2.75 -25.84 -72.15
C THR T 3 1.52 -25.53 -71.31
N SER T 4 1.17 -26.44 -70.40
CA SER T 4 -0.03 -26.31 -69.61
C SER T 4 0.24 -26.24 -68.11
N HIS T 5 1.50 -26.27 -67.68
CA HIS T 5 1.81 -26.22 -66.26
C HIS T 5 3.25 -25.77 -66.09
N LEU T 6 3.56 -25.33 -64.87
CA LEU T 6 4.90 -24.88 -64.50
C LEU T 6 5.58 -25.95 -63.66
N SER T 7 6.84 -26.24 -64.00
CA SER T 7 7.65 -27.19 -63.25
C SER T 7 8.67 -26.43 -62.43
N SER T 8 8.73 -26.72 -61.13
CA SER T 8 9.60 -25.98 -60.23
C SER T 8 9.99 -26.87 -59.06
N LYS T 9 10.91 -26.36 -58.25
CA LYS T 9 11.36 -27.00 -57.02
C LYS T 9 11.42 -25.93 -55.93
N THR T 10 11.95 -26.31 -54.78
CA THR T 10 12.16 -25.37 -53.68
C THR T 10 13.62 -25.46 -53.25
N GLY T 11 14.26 -24.30 -53.12
CA GLY T 11 15.64 -24.27 -52.70
C GLY T 11 15.80 -24.49 -51.20
N LEU T 12 16.96 -25.02 -50.84
CA LEU T 12 17.26 -25.24 -49.43
C LEU T 12 17.36 -23.92 -48.68
N HIS T 13 16.73 -23.85 -47.52
CA HIS T 13 16.73 -22.62 -46.74
C HIS T 13 16.35 -22.94 -45.30
N PHE T 14 16.61 -21.98 -44.43
CA PHE T 14 16.18 -22.07 -43.04
C PHE T 14 15.86 -20.64 -42.58
N GLY T 15 14.58 -20.28 -42.65
CA GLY T 15 14.22 -18.92 -42.32
C GLY T 15 14.64 -17.95 -43.40
N ARG T 16 15.15 -16.80 -42.98
CA ARG T 16 15.60 -15.78 -43.93
C ARG T 16 16.88 -16.16 -44.65
N LEU T 17 17.57 -17.21 -44.21
CA LEU T 17 18.84 -17.62 -44.78
C LEU T 17 18.64 -18.74 -45.79
N SER T 18 19.36 -18.66 -46.91
CA SER T 18 19.27 -19.63 -47.98
C SER T 18 20.66 -20.06 -48.42
N LEU T 19 20.72 -21.22 -49.08
CA LEU T 19 21.99 -21.73 -49.57
C LEU T 19 22.56 -20.84 -50.67
N ARG T 20 21.70 -20.34 -51.56
CA ARG T 20 22.18 -19.49 -52.64
C ARG T 20 22.75 -18.17 -52.13
N SER T 21 22.12 -17.59 -51.11
CA SER T 21 22.62 -16.36 -50.53
C SER T 21 23.93 -16.58 -49.80
N LEU T 22 24.09 -17.75 -49.17
CA LEU T 22 25.35 -18.08 -48.53
C LEU T 22 26.48 -18.22 -49.55
N THR T 23 26.20 -18.84 -50.69
CA THR T 23 27.22 -19.03 -51.71
C THR T 23 27.69 -17.70 -52.28
N ALA T 24 26.76 -16.77 -52.51
CA ALA T 24 27.12 -15.46 -53.03
C ALA T 24 27.97 -14.68 -52.04
N TYR T 25 27.64 -14.77 -50.74
CA TYR T 25 28.36 -14.03 -49.72
C TYR T 25 29.65 -14.70 -49.27
N ALA T 26 29.87 -15.96 -49.63
CA ALA T 26 31.03 -16.69 -49.11
C ALA T 26 32.36 -16.06 -49.49
N PRO T 27 32.63 -15.70 -50.75
CA PRO T 27 33.94 -15.09 -51.06
C PRO T 27 34.21 -13.79 -50.32
N ASN T 28 33.17 -12.99 -50.07
CA ASN T 28 33.38 -11.73 -49.36
C ASN T 28 33.51 -11.90 -47.86
N LEU T 29 33.04 -13.02 -47.31
CA LEU T 29 33.19 -13.28 -45.89
C LEU T 29 34.59 -13.78 -45.53
N MET T 30 35.38 -14.21 -46.52
CA MET T 30 36.77 -14.56 -46.27
C MET T 30 37.66 -13.33 -46.25
N LEU T 31 37.36 -12.34 -47.10
CA LEU T 31 38.09 -11.08 -47.07
C LEU T 31 37.89 -10.35 -45.74
N TRP T 32 36.71 -10.46 -45.15
CA TRP T 32 36.49 -9.88 -43.84
C TRP T 32 37.24 -10.64 -42.76
N GLY T 33 37.50 -11.93 -42.98
CA GLY T 33 38.37 -12.66 -42.07
C GLY T 33 39.80 -12.17 -42.14
N GLY T 34 40.32 -11.92 -43.35
CA GLY T 34 41.66 -11.39 -43.50
C GLY T 34 41.81 -9.96 -43.07
N ALA T 35 40.73 -9.17 -43.10
CA ALA T 35 40.79 -7.80 -42.62
C ALA T 35 40.77 -7.71 -41.10
N SER T 36 40.33 -8.77 -40.43
CA SER T 36 40.37 -8.82 -38.97
C SER T 36 41.66 -9.36 -38.41
N MET T 37 42.37 -10.20 -39.18
CA MET T 37 43.71 -10.62 -38.78
C MET T 37 44.69 -9.45 -38.94
N LEU T 38 44.55 -8.67 -40.00
CA LEU T 38 45.41 -7.50 -40.19
C LEU T 38 45.18 -6.46 -39.10
N GLY T 39 43.93 -6.26 -38.69
CA GLY T 39 43.63 -5.35 -37.60
C GLY T 39 44.06 -5.87 -36.24
N LEU T 40 44.19 -7.19 -36.09
CA LEU T 40 44.68 -7.76 -34.85
C LEU T 40 46.18 -7.61 -34.71
N PHE T 41 46.92 -7.64 -35.82
CA PHE T 41 48.36 -7.46 -35.76
C PHE T 41 48.73 -6.05 -35.34
N VAL T 42 47.93 -5.05 -35.75
CA VAL T 42 48.23 -3.67 -35.43
C VAL T 42 48.18 -3.44 -33.92
N PHE T 43 47.18 -4.00 -33.25
CA PHE T 43 46.96 -3.72 -31.84
C PHE T 43 47.80 -4.59 -30.91
N THR T 44 48.41 -5.66 -31.41
CA THR T 44 49.26 -6.52 -30.59
C THR T 44 50.74 -6.36 -30.93
N GLU T 45 51.11 -5.26 -31.59
CA GLU T 45 52.50 -5.06 -31.99
C GLU T 45 53.41 -4.88 -30.78
N GLY T 46 52.95 -4.17 -29.75
CA GLY T 46 53.73 -3.96 -28.55
C GLY T 46 53.81 -5.15 -27.61
N TRP T 47 53.02 -6.18 -27.84
CA TRP T 47 53.06 -7.37 -27.02
C TRP T 47 54.32 -8.17 -27.34
N PRO T 48 55.23 -8.36 -26.38
CA PRO T 48 56.50 -9.02 -26.71
C PRO T 48 56.37 -10.51 -26.98
N LYS T 49 55.32 -11.17 -26.49
CA LYS T 49 55.13 -12.58 -26.81
C LYS T 49 54.82 -12.76 -28.29
N PHE T 50 53.99 -11.88 -28.86
CA PHE T 50 53.68 -11.97 -30.28
C PHE T 50 54.85 -11.52 -31.15
N GLN T 51 55.69 -10.62 -30.63
CA GLN T 51 56.86 -10.18 -31.38
C GLN T 51 57.82 -11.34 -31.64
N ASP T 52 58.08 -12.15 -30.61
CA ASP T 52 59.11 -13.17 -30.70
C ASP T 52 58.73 -14.36 -31.56
N THR T 53 57.44 -14.55 -31.84
CA THR T 53 57.00 -15.67 -32.67
C THR T 53 56.49 -15.27 -34.03
N LEU T 54 56.01 -14.03 -34.21
CA LEU T 54 55.46 -13.61 -35.48
C LEU T 54 56.19 -12.42 -36.08
N TYR T 55 56.28 -11.29 -35.37
CA TYR T 55 56.61 -10.03 -36.02
C TYR T 55 58.09 -9.87 -36.28
N LYS T 56 58.95 -10.48 -35.47
CA LYS T 56 60.38 -10.32 -35.64
C LYS T 56 60.95 -11.15 -36.79
N LYS T 57 60.14 -12.03 -37.38
CA LYS T 57 60.56 -12.82 -38.53
C LYS T 57 60.18 -12.19 -39.86
N ILE T 58 59.62 -11.00 -39.85
CA ILE T 58 59.39 -10.25 -41.09
C ILE T 58 60.74 -9.76 -41.62
N PRO T 59 61.01 -9.90 -42.93
CA PRO T 59 62.36 -9.59 -43.44
C PRO T 59 62.86 -8.18 -43.18
N LEU T 60 62.13 -7.15 -43.57
CA LEU T 60 62.62 -5.78 -43.43
C LEU T 60 62.12 -5.09 -42.17
N LEU T 61 60.87 -5.31 -41.78
CA LEU T 61 60.31 -4.69 -40.59
C LEU T 61 60.61 -5.45 -39.31
N GLY T 62 61.24 -6.61 -39.40
CA GLY T 62 61.50 -7.44 -38.24
C GLY T 62 62.60 -6.93 -37.34
N PRO T 63 63.82 -6.79 -37.87
CA PRO T 63 64.95 -6.42 -37.01
C PRO T 63 64.81 -5.08 -36.32
N THR T 64 63.97 -4.17 -36.83
CA THR T 64 63.83 -2.86 -36.22
C THR T 64 63.11 -2.91 -34.87
N LEU T 65 62.55 -4.07 -34.49
CA LEU T 65 61.92 -4.22 -33.19
C LEU T 65 62.88 -4.76 -32.14
N GLU T 66 64.02 -5.32 -32.54
CA GLU T 66 64.97 -5.88 -31.59
C GLU T 66 65.69 -4.78 -30.83
N ASP T 67 65.81 -4.96 -29.52
CA ASP T 67 66.54 -4.03 -28.66
C ASP T 67 68.01 -4.41 -28.61
N HIS T 68 68.88 -3.41 -28.65
CA HIS T 68 70.32 -3.61 -28.73
C HIS T 68 71.03 -2.85 -27.61
N THR T 69 70.51 -2.98 -26.39
CA THR T 69 71.14 -2.36 -25.24
C THR T 69 72.11 -3.34 -24.58
N PRO T 70 73.33 -2.92 -24.27
CA PRO T 70 74.28 -3.84 -23.65
C PRO T 70 73.84 -4.20 -22.24
N PRO T 71 74.25 -5.37 -21.74
CA PRO T 71 73.85 -5.76 -20.37
C PRO T 71 74.35 -4.81 -19.29
N GLU T 72 75.48 -4.13 -19.52
CA GLU T 72 76.04 -3.23 -18.52
C GLU T 72 75.19 -1.98 -18.31
N ASP T 73 74.20 -1.72 -19.17
CA ASP T 73 73.36 -0.54 -19.07
C ASP T 73 71.99 -0.83 -18.47
N LYS T 74 71.74 -2.05 -18.02
CA LYS T 74 70.45 -2.43 -17.48
C LYS T 74 70.56 -2.76 -16.02
N PRO T 75 69.66 -2.26 -15.17
CA PRO T 75 69.75 -2.55 -13.73
C PRO T 75 69.11 -3.88 -13.36
N ASN T 76 68.16 -4.33 -14.16
CA ASN T 76 67.47 -5.59 -13.89
C ASN T 76 67.80 -6.62 -14.97
N MET U 1 -42.32 11.48 45.04
CA MET U 1 -40.97 11.00 44.77
C MET U 1 -40.21 10.73 46.06
N VAL U 2 -40.31 11.65 47.00
CA VAL U 2 -39.74 11.45 48.32
C VAL U 2 -40.51 10.37 49.06
N GLN U 3 -41.83 10.46 49.06
CA GLN U 3 -42.66 9.53 49.80
C GLN U 3 -42.94 8.23 49.05
N ARG U 4 -42.56 8.13 47.77
CA ARG U 4 -42.67 6.84 47.10
C ARG U 4 -41.48 5.93 47.43
N TRP U 5 -40.33 6.51 47.75
CA TRP U 5 -39.13 5.72 47.95
C TRP U 5 -38.52 5.83 49.35
N LEU U 6 -39.00 6.74 50.20
CA LEU U 6 -38.62 6.73 51.60
C LEU U 6 -39.75 6.29 52.53
N TYR U 7 -41.01 6.35 52.08
CA TYR U 7 -42.17 5.98 52.87
C TYR U 7 -42.85 4.71 52.35
N SER U 8 -42.16 3.93 51.53
CA SER U 8 -42.82 2.93 50.70
C SER U 8 -43.51 1.85 51.52
N THR U 9 -44.70 1.43 51.04
CA THR U 9 -45.38 0.24 51.53
C THR U 9 -45.71 -0.74 50.42
N ASN U 10 -45.07 -0.60 49.26
CA ASN U 10 -45.31 -1.47 48.11
C ASN U 10 -44.15 -2.44 47.99
N ALA U 11 -44.47 -3.71 47.80
CA ALA U 11 -43.44 -4.75 47.82
C ALA U 11 -42.59 -4.76 46.56
N LYS U 12 -43.09 -4.25 45.44
CA LYS U 12 -42.27 -4.19 44.23
C LYS U 12 -41.25 -3.07 44.30
N ASP U 13 -41.64 -1.90 44.83
CA ASP U 13 -40.69 -0.80 44.97
C ASP U 13 -39.59 -1.13 45.96
N ILE U 14 -39.93 -1.81 47.05
CA ILE U 14 -38.93 -2.15 48.05
C ILE U 14 -37.94 -3.17 47.49
N ALA U 15 -38.41 -4.09 46.66
CA ALA U 15 -37.52 -5.08 46.07
C ALA U 15 -36.51 -4.44 45.12
N VAL U 16 -36.85 -3.30 44.53
CA VAL U 16 -35.90 -2.59 43.67
C VAL U 16 -34.80 -1.93 44.49
N LEU U 17 -35.14 -1.38 45.65
CA LEU U 17 -34.12 -0.83 46.54
C LEU U 17 -33.14 -1.91 46.99
N TYR U 18 -33.65 -3.11 47.29
CA TYR U 18 -32.79 -4.21 47.70
C TYR U 18 -31.74 -4.51 46.65
N PHE U 19 -32.16 -4.63 45.39
CA PHE U 19 -31.25 -4.98 44.32
C PHE U 19 -30.23 -3.88 44.07
N MET U 20 -30.63 -2.62 44.22
CA MET U 20 -29.70 -1.51 44.08
C MET U 20 -28.60 -1.57 45.14
N LEU U 21 -28.96 -1.85 46.38
CA LEU U 21 -27.96 -1.96 47.44
C LEU U 21 -27.13 -3.23 47.29
N ALA U 22 -27.75 -4.32 46.85
CA ALA U 22 -27.01 -5.57 46.71
C ALA U 22 -25.90 -5.45 45.67
N ILE U 23 -26.16 -4.77 44.56
CA ILE U 23 -25.16 -4.70 43.49
C ILE U 23 -24.08 -3.67 43.80
N PHE U 24 -24.40 -2.61 44.54
CA PHE U 24 -23.39 -1.67 45.00
C PHE U 24 -22.42 -2.30 45.98
N SER U 25 -22.82 -3.39 46.65
CA SER U 25 -21.99 -4.04 47.64
C SER U 25 -21.08 -5.10 47.04
N GLY U 26 -21.53 -5.79 46.00
CA GLY U 26 -20.67 -6.68 45.26
C GLY U 26 -19.51 -5.99 44.57
N MET U 27 -19.64 -4.70 44.29
CA MET U 27 -18.49 -3.94 43.81
C MET U 27 -17.38 -3.91 44.86
N ALA U 28 -17.72 -3.54 46.09
CA ALA U 28 -16.72 -3.42 47.14
C ALA U 28 -16.10 -4.76 47.49
N GLY U 29 -16.93 -5.82 47.59
CA GLY U 29 -16.41 -7.13 47.91
C GLY U 29 -15.59 -7.76 46.81
N THR U 30 -15.81 -7.36 45.57
CA THR U 30 -14.95 -7.81 44.48
C THR U 30 -13.65 -7.04 44.44
N ALA U 31 -13.69 -5.75 44.77
CA ALA U 31 -12.47 -4.95 44.86
C ALA U 31 -11.55 -5.45 45.96
N MET U 32 -12.12 -5.90 47.08
CA MET U 32 -11.30 -6.46 48.15
C MET U 32 -10.69 -7.79 47.75
N SER U 33 -11.41 -8.63 47.04
CA SER U 33 -10.82 -9.89 46.62
C SER U 33 -9.74 -9.69 45.55
N LEU U 34 -9.77 -8.59 44.82
CA LEU U 34 -8.73 -8.26 43.86
C LEU U 34 -7.46 -7.78 44.54
N ILE U 35 -7.59 -6.93 45.56
CA ILE U 35 -6.43 -6.53 46.35
C ILE U 35 -5.82 -7.74 47.04
N ILE U 36 -6.64 -8.68 47.50
CA ILE U 36 -6.14 -9.87 48.18
C ILE U 36 -5.34 -10.73 47.20
N ARG U 37 -5.81 -10.87 45.97
CA ARG U 37 -5.15 -11.75 45.02
C ARG U 37 -3.91 -11.11 44.40
N LEU U 38 -3.76 -9.79 44.48
CA LEU U 38 -2.54 -9.15 44.03
C LEU U 38 -1.41 -9.33 45.04
N GLU U 39 -1.73 -9.28 46.33
CA GLU U 39 -0.74 -9.51 47.38
C GLU U 39 -0.32 -10.97 47.48
N LEU U 40 -1.11 -11.89 46.93
CA LEU U 40 -0.74 -13.29 46.94
C LEU U 40 -0.06 -13.74 45.65
N ALA U 41 0.21 -12.81 44.73
CA ALA U 41 0.75 -13.19 43.44
C ALA U 41 2.14 -13.80 43.54
N ALA U 42 3.01 -13.27 44.40
CA ALA U 42 4.37 -13.74 44.49
C ALA U 42 4.84 -13.65 45.94
N PRO U 43 5.88 -14.41 46.31
CA PRO U 43 6.49 -14.25 47.63
C PRO U 43 7.06 -12.85 47.86
N GLY U 44 7.02 -12.42 49.12
CA GLY U 44 7.49 -11.13 49.53
C GLY U 44 6.37 -10.12 49.69
N SER U 45 6.71 -8.99 50.30
CA SER U 45 5.79 -7.85 50.32
C SER U 45 5.56 -7.35 48.90
N GLN U 46 4.30 -7.18 48.53
CA GLN U 46 3.96 -6.81 47.16
C GLN U 46 3.33 -5.43 47.07
N TYR U 47 2.19 -5.22 47.73
CA TYR U 47 1.48 -3.95 47.60
C TYR U 47 1.08 -3.31 48.91
N LEU U 48 1.07 -4.07 50.02
CA LEU U 48 0.57 -3.57 51.30
C LEU U 48 1.67 -3.17 52.27
N HIS U 49 2.94 -3.21 51.84
CA HIS U 49 4.07 -2.71 52.61
C HIS U 49 4.32 -3.51 53.89
N GLY U 50 3.95 -4.78 53.89
CA GLY U 50 4.17 -5.63 55.04
C GLY U 50 3.18 -5.47 56.17
N ASN U 51 2.11 -4.72 55.98
CA ASN U 51 1.06 -4.54 56.99
C ASN U 51 0.17 -5.77 56.97
N SER U 52 0.46 -6.73 57.85
CA SER U 52 -0.31 -7.97 57.89
C SER U 52 -1.67 -7.77 58.54
N GLN U 53 -1.81 -6.80 59.44
CA GLN U 53 -3.12 -6.52 60.00
C GLN U 53 -4.09 -6.04 58.92
N LEU U 54 -3.61 -5.19 58.01
CA LEU U 54 -4.45 -4.69 56.94
C LEU U 54 -4.90 -5.82 56.00
N PHE U 55 -4.00 -6.76 55.70
CA PHE U 55 -4.40 -7.89 54.88
C PHE U 55 -5.50 -8.71 55.55
N ASN U 56 -5.41 -8.90 56.86
CA ASN U 56 -6.44 -9.63 57.58
C ASN U 56 -7.76 -8.85 57.64
N VAL U 57 -7.69 -7.52 57.71
CA VAL U 57 -8.88 -6.70 57.73
C VAL U 57 -9.66 -6.84 56.42
N LEU U 58 -8.96 -6.81 55.29
CA LEU U 58 -9.62 -6.90 54.00
C LEU U 58 -10.27 -8.27 53.78
N VAL U 59 -9.80 -9.31 54.46
CA VAL U 59 -10.39 -10.63 54.30
C VAL U 59 -11.72 -10.73 55.04
N VAL U 60 -11.83 -10.11 56.21
CA VAL U 60 -13.11 -10.05 56.91
C VAL U 60 -14.10 -9.22 56.11
N GLY U 61 -13.68 -8.05 55.63
CA GLY U 61 -14.54 -7.22 54.83
C GLY U 61 -15.01 -7.91 53.56
N HIS U 62 -14.15 -8.74 52.97
CA HIS U 62 -14.53 -9.44 51.76
C HIS U 62 -15.66 -10.44 52.02
N ALA U 63 -15.55 -11.23 53.09
CA ALA U 63 -16.55 -12.27 53.36
C ALA U 63 -17.88 -11.67 53.83
N VAL U 64 -17.84 -10.64 54.67
CA VAL U 64 -19.08 -10.06 55.19
C VAL U 64 -19.86 -9.39 54.07
N LEU U 65 -19.19 -8.69 53.16
CA LEU U 65 -19.90 -8.03 52.08
C LEU U 65 -20.52 -9.03 51.13
N MET U 66 -19.78 -10.06 50.74
CA MET U 66 -20.31 -11.01 49.76
C MET U 66 -21.51 -11.76 50.30
N ILE U 67 -21.49 -12.15 51.57
CA ILE U 67 -22.55 -12.98 52.12
C ILE U 67 -23.73 -12.12 52.59
N PHE U 68 -23.49 -11.22 53.53
CA PHE U 68 -24.59 -10.52 54.19
C PHE U 68 -25.06 -9.28 53.46
N PHE U 69 -24.33 -8.80 52.46
CA PHE U 69 -24.71 -7.57 51.76
C PHE U 69 -24.85 -7.73 50.25
N LEU U 70 -24.51 -8.89 49.69
CA LEU U 70 -24.81 -9.15 48.28
C LEU U 70 -25.77 -10.32 48.10
N VAL U 71 -25.41 -11.52 48.54
CA VAL U 71 -26.18 -12.69 48.13
C VAL U 71 -27.52 -12.77 48.85
N MET U 72 -27.61 -12.30 50.08
CA MET U 72 -28.88 -12.36 50.81
C MET U 72 -29.86 -11.26 50.42
N PRO U 73 -29.44 -10.00 50.26
CA PRO U 73 -30.41 -8.98 49.81
C PRO U 73 -30.83 -9.11 48.35
N ALA U 74 -30.16 -9.93 47.55
CA ALA U 74 -30.55 -10.09 46.14
C ALA U 74 -31.38 -11.33 45.90
N LEU U 75 -30.96 -12.50 46.41
CA LEU U 75 -31.72 -13.71 46.19
C LEU U 75 -33.01 -13.73 46.99
N ILE U 76 -33.00 -13.14 48.18
CA ILE U 76 -34.13 -13.17 49.09
C ILE U 76 -34.81 -11.82 49.19
N GLY U 77 -34.04 -10.78 49.52
CA GLY U 77 -34.63 -9.46 49.61
C GLY U 77 -35.14 -8.94 48.28
N GLY U 78 -34.44 -9.26 47.20
CA GLY U 78 -34.87 -8.85 45.87
C GLY U 78 -35.88 -9.75 45.20
N PHE U 79 -35.48 -10.97 44.84
CA PHE U 79 -36.36 -11.83 44.07
C PHE U 79 -37.51 -12.35 44.92
N GLY U 80 -37.29 -12.58 46.21
CA GLY U 80 -38.37 -13.04 47.06
C GLY U 80 -39.46 -12.00 47.26
N ASN U 81 -39.08 -10.74 47.43
CA ASN U 81 -40.07 -9.71 47.65
C ASN U 81 -40.81 -9.32 46.38
N TYR U 82 -40.25 -9.59 45.22
CA TYR U 82 -40.86 -9.20 43.95
C TYR U 82 -41.70 -10.31 43.34
N LEU U 83 -41.22 -11.54 43.36
CA LEU U 83 -41.88 -12.61 42.64
C LEU U 83 -42.75 -13.49 43.51
N LEU U 84 -42.59 -13.46 44.83
CA LEU U 84 -43.42 -14.33 45.65
C LEU U 84 -44.86 -13.83 45.72
N PRO U 85 -45.12 -12.54 45.99
CA PRO U 85 -46.52 -12.09 45.94
C PRO U 85 -47.17 -12.21 44.58
N LEU U 86 -46.41 -12.07 43.49
CA LEU U 86 -47.01 -12.20 42.18
C LEU U 86 -47.29 -13.65 41.80
N MET U 87 -46.50 -14.59 42.28
CA MET U 87 -46.71 -15.98 41.92
C MET U 87 -47.86 -16.65 42.67
N ILE U 88 -48.37 -16.04 43.75
CA ILE U 88 -49.48 -16.63 44.49
C ILE U 88 -50.74 -15.79 44.43
N GLY U 89 -50.74 -14.68 43.71
CA GLY U 89 -51.90 -13.83 43.59
C GLY U 89 -52.08 -12.79 44.66
N ALA U 90 -51.10 -12.55 45.52
CA ALA U 90 -51.26 -11.61 46.62
C ALA U 90 -51.20 -10.17 46.12
N THR U 91 -52.00 -9.33 46.74
CA THR U 91 -52.04 -7.91 46.41
C THR U 91 -50.92 -7.11 47.06
N ASP U 92 -50.25 -7.67 48.06
CA ASP U 92 -49.12 -7.06 48.76
C ASP U 92 -48.47 -8.15 49.58
N THR U 93 -47.57 -7.77 50.48
CA THR U 93 -47.18 -8.65 51.56
C THR U 93 -48.05 -8.38 52.78
N ALA U 94 -48.10 -9.36 53.68
CA ALA U 94 -48.56 -9.07 55.02
C ALA U 94 -47.55 -8.16 55.69
N PHE U 95 -48.02 -7.30 56.56
CA PHE U 95 -47.12 -6.38 57.26
C PHE U 95 -46.26 -5.56 56.30
N PRO U 96 -46.83 -4.57 55.61
CA PRO U 96 -46.01 -3.76 54.68
C PRO U 96 -45.04 -2.81 55.36
N ARG U 97 -45.28 -2.38 56.60
CA ARG U 97 -44.32 -1.52 57.28
C ARG U 97 -43.15 -2.31 57.87
N ILE U 98 -43.37 -3.56 58.24
CA ILE U 98 -42.26 -4.44 58.60
C ILE U 98 -41.37 -4.68 57.39
N ASN U 99 -41.99 -4.81 56.21
CA ASN U 99 -41.24 -5.06 54.99
C ASN U 99 -40.30 -3.91 54.66
N ASN U 100 -40.60 -2.70 55.12
CA ASN U 100 -39.78 -1.54 54.82
C ASN U 100 -38.63 -1.35 55.80
N ILE U 101 -38.82 -1.69 57.08
CA ILE U 101 -37.74 -1.54 58.05
C ILE U 101 -36.67 -2.58 57.79
N ALA U 102 -37.03 -3.75 57.27
CA ALA U 102 -36.07 -4.78 56.95
C ALA U 102 -35.14 -4.41 55.81
N PHE U 103 -35.45 -3.35 55.05
CA PHE U 103 -34.47 -2.83 54.13
C PHE U 103 -33.63 -1.72 54.73
N TRP U 104 -34.25 -0.79 55.46
CA TRP U 104 -33.52 0.40 55.85
C TRP U 104 -32.52 0.17 56.98
N VAL U 105 -32.43 -1.05 57.52
CA VAL U 105 -31.39 -1.37 58.48
C VAL U 105 -30.09 -1.80 57.82
N LEU U 106 -30.11 -2.11 56.54
CA LEU U 106 -28.91 -2.56 55.85
C LEU U 106 -28.00 -1.38 55.48
N PRO U 107 -28.54 -0.25 55.00
CA PRO U 107 -27.69 0.95 54.90
C PRO U 107 -27.05 1.36 56.22
N MET U 108 -27.77 1.26 57.33
CA MET U 108 -27.16 1.61 58.61
C MET U 108 -26.16 0.57 59.07
N GLY U 109 -26.30 -0.69 58.64
CA GLY U 109 -25.30 -1.69 58.95
C GLY U 109 -24.06 -1.62 58.10
N LEU U 110 -24.12 -0.89 56.98
CA LEU U 110 -22.96 -0.67 56.14
C LEU U 110 -22.12 0.51 56.63
N VAL U 111 -22.74 1.50 57.25
CA VAL U 111 -22.01 2.65 57.78
C VAL U 111 -21.57 2.33 59.19
N CYS U 112 -21.70 1.07 59.58
CA CYS U 112 -21.12 0.53 60.80
C CYS U 112 -19.94 -0.38 60.50
N LEU U 113 -20.01 -1.16 59.43
CA LEU U 113 -18.91 -2.02 59.03
C LEU U 113 -17.80 -1.25 58.33
N VAL U 114 -18.14 -0.23 57.56
CA VAL U 114 -17.12 0.55 56.87
C VAL U 114 -16.32 1.39 57.85
N THR U 115 -17.01 2.04 58.79
CA THR U 115 -16.32 2.81 59.82
C THR U 115 -15.58 1.91 60.81
N SER U 116 -15.79 0.60 60.76
CA SER U 116 -15.02 -0.33 61.56
C SER U 116 -13.62 -0.55 61.02
N THR U 117 -13.45 -0.50 59.70
CA THR U 117 -12.14 -0.66 59.09
C THR U 117 -11.30 0.60 59.14
N LEU U 118 -11.89 1.75 59.45
CA LEU U 118 -11.18 3.02 59.46
C LEU U 118 -10.77 3.46 60.85
N VAL U 119 -11.21 2.77 61.89
CA VAL U 119 -10.98 3.16 63.26
C VAL U 119 -9.92 2.26 63.86
N GLU U 120 -8.94 2.87 64.52
CA GLU U 120 -7.79 2.18 65.08
C GLU U 120 -7.10 1.32 64.03
N SER U 121 -7.30 0.01 64.09
CA SER U 121 -6.65 -0.89 63.15
C SER U 121 -7.61 -1.83 62.42
N GLY U 122 -8.91 -1.73 62.65
CA GLY U 122 -9.85 -2.65 62.05
C GLY U 122 -9.90 -3.97 62.79
N ALA U 123 -10.70 -4.88 62.25
CA ALA U 123 -10.90 -6.21 62.82
C ALA U 123 -10.23 -7.25 61.92
N GLY U 124 -9.04 -7.68 62.32
CA GLY U 124 -8.32 -8.73 61.62
C GLY U 124 -8.50 -10.10 62.24
N THR U 125 -9.72 -10.63 62.21
CA THR U 125 -10.07 -11.80 62.99
C THR U 125 -10.58 -12.99 62.20
N GLY U 126 -10.91 -12.83 60.93
CA GLY U 126 -11.70 -13.81 60.22
C GLY U 126 -13.19 -13.57 60.41
N TRP U 127 -13.98 -14.06 59.45
CA TRP U 127 -15.42 -13.83 59.51
C TRP U 127 -16.13 -14.61 60.61
N THR U 128 -15.44 -15.55 61.26
CA THR U 128 -15.99 -16.31 62.38
C THR U 128 -15.75 -15.67 63.74
N VAL U 129 -14.76 -14.78 63.84
CA VAL U 129 -14.48 -13.92 65.00
C VAL U 129 -14.26 -14.72 66.29
N TYR U 130 -13.36 -15.70 66.25
CA TYR U 130 -13.09 -16.55 67.41
C TYR U 130 -12.45 -15.76 68.54
N PRO U 131 -12.87 -15.97 69.78
CA PRO U 131 -12.08 -15.52 70.93
C PRO U 131 -11.11 -16.61 71.37
N PRO U 132 -10.01 -16.25 72.05
CA PRO U 132 -9.66 -14.95 72.61
C PRO U 132 -8.98 -13.99 71.65
N LEU U 133 -8.77 -14.33 70.36
CA LEU U 133 -8.15 -13.37 69.46
C LEU U 133 -8.99 -12.11 69.29
N SER U 134 -10.30 -12.21 69.45
CA SER U 134 -11.20 -11.09 69.25
C SER U 134 -11.63 -10.41 70.55
N SER U 135 -10.99 -10.71 71.67
CA SER U 135 -11.28 -10.03 72.93
C SER U 135 -10.36 -8.82 73.11
N ILE U 136 -10.63 -8.04 74.15
CA ILE U 136 -9.97 -6.74 74.29
C ILE U 136 -8.48 -6.84 74.55
N GLN U 137 -7.98 -7.98 75.00
CA GLN U 137 -6.54 -8.11 75.16
C GLN U 137 -5.83 -8.21 73.80
N ALA U 138 -6.34 -9.05 72.91
CA ALA U 138 -5.74 -9.25 71.60
C ALA U 138 -6.34 -8.39 70.51
N HIS U 139 -7.42 -7.65 70.80
CA HIS U 139 -8.01 -6.69 69.85
C HIS U 139 -8.63 -5.57 70.69
N SER U 140 -7.84 -4.53 70.95
CA SER U 140 -8.28 -3.40 71.73
C SER U 140 -9.01 -2.40 70.85
N GLY U 141 -9.74 -1.49 71.50
CA GLY U 141 -10.43 -0.45 70.78
C GLY U 141 -11.77 -0.87 70.22
N PRO U 142 -12.45 0.05 69.54
CA PRO U 142 -13.86 -0.17 69.16
C PRO U 142 -14.11 -0.85 67.83
N SER U 143 -13.12 -1.49 67.21
CA SER U 143 -13.34 -2.04 65.87
C SER U 143 -14.20 -3.29 65.89
N VAL U 144 -13.96 -4.20 66.84
CA VAL U 144 -14.75 -5.42 66.90
C VAL U 144 -16.15 -5.18 67.42
N ASP U 145 -16.35 -4.12 68.21
CA ASP U 145 -17.70 -3.74 68.61
C ASP U 145 -18.54 -3.30 67.41
N LEU U 146 -17.97 -2.44 66.57
CA LEU U 146 -18.69 -1.91 65.41
C LEU U 146 -18.96 -2.98 64.37
N ALA U 147 -18.16 -4.04 64.33
CA ALA U 147 -18.46 -5.15 63.44
C ALA U 147 -19.57 -6.04 63.98
N ILE U 148 -19.66 -6.18 65.31
CA ILE U 148 -20.74 -6.95 65.91
C ILE U 148 -22.08 -6.23 65.74
N PHE U 149 -22.10 -4.90 65.93
CA PHE U 149 -23.32 -4.14 65.70
C PHE U 149 -23.78 -4.22 64.25
N ALA U 150 -22.84 -4.31 63.32
CA ALA U 150 -23.20 -4.50 61.91
C ALA U 150 -23.88 -5.85 61.71
N LEU U 151 -23.36 -6.91 62.35
CA LEU U 151 -23.97 -8.22 62.23
C LEU U 151 -25.33 -8.28 62.92
N HIS U 152 -25.50 -7.54 64.01
CA HIS U 152 -26.80 -7.46 64.67
C HIS U 152 -27.85 -6.85 63.76
N LEU U 153 -27.47 -5.84 62.97
CA LEU U 153 -28.43 -5.15 62.10
C LEU U 153 -28.81 -5.99 60.89
N THR U 154 -27.94 -6.87 60.43
CA THR U 154 -28.34 -7.79 59.37
C THR U 154 -29.21 -8.92 59.87
N SER U 155 -29.14 -9.25 61.17
CA SER U 155 -29.99 -10.28 61.75
C SER U 155 -31.41 -9.77 61.97
N ILE U 156 -31.55 -8.52 62.38
CA ILE U 156 -32.87 -7.90 62.45
C ILE U 156 -33.52 -7.88 61.08
N SER U 157 -32.72 -7.62 60.05
CA SER U 157 -33.24 -7.55 58.69
C SER U 157 -33.77 -8.92 58.24
N SER U 158 -32.94 -9.95 58.36
CA SER U 158 -33.33 -11.25 57.84
C SER U 158 -34.44 -11.90 58.67
N LEU U 159 -34.46 -11.66 59.97
CA LEU U 159 -35.50 -12.24 60.81
C LEU U 159 -36.86 -11.60 60.53
N LEU U 160 -36.91 -10.27 60.47
CA LEU U 160 -38.17 -9.59 60.22
C LEU U 160 -38.73 -9.94 58.85
N GLY U 161 -37.87 -10.02 57.84
CA GLY U 161 -38.30 -10.44 56.53
C GLY U 161 -38.78 -11.86 56.48
N ALA U 162 -38.21 -12.75 57.29
CA ALA U 162 -38.63 -14.15 57.28
C ALA U 162 -40.02 -14.30 57.88
N ILE U 163 -40.33 -13.55 58.94
CA ILE U 163 -41.66 -13.60 59.55
C ILE U 163 -42.71 -13.15 58.54
N ASN U 164 -42.37 -12.14 57.75
CA ASN U 164 -43.26 -11.64 56.72
C ASN U 164 -43.46 -12.65 55.58
N PHE U 165 -42.39 -13.34 55.18
CA PHE U 165 -42.51 -14.33 54.11
C PHE U 165 -43.38 -15.51 54.53
N ILE U 166 -43.30 -15.91 55.80
CA ILE U 166 -44.04 -17.09 56.27
C ILE U 166 -45.55 -16.79 56.34
N VAL U 167 -45.92 -15.62 56.85
CA VAL U 167 -47.34 -15.30 56.98
C VAL U 167 -47.98 -15.12 55.61
N THR U 168 -47.28 -14.46 54.69
CA THR U 168 -47.84 -14.20 53.37
C THR U 168 -48.14 -15.48 52.61
N THR U 169 -47.24 -16.47 52.68
CA THR U 169 -47.47 -17.70 51.95
C THR U 169 -48.64 -18.49 52.52
N LEU U 170 -48.78 -18.52 53.84
CA LEU U 170 -49.82 -19.32 54.47
C LEU U 170 -51.19 -18.67 54.43
N ASN U 171 -51.28 -17.35 54.29
CA ASN U 171 -52.54 -16.65 54.49
C ASN U 171 -53.13 -16.01 53.24
N MET U 172 -52.32 -15.69 52.22
CA MET U 172 -52.77 -14.83 51.14
C MET U 172 -52.70 -15.49 49.77
N ARG U 173 -52.92 -16.80 49.70
CA ARG U 173 -52.97 -17.44 48.39
C ARG U 173 -54.32 -17.17 47.72
N THR U 174 -54.34 -17.30 46.39
CA THR U 174 -55.50 -16.95 45.59
C THR U 174 -56.42 -18.17 45.41
N ASN U 175 -57.60 -17.92 44.85
CA ASN U 175 -58.68 -18.90 44.77
C ASN U 175 -58.32 -20.18 44.04
N GLY U 176 -58.32 -21.30 44.75
CA GLY U 176 -58.03 -22.60 44.19
C GLY U 176 -56.62 -23.09 44.42
N MET U 177 -55.68 -22.21 44.74
CA MET U 177 -54.29 -22.59 44.94
C MET U 177 -54.10 -23.16 46.34
N THR U 178 -53.79 -24.46 46.42
CA THR U 178 -53.47 -25.11 47.68
C THR U 178 -51.96 -25.33 47.79
N MET U 179 -51.51 -25.72 48.99
CA MET U 179 -50.08 -25.83 49.24
C MET U 179 -49.41 -26.87 48.34
N HIS U 180 -50.16 -27.78 47.75
CA HIS U 180 -49.60 -28.70 46.79
C HIS U 180 -49.49 -28.11 45.40
N LYS U 181 -50.04 -26.91 45.17
CA LYS U 181 -50.07 -26.28 43.87
C LYS U 181 -49.12 -25.10 43.77
N LEU U 182 -48.28 -24.87 44.77
CA LEU U 182 -47.38 -23.74 44.73
C LEU U 182 -46.29 -23.95 43.68
N PRO U 183 -45.85 -22.88 43.01
CA PRO U 183 -44.64 -22.97 42.19
C PRO U 183 -43.42 -23.29 43.03
N LEU U 184 -42.44 -23.97 42.42
CA LEU U 184 -41.28 -24.46 43.16
C LEU U 184 -40.41 -23.32 43.72
N PHE U 185 -40.43 -22.14 43.09
CA PHE U 185 -39.68 -21.03 43.65
C PHE U 185 -40.34 -20.50 44.91
N VAL U 186 -41.67 -20.57 45.01
CA VAL U 186 -42.35 -20.15 46.22
C VAL U 186 -42.02 -21.08 47.38
N TRP U 187 -41.89 -22.38 47.09
CA TRP U 187 -41.49 -23.34 48.12
C TRP U 187 -40.09 -23.07 48.64
N SER U 188 -39.20 -22.55 47.80
CA SER U 188 -37.81 -22.36 48.18
C SER U 188 -37.60 -21.16 49.08
N ILE U 189 -38.47 -20.15 48.98
CA ILE U 189 -38.41 -19.01 49.89
C ILE U 189 -39.13 -19.31 51.18
N PHE U 190 -40.10 -20.22 51.13
CA PHE U 190 -40.86 -20.58 52.33
C PHE U 190 -40.03 -21.44 53.27
N ILE U 191 -39.30 -22.41 52.73
CA ILE U 191 -38.46 -23.28 53.56
C ILE U 191 -37.26 -22.51 54.09
N THR U 192 -36.66 -21.65 53.26
CA THR U 192 -35.56 -20.81 53.72
C THR U 192 -35.99 -19.90 54.86
N ALA U 193 -37.23 -19.41 54.84
CA ALA U 193 -37.68 -18.52 55.90
C ALA U 193 -37.76 -19.23 57.25
N PHE U 194 -37.98 -20.54 57.25
CA PHE U 194 -38.00 -21.29 58.50
C PHE U 194 -36.60 -21.55 59.04
N LEU U 195 -35.62 -21.85 58.23
CA LEU U 195 -34.23 -22.00 58.69
C LEU U 195 -33.74 -20.70 59.31
N LEU U 196 -34.03 -19.55 58.73
CA LEU U 196 -33.60 -18.30 59.33
C LEU U 196 -34.25 -18.09 60.69
N LEU U 197 -35.51 -18.49 60.84
CA LEU U 197 -36.22 -18.23 62.08
C LEU U 197 -35.69 -19.06 63.26
N LEU U 198 -35.10 -20.22 62.98
CA LEU U 198 -34.63 -21.12 64.03
C LEU U 198 -33.11 -21.11 64.23
N SER U 199 -32.36 -20.37 63.42
CA SER U 199 -30.91 -20.34 63.57
C SER U 199 -30.37 -18.97 63.93
N LEU U 200 -30.98 -17.90 63.46
CA LEU U 200 -30.52 -16.56 63.81
C LEU U 200 -30.51 -16.26 65.30
N PRO U 201 -31.50 -16.68 66.11
CA PRO U 201 -31.45 -16.35 67.55
C PRO U 201 -30.30 -17.01 68.30
N VAL U 202 -29.76 -18.12 67.83
CA VAL U 202 -28.59 -18.71 68.48
C VAL U 202 -27.32 -17.92 68.16
N LEU U 203 -27.20 -17.32 66.98
CA LEU U 203 -26.06 -16.47 66.68
C LEU U 203 -26.10 -15.17 67.47
N SER U 204 -27.29 -14.62 67.70
CA SER U 204 -27.40 -13.40 68.49
C SER U 204 -27.06 -13.62 69.95
N ALA U 205 -27.19 -14.85 70.45
CA ALA U 205 -26.71 -15.15 71.78
C ALA U 205 -25.18 -15.21 71.83
N GLY U 206 -24.57 -15.81 70.81
CA GLY U 206 -23.12 -15.98 70.82
C GLY U 206 -22.37 -14.66 70.71
N ILE U 207 -22.78 -13.78 69.80
CA ILE U 207 -22.01 -12.56 69.59
C ILE U 207 -22.38 -11.45 70.55
N THR U 208 -23.55 -11.52 71.20
CA THR U 208 -23.82 -10.60 72.30
C THR U 208 -23.03 -10.99 73.54
N MET U 209 -22.82 -12.28 73.76
CA MET U 209 -21.98 -12.73 74.85
C MET U 209 -20.52 -12.38 74.61
N LEU U 210 -20.09 -12.34 73.35
CA LEU U 210 -18.73 -11.88 73.05
C LEU U 210 -18.58 -10.39 73.31
N LEU U 211 -19.64 -9.62 73.06
CA LEU U 211 -19.60 -8.19 73.37
C LEU U 211 -19.53 -7.95 74.88
N LEU U 212 -20.08 -8.86 75.67
CA LEU U 212 -20.11 -8.69 77.12
C LEU U 212 -18.74 -8.97 77.74
N ASP U 213 -18.01 -9.95 77.20
CA ASP U 213 -16.65 -10.21 77.66
C ASP U 213 -15.75 -9.00 77.41
N ARG U 214 -15.95 -8.32 76.28
CA ARG U 214 -15.05 -7.25 75.92
C ARG U 214 -15.27 -6.01 76.77
N ASN U 215 -16.51 -5.72 77.14
CA ASN U 215 -16.82 -4.43 77.74
C ASN U 215 -17.45 -4.49 79.13
N PHE U 216 -17.89 -5.64 79.61
CA PHE U 216 -18.64 -5.69 80.86
C PHE U 216 -18.07 -6.69 81.85
N ASN U 217 -16.84 -7.16 81.63
CA ASN U 217 -16.10 -7.97 82.61
C ASN U 217 -16.79 -9.29 82.91
N THR U 218 -16.92 -10.10 81.88
CA THR U 218 -17.72 -11.31 81.88
C THR U 218 -16.86 -12.46 81.35
N SER U 219 -17.17 -13.68 81.74
CA SER U 219 -16.31 -14.82 81.46
C SER U 219 -17.06 -15.98 80.80
N PHE U 220 -17.82 -15.69 79.75
CA PHE U 220 -18.39 -16.77 78.95
C PHE U 220 -17.30 -17.57 78.26
N PHE U 221 -16.29 -16.87 77.73
CA PHE U 221 -15.24 -17.50 76.95
C PHE U 221 -13.84 -17.22 77.46
N GLU U 222 -13.68 -16.39 78.50
CA GLU U 222 -12.37 -16.08 79.05
C GLU U 222 -11.88 -17.22 79.92
N VAL U 223 -10.62 -17.62 79.72
CA VAL U 223 -10.10 -18.80 80.40
C VAL U 223 -9.68 -18.54 81.83
N SER U 224 -9.45 -17.28 82.21
CA SER U 224 -9.07 -16.97 83.57
C SER U 224 -10.24 -16.92 84.53
N GLY U 225 -11.47 -16.88 84.03
CA GLY U 225 -12.64 -16.85 84.88
C GLY U 225 -13.40 -18.15 84.87
N GLY U 226 -12.91 -19.12 84.12
CA GLY U 226 -13.55 -20.41 83.98
C GLY U 226 -14.19 -20.64 82.63
N GLY U 227 -14.33 -19.61 81.82
CA GLY U 227 -15.00 -19.75 80.54
C GLY U 227 -14.20 -20.58 79.56
N ASP U 228 -14.83 -20.83 78.41
CA ASP U 228 -14.31 -21.77 77.43
C ASP U 228 -14.44 -21.23 76.01
N PRO U 229 -13.34 -21.07 75.28
CA PRO U 229 -13.44 -20.65 73.87
C PRO U 229 -14.21 -21.63 73.00
N ILE U 230 -14.22 -22.93 73.33
CA ILE U 230 -14.89 -23.91 72.48
C ILE U 230 -16.41 -23.80 72.57
N LEU U 231 -16.94 -23.15 73.59
CA LEU U 231 -18.36 -22.85 73.63
C LEU U 231 -18.76 -21.90 72.50
N TYR U 232 -17.95 -20.87 72.22
CA TYR U 232 -18.29 -19.93 71.16
C TYR U 232 -18.42 -20.62 69.82
N GLU U 233 -17.55 -21.59 69.54
CA GLU U 233 -17.58 -22.25 68.25
C GLU U 233 -18.82 -23.11 68.08
N HIS U 234 -19.28 -23.75 69.15
CA HIS U 234 -20.54 -24.48 69.09
C HIS U 234 -21.70 -23.54 68.78
N LEU U 235 -21.72 -22.37 69.42
CA LEU U 235 -22.79 -21.42 69.20
C LEU U 235 -22.71 -20.76 67.83
N PHE U 236 -21.50 -20.51 67.33
CA PHE U 236 -21.37 -19.87 66.02
C PHE U 236 -21.72 -20.84 64.90
N TRP U 237 -21.29 -22.08 64.98
CA TRP U 237 -21.46 -23.05 63.88
C TRP U 237 -22.85 -23.65 63.86
N PHE U 238 -23.56 -23.57 64.98
CA PHE U 238 -24.96 -23.98 64.98
C PHE U 238 -25.81 -23.06 64.13
N PHE U 239 -25.41 -21.80 63.87
CA PHE U 239 -26.00 -20.89 62.85
C PHE U 239 -25.31 -21.03 61.48
N GLY U 240 -23.98 -21.18 61.47
CA GLY U 240 -23.20 -21.22 60.21
C GLY U 240 -23.71 -22.19 59.17
N HIS U 241 -23.71 -23.49 59.45
CA HIS U 241 -24.09 -24.46 58.38
C HIS U 241 -25.50 -24.13 57.85
N PRO U 242 -26.53 -23.98 58.71
CA PRO U 242 -27.87 -23.64 58.22
C PRO U 242 -27.79 -22.43 57.27
N GLU U 243 -26.80 -21.55 57.50
CA GLU U 243 -26.65 -20.34 56.65
C GLU U 243 -26.27 -20.74 55.22
N VAL U 244 -25.34 -21.68 55.05
CA VAL U 244 -24.87 -22.06 53.68
C VAL U 244 -26.06 -22.59 52.87
N TYR U 245 -27.04 -23.19 53.55
CA TYR U 245 -28.24 -23.76 52.88
C TYR U 245 -29.24 -22.64 52.70
N ILE U 246 -29.24 -21.64 53.57
CA ILE U 246 -30.06 -20.42 53.40
C ILE U 246 -29.56 -19.68 52.16
N LEU U 247 -28.39 -20.02 51.64
CA LEU U 247 -27.78 -19.35 50.48
C LEU U 247 -27.92 -20.17 49.19
N ILE U 248 -28.17 -21.46 49.21
CA ILE U 248 -28.26 -22.32 47.99
C ILE U 248 -29.69 -22.68 47.56
N ILE U 249 -30.65 -22.75 48.45
CA ILE U 249 -32.02 -23.29 48.21
C ILE U 249 -32.83 -22.30 47.38
N PRO U 250 -32.74 -21.00 47.62
CA PRO U 250 -33.43 -20.10 46.76
C PRO U 250 -32.86 -20.29 45.33
N GLY U 251 -31.57 -20.53 45.17
CA GLY U 251 -31.01 -20.84 43.88
C GLY U 251 -31.46 -22.17 43.33
N PHE U 252 -31.83 -23.12 44.18
CA PHE U 252 -32.41 -24.37 43.72
C PHE U 252 -33.76 -24.14 43.05
N GLY U 253 -34.56 -23.21 43.58
CA GLY U 253 -35.85 -22.91 43.00
C GLY U 253 -35.78 -22.08 41.73
N ILE U 254 -34.78 -21.21 41.61
CA ILE U 254 -34.55 -20.51 40.36
C ILE U 254 -34.17 -21.49 39.26
N ILE U 255 -33.25 -22.41 39.56
CA ILE U 255 -32.79 -23.36 38.55
C ILE U 255 -33.94 -24.20 38.03
N SER U 256 -34.92 -24.48 38.88
CA SER U 256 -36.06 -25.29 38.45
C SER U 256 -36.90 -24.58 37.40
N HIS U 257 -37.12 -23.28 37.55
CA HIS U 257 -37.93 -22.56 36.60
C HIS U 257 -37.22 -22.41 35.26
N VAL U 258 -35.94 -22.05 35.28
CA VAL U 258 -35.19 -21.81 34.05
C VAL U 258 -35.07 -23.08 33.23
N VAL U 259 -34.75 -24.19 33.87
CA VAL U 259 -34.53 -25.44 33.15
C VAL U 259 -35.83 -25.94 32.51
N SER U 260 -36.96 -25.74 33.19
CA SER U 260 -38.24 -26.18 32.64
C SER U 260 -38.67 -25.29 31.48
N THR U 261 -38.41 -23.99 31.54
CA THR U 261 -38.84 -23.10 30.47
C THR U 261 -38.09 -23.38 29.17
N TYR U 262 -36.78 -23.55 29.24
CA TYR U 262 -35.97 -23.74 28.04
C TYR U 262 -35.83 -25.20 27.64
N SER U 263 -36.62 -26.09 28.23
CA SER U 263 -36.78 -27.45 27.73
C SER U 263 -38.15 -27.71 27.13
N LYS U 264 -39.12 -26.85 27.43
CA LYS U 264 -40.53 -27.07 27.10
C LYS U 264 -41.07 -28.34 27.75
N LYS U 265 -40.55 -28.70 28.93
CA LYS U 265 -41.03 -29.83 29.70
C LYS U 265 -41.23 -29.45 31.15
N PRO U 266 -42.24 -30.01 31.80
CA PRO U 266 -42.38 -29.79 33.25
C PRO U 266 -41.29 -30.50 34.03
N VAL U 267 -41.02 -29.99 35.23
CA VAL U 267 -39.99 -30.57 36.08
C VAL U 267 -40.33 -32.01 36.41
N PHE U 268 -39.37 -32.90 36.20
CA PHE U 268 -39.55 -34.33 36.46
C PHE U 268 -39.69 -34.59 37.94
N GLY U 269 -40.74 -35.33 38.31
CA GLY U 269 -41.00 -35.62 39.71
C GLY U 269 -41.10 -34.37 40.56
N GLU U 270 -42.08 -33.52 40.29
CA GLU U 270 -42.15 -32.23 40.96
C GLU U 270 -42.44 -32.38 42.45
N ILE U 271 -43.17 -33.43 42.85
CA ILE U 271 -43.52 -33.54 44.27
C ILE U 271 -42.32 -34.00 45.09
N SER U 272 -41.47 -34.86 44.55
CA SER U 272 -40.28 -35.28 45.27
C SER U 272 -39.22 -34.20 45.34
N MET U 273 -39.37 -33.10 44.60
CA MET U 273 -38.46 -31.97 44.73
C MET U 273 -38.72 -31.18 46.01
N VAL U 274 -39.98 -31.05 46.41
CA VAL U 274 -40.30 -30.36 47.66
C VAL U 274 -39.87 -31.21 48.85
N TYR U 275 -40.05 -32.52 48.78
CA TYR U 275 -39.62 -33.40 49.86
C TYR U 275 -38.11 -33.37 50.02
N ALA U 276 -37.36 -33.24 48.93
CA ALA U 276 -35.91 -33.17 49.05
C ALA U 276 -35.47 -31.84 49.64
N MET U 277 -36.12 -30.75 49.25
CA MET U 277 -35.75 -29.45 49.80
C MET U 277 -36.04 -29.37 51.30
N ALA U 278 -37.05 -30.09 51.77
CA ALA U 278 -37.36 -30.13 53.19
C ALA U 278 -36.40 -31.02 53.96
N SER U 279 -36.01 -32.16 53.38
CA SER U 279 -35.04 -33.03 54.02
C SER U 279 -33.68 -32.37 54.14
N ILE U 280 -33.23 -31.63 53.14
CA ILE U 280 -31.95 -30.90 53.24
C ILE U 280 -32.04 -29.77 54.26
N GLY U 281 -33.18 -29.13 54.40
CA GLY U 281 -33.31 -28.09 55.40
C GLY U 281 -33.41 -28.61 56.81
N LEU U 282 -33.75 -29.88 56.99
CA LEU U 282 -33.83 -30.49 58.32
C LEU U 282 -32.50 -31.11 58.73
N LEU U 283 -31.86 -31.83 57.82
CA LEU U 283 -30.55 -32.40 58.08
C LEU U 283 -29.46 -31.35 58.21
N GLY U 284 -29.72 -30.09 57.95
CA GLY U 284 -28.74 -29.01 58.06
C GLY U 284 -28.69 -28.46 59.45
N PHE U 285 -29.48 -29.02 60.36
CA PHE U 285 -29.37 -28.67 61.76
C PHE U 285 -28.69 -29.74 62.59
N LEU U 286 -28.26 -30.85 61.99
CA LEU U 286 -27.69 -31.97 62.72
C LEU U 286 -26.25 -32.28 62.31
N VAL U 287 -25.51 -31.32 61.82
CA VAL U 287 -24.21 -31.71 61.22
C VAL U 287 -23.16 -30.66 61.55
N TRP U 288 -23.39 -29.73 62.43
CA TRP U 288 -22.58 -28.52 62.48
C TRP U 288 -21.13 -28.78 62.92
N SER U 289 -20.87 -29.83 63.68
CA SER U 289 -19.52 -29.98 64.20
C SER U 289 -18.60 -30.74 63.25
N HIS U 290 -18.68 -30.52 61.95
CA HIS U 290 -17.74 -31.07 60.95
C HIS U 290 -16.78 -29.91 60.71
N HIS U 291 -17.02 -28.86 61.42
CA HIS U 291 -16.26 -27.61 61.33
C HIS U 291 -15.40 -27.55 62.57
N MET U 292 -15.45 -28.60 63.39
CA MET U 292 -14.69 -28.68 64.63
C MET U 292 -14.06 -30.06 64.81
N TYR U 293 -13.59 -30.67 63.73
CA TYR U 293 -13.16 -32.05 63.77
C TYR U 293 -11.83 -32.26 64.48
N ILE U 294 -11.05 -31.19 64.69
CA ILE U 294 -9.70 -31.31 65.21
C ILE U 294 -9.50 -30.54 66.51
N VAL U 295 -10.58 -30.07 67.13
CA VAL U 295 -10.46 -29.30 68.37
C VAL U 295 -10.43 -30.17 69.61
N GLY U 296 -10.50 -31.48 69.47
CA GLY U 296 -10.39 -32.38 70.59
C GLY U 296 -11.65 -33.04 71.06
N LEU U 297 -12.68 -33.16 70.22
CA LEU U 297 -13.90 -33.84 70.59
C LEU U 297 -13.66 -35.34 70.67
N ASP U 298 -14.61 -36.04 71.28
CA ASP U 298 -14.50 -37.47 71.49
C ASP U 298 -14.60 -38.23 70.17
N ALA U 299 -14.09 -39.46 70.18
CA ALA U 299 -14.09 -40.25 68.96
C ALA U 299 -15.48 -40.74 68.60
N ASP U 300 -16.36 -40.93 69.58
CA ASP U 300 -17.73 -41.32 69.30
C ASP U 300 -18.59 -40.14 68.88
N THR U 301 -18.25 -38.93 69.33
CA THR U 301 -18.87 -37.73 68.77
C THR U 301 -18.52 -37.56 67.31
N ARG U 302 -17.27 -37.83 66.94
CA ARG U 302 -16.82 -37.60 65.57
C ARG U 302 -17.37 -38.64 64.61
N ALA U 303 -17.63 -39.86 65.10
CA ALA U 303 -18.20 -40.89 64.23
C ALA U 303 -19.67 -40.64 63.95
N TYR U 304 -20.39 -39.97 64.87
CA TYR U 304 -21.76 -39.61 64.58
C TYR U 304 -21.82 -38.54 63.50
N PHE U 305 -21.02 -37.47 63.65
CA PHE U 305 -21.07 -36.36 62.73
C PHE U 305 -20.60 -36.73 61.34
N THR U 306 -19.78 -37.78 61.21
CA THR U 306 -19.39 -38.26 59.89
C THR U 306 -20.60 -38.79 59.13
N SER U 307 -21.35 -39.69 59.75
CA SER U 307 -22.49 -40.31 59.09
C SER U 307 -23.64 -39.34 58.90
N ALA U 308 -23.80 -38.38 59.80
CA ALA U 308 -24.85 -37.38 59.62
C ALA U 308 -24.54 -36.47 58.44
N THR U 309 -23.27 -36.11 58.24
CA THR U 309 -22.90 -35.22 57.14
C THR U 309 -23.04 -35.93 55.80
N MET U 310 -22.71 -37.22 55.75
CA MET U 310 -22.74 -37.94 54.49
C MET U 310 -24.16 -38.08 53.94
N ILE U 311 -25.14 -38.33 54.81
CA ILE U 311 -26.48 -38.64 54.32
C ILE U 311 -27.21 -37.44 53.73
N ILE U 312 -26.72 -36.21 53.84
CA ILE U 312 -27.30 -35.04 53.10
C ILE U 312 -26.92 -35.17 51.63
N ALA U 313 -26.00 -36.05 51.24
CA ALA U 313 -25.71 -36.26 49.82
C ALA U 313 -26.82 -37.02 49.11
N ILE U 314 -27.69 -37.73 49.82
CA ILE U 314 -28.75 -38.50 49.16
C ILE U 314 -29.86 -37.58 48.67
N PRO U 315 -30.48 -36.73 49.51
CA PRO U 315 -31.50 -35.81 48.95
C PRO U 315 -30.97 -34.83 47.92
N THR U 316 -29.73 -34.36 48.05
CA THR U 316 -29.19 -33.43 47.08
C THR U 316 -28.96 -34.11 45.73
N GLY U 317 -28.56 -35.37 45.74
CA GLY U 317 -28.37 -36.09 44.51
C GLY U 317 -29.66 -36.44 43.81
N ILE U 318 -30.77 -36.50 44.55
CA ILE U 318 -32.09 -36.65 43.93
C ILE U 318 -32.43 -35.42 43.12
N LYS U 319 -32.09 -34.23 43.62
CA LYS U 319 -32.35 -33.01 42.86
C LYS U 319 -31.45 -32.90 41.64
N ILE U 320 -30.25 -33.46 41.68
CA ILE U 320 -29.37 -33.41 40.53
C ILE U 320 -29.88 -34.33 39.42
N PHE U 321 -30.25 -35.56 39.76
CA PHE U 321 -30.77 -36.47 38.76
C PHE U 321 -32.13 -36.04 38.24
N SER U 322 -32.93 -35.38 39.08
CA SER U 322 -34.23 -34.90 38.64
C SER U 322 -34.10 -33.83 37.57
N TRP U 323 -33.13 -32.92 37.73
CA TRP U 323 -32.91 -31.86 36.76
C TRP U 323 -32.41 -32.40 35.42
N LEU U 324 -31.59 -33.45 35.45
CA LEU U 324 -31.14 -34.08 34.21
C LEU U 324 -32.25 -34.86 33.53
N ALA U 325 -33.29 -35.25 34.28
CA ALA U 325 -34.39 -36.00 33.70
C ALA U 325 -35.39 -35.11 32.98
N THR U 326 -35.51 -33.84 33.38
CA THR U 326 -36.41 -32.95 32.67
C THR U 326 -35.80 -32.45 31.37
N ILE U 327 -34.48 -32.25 31.30
CA ILE U 327 -33.91 -31.82 30.03
C ILE U 327 -33.74 -32.98 29.05
N HIS U 328 -33.73 -34.22 29.52
CA HIS U 328 -33.68 -35.35 28.62
C HIS U 328 -34.99 -35.43 27.84
N GLY U 329 -34.90 -35.61 26.53
CA GLY U 329 -36.06 -35.62 25.68
C GLY U 329 -36.76 -34.30 25.51
N GLY U 330 -36.04 -33.19 25.64
CA GLY U 330 -36.63 -31.88 25.55
C GLY U 330 -36.47 -31.23 24.19
N SER U 331 -36.74 -29.93 24.16
CA SER U 331 -36.51 -29.08 22.99
C SER U 331 -35.76 -27.86 23.51
N ILE U 332 -34.44 -27.97 23.56
CA ILE U 332 -33.61 -27.05 24.33
C ILE U 332 -33.37 -25.77 23.54
N ARG U 333 -33.50 -24.64 24.23
CA ARG U 333 -33.33 -23.31 23.66
C ARG U 333 -32.19 -22.63 24.40
N LEU U 334 -31.07 -22.40 23.72
CA LEU U 334 -29.84 -21.98 24.39
C LEU U 334 -29.74 -20.46 24.47
N ALA U 335 -30.67 -19.85 25.18
CA ALA U 335 -30.55 -18.45 25.52
C ALA U 335 -29.58 -18.29 26.69
N THR U 336 -29.31 -17.05 27.07
CA THR U 336 -28.33 -16.80 28.14
C THR U 336 -28.71 -17.43 29.48
N PRO U 337 -29.95 -17.34 29.97
CA PRO U 337 -30.26 -18.02 31.23
C PRO U 337 -30.02 -19.51 31.19
N MET U 338 -30.21 -20.16 30.04
CA MET U 338 -30.00 -21.59 29.97
C MET U 338 -28.52 -21.96 30.05
N LEU U 339 -27.63 -21.08 29.61
CA LEU U 339 -26.19 -21.36 29.69
C LEU U 339 -25.72 -21.46 31.14
N TYR U 340 -26.17 -20.53 31.99
CA TYR U 340 -25.78 -20.55 33.40
C TYR U 340 -26.32 -21.78 34.11
N ALA U 341 -27.53 -22.21 33.77
CA ALA U 341 -28.14 -23.35 34.44
C ALA U 341 -27.42 -24.65 34.11
N ILE U 342 -26.92 -24.80 32.88
CA ILE U 342 -26.16 -25.98 32.51
C ILE U 342 -24.77 -25.96 33.13
N ALA U 343 -24.18 -24.78 33.30
CA ALA U 343 -22.91 -24.69 34.01
C ALA U 343 -23.09 -24.92 35.51
N PHE U 344 -24.23 -24.53 36.06
CA PHE U 344 -24.52 -24.82 37.47
C PHE U 344 -24.54 -26.32 37.74
N LEU U 345 -25.16 -27.10 36.85
CA LEU U 345 -25.23 -28.54 37.09
C LEU U 345 -23.87 -29.19 37.08
N PHE U 346 -22.92 -28.66 36.33
CA PHE U 346 -21.58 -29.23 36.25
C PHE U 346 -20.66 -28.71 37.33
N LEU U 347 -20.71 -27.42 37.64
CA LEU U 347 -19.81 -26.85 38.65
C LEU U 347 -20.31 -27.03 40.07
N PHE U 348 -21.61 -27.19 40.29
CA PHE U 348 -22.09 -27.49 41.64
C PHE U 348 -21.78 -28.94 42.02
N THR U 349 -21.86 -29.86 41.07
CA THR U 349 -21.53 -31.25 41.35
C THR U 349 -20.08 -31.40 41.79
N MET U 350 -19.17 -30.68 41.13
CA MET U 350 -17.76 -30.76 41.51
C MET U 350 -17.52 -30.24 42.92
N GLY U 351 -18.10 -29.08 43.24
CA GLY U 351 -17.92 -28.54 44.58
C GLY U 351 -18.53 -29.41 45.66
N GLY U 352 -19.64 -30.08 45.35
CA GLY U 352 -20.26 -30.96 46.31
C GLY U 352 -19.55 -32.29 46.50
N LEU U 353 -18.80 -32.74 45.50
CA LEU U 353 -18.05 -33.98 45.65
C LEU U 353 -16.77 -33.80 46.47
N THR U 354 -16.18 -32.60 46.46
CA THR U 354 -15.07 -32.34 47.37
C THR U 354 -15.56 -32.16 48.80
N GLY U 355 -16.84 -31.89 49.00
CA GLY U 355 -17.39 -31.88 50.35
C GLY U 355 -17.57 -33.27 50.93
N VAL U 356 -17.79 -34.28 50.09
CA VAL U 356 -17.97 -35.64 50.58
C VAL U 356 -16.66 -36.17 51.16
N ALA U 357 -15.53 -35.82 50.56
CA ALA U 357 -14.25 -36.16 51.14
C ALA U 357 -14.04 -35.47 52.48
N LEU U 358 -14.44 -34.20 52.59
CA LEU U 358 -14.27 -33.46 53.83
C LEU U 358 -15.17 -33.98 54.94
N ALA U 359 -16.20 -34.76 54.60
CA ALA U 359 -17.19 -35.19 55.58
C ALA U 359 -16.65 -36.24 56.52
N ASN U 360 -15.62 -36.98 56.10
CA ASN U 360 -15.01 -37.99 56.95
C ASN U 360 -14.01 -37.34 57.89
N ALA U 361 -14.11 -37.63 59.18
CA ALA U 361 -13.27 -36.99 60.18
C ALA U 361 -11.82 -37.46 60.09
N SER U 362 -11.60 -38.69 59.63
CA SER U 362 -10.24 -39.21 59.52
C SER U 362 -9.44 -38.46 58.45
N LEU U 363 -10.08 -38.13 57.33
CA LEU U 363 -9.44 -37.45 56.22
C LEU U 363 -9.32 -35.95 56.44
N ASP U 364 -10.15 -35.37 57.29
CA ASP U 364 -10.13 -33.93 57.55
C ASP U 364 -8.90 -33.50 58.33
N VAL U 365 -8.10 -34.45 58.84
CA VAL U 365 -6.83 -34.11 59.48
C VAL U 365 -5.87 -33.50 58.47
N ALA U 366 -5.96 -33.95 57.22
CA ALA U 366 -5.11 -33.40 56.14
C ALA U 366 -5.87 -32.29 55.42
N PHE U 367 -7.06 -31.93 55.91
CA PHE U 367 -7.89 -30.90 55.24
C PHE U 367 -8.45 -29.91 56.27
N HIS U 368 -7.57 -29.25 57.03
CA HIS U 368 -8.02 -28.22 58.01
C HIS U 368 -7.24 -26.93 57.77
N ASP U 369 -7.96 -25.82 57.55
CA ASP U 369 -7.31 -24.52 57.25
C ASP U 369 -6.45 -24.69 55.99
N THR U 370 -6.75 -25.69 55.17
CA THR U 370 -5.99 -25.93 53.91
C THR U 370 -6.71 -25.25 52.75
N TYR U 371 -5.97 -24.66 51.81
CA TYR U 371 -6.60 -24.03 50.63
C TYR U 371 -7.61 -25.01 50.01
N TYR U 372 -7.44 -26.30 50.26
CA TYR U 372 -8.36 -27.29 49.71
C TYR U 372 -9.79 -27.00 50.15
N VAL U 373 -9.97 -26.53 51.38
CA VAL U 373 -11.29 -26.12 51.85
C VAL U 373 -11.76 -24.87 51.12
N VAL U 374 -10.86 -23.91 50.91
CA VAL U 374 -11.21 -22.69 50.17
C VAL U 374 -11.67 -23.03 48.76
N GLY U 375 -11.04 -24.04 48.15
CA GLY U 375 -11.49 -24.51 46.85
C GLY U 375 -12.87 -25.13 46.86
N HIS U 376 -13.23 -25.81 47.96
CA HIS U 376 -14.56 -26.43 48.04
C HIS U 376 -15.66 -25.38 48.05
N PHE U 377 -15.54 -24.36 48.89
CA PHE U 377 -16.67 -23.45 49.09
C PHE U 377 -16.68 -22.26 48.14
N HIS U 378 -15.74 -22.16 47.23
CA HIS U 378 -15.88 -21.20 46.14
C HIS U 378 -16.45 -21.83 44.90
N TYR U 379 -16.45 -23.16 44.82
CA TYR U 379 -17.15 -23.88 43.76
C TYR U 379 -18.65 -23.92 43.98
N VAL U 380 -19.11 -23.95 45.24
CA VAL U 380 -20.54 -24.01 45.52
C VAL U 380 -21.14 -22.65 45.84
N LEU U 381 -20.31 -21.65 46.12
CA LEU U 381 -20.81 -20.31 46.39
C LEU U 381 -20.59 -19.33 45.25
N SER U 382 -19.55 -19.51 44.44
CA SER U 382 -19.23 -18.55 43.39
C SER U 382 -19.47 -19.10 41.99
N MET U 383 -19.39 -20.41 41.80
CA MET U 383 -19.91 -21.05 40.60
C MET U 383 -21.25 -21.73 40.87
N GLY U 384 -21.81 -21.51 42.05
CA GLY U 384 -23.08 -22.03 42.47
C GLY U 384 -24.09 -20.93 42.65
N ALA U 385 -24.20 -20.43 43.87
CA ALA U 385 -25.16 -19.36 44.16
C ALA U 385 -24.98 -18.14 43.25
N ILE U 386 -23.76 -17.81 42.87
CA ILE U 386 -23.56 -16.63 42.01
C ILE U 386 -24.08 -16.91 40.60
N PHE U 387 -23.84 -18.11 40.08
CA PHE U 387 -24.33 -18.45 38.75
C PHE U 387 -25.85 -18.49 38.69
N SER U 388 -26.51 -18.88 39.78
CA SER U 388 -27.96 -18.84 39.82
C SER U 388 -28.50 -17.42 39.95
N LEU U 389 -27.69 -16.48 40.40
CA LEU U 389 -28.11 -15.08 40.49
C LEU U 389 -28.06 -14.41 39.13
N PHE U 390 -27.07 -14.76 38.31
CA PHE U 390 -27.06 -14.31 36.93
C PHE U 390 -28.19 -14.93 36.13
N ALA U 391 -28.46 -16.22 36.36
CA ALA U 391 -29.55 -16.87 35.64
C ALA U 391 -30.88 -16.20 35.94
N GLY U 392 -31.08 -15.78 37.18
CA GLY U 392 -32.32 -15.10 37.52
C GLY U 392 -32.48 -13.74 36.87
N TYR U 393 -31.41 -12.93 36.86
CA TYR U 393 -31.51 -11.58 36.31
C TYR U 393 -31.84 -11.60 34.82
N TYR U 394 -31.20 -12.48 34.07
CA TYR U 394 -31.45 -12.56 32.64
C TYR U 394 -32.81 -13.16 32.33
N TYR U 395 -33.43 -13.84 33.28
CA TYR U 395 -34.71 -14.52 33.12
C TYR U 395 -35.90 -13.59 33.34
N TRP U 396 -35.80 -12.68 34.32
CA TRP U 396 -36.95 -11.88 34.76
C TRP U 396 -36.81 -10.38 34.53
N SER U 397 -35.62 -9.85 34.30
CA SER U 397 -35.46 -8.41 34.20
C SER U 397 -36.14 -7.79 32.97
N PRO U 398 -36.19 -8.44 31.80
CA PRO U 398 -36.95 -7.84 30.70
C PRO U 398 -38.40 -7.61 31.02
N GLN U 399 -39.04 -8.57 31.71
CA GLN U 399 -40.41 -8.36 32.15
C GLN U 399 -40.47 -7.27 33.23
N ILE U 400 -39.64 -7.38 34.26
CA ILE U 400 -39.72 -6.44 35.38
C ILE U 400 -39.48 -5.01 34.89
N LEU U 401 -38.57 -4.81 33.95
CA LEU U 401 -38.17 -3.47 33.55
C LEU U 401 -38.88 -2.98 32.30
N GLY U 402 -39.36 -3.87 31.44
CA GLY U 402 -39.85 -3.46 30.15
C GLY U 402 -38.77 -3.16 29.12
N LEU U 403 -37.53 -3.60 29.35
CA LEU U 403 -36.38 -3.24 28.53
C LEU U 403 -35.56 -4.48 28.24
N ASN U 404 -35.19 -4.68 26.98
CA ASN U 404 -34.42 -5.84 26.57
C ASN U 404 -32.92 -5.56 26.60
N TYR U 405 -32.14 -6.63 26.65
CA TYR U 405 -30.68 -6.54 26.70
C TYR U 405 -30.06 -7.15 25.46
N ASN U 406 -28.85 -6.68 25.13
CA ASN U 406 -28.08 -7.16 23.99
C ASN U 406 -27.70 -8.62 24.21
N GLU U 407 -28.23 -9.52 23.38
CA GLU U 407 -28.06 -10.94 23.64
C GLU U 407 -26.62 -11.38 23.41
N LYS U 408 -26.02 -11.01 22.28
CA LYS U 408 -24.70 -11.54 21.98
C LYS U 408 -23.63 -10.93 22.89
N LEU U 409 -23.87 -9.74 23.44
CA LEU U 409 -22.99 -9.21 24.47
C LEU U 409 -23.08 -10.03 25.76
N ALA U 410 -24.24 -10.60 26.05
CA ALA U 410 -24.45 -11.37 27.28
C ALA U 410 -23.80 -12.75 27.20
N GLN U 411 -23.69 -13.33 26.02
CA GLN U 411 -22.99 -14.61 25.89
C GLN U 411 -21.49 -14.45 25.97
N ILE U 412 -20.95 -13.28 25.63
CA ILE U 412 -19.55 -13.02 25.88
C ILE U 412 -19.28 -12.90 27.37
N GLN U 413 -20.19 -12.24 28.08
CA GLN U 413 -20.08 -12.10 29.53
C GLN U 413 -20.09 -13.45 30.23
N PHE U 414 -20.94 -14.38 29.79
CA PHE U 414 -21.02 -15.70 30.41
C PHE U 414 -19.72 -16.47 30.25
N TRP U 415 -19.14 -16.45 29.05
CA TRP U 415 -17.92 -17.22 28.80
C TRP U 415 -16.72 -16.62 29.52
N LEU U 416 -16.68 -15.31 29.74
CA LEU U 416 -15.57 -14.71 30.44
C LEU U 416 -15.57 -15.01 31.93
N ILE U 417 -16.74 -15.24 32.53
CA ILE U 417 -16.78 -15.58 33.95
C ILE U 417 -16.64 -17.08 34.15
N PHE U 418 -17.12 -17.89 33.21
CA PHE U 418 -16.92 -19.33 33.30
C PHE U 418 -15.44 -19.69 33.17
N ILE U 419 -14.73 -19.02 32.26
CA ILE U 419 -13.30 -19.29 32.10
C ILE U 419 -12.52 -18.78 33.30
N GLY U 420 -12.83 -17.57 33.75
CA GLY U 420 -12.05 -16.93 34.80
C GLY U 420 -12.28 -17.48 36.19
N ALA U 421 -13.50 -17.91 36.50
CA ALA U 421 -13.76 -18.52 37.80
C ALA U 421 -13.02 -19.84 37.95
N ASN U 422 -12.99 -20.66 36.90
CA ASN U 422 -12.26 -21.92 36.95
C ASN U 422 -10.76 -21.71 37.15
N VAL U 423 -10.20 -20.61 36.63
CA VAL U 423 -8.76 -20.40 36.74
C VAL U 423 -8.36 -20.01 38.16
N ILE U 424 -9.24 -19.31 38.89
CA ILE U 424 -8.92 -18.93 40.26
C ILE U 424 -8.93 -20.13 41.19
N PHE U 425 -9.96 -20.99 41.09
CA PHE U 425 -10.29 -21.90 42.17
C PHE U 425 -9.87 -23.35 41.93
N PHE U 426 -9.68 -23.78 40.70
CA PHE U 426 -9.21 -25.14 40.47
C PHE U 426 -7.81 -25.41 41.02
N PRO U 427 -6.81 -24.54 40.86
CA PRO U 427 -5.51 -24.83 41.48
C PRO U 427 -5.49 -24.71 42.99
N MET U 428 -6.52 -24.14 43.61
CA MET U 428 -6.59 -24.06 45.07
C MET U 428 -6.56 -25.45 45.71
N HIS U 429 -7.09 -26.46 45.03
CA HIS U 429 -7.03 -27.81 45.56
C HIS U 429 -5.62 -28.38 45.53
N PHE U 430 -4.80 -27.97 44.55
CA PHE U 430 -3.43 -28.45 44.47
C PHE U 430 -2.58 -27.88 45.60
N LEU U 431 -2.76 -26.60 45.91
CA LEU U 431 -2.05 -25.98 47.01
C LEU U 431 -2.42 -26.63 48.34
N GLY U 432 -3.71 -26.90 48.56
CA GLY U 432 -4.15 -27.47 49.82
C GLY U 432 -3.67 -28.88 50.05
N ILE U 433 -3.73 -29.73 49.03
CA ILE U 433 -3.31 -31.12 49.22
C ILE U 433 -1.81 -31.21 49.51
N ASN U 434 -1.02 -30.28 48.99
CA ASN U 434 0.40 -30.23 49.29
C ASN U 434 0.69 -29.54 50.62
N GLY U 435 -0.27 -28.83 51.20
CA GLY U 435 -0.18 -28.42 52.59
C GLY U 435 -0.13 -26.94 52.88
N MET U 436 -0.71 -26.11 52.03
CA MET U 436 -0.63 -24.67 52.20
C MET U 436 -1.72 -24.17 53.12
N PRO U 437 -1.39 -23.50 54.24
CA PRO U 437 -2.43 -23.00 55.15
C PRO U 437 -3.17 -21.81 54.57
N ARG U 438 -4.34 -21.55 55.14
CA ARG U 438 -5.15 -20.41 54.75
C ARG U 438 -5.02 -19.26 55.74
N ARG U 439 -5.41 -18.08 55.29
CA ARG U 439 -5.39 -16.83 56.06
C ARG U 439 -3.97 -16.31 56.28
N ILE U 440 -3.10 -16.51 55.30
CA ILE U 440 -1.73 -16.00 55.35
C ILE U 440 -1.50 -15.02 54.22
N PRO U 441 -0.83 -13.88 54.47
CA PRO U 441 -0.46 -12.99 53.35
C PRO U 441 0.81 -13.41 52.64
N ASP U 442 1.57 -14.36 53.17
CA ASP U 442 2.89 -14.70 52.70
C ASP U 442 3.12 -16.19 52.94
N TYR U 443 3.93 -16.81 52.10
CA TYR U 443 4.04 -18.26 52.08
C TYR U 443 5.47 -18.65 51.71
N PRO U 444 5.85 -19.91 51.96
CA PRO U 444 7.11 -20.42 51.41
C PRO U 444 7.14 -20.41 49.90
N ASP U 445 8.36 -20.45 49.37
CA ASP U 445 8.60 -20.20 47.94
C ASP U 445 8.13 -21.34 47.05
N ALA U 446 7.94 -22.54 47.58
CA ALA U 446 7.47 -23.65 46.77
C ALA U 446 6.01 -23.52 46.36
N PHE U 447 5.25 -22.59 46.95
CA PHE U 447 3.85 -22.37 46.60
C PHE U 447 3.67 -21.27 45.56
N ALA U 448 4.73 -20.76 44.97
CA ALA U 448 4.63 -19.63 44.06
C ALA U 448 3.93 -20.00 42.76
N GLY U 449 4.10 -21.22 42.28
CA GLY U 449 3.57 -21.65 41.01
C GLY U 449 2.08 -21.49 40.84
N TRP U 450 1.28 -22.24 41.62
CA TRP U 450 -0.15 -22.16 41.44
C TRP U 450 -0.72 -20.83 41.92
N ASN U 451 -0.04 -20.15 42.84
CA ASN U 451 -0.52 -18.84 43.29
C ASN U 451 -0.44 -17.79 42.21
N TYR U 452 0.48 -17.94 41.25
CA TYR U 452 0.55 -16.99 40.14
C TYR U 452 -0.57 -17.24 39.14
N VAL U 453 -0.89 -18.52 38.90
CA VAL U 453 -1.95 -18.88 37.97
C VAL U 453 -3.30 -18.36 38.45
N ALA U 454 -3.59 -18.50 39.74
CA ALA U 454 -4.86 -18.05 40.27
C ALA U 454 -5.01 -16.54 40.23
N SER U 455 -3.92 -15.79 40.41
CA SER U 455 -4.00 -14.34 40.37
C SER U 455 -4.28 -13.80 38.97
N ILE U 456 -3.95 -14.55 37.93
CA ILE U 456 -4.27 -14.15 36.57
C ILE U 456 -5.76 -14.28 36.31
N GLY U 457 -6.35 -15.42 36.70
CA GLY U 457 -7.77 -15.62 36.53
C GLY U 457 -8.61 -14.60 37.26
N SER U 458 -8.06 -14.01 38.32
CA SER U 458 -8.79 -12.99 39.06
C SER U 458 -8.98 -11.73 38.24
N PHE U 459 -8.07 -11.45 37.30
CA PHE U 459 -8.26 -10.32 36.39
C PHE U 459 -9.27 -10.64 35.29
N ILE U 460 -9.32 -11.89 34.85
CA ILE U 460 -10.27 -12.29 33.82
C ILE U 460 -11.70 -12.13 34.31
N ALA U 461 -11.97 -12.54 35.55
CA ALA U 461 -13.31 -12.51 36.08
C ALA U 461 -13.77 -11.10 36.46
N THR U 462 -12.85 -10.22 36.88
CA THR U 462 -13.24 -8.84 37.14
C THR U 462 -13.57 -8.09 35.87
N LEU U 463 -12.94 -8.45 34.75
CA LEU U 463 -13.29 -7.86 33.48
C LEU U 463 -14.69 -8.28 33.05
N SER U 464 -15.08 -9.51 33.36
CA SER U 464 -16.43 -9.98 33.05
C SER U 464 -17.48 -9.24 33.87
N LEU U 465 -17.14 -8.84 35.09
CA LEU U 465 -18.07 -8.04 35.88
C LEU U 465 -18.22 -6.64 35.32
N PHE U 466 -17.16 -6.06 34.76
CA PHE U 466 -17.24 -4.72 34.19
C PHE U 466 -18.03 -4.73 32.89
N LEU U 467 -18.04 -5.86 32.16
CA LEU U 467 -18.90 -5.98 31.00
C LEU U 467 -20.37 -6.07 31.41
N PHE U 468 -20.66 -6.71 32.55
CA PHE U 468 -22.03 -6.74 33.06
C PHE U 468 -22.53 -5.36 33.45
N ILE U 469 -21.64 -4.51 33.95
CA ILE U 469 -22.03 -3.14 34.30
C ILE U 469 -22.37 -2.33 33.05
N TYR U 470 -21.70 -2.61 31.94
CA TYR U 470 -22.03 -1.94 30.69
C TYR U 470 -23.33 -2.46 30.10
N ILE U 471 -23.59 -3.77 30.25
CA ILE U 471 -24.83 -4.35 29.74
C ILE U 471 -26.03 -3.74 30.46
N LEU U 472 -25.89 -3.44 31.75
CA LEU U 472 -26.95 -2.72 32.46
C LEU U 472 -27.17 -1.34 31.87
N TYR U 473 -26.09 -0.65 31.51
CA TYR U 473 -26.22 0.68 30.93
C TYR U 473 -26.91 0.62 29.57
N ASP U 474 -26.55 -0.37 28.77
CA ASP U 474 -27.13 -0.52 27.44
C ASP U 474 -28.61 -0.88 27.51
N GLN U 475 -28.99 -1.70 28.49
CA GLN U 475 -30.40 -2.04 28.67
C GLN U 475 -31.22 -0.85 29.13
N LEU U 476 -30.64 0.06 29.89
CA LEU U 476 -31.41 1.18 30.41
C LEU U 476 -31.48 2.36 29.45
N VAL U 477 -30.60 2.42 28.46
CA VAL U 477 -30.59 3.56 27.54
C VAL U 477 -31.15 3.11 26.19
N ASN U 478 -30.92 1.86 25.84
CA ASN U 478 -31.30 1.34 24.53
C ASN U 478 -32.27 0.16 24.62
N GLY U 479 -32.98 0.03 25.73
CA GLY U 479 -33.83 -1.14 25.93
C GLY U 479 -35.00 -1.22 24.96
N LEU U 480 -35.58 -0.06 24.62
CA LEU U 480 -36.70 -0.06 23.70
C LEU U 480 -36.26 -0.35 22.26
N ASN U 481 -35.04 0.03 21.89
CA ASN U 481 -34.54 -0.28 20.57
C ASN U 481 -34.15 -1.74 20.45
N ASN U 482 -33.80 -2.38 21.56
CA ASN U 482 -33.41 -3.77 21.52
C ASN U 482 -34.56 -4.69 21.14
N LYS U 483 -35.79 -4.17 21.11
CA LYS U 483 -36.97 -4.93 20.75
C LYS U 483 -37.27 -4.88 19.26
N VAL U 484 -36.84 -3.83 18.55
CA VAL U 484 -37.22 -3.66 17.14
C VAL U 484 -36.10 -4.10 16.21
N ASN U 485 -34.84 -3.88 16.60
CA ASN U 485 -33.76 -4.48 15.85
C ASN U 485 -33.64 -5.94 16.26
N ASN U 486 -32.68 -6.65 15.68
CA ASN U 486 -32.51 -8.07 15.98
C ASN U 486 -31.39 -8.34 16.97
N LYS U 487 -31.22 -7.47 17.96
CA LYS U 487 -30.13 -7.60 18.90
C LYS U 487 -30.49 -8.29 20.20
N SER U 488 -31.73 -8.77 20.35
CA SER U 488 -32.16 -9.40 21.59
C SER U 488 -33.22 -10.45 21.30
N VAL U 489 -33.42 -11.33 22.27
CA VAL U 489 -34.41 -12.41 22.17
C VAL U 489 -35.74 -11.90 22.69
N ILE U 490 -36.81 -12.08 21.89
CA ILE U 490 -38.13 -11.59 22.25
C ILE U 490 -38.94 -12.62 23.02
N TYR U 491 -38.91 -13.87 22.57
CA TYR U 491 -39.72 -14.94 23.13
C TYR U 491 -38.81 -16.01 23.70
N ASN U 492 -39.03 -16.37 24.96
CA ASN U 492 -38.24 -17.44 25.54
C ASN U 492 -38.77 -18.82 25.16
N LYS U 493 -39.97 -18.89 24.59
CA LYS U 493 -40.52 -20.09 23.99
C LYS U 493 -40.91 -19.77 22.56
N ALA U 494 -40.50 -20.60 21.64
CA ALA U 494 -40.77 -20.50 20.21
C ALA U 494 -41.99 -21.32 19.85
N PRO U 495 -42.56 -21.10 18.65
CA PRO U 495 -43.72 -21.92 18.24
C PRO U 495 -43.39 -23.40 18.22
N ASP U 496 -44.41 -24.22 18.45
CA ASP U 496 -44.24 -25.66 18.34
C ASP U 496 -44.09 -26.05 16.87
N PHE U 497 -43.77 -27.31 16.63
CA PHE U 497 -43.42 -27.71 15.27
C PHE U 497 -44.55 -27.46 14.30
N VAL U 498 -45.75 -27.98 14.58
CA VAL U 498 -46.87 -27.86 13.66
C VAL U 498 -47.69 -26.60 13.89
N GLU U 499 -47.30 -25.75 14.82
CA GLU U 499 -48.01 -24.52 15.10
C GLU U 499 -47.51 -23.42 14.15
N SER U 500 -48.44 -22.80 13.42
CA SER U 500 -48.08 -21.80 12.43
C SER U 500 -47.74 -20.49 13.11
N ASN U 501 -47.17 -19.57 12.31
CA ASN U 501 -46.73 -18.28 12.84
C ASN U 501 -47.90 -17.42 13.31
N THR U 502 -49.05 -17.48 12.64
CA THR U 502 -50.16 -16.63 13.04
C THR U 502 -51.00 -17.21 14.15
N ILE U 503 -51.14 -18.54 14.21
CA ILE U 503 -51.77 -19.18 15.36
C ILE U 503 -50.97 -18.90 16.63
N PHE U 504 -49.65 -18.86 16.52
CA PHE U 504 -48.79 -18.55 17.67
C PHE U 504 -49.07 -17.15 18.21
N ASN U 505 -49.48 -16.22 17.36
CA ASN U 505 -49.78 -14.86 17.82
C ASN U 505 -51.08 -14.77 18.60
N LEU U 506 -51.91 -15.81 18.63
CA LEU U 506 -53.08 -15.79 19.49
C LEU U 506 -52.70 -15.97 20.95
N ASN U 507 -51.81 -16.91 21.26
CA ASN U 507 -51.28 -17.06 22.61
C ASN U 507 -49.75 -17.11 22.52
N THR U 508 -49.14 -15.96 22.74
CA THR U 508 -47.69 -15.83 22.70
C THR U 508 -47.02 -16.51 23.89
N VAL U 509 -47.66 -16.52 25.05
CA VAL U 509 -47.09 -17.02 26.29
C VAL U 509 -47.75 -18.36 26.63
N LYS U 510 -46.93 -19.36 26.93
CA LYS U 510 -47.39 -20.66 27.44
C LYS U 510 -46.69 -20.88 28.77
N SER U 511 -47.25 -20.35 29.84
CA SER U 511 -46.58 -20.29 31.13
C SER U 511 -47.39 -21.03 32.19
N SER U 512 -46.67 -21.68 33.11
CA SER U 512 -47.29 -22.32 34.27
C SER U 512 -47.12 -21.51 35.55
N SER U 513 -46.83 -20.22 35.42
CA SER U 513 -46.87 -19.31 36.56
C SER U 513 -47.43 -17.98 36.08
N ILE U 514 -47.98 -17.20 37.01
CA ILE U 514 -48.70 -15.98 36.64
C ILE U 514 -47.77 -14.92 36.06
N GLU U 515 -46.53 -14.84 36.53
CA GLU U 515 -45.72 -13.64 36.35
C GLU U 515 -45.50 -13.26 34.89
N PHE U 516 -45.51 -14.22 33.97
CA PHE U 516 -45.30 -13.93 32.56
C PHE U 516 -46.58 -13.54 31.83
N LEU U 517 -47.68 -13.40 32.56
CA LEU U 517 -48.96 -13.00 32.01
C LEU U 517 -49.35 -11.57 32.35
N LEU U 518 -48.52 -10.85 33.10
CA LEU U 518 -48.81 -9.49 33.49
C LEU U 518 -48.40 -8.54 32.37
N THR U 519 -48.61 -7.23 32.59
CA THR U 519 -48.02 -6.29 31.67
C THR U 519 -46.51 -6.33 31.84
N SER U 520 -45.79 -5.78 30.85
CA SER U 520 -44.35 -6.01 30.90
C SER U 520 -43.84 -5.38 32.19
N PRO U 521 -43.81 -4.06 32.38
CA PRO U 521 -43.68 -3.57 33.74
C PRO U 521 -45.00 -3.74 34.46
N PRO U 522 -45.06 -4.62 35.47
CA PRO U 522 -46.35 -4.92 36.10
C PRO U 522 -46.95 -3.69 36.76
N ALA U 523 -48.29 -3.64 36.72
CA ALA U 523 -49.02 -2.51 37.25
C ALA U 523 -48.87 -2.39 38.76
N VAL U 524 -48.95 -1.16 39.27
CA VAL U 524 -48.86 -0.94 40.70
C VAL U 524 -50.07 -1.49 41.44
N HIS U 525 -51.20 -1.69 40.76
CA HIS U 525 -52.37 -2.36 41.32
C HIS U 525 -52.61 -3.61 40.49
N SER U 526 -51.90 -4.69 40.83
CA SER U 526 -51.81 -5.82 39.91
C SER U 526 -53.05 -6.69 39.90
N PHE U 527 -53.74 -6.83 41.02
CA PHE U 527 -54.95 -7.64 41.10
C PHE U 527 -56.04 -6.83 41.78
N ASN U 528 -57.20 -6.73 41.14
CA ASN U 528 -58.40 -6.21 41.79
C ASN U 528 -59.42 -7.32 41.99
N THR U 529 -59.85 -7.97 40.92
CA THR U 529 -60.63 -9.19 41.03
C THR U 529 -59.66 -10.36 41.14
N PRO U 530 -59.74 -11.18 42.18
CA PRO U 530 -58.72 -12.20 42.40
C PRO U 530 -58.60 -13.20 41.27
N ALA U 531 -57.37 -13.63 41.02
CA ALA U 531 -57.11 -14.69 40.04
C ALA U 531 -57.68 -16.01 40.53
N VAL U 532 -58.03 -16.86 39.58
CA VAL U 532 -58.74 -18.10 39.90
C VAL U 532 -58.13 -19.25 39.10
N GLN U 533 -57.91 -20.37 39.76
CA GLN U 533 -57.39 -21.56 39.13
C GLN U 533 -58.23 -22.74 39.58
N SER U 534 -58.12 -23.84 38.85
CA SER U 534 -58.91 -25.02 39.16
C SER U 534 -58.10 -26.01 39.96
N ASP V 1 8.14 -34.19 53.19
CA ASP V 1 8.96 -33.54 54.21
C ASP V 1 9.01 -32.04 53.99
N VAL V 2 8.93 -31.65 52.73
CA VAL V 2 9.01 -30.25 52.32
C VAL V 2 8.10 -30.08 51.11
N PRO V 3 7.41 -28.95 50.97
CA PRO V 3 6.62 -28.73 49.75
C PRO V 3 7.50 -28.46 48.53
N THR V 4 6.99 -28.79 47.36
CA THR V 4 7.73 -28.61 46.12
C THR V 4 6.93 -27.80 45.12
N PRO V 5 7.60 -27.06 44.22
CA PRO V 5 6.87 -26.23 43.26
C PRO V 5 6.00 -27.03 42.30
N TYR V 6 4.78 -26.52 42.08
CA TYR V 6 3.79 -27.10 41.17
C TYR V 6 3.39 -28.51 41.58
N ALA V 7 3.47 -28.85 42.86
CA ALA V 7 3.07 -30.17 43.32
C ALA V 7 1.56 -30.26 43.45
N CYS V 8 1.01 -31.42 43.11
CA CYS V 8 -0.43 -31.64 43.14
C CYS V 8 -0.77 -32.93 43.86
N TYR V 9 -0.11 -33.20 44.97
CA TYR V 9 -0.31 -34.46 45.68
C TYR V 9 0.23 -34.32 47.10
N PHE V 10 0.05 -35.38 47.88
CA PHE V 10 0.53 -35.41 49.26
C PHE V 10 2.05 -35.39 49.31
N GLN V 11 2.59 -34.73 50.34
CA GLN V 11 3.99 -34.89 50.67
C GLN V 11 4.23 -36.33 51.12
N ASP V 12 5.45 -36.80 50.94
CA ASP V 12 5.78 -38.20 51.25
C ASP V 12 5.56 -38.50 52.73
N SER V 13 5.13 -39.72 53.01
CA SER V 13 4.68 -40.11 54.34
C SER V 13 5.83 -40.68 55.16
N ALA V 14 5.82 -40.39 56.45
CA ALA V 14 6.80 -40.97 57.36
C ALA V 14 6.21 -41.76 58.51
N THR V 15 4.89 -41.80 58.66
CA THR V 15 4.23 -42.50 59.75
C THR V 15 3.11 -43.37 59.21
N PRO V 16 2.74 -44.42 59.96
CA PRO V 16 1.58 -45.24 59.55
C PRO V 16 0.25 -44.48 59.57
N ASN V 17 0.13 -43.38 60.31
CA ASN V 17 -1.12 -42.64 60.31
C ASN V 17 -1.31 -41.87 59.01
N GLN V 18 -0.24 -41.29 58.48
CA GLN V 18 -0.30 -40.60 57.19
C GLN V 18 -0.34 -41.58 56.03
N GLU V 19 0.19 -42.78 56.21
CA GLU V 19 -0.03 -43.84 55.23
C GLU V 19 -1.50 -44.17 55.09
N GLY V 20 -2.22 -44.24 56.21
CA GLY V 20 -3.62 -44.57 56.16
C GLY V 20 -4.51 -43.45 55.70
N ILE V 21 -4.14 -42.20 55.99
CA ILE V 21 -4.92 -41.07 55.51
C ILE V 21 -4.90 -41.03 54.00
N LEU V 22 -3.74 -41.28 53.40
CA LEU V 22 -3.61 -41.27 51.96
C LEU V 22 -4.38 -42.43 51.33
N GLU V 23 -4.41 -43.59 51.99
CA GLU V 23 -5.14 -44.73 51.46
C GLU V 23 -6.64 -44.45 51.41
N LEU V 24 -7.17 -43.73 52.39
CA LEU V 24 -8.58 -43.40 52.38
C LEU V 24 -8.90 -42.31 51.36
N HIS V 25 -8.00 -41.36 51.14
CA HIS V 25 -8.23 -40.36 50.10
C HIS V 25 -8.34 -41.01 48.74
N ASP V 26 -7.45 -41.95 48.44
CA ASP V 26 -7.42 -42.58 47.13
C ASP V 26 -8.62 -43.50 46.93
N ASN V 27 -9.05 -44.18 47.99
CA ASN V 27 -10.20 -45.05 47.91
C ASN V 27 -11.48 -44.26 47.61
N ILE V 28 -11.62 -43.08 48.20
CA ILE V 28 -12.79 -42.26 47.97
C ILE V 28 -12.80 -41.69 46.56
N MET V 29 -11.64 -41.25 46.08
CA MET V 29 -11.52 -40.66 44.74
C MET V 29 -11.76 -41.68 43.64
N PHE V 30 -11.70 -42.97 43.93
CA PHE V 30 -12.08 -43.98 42.94
C PHE V 30 -13.56 -43.86 42.61
N TYR V 31 -14.40 -43.63 43.62
CA TYR V 31 -15.84 -43.56 43.43
C TYR V 31 -16.32 -42.18 43.04
N LEU V 32 -15.62 -41.13 43.43
CA LEU V 32 -15.98 -39.80 42.97
C LEU V 32 -15.69 -39.61 41.50
N LEU V 33 -14.85 -40.45 40.90
CA LEU V 33 -14.56 -40.35 39.48
C LEU V 33 -15.55 -41.12 38.61
N VAL V 34 -16.12 -42.19 39.15
CA VAL V 34 -17.24 -42.86 38.50
C VAL V 34 -18.45 -41.93 38.44
N ILE V 35 -18.72 -41.21 39.53
CA ILE V 35 -19.88 -40.35 39.59
C ILE V 35 -19.71 -39.14 38.69
N LEU V 36 -18.51 -38.56 38.65
CA LEU V 36 -18.28 -37.43 37.75
C LEU V 36 -18.24 -37.86 36.29
N GLY V 37 -17.84 -39.10 36.01
CA GLY V 37 -17.90 -39.60 34.65
C GLY V 37 -19.32 -39.73 34.14
N LEU V 38 -20.23 -40.24 34.97
CA LEU V 38 -21.63 -40.33 34.61
C LEU V 38 -22.26 -38.97 34.39
N VAL V 39 -22.15 -38.08 35.38
CA VAL V 39 -22.91 -36.83 35.34
C VAL V 39 -22.44 -35.97 34.17
N SER V 40 -21.14 -35.88 33.95
CA SER V 40 -20.62 -35.07 32.86
C SER V 40 -20.95 -35.67 31.50
N TRP V 41 -21.07 -37.00 31.42
CA TRP V 41 -21.46 -37.62 30.16
C TRP V 41 -22.94 -37.42 29.84
N MET V 42 -23.80 -37.63 30.83
CA MET V 42 -25.24 -37.41 30.60
C MET V 42 -25.51 -35.97 30.24
N LEU V 43 -24.83 -35.04 30.90
CA LEU V 43 -25.00 -33.63 30.58
C LEU V 43 -24.56 -33.32 29.16
N TYR V 44 -23.45 -33.91 28.72
CA TYR V 44 -22.93 -33.60 27.39
C TYR V 44 -23.80 -34.19 26.29
N THR V 45 -24.19 -35.45 26.41
CA THR V 45 -24.99 -36.10 25.39
C THR V 45 -26.47 -35.78 25.49
N ILE V 46 -26.90 -34.89 26.37
CA ILE V 46 -28.27 -34.40 26.34
C ILE V 46 -28.36 -33.06 25.63
N VAL V 47 -27.36 -32.19 25.83
CA VAL V 47 -27.33 -30.92 25.12
C VAL V 47 -27.08 -31.13 23.63
N MET V 48 -26.20 -32.07 23.29
CA MET V 48 -25.82 -32.25 21.90
C MET V 48 -26.91 -32.88 21.05
N THR V 49 -27.90 -33.53 21.65
CA THR V 49 -28.93 -34.20 20.88
C THR V 49 -30.31 -33.58 21.01
N TYR V 50 -30.63 -32.92 22.12
CA TYR V 50 -31.96 -32.36 22.32
C TYR V 50 -31.99 -30.86 22.14
N SER V 51 -30.85 -30.23 21.86
CA SER V 51 -30.88 -28.88 21.33
C SER V 51 -31.32 -28.86 19.87
N LYS V 52 -31.44 -30.03 19.25
CA LYS V 52 -31.93 -30.17 17.88
C LYS V 52 -33.14 -31.10 17.81
N ASN V 53 -33.97 -31.10 18.85
CA ASN V 53 -35.18 -31.90 18.87
C ASN V 53 -36.36 -30.97 18.70
N PRO V 54 -37.11 -31.03 17.59
CA PRO V 54 -38.20 -30.07 17.38
C PRO V 54 -39.49 -30.39 18.12
N ILE V 55 -39.69 -31.61 18.60
CA ILE V 55 -40.91 -32.00 19.30
C ILE V 55 -40.54 -32.53 20.67
N ALA V 56 -40.92 -31.81 21.72
CA ALA V 56 -40.58 -32.18 23.09
C ALA V 56 -41.50 -33.27 23.62
N TYR V 57 -40.95 -34.13 24.48
CA TYR V 57 -41.70 -35.23 25.09
C TYR V 57 -42.36 -34.74 26.38
N LYS V 58 -43.39 -33.92 26.21
CA LYS V 58 -43.99 -33.20 27.33
C LYS V 58 -44.85 -34.07 28.23
N TYR V 59 -45.06 -35.34 27.89
CA TYR V 59 -45.92 -36.22 28.67
C TYR V 59 -45.13 -37.19 29.55
N ILE V 60 -43.82 -37.01 29.65
CA ILE V 60 -42.98 -37.78 30.55
C ILE V 60 -42.73 -36.91 31.78
N LYS V 61 -43.32 -37.29 32.91
CA LYS V 61 -43.25 -36.49 34.12
C LYS V 61 -42.81 -37.23 35.35
N HIS V 62 -42.74 -38.56 35.31
CA HIS V 62 -42.35 -39.35 36.46
C HIS V 62 -41.96 -40.73 36.00
N GLY V 63 -41.26 -41.44 36.87
CA GLY V 63 -40.99 -42.85 36.68
C GLY V 63 -40.75 -43.51 38.01
N GLN V 64 -41.47 -44.61 38.28
CA GLN V 64 -41.33 -45.27 39.57
C GLN V 64 -40.07 -46.11 39.66
N THR V 65 -39.69 -46.77 38.57
CA THR V 65 -38.53 -47.65 38.62
C THR V 65 -37.24 -46.86 38.78
N ILE V 66 -37.05 -45.82 37.97
CA ILE V 66 -35.77 -45.09 38.03
C ILE V 66 -35.68 -44.26 39.30
N GLU V 67 -36.79 -43.74 39.80
CA GLU V 67 -36.72 -42.88 40.98
C GLU V 67 -36.40 -43.66 42.25
N VAL V 68 -36.88 -44.90 42.35
CA VAL V 68 -36.49 -45.74 43.48
C VAL V 68 -35.03 -46.15 43.33
N ILE V 69 -34.63 -46.52 42.11
CA ILE V 69 -33.28 -47.01 41.88
C ILE V 69 -32.24 -45.94 42.15
N TRP V 70 -32.52 -44.69 41.75
CA TRP V 70 -31.52 -43.65 41.95
C TRP V 70 -31.58 -43.03 43.34
N THR V 71 -32.46 -43.52 44.22
CA THR V 71 -32.42 -43.18 45.63
C THR V 71 -31.60 -44.18 46.43
N ILE V 72 -31.54 -45.43 45.97
CA ILE V 72 -30.82 -46.48 46.65
C ILE V 72 -29.35 -46.52 46.24
N PHE V 73 -29.06 -46.21 44.98
CA PHE V 73 -27.68 -46.31 44.49
C PHE V 73 -26.70 -45.40 45.24
N PRO V 74 -27.01 -44.13 45.53
CA PRO V 74 -26.07 -43.32 46.32
C PRO V 74 -25.88 -43.79 47.75
N ALA V 75 -26.82 -44.56 48.29
CA ALA V 75 -26.68 -45.08 49.64
C ALA V 75 -25.69 -46.23 49.70
N VAL V 76 -25.65 -47.06 48.67
CA VAL V 76 -24.68 -48.16 48.65
C VAL V 76 -23.26 -47.63 48.53
N ILE V 77 -23.04 -46.64 47.66
CA ILE V 77 -21.71 -46.06 47.50
C ILE V 77 -21.26 -45.40 48.79
N LEU V 78 -22.15 -44.63 49.42
CA LEU V 78 -21.82 -43.95 50.66
C LEU V 78 -21.47 -44.95 51.76
N LEU V 79 -22.11 -46.11 51.77
CA LEU V 79 -21.83 -47.13 52.77
C LEU V 79 -20.52 -47.85 52.50
N ILE V 80 -20.11 -47.97 51.24
CA ILE V 80 -18.89 -48.71 50.90
C ILE V 80 -17.67 -48.03 51.48
N ILE V 81 -17.60 -46.69 51.42
CA ILE V 81 -16.43 -45.99 51.90
C ILE V 81 -16.52 -45.62 53.37
N ALA V 82 -17.68 -45.75 54.00
CA ALA V 82 -17.77 -45.52 55.43
C ALA V 82 -17.12 -46.64 56.24
N PHE V 83 -16.99 -47.83 55.67
CA PHE V 83 -16.37 -48.93 56.41
C PHE V 83 -14.91 -48.67 56.71
N PRO V 84 -14.05 -48.38 55.74
CA PRO V 84 -12.66 -48.07 56.08
C PRO V 84 -12.49 -46.72 56.73
N SER V 85 -13.46 -45.81 56.61
CA SER V 85 -13.33 -44.51 57.23
C SER V 85 -13.58 -44.57 58.72
N PHE V 86 -14.37 -45.54 59.18
CA PHE V 86 -14.56 -45.74 60.60
C PHE V 86 -13.37 -46.46 61.23
N ILE V 87 -12.76 -47.38 60.50
CA ILE V 87 -11.61 -48.11 61.02
C ILE V 87 -10.43 -47.17 61.23
N LEU V 88 -10.16 -46.29 60.26
CA LEU V 88 -9.06 -45.34 60.41
C LEU V 88 -9.31 -44.36 61.54
N LEU V 89 -10.57 -44.03 61.83
CA LEU V 89 -10.86 -43.07 62.89
C LEU V 89 -10.44 -43.62 64.26
N TYR V 90 -10.70 -44.89 64.51
CA TYR V 90 -10.37 -45.47 65.81
C TYR V 90 -8.93 -45.97 65.88
N LEU V 91 -8.28 -46.18 64.74
CA LEU V 91 -6.88 -46.59 64.76
C LEU V 91 -5.95 -45.41 65.08
N CYS V 92 -6.36 -44.19 64.75
CA CYS V 92 -5.52 -43.03 65.03
C CYS V 92 -5.77 -42.43 66.41
N ASP V 93 -6.93 -42.69 67.00
CA ASP V 93 -7.24 -42.11 68.30
C ASP V 93 -6.54 -42.82 69.45
N GLU V 94 -6.08 -44.04 69.25
CA GLU V 94 -5.49 -44.82 70.32
C GLU V 94 -4.03 -44.40 70.54
N VAL V 95 -3.66 -44.27 71.81
CA VAL V 95 -2.29 -43.95 72.22
C VAL V 95 -1.90 -44.96 73.29
N ILE V 96 -1.36 -46.10 72.87
CA ILE V 96 -1.14 -47.24 73.74
C ILE V 96 0.35 -47.54 73.79
N SER V 97 0.89 -47.58 75.00
CA SER V 97 2.30 -47.87 75.28
C SER V 97 3.26 -46.93 74.55
N PRO V 98 3.21 -45.63 74.80
CA PRO V 98 4.26 -44.75 74.28
C PRO V 98 5.51 -44.81 75.16
N ALA V 99 6.63 -44.44 74.56
CA ALA V 99 7.91 -44.49 75.25
C ALA V 99 8.45 -43.12 75.66
N MET V 100 7.81 -42.02 75.24
CA MET V 100 8.26 -40.70 75.62
C MET V 100 7.13 -39.70 75.37
N THR V 101 7.09 -38.64 76.16
CA THR V 101 6.11 -37.58 75.96
C THR V 101 6.80 -36.23 75.84
N ILE V 102 6.34 -35.42 74.89
CA ILE V 102 6.86 -34.09 74.62
C ILE V 102 5.70 -33.11 74.67
N LYS V 103 5.91 -31.96 75.29
CA LYS V 103 4.92 -30.90 75.33
C LYS V 103 5.29 -29.79 74.37
N ALA V 104 4.29 -29.27 73.67
CA ALA V 104 4.46 -28.13 72.75
C ALA V 104 3.43 -27.07 73.09
N ILE V 105 3.89 -25.85 73.34
CA ILE V 105 3.02 -24.74 73.77
C ILE V 105 3.16 -23.60 72.77
N GLY V 106 2.02 -23.07 72.33
CA GLY V 106 2.01 -21.99 71.36
C GLY V 106 1.92 -20.62 72.02
N TYR V 107 2.67 -19.68 71.47
CA TYR V 107 2.77 -18.34 72.01
C TYR V 107 2.50 -17.35 70.90
N GLN V 108 2.47 -16.07 71.25
CA GLN V 108 2.25 -15.09 70.21
C GLN V 108 3.49 -15.09 69.35
N TRP V 109 3.47 -15.99 68.36
CA TRP V 109 4.35 -16.11 67.23
C TRP V 109 5.71 -16.74 67.57
N TYR V 110 5.73 -17.71 68.49
CA TYR V 110 6.79 -18.71 68.57
C TYR V 110 6.25 -19.97 69.25
N TRP V 111 7.02 -21.06 69.18
CA TRP V 111 6.70 -22.32 69.82
C TRP V 111 7.65 -22.57 70.99
N LYS V 112 7.32 -23.59 71.80
CA LYS V 112 8.08 -23.90 73.01
C LYS V 112 7.97 -25.39 73.30
N TYR V 113 9.11 -26.01 73.61
CA TYR V 113 9.20 -27.46 73.74
C TYR V 113 9.77 -27.83 75.10
N GLU V 114 9.18 -28.86 75.71
CA GLU V 114 9.57 -29.29 77.05
C GLU V 114 9.66 -30.80 77.09
N TYR V 115 10.75 -31.32 77.64
CA TYR V 115 10.91 -32.74 77.89
C TYR V 115 10.96 -32.94 79.39
N SER V 116 10.08 -33.80 79.91
CA SER V 116 9.99 -33.93 81.36
C SER V 116 9.93 -35.39 81.80
N ASP V 117 10.53 -36.28 81.03
CA ASP V 117 10.64 -37.67 81.45
C ASP V 117 11.83 -37.91 82.37
N PHE V 118 12.74 -36.93 82.49
CA PHE V 118 13.90 -37.00 83.39
C PHE V 118 14.79 -38.21 83.07
N ILE V 119 14.99 -38.47 81.78
CA ILE V 119 15.85 -39.58 81.36
C ILE V 119 17.32 -39.16 81.30
N ASN V 120 17.59 -37.88 81.02
CA ASN V 120 18.95 -37.39 80.92
C ASN V 120 19.71 -37.61 82.24
N ASP V 121 21.03 -37.58 82.14
CA ASP V 121 21.88 -38.03 83.24
C ASP V 121 21.73 -37.18 84.49
N SER V 122 21.24 -35.95 84.36
CA SER V 122 21.09 -35.06 85.49
C SER V 122 19.65 -34.81 85.89
N GLY V 123 18.68 -35.36 85.16
CA GLY V 123 17.30 -35.39 85.64
C GLY V 123 16.62 -34.06 85.78
N GLU V 124 16.81 -33.15 84.82
CA GLU V 124 16.11 -31.88 84.82
C GLU V 124 15.07 -31.89 83.71
N THR V 125 14.37 -30.75 83.57
CA THR V 125 13.50 -30.52 82.44
C THR V 125 14.29 -29.81 81.34
N VAL V 126 14.31 -30.38 80.16
CA VAL V 126 14.95 -29.79 78.98
C VAL V 126 13.91 -28.95 78.25
N GLU V 127 14.20 -27.67 78.06
CA GLU V 127 13.22 -26.79 77.44
C GLU V 127 13.89 -25.62 76.72
N PHE V 128 13.33 -25.24 75.58
CA PHE V 128 13.84 -24.16 74.76
C PHE V 128 12.70 -23.62 73.92
N GLU V 129 12.91 -22.42 73.36
CA GLU V 129 11.94 -21.79 72.48
C GLU V 129 12.44 -21.82 71.04
N SER V 130 11.50 -21.83 70.10
CA SER V 130 11.81 -21.96 68.69
C SER V 130 11.24 -20.76 67.95
N TYR V 131 12.08 -20.08 67.17
CA TYR V 131 11.73 -18.86 66.47
C TYR V 131 12.08 -19.01 64.98
N VAL V 132 11.26 -18.41 64.12
CA VAL V 132 11.60 -18.33 62.71
C VAL V 132 12.83 -17.44 62.54
N ILE V 133 13.72 -17.83 61.64
CA ILE V 133 14.88 -16.99 61.32
C ILE V 133 14.39 -15.81 60.49
N PRO V 134 14.71 -14.57 60.88
CA PRO V 134 14.20 -13.43 60.13
C PRO V 134 14.86 -13.33 58.76
N ASP V 135 14.18 -12.62 57.85
CA ASP V 135 14.67 -12.53 56.48
C ASP V 135 16.03 -11.85 56.41
N GLU V 136 16.25 -10.83 57.23
CA GLU V 136 17.51 -10.10 57.23
C GLU V 136 18.68 -10.96 57.71
N LEU V 137 18.42 -12.04 58.44
CA LEU V 137 19.47 -12.85 59.05
C LEU V 137 19.68 -14.19 58.36
N LEU V 138 19.02 -14.45 57.23
CA LEU V 138 19.11 -15.75 56.59
C LEU V 138 20.48 -15.95 55.96
N GLU V 139 20.98 -17.18 56.03
CA GLU V 139 22.20 -17.56 55.35
C GLU V 139 21.85 -18.28 54.06
N GLU V 140 22.71 -18.11 53.05
CA GLU V 140 22.30 -18.46 51.70
C GLU V 140 22.14 -19.96 51.57
N GLY V 141 20.96 -20.39 51.14
CA GLY V 141 20.60 -21.80 51.07
C GLY V 141 19.51 -22.20 52.04
N GLN V 142 19.29 -21.44 53.10
CA GLN V 142 18.22 -21.71 54.05
C GLN V 142 16.87 -21.31 53.47
N LEU V 143 15.82 -21.90 54.02
CA LEU V 143 14.50 -21.82 53.41
C LEU V 143 13.67 -20.76 54.10
N ARG V 144 13.14 -19.83 53.30
CA ARG V 144 12.37 -18.71 53.80
C ARG V 144 11.07 -19.20 54.42
N LEU V 145 10.70 -18.61 55.54
CA LEU V 145 9.46 -18.87 56.27
C LEU V 145 9.33 -20.32 56.71
N LEU V 146 10.40 -21.10 56.64
CA LEU V 146 10.39 -22.48 57.09
C LEU V 146 11.43 -22.76 58.15
N ASP V 147 12.69 -22.35 57.94
CA ASP V 147 13.75 -22.71 58.87
C ASP V 147 13.67 -21.87 60.14
N THR V 148 13.95 -22.51 61.26
CA THR V 148 13.85 -21.92 62.59
C THR V 148 15.24 -21.89 63.22
N ASP V 149 15.38 -21.10 64.30
CA ASP V 149 16.66 -21.02 64.98
C ASP V 149 16.94 -22.21 65.89
N THR V 150 15.92 -22.96 66.29
CA THR V 150 16.09 -24.21 67.02
C THR V 150 15.01 -25.17 66.54
N SER V 151 15.27 -26.47 66.71
CA SER V 151 14.33 -27.48 66.24
C SER V 151 14.10 -28.52 67.32
N MET V 152 13.08 -29.33 67.10
CA MET V 152 12.74 -30.44 68.00
C MET V 152 13.38 -31.71 67.47
N VAL V 153 14.13 -32.42 68.34
CA VAL V 153 14.85 -33.63 67.98
C VAL V 153 14.16 -34.82 68.62
N VAL V 154 13.84 -35.82 67.81
CA VAL V 154 13.16 -37.04 68.26
C VAL V 154 13.92 -38.23 67.71
N PRO V 155 13.82 -39.40 68.36
CA PRO V 155 14.39 -40.62 67.78
C PRO V 155 13.42 -41.33 66.85
N VAL V 156 13.98 -42.24 66.04
CA VAL V 156 13.18 -43.00 65.09
C VAL V 156 12.65 -44.26 65.76
N ASP V 157 11.65 -44.87 65.14
CA ASP V 157 11.10 -46.16 65.53
C ASP V 157 10.60 -46.17 66.97
N THR V 158 10.33 -45.01 67.54
CA THR V 158 9.86 -44.87 68.90
C THR V 158 8.45 -44.30 68.88
N HIS V 159 7.57 -44.86 69.71
CA HIS V 159 6.24 -44.30 69.89
C HIS V 159 6.32 -43.07 70.77
N ILE V 160 5.72 -41.97 70.33
CA ILE V 160 5.84 -40.68 70.99
C ILE V 160 4.44 -40.11 71.25
N ARG V 161 4.23 -39.59 72.45
CA ARG V 161 3.02 -38.87 72.77
C ARG V 161 3.29 -37.36 72.75
N PHE V 162 2.50 -36.62 72.00
CA PHE V 162 2.58 -35.17 71.96
C PHE V 162 1.47 -34.57 72.79
N VAL V 163 1.79 -33.57 73.60
CA VAL V 163 0.82 -32.86 74.41
C VAL V 163 0.88 -31.39 74.00
N VAL V 164 -0.25 -30.83 73.62
CA VAL V 164 -0.32 -29.54 72.94
C VAL V 164 -1.25 -28.62 73.72
N THR V 165 -0.83 -27.39 73.96
CA THR V 165 -1.69 -26.37 74.57
C THR V 165 -1.26 -25.00 74.05
N ALA V 166 -1.70 -23.94 74.73
CA ALA V 166 -1.42 -22.57 74.29
C ALA V 166 -1.44 -21.64 75.49
N ALA V 167 -0.90 -20.44 75.29
CA ALA V 167 -0.77 -19.44 76.34
C ALA V 167 -1.72 -18.27 76.21
N ASP V 168 -1.95 -17.75 75.00
CA ASP V 168 -2.68 -16.51 74.80
C ASP V 168 -3.93 -16.68 73.96
N VAL V 169 -3.79 -17.15 72.71
CA VAL V 169 -4.90 -17.33 71.78
C VAL V 169 -4.76 -18.72 71.21
N ILE V 170 -5.64 -19.10 70.30
CA ILE V 170 -5.62 -20.44 69.71
C ILE V 170 -4.54 -20.49 68.64
N HIS V 171 -3.81 -21.60 68.64
CA HIS V 171 -2.81 -21.85 67.56
C HIS V 171 -3.17 -23.24 67.01
N ASP V 172 -2.21 -23.91 66.36
CA ASP V 172 -2.48 -25.24 65.83
C ASP V 172 -1.15 -25.92 65.49
N PHE V 173 -0.92 -27.09 66.09
CA PHE V 173 0.26 -27.91 65.84
C PHE V 173 0.00 -28.79 64.62
N ALA V 174 0.74 -28.56 63.53
CA ALA V 174 0.46 -29.25 62.28
C ALA V 174 1.74 -29.54 61.51
N ILE V 175 1.92 -30.80 61.11
CA ILE V 175 3.04 -31.21 60.26
C ILE V 175 2.50 -32.13 59.16
N PRO V 176 2.42 -31.68 57.91
CA PRO V 176 1.73 -32.47 56.88
C PRO V 176 2.24 -33.87 56.66
N SER V 177 3.55 -34.10 56.74
CA SER V 177 4.12 -35.40 56.43
C SER V 177 4.00 -36.41 57.57
N LEU V 178 3.60 -35.98 58.76
CA LEU V 178 3.43 -36.88 59.89
C LEU V 178 1.98 -37.23 60.16
N GLY V 179 1.03 -36.62 59.46
CA GLY V 179 -0.37 -36.81 59.74
C GLY V 179 -0.84 -36.24 61.06
N ILE V 180 -0.40 -35.03 61.40
CA ILE V 180 -0.70 -34.39 62.68
C ILE V 180 -1.42 -33.08 62.41
N LYS V 181 -2.54 -32.88 63.10
CA LYS V 181 -3.21 -31.57 63.11
C LYS V 181 -4.11 -31.51 64.33
N VAL V 182 -3.86 -30.56 65.22
CA VAL V 182 -4.64 -30.46 66.45
C VAL V 182 -4.60 -29.04 66.97
N ASP V 183 -5.76 -28.51 67.32
CA ASP V 183 -5.84 -27.16 67.86
C ASP V 183 -5.16 -27.09 69.22
N ALA V 184 -4.70 -25.90 69.56
CA ALA V 184 -3.94 -25.62 70.78
C ALA V 184 -4.69 -24.54 71.55
N THR V 185 -5.55 -24.93 72.46
CA THR V 185 -6.50 -24.01 73.07
C THR V 185 -6.05 -23.63 74.47
N PRO V 186 -6.04 -22.34 74.80
CA PRO V 186 -5.72 -21.95 76.19
C PRO V 186 -6.71 -22.53 77.18
N GLY V 187 -6.25 -23.44 78.03
CA GLY V 187 -7.10 -24.01 79.04
C GLY V 187 -7.14 -25.53 79.07
N ARG V 188 -6.85 -26.19 77.96
CA ARG V 188 -6.95 -27.64 77.90
C ARG V 188 -5.74 -28.23 77.21
N LEU V 189 -5.51 -29.52 77.46
CA LEU V 189 -4.42 -30.27 76.86
C LEU V 189 -5.00 -31.36 75.97
N ASN V 190 -4.62 -31.33 74.70
CA ASN V 190 -4.91 -32.43 73.77
C ASN V 190 -3.65 -33.26 73.58
N GLN V 191 -3.83 -34.48 73.06
CA GLN V 191 -2.71 -35.38 72.84
C GLN V 191 -2.80 -36.00 71.44
N VAL V 192 -1.65 -36.39 70.91
CA VAL V 192 -1.56 -37.12 69.65
C VAL V 192 -0.36 -38.04 69.72
N SER V 193 -0.33 -39.02 68.83
CA SER V 193 0.70 -40.05 68.81
C SER V 193 1.39 -40.08 67.46
N ALA V 194 2.63 -40.59 67.44
CA ALA V 194 3.38 -40.71 66.19
C ALA V 194 4.42 -41.81 66.32
N LEU V 195 4.83 -42.33 65.16
CA LEU V 195 5.90 -43.32 65.08
C LEU V 195 6.57 -43.15 63.72
N ILE V 196 7.79 -42.62 63.73
CA ILE V 196 8.47 -42.22 62.50
C ILE V 196 9.34 -43.37 62.01
N GLN V 197 9.26 -43.67 60.71
CA GLN V 197 9.85 -44.87 60.15
C GLN V 197 11.13 -44.61 59.37
N ARG V 198 11.55 -43.36 59.22
CA ARG V 198 12.77 -43.02 58.52
C ARG V 198 13.27 -41.70 59.07
N GLU V 199 14.55 -41.41 58.82
CA GLU V 199 15.18 -40.20 59.32
C GLU V 199 15.03 -39.06 58.30
N GLY V 200 15.14 -37.84 58.81
CA GLY V 200 15.01 -36.67 57.96
C GLY V 200 14.47 -35.49 58.74
N VAL V 201 14.14 -34.44 58.01
CA VAL V 201 13.59 -33.20 58.58
C VAL V 201 12.20 -33.00 58.02
N PHE V 202 11.24 -32.71 58.90
CA PHE V 202 9.84 -32.56 58.54
C PHE V 202 9.37 -31.17 58.97
N TYR V 203 8.72 -30.46 58.05
CA TYR V 203 8.34 -29.07 58.27
C TYR V 203 6.82 -28.93 58.39
N GLY V 204 6.41 -27.97 59.22
CA GLY V 204 5.01 -27.67 59.42
C GLY V 204 4.75 -26.19 59.63
N ALA V 205 3.56 -25.82 60.07
CA ALA V 205 3.21 -24.41 60.28
C ALA V 205 2.04 -24.32 61.25
N CYS V 206 1.84 -23.09 61.74
CA CYS V 206 0.67 -22.83 62.61
C CYS V 206 -0.57 -22.81 61.73
N SER V 207 -1.66 -23.39 62.20
CA SER V 207 -2.93 -23.51 61.46
C SER V 207 -4.18 -23.04 62.22
N GLU V 208 -4.09 -21.90 62.90
CA GLU V 208 -5.26 -21.30 63.60
C GLU V 208 -5.01 -19.78 63.68
N LEU V 209 -5.54 -19.01 62.72
CA LEU V 209 -5.28 -17.55 62.67
C LEU V 209 -4.97 -17.01 64.08
N CYS V 210 -3.76 -16.47 64.28
CA CYS V 210 -3.36 -16.01 65.63
C CYS V 210 -2.88 -14.55 65.60
N GLY V 211 -3.28 -13.78 64.58
CA GLY V 211 -2.92 -12.38 64.56
C GLY V 211 -1.91 -12.05 63.49
N THR V 212 -1.16 -10.96 63.66
CA THR V 212 -0.29 -10.48 62.60
C THR V 212 0.80 -11.49 62.26
N GLY V 213 1.32 -12.19 63.27
CA GLY V 213 2.37 -13.16 63.06
C GLY V 213 1.90 -14.57 62.78
N HIS V 214 0.75 -14.72 62.13
CA HIS V 214 0.20 -16.09 61.87
C HIS V 214 1.06 -16.82 60.83
N ALA V 215 1.72 -16.09 59.94
CA ALA V 215 2.54 -16.69 58.90
C ALA V 215 3.99 -16.89 59.28
N ASN V 216 4.43 -16.38 60.43
CA ASN V 216 5.84 -16.39 60.84
C ASN V 216 6.08 -17.30 62.04
N MET V 217 5.42 -18.46 62.08
CA MET V 217 5.53 -19.34 63.28
C MET V 217 5.65 -20.80 62.83
N PRO V 218 6.73 -21.20 62.12
CA PRO V 218 6.83 -22.57 61.59
C PRO V 218 7.30 -23.60 62.61
N ILE V 219 7.16 -24.85 62.22
CA ILE V 219 7.50 -26.02 63.03
C ILE V 219 8.52 -26.84 62.26
N LYS V 220 9.64 -27.18 62.91
CA LYS V 220 10.67 -28.00 62.30
C LYS V 220 11.06 -29.13 63.24
N ILE V 221 11.07 -30.36 62.73
CA ILE V 221 11.30 -31.55 63.52
C ILE V 221 12.38 -32.39 62.87
N GLU V 222 13.39 -32.78 63.64
CA GLU V 222 14.44 -33.67 63.17
C GLU V 222 14.31 -35.03 63.83
N ALA V 223 14.38 -36.09 63.04
CA ALA V 223 14.38 -37.45 63.54
C ALA V 223 15.76 -38.06 63.32
N VAL V 224 16.37 -38.56 64.39
CA VAL V 224 17.72 -39.10 64.36
C VAL V 224 17.67 -40.50 64.94
N SER V 225 18.83 -41.12 65.12
CA SER V 225 18.88 -42.46 65.69
C SER V 225 18.93 -42.40 67.22
N LEU V 226 18.75 -43.55 67.85
CA LEU V 226 18.68 -43.58 69.32
C LEU V 226 19.98 -43.17 70.00
N PRO V 227 21.15 -43.72 69.67
CA PRO V 227 22.38 -43.23 70.29
C PRO V 227 22.64 -41.77 69.99
N LYS V 228 22.21 -41.30 68.83
CA LYS V 228 22.39 -39.90 68.47
C LYS V 228 21.45 -38.99 69.25
N PHE V 229 20.27 -39.47 69.62
CA PHE V 229 19.32 -38.65 70.37
C PHE V 229 19.75 -38.49 71.82
N LEU V 230 20.30 -39.56 72.41
CA LEU V 230 20.74 -39.49 73.78
C LEU V 230 21.91 -38.53 73.95
N GLU V 231 22.80 -38.46 72.97
CA GLU V 231 23.90 -37.50 73.03
C GLU V 231 23.38 -36.06 72.91
N TRP V 232 22.46 -35.82 71.99
CA TRP V 232 21.88 -34.49 71.88
C TRP V 232 21.10 -34.12 73.15
N LEU V 233 20.34 -35.07 73.69
CA LEU V 233 19.54 -34.79 74.88
C LEU V 233 20.43 -34.49 76.08
N ASN V 234 21.50 -35.25 76.26
CA ASN V 234 22.36 -35.10 77.44
C ASN V 234 23.19 -33.83 77.43
N GLU V 235 23.21 -33.08 76.33
CA GLU V 235 23.90 -31.80 76.24
C GLU V 235 22.95 -30.62 76.31
N GLN V 236 21.92 -30.59 75.47
CA GLN V 236 20.93 -29.53 75.45
C GLN V 236 19.62 -30.04 75.98
N MET W 1 -76.69 -6.14 46.89
CA MET W 1 -76.40 -4.72 46.83
C MET W 1 -76.07 -4.26 45.41
N THR W 2 -76.67 -4.94 44.43
CA THR W 2 -76.45 -4.68 43.00
C THR W 2 -74.98 -4.80 42.61
N HIS W 3 -74.66 -4.40 41.39
CA HIS W 3 -73.28 -4.36 40.94
C HIS W 3 -72.67 -2.98 41.11
N LEU W 4 -73.49 -1.93 41.08
CA LEU W 4 -72.99 -0.58 41.21
C LEU W 4 -72.41 -0.33 42.61
N GLU W 5 -73.12 -0.77 43.65
CA GLU W 5 -72.67 -0.51 45.00
C GLU W 5 -71.49 -1.38 45.40
N ARG W 6 -71.51 -2.66 44.98
CA ARG W 6 -70.38 -3.54 45.29
C ARG W 6 -69.07 -3.02 44.69
N SER W 7 -69.15 -2.15 43.68
CA SER W 7 -67.94 -1.63 43.05
C SER W 7 -67.21 -0.62 43.92
N ARG W 8 -67.89 -0.02 44.90
CA ARG W 8 -67.30 1.01 45.74
C ARG W 8 -66.49 0.43 46.90
N HIS W 9 -66.40 -0.89 47.02
CA HIS W 9 -65.72 -1.55 48.12
C HIS W 9 -64.70 -2.54 47.56
N GLN W 10 -63.73 -2.90 48.39
CA GLN W 10 -62.63 -3.76 47.97
C GLN W 10 -63.12 -5.14 47.56
N GLN W 11 -62.38 -5.78 46.65
CA GLN W 11 -62.71 -7.12 46.21
C GLN W 11 -61.97 -8.21 46.97
N HIS W 12 -61.01 -7.84 47.81
CA HIS W 12 -60.25 -8.75 48.65
C HIS W 12 -60.27 -8.19 50.06
N PRO W 13 -60.02 -9.02 51.08
CA PRO W 13 -60.07 -8.55 52.46
C PRO W 13 -58.79 -7.95 53.03
N PHE W 14 -57.68 -7.97 52.31
CA PHE W 14 -56.38 -7.65 52.88
C PHE W 14 -56.16 -6.14 52.97
N HIS W 15 -55.21 -5.76 53.81
CA HIS W 15 -55.04 -4.39 54.26
C HIS W 15 -53.97 -3.69 53.45
N MET W 16 -54.33 -2.57 52.84
CA MET W 16 -53.41 -1.75 52.07
C MET W 16 -53.00 -0.56 52.93
N VAL W 17 -51.82 -0.66 53.53
CA VAL W 17 -51.34 0.36 54.44
C VAL W 17 -50.80 1.53 53.64
N MET W 18 -51.14 2.73 54.05
CA MET W 18 -50.62 3.92 53.42
C MET W 18 -49.17 4.16 53.82
N PRO W 19 -48.42 4.90 52.99
CA PRO W 19 -47.03 5.22 53.33
C PRO W 19 -46.90 5.94 54.67
N SER W 20 -45.86 5.58 55.41
CA SER W 20 -45.62 6.12 56.74
C SER W 20 -44.15 6.44 56.91
N PRO W 21 -43.81 7.41 57.78
CA PRO W 21 -42.40 7.74 58.01
C PRO W 21 -41.71 6.86 59.03
N TRP W 22 -42.43 6.08 59.83
CA TRP W 22 -41.88 5.40 61.00
C TRP W 22 -40.82 4.35 60.66
N PRO W 23 -41.01 3.48 59.67
CA PRO W 23 -39.99 2.44 59.41
C PRO W 23 -38.59 2.97 59.15
N ILE W 24 -38.45 4.13 58.51
CA ILE W 24 -37.12 4.69 58.25
C ILE W 24 -36.64 5.59 59.39
N VAL W 25 -37.53 6.04 60.27
CA VAL W 25 -37.12 6.79 61.45
C VAL W 25 -36.65 5.86 62.55
N VAL W 26 -37.21 4.64 62.63
CA VAL W 26 -36.72 3.66 63.58
C VAL W 26 -35.33 3.19 63.19
N SER W 27 -35.05 3.07 61.89
CA SER W 27 -33.73 2.63 61.44
C SER W 27 -32.65 3.63 61.81
N PHE W 28 -32.95 4.93 61.73
CA PHE W 28 -31.95 5.94 62.08
C PHE W 28 -31.66 5.95 63.57
N ALA W 29 -32.69 5.75 64.39
CA ALA W 29 -32.49 5.65 65.83
C ALA W 29 -31.67 4.41 66.19
N LEU W 30 -31.79 3.35 65.40
CA LEU W 30 -31.00 2.15 65.65
C LEU W 30 -29.51 2.38 65.35
N LEU W 31 -29.20 3.17 64.33
CA LEU W 31 -27.81 3.47 64.00
C LEU W 31 -27.23 4.50 64.97
N SER W 32 -28.03 5.48 65.38
CA SER W 32 -27.58 6.41 66.41
C SER W 32 -27.32 5.71 67.74
N LEU W 33 -28.06 4.64 68.02
CA LEU W 33 -27.81 3.87 69.23
C LEU W 33 -26.53 3.06 69.11
N ALA W 34 -26.32 2.43 67.95
CA ALA W 34 -25.13 1.62 67.74
C ALA W 34 -23.85 2.45 67.74
N LEU W 35 -23.89 3.62 67.10
CA LEU W 35 -22.69 4.46 67.02
C LEU W 35 -22.37 5.09 68.36
N SER W 36 -23.38 5.42 69.15
CA SER W 36 -23.13 6.06 70.44
C SER W 36 -22.59 5.07 71.47
N THR W 37 -23.14 3.86 71.53
CA THR W 37 -22.70 2.94 72.56
C THR W 37 -21.25 2.50 72.35
N ALA W 38 -20.86 2.24 71.11
CA ALA W 38 -19.48 1.84 70.86
C ALA W 38 -18.51 2.98 71.14
N LEU W 39 -18.92 4.21 70.90
CA LEU W 39 -18.04 5.35 71.13
C LEU W 39 -17.90 5.69 72.60
N THR W 40 -18.92 5.46 73.43
CA THR W 40 -18.80 5.74 74.86
C THR W 40 -18.17 4.60 75.65
N MET W 41 -18.32 3.36 75.18
CA MET W 41 -17.68 2.24 75.85
C MET W 41 -16.16 2.31 75.74
N HIS W 42 -15.64 3.16 74.87
CA HIS W 42 -14.21 3.25 74.62
C HIS W 42 -13.66 4.66 74.80
N GLY W 43 -14.41 5.57 75.39
CA GLY W 43 -13.87 6.82 75.86
C GLY W 43 -13.91 7.99 74.89
N TYR W 44 -14.38 7.78 73.66
CA TYR W 44 -14.43 8.88 72.72
C TYR W 44 -15.53 9.88 73.04
N ILE W 45 -16.50 9.49 73.86
CA ILE W 45 -17.54 10.39 74.36
C ILE W 45 -17.48 10.37 75.88
N GLY W 46 -17.57 11.56 76.48
CA GLY W 46 -17.25 11.70 77.89
C GLY W 46 -18.21 10.95 78.82
N ASN W 47 -19.51 11.10 78.60
CA ASN W 47 -20.51 10.57 79.52
C ASN W 47 -21.54 9.70 78.82
N MET W 48 -22.63 9.37 79.53
CA MET W 48 -23.69 8.54 79.00
C MET W 48 -24.91 9.33 78.53
N ASN W 49 -24.76 10.64 78.31
CA ASN W 49 -25.90 11.45 77.91
C ASN W 49 -26.35 11.17 76.49
N MET W 50 -25.43 10.84 75.58
CA MET W 50 -25.83 10.58 74.21
C MET W 50 -26.44 9.19 74.06
N VAL W 51 -26.03 8.23 74.88
CA VAL W 51 -26.69 6.92 74.87
C VAL W 51 -28.10 7.04 75.43
N TYR W 52 -28.30 7.91 76.42
CA TYR W 52 -29.63 8.11 76.96
C TYR W 52 -30.57 8.68 75.91
N LEU W 53 -30.11 9.65 75.14
CA LEU W 53 -30.96 10.26 74.12
C LEU W 53 -31.33 9.27 73.03
N ALA W 54 -30.40 8.40 72.62
CA ALA W 54 -30.69 7.43 71.58
C ALA W 54 -31.69 6.37 72.03
N LEU W 55 -31.65 5.99 73.31
CA LEU W 55 -32.67 5.08 73.84
C LEU W 55 -34.02 5.76 73.93
N PHE W 56 -34.05 7.05 74.26
CA PHE W 56 -35.31 7.77 74.34
C PHE W 56 -35.97 7.94 72.98
N VAL W 57 -35.18 8.05 71.92
CA VAL W 57 -35.72 8.25 70.59
C VAL W 57 -36.11 6.94 69.92
N LEU W 58 -35.42 5.85 70.25
CA LEU W 58 -35.89 4.54 69.85
C LEU W 58 -37.23 4.19 70.51
N LEU W 59 -37.48 4.76 71.68
CA LEU W 59 -38.69 4.44 72.44
C LEU W 59 -39.89 5.23 71.96
N THR W 60 -39.77 6.55 71.86
CA THR W 60 -40.89 7.37 71.44
C THR W 60 -41.20 7.22 69.96
N SER W 61 -40.31 6.63 69.16
CA SER W 61 -40.58 6.39 67.76
C SER W 61 -41.31 5.08 67.52
N SER W 62 -41.16 4.10 68.41
CA SER W 62 -41.99 2.91 68.34
C SER W 62 -43.39 3.17 68.87
N ILE W 63 -43.53 4.09 69.83
CA ILE W 63 -44.85 4.44 70.34
C ILE W 63 -45.72 4.99 69.22
N LEU W 64 -45.16 5.88 68.41
CA LEU W 64 -45.93 6.49 67.33
C LEU W 64 -46.31 5.47 66.27
N TRP W 65 -45.44 4.50 66.01
CA TRP W 65 -45.80 3.39 65.13
C TRP W 65 -46.96 2.58 65.71
N PHE W 66 -46.94 2.30 67.01
CA PHE W 66 -48.05 1.59 67.65
C PHE W 66 -49.31 2.46 67.66
N ARG W 67 -49.15 3.77 67.73
CA ARG W 67 -50.29 4.68 67.75
C ARG W 67 -51.05 4.66 66.43
N ASP W 68 -50.35 4.42 65.32
CA ASP W 68 -50.99 4.35 64.01
C ASP W 68 -51.64 3.01 63.74
N ILE W 69 -51.32 1.97 64.52
CA ILE W 69 -52.02 0.69 64.37
C ILE W 69 -53.33 0.71 65.13
N VAL W 70 -53.42 1.48 66.22
CA VAL W 70 -54.67 1.63 66.94
C VAL W 70 -55.71 2.30 66.07
N ALA W 71 -55.33 3.36 65.36
CA ALA W 71 -56.28 4.12 64.55
C ALA W 71 -56.76 3.32 63.34
N GLU W 72 -55.89 2.51 62.76
CA GLU W 72 -56.28 1.71 61.60
C GLU W 72 -57.24 0.58 61.95
N ALA W 73 -57.35 0.22 63.21
CA ALA W 73 -58.22 -0.87 63.61
C ALA W 73 -59.45 -0.41 64.39
N THR W 74 -59.36 0.69 65.12
CA THR W 74 -60.50 1.19 65.89
C THR W 74 -61.30 2.25 65.16
N TYR W 75 -60.65 3.13 64.39
CA TYR W 75 -61.35 4.23 63.73
C TYR W 75 -61.55 4.02 62.24
N LEU W 76 -60.88 3.05 61.63
CA LEU W 76 -60.94 2.88 60.18
C LEU W 76 -61.57 1.58 59.72
N GLY W 77 -61.56 0.54 60.53
CA GLY W 77 -62.19 -0.71 60.14
C GLY W 77 -61.41 -1.56 59.17
N ASP W 78 -60.09 -1.51 59.24
CA ASP W 78 -59.23 -2.19 58.29
C ASP W 78 -58.85 -3.59 58.71
N HIS W 79 -59.25 -4.04 59.89
CA HIS W 79 -58.87 -5.35 60.40
C HIS W 79 -60.04 -6.30 60.24
N THR W 80 -60.14 -6.90 59.06
CA THR W 80 -61.18 -7.87 58.76
C THR W 80 -60.75 -9.21 59.34
N MET W 81 -61.50 -10.27 59.02
CA MET W 81 -61.19 -11.58 59.57
C MET W 81 -59.83 -12.07 59.10
N ALA W 82 -59.50 -11.83 57.83
CA ALA W 82 -58.24 -12.32 57.29
C ALA W 82 -57.05 -11.54 57.83
N VAL W 83 -57.20 -10.23 58.00
CA VAL W 83 -56.15 -9.42 58.60
C VAL W 83 -55.92 -9.85 60.05
N ARG W 84 -56.99 -10.19 60.76
CA ARG W 84 -56.87 -10.62 62.15
C ARG W 84 -56.14 -11.94 62.28
N LYS W 85 -56.42 -12.88 61.39
CA LYS W 85 -55.76 -14.18 61.42
C LYS W 85 -54.28 -14.09 61.10
N GLY W 86 -53.89 -13.20 60.19
CA GLY W 86 -52.49 -13.02 59.89
C GLY W 86 -51.69 -12.39 61.02
N ILE W 87 -52.31 -11.46 61.75
CA ILE W 87 -51.64 -10.82 62.88
C ILE W 87 -51.33 -11.82 63.97
N ASN W 88 -52.27 -12.72 64.27
CA ASN W 88 -52.05 -13.72 65.29
C ASN W 88 -50.92 -14.66 64.92
N LEU W 89 -50.84 -15.05 63.65
CA LEU W 89 -49.82 -15.98 63.20
C LEU W 89 -48.43 -15.35 63.19
N GLY W 90 -48.35 -14.06 62.90
CA GLY W 90 -47.07 -13.38 62.97
C GLY W 90 -46.53 -13.29 64.38
N PHE W 91 -47.41 -13.16 65.37
CA PHE W 91 -46.99 -13.06 66.77
C PHE W 91 -46.50 -14.39 67.32
N LEU W 92 -47.09 -15.51 66.90
CA LEU W 92 -46.62 -16.81 67.34
C LEU W 92 -45.24 -17.12 66.79
N MET W 93 -44.92 -16.66 65.58
CA MET W 93 -43.59 -16.84 65.05
C MET W 93 -42.58 -15.93 65.70
N PHE W 94 -43.03 -14.80 66.26
CA PHE W 94 -42.14 -13.92 67.00
C PHE W 94 -41.70 -14.58 68.31
N VAL W 95 -42.64 -15.18 69.05
CA VAL W 95 -42.29 -15.75 70.35
C VAL W 95 -41.48 -17.02 70.20
N LEU W 96 -41.68 -17.75 69.10
CA LEU W 96 -40.86 -18.94 68.87
C LEU W 96 -39.39 -18.56 68.71
N SER W 97 -39.12 -17.44 68.03
CA SER W 97 -37.74 -16.96 67.90
C SER W 97 -37.17 -16.50 69.24
N GLU W 98 -37.96 -15.78 70.03
CA GLU W 98 -37.51 -15.34 71.35
C GLU W 98 -37.29 -16.51 72.29
N VAL W 99 -38.02 -17.61 72.11
CA VAL W 99 -37.85 -18.76 72.97
C VAL W 99 -36.50 -19.42 72.71
N LEU W 100 -36.07 -19.47 71.45
CA LEU W 100 -34.78 -20.02 71.10
C LEU W 100 -33.61 -19.15 71.50
N ILE W 101 -33.83 -17.88 71.84
CA ILE W 101 -32.76 -17.08 72.44
C ILE W 101 -32.43 -17.61 73.83
N PHE W 102 -33.45 -17.93 74.61
CA PHE W 102 -33.23 -18.59 75.89
C PHE W 102 -32.64 -19.98 75.70
N ALA W 103 -32.96 -20.64 74.59
CA ALA W 103 -32.40 -21.97 74.34
C ALA W 103 -30.89 -21.90 74.16
N GLY W 104 -30.36 -20.79 73.66
CA GLY W 104 -28.92 -20.63 73.57
C GLY W 104 -28.28 -20.31 74.89
N LEU W 105 -29.01 -19.66 75.80
CA LEU W 105 -28.52 -19.39 77.14
C LEU W 105 -28.55 -20.62 78.04
N PHE W 106 -29.45 -21.57 77.77
CA PHE W 106 -29.46 -22.82 78.50
C PHE W 106 -28.37 -23.76 78.03
N TRP W 107 -27.94 -23.64 76.78
CA TRP W 107 -26.80 -24.40 76.31
C TRP W 107 -25.53 -23.96 77.04
N ALA W 108 -25.34 -22.65 77.18
CA ALA W 108 -24.14 -22.13 77.83
C ALA W 108 -24.10 -22.52 79.30
N TYR W 109 -25.24 -22.60 79.96
CA TYR W 109 -25.29 -23.02 81.35
C TYR W 109 -24.92 -24.48 81.50
N PHE W 110 -25.47 -25.35 80.65
CA PHE W 110 -25.20 -26.77 80.78
C PHE W 110 -23.79 -27.11 80.32
N HIS W 111 -23.24 -26.34 79.39
CA HIS W 111 -21.87 -26.59 78.96
C HIS W 111 -20.89 -26.35 80.10
N SER W 112 -21.16 -25.35 80.93
CA SER W 112 -20.27 -24.96 82.01
C SER W 112 -20.41 -25.80 83.27
N ALA W 113 -21.46 -26.62 83.39
CA ALA W 113 -21.79 -27.25 84.65
C ALA W 113 -21.66 -28.76 84.67
N MET W 114 -21.80 -29.43 83.53
CA MET W 114 -21.79 -30.89 83.55
C MET W 114 -20.38 -31.45 83.70
N SER W 115 -19.39 -30.77 83.15
CA SER W 115 -17.99 -31.14 83.37
C SER W 115 -17.25 -29.84 83.71
N PRO W 116 -17.36 -29.38 84.95
CA PRO W 116 -16.83 -28.06 85.29
C PRO W 116 -15.32 -28.01 85.20
N ASP W 117 -14.81 -26.82 84.91
CA ASP W 117 -13.39 -26.59 84.68
C ASP W 117 -12.62 -26.62 85.98
N VAL W 118 -11.34 -26.98 85.90
CA VAL W 118 -10.53 -27.19 87.10
C VAL W 118 -10.16 -25.88 87.79
N THR W 119 -10.12 -24.76 87.08
CA THR W 119 -9.85 -23.51 87.79
C THR W 119 -10.99 -23.12 88.71
N LEU W 120 -12.16 -23.72 88.56
CA LEU W 120 -13.25 -23.54 89.50
C LEU W 120 -13.11 -24.42 90.72
N GLY W 121 -12.40 -25.54 90.60
CA GLY W 121 -12.32 -26.52 91.65
C GLY W 121 -12.89 -27.84 91.16
N ALA W 122 -13.18 -27.89 89.86
CA ALA W 122 -13.85 -29.02 89.25
C ALA W 122 -15.14 -29.36 90.00
N CYS W 123 -15.87 -28.32 90.39
CA CYS W 123 -17.08 -28.45 91.17
C CYS W 123 -18.06 -27.36 90.78
N TRP W 124 -19.35 -27.68 90.81
CA TRP W 124 -20.41 -26.74 90.48
C TRP W 124 -21.37 -26.64 91.65
N PRO W 125 -21.57 -25.47 92.24
CA PRO W 125 -20.94 -24.17 91.97
C PRO W 125 -19.45 -24.13 92.32
N PRO W 126 -18.70 -23.17 91.78
CA PRO W 126 -17.28 -23.05 92.14
C PRO W 126 -17.09 -22.74 93.62
N VAL W 127 -15.88 -23.01 94.11
CA VAL W 127 -15.59 -22.83 95.52
C VAL W 127 -15.70 -21.36 95.89
N GLY W 128 -16.21 -21.10 97.10
CA GLY W 128 -16.32 -19.76 97.61
C GLY W 128 -17.55 -18.98 97.17
N ILE W 129 -18.37 -19.55 96.30
CA ILE W 129 -19.54 -18.86 95.75
C ILE W 129 -20.75 -19.28 96.57
N GLU W 130 -21.44 -18.30 97.14
CA GLU W 130 -22.66 -18.52 97.91
C GLU W 130 -23.86 -18.19 97.02
N ALA W 131 -24.65 -19.20 96.70
CA ALA W 131 -25.71 -19.07 95.71
C ALA W 131 -27.06 -18.77 96.35
N VAL W 132 -28.05 -18.51 95.50
CA VAL W 132 -29.40 -18.21 95.95
C VAL W 132 -30.13 -19.51 96.27
N GLN W 133 -30.77 -19.57 97.43
CA GLN W 133 -31.47 -20.77 97.85
C GLN W 133 -32.88 -20.80 97.27
N PRO W 134 -33.36 -21.95 96.83
CA PRO W 134 -34.68 -22.00 96.17
C PRO W 134 -35.84 -21.68 97.09
N THR W 135 -35.93 -22.34 98.24
CA THR W 135 -37.07 -22.15 99.13
C THR W 135 -36.99 -20.81 99.85
N GLU W 136 -37.06 -19.72 99.08
CA GLU W 136 -36.81 -18.38 99.58
C GLU W 136 -37.63 -17.42 98.72
N LEU W 137 -37.24 -16.15 98.72
CA LEU W 137 -37.79 -15.11 97.87
C LEU W 137 -38.03 -15.58 96.43
N PRO W 138 -37.19 -16.45 95.86
CA PRO W 138 -37.54 -17.07 94.57
C PRO W 138 -38.74 -18.00 94.63
N LEU W 139 -39.13 -18.52 95.79
CA LEU W 139 -40.34 -19.32 95.85
C LEU W 139 -41.58 -18.46 95.97
N LEU W 140 -41.45 -17.26 96.53
CA LEU W 140 -42.56 -16.31 96.47
C LEU W 140 -42.79 -15.82 95.05
N ASN W 141 -41.75 -15.79 94.23
CA ASN W 141 -41.89 -15.30 92.87
C ASN W 141 -42.60 -16.30 91.98
N THR W 142 -42.32 -17.60 92.15
CA THR W 142 -42.96 -18.60 91.30
C THR W 142 -44.44 -18.75 91.62
N ILE W 143 -44.87 -18.35 92.81
CA ILE W 143 -46.29 -18.35 93.15
C ILE W 143 -46.97 -17.09 92.65
N ILE W 144 -46.27 -15.95 92.69
CA ILE W 144 -46.83 -14.69 92.21
C ILE W 144 -47.06 -14.74 90.71
N LEU W 145 -46.20 -15.45 89.97
CA LEU W 145 -46.39 -15.60 88.54
C LEU W 145 -47.49 -16.59 88.21
N LEU W 146 -47.56 -17.73 88.91
CA LEU W 146 -48.63 -18.68 88.65
C LEU W 146 -50.00 -18.10 89.01
N SER W 147 -50.03 -17.15 89.95
CA SER W 147 -51.27 -16.52 90.39
C SER W 147 -51.80 -15.49 89.41
N SER W 148 -51.00 -15.06 88.44
CA SER W 148 -51.42 -14.07 87.48
C SER W 148 -51.90 -14.68 86.17
N GLY W 149 -51.60 -15.95 85.93
CA GLY W 149 -52.14 -16.67 84.80
C GLY W 149 -53.53 -17.20 85.00
N ALA W 150 -54.11 -17.04 86.19
CA ALA W 150 -55.49 -17.38 86.43
C ALA W 150 -56.37 -16.17 86.69
N THR W 151 -55.81 -15.04 87.12
CA THR W 151 -56.57 -13.80 87.14
C THR W 151 -56.67 -13.14 85.77
N VAL W 152 -55.76 -13.49 84.85
CA VAL W 152 -55.89 -13.02 83.47
C VAL W 152 -56.84 -13.90 82.67
N THR W 153 -57.03 -15.16 83.10
CA THR W 153 -58.00 -16.01 82.44
C THR W 153 -59.43 -15.59 82.72
N TYR W 154 -59.74 -15.13 83.94
CA TYR W 154 -61.11 -14.76 84.19
C TYR W 154 -61.43 -13.35 83.73
N SER W 155 -60.42 -12.51 83.49
CA SER W 155 -60.68 -11.21 82.89
C SER W 155 -61.03 -11.34 81.42
N HIS W 156 -60.34 -12.22 80.71
CA HIS W 156 -60.60 -12.42 79.28
C HIS W 156 -62.00 -12.97 79.04
N HIS W 157 -62.44 -13.90 79.87
CA HIS W 157 -63.75 -14.52 79.72
C HIS W 157 -64.88 -13.68 80.31
N ALA W 158 -64.56 -12.67 81.11
CA ALA W 158 -65.56 -11.70 81.53
C ALA W 158 -65.82 -10.64 80.47
N LEU W 159 -64.90 -10.46 79.52
CA LEU W 159 -65.08 -9.54 78.42
C LEU W 159 -65.88 -10.16 77.29
N ILE W 160 -65.68 -11.44 77.03
CA ILE W 160 -66.50 -12.16 76.08
C ILE W 160 -67.95 -12.22 76.56
N ALA W 161 -68.15 -12.33 77.86
CA ALA W 161 -69.49 -12.47 78.42
C ALA W 161 -70.21 -11.14 78.63
N GLY W 162 -69.51 -10.02 78.50
CA GLY W 162 -70.14 -8.73 78.62
C GLY W 162 -70.15 -8.12 80.00
N ASN W 163 -69.38 -8.66 80.95
CA ASN W 163 -69.26 -8.09 82.28
C ASN W 163 -68.08 -7.12 82.29
N ARG W 164 -68.35 -5.85 82.55
CA ARG W 164 -67.32 -4.83 82.42
C ARG W 164 -66.51 -4.68 83.70
N ASN W 165 -67.18 -4.59 84.84
CA ASN W 165 -66.48 -4.38 86.10
C ASN W 165 -65.57 -5.55 86.44
N LYS W 166 -66.08 -6.76 86.28
CA LYS W 166 -65.26 -7.95 86.52
C LYS W 166 -64.08 -8.02 85.57
N ALA W 167 -64.26 -7.60 84.33
CA ALA W 167 -63.16 -7.56 83.37
C ALA W 167 -62.11 -6.53 83.76
N LEU W 168 -62.55 -5.36 84.20
CA LEU W 168 -61.63 -4.29 84.53
C LEU W 168 -60.86 -4.55 85.82
N SER W 169 -61.37 -5.40 86.70
CA SER W 169 -60.70 -5.70 87.96
C SER W 169 -59.72 -6.85 87.84
N GLY W 170 -59.98 -7.81 86.96
CA GLY W 170 -59.06 -8.91 86.78
C GLY W 170 -57.86 -8.59 85.93
N LEU W 171 -57.78 -7.36 85.44
CA LEU W 171 -56.62 -6.85 84.72
C LEU W 171 -55.81 -5.87 85.55
N LEU W 172 -56.46 -5.06 86.36
CA LEU W 172 -55.77 -4.21 87.32
C LEU W 172 -55.02 -5.03 88.36
N ILE W 173 -55.39 -6.29 88.54
CA ILE W 173 -54.69 -7.15 89.48
C ILE W 173 -53.53 -7.87 88.81
N THR W 174 -53.70 -8.31 87.56
CA THR W 174 -52.58 -8.87 86.82
C THR W 174 -51.46 -7.86 86.64
N PHE W 175 -51.79 -6.58 86.52
CA PHE W 175 -50.76 -5.55 86.40
C PHE W 175 -49.90 -5.49 87.65
N TRP W 176 -50.52 -5.36 88.82
CA TRP W 176 -49.76 -5.20 90.05
C TRP W 176 -49.11 -6.49 90.53
N LEU W 177 -49.45 -7.63 89.94
CA LEU W 177 -48.76 -8.87 90.26
C LEU W 177 -47.46 -9.01 89.48
N ILE W 178 -47.44 -8.58 88.22
CA ILE W 178 -46.21 -8.54 87.45
C ILE W 178 -45.30 -7.43 87.96
N VAL W 179 -45.87 -6.32 88.43
CA VAL W 179 -45.07 -5.28 89.05
C VAL W 179 -44.40 -5.78 90.32
N ILE W 180 -45.11 -6.57 91.13
CA ILE W 180 -44.52 -7.11 92.35
C ILE W 180 -43.38 -8.06 92.04
N PHE W 181 -43.55 -8.91 91.02
CA PHE W 181 -42.46 -9.79 90.59
C PHE W 181 -41.22 -9.00 90.22
N VAL W 182 -41.40 -7.84 89.58
CA VAL W 182 -40.27 -7.10 89.06
C VAL W 182 -39.44 -6.49 90.19
N THR W 183 -40.09 -5.91 91.20
CA THR W 183 -39.34 -5.35 92.32
C THR W 183 -38.83 -6.42 93.27
N CYS W 184 -39.39 -7.63 93.23
CA CYS W 184 -38.85 -8.71 94.04
C CYS W 184 -37.53 -9.21 93.50
N GLN W 185 -37.36 -9.23 92.18
CA GLN W 185 -36.06 -9.54 91.59
C GLN W 185 -35.06 -8.43 91.84
N TYR W 186 -35.52 -7.19 91.95
CA TYR W 186 -34.62 -6.09 92.28
C TYR W 186 -34.02 -6.28 93.66
N ILE W 187 -34.83 -6.67 94.63
CA ILE W 187 -34.32 -6.90 95.98
C ILE W 187 -33.37 -8.09 95.98
N GLU W 188 -33.70 -9.16 95.26
CA GLU W 188 -32.86 -10.32 95.21
C GLU W 188 -31.51 -10.04 94.57
N TYR W 189 -31.40 -9.00 93.74
CA TYR W 189 -30.16 -8.66 93.07
C TYR W 189 -29.23 -7.83 93.94
N THR W 190 -29.75 -6.78 94.58
CA THR W 190 -28.90 -5.93 95.41
C THR W 190 -28.47 -6.60 96.69
N ASN W 191 -28.91 -7.83 96.97
CA ASN W 191 -28.51 -8.54 98.15
C ASN W 191 -27.66 -9.77 97.87
N ALA W 192 -27.51 -10.18 96.62
CA ALA W 192 -26.74 -11.38 96.30
C ALA W 192 -25.26 -11.17 96.62
N ALA W 193 -24.62 -12.26 97.05
CA ALA W 193 -23.25 -12.21 97.52
C ALA W 193 -22.21 -12.28 96.39
N PHE W 194 -22.64 -12.55 95.17
CA PHE W 194 -21.75 -12.59 94.02
C PHE W 194 -22.24 -11.61 92.96
N THR W 195 -21.45 -11.46 91.91
CA THR W 195 -21.65 -10.43 90.90
C THR W 195 -21.44 -11.06 89.53
N ILE W 196 -21.80 -10.33 88.47
CA ILE W 196 -21.59 -10.83 87.11
C ILE W 196 -20.11 -10.91 86.79
N SER W 197 -19.27 -10.23 87.57
CA SER W 197 -17.82 -10.27 87.45
C SER W 197 -17.20 -11.52 88.05
N ASP W 198 -17.95 -12.33 88.78
CA ASP W 198 -17.39 -13.43 89.55
C ASP W 198 -17.30 -14.70 88.70
N GLY W 199 -16.58 -14.59 87.60
CA GLY W 199 -16.29 -15.76 86.79
C GLY W 199 -17.47 -16.22 85.95
N VAL W 200 -17.35 -17.46 85.47
CA VAL W 200 -18.32 -18.03 84.55
C VAL W 200 -19.66 -18.33 85.22
N TYR W 201 -19.69 -18.49 86.54
CA TYR W 201 -20.95 -18.73 87.24
C TYR W 201 -21.81 -17.48 87.25
N GLY W 202 -21.23 -16.34 87.62
CA GLY W 202 -22.00 -15.11 87.64
C GLY W 202 -22.35 -14.59 86.27
N SER W 203 -21.84 -15.21 85.21
CA SER W 203 -22.12 -14.81 83.84
C SER W 203 -23.31 -15.56 83.27
N VAL W 204 -23.35 -16.88 83.41
CA VAL W 204 -24.49 -17.63 82.91
C VAL W 204 -25.71 -17.46 83.80
N PHE W 205 -25.52 -17.21 85.10
CA PHE W 205 -26.67 -17.05 85.98
C PHE W 205 -27.39 -15.74 85.70
N TYR W 206 -26.66 -14.63 85.66
CA TYR W 206 -27.29 -13.33 85.48
C TYR W 206 -27.71 -13.08 84.03
N ALA W 207 -27.25 -13.88 83.08
CA ALA W 207 -27.70 -13.72 81.71
C ALA W 207 -29.07 -14.37 81.51
N GLY W 208 -29.24 -15.60 82.00
CA GLY W 208 -30.51 -16.29 81.83
C GLY W 208 -31.66 -15.63 82.59
N THR W 209 -31.43 -15.25 83.84
CA THR W 209 -32.49 -14.63 84.63
C THR W 209 -32.57 -13.13 84.43
N GLY W 210 -31.57 -12.52 83.82
CA GLY W 210 -31.59 -11.09 83.59
C GLY W 210 -32.31 -10.73 82.31
N LEU W 211 -32.23 -11.60 81.31
CA LEU W 211 -33.03 -11.42 80.11
C LEU W 211 -34.52 -11.56 80.42
N HIS W 212 -34.88 -12.58 81.18
CA HIS W 212 -36.26 -12.75 81.62
C HIS W 212 -36.76 -11.55 82.40
N PHE W 213 -35.89 -10.89 83.14
CA PHE W 213 -36.26 -9.68 83.88
C PHE W 213 -36.68 -8.58 82.92
N LEU W 214 -35.98 -8.46 81.79
CA LEU W 214 -36.27 -7.40 80.83
C LEU W 214 -37.57 -7.62 80.10
N HIS W 215 -37.92 -8.87 79.80
CA HIS W 215 -39.21 -9.17 79.18
C HIS W 215 -40.36 -8.81 80.09
N MET W 216 -40.23 -9.07 81.39
CA MET W 216 -41.30 -8.74 82.34
C MET W 216 -41.59 -7.26 82.38
N VAL W 217 -40.58 -6.42 82.26
CA VAL W 217 -40.82 -4.98 82.18
C VAL W 217 -41.58 -4.64 80.90
N MET W 218 -41.30 -5.36 79.81
CA MET W 218 -42.09 -5.20 78.60
C MET W 218 -43.49 -5.78 78.76
N LEU W 219 -43.64 -6.83 79.56
CA LEU W 219 -44.95 -7.44 79.76
C LEU W 219 -45.87 -6.52 80.59
N ALA W 220 -45.31 -5.82 81.58
CA ALA W 220 -46.10 -4.90 82.37
C ALA W 220 -46.49 -3.66 81.59
N ALA W 221 -45.76 -3.32 80.54
CA ALA W 221 -46.15 -2.20 79.69
C ALA W 221 -47.30 -2.56 78.78
N MET W 222 -47.41 -3.83 78.39
CA MET W 222 -48.49 -4.28 77.54
C MET W 222 -49.82 -4.33 78.29
N LEU W 223 -49.82 -4.78 79.54
CA LEU W 223 -51.04 -4.81 80.33
C LEU W 223 -51.52 -3.41 80.69
N GLY W 224 -50.63 -2.43 80.72
CA GLY W 224 -51.07 -1.06 80.91
C GLY W 224 -51.66 -0.45 79.65
N VAL W 225 -51.21 -0.91 78.48
CA VAL W 225 -51.82 -0.45 77.23
C VAL W 225 -53.21 -1.03 77.08
N ASN W 226 -53.38 -2.31 77.40
CA ASN W 226 -54.70 -2.92 77.36
C ASN W 226 -55.64 -2.27 78.37
N TYR W 227 -55.11 -1.85 79.51
CA TYR W 227 -55.97 -1.25 80.52
C TYR W 227 -56.60 0.05 80.02
N TRP W 228 -55.81 0.89 79.36
CA TRP W 228 -56.35 2.12 78.81
C TRP W 228 -57.36 1.84 77.72
N ARG W 229 -57.09 0.85 76.88
CA ARG W 229 -57.98 0.57 75.75
C ARG W 229 -59.27 -0.11 76.20
N MET W 230 -59.22 -0.98 77.22
CA MET W 230 -60.44 -1.60 77.69
C MET W 230 -61.31 -0.64 78.48
N ARG W 231 -60.70 0.28 79.22
CA ARG W 231 -61.45 1.25 80.00
C ARG W 231 -62.05 2.36 79.15
N ASN W 232 -61.49 2.61 77.96
CA ASN W 232 -61.98 3.67 77.08
C ASN W 232 -62.72 3.12 75.87
N TYR W 233 -63.17 1.86 75.94
CA TYR W 233 -64.16 1.27 75.04
C TYR W 233 -63.61 0.92 73.66
N HIS W 234 -62.31 0.72 73.53
CA HIS W 234 -61.79 0.28 72.23
C HIS W 234 -62.07 -1.19 72.01
N LEU W 235 -61.92 -2.01 73.05
CA LEU W 235 -62.09 -3.45 72.93
C LEU W 235 -63.56 -3.82 72.96
N THR W 236 -63.98 -4.66 72.02
CA THR W 236 -65.34 -5.17 71.98
C THR W 236 -65.34 -6.65 72.32
N ALA W 237 -66.54 -7.18 72.56
CA ALA W 237 -66.68 -8.54 73.05
C ALA W 237 -66.23 -9.60 72.06
N GLY W 238 -66.12 -9.26 70.78
CA GLY W 238 -65.68 -10.22 69.81
C GLY W 238 -64.41 -9.84 69.07
N HIS W 239 -63.94 -8.60 69.26
CA HIS W 239 -62.79 -8.06 68.54
C HIS W 239 -61.82 -7.44 69.53
N HIS W 240 -60.84 -8.22 69.98
CA HIS W 240 -59.81 -7.74 70.91
C HIS W 240 -58.54 -8.55 70.63
N VAL W 241 -57.71 -8.06 69.71
CA VAL W 241 -56.55 -8.83 69.28
C VAL W 241 -55.33 -8.33 70.03
N GLY W 242 -55.33 -7.06 70.41
CA GLY W 242 -54.26 -6.56 71.24
C GLY W 242 -54.23 -7.20 72.61
N TYR W 243 -55.33 -7.84 73.00
CA TYR W 243 -55.45 -8.54 74.27
C TYR W 243 -55.00 -9.98 74.19
N GLU W 244 -55.35 -10.71 73.13
CA GLU W 244 -54.93 -12.11 73.06
C GLU W 244 -53.43 -12.25 72.90
N THR W 245 -52.78 -11.31 72.21
CA THR W 245 -51.34 -11.38 72.08
C THR W 245 -50.66 -11.19 73.44
N THR W 246 -51.19 -10.29 74.26
CA THR W 246 -50.70 -10.13 75.62
C THR W 246 -50.91 -11.40 76.44
N ILE W 247 -52.06 -12.06 76.30
CA ILE W 247 -52.35 -13.26 77.10
C ILE W 247 -51.39 -14.39 76.76
N ILE W 248 -51.14 -14.62 75.48
CA ILE W 248 -50.17 -15.65 75.10
C ILE W 248 -48.79 -15.32 75.63
N TYR W 249 -48.46 -14.03 75.72
CA TYR W 249 -47.17 -13.61 76.24
C TYR W 249 -47.02 -13.97 77.72
N THR W 250 -48.05 -13.73 78.54
CA THR W 250 -47.93 -14.02 79.96
C THR W 250 -47.83 -15.51 80.24
N HIS W 251 -48.24 -16.36 79.31
CA HIS W 251 -48.17 -17.79 79.52
C HIS W 251 -46.84 -18.39 79.08
N VAL W 252 -46.20 -17.84 78.04
CA VAL W 252 -44.89 -18.34 77.66
C VAL W 252 -43.84 -17.91 78.67
N LEU W 253 -43.90 -16.65 79.13
CA LEU W 253 -42.96 -16.19 80.14
C LEU W 253 -43.13 -16.97 81.44
N ASP W 254 -44.33 -17.45 81.72
CA ASP W 254 -44.57 -18.30 82.88
C ASP W 254 -43.84 -19.63 82.76
N VAL W 255 -43.84 -20.24 81.58
CA VAL W 255 -43.17 -21.52 81.36
C VAL W 255 -41.65 -21.35 81.35
N ILE W 256 -41.17 -20.26 80.78
CA ILE W 256 -39.73 -20.01 80.75
C ILE W 256 -39.19 -19.83 82.16
N TRP W 257 -39.89 -19.04 82.98
CA TRP W 257 -39.46 -18.86 84.37
C TRP W 257 -39.50 -20.16 85.12
N LEU W 258 -40.47 -21.02 84.82
CA LEU W 258 -40.53 -22.33 85.45
C LEU W 258 -39.28 -23.14 85.17
N PHE W 259 -38.79 -23.08 83.94
CA PHE W 259 -37.55 -23.77 83.58
C PHE W 259 -36.35 -23.15 84.27
N LEU W 260 -36.30 -21.82 84.35
CA LEU W 260 -35.18 -21.17 85.03
C LEU W 260 -35.11 -21.60 86.49
N TYR W 261 -36.26 -21.69 87.15
CA TYR W 261 -36.34 -22.03 88.56
C TYR W 261 -35.96 -23.48 88.82
N VAL W 262 -36.13 -24.38 87.86
CA VAL W 262 -35.79 -25.77 88.09
C VAL W 262 -34.31 -26.04 87.79
N VAL W 263 -33.71 -25.32 86.86
CA VAL W 263 -32.34 -25.55 86.46
C VAL W 263 -31.36 -24.65 87.20
N PHE W 264 -31.63 -23.35 87.25
CA PHE W 264 -30.71 -22.40 87.86
C PHE W 264 -30.79 -22.39 89.38
N TYR W 265 -31.81 -22.99 89.97
CA TYR W 265 -32.10 -22.79 91.40
C TYR W 265 -32.18 -24.10 92.17
N TRP W 266 -32.72 -25.15 91.54
CA TRP W 266 -32.88 -26.43 92.22
C TRP W 266 -31.84 -27.45 91.79
N TRP W 267 -31.52 -27.54 90.51
CA TRP W 267 -30.54 -28.50 90.04
C TRP W 267 -29.12 -27.96 90.13
N GLY W 268 -28.91 -26.70 89.78
CA GLY W 268 -27.59 -26.11 89.76
C GLY W 268 -27.09 -25.56 91.06
N VAL W 269 -27.83 -25.76 92.15
CA VAL W 269 -27.37 -25.30 93.44
C VAL W 269 -27.15 -26.49 94.36
N VAL X 1 -79.01 13.34 58.26
CA VAL X 1 -79.46 12.99 56.91
C VAL X 1 -79.10 11.54 56.61
N VAL X 2 -77.85 11.16 56.91
CA VAL X 2 -77.42 9.79 56.75
C VAL X 2 -77.76 9.01 58.02
N LYS X 3 -77.87 7.69 57.88
CA LYS X 3 -78.23 6.84 59.02
C LYS X 3 -77.54 5.49 58.85
N THR X 4 -77.40 4.78 59.96
CA THR X 4 -76.74 3.48 59.95
C THR X 4 -77.55 2.48 59.15
N ALA X 5 -76.89 1.80 58.23
CA ALA X 5 -77.53 0.73 57.48
C ALA X 5 -77.80 -0.47 58.38
N GLN X 6 -78.88 -1.18 58.10
CA GLN X 6 -79.26 -2.33 58.89
C GLN X 6 -79.05 -3.67 58.19
N ASN X 7 -78.96 -3.66 56.86
CA ASN X 7 -78.78 -4.87 56.08
C ASN X 7 -77.93 -4.51 54.86
N LEU X 8 -77.54 -5.53 54.11
CA LEU X 8 -76.69 -5.29 52.94
C LEU X 8 -77.40 -4.43 51.89
N ALA X 9 -78.72 -4.53 51.80
CA ALA X 9 -79.46 -3.75 50.82
C ALA X 9 -79.60 -2.29 51.20
N GLU X 10 -79.26 -1.91 52.43
CA GLU X 10 -79.32 -0.53 52.87
C GLU X 10 -77.98 0.18 52.80
N VAL X 11 -76.91 -0.55 52.45
CA VAL X 11 -75.58 0.05 52.40
C VAL X 11 -75.48 0.94 51.18
N ASN X 12 -75.07 2.19 51.40
CA ASN X 12 -74.87 3.17 50.34
C ASN X 12 -73.57 3.92 50.63
N GLY X 13 -72.44 3.29 50.28
CA GLY X 13 -71.14 3.88 50.51
C GLY X 13 -70.62 3.66 51.91
N PRO X 14 -69.60 4.43 52.30
CA PRO X 14 -68.97 4.22 53.61
C PRO X 14 -69.53 5.04 54.75
N GLU X 15 -70.39 6.02 54.50
CA GLU X 15 -70.96 6.79 55.60
C GLU X 15 -72.16 6.10 56.25
N THR X 16 -72.67 5.05 55.63
CA THR X 16 -73.68 4.22 56.26
C THR X 16 -73.07 3.01 56.96
N LEU X 17 -71.76 2.98 57.14
CA LEU X 17 -71.07 1.88 57.79
C LEU X 17 -70.53 2.26 59.17
N ILE X 18 -71.14 3.25 59.81
CA ILE X 18 -70.75 3.71 61.14
C ILE X 18 -71.92 3.44 62.08
N GLY X 19 -71.68 2.66 63.13
CA GLY X 19 -72.73 2.15 63.98
C GLY X 19 -73.13 3.08 65.11
N PRO X 20 -73.99 2.59 66.00
CA PRO X 20 -74.33 3.37 67.21
C PRO X 20 -73.42 3.02 68.37
N GLY X 21 -72.83 4.02 69.02
CA GLY X 21 -71.89 3.72 70.08
C GLY X 21 -72.55 3.05 71.27
N ALA X 22 -71.75 2.25 71.98
CA ALA X 22 -72.22 1.64 73.22
C ALA X 22 -72.46 2.70 74.28
N LYS X 23 -73.46 2.45 75.13
CA LYS X 23 -73.74 3.36 76.24
C LYS X 23 -72.76 3.11 77.38
N GLU X 24 -72.72 4.07 78.29
CA GLU X 24 -71.78 4.02 79.40
C GLU X 24 -72.05 2.82 80.31
N GLY X 25 -70.98 2.16 80.74
CA GLY X 25 -71.07 1.12 81.73
C GLY X 25 -71.17 -0.29 81.21
N THR X 26 -70.99 -0.51 79.91
CA THR X 26 -71.15 -1.84 79.35
C THR X 26 -70.03 -2.15 78.37
N VAL X 27 -69.84 -3.43 78.11
CA VAL X 27 -68.84 -3.88 77.14
C VAL X 27 -69.39 -3.70 75.73
N PRO X 28 -68.69 -2.99 74.84
CA PRO X 28 -69.22 -2.77 73.49
C PRO X 28 -69.38 -4.07 72.71
N THR X 29 -70.35 -4.06 71.81
CA THR X 29 -70.61 -5.19 70.92
C THR X 29 -69.96 -4.94 69.56
N ASP X 30 -69.82 -6.01 68.79
CA ASP X 30 -69.33 -5.89 67.41
C ASP X 30 -70.24 -5.00 66.58
N LEU X 31 -71.55 -5.17 66.73
CA LEU X 31 -72.52 -4.39 65.99
C LEU X 31 -72.60 -2.94 66.44
N ASP X 32 -71.96 -2.58 67.54
CA ASP X 32 -72.04 -1.21 68.04
C ASP X 32 -70.93 -0.31 67.53
N GLN X 33 -69.73 -0.85 67.26
CA GLN X 33 -68.60 0.02 66.98
C GLN X 33 -67.67 -0.48 65.89
N GLU X 34 -68.07 -1.47 65.10
CA GLU X 34 -67.30 -1.83 63.92
C GLU X 34 -67.57 -0.82 62.80
N THR X 35 -66.58 -0.66 61.92
CA THR X 35 -66.70 0.24 60.78
C THR X 35 -66.03 -0.37 59.56
N GLY X 36 -66.25 0.29 58.42
CA GLY X 36 -65.48 0.06 57.22
C GLY X 36 -65.72 -1.30 56.57
N LEU X 37 -64.66 -1.81 55.96
CA LEU X 37 -64.72 -3.12 55.30
C LEU X 37 -64.94 -4.24 56.31
N ALA X 38 -64.47 -4.05 57.54
CA ALA X 38 -64.70 -5.06 58.57
C ALA X 38 -66.17 -5.13 58.96
N ARG X 39 -66.88 -4.00 58.91
CA ARG X 39 -68.31 -4.01 59.21
C ARG X 39 -69.14 -4.55 58.06
N LEU X 40 -68.73 -4.29 56.81
CA LEU X 40 -69.44 -4.85 55.68
C LEU X 40 -69.33 -6.38 55.66
N GLU X 41 -68.17 -6.91 56.02
CA GLU X 41 -68.00 -8.36 56.05
C GLU X 41 -68.80 -9.01 57.16
N LEU X 42 -69.23 -8.25 58.16
CA LEU X 42 -70.05 -8.76 59.23
C LEU X 42 -71.54 -8.74 58.89
N LEU X 43 -71.99 -7.68 58.23
CA LEU X 43 -73.38 -7.62 57.79
C LEU X 43 -73.72 -8.78 56.86
N GLY X 44 -72.78 -9.18 56.00
CA GLY X 44 -73.00 -10.33 55.15
C GLY X 44 -73.05 -11.64 55.91
N LYS X 45 -72.23 -11.77 56.95
CA LYS X 45 -72.24 -12.99 57.75
C LYS X 45 -73.59 -13.20 58.44
N LEU X 46 -74.18 -12.13 58.96
CA LEU X 46 -75.47 -12.23 59.65
C LEU X 46 -76.58 -12.69 58.72
N GLU X 47 -76.60 -12.23 57.46
CA GLU X 47 -77.58 -12.68 56.49
C GLU X 47 -77.22 -13.99 55.82
N GLY X 48 -75.96 -14.39 55.85
CA GLY X 48 -75.52 -15.61 55.23
C GLY X 48 -74.92 -15.47 53.84
N ILE X 49 -74.21 -14.38 53.57
CA ILE X 49 -73.69 -14.07 52.26
C ILE X 49 -72.20 -13.77 52.38
N ASP X 50 -71.41 -14.36 51.48
CA ASP X 50 -69.96 -14.16 51.45
C ASP X 50 -69.64 -13.00 50.52
N VAL X 51 -69.17 -11.88 51.09
CA VAL X 51 -68.89 -10.69 50.29
C VAL X 51 -67.53 -10.72 49.59
N PHE X 52 -66.68 -11.68 49.91
CA PHE X 52 -65.41 -11.88 49.22
C PHE X 52 -65.47 -13.20 48.46
N ASP X 53 -65.22 -13.15 47.16
CA ASP X 53 -65.32 -14.35 46.32
C ASP X 53 -64.10 -15.23 46.52
N THR X 54 -64.32 -16.52 46.82
CA THR X 54 -63.22 -17.43 47.05
C THR X 54 -63.43 -18.79 46.39
N LYS X 55 -64.29 -18.89 45.40
CA LYS X 55 -64.50 -20.21 44.83
C LYS X 55 -63.50 -20.47 43.70
N PRO X 56 -63.11 -21.73 43.51
CA PRO X 56 -62.16 -22.05 42.43
C PRO X 56 -62.79 -22.10 41.05
N LEU X 57 -61.97 -22.40 40.05
CA LEU X 57 -62.41 -22.38 38.66
C LEU X 57 -63.36 -23.52 38.36
N ASP X 58 -64.35 -23.23 37.52
CA ASP X 58 -65.36 -24.21 37.16
C ASP X 58 -64.79 -25.17 36.12
N SER X 59 -64.57 -26.41 36.51
CA SER X 59 -64.02 -27.43 35.64
C SER X 59 -65.04 -28.55 35.38
N SER X 60 -66.30 -28.18 35.20
CA SER X 60 -67.30 -29.19 34.91
C SER X 60 -67.18 -29.71 33.48
N ARG X 61 -66.76 -28.86 32.55
CA ARG X 61 -66.75 -29.21 31.14
C ARG X 61 -65.66 -28.41 30.44
N LYS X 62 -65.64 -28.51 29.11
CA LYS X 62 -64.66 -27.82 28.26
C LYS X 62 -65.42 -26.85 27.36
N GLY X 63 -65.13 -25.56 27.51
CA GLY X 63 -65.80 -24.55 26.73
C GLY X 63 -65.41 -24.60 25.26
N THR X 64 -66.31 -24.11 24.41
CA THR X 64 -66.07 -24.05 22.98
C THR X 64 -66.35 -22.63 22.50
N MET X 65 -66.03 -22.35 21.24
CA MET X 65 -66.32 -21.04 20.70
C MET X 65 -67.82 -20.79 20.63
N LYS X 66 -68.60 -21.84 20.37
CA LYS X 66 -70.05 -21.71 20.39
C LYS X 66 -70.58 -21.56 21.81
N ASP X 67 -70.07 -22.36 22.74
CA ASP X 67 -70.53 -22.37 24.13
C ASP X 67 -69.32 -22.29 25.06
N PRO X 68 -68.78 -21.09 25.27
CA PRO X 68 -67.65 -20.96 26.19
C PRO X 68 -68.03 -21.06 27.66
N ILE X 69 -67.04 -20.86 28.52
CA ILE X 69 -67.23 -20.78 29.97
C ILE X 69 -67.18 -19.31 30.36
N ILE X 70 -68.24 -18.80 30.96
CA ILE X 70 -68.31 -17.38 31.29
C ILE X 70 -67.54 -17.10 32.57
N ILE X 71 -66.76 -16.02 32.55
CA ILE X 71 -65.93 -15.59 33.68
C ILE X 71 -66.30 -14.15 34.01
N GLU X 72 -66.62 -13.88 35.27
CA GLU X 72 -67.05 -12.56 35.69
C GLU X 72 -65.89 -11.77 36.26
N SER X 73 -65.92 -10.45 36.06
CA SER X 73 -64.83 -9.61 36.51
C SER X 73 -65.32 -8.19 36.74
N TYR X 74 -64.68 -7.50 37.66
CA TYR X 74 -64.94 -6.09 37.92
C TYR X 74 -63.96 -5.18 37.20
N ASP X 75 -63.07 -5.75 36.37
CA ASP X 75 -62.20 -5.00 35.47
C ASP X 75 -62.39 -5.48 34.04
N ASP X 76 -61.46 -5.14 33.16
CA ASP X 76 -61.49 -5.60 31.78
C ASP X 76 -60.80 -6.94 31.57
N TYR X 77 -60.30 -7.59 32.61
CA TYR X 77 -59.56 -8.83 32.44
C TYR X 77 -59.63 -9.60 33.75
N ARG X 78 -59.19 -10.86 33.68
CA ARG X 78 -59.03 -11.70 34.84
C ARG X 78 -58.08 -12.83 34.47
N TYR X 79 -57.23 -13.23 35.42
CA TYR X 79 -56.32 -14.34 35.20
C TYR X 79 -57.01 -15.66 35.52
N VAL X 80 -56.80 -16.66 34.66
CA VAL X 80 -57.46 -17.95 34.76
C VAL X 80 -56.42 -19.06 34.62
N GLY X 81 -56.43 -20.01 35.56
CA GLY X 81 -55.52 -21.14 35.49
C GLY X 81 -56.18 -22.46 35.19
N CYS X 82 -56.03 -22.95 33.96
CA CYS X 82 -56.72 -24.14 33.51
C CYS X 82 -55.85 -25.38 33.69
N THR X 83 -56.43 -26.44 34.26
CA THR X 83 -55.73 -27.70 34.42
C THR X 83 -56.47 -28.87 33.78
N GLY X 84 -57.50 -28.61 33.02
CA GLY X 84 -58.21 -29.65 32.31
C GLY X 84 -59.63 -29.82 32.82
N SER X 85 -60.37 -30.71 32.15
CA SER X 85 -61.80 -30.82 32.46
C SER X 85 -62.02 -31.44 33.82
N PRO X 86 -61.68 -32.71 34.08
CA PRO X 86 -61.55 -33.09 35.49
C PRO X 86 -60.29 -32.42 36.02
N ALA X 87 -60.44 -31.48 36.94
CA ALA X 87 -59.32 -30.71 37.46
C ALA X 87 -58.12 -31.61 37.73
N GLY X 88 -56.94 -31.16 37.28
CA GLY X 88 -55.74 -31.93 37.41
C GLY X 88 -55.42 -32.86 36.28
N SER X 89 -56.06 -32.70 35.12
CA SER X 89 -55.78 -33.58 33.99
C SER X 89 -54.46 -33.24 33.32
N HIS X 90 -54.11 -31.96 33.23
CA HIS X 90 -52.89 -31.54 32.57
C HIS X 90 -52.24 -30.43 33.37
N THR X 91 -50.98 -30.15 33.03
CA THR X 91 -50.20 -29.11 33.69
C THR X 91 -50.85 -27.75 33.54
N ILE X 92 -50.82 -26.96 34.60
CA ILE X 92 -51.58 -25.72 34.63
C ILE X 92 -51.05 -24.74 33.57
N MET X 93 -51.97 -23.93 33.05
CA MET X 93 -51.68 -22.98 31.97
C MET X 93 -52.46 -21.70 32.25
N TRP X 94 -51.75 -20.61 32.53
CA TRP X 94 -52.40 -19.36 32.90
C TRP X 94 -52.79 -18.55 31.67
N LEU X 95 -54.00 -17.99 31.70
CA LEU X 95 -54.61 -17.27 30.58
C LEU X 95 -55.15 -15.93 31.08
N LYS X 96 -55.59 -15.08 30.16
CA LYS X 96 -56.05 -13.74 30.49
C LYS X 96 -57.12 -13.26 29.51
N PRO X 97 -58.36 -13.70 29.66
CA PRO X 97 -59.44 -13.19 28.80
C PRO X 97 -59.73 -11.72 29.05
N THR X 98 -59.99 -10.99 27.97
CA THR X 98 -60.29 -9.57 28.02
C THR X 98 -61.67 -9.32 27.42
N VAL X 99 -62.16 -8.09 27.58
CA VAL X 99 -63.49 -7.73 27.11
C VAL X 99 -63.60 -7.74 25.59
N ASN X 100 -62.48 -7.90 24.88
CA ASN X 100 -62.48 -7.90 23.43
C ASN X 100 -61.98 -9.20 22.82
N GLU X 101 -61.42 -10.12 23.61
CA GLU X 101 -60.87 -11.36 23.07
C GLU X 101 -61.05 -12.49 24.07
N VAL X 102 -61.46 -13.65 23.58
CA VAL X 102 -61.60 -14.84 24.41
C VAL X 102 -60.24 -15.49 24.57
N ALA X 103 -60.14 -16.45 25.49
CA ALA X 103 -58.90 -17.17 25.73
C ALA X 103 -59.09 -18.66 25.47
N ARG X 104 -58.13 -19.28 24.82
CA ARG X 104 -58.16 -20.69 24.48
C ARG X 104 -56.92 -21.36 25.02
N CYS X 105 -57.07 -22.57 25.54
CA CYS X 105 -55.96 -23.30 26.13
C CYS X 105 -55.26 -24.10 25.03
N TRP X 106 -53.95 -23.83 24.85
CA TRP X 106 -53.19 -24.56 23.85
C TRP X 106 -53.04 -26.04 24.21
N GLU X 107 -53.33 -26.42 25.45
CA GLU X 107 -53.18 -27.80 25.87
C GLU X 107 -54.45 -28.63 25.68
N CYS X 108 -55.62 -28.11 26.06
CA CYS X 108 -56.84 -28.88 25.98
C CYS X 108 -57.93 -28.25 25.11
N GLY X 109 -57.77 -27.01 24.68
CA GLY X 109 -58.74 -26.41 23.79
C GLY X 109 -59.94 -25.79 24.47
N SER X 110 -59.91 -25.61 25.79
CA SER X 110 -61.00 -24.97 26.50
C SER X 110 -61.04 -23.49 26.19
N VAL X 111 -62.25 -22.94 26.04
CA VAL X 111 -62.46 -21.54 25.67
C VAL X 111 -63.14 -20.82 26.84
N TYR X 112 -62.59 -19.67 27.23
CA TYR X 112 -63.11 -18.87 28.33
C TYR X 112 -63.52 -17.49 27.80
N LYS X 113 -64.69 -17.02 28.22
CA LYS X 113 -65.18 -15.70 27.85
C LYS X 113 -65.31 -14.83 29.09
N LEU X 114 -65.15 -13.52 28.90
CA LEU X 114 -65.28 -12.58 30.00
C LEU X 114 -66.70 -11.99 30.07
N ASN X 115 -67.04 -11.52 31.27
CA ASN X 115 -68.33 -10.89 31.54
C ASN X 115 -68.14 -9.71 32.49
N PRO X 116 -67.93 -8.51 31.96
CA PRO X 116 -67.65 -7.36 32.82
C PRO X 116 -68.89 -6.88 33.56
N VAL X 117 -68.74 -6.66 34.86
CA VAL X 117 -69.81 -6.16 35.72
C VAL X 117 -69.41 -4.89 36.47
N GLY X 118 -68.18 -4.43 36.33
CA GLY X 118 -67.74 -3.27 37.07
C GLY X 118 -68.34 -1.99 36.52
N VAL X 119 -68.51 -1.02 37.42
CA VAL X 119 -69.10 0.28 37.12
C VAL X 119 -68.14 1.36 37.58
N PRO X 120 -67.60 2.21 36.69
CA PRO X 120 -66.62 3.23 37.06
C PRO X 120 -67.16 4.27 38.05
N ASP Y 1 -50.54 -43.71 33.33
CA ASP Y 1 -51.18 -43.84 32.02
C ASP Y 1 -50.84 -45.17 31.35
N GLU Y 2 -51.79 -46.10 31.38
CA GLU Y 2 -51.63 -47.40 30.73
C GLU Y 2 -52.63 -47.45 29.57
N GLU Y 3 -52.17 -46.98 28.41
CA GLU Y 3 -52.95 -47.01 27.18
C GLU Y 3 -52.20 -47.86 26.17
N THR Y 4 -52.85 -48.88 25.64
CA THR Y 4 -52.24 -49.70 24.62
C THR Y 4 -52.23 -48.96 23.28
N PHE Y 5 -51.43 -49.46 22.35
CA PHE Y 5 -51.34 -48.81 21.05
C PHE Y 5 -52.67 -48.82 20.33
N GLU Y 6 -53.42 -49.92 20.45
CA GLU Y 6 -54.72 -50.00 19.80
C GLU Y 6 -55.70 -48.97 20.35
N GLU Y 7 -55.65 -48.73 21.66
CA GLU Y 7 -56.47 -47.67 22.25
C GLU Y 7 -56.00 -46.29 21.85
N PHE Y 8 -54.71 -46.15 21.51
CA PHE Y 8 -54.20 -44.85 21.09
C PHE Y 8 -54.78 -44.43 19.74
N THR Y 9 -54.83 -45.36 18.77
CA THR Y 9 -55.36 -44.99 17.46
C THR Y 9 -56.85 -44.70 17.52
N ALA Y 10 -57.60 -45.54 18.25
CA ALA Y 10 -59.04 -45.37 18.31
C ALA Y 10 -59.46 -44.11 19.04
N ARG Y 11 -58.59 -43.54 19.86
CA ARG Y 11 -58.91 -42.31 20.56
C ARG Y 11 -58.55 -41.06 19.75
N TYR Y 12 -57.44 -41.08 19.01
CA TYR Y 12 -57.09 -39.92 18.20
C TYR Y 12 -57.82 -39.89 16.87
N GLU Y 13 -58.28 -41.04 16.37
CA GLU Y 13 -59.21 -41.03 15.25
C GLU Y 13 -60.51 -40.30 15.63
N LYS Y 14 -61.01 -40.55 16.83
CA LYS Y 14 -62.18 -39.83 17.31
C LYS Y 14 -61.88 -38.35 17.52
N GLU Y 15 -60.65 -38.03 17.89
CA GLU Y 15 -60.29 -36.65 18.20
C GLU Y 15 -60.05 -35.80 16.96
N PHE Y 16 -59.70 -36.41 15.82
CA PHE Y 16 -59.53 -35.64 14.59
C PHE Y 16 -60.86 -35.35 13.90
N ASP Y 17 -61.89 -36.16 14.14
CA ASP Y 17 -63.19 -35.92 13.54
C ASP Y 17 -63.96 -34.78 14.19
N GLU Y 18 -63.64 -34.43 15.43
CA GLU Y 18 -64.37 -33.40 16.14
C GLU Y 18 -63.75 -32.01 16.04
N ALA Y 19 -62.58 -31.87 15.42
CA ALA Y 19 -61.90 -30.59 15.37
C ALA Y 19 -62.60 -29.66 14.38
N TYR Y 20 -62.92 -28.44 14.83
CA TYR Y 20 -63.84 -27.58 14.08
C TYR Y 20 -63.22 -26.32 13.50
N ASP Y 21 -61.96 -26.02 13.79
CA ASP Y 21 -61.29 -24.93 13.09
C ASP Y 21 -59.80 -25.23 13.02
N LEU Y 22 -59.02 -24.26 12.57
CA LEU Y 22 -57.58 -24.48 12.40
C LEU Y 22 -56.88 -24.64 13.74
N PHE Y 23 -57.23 -23.82 14.73
CA PHE Y 23 -56.65 -23.95 16.06
C PHE Y 23 -56.84 -25.36 16.61
N GLU Y 24 -58.01 -25.96 16.39
CA GLU Y 24 -58.28 -27.28 16.92
C GLU Y 24 -57.50 -28.37 16.17
N VAL Y 25 -57.36 -28.24 14.86
CA VAL Y 25 -56.64 -29.24 14.08
C VAL Y 25 -55.15 -29.20 14.36
N GLN Y 26 -54.60 -28.01 14.60
CA GLN Y 26 -53.19 -27.89 14.94
C GLN Y 26 -52.91 -28.29 16.38
N ARG Y 27 -53.84 -28.03 17.30
CA ARG Y 27 -53.62 -28.42 18.69
C ARG Y 27 -53.73 -29.92 18.87
N VAL Y 28 -54.68 -30.57 18.18
CA VAL Y 28 -54.79 -32.02 18.30
C VAL Y 28 -53.60 -32.70 17.64
N LEU Y 29 -53.11 -32.14 16.53
CA LEU Y 29 -51.97 -32.73 15.83
C LEU Y 29 -50.71 -32.62 16.67
N ASN Y 30 -50.53 -31.51 17.37
CA ASN Y 30 -49.35 -31.33 18.22
C ASN Y 30 -49.28 -32.39 19.32
N ASN Y 31 -50.41 -32.70 19.96
CA ASN Y 31 -50.41 -33.66 21.05
C ASN Y 31 -50.26 -35.09 20.55
N CYS Y 32 -50.64 -35.37 19.31
CA CYS Y 32 -50.58 -36.72 18.77
C CYS Y 32 -49.15 -37.13 18.44
N PHE Y 33 -48.28 -36.17 18.14
CA PHE Y 33 -46.90 -36.45 17.78
C PHE Y 33 -45.95 -36.25 18.97
N SER Y 34 -46.48 -36.09 20.18
CA SER Y 34 -45.68 -35.79 21.35
C SER Y 34 -45.51 -36.98 22.28
N TYR Y 35 -45.89 -38.17 21.85
CA TYR Y 35 -45.72 -39.38 22.64
C TYR Y 35 -44.48 -40.11 22.16
N ASP Y 36 -44.22 -41.26 22.77
CA ASP Y 36 -43.06 -42.07 22.39
C ASP Y 36 -43.48 -43.17 21.42
N LEU Y 37 -44.03 -42.74 20.30
CA LEU Y 37 -44.51 -43.66 19.29
C LEU Y 37 -44.79 -42.88 18.01
N VAL Y 38 -44.79 -43.58 16.89
CA VAL Y 38 -45.19 -43.02 15.61
C VAL Y 38 -46.65 -43.39 15.38
N PRO Y 39 -47.54 -42.43 15.14
CA PRO Y 39 -48.94 -42.77 14.92
C PRO Y 39 -49.10 -43.71 13.72
N ALA Y 40 -50.13 -44.55 13.79
CA ALA Y 40 -50.39 -45.53 12.77
C ALA Y 40 -50.83 -44.87 11.47
N PRO Y 41 -50.72 -45.58 10.33
CA PRO Y 41 -51.17 -44.98 9.07
C PRO Y 41 -52.63 -44.54 9.08
N ALA Y 42 -53.49 -45.23 9.81
CA ALA Y 42 -54.89 -44.84 9.85
C ALA Y 42 -55.12 -43.57 10.66
N VAL Y 43 -54.15 -43.16 11.48
CA VAL Y 43 -54.28 -41.88 12.18
C VAL Y 43 -53.83 -40.74 11.28
N ILE Y 44 -52.78 -40.95 10.48
CA ILE Y 44 -52.29 -39.93 9.56
C ILE Y 44 -53.33 -39.60 8.51
N GLU Y 45 -54.08 -40.61 8.06
CA GLU Y 45 -55.10 -40.36 7.06
C GLU Y 45 -56.22 -39.47 7.59
N LYS Y 46 -56.59 -39.64 8.86
CA LYS Y 46 -57.63 -38.78 9.42
C LYS Y 46 -57.14 -37.37 9.71
N ALA Y 47 -55.83 -37.17 9.90
CA ALA Y 47 -55.29 -35.84 10.09
C ALA Y 47 -55.20 -35.07 8.78
N LEU Y 48 -55.04 -35.77 7.66
CA LEU Y 48 -55.05 -35.10 6.35
C LEU Y 48 -56.46 -34.70 5.96
N ARG Y 49 -57.44 -35.55 6.26
CA ARG Y 49 -58.84 -35.26 5.96
C ARG Y 49 -59.45 -34.26 6.90
N ALA Y 50 -58.78 -33.92 7.99
CA ALA Y 50 -59.23 -32.86 8.88
C ALA Y 50 -58.72 -31.50 8.46
N ALA Y 51 -57.54 -31.43 7.86
CA ALA Y 51 -57.02 -30.17 7.33
C ALA Y 51 -57.64 -29.80 6.00
N ARG Y 52 -58.14 -30.78 5.25
CA ARG Y 52 -58.92 -30.48 4.05
C ARG Y 52 -60.24 -29.82 4.41
N ARG Y 53 -60.87 -30.28 5.49
CA ARG Y 53 -62.18 -29.77 5.91
C ARG Y 53 -62.12 -28.37 6.48
N VAL Y 54 -60.96 -27.91 6.96
CA VAL Y 54 -60.77 -26.52 7.35
C VAL Y 54 -60.03 -25.71 6.28
N ASN Y 55 -59.68 -26.34 5.16
CA ASN Y 55 -59.12 -25.66 3.99
C ASN Y 55 -57.74 -25.03 4.29
N ASP Y 56 -56.78 -25.88 4.66
CA ASP Y 56 -55.42 -25.42 4.96
C ASP Y 56 -54.39 -26.40 4.43
N LEU Y 57 -53.65 -26.00 3.41
CA LEU Y 57 -52.65 -26.81 2.75
C LEU Y 57 -51.32 -26.92 3.51
N PRO Y 58 -50.77 -25.85 4.12
CA PRO Y 58 -49.51 -26.03 4.85
C PRO Y 58 -49.59 -27.00 6.02
N THR Y 59 -50.73 -27.10 6.70
CA THR Y 59 -50.85 -28.08 7.78
C THR Y 59 -50.74 -29.50 7.26
N ALA Y 60 -51.24 -29.77 6.06
CA ALA Y 60 -51.11 -31.09 5.46
C ALA Y 60 -49.70 -31.39 4.98
N ILE Y 61 -48.95 -30.36 4.62
CA ILE Y 61 -47.55 -30.59 4.24
C ILE Y 61 -46.73 -30.92 5.48
N ARG Y 62 -46.95 -30.19 6.57
CA ARG Y 62 -46.20 -30.42 7.80
C ARG Y 62 -46.46 -31.79 8.41
N VAL Y 63 -47.56 -32.44 8.03
CA VAL Y 63 -47.86 -33.76 8.58
C VAL Y 63 -46.78 -34.76 8.19
N PHE Y 64 -46.39 -34.76 6.93
CA PHE Y 64 -45.37 -35.67 6.45
C PHE Y 64 -43.96 -35.26 6.87
N GLU Y 65 -43.76 -33.97 7.16
CA GLU Y 65 -42.47 -33.51 7.65
C GLU Y 65 -42.21 -34.01 9.07
N ALA Y 66 -43.23 -33.95 9.94
CA ALA Y 66 -43.09 -34.53 11.27
C ALA Y 66 -42.91 -36.03 11.19
N LEU Y 67 -43.48 -36.67 10.19
CA LEU Y 67 -43.37 -38.12 10.06
C LEU Y 67 -41.94 -38.54 9.79
N LYS Y 68 -41.19 -37.75 9.03
CA LYS Y 68 -39.81 -38.08 8.72
C LYS Y 68 -38.85 -37.75 9.85
N TYR Y 69 -39.28 -36.97 10.84
CA TYR Y 69 -38.49 -36.75 12.03
C TYR Y 69 -38.67 -37.87 13.05
N LYS Y 70 -39.88 -38.42 13.16
CA LYS Y 70 -40.23 -39.33 14.24
C LYS Y 70 -39.80 -40.77 13.98
N VAL Y 71 -39.66 -41.19 12.72
CA VAL Y 71 -39.30 -42.57 12.43
C VAL Y 71 -37.85 -42.81 12.80
N GLU Y 72 -37.43 -44.07 12.83
CA GLU Y 72 -36.06 -44.38 13.21
C GLU Y 72 -35.13 -44.50 12.01
N ASN Y 73 -35.60 -45.10 10.91
CA ASN Y 73 -34.83 -45.22 9.69
C ASN Y 73 -35.51 -44.45 8.57
N GLU Y 74 -34.81 -44.35 7.44
CA GLU Y 74 -35.37 -43.79 6.23
C GLU Y 74 -36.20 -44.81 5.45
N ASP Y 75 -36.09 -46.09 5.78
CA ASP Y 75 -36.97 -47.11 5.22
C ASP Y 75 -38.29 -47.22 5.96
N GLN Y 76 -38.40 -46.62 7.16
CA GLN Y 76 -39.69 -46.46 7.79
C GLN Y 76 -40.44 -45.26 7.23
N TYR Y 77 -39.72 -44.23 6.79
CA TYR Y 77 -40.36 -43.12 6.12
C TYR Y 77 -40.91 -43.54 4.76
N LYS Y 78 -40.18 -44.39 4.05
CA LYS Y 78 -40.62 -44.83 2.73
C LYS Y 78 -41.88 -45.68 2.82
N ALA Y 79 -41.95 -46.59 3.77
CA ALA Y 79 -43.10 -47.48 3.88
C ALA Y 79 -44.38 -46.74 4.24
N TYR Y 80 -44.28 -45.56 4.86
CA TYR Y 80 -45.44 -44.72 5.07
C TYR Y 80 -45.87 -44.04 3.78
N LEU Y 81 -44.91 -43.50 3.02
CA LEU Y 81 -45.22 -42.87 1.74
C LEU Y 81 -45.76 -43.86 0.72
N ASP Y 82 -45.62 -45.15 0.99
CA ASP Y 82 -46.15 -46.19 0.13
C ASP Y 82 -47.50 -46.72 0.61
N GLU Y 83 -47.87 -46.44 1.85
CA GLU Y 83 -49.21 -46.75 2.32
C GLU Y 83 -50.17 -45.60 2.02
N LEU Y 84 -49.78 -44.38 2.35
CA LEU Y 84 -50.62 -43.22 2.09
C LEU Y 84 -50.42 -42.70 0.68
N LYS Y 85 -50.47 -43.57 -0.32
CA LYS Y 85 -50.16 -43.13 -1.68
C LYS Y 85 -51.36 -42.45 -2.33
N ASP Y 86 -52.53 -43.09 -2.26
CA ASP Y 86 -53.73 -42.54 -2.87
C ASP Y 86 -54.15 -41.24 -2.21
N VAL Y 87 -54.09 -41.17 -0.90
CA VAL Y 87 -54.63 -40.01 -0.19
C VAL Y 87 -53.80 -38.76 -0.49
N ARG Y 88 -52.47 -38.90 -0.50
CA ARG Y 88 -51.62 -37.77 -0.87
C ARG Y 88 -51.82 -37.37 -2.32
N GLN Y 89 -52.26 -38.32 -3.14
CA GLN Y 89 -52.53 -38.07 -4.55
C GLN Y 89 -53.94 -37.56 -4.79
N GLU Y 90 -54.92 -38.07 -4.04
CA GLU Y 90 -56.31 -37.67 -4.22
C GLU Y 90 -56.57 -36.26 -3.71
N LEU Y 91 -55.95 -35.85 -2.61
CA LEU Y 91 -56.12 -34.50 -2.11
C LEU Y 91 -55.14 -33.50 -2.72
N GLY Y 92 -54.08 -33.97 -3.39
CA GLY Y 92 -53.13 -33.08 -4.03
C GLY Y 92 -52.08 -32.50 -3.11
N VAL Y 93 -51.58 -33.28 -2.16
CA VAL Y 93 -50.62 -32.81 -1.18
C VAL Y 93 -49.22 -33.12 -1.69
N PRO Y 94 -48.34 -32.14 -1.82
CA PRO Y 94 -46.94 -32.41 -2.16
C PRO Y 94 -46.06 -32.62 -0.93
N LEU Y 95 -44.90 -33.21 -1.17
CA LEU Y 95 -43.89 -33.35 -0.13
C LEU Y 95 -43.00 -32.11 -0.09
N LYS Y 96 -42.48 -31.82 1.11
CA LYS Y 96 -41.67 -30.61 1.27
C LYS Y 96 -40.39 -30.67 0.45
N GLU Y 97 -39.86 -31.86 0.23
CA GLU Y 97 -38.72 -32.00 -0.68
C GLU Y 97 -39.13 -31.79 -2.13
N GLU Y 98 -40.33 -32.25 -2.49
CA GLU Y 98 -40.84 -32.05 -3.84
C GLU Y 98 -41.19 -30.60 -4.12
N LEU Y 99 -41.60 -29.85 -3.10
CA LEU Y 99 -42.01 -28.47 -3.25
C LEU Y 99 -40.83 -27.50 -3.28
N PHE Y 100 -39.84 -27.72 -2.44
CA PHE Y 100 -38.63 -26.92 -2.44
C PHE Y 100 -37.46 -27.83 -2.80
N PRO Y 101 -37.35 -28.29 -4.06
CA PRO Y 101 -36.33 -29.28 -4.37
C PRO Y 101 -34.94 -28.67 -4.37
N SER Y 102 -33.98 -29.46 -3.91
CA SER Y 102 -32.62 -28.98 -3.74
C SER Y 102 -31.68 -29.63 -4.75
N ALA Z 1 -64.62 8.98 78.95
CA ALA Z 1 -65.89 8.53 78.40
C ALA Z 1 -65.68 7.80 77.09
N ASN Z 2 -66.77 7.47 76.41
CA ASN Z 2 -66.70 6.82 75.09
C ASN Z 2 -66.59 7.90 74.02
N LYS Z 3 -65.56 7.80 73.19
CA LYS Z 3 -65.35 8.72 72.08
C LYS Z 3 -64.92 7.98 70.83
N VAL Z 4 -65.29 6.70 70.72
CA VAL Z 4 -64.90 5.93 69.55
C VAL Z 4 -65.64 6.42 68.31
N ILE Z 5 -66.95 6.61 68.42
CA ILE Z 5 -67.75 6.98 67.25
C ILE Z 5 -67.40 8.38 66.79
N GLN Z 6 -67.23 9.32 67.72
CA GLN Z 6 -66.89 10.68 67.34
C GLN Z 6 -65.54 10.76 66.66
N LEU Z 7 -64.52 10.07 67.19
CA LEU Z 7 -63.23 10.02 66.52
C LEU Z 7 -63.30 9.22 65.23
N GLN Z 8 -64.28 8.35 65.11
CA GLN Z 8 -64.43 7.53 63.92
C GLN Z 8 -64.82 8.38 62.71
N LYS Z 9 -65.60 9.42 62.92
CA LYS Z 9 -66.02 10.29 61.83
C LYS Z 9 -65.03 11.41 61.54
N ILE Z 10 -64.26 11.85 62.54
CA ILE Z 10 -63.18 12.78 62.29
C ILE Z 10 -62.12 12.14 61.41
N PHE Z 11 -61.75 10.89 61.71
CA PHE Z 11 -60.65 10.25 61.01
C PHE Z 11 -61.02 9.91 59.57
N GLN Z 12 -62.24 9.47 59.34
CA GLN Z 12 -62.61 8.95 58.03
C GLN Z 12 -62.95 10.04 57.01
N SER Z 13 -63.04 11.30 57.43
CA SER Z 13 -63.34 12.40 56.53
C SER Z 13 -62.22 13.42 56.49
N SER Z 14 -60.99 12.99 56.70
CA SER Z 14 -59.84 13.88 56.79
C SER Z 14 -58.89 13.63 55.62
N THR Z 15 -58.31 14.71 55.10
CA THR Z 15 -57.40 14.62 53.98
C THR Z 15 -55.94 14.46 54.41
N LYS Z 16 -55.61 14.83 55.63
CA LYS Z 16 -54.24 14.84 56.11
C LYS Z 16 -53.71 13.42 56.25
N PRO Z 17 -52.39 13.25 56.36
CA PRO Z 17 -51.84 11.92 56.62
C PRO Z 17 -52.40 11.34 57.91
N LEU Z 18 -52.23 10.02 58.05
CA LEU Z 18 -52.84 9.31 59.17
C LEU Z 18 -52.35 9.84 60.52
N TRP Z 19 -51.04 10.10 60.63
CA TRP Z 19 -50.44 10.54 61.88
C TRP Z 19 -50.70 12.00 62.19
N TRP Z 20 -51.55 12.68 61.43
CA TRP Z 20 -51.83 14.09 61.64
C TRP Z 20 -53.30 14.39 61.91
N ARG Z 21 -54.18 13.38 61.85
CA ARG Z 21 -55.61 13.66 61.86
C ARG Z 21 -56.14 14.01 63.24
N HIS Z 22 -55.61 13.41 64.30
CA HIS Z 22 -56.08 13.72 65.64
C HIS Z 22 -55.75 15.18 65.99
N PRO Z 23 -56.69 15.90 66.60
CA PRO Z 23 -56.44 17.31 66.94
C PRO Z 23 -55.27 17.54 67.87
N ARG Z 24 -54.87 16.53 68.63
CA ARG Z 24 -53.79 16.64 69.60
C ARG Z 24 -52.44 16.25 69.03
N SER Z 25 -52.35 15.96 67.74
CA SER Z 25 -51.12 15.38 67.20
C SER Z 25 -50.01 16.40 66.99
N ALA Z 26 -50.33 17.70 67.02
CA ALA Z 26 -49.28 18.70 66.87
C ALA Z 26 -48.35 18.72 68.05
N LEU Z 27 -48.85 18.40 69.24
CA LEU Z 27 -48.05 18.51 70.45
C LEU Z 27 -47.02 17.40 70.57
N TYR Z 28 -47.20 16.31 69.84
CA TYR Z 28 -46.22 15.23 69.83
C TYR Z 28 -45.24 15.36 68.68
N LEU Z 29 -45.74 15.72 67.49
CA LEU Z 29 -44.92 15.65 66.29
C LEU Z 29 -43.93 16.80 66.19
N TYR Z 30 -44.29 17.99 66.65
CA TYR Z 30 -43.32 19.10 66.60
C TYR Z 30 -42.10 18.87 67.47
N PRO Z 31 -42.22 18.53 68.76
CA PRO Z 31 -41.00 18.33 69.55
C PRO Z 31 -40.25 17.05 69.22
N PHE Z 32 -40.90 16.05 68.65
CA PHE Z 32 -40.19 14.82 68.33
C PHE Z 32 -39.20 15.05 67.19
N TYR Z 33 -39.60 15.84 66.20
CA TYR Z 33 -38.75 16.02 65.04
C TYR Z 33 -37.49 16.80 65.39
N ALA Z 34 -37.59 17.77 66.29
CA ALA Z 34 -36.41 18.50 66.75
C ALA Z 34 -35.48 17.58 67.53
N ILE Z 35 -36.03 16.77 68.43
CA ILE Z 35 -35.23 15.84 69.21
C ILE Z 35 -34.61 14.77 68.32
N PHE Z 36 -35.32 14.36 67.28
CA PHE Z 36 -34.81 13.33 66.37
C PHE Z 36 -33.61 13.83 65.59
N ALA Z 37 -33.51 15.14 65.34
CA ALA Z 37 -32.40 15.68 64.59
C ALA Z 37 -31.13 15.73 65.43
N VAL Z 38 -31.25 16.11 66.70
CA VAL Z 38 -30.08 16.14 67.58
C VAL Z 38 -29.53 14.74 67.78
N ALA Z 39 -30.41 13.76 67.94
CA ALA Z 39 -29.99 12.40 68.23
C ALA Z 39 -29.35 11.69 67.06
N VAL Z 40 -29.41 12.26 65.86
CA VAL Z 40 -28.79 11.68 64.67
C VAL Z 40 -27.50 12.41 64.29
N VAL Z 41 -27.49 13.74 64.40
CA VAL Z 41 -26.34 14.51 63.98
C VAL Z 41 -25.16 14.30 64.92
N THR Z 42 -25.42 14.36 66.22
CA THR Z 42 -24.34 14.43 67.21
C THR Z 42 -23.39 13.24 67.19
N PRO Z 43 -23.85 11.99 67.12
CA PRO Z 43 -22.88 10.89 66.98
C PRO Z 43 -22.04 11.00 65.73
N LEU Z 44 -22.57 11.56 64.65
CA LEU Z 44 -21.81 11.68 63.42
C LEU Z 44 -20.68 12.69 63.55
N LEU Z 45 -20.84 13.70 64.38
CA LEU Z 45 -19.82 14.71 64.62
C LEU Z 45 -18.69 14.21 65.44
N TYR Z 46 -18.57 12.90 65.69
CA TYR Z 46 -17.51 12.34 66.52
C TYR Z 46 -16.65 11.33 65.79
N ILE Z 47 -17.06 10.88 64.62
CA ILE Z 47 -16.27 9.95 63.81
C ILE Z 47 -14.93 10.56 63.41
N PRO Z 48 -14.85 11.85 63.07
CA PRO Z 48 -13.51 12.44 62.83
C PRO Z 48 -12.52 12.25 63.96
N ASN Z 49 -12.93 12.38 65.23
CA ASN Z 49 -12.00 12.12 66.33
C ASN Z 49 -11.69 10.63 66.45
N ALA Z 50 -12.68 9.78 66.23
CA ALA Z 50 -12.45 8.34 66.36
C ALA Z 50 -11.42 7.83 65.36
N ILE Z 51 -11.48 8.33 64.12
CA ILE Z 51 -10.46 7.98 63.13
C ILE Z 51 -9.11 8.55 63.52
N ARG Z 52 -9.11 9.75 64.10
CA ARG Z 52 -7.87 10.42 64.48
C ARG Z 52 -7.36 10.02 65.86
N GLY Z 53 -8.11 9.19 66.59
CA GLY Z 53 -7.62 8.70 67.86
C GLY Z 53 -7.63 9.68 69.00
N ILE Z 54 -8.42 10.73 68.92
CA ILE Z 54 -8.54 11.69 70.01
C ILE Z 54 -9.65 11.24 70.94
N LYS Z 55 -9.37 11.17 72.23
CA LYS Z 55 -10.34 10.75 73.23
C LYS Z 55 -10.81 11.93 74.05
N ALA Z 56 -12.07 11.87 74.47
CA ALA Z 56 -12.65 12.95 75.25
C ALA Z 56 -11.97 13.06 76.60
N LYS Z 57 -11.79 14.30 77.07
CA LYS Z 57 -11.09 14.54 78.32
C LYS Z 57 -12.11 14.77 79.45
N LYS Z 58 -12.82 13.68 79.77
CA LYS Z 58 -13.76 13.72 80.88
C LYS Z 58 -13.08 13.89 82.22
N ALA Z 59 -11.76 13.72 82.28
CA ALA Z 59 -11.00 13.89 83.52
C ALA Z 59 -11.12 15.33 84.03
N VAL AA 1 -51.55 4.78 47.84
CA VAL AA 1 -51.32 5.96 47.02
C VAL AA 1 -51.21 5.56 45.55
N HIS AA 2 -51.70 6.43 44.67
CA HIS AA 2 -51.67 6.20 43.24
C HIS AA 2 -50.36 6.69 42.65
N PHE AA 3 -49.70 5.82 41.89
CA PHE AA 3 -48.47 6.12 41.19
C PHE AA 3 -48.70 5.98 39.70
N LYS AA 4 -47.68 6.29 38.91
CA LYS AA 4 -47.76 6.18 37.46
C LYS AA 4 -47.27 4.82 37.01
N ASP AA 5 -47.60 4.48 35.76
CA ASP AA 5 -47.19 3.24 35.12
C ASP AA 5 -46.40 3.56 33.86
N GLY AA 6 -45.67 2.57 33.36
CA GLY AA 6 -44.87 2.76 32.17
C GLY AA 6 -43.52 2.09 32.30
N VAL AA 7 -42.54 2.60 31.56
CA VAL AA 7 -41.26 1.94 31.44
C VAL AA 7 -40.24 2.47 32.43
N TYR AA 8 -40.05 3.79 32.48
CA TYR AA 8 -39.05 4.41 33.33
C TYR AA 8 -39.66 4.97 34.61
N GLU AA 9 -40.80 4.41 35.05
CA GLU AA 9 -41.54 4.97 36.18
C GLU AA 9 -41.40 4.16 37.45
N ASN AA 10 -40.92 2.92 37.38
CA ASN AA 10 -40.78 2.07 38.56
C ASN AA 10 -39.34 2.00 39.06
N ILE AA 11 -38.55 3.04 38.83
CA ILE AA 11 -37.19 3.08 39.34
C ILE AA 11 -36.97 4.43 40.02
N PRO AA 12 -36.09 4.52 41.02
CA PRO AA 12 -35.93 5.78 41.74
C PRO AA 12 -35.07 6.82 41.03
N PHE AA 13 -34.40 6.46 39.95
CA PHE AA 13 -33.49 7.37 39.27
C PHE AA 13 -34.00 7.75 37.88
N LYS AA 14 -33.60 8.93 37.43
CA LYS AA 14 -34.03 9.49 36.16
C LYS AA 14 -33.03 9.13 35.07
N VAL AA 15 -33.55 8.65 33.94
CA VAL AA 15 -32.72 8.23 32.84
C VAL AA 15 -32.89 9.12 31.60
N LYS AA 16 -34.07 9.72 31.41
CA LYS AA 16 -34.37 10.45 30.20
C LYS AA 16 -34.89 11.84 30.53
N GLY AA 17 -34.70 12.76 29.59
CA GLY AA 17 -35.14 14.12 29.82
C GLY AA 17 -34.31 14.90 30.81
N ARG AA 18 -33.11 14.43 31.10
CA ARG AA 18 -32.22 15.09 32.05
C ARG AA 18 -31.15 15.89 31.31
N LYS AA 19 -30.64 16.91 32.00
CA LYS AA 19 -29.61 17.77 31.44
C LYS AA 19 -28.27 17.05 31.33
N THR AA 20 -27.78 16.57 32.46
CA THR AA 20 -26.54 15.82 32.51
C THR AA 20 -26.73 14.43 31.92
N PRO AA 21 -25.74 13.88 31.23
CA PRO AA 21 -25.86 12.53 30.71
C PRO AA 21 -26.04 11.50 31.82
N TYR AA 22 -26.84 10.47 31.52
CA TYR AA 22 -27.06 9.38 32.45
C TYR AA 22 -25.80 8.57 32.71
N ALA AA 23 -24.80 8.65 31.84
CA ALA AA 23 -23.57 7.91 32.06
C ALA AA 23 -22.82 8.41 33.30
N LEU AA 24 -22.98 9.68 33.64
CA LEU AA 24 -22.28 10.19 34.81
C LEU AA 24 -22.87 9.61 36.10
N SER AA 25 -24.18 9.39 36.12
CA SER AA 25 -24.83 8.75 37.27
C SER AA 25 -24.58 7.25 37.31
N HIS AA 26 -24.65 6.58 36.17
CA HIS AA 26 -24.57 5.12 36.16
C HIS AA 26 -23.19 4.64 36.58
N PHE AA 27 -22.14 5.18 35.97
CA PHE AA 27 -20.79 4.73 36.25
C PHE AA 27 -20.17 5.44 37.45
N GLY AA 28 -20.65 6.63 37.80
CA GLY AA 28 -20.23 7.23 39.05
C GLY AA 28 -20.72 6.46 40.27
N PHE AA 29 -21.92 5.89 40.18
CA PHE AA 29 -22.47 5.13 41.30
C PHE AA 29 -21.68 3.84 41.53
N PHE AA 30 -21.32 3.13 40.47
CA PHE AA 30 -20.54 1.92 40.61
C PHE AA 30 -19.06 2.17 40.80
N ALA AA 31 -18.59 3.38 40.52
CA ALA AA 31 -17.19 3.71 40.80
C ALA AA 31 -16.96 3.91 42.29
N ILE AA 32 -17.90 4.56 42.96
CA ILE AA 32 -17.79 4.77 44.40
C ILE AA 32 -17.82 3.46 45.15
N GLY AA 33 -18.59 2.48 44.67
CA GLY AA 33 -18.59 1.17 45.30
C GLY AA 33 -17.24 0.48 45.21
N PHE AA 34 -16.65 0.49 44.02
CA PHE AA 34 -15.35 -0.11 43.78
C PHE AA 34 -14.21 0.62 44.48
N ALA AA 35 -14.46 1.81 45.02
CA ALA AA 35 -13.39 2.65 45.54
C ALA AA 35 -13.29 2.72 47.05
N VAL AA 36 -14.21 2.10 47.80
CA VAL AA 36 -14.14 2.18 49.25
C VAL AA 36 -13.04 1.30 49.86
N PRO AA 37 -12.69 0.13 49.29
CA PRO AA 37 -11.53 -0.58 49.83
C PRO AA 37 -10.23 0.19 49.72
N PHE AA 38 -10.04 1.00 48.68
CA PHE AA 38 -8.81 1.75 48.52
C PHE AA 38 -8.73 2.94 49.47
N VAL AA 39 -9.87 3.52 49.85
CA VAL AA 39 -9.85 4.57 50.86
C VAL AA 39 -9.44 4.01 52.20
N ALA AA 40 -9.91 2.80 52.54
CA ALA AA 40 -9.51 2.18 53.79
C ALA AA 40 -8.01 1.90 53.83
N CYS AA 41 -7.47 1.36 52.73
CA CYS AA 41 -6.04 1.09 52.67
C CYS AA 41 -5.23 2.36 52.89
N TYR AA 42 -5.68 3.47 52.29
CA TYR AA 42 -4.93 4.71 52.39
C TYR AA 42 -4.86 5.21 53.83
N VAL AA 43 -5.97 5.13 54.56
CA VAL AA 43 -5.98 5.59 55.94
C VAL AA 43 -5.07 4.75 56.81
N GLN AA 44 -5.09 3.43 56.61
CA GLN AA 44 -4.32 2.54 57.47
C GLN AA 44 -2.84 2.52 57.12
N LEU AA 45 -2.48 2.66 55.85
CA LEU AA 45 -1.07 2.79 55.49
C LEU AA 45 -0.51 4.16 55.88
N LYS AA 46 -1.37 5.15 56.07
CA LYS AA 46 -0.95 6.44 56.57
C LYS AA 46 -0.91 6.48 58.09
N LYS AA 47 -1.36 5.43 58.75
CA LYS AA 47 -1.23 5.28 60.19
C LYS AA 47 -0.01 4.50 60.60
N SER AA 48 0.39 3.50 59.80
CA SER AA 48 1.57 2.72 60.05
C SER AA 48 2.86 3.47 59.73
N GLY AA 49 2.78 4.64 59.12
CA GLY AA 49 3.94 5.37 58.69
C GLY AA 49 4.53 4.89 57.37
N ALA AA 50 3.83 4.03 56.64
CA ALA AA 50 4.33 3.58 55.35
C ALA AA 50 4.37 4.73 54.34
N PHE AA 51 3.45 5.68 54.45
CA PHE AA 51 3.44 6.83 53.56
C PHE AA 51 4.18 7.99 54.21
N THR BA 1 -48.88 -54.85 6.55
CA THR BA 1 -49.19 -53.57 7.18
C THR BA 1 -48.07 -53.19 8.13
N ILE BA 2 -47.94 -51.89 8.42
CA ILE BA 2 -46.80 -51.41 9.20
C ILE BA 2 -46.98 -51.80 10.65
N ALA BA 3 -46.01 -52.54 11.19
CA ALA BA 3 -46.04 -52.89 12.61
C ALA BA 3 -45.74 -51.66 13.46
N PRO BA 4 -46.28 -51.60 14.66
CA PRO BA 4 -46.12 -50.38 15.48
C PRO BA 4 -44.67 -50.11 15.84
N ILE BA 5 -44.35 -48.83 15.92
CA ILE BA 5 -43.02 -48.34 16.27
C ILE BA 5 -43.13 -47.60 17.60
N THR BA 6 -42.52 -48.16 18.65
CA THR BA 6 -42.69 -47.65 19.99
C THR BA 6 -41.38 -47.77 20.76
N GLY BA 7 -41.31 -47.03 21.85
CA GLY BA 7 -40.20 -47.15 22.78
C GLY BA 7 -38.85 -46.79 22.22
N THR BA 8 -38.79 -45.75 21.38
CA THR BA 8 -37.50 -45.30 20.87
C THR BA 8 -36.71 -44.57 21.93
N ILE BA 9 -37.35 -43.67 22.67
CA ILE BA 9 -36.62 -42.90 23.68
C ILE BA 9 -36.46 -43.68 24.97
N LYS BA 10 -37.29 -44.69 25.22
CA LYS BA 10 -37.11 -45.48 26.43
C LYS BA 10 -35.82 -46.27 26.39
N ARG BA 11 -35.49 -46.84 25.24
CA ARG BA 11 -34.34 -47.72 25.14
C ARG BA 11 -33.03 -46.99 24.89
N ARG BA 12 -33.08 -45.69 24.59
CA ARG BA 12 -31.87 -44.90 24.47
C ARG BA 12 -31.53 -44.15 25.75
N VAL BA 13 -32.35 -44.26 26.80
CA VAL BA 13 -31.91 -43.86 28.12
C VAL BA 13 -31.23 -45.00 28.85
N ILE BA 14 -31.49 -46.25 28.45
CA ILE BA 14 -30.77 -47.38 29.02
C ILE BA 14 -29.34 -47.39 28.54
N MET BA 15 -29.10 -47.05 27.28
CA MET BA 15 -27.74 -47.05 26.76
C MET BA 15 -26.93 -45.85 27.24
N ASP BA 16 -27.56 -44.70 27.45
CA ASP BA 16 -26.86 -43.56 28.04
C ASP BA 16 -26.34 -43.89 29.44
N ILE BA 17 -27.19 -44.48 30.27
CA ILE BA 17 -26.81 -44.78 31.64
C ILE BA 17 -25.72 -45.85 31.67
N VAL BA 18 -25.84 -46.87 30.81
CA VAL BA 18 -24.80 -47.88 30.73
C VAL BA 18 -23.48 -47.28 30.25
N LEU BA 19 -23.54 -46.37 29.29
CA LEU BA 19 -22.33 -45.71 28.80
C LEU BA 19 -21.69 -44.84 29.87
N GLY BA 20 -22.50 -44.13 30.65
CA GLY BA 20 -21.94 -43.25 31.67
C GLY BA 20 -21.21 -44.01 32.76
N PHE BA 21 -21.72 -45.17 33.14
CA PHE BA 21 -21.04 -45.99 34.13
C PHE BA 21 -19.77 -46.61 33.57
N SER BA 22 -19.78 -46.99 32.29
CA SER BA 22 -18.59 -47.54 31.68
C SER BA 22 -17.50 -46.48 31.48
N LEU BA 23 -17.89 -45.28 31.06
CA LEU BA 23 -16.89 -44.23 30.84
C LEU BA 23 -16.27 -43.78 32.15
N GLY BA 24 -17.10 -43.51 33.16
CA GLY BA 24 -16.58 -43.15 34.47
C GLY BA 24 -15.88 -44.28 35.17
N GLY BA 25 -16.12 -45.51 34.75
CA GLY BA 25 -15.43 -46.66 35.31
C GLY BA 25 -14.08 -46.97 34.71
N VAL BA 26 -13.68 -46.28 33.64
CA VAL BA 26 -12.34 -46.48 33.10
C VAL BA 26 -11.45 -45.32 33.54
N MET BA 27 -12.05 -44.16 33.79
CA MET BA 27 -11.28 -43.08 34.41
C MET BA 27 -10.89 -43.43 35.84
N ALA BA 28 -11.77 -44.14 36.56
CA ALA BA 28 -11.47 -44.55 37.92
C ALA BA 28 -10.50 -45.71 37.95
N SER BA 29 -10.55 -46.59 36.94
CA SER BA 29 -9.62 -47.71 36.90
C SER BA 29 -8.20 -47.27 36.65
N TYR BA 30 -7.99 -46.23 35.84
CA TYR BA 30 -6.64 -45.74 35.65
C TYR BA 30 -6.13 -45.07 36.91
N TRP BA 31 -6.99 -44.35 37.62
CA TRP BA 31 -6.55 -43.66 38.84
C TRP BA 31 -6.03 -44.64 39.87
N TRP BA 32 -6.68 -45.79 40.02
CA TRP BA 32 -6.23 -46.77 40.99
C TRP BA 32 -5.02 -47.56 40.48
N TRP BA 33 -5.20 -48.33 39.42
CA TRP BA 33 -4.16 -49.23 38.97
C TRP BA 33 -3.04 -48.54 38.21
N GLY BA 34 -3.22 -47.31 37.78
CA GLY BA 34 -2.16 -46.62 37.06
C GLY BA 34 -1.39 -45.63 37.91
N PHE BA 35 -2.11 -44.78 38.63
CA PHE BA 35 -1.49 -43.72 39.41
C PHE BA 35 -1.24 -44.12 40.85
N HIS BA 36 -2.28 -44.59 41.55
CA HIS BA 36 -2.13 -44.90 42.97
C HIS BA 36 -1.24 -46.11 43.18
N MET BA 37 -1.44 -47.18 42.40
CA MET BA 37 -0.59 -48.35 42.54
C MET BA 37 0.84 -48.05 42.17
N ASP BA 38 1.08 -46.99 41.39
CA ASP BA 38 2.43 -46.63 41.01
C ASP BA 38 3.20 -46.06 42.18
N LYS BA 39 2.56 -45.20 42.97
CA LYS BA 39 3.22 -44.59 44.12
C LYS BA 39 3.35 -45.56 45.29
N ILE BA 40 2.46 -46.54 45.39
CA ILE BA 40 2.56 -47.50 46.47
C ILE BA 40 3.78 -48.38 46.29
N ASN BA 41 4.07 -48.78 45.06
CA ASN BA 41 5.18 -49.68 44.80
C ASN BA 41 6.54 -48.99 44.87
N LYS BA 42 6.60 -47.70 44.59
CA LYS BA 42 7.83 -46.96 44.83
C LYS BA 42 8.12 -46.86 46.32
N ARG BA 43 7.09 -46.53 47.12
CA ARG BA 43 7.27 -46.41 48.55
C ARG BA 43 7.73 -47.72 49.16
N GLU BA 44 7.17 -48.84 48.69
CA GLU BA 44 7.49 -50.13 49.27
C GLU BA 44 8.87 -50.62 48.87
N LYS BA 45 9.49 -50.01 47.87
CA LYS BA 45 10.83 -50.33 47.46
C LYS BA 45 11.89 -49.55 48.23
N PHE BA 46 11.56 -48.31 48.62
CA PHE BA 46 12.46 -47.57 49.50
C PHE BA 46 12.60 -48.24 50.84
N TYR BA 47 11.50 -48.72 51.41
CA TYR BA 47 11.54 -49.31 52.74
C TYR BA 47 12.18 -50.69 52.73
N ALA BA 48 11.89 -51.49 51.69
CA ALA BA 48 12.41 -52.85 51.66
C ALA BA 48 13.90 -52.89 51.37
N GLU BA 49 14.45 -51.81 50.83
CA GLU BA 49 15.90 -51.66 50.73
C GLU BA 49 16.50 -51.04 51.97
N LEU BA 50 15.71 -50.30 52.74
CA LEU BA 50 16.18 -49.71 53.99
C LEU BA 50 16.42 -50.78 55.05
N ALA BA 51 15.61 -51.84 55.05
CA ALA BA 51 15.82 -52.93 55.99
C ALA BA 51 17.09 -53.70 55.66
N GLU BA 52 17.40 -53.86 54.38
CA GLU BA 52 18.62 -54.57 54.00
C GLU BA 52 19.86 -53.80 54.40
N ARG BA 53 19.82 -52.47 54.36
CA ARG BA 53 20.94 -51.68 54.87
C ARG BA 53 21.10 -51.82 56.38
N LYS BA 54 20.03 -52.16 57.09
CA LYS BA 54 20.14 -52.60 58.47
C LYS BA 54 20.63 -54.03 58.58
N LYS BA 55 20.69 -54.75 57.47
CA LYS BA 55 21.14 -56.14 57.39
C LYS BA 55 20.20 -57.08 58.14
N SER CA 1 15.74 -50.32 75.51
CA SER CA 1 15.76 -48.86 75.50
C SER CA 1 15.62 -48.30 76.90
N PRO CA 2 16.27 -47.17 77.17
CA PRO CA 2 16.18 -46.55 78.49
C PRO CA 2 15.04 -45.53 78.62
N LEU CA 3 14.07 -45.56 77.71
CA LEU CA 3 13.00 -44.57 77.67
C LEU CA 3 11.73 -45.12 78.29
N HIS CA 4 11.13 -44.34 79.20
CA HIS CA 4 9.89 -44.72 79.86
C HIS CA 4 9.05 -43.48 80.09
N THR CA 5 7.74 -43.62 79.95
CA THR CA 5 6.81 -42.55 80.30
C THR CA 5 5.48 -43.18 80.70
N VAL CA 6 4.60 -42.36 81.27
CA VAL CA 6 3.32 -42.88 81.75
C VAL CA 6 2.52 -43.42 80.59
N GLY CA 7 1.70 -44.44 80.86
CA GLY CA 7 0.99 -45.17 79.85
C GLY CA 7 -0.50 -44.88 79.83
N PHE CA 8 -1.25 -45.80 79.24
CA PHE CA 8 -2.69 -45.64 79.08
C PHE CA 8 -3.39 -45.81 80.42
N ASP CA 9 -4.29 -44.87 80.74
CA ASP CA 9 -5.07 -44.89 81.97
C ASP CA 9 -6.55 -44.91 81.62
N ALA CA 10 -7.28 -45.88 82.18
CA ALA CA 10 -8.67 -46.07 81.81
C ALA CA 10 -9.60 -44.97 82.33
N ARG CA 11 -9.16 -44.18 83.30
CA ARG CA 11 -9.98 -43.05 83.73
C ARG CA 11 -10.00 -41.95 82.69
N PHE CA 12 -8.91 -41.78 81.93
CA PHE CA 12 -8.79 -40.72 80.93
C PHE CA 12 -8.35 -41.33 79.61
N PRO CA 13 -9.29 -41.91 78.86
CA PRO CA 13 -8.94 -42.52 77.57
C PRO CA 13 -9.12 -41.62 76.35
N GLN CA 14 -9.60 -40.39 76.51
CA GLN CA 14 -9.91 -39.57 75.36
C GLN CA 14 -8.73 -38.68 74.99
N GLN CA 15 -8.90 -37.92 73.91
CA GLN CA 15 -7.87 -36.97 73.49
C GLN CA 15 -7.67 -35.88 74.51
N ASN CA 16 -8.76 -35.36 75.07
CA ASN CA 16 -8.67 -34.39 76.16
C ASN CA 16 -7.95 -35.00 77.35
N GLN CA 17 -6.90 -34.33 77.81
CA GLN CA 17 -6.05 -34.84 78.88
C GLN CA 17 -5.89 -33.85 80.02
N THR CA 18 -6.74 -32.83 80.09
CA THR CA 18 -6.58 -31.77 81.08
C THR CA 18 -6.67 -32.30 82.51
N LYS CA 19 -7.63 -33.19 82.77
CA LYS CA 19 -7.83 -33.67 84.14
C LYS CA 19 -6.79 -34.68 84.59
N HIS CA 20 -6.09 -35.32 83.65
CA HIS CA 20 -5.00 -36.22 84.01
C HIS CA 20 -3.88 -35.49 84.74
N CYS CA 21 -3.46 -34.33 84.22
CA CYS CA 21 -2.47 -33.52 84.92
C CYS CA 21 -3.00 -33.08 86.28
N TRP CA 22 -4.17 -32.47 86.31
CA TRP CA 22 -4.65 -31.82 87.52
C TRP CA 22 -4.91 -32.80 88.65
N GLN CA 23 -5.37 -34.01 88.32
CA GLN CA 23 -5.67 -34.98 89.36
C GLN CA 23 -4.40 -35.58 89.95
N SER CA 24 -3.36 -35.76 89.14
CA SER CA 24 -2.10 -36.29 89.65
C SER CA 24 -1.40 -35.27 90.55
N TYR CA 25 -1.49 -33.99 90.20
CA TYR CA 25 -0.95 -32.95 91.06
C TYR CA 25 -1.71 -32.91 92.37
N VAL CA 26 -3.04 -33.06 92.33
CA VAL CA 26 -3.86 -33.00 93.52
C VAL CA 26 -3.64 -34.22 94.40
N ASP CA 27 -3.59 -35.41 93.80
CA ASP CA 27 -3.34 -36.62 94.58
C ASP CA 27 -1.99 -36.57 95.25
N TYR CA 28 -0.97 -36.07 94.55
CA TYR CA 28 0.38 -36.07 95.10
C TYR CA 28 0.48 -35.20 96.35
N HIS CA 29 -0.10 -34.00 96.31
CA HIS CA 29 0.05 -33.08 97.44
C HIS CA 29 -0.74 -33.55 98.66
N LYS CA 30 -1.86 -34.23 98.46
CA LYS CA 30 -2.58 -34.79 99.59
C LYS CA 30 -2.00 -36.13 100.05
N CYS CA 31 -1.18 -36.77 99.22
CA CYS CA 31 -0.48 -37.98 99.69
C CYS CA 31 0.62 -37.61 100.68
N VAL CA 32 1.31 -36.50 100.46
CA VAL CA 32 2.35 -36.08 101.38
C VAL CA 32 1.81 -35.30 102.56
N ASN CA 33 0.54 -34.91 102.53
CA ASN CA 33 -0.03 -34.17 103.65
C ASN CA 33 -0.41 -35.05 104.81
N MET CA 34 -0.54 -36.36 104.61
CA MET CA 34 -0.90 -37.29 105.66
C MET CA 34 0.07 -38.45 105.80
N LYS CA 35 0.60 -38.92 104.66
CA LYS CA 35 1.53 -40.07 104.67
C LYS CA 35 2.97 -39.58 104.67
N GLY CA 36 3.17 -38.26 104.79
CA GLY CA 36 4.53 -37.69 104.83
C GLY CA 36 5.04 -37.36 103.44
N GLU CA 37 5.98 -36.42 103.36
CA GLU CA 37 6.55 -36.00 102.04
C GLU CA 37 7.21 -37.20 101.36
N ASP CA 38 7.89 -38.04 102.13
CA ASP CA 38 8.63 -39.19 101.54
C ASP CA 38 7.76 -40.45 101.60
N PHE CA 39 7.48 -41.05 100.44
CA PHE CA 39 6.69 -42.32 100.40
C PHE CA 39 7.03 -43.07 99.10
N ALA CA 40 7.61 -44.26 99.21
CA ALA CA 40 8.05 -45.02 98.01
C ALA CA 40 7.06 -44.82 96.86
N PRO CA 41 5.80 -45.32 96.94
CA PRO CA 41 4.84 -45.19 95.83
C PRO CA 41 4.05 -43.90 95.81
N CYS CA 42 4.45 -42.90 96.58
CA CYS CA 42 3.90 -41.55 96.42
C CYS CA 42 4.60 -40.80 95.30
N LYS CA 43 5.69 -41.35 94.76
CA LYS CA 43 6.36 -40.80 93.60
C LYS CA 43 5.66 -41.13 92.30
N VAL CA 44 4.72 -42.10 92.32
CA VAL CA 44 3.99 -42.44 91.11
C VAL CA 44 3.22 -41.23 90.59
N PHE CA 45 2.57 -40.51 91.50
CA PHE CA 45 1.87 -39.29 91.11
C PHE CA 45 2.82 -38.22 90.63
N TRP CA 46 3.97 -38.08 91.30
CA TRP CA 46 4.91 -37.01 90.99
C TRP CA 46 5.48 -37.15 89.59
N LYS CA 47 5.68 -38.38 89.13
CA LYS CA 47 6.18 -38.58 87.78
C LYS CA 47 5.13 -38.20 86.74
N THR CA 48 3.87 -38.53 87.00
CA THR CA 48 2.84 -38.33 85.98
C THR CA 48 2.50 -36.85 85.80
N TYR CA 49 2.33 -36.11 86.89
CA TYR CA 49 2.03 -34.69 86.70
C TYR CA 49 3.23 -33.90 86.19
N ASN CA 50 4.44 -34.45 86.27
CA ASN CA 50 5.58 -33.76 85.69
C ASN CA 50 5.70 -34.06 84.19
N ALA CA 51 5.38 -35.29 83.81
CA ALA CA 51 5.59 -35.71 82.42
C ALA CA 51 4.67 -34.98 81.46
N LEU CA 52 3.39 -34.85 81.80
CA LEU CA 52 2.40 -34.38 80.84
C LEU CA 52 1.71 -33.11 81.31
N CYS CA 53 2.44 -32.17 81.88
CA CYS CA 53 1.76 -30.98 82.34
C CYS CA 53 2.67 -29.77 82.27
N PRO CA 54 2.20 -28.65 81.72
CA PRO CA 54 3.09 -27.50 81.48
C PRO CA 54 3.71 -26.96 82.75
N LEU CA 55 4.93 -26.43 82.60
CA LEU CA 55 5.66 -25.88 83.73
C LEU CA 55 5.05 -24.57 84.21
N ASP CA 56 4.38 -23.83 83.33
CA ASP CA 56 3.73 -22.60 83.77
C ASP CA 56 2.47 -22.88 84.56
N TRP CA 57 1.82 -24.03 84.33
CA TRP CA 57 0.66 -24.40 85.13
C TRP CA 57 1.07 -24.73 86.56
N ILE CA 58 2.10 -25.57 86.73
CA ILE CA 58 2.60 -25.90 88.06
C ILE CA 58 3.06 -24.64 88.78
N GLU CA 59 3.68 -23.71 88.04
CA GLU CA 59 4.14 -22.47 88.65
C GLU CA 59 2.99 -21.66 89.23
N LYS CA 60 1.83 -21.67 88.56
CA LYS CA 60 0.69 -20.92 89.06
C LYS CA 60 0.04 -21.60 90.26
N TRP CA 61 -0.11 -22.91 90.20
CA TRP CA 61 -0.76 -23.61 91.30
C TRP CA 61 0.08 -23.57 92.57
N ASP CA 62 1.41 -23.61 92.44
CA ASP CA 62 2.27 -23.50 93.61
C ASP CA 62 2.10 -22.16 94.31
N ASP CA 63 2.03 -21.07 93.54
CA ASP CA 63 1.86 -19.74 94.13
C ASP CA 63 0.49 -19.59 94.79
N GLN CA 64 -0.53 -20.25 94.24
CA GLN CA 64 -1.86 -20.16 94.84
C GLN CA 64 -1.91 -20.91 96.17
N ARG CA 65 -1.28 -22.08 96.25
CA ARG CA 65 -1.24 -22.81 97.51
C ARG CA 65 -0.55 -22.02 98.61
N GLU CA 66 0.40 -21.16 98.23
CA GLU CA 66 1.10 -20.36 99.22
C GLU CA 66 0.18 -19.35 99.89
N LYS CA 67 -0.76 -18.78 99.14
CA LYS CA 67 -1.73 -17.84 99.67
C LYS CA 67 -3.04 -18.50 100.08
N GLY CA 68 -3.13 -19.82 100.02
CA GLY CA 68 -4.37 -20.52 100.32
C GLY CA 68 -5.47 -20.28 99.31
N ILE CA 69 -5.12 -20.22 98.03
CA ILE CA 69 -6.06 -19.96 96.95
C ILE CA 69 -6.17 -21.13 95.96
N PHE CA 70 -5.47 -22.22 96.20
CA PHE CA 70 -5.63 -23.37 95.33
C PHE CA 70 -7.06 -23.90 95.43
N ALA CA 71 -7.73 -24.01 94.28
CA ALA CA 71 -9.12 -24.44 94.24
C ALA CA 71 -9.29 -25.92 94.45
N GLY CA 72 -8.25 -26.72 94.24
CA GLY CA 72 -8.33 -28.13 94.55
C GLY CA 72 -8.45 -28.37 96.04
N ASP CA 73 -9.11 -29.46 96.40
CA ASP CA 73 -9.37 -29.80 97.80
C ASP CA 73 -8.34 -30.83 98.24
N ILE CA 74 -7.24 -30.33 98.82
CA ILE CA 74 -6.11 -31.19 99.17
C ILE CA 74 -5.95 -31.38 100.67
N ASN CA 75 -6.62 -30.59 101.49
CA ASN CA 75 -6.56 -30.76 102.94
C ASN CA 75 -7.92 -31.16 103.49
N LEU DA 1 -73.28 4.23 32.06
CA LEU DA 1 -74.03 3.21 32.79
C LEU DA 1 -74.17 1.93 31.98
N PRO DA 2 -73.43 0.90 32.37
CA PRO DA 2 -73.60 -0.42 31.75
C PRO DA 2 -74.94 -1.01 32.10
N PRO DA 3 -75.45 -1.93 31.27
CA PRO DA 3 -76.72 -2.61 31.62
C PRO DA 3 -76.65 -3.44 32.89
N ASN DA 4 -75.46 -3.88 33.30
CA ASN DA 4 -75.32 -4.74 34.47
C ASN DA 4 -75.36 -3.97 35.78
N ALA DA 5 -75.43 -2.64 35.73
CA ALA DA 5 -75.24 -1.83 36.93
C ALA DA 5 -76.28 -2.08 38.00
N LEU DA 6 -77.43 -2.64 37.67
CA LEU DA 6 -78.54 -2.81 38.61
C LEU DA 6 -78.96 -4.26 38.74
N LYS DA 7 -78.00 -5.18 38.83
CA LYS DA 7 -78.30 -6.59 38.97
C LYS DA 7 -77.58 -7.17 40.18
N PRO DA 8 -78.15 -8.21 40.81
CA PRO DA 8 -77.57 -8.70 42.07
C PRO DA 8 -76.15 -9.22 41.91
N ALA DA 9 -75.33 -8.99 42.95
CA ALA DA 9 -73.92 -9.35 42.93
C ALA DA 9 -73.60 -10.59 43.74
N PHE DA 10 -74.53 -11.08 44.56
CA PHE DA 10 -74.24 -12.19 45.47
C PHE DA 10 -75.05 -13.44 45.12
N GLY DA 11 -76.37 -13.33 45.06
CA GLY DA 11 -77.20 -14.49 44.85
C GLY DA 11 -78.17 -14.70 45.99
N PRO DA 12 -78.71 -15.91 46.10
CA PRO DA 12 -79.71 -16.18 47.15
C PRO DA 12 -79.05 -16.30 48.51
N PRO DA 13 -79.56 -15.56 49.49
CA PRO DA 13 -79.03 -15.70 50.86
C PRO DA 13 -79.25 -17.10 51.40
N ASP DA 14 -78.32 -17.53 52.24
CA ASP DA 14 -78.37 -18.85 52.88
C ASP DA 14 -78.87 -18.66 54.31
N LYS DA 15 -80.15 -18.96 54.54
CA LYS DA 15 -80.74 -18.77 55.85
C LYS DA 15 -80.31 -19.85 56.84
N VAL DA 16 -79.85 -21.00 56.36
CA VAL DA 16 -79.29 -22.00 57.26
C VAL DA 16 -77.98 -21.52 57.85
N ALA DA 17 -77.09 -21.00 57.00
CA ALA DA 17 -75.79 -20.54 57.48
C ALA DA 17 -75.92 -19.29 58.33
N ALA DA 18 -76.96 -18.49 58.10
CA ALA DA 18 -77.21 -17.34 58.95
C ALA DA 18 -77.61 -17.75 60.36
N GLN DA 19 -78.10 -18.97 60.54
CA GLN DA 19 -78.51 -19.43 61.87
C GLN DA 19 -77.38 -20.10 62.61
N LYS DA 20 -76.54 -20.86 61.91
CA LYS DA 20 -75.36 -21.43 62.54
C LYS DA 20 -74.44 -20.34 63.07
N PHE DA 21 -74.24 -19.28 62.30
CA PHE DA 21 -73.48 -18.14 62.78
C PHE DA 21 -74.19 -17.47 63.95
N LYS DA 22 -75.52 -17.40 63.90
CA LYS DA 22 -76.26 -16.72 64.96
C LYS DA 22 -76.27 -17.52 66.25
N GLU DA 23 -76.35 -18.85 66.16
CA GLU DA 23 -76.38 -19.68 67.36
C GLU DA 23 -75.02 -19.80 68.02
N SER DA 24 -73.94 -19.58 67.28
CA SER DA 24 -72.60 -19.67 67.82
C SER DA 24 -72.17 -18.41 68.55
N LEU DA 25 -72.91 -17.32 68.42
CA LEU DA 25 -72.61 -16.12 69.19
C LEU DA 25 -73.24 -16.13 70.57
N MET DA 26 -74.20 -17.02 70.81
CA MET DA 26 -74.82 -17.18 72.12
C MET DA 26 -74.22 -18.33 72.90
N ALA DA 27 -73.81 -19.40 72.22
CA ALA DA 27 -73.14 -20.51 72.90
C ALA DA 27 -71.83 -20.05 73.52
N THR DA 28 -71.04 -19.27 72.78
CA THR DA 28 -69.76 -18.80 73.32
C THR DA 28 -69.97 -17.72 74.37
N GLU DA 29 -71.04 -16.94 74.25
CA GLU DA 29 -71.30 -15.88 75.23
C GLU DA 29 -71.56 -16.47 76.61
N LYS DA 30 -72.31 -17.56 76.69
CA LYS DA 30 -72.62 -18.18 77.96
C LYS DA 30 -71.58 -19.19 78.40
N HIS DA 31 -70.94 -19.89 77.47
CA HIS DA 31 -69.86 -20.79 77.83
C HIS DA 31 -68.73 -20.04 78.50
N ALA DA 32 -68.57 -18.76 78.15
CA ALA DA 32 -67.61 -17.90 78.84
C ALA DA 32 -68.08 -17.51 80.23
N LYS DA 33 -69.37 -17.69 80.54
CA LYS DA 33 -69.86 -17.38 81.87
C LYS DA 33 -69.57 -18.54 82.84
N ASP DA 34 -69.92 -19.76 82.44
CA ASP DA 34 -69.60 -20.93 83.26
C ASP DA 34 -68.10 -21.17 83.37
N THR DA 35 -67.30 -20.57 82.49
CA THR DA 35 -65.85 -20.67 82.57
C THR DA 35 -65.25 -19.56 83.41
N SER DA 36 -65.72 -18.32 83.22
CA SER DA 36 -65.19 -17.21 84.00
C SER DA 36 -65.48 -17.38 85.48
N ASN DA 37 -66.67 -17.86 85.82
CA ASN DA 37 -67.07 -17.91 87.22
C ASN DA 37 -66.19 -18.86 88.02
N MET DA 38 -65.74 -19.94 87.41
CA MET DA 38 -64.86 -20.86 88.10
C MET DA 38 -63.50 -20.22 88.40
N TRP DA 39 -62.97 -19.44 87.46
CA TRP DA 39 -61.63 -18.87 87.63
C TRP DA 39 -61.60 -17.70 88.61
N VAL DA 40 -62.74 -17.10 88.92
CA VAL DA 40 -62.81 -16.22 90.09
C VAL DA 40 -62.72 -17.05 91.37
N LYS DA 41 -63.44 -18.17 91.41
CA LYS DA 41 -63.38 -19.05 92.57
C LYS DA 41 -61.96 -19.57 92.79
N ILE DA 42 -61.30 -20.00 91.72
CA ILE DA 42 -59.93 -20.53 91.85
C ILE DA 42 -58.99 -19.43 92.32
N SER DA 43 -59.16 -18.21 91.81
CA SER DA 43 -58.31 -17.10 92.18
C SER DA 43 -58.47 -16.68 93.63
N VAL DA 44 -59.53 -17.12 94.31
CA VAL DA 44 -59.74 -16.73 95.69
C VAL DA 44 -59.64 -17.90 96.66
N TRP DA 45 -59.68 -19.14 96.18
CA TRP DA 45 -59.63 -20.31 97.04
C TRP DA 45 -58.31 -21.07 96.93
N VAL DA 46 -57.49 -20.78 95.92
CA VAL DA 46 -56.18 -21.40 95.81
C VAL DA 46 -55.11 -20.32 95.72
N ALA DA 47 -55.23 -19.45 94.72
CA ALA DA 47 -54.17 -18.48 94.45
C ALA DA 47 -53.96 -17.53 95.62
N LEU DA 48 -55.05 -16.95 96.14
CA LEU DA 48 -54.91 -16.00 97.24
C LEU DA 48 -54.34 -16.63 98.51
N PRO DA 49 -54.81 -17.79 98.98
CA PRO DA 49 -54.16 -18.39 100.16
C PRO DA 49 -52.71 -18.80 99.93
N ALA DA 50 -52.29 -19.01 98.68
CA ALA DA 50 -50.88 -19.31 98.44
C ALA DA 50 -50.01 -18.09 98.68
N ILE DA 51 -50.41 -16.92 98.16
CA ILE DA 51 -49.68 -15.68 98.42
C ILE DA 51 -49.86 -15.19 99.84
N ALA DA 52 -50.63 -15.92 100.67
CA ALA DA 52 -50.80 -15.56 102.07
C ALA DA 52 -49.72 -16.20 102.94
N LEU DA 53 -49.66 -17.54 102.94
CA LEU DA 53 -48.71 -18.21 103.84
C LEU DA 53 -47.28 -18.14 103.33
N THR DA 54 -47.09 -18.07 102.01
CA THR DA 54 -45.74 -17.96 101.48
C THR DA 54 -45.09 -16.64 101.87
N ALA DA 55 -45.89 -15.56 101.92
CA ALA DA 55 -45.34 -14.23 102.19
C ALA DA 55 -44.71 -14.15 103.58
N VAL DA 56 -45.41 -14.68 104.60
CA VAL DA 56 -44.86 -14.61 105.95
C VAL DA 56 -43.68 -15.55 106.12
N ASN DA 57 -43.76 -16.74 105.53
CA ASN DA 57 -42.59 -17.63 105.49
C ASN DA 57 -41.41 -16.95 104.81
N THR DA 58 -41.68 -16.17 103.76
CA THR DA 58 -40.62 -15.39 103.11
C THR DA 58 -40.20 -14.21 103.95
N TYR DA 59 -41.12 -13.59 104.68
CA TYR DA 59 -40.76 -12.50 105.58
C TYR DA 59 -39.86 -12.99 106.70
N PHE DA 60 -40.16 -14.18 107.25
CA PHE DA 60 -39.36 -14.72 108.34
C PHE DA 60 -37.93 -15.01 107.89
N VAL DA 61 -37.79 -15.69 106.75
CA VAL DA 61 -36.47 -16.06 106.26
C VAL DA 61 -35.69 -14.81 105.84
N GLU DA 62 -36.39 -13.81 105.27
CA GLU DA 62 -35.73 -12.56 104.90
C GLU DA 62 -35.36 -11.73 106.12
N LYS DA 63 -36.15 -11.79 107.18
CA LYS DA 63 -35.84 -11.01 108.39
C LYS DA 63 -34.56 -11.49 109.03
N GLU DA 64 -34.26 -12.77 108.95
CA GLU DA 64 -33.02 -13.29 109.53
C GLU DA 64 -31.81 -12.79 108.78
N HIS DA 65 -31.87 -12.77 107.44
CA HIS DA 65 -30.75 -12.35 106.62
C HIS DA 65 -30.37 -10.89 106.83
N ALA DA 66 -31.28 -10.09 107.39
CA ALA DA 66 -30.97 -8.67 107.61
C ALA DA 66 -29.98 -8.48 108.75
N GLU DA 67 -30.09 -9.28 109.80
CA GLU DA 67 -29.10 -9.21 110.88
C GLU DA 67 -27.75 -9.72 110.41
N HIS DA 68 -27.72 -10.79 109.62
CA HIS DA 68 -26.47 -11.26 109.04
C HIS DA 68 -25.80 -10.21 108.18
N ARG DA 69 -26.60 -9.37 107.51
CA ARG DA 69 -26.03 -8.22 106.81
C ARG DA 69 -25.49 -7.18 107.78
N GLU DA 70 -26.14 -7.05 108.95
CA GLU DA 70 -25.68 -6.05 109.91
C GLU DA 70 -24.36 -6.44 110.57
N HIS DA 71 -24.12 -7.74 110.72
CA HIS DA 71 -22.85 -8.18 111.30
C HIS DA 71 -21.69 -7.99 110.33
N LEU DA 72 -21.92 -8.29 109.05
CA LEU DA 72 -20.86 -8.11 108.05
C LEU DA 72 -20.50 -6.64 107.87
N LYS DA 73 -21.45 -5.74 108.09
CA LYS DA 73 -21.18 -4.32 107.91
C LYS DA 73 -20.18 -3.81 108.94
N HIS DA 74 -19.98 -4.53 110.04
CA HIS DA 74 -18.99 -4.19 111.04
C HIS DA 74 -17.64 -4.87 110.84
N VAL DA 75 -17.55 -5.88 109.99
CA VAL DA 75 -16.29 -6.57 109.73
C VAL DA 75 -15.35 -5.66 108.95
N PRO DA 76 -14.18 -5.33 109.47
CA PRO DA 76 -13.22 -4.54 108.70
C PRO DA 76 -12.53 -5.39 107.64
N ASP DA 77 -11.92 -4.68 106.69
CA ASP DA 77 -11.42 -5.31 105.47
C ASP DA 77 -10.19 -6.19 105.68
N SER DA 78 -9.69 -6.30 106.91
CA SER DA 78 -8.49 -7.08 107.15
C SER DA 78 -8.74 -8.59 107.09
N GLU DA 79 -9.88 -9.05 107.61
CA GLU DA 79 -10.20 -10.48 107.59
C GLU DA 79 -11.30 -10.81 106.61
N TRP DA 80 -11.46 -10.02 105.56
CA TRP DA 80 -12.32 -10.42 104.46
C TRP DA 80 -11.63 -11.54 103.68
N PRO DA 81 -12.34 -12.62 103.35
CA PRO DA 81 -11.69 -13.75 102.68
C PRO DA 81 -11.07 -13.34 101.35
N ARG DA 82 -9.91 -13.92 101.05
CA ARG DA 82 -9.18 -13.55 99.86
C ARG DA 82 -9.85 -14.11 98.62
N ASP DA 83 -9.84 -13.32 97.54
CA ASP DA 83 -10.46 -13.71 96.30
C ASP DA 83 -9.73 -14.88 95.66
N TYR DA 84 -10.46 -15.66 94.88
CA TYR DA 84 -9.84 -16.68 94.06
C TYR DA 84 -9.41 -16.06 92.73
N GLU DA 85 -8.84 -16.89 91.86
CA GLU DA 85 -8.36 -16.41 90.57
C GLU DA 85 -9.51 -15.93 89.69
N PHE DA 86 -10.67 -16.57 89.78
CA PHE DA 86 -11.79 -16.27 88.90
C PHE DA 86 -12.73 -15.20 89.44
N MET DA 87 -12.48 -14.66 90.62
CA MET DA 87 -13.39 -13.73 91.26
C MET DA 87 -12.98 -12.29 90.98
N ASN DA 88 -13.96 -11.43 90.74
CA ASN DA 88 -13.75 -10.00 90.50
C ASN DA 88 -12.89 -9.76 89.27
N ILE DA 89 -13.31 -10.34 88.14
CA ILE DA 89 -12.57 -10.19 86.88
C ILE DA 89 -12.65 -8.76 86.40
N ARG DA 90 -11.50 -8.18 86.06
CA ARG DA 90 -11.43 -6.82 85.51
C ARG DA 90 -10.56 -6.86 84.25
N SER DA 91 -11.16 -7.27 83.12
CA SER DA 91 -10.41 -7.25 81.88
C SER DA 91 -10.20 -5.82 81.39
N LYS DA 92 -11.12 -4.93 81.72
CA LYS DA 92 -10.96 -3.49 81.56
C LYS DA 92 -12.04 -2.82 82.37
N PRO DA 93 -11.78 -1.64 82.94
CA PRO DA 93 -12.75 -1.04 83.85
C PRO DA 93 -14.09 -0.78 83.18
N PHE DA 94 -15.15 -0.81 83.99
CA PHE DA 94 -16.46 -0.38 83.51
C PHE DA 94 -16.40 1.09 83.12
N PHE DA 95 -17.13 1.45 82.07
CA PHE DA 95 -17.08 2.79 81.50
C PHE DA 95 -18.03 3.75 82.19
N TRP DA 96 -18.40 3.49 83.44
CA TRP DA 96 -19.29 4.36 84.18
C TRP DA 96 -18.80 4.43 85.62
N GLY DA 97 -19.02 5.58 86.25
CA GLY DA 97 -18.64 5.74 87.65
C GLY DA 97 -17.14 5.68 87.83
N ASP DA 98 -16.70 4.87 88.80
CA ASP DA 98 -15.28 4.74 89.15
C ASP DA 98 -14.59 3.63 88.38
N GLY DA 99 -15.32 2.86 87.58
CA GLY DA 99 -14.73 1.80 86.81
C GLY DA 99 -14.56 0.48 87.51
N ASP DA 100 -15.01 0.36 88.76
CA ASP DA 100 -14.79 -0.86 89.53
C ASP DA 100 -16.05 -1.51 90.07
N LYS DA 101 -17.21 -0.87 89.93
CA LYS DA 101 -18.45 -1.37 90.52
C LYS DA 101 -19.46 -1.71 89.42
N THR DA 102 -20.29 -2.69 89.71
CA THR DA 102 -21.31 -3.15 88.77
C THR DA 102 -22.61 -2.37 88.98
N LEU DA 103 -23.68 -2.80 88.31
CA LEU DA 103 -24.95 -2.07 88.35
C LEU DA 103 -25.61 -2.18 89.73
N PHE DA 104 -25.71 -3.39 90.26
CA PHE DA 104 -26.37 -3.65 91.53
C PHE DA 104 -25.35 -3.92 92.64
N TRP DA 105 -24.21 -3.25 92.57
CA TRP DA 105 -23.15 -3.42 93.55
C TRP DA 105 -23.59 -2.91 94.91
N ASN DA 106 -23.36 -3.71 95.94
CA ASN DA 106 -23.73 -3.39 97.32
C ASN DA 106 -22.50 -3.45 98.20
N PRO DA 107 -22.03 -2.33 98.76
CA PRO DA 107 -20.78 -2.35 99.52
C PRO DA 107 -20.77 -3.30 100.71
N VAL DA 108 -21.92 -3.57 101.32
CA VAL DA 108 -21.95 -4.45 102.48
C VAL DA 108 -21.52 -5.86 102.09
N VAL DA 109 -22.02 -6.37 100.98
CA VAL DA 109 -21.82 -7.77 100.62
C VAL DA 109 -20.79 -7.95 99.50
N ASN DA 110 -20.62 -6.99 98.61
CA ASN DA 110 -19.65 -7.07 97.53
C ASN DA 110 -18.49 -6.14 97.82
N ARG DA 111 -17.28 -6.65 97.70
CA ARG DA 111 -16.07 -5.88 97.97
C ARG DA 111 -14.96 -6.34 97.05
N HIS DA 112 -14.05 -5.42 96.74
CA HIS DA 112 -12.90 -5.70 95.89
C HIS DA 112 -11.64 -5.28 96.65
N ILE DA 113 -10.88 -6.26 97.10
CA ILE DA 113 -9.67 -5.98 97.88
C ILE DA 113 -8.55 -6.91 97.45
N GLY EA 1 -42.44 -57.90 11.19
CA GLY EA 1 -41.06 -57.76 11.58
C GLY EA 1 -40.64 -56.31 11.73
N ARG EA 2 -39.36 -56.03 11.53
CA ARG EA 2 -38.82 -54.68 11.64
C ARG EA 2 -38.36 -54.21 10.27
N ILE EA 3 -38.63 -52.94 9.98
CA ILE EA 3 -38.29 -52.32 8.71
C ILE EA 3 -36.98 -51.57 8.89
N GLY EA 4 -36.05 -51.78 7.98
CA GLY EA 4 -34.80 -51.04 7.98
C GLY EA 4 -33.66 -51.80 8.62
N GLU EA 5 -32.62 -51.04 8.95
CA GLU EA 5 -31.43 -51.62 9.56
C GLU EA 5 -31.61 -51.77 11.06
N SER EA 6 -30.74 -52.56 11.67
CA SER EA 6 -30.84 -52.85 13.09
C SER EA 6 -30.64 -51.59 13.91
N TRP EA 7 -31.29 -51.55 15.08
CA TRP EA 7 -31.17 -50.38 15.93
C TRP EA 7 -29.77 -50.23 16.52
N VAL EA 8 -28.98 -51.29 16.51
CA VAL EA 8 -27.60 -51.20 16.98
C VAL EA 8 -26.75 -50.39 16.00
N ILE EA 9 -26.92 -50.63 14.71
CA ILE EA 9 -26.15 -49.89 13.72
C ILE EA 9 -26.56 -48.43 13.70
N THR EA 10 -27.86 -48.16 13.81
CA THR EA 10 -28.32 -46.78 13.82
C THR EA 10 -27.84 -46.02 15.04
N GLU EA 11 -27.86 -46.65 16.21
CA GLU EA 11 -27.40 -45.99 17.42
C GLU EA 11 -25.88 -45.96 17.51
N GLY EA 12 -25.20 -46.97 16.97
CA GLY EA 12 -23.74 -46.92 16.94
C GLY EA 12 -23.22 -45.76 16.14
N ARG EA 13 -23.87 -45.46 15.02
CA ARG EA 13 -23.45 -44.37 14.15
C ARG EA 13 -23.61 -43.00 14.79
N ARG EA 14 -24.41 -42.90 15.85
CA ARG EA 14 -24.69 -41.62 16.48
C ARG EA 14 -23.88 -41.37 17.74
N LEU EA 15 -23.43 -42.41 18.43
CA LEU EA 15 -22.78 -42.26 19.72
C LEU EA 15 -21.25 -42.29 19.64
N ILE EA 16 -20.69 -43.14 18.77
CA ILE EA 16 -19.23 -43.21 18.64
C ILE EA 16 -18.59 -41.84 18.40
N PRO EA 17 -19.10 -41.00 17.49
CA PRO EA 17 -18.52 -39.65 17.38
C PRO EA 17 -18.66 -38.81 18.63
N GLU EA 18 -19.65 -39.09 19.48
CA GLU EA 18 -19.88 -38.27 20.67
C GLU EA 18 -19.02 -38.69 21.85
N ILE EA 19 -18.64 -39.96 21.92
CA ILE EA 19 -17.69 -40.41 22.93
C ILE EA 19 -16.37 -39.69 22.79
N PHE EA 20 -15.88 -39.53 21.56
CA PHE EA 20 -14.61 -38.86 21.36
C PHE EA 20 -14.71 -37.36 21.61
N GLN EA 21 -15.86 -36.76 21.30
CA GLN EA 21 -16.04 -35.35 21.60
C GLN EA 21 -16.21 -35.09 23.09
N TRP EA 22 -16.70 -36.07 23.85
CA TRP EA 22 -16.81 -35.91 25.29
C TRP EA 22 -15.43 -35.98 25.95
N SER EA 23 -14.62 -36.96 25.56
CA SER EA 23 -13.31 -37.12 26.16
C SER EA 23 -12.35 -36.00 25.78
N ALA EA 24 -12.58 -35.32 24.66
CA ALA EA 24 -11.76 -34.17 24.31
C ALA EA 24 -12.20 -32.89 25.00
N VAL EA 25 -13.41 -32.85 25.58
CA VAL EA 25 -13.85 -31.70 26.35
C VAL EA 25 -13.46 -31.83 27.81
N LEU EA 26 -13.71 -32.99 28.40
CA LEU EA 26 -13.38 -33.20 29.81
C LEU EA 26 -11.88 -33.18 30.05
N SER EA 27 -11.09 -33.53 29.04
CA SER EA 27 -9.64 -33.41 29.18
C SER EA 27 -9.19 -31.97 29.24
N VAL EA 28 -9.86 -31.07 28.53
CA VAL EA 28 -9.53 -29.65 28.59
C VAL EA 28 -9.96 -29.05 29.92
N CYS EA 29 -11.12 -29.44 30.43
CA CYS EA 29 -11.60 -28.87 31.68
C CYS EA 29 -10.77 -29.34 32.87
N LEU EA 30 -10.21 -30.54 32.80
CA LEU EA 30 -9.44 -31.08 33.91
C LEU EA 30 -7.94 -31.09 33.69
N GLY EA 31 -7.47 -31.00 32.46
CA GLY EA 31 -6.05 -31.08 32.17
C GLY EA 31 -5.37 -29.81 31.74
N TRP EA 32 -6.05 -28.67 31.78
CA TRP EA 32 -5.42 -27.42 31.36
C TRP EA 32 -4.27 -26.96 32.27
N PRO EA 33 -4.26 -27.26 33.58
CA PRO EA 33 -3.07 -26.93 34.37
C PRO EA 33 -1.83 -27.74 33.99
N GLY EA 34 -1.98 -28.87 33.32
CA GLY EA 34 -0.83 -29.61 32.86
C GLY EA 34 -0.04 -28.88 31.80
N ALA EA 35 -0.70 -28.01 31.02
CA ALA EA 35 -0.01 -27.24 30.00
C ALA EA 35 0.79 -26.08 30.60
N VAL EA 36 0.30 -25.49 31.68
CA VAL EA 36 1.05 -24.42 32.34
C VAL EA 36 2.38 -24.94 32.86
N TYR EA 37 2.37 -26.11 33.48
CA TYR EA 37 3.60 -26.71 33.99
C TYR EA 37 4.52 -27.15 32.86
N PHE EA 38 3.99 -27.39 31.66
CA PHE EA 38 4.82 -27.83 30.55
C PHE EA 38 5.82 -26.76 30.14
N PHE EA 39 5.42 -25.50 30.18
CA PHE EA 39 6.26 -24.40 29.74
C PHE EA 39 6.93 -23.68 30.90
N SER EA 40 7.10 -24.34 32.04
CA SER EA 40 7.68 -23.73 33.21
C SER EA 40 9.18 -24.02 33.30
N LYS EA 41 9.87 -23.18 34.06
CA LYS EA 41 11.29 -23.42 34.33
C LYS EA 41 11.47 -24.65 35.21
N ALA EA 42 10.58 -24.85 36.18
CA ALA EA 42 10.70 -25.96 37.11
C ALA EA 42 10.63 -27.32 36.44
N ARG EA 43 10.02 -27.41 35.26
CA ARG EA 43 9.77 -28.69 34.63
C ARG EA 43 10.96 -29.12 33.80
N LYS EA 44 11.46 -30.33 34.03
CA LYS EA 44 12.44 -30.96 33.15
C LYS EA 44 13.59 -30.01 32.81
N ALA EA 45 13.84 -29.05 33.69
CA ALA EA 45 14.75 -27.94 33.44
C ALA EA 45 14.45 -27.25 32.12
N ALA FA 1 -65.56 -17.99 -3.61
CA ALA FA 1 -64.22 -17.49 -3.36
C ALA FA 1 -63.62 -16.83 -4.60
N GLN FA 2 -62.49 -16.15 -4.42
CA GLN FA 2 -61.75 -15.57 -5.53
C GLN FA 2 -61.04 -16.69 -6.28
N THR FA 3 -61.40 -16.88 -7.55
CA THR FA 3 -60.95 -18.05 -8.30
C THR FA 3 -59.65 -17.81 -9.06
N HIS FA 4 -59.50 -16.63 -9.67
CA HIS FA 4 -58.34 -16.35 -10.50
C HIS FA 4 -57.06 -16.45 -9.68
N ALA FA 5 -56.02 -16.99 -10.30
CA ALA FA 5 -54.75 -17.15 -9.62
C ALA FA 5 -54.13 -15.81 -9.29
N LEU FA 6 -53.21 -15.82 -8.32
CA LEU FA 6 -52.39 -14.66 -8.04
C LEU FA 6 -51.28 -14.58 -9.08
N SER FA 7 -50.99 -13.37 -9.55
CA SER FA 7 -50.07 -13.18 -10.65
C SER FA 7 -48.63 -13.39 -10.20
N ASN FA 8 -47.77 -13.72 -11.17
CA ASN FA 8 -46.38 -14.02 -10.88
C ASN FA 8 -45.66 -12.83 -10.28
N ALA FA 9 -46.03 -11.62 -10.70
CA ALA FA 9 -45.41 -10.45 -10.10
C ALA FA 9 -45.77 -10.32 -8.62
N ALA FA 10 -46.82 -11.01 -8.18
CA ALA FA 10 -47.28 -10.89 -6.81
C ALA FA 10 -46.53 -11.82 -5.86
N VAL FA 11 -46.33 -13.08 -6.25
CA VAL FA 11 -45.80 -14.07 -5.32
C VAL FA 11 -44.60 -14.82 -5.90
N MET FA 12 -43.82 -14.16 -6.75
CA MET FA 12 -42.74 -14.84 -7.46
C MET FA 12 -41.75 -15.51 -6.51
N ASP FA 13 -41.08 -14.72 -5.67
CA ASP FA 13 -40.17 -15.27 -4.65
C ASP FA 13 -40.61 -14.71 -3.30
N LEU FA 14 -41.60 -15.36 -2.70
CA LEU FA 14 -42.20 -14.83 -1.48
C LEU FA 14 -41.19 -14.81 -0.34
N GLN FA 15 -40.31 -15.81 -0.25
CA GLN FA 15 -39.38 -15.89 0.86
C GLN FA 15 -38.40 -14.72 0.87
N SER FA 16 -37.91 -14.32 -0.30
CA SER FA 16 -36.93 -13.24 -0.37
C SER FA 16 -37.56 -11.87 -0.20
N ARG FA 17 -38.80 -11.68 -0.65
CA ARG FA 17 -39.42 -10.36 -0.62
C ARG FA 17 -40.26 -10.11 0.62
N TRP FA 18 -40.52 -11.13 1.44
CA TRP FA 18 -41.52 -11.00 2.51
C TRP FA 18 -41.11 -9.95 3.53
N GLU FA 19 -39.83 -9.88 3.86
CA GLU FA 19 -39.42 -9.07 5.00
C GLU FA 19 -39.53 -7.57 4.73
N ASN FA 20 -39.38 -7.16 3.48
CA ASN FA 20 -39.41 -5.75 3.15
C ASN FA 20 -40.78 -5.25 2.69
N MET FA 21 -41.76 -6.13 2.52
CA MET FA 21 -43.05 -5.71 2.01
C MET FA 21 -43.75 -4.79 3.02
N PRO FA 22 -44.45 -3.77 2.55
CA PRO FA 22 -45.28 -2.98 3.46
C PRO FA 22 -46.37 -3.85 4.08
N SER FA 23 -46.79 -3.47 5.28
CA SER FA 23 -47.69 -4.33 6.05
C SER FA 23 -49.06 -4.45 5.39
N THR FA 24 -49.62 -3.34 4.91
CA THR FA 24 -50.93 -3.40 4.28
C THR FA 24 -50.91 -4.24 3.02
N GLU FA 25 -49.79 -4.27 2.31
CA GLU FA 25 -49.64 -5.15 1.17
C GLU FA 25 -49.42 -6.60 1.57
N GLN FA 26 -48.93 -6.85 2.79
CA GLN FA 26 -48.84 -8.22 3.28
C GLN FA 26 -50.22 -8.77 3.63
N GLN FA 27 -51.10 -7.93 4.17
CA GLN FA 27 -52.44 -8.39 4.52
C GLN FA 27 -53.25 -8.73 3.27
N ASP FA 28 -53.07 -7.97 2.19
CA ASP FA 28 -53.81 -8.22 0.96
C ASP FA 28 -53.41 -9.55 0.32
N ILE FA 29 -52.15 -9.94 0.41
CA ILE FA 29 -51.74 -11.23 -0.13
C ILE FA 29 -52.34 -12.37 0.67
N VAL FA 30 -52.43 -12.22 1.99
CA VAL FA 30 -52.98 -13.27 2.84
C VAL FA 30 -54.46 -13.46 2.56
N SER FA 31 -55.20 -12.36 2.35
CA SER FA 31 -56.63 -12.45 2.11
C SER FA 31 -56.94 -13.24 0.85
N LYS FA 32 -56.20 -12.97 -0.23
CA LYS FA 32 -56.48 -13.63 -1.50
C LYS FA 32 -56.09 -15.09 -1.49
N LEU FA 33 -55.00 -15.45 -0.80
CA LEU FA 33 -54.60 -16.85 -0.73
C LEU FA 33 -55.49 -17.69 0.16
N SER FA 34 -56.26 -17.05 1.06
CA SER FA 34 -57.18 -17.80 1.91
C SER FA 34 -58.41 -18.26 1.14
N GLU FA 35 -58.90 -17.44 0.21
CA GLU FA 35 -59.97 -17.88 -0.67
C GLU FA 35 -59.50 -18.89 -1.69
N ARG FA 36 -58.22 -18.86 -2.06
CA ARG FA 36 -57.73 -19.79 -3.05
C ARG FA 36 -57.55 -21.20 -2.51
N GLN FA 37 -57.30 -21.34 -1.20
CA GLN FA 37 -57.11 -22.64 -0.60
C GLN FA 37 -58.41 -23.41 -0.41
N LYS FA 38 -59.56 -22.79 -0.67
CA LYS FA 38 -60.86 -23.45 -0.63
C LYS FA 38 -61.14 -24.28 -1.87
N LEU FA 39 -60.38 -24.11 -2.93
CA LEU FA 39 -60.52 -24.92 -4.13
C LEU FA 39 -59.78 -26.23 -3.94
N PRO FA 40 -60.01 -27.22 -4.81
CA PRO FA 40 -59.16 -28.41 -4.78
C PRO FA 40 -57.69 -28.03 -4.97
N TRP FA 41 -56.82 -28.68 -4.21
CA TRP FA 41 -55.44 -28.25 -4.12
C TRP FA 41 -54.61 -28.62 -5.33
N ALA FA 42 -55.09 -29.55 -6.17
CA ALA FA 42 -54.38 -29.90 -7.38
C ALA FA 42 -54.39 -28.78 -8.42
N GLN FA 43 -55.19 -27.75 -8.23
CA GLN FA 43 -55.25 -26.64 -9.17
C GLN FA 43 -54.21 -25.57 -8.88
N LEU FA 44 -53.81 -25.41 -7.62
CA LEU FA 44 -52.95 -24.30 -7.23
C LEU FA 44 -51.58 -24.41 -7.91
N THR FA 45 -50.97 -23.26 -8.16
CA THR FA 45 -49.67 -23.19 -8.81
C THR FA 45 -48.54 -23.27 -7.78
N GLU FA 46 -47.33 -23.53 -8.27
CA GLU FA 46 -46.19 -23.68 -7.38
C GLU FA 46 -45.87 -22.41 -6.60
N PRO FA 47 -45.74 -21.23 -7.22
CA PRO FA 47 -45.48 -20.03 -6.40
C PRO FA 47 -46.55 -19.80 -5.35
N GLU FA 48 -47.81 -20.11 -5.66
CA GLU FA 48 -48.87 -20.04 -4.67
C GLU FA 48 -48.64 -21.03 -3.54
N LYS FA 49 -48.25 -22.25 -3.87
CA LYS FA 49 -48.00 -23.24 -2.83
C LYS FA 49 -46.80 -22.88 -1.96
N GLN FA 50 -45.73 -22.38 -2.56
CA GLN FA 50 -44.57 -22.02 -1.77
C GLN FA 50 -44.83 -20.81 -0.89
N ALA FA 51 -45.75 -19.93 -1.31
CA ALA FA 51 -46.09 -18.79 -0.46
C ALA FA 51 -46.85 -19.22 0.78
N VAL FA 52 -47.80 -20.13 0.65
CA VAL FA 52 -48.61 -20.51 1.81
C VAL FA 52 -47.77 -21.30 2.80
N TRP FA 53 -46.85 -22.13 2.32
CA TRP FA 53 -45.94 -22.80 3.24
C TRP FA 53 -45.02 -21.82 3.94
N TYR FA 54 -44.50 -20.83 3.22
CA TYR FA 54 -43.53 -19.93 3.84
C TYR FA 54 -44.19 -19.06 4.90
N ILE FA 55 -45.42 -18.60 4.66
CA ILE FA 55 -46.03 -17.66 5.61
C ILE FA 55 -46.36 -18.35 6.91
N SER FA 56 -46.60 -19.66 6.87
CA SER FA 56 -46.95 -20.40 8.09
C SER FA 56 -45.71 -20.83 8.86
N TYR FA 57 -44.73 -21.42 8.18
CA TYR FA 57 -43.61 -22.06 8.85
C TYR FA 57 -42.26 -21.48 8.44
N GLY FA 58 -42.25 -20.29 7.83
CA GLY FA 58 -41.00 -19.68 7.43
C GLY FA 58 -40.21 -19.15 8.61
N GLU FA 59 -38.90 -19.05 8.40
CA GLU FA 59 -37.96 -18.69 9.46
C GLU FA 59 -37.93 -17.16 9.64
N TRP FA 60 -39.07 -16.62 10.09
CA TRP FA 60 -39.22 -15.20 10.30
C TRP FA 60 -40.11 -14.99 11.51
N GLY FA 61 -40.20 -13.74 11.96
CA GLY FA 61 -41.05 -13.35 13.05
C GLY FA 61 -40.83 -14.14 14.34
N PRO FA 62 -41.85 -14.90 14.74
CA PRO FA 62 -41.67 -15.79 15.90
C PRO FA 62 -40.56 -16.80 15.73
N ARG FA 63 -40.37 -17.32 14.53
CA ARG FA 63 -39.40 -18.37 14.28
C ARG FA 63 -37.99 -17.83 14.05
N ARG FA 64 -37.76 -16.57 14.38
CA ARG FA 64 -36.42 -16.00 14.32
C ARG FA 64 -35.50 -16.72 15.31
N PRO FA 65 -34.32 -17.14 14.90
CA PRO FA 65 -33.45 -17.92 15.80
C PRO FA 65 -32.74 -17.06 16.83
N VAL FA 66 -32.20 -17.74 17.85
CA VAL FA 66 -31.60 -17.03 18.98
C VAL FA 66 -30.39 -16.23 18.53
N LEU FA 67 -29.53 -16.82 17.70
CA LEU FA 67 -28.36 -16.14 17.16
C LEU FA 67 -28.50 -15.98 15.64
N ASN FA 68 -28.29 -14.77 15.15
CA ASN FA 68 -28.25 -14.54 13.71
C ASN FA 68 -26.95 -15.09 13.12
N LYS FA 69 -26.96 -15.27 11.80
CA LYS FA 69 -25.76 -15.73 11.12
C LYS FA 69 -24.63 -14.73 11.31
N GLY FA 70 -23.46 -15.24 11.69
CA GLY FA 70 -22.34 -14.40 12.01
C GLY FA 70 -22.21 -14.00 13.48
N ASP FA 71 -23.08 -14.48 14.36
CA ASP FA 71 -23.03 -14.09 15.76
C ASP FA 71 -22.10 -14.96 16.59
N SER FA 72 -22.06 -16.27 16.32
CA SER FA 72 -21.12 -17.11 17.04
C SER FA 72 -19.68 -16.69 16.79
N SER FA 73 -19.37 -16.20 15.59
CA SER FA 73 -18.02 -15.76 15.30
C SER FA 73 -17.69 -14.44 15.98
N PHE FA 74 -18.67 -13.55 16.11
CA PHE FA 74 -18.51 -12.37 16.94
C PHE FA 74 -18.29 -12.75 18.40
N ILE FA 75 -18.92 -13.82 18.88
CA ILE FA 75 -18.78 -14.23 20.27
C ILE FA 75 -17.38 -14.79 20.52
N ALA FA 76 -16.90 -15.66 19.64
CA ALA FA 76 -15.56 -16.21 19.81
C ALA FA 76 -14.48 -15.14 19.70
N LYS FA 77 -14.70 -14.13 18.85
CA LYS FA 77 -13.74 -13.04 18.76
C LYS FA 77 -13.79 -12.14 19.97
N GLY FA 78 -14.96 -11.98 20.58
CA GLY FA 78 -15.08 -11.14 21.77
C GLY FA 78 -14.51 -11.77 23.00
N VAL FA 79 -14.58 -13.09 23.10
CA VAL FA 79 -13.99 -13.80 24.22
C VAL FA 79 -12.47 -13.78 24.14
N ALA FA 80 -11.91 -13.98 22.95
CA ALA FA 80 -10.47 -13.97 22.78
C ALA FA 80 -9.88 -12.57 22.93
N ALA FA 81 -10.65 -11.54 22.61
CA ALA FA 81 -10.22 -10.17 22.88
C ALA FA 81 -10.36 -9.78 24.34
N GLY FA 82 -11.26 -10.43 25.09
CA GLY FA 82 -11.33 -10.19 26.53
C GLY FA 82 -10.25 -10.88 27.32
N LEU FA 83 -9.81 -12.05 26.84
CA LEU FA 83 -8.68 -12.73 27.48
C LEU FA 83 -7.39 -11.94 27.29
N LEU FA 84 -7.18 -11.37 26.11
CA LEU FA 84 -5.96 -10.63 25.82
C LEU FA 84 -5.86 -9.35 26.62
N PHE FA 85 -6.98 -8.66 26.80
CA PHE FA 85 -6.93 -7.37 27.48
C PHE FA 85 -6.68 -7.55 28.98
N SER FA 86 -7.28 -8.55 29.60
CA SER FA 86 -7.10 -8.75 31.04
C SER FA 86 -5.69 -9.22 31.36
N VAL FA 87 -5.13 -10.08 30.51
CA VAL FA 87 -3.79 -10.60 30.77
C VAL FA 87 -2.74 -9.51 30.58
N GLY FA 88 -2.90 -8.66 29.57
CA GLY FA 88 -1.99 -7.56 29.38
C GLY FA 88 -2.13 -6.45 30.41
N LEU FA 89 -3.30 -6.36 31.05
CA LEU FA 89 -3.48 -5.42 32.14
C LEU FA 89 -2.87 -5.92 33.44
N PHE FA 90 -2.88 -7.23 33.65
CA PHE FA 90 -2.20 -7.82 34.79
C PHE FA 90 -0.71 -7.53 34.74
N ALA FA 91 -0.11 -7.66 33.56
CA ALA FA 91 1.32 -7.43 33.42
C ALA FA 91 1.71 -5.96 33.57
N VAL FA 92 0.78 -5.03 33.45
CA VAL FA 92 1.09 -3.64 33.72
C VAL FA 92 1.02 -3.34 35.21
N VAL FA 93 0.03 -3.91 35.91
CA VAL FA 93 -0.07 -3.70 37.35
C VAL FA 93 1.06 -4.41 38.08
N ARG FA 94 1.51 -5.55 37.55
CA ARG FA 94 2.66 -6.22 38.13
C ARG FA 94 3.89 -5.32 38.14
N MET FA 95 3.96 -4.36 37.22
CA MET FA 95 5.19 -3.61 37.12
C MET FA 95 5.29 -2.55 38.21
N ALA FA 96 4.22 -2.33 38.96
CA ALA FA 96 4.20 -1.48 40.13
C ALA FA 96 4.34 -2.24 41.43
N GLY FA 97 4.52 -3.56 41.37
CA GLY FA 97 4.68 -4.34 42.57
C GLY FA 97 6.06 -4.22 43.17
N GLY FA 98 6.21 -4.84 44.33
CA GLY FA 98 7.47 -4.78 45.05
C GLY FA 98 8.52 -5.70 44.48
N GLN FA 99 9.75 -5.50 44.94
CA GLN FA 99 10.89 -6.23 44.44
C GLN FA 99 10.79 -7.71 44.79
N ASP FA 100 11.56 -8.52 44.08
CA ASP FA 100 11.59 -9.95 44.34
C ASP FA 100 12.23 -10.24 45.69
N ALA FA 101 11.83 -11.36 46.28
CA ALA FA 101 12.48 -11.84 47.48
C ALA FA 101 13.88 -12.30 47.17
N LYS FA 102 14.78 -12.14 48.15
CA LYS FA 102 16.20 -12.43 47.95
C LYS FA 102 16.50 -13.90 47.73
N THR FA 103 15.54 -14.78 47.95
CA THR FA 103 15.77 -16.21 47.84
C THR FA 103 15.26 -16.81 46.54
N MET FA 104 14.68 -16.02 45.65
CA MET FA 104 14.04 -16.51 44.44
C MET FA 104 15.02 -16.54 43.27
N ASN FA 105 16.16 -17.19 43.44
CA ASN FA 105 17.14 -17.33 42.39
C ASN FA 105 17.58 -18.78 42.28
N LYS FA 106 18.08 -19.15 41.11
CA LYS FA 106 18.59 -20.49 40.90
C LYS FA 106 19.83 -20.77 41.72
N GLU FA 107 20.67 -19.75 41.96
CA GLU FA 107 21.86 -19.95 42.76
C GLU FA 107 21.51 -20.29 44.21
N TRP FA 108 20.56 -19.56 44.80
CA TRP FA 108 20.11 -19.86 46.15
C TRP FA 108 19.34 -21.17 46.21
N GLN FA 109 18.58 -21.49 45.16
CA GLN FA 109 17.76 -22.70 45.19
C GLN FA 109 18.58 -23.97 45.00
N LEU FA 110 19.81 -23.89 44.50
CA LEU FA 110 20.64 -25.08 44.35
C LEU FA 110 21.42 -25.43 45.60
N LYS FA 111 21.61 -24.48 46.51
CA LYS FA 111 22.15 -24.81 47.82
C LYS FA 111 21.07 -25.34 48.75
N SER FA 112 19.82 -24.96 48.52
CA SER FA 112 18.71 -25.59 49.24
C SER FA 112 18.68 -27.08 48.96
N ASP FA 113 18.83 -27.45 47.69
CA ASP FA 113 18.83 -28.87 47.34
C ASP FA 113 20.03 -29.60 47.91
N GLU FA 114 21.13 -28.89 48.14
CA GLU FA 114 22.29 -29.52 48.78
C GLU FA 114 21.98 -29.95 50.19
N TYR FA 115 21.25 -29.11 50.92
CA TYR FA 115 20.88 -29.40 52.29
C TYR FA 115 19.83 -30.51 52.36
N LEU FA 116 18.90 -30.54 51.42
CA LEU FA 116 17.83 -31.52 51.46
C LEU FA 116 18.28 -32.90 51.02
N LYS FA 117 19.22 -32.98 50.09
CA LYS FA 117 19.74 -34.27 49.68
C LYS FA 117 20.52 -34.96 50.79
N SER FA 118 21.15 -34.19 51.67
CA SER FA 118 21.84 -34.79 52.81
C SER FA 118 20.83 -35.37 53.81
N LYS FA 119 19.80 -34.60 54.15
CA LYS FA 119 18.78 -35.06 55.07
C LYS FA 119 17.81 -36.07 54.46
N ASN FA 120 18.06 -36.51 53.23
CA ASN FA 120 17.24 -37.53 52.57
C ASN FA 120 15.79 -37.10 52.42
N ALA FA 121 15.57 -35.86 51.99
CA ALA FA 121 14.23 -35.35 51.82
C ALA FA 121 13.51 -36.03 50.66
N ASN FA 122 12.21 -36.28 50.86
CA ASN FA 122 11.26 -36.85 49.90
C ASN FA 122 11.84 -37.99 49.09
N PRO FA 123 12.06 -39.16 49.70
CA PRO FA 123 12.86 -40.20 49.04
C PRO FA 123 12.18 -40.93 47.91
N TRP FA 124 10.94 -40.59 47.54
CA TRP FA 124 10.37 -41.23 46.36
C TRP FA 124 9.51 -40.28 45.53
N GLY FA 125 9.49 -39.00 45.83
CA GLY FA 125 8.68 -38.06 45.09
C GLY FA 125 9.37 -36.76 44.77
N GLY FA 126 10.65 -36.64 45.11
CA GLY FA 126 11.44 -35.50 44.69
C GLY FA 126 11.43 -34.33 45.66
N TYR FA 127 12.57 -33.66 45.81
CA TYR FA 127 12.71 -32.56 46.76
C TYR FA 127 13.17 -31.26 46.13
N SER FA 128 13.39 -31.22 44.81
CA SER FA 128 14.08 -30.10 44.20
C SER FA 128 13.29 -28.80 44.32
N GLN FA 129 14.00 -27.71 44.61
CA GLN FA 129 13.40 -26.40 44.80
C GLN FA 129 13.62 -25.46 43.63
N VAL FA 130 14.20 -25.95 42.53
CA VAL FA 130 14.63 -25.08 41.43
C VAL FA 130 13.44 -24.71 40.56
N GLN FA 131 13.09 -23.44 40.55
CA GLN FA 131 11.99 -22.95 39.75
C GLN FA 131 12.28 -21.59 39.13
N SER FA 132 13.50 -21.07 39.28
CA SER FA 132 13.83 -19.72 38.88
C SER FA 132 14.96 -19.72 37.85
N LYS FA 133 15.38 -18.53 37.48
CA LYS FA 133 16.41 -18.33 36.46
C LYS FA 133 17.79 -18.19 37.08
C1 CDL GA . -1.68 17.62 -7.71
O1 CDL GA . -3.04 17.99 -7.93
CA2 CDL GA . -1.27 16.60 -8.74
OA2 CDL GA . -2.23 15.53 -8.77
PA1 CDL GA . -1.92 14.18 -9.53
OA3 CDL GA . -3.09 13.23 -9.30
OA4 CDL GA . -1.60 14.44 -10.93
OA5 CDL GA . -0.66 13.66 -8.74
CA3 CDL GA . -0.70 12.42 -8.00
CA4 CDL GA . -0.74 12.74 -6.52
OA6 CDL GA . 0.54 13.24 -6.02
CA5 CDL GA . 1.59 13.34 -6.87
OA7 CDL GA . 2.18 12.40 -7.32
C11 CDL GA . 1.94 14.77 -7.10
C12 CDL GA . 2.17 15.54 -5.81
C13 CDL GA . 3.29 14.96 -4.96
C14 CDL GA . 2.81 14.15 -3.76
C15 CDL GA . 3.86 13.92 -2.68
C16 CDL GA . 5.27 13.73 -3.21
C17 CDL GA . 6.21 13.06 -2.23
C18 CDL GA . 7.27 12.21 -2.88
C19 CDL GA . 7.88 11.14 -1.98
C20 CDL GA . 9.39 11.22 -1.84
C21 CDL GA . 10.13 11.66 -3.10
C22 CDL GA . 10.80 13.03 -3.00
CA6 CDL GA . -1.07 11.52 -5.70
OA8 CDL GA . 0.11 11.16 -4.94
CA7 CDL GA . 0.92 10.25 -5.50
OA9 CDL GA . 0.71 9.71 -6.55
C31 CDL GA . 2.13 10.00 -4.64
C32 CDL GA . 3.33 9.55 -5.45
C33 CDL GA . 3.45 8.03 -5.55
C34 CDL GA . 4.70 7.47 -4.92
C35 CDL GA . 5.80 8.48 -4.71
C36 CDL GA . 7.10 7.92 -4.20
C37 CDL GA . 7.30 6.45 -4.50
C38 CDL GA . 8.54 5.84 -3.87
C39 CDL GA . 9.10 4.64 -4.59
C40 CDL GA . 10.54 4.79 -5.03
C41 CDL GA . 10.84 4.19 -6.39
CB2 CDL GA . -1.53 17.11 -6.30
OB2 CDL GA . -2.52 17.73 -5.45
PB2 CDL GA . -2.29 17.83 -3.90
OB3 CDL GA . -2.53 19.28 -3.47
OB4 CDL GA . -3.10 16.84 -3.18
OB5 CDL GA . -0.76 17.52 -3.74
CB3 CDL GA . 0.21 18.57 -3.50
CB4 CDL GA . 1.51 17.93 -3.10
OB6 CDL GA . 1.74 18.26 -1.71
CB5 CDL GA . 1.92 17.24 -0.84
OB7 CDL GA . 1.91 16.09 -1.16
C51 CDL GA . 2.11 17.75 0.56
C52 CDL GA . 3.33 17.15 1.24
C53 CDL GA . 3.39 17.44 2.73
C54 CDL GA . 3.76 16.24 3.57
C55 CDL GA . 5.20 15.83 3.49
C56 CDL GA . 5.74 15.21 4.76
C57 CDL GA . 7.26 15.11 4.80
C58 CDL GA . 7.93 16.04 5.80
C59 CDL GA . 7.69 17.52 5.52
C60 CDL GA . 6.81 18.23 6.54
C61 CDL GA . 6.28 19.57 6.09
C62 CDL GA . 6.75 20.04 4.73
CB6 CDL GA . 2.65 18.47 -3.90
OB8 CDL GA . 3.88 18.11 -3.24
CB7 CDL GA . 4.99 18.72 -3.66
OB9 CDL GA . 5.08 19.32 -4.69
C71 CDL GA . 6.11 18.52 -2.67
C72 CDL GA . 6.67 17.12 -2.65
C73 CDL GA . 7.69 16.88 -1.56
C74 CDL GA . 8.15 18.13 -0.81
C75 CDL GA . 8.40 17.90 0.66
C76 CDL GA . 9.44 18.83 1.28
C77 CDL GA . 10.27 18.21 2.38
C78 CDL GA . 11.76 18.24 2.12
C79 CDL GA . 12.61 18.22 3.37
C80 CDL GA . 13.52 19.43 3.52
C1 CDL HA . -2.20 23.68 -12.85
O1 CDL HA . -0.77 23.66 -12.85
CA2 CDL HA . -2.68 24.68 -11.82
OA2 CDL HA . -2.05 24.43 -10.54
PA1 CDL HA . -2.46 25.25 -9.26
OA3 CDL HA . -3.21 26.51 -9.68
OA4 CDL HA . -3.18 24.40 -8.30
OA5 CDL HA . -1.05 25.67 -8.71
CA3 CDL HA . -0.91 26.52 -7.55
CA4 CDL HA . 0.46 26.30 -6.98
OA6 CDL HA . 0.61 27.19 -5.83
CA5 CDL HA . 0.12 26.78 -4.65
OA7 CDL HA . -1.04 26.85 -4.35
C11 CDL HA . 1.21 26.23 -3.77
C12 CDL HA . 1.14 26.74 -2.34
C13 CDL HA . 0.31 25.86 -1.44
C14 CDL HA . 1.01 24.59 -1.00
C15 CDL HA . 1.43 24.58 0.46
C16 CDL HA . 2.24 23.36 0.86
C17 CDL HA . 3.38 23.68 1.81
C18 CDL HA . 4.21 22.47 2.23
C19 CDL HA . 3.48 21.14 2.17
CA6 CDL HA . 1.53 26.64 -7.97
OA8 CDL HA . 2.52 25.59 -7.93
CA7 CDL HA . 3.77 25.96 -7.65
OA9 CDL HA . 4.19 27.09 -7.77
C31 CDL HA . 4.58 24.79 -7.17
C32 CDL HA . 5.48 25.14 -5.98
C33 CDL HA . 6.95 25.00 -6.29
C34 CDL HA . 7.86 25.87 -5.45
CB2 CDL HA . -2.72 22.29 -12.58
OB2 CDL HA . -1.62 21.39 -12.32
PB2 CDL HA . -1.87 19.99 -11.65
OB3 CDL HA . -1.03 18.94 -12.39
OB4 CDL HA . -3.29 19.68 -11.56
OB5 CDL HA . -1.25 20.21 -10.23
CB3 CDL HA . -0.28 21.24 -9.97
CB4 CDL HA . 0.69 20.71 -8.97
OB6 CDL HA . 0.90 21.74 -7.95
CB5 CDL HA . 0.82 21.35 -6.67
OB7 CDL HA . 0.83 20.20 -6.32
C51 CDL HA . 0.73 22.54 -5.76
C52 CDL HA . 1.49 22.33 -4.45
C53 CDL HA . 2.90 22.91 -4.51
C54 CDL HA . 3.90 22.21 -3.62
C55 CDL HA . 3.35 21.72 -2.30
C56 CDL HA . 4.41 21.34 -1.29
CB6 CDL HA . 2.03 20.40 -9.59
OB8 CDL HA . 2.91 19.91 -8.56
CB7 CDL HA . 3.34 18.65 -8.68
OB9 CDL HA . 2.88 17.85 -9.45
C71 CDL HA . 4.46 18.36 -7.73
C72 CDL HA . 5.82 18.26 -8.41
C73 CDL HA . 6.86 17.55 -7.54
CHA HEM IA . 33.31 -5.26 1.10
CHB HEM IA . 29.78 -6.62 -1.99
CHC HEM IA . 29.12 -2.02 -3.37
CHD HEM IA . 32.77 -0.72 -0.46
C1A HEM IA . 32.38 -6.02 0.41
C2A HEM IA . 32.14 -7.44 0.57
C3A HEM IA . 31.17 -7.81 -0.27
C4A HEM IA . 30.75 -6.65 -1.02
CMA HEM IA . 30.61 -9.23 -0.41
CAA HEM IA . 32.85 -8.38 1.56
CBA HEM IA . 32.47 -7.99 2.98
CGA HEM IA . 32.77 -9.10 3.94
O1A HEM IA . 32.86 -10.26 3.49
O2A HEM IA . 32.90 -8.81 5.16
C1B HEM IA . 29.26 -5.50 -2.60
C2B HEM IA . 28.15 -5.47 -3.52
C3B HEM IA . 27.95 -4.20 -3.90
C4B HEM IA . 28.95 -3.38 -3.23
CMB HEM IA . 27.35 -6.73 -3.92
CAB HEM IA . 26.90 -3.60 -4.87
CBB HEM IA . 26.16 -4.32 -5.72
C1C HEM IA . 30.10 -1.27 -2.76
C2C HEM IA . 30.44 0.11 -3.04
C3C HEM IA . 31.47 0.45 -2.23
C4C HEM IA . 31.78 -0.69 -1.41
CMC HEM IA . 29.74 0.98 -4.11
CAC HEM IA . 32.25 1.78 -2.06
CBC HEM IA . 31.94 2.92 -2.66
C1D HEM IA . 33.23 -1.80 0.23
C2D HEM IA . 34.27 -1.78 1.22
C3D HEM IA . 34.44 -3.02 1.68
C4D HEM IA . 33.51 -3.90 0.98
CMD HEM IA . 35.04 -0.53 1.67
CAD HEM IA . 35.52 -3.32 2.77
CBD HEM IA . 35.35 -4.62 3.52
CGD HEM IA . 34.22 -4.51 4.50
O1D HEM IA . 33.90 -3.37 4.91
O2D HEM IA . 33.63 -5.56 4.86
NA HEM IA . 31.51 -5.57 -0.57
NB HEM IA . 29.73 -4.21 -2.46
NC HEM IA . 30.94 -1.73 -1.76
ND HEM IA . 32.79 -3.11 0.11
FE HEM IA . 31.20 -3.64 -1.13
CHA HEM JA . 11.36 -7.96 -14.26
CHB HEM JA . 14.51 -5.37 -11.65
CHC HEM JA . 17.89 -8.77 -12.37
CHD HEM JA . 14.94 -10.98 -15.51
C1A HEM JA . 11.89 -7.01 -13.43
C2A HEM JA . 11.16 -5.94 -12.79
C3A HEM JA . 12.03 -5.22 -12.07
C4A HEM JA . 13.35 -5.80 -12.23
CMA HEM JA . 11.70 -3.98 -11.22
CAA HEM JA . 9.65 -5.69 -12.93
CBA HEM JA . 8.90 -6.13 -11.67
CGA HEM JA . 9.06 -7.60 -11.40
O1A HEM JA . 8.78 -8.42 -12.29
O2A HEM JA . 9.47 -7.95 -10.27
C1B HEM JA . 15.69 -6.06 -11.61
C2B HEM JA . 16.87 -5.67 -10.87
C3B HEM JA . 17.82 -6.60 -11.07
C4B HEM JA . 17.26 -7.62 -11.93
CMB HEM JA . 16.94 -4.37 -10.04
CAB HEM JA . 19.27 -6.68 -10.51
CBB HEM JA . 19.82 -5.79 -9.69
C1C HEM JA . 17.37 -9.69 -13.25
C2C HEM JA . 17.98 -10.93 -13.64
C3C HEM JA . 17.16 -11.56 -14.50
C4C HEM JA . 16.01 -10.70 -14.69
CMC HEM JA . 19.36 -11.41 -13.09
CAC HEM JA . 17.31 -12.91 -15.25
CBC HEM JA . 18.44 -13.62 -15.34
C1D HEM JA . 13.71 -10.37 -15.46
C2D HEM JA . 12.53 -10.74 -16.20
C3D HEM JA . 11.54 -9.91 -15.85
C4D HEM JA . 12.06 -8.98 -14.87
CMD HEM JA . 12.43 -11.89 -17.22
CAD HEM JA . 10.09 -9.91 -16.39
CBD HEM JA . 9.30 -10.97 -15.63
CGD HEM JA . 7.83 -10.74 -15.79
O1D HEM JA . 7.09 -11.74 -16.00
O2D HEM JA . 7.39 -9.58 -15.71
NA HEM JA . 13.22 -6.90 -13.07
NB HEM JA . 15.96 -7.27 -12.23
NC HEM JA . 16.16 -9.58 -13.91
ND HEM JA . 13.38 -9.29 -14.65
FE HEM JA . 14.67 -8.28 -13.44
C2 PEF KA . 0.15 8.80 -0.07
C1 PEF KA . -1.12 9.23 -0.80
N PEF KA . -4.82 11.98 -0.36
C3 PEF KA . 1.37 9.21 -0.88
C4 PEF KA . -4.74 9.58 -0.56
C5 PEF KA . -5.61 10.82 -0.69
C10 PEF KA . 0.16 8.42 2.24
C11 PEF KA . 0.97 8.63 3.51
C12 PEF KA . 1.58 7.30 3.91
C13 PEF KA . 2.93 7.54 4.58
C14 PEF KA . 3.40 6.25 5.24
C15 PEF KA . 4.92 6.28 5.37
C16 PEF KA . 5.56 5.45 4.27
C17 PEF KA . 7.07 5.58 4.38
C18 PEF KA . 7.75 4.42 3.65
C19 PEF KA . 9.16 4.25 4.21
C20 PEF KA . 9.98 3.35 3.29
C21 PEF KA . 10.43 4.15 2.07
C22 PEF KA . 11.54 3.40 1.33
C30 PEF KA . 2.51 7.16 -0.98
C31 PEF KA . 3.36 6.09 -0.30
C32 PEF KA . 4.84 6.42 -0.48
C33 PEF KA . 5.66 5.40 0.32
C34 PEF KA . 6.68 4.75 -0.59
C35 PEF KA . 6.39 3.25 -0.66
C36 PEF KA . 7.64 2.50 -1.10
C37 PEF KA . 7.35 1.76 -2.40
C38 PEF KA . 8.03 0.39 -2.37
C39 PEF KA . 9.11 0.32 -3.45
C40 PEF KA . 10.33 1.11 -3.00
C41 PEF KA . 11.58 0.23 -3.08
C42 PEF KA . 12.80 1.08 -2.73
C43 PEF KA . 13.45 1.59 -4.01
C44 PEF KA . 14.54 2.60 -3.68
C45 PEF KA . 15.53 2.00 -2.69
O4 PEF KA . -0.49 7.45 2.12
O5 PEF KA . 1.87 6.87 -1.93
O2 PEF KA . 0.20 9.37 1.20
O3 PEF KA . 2.48 8.46 -0.46
O1P PEF KA . -2.51 8.06 -3.30
O2P PEF KA . -3.87 6.70 -1.77
O3P PEF KA . -2.00 8.15 -0.78
O4P PEF KA . -4.23 9.24 -1.81
P PEF KA . -3.15 8.01 -1.94
C2 PEF LA . 11.15 23.41 -14.01
C1 PEF LA . 9.96 24.04 -14.72
N PEF LA . 7.36 26.60 -13.91
C3 PEF LA . 12.08 24.51 -13.50
C4 PEF LA . 7.35 25.75 -16.18
C5 PEF LA . 6.54 25.96 -14.91
C10 PEF LA . 10.98 21.28 -13.07
C11 PEF LA . 10.52 20.26 -12.03
C12 PEF LA . 11.37 19.01 -12.21
C13 PEF LA . 11.44 18.19 -10.92
C14 PEF LA . 11.59 16.71 -11.28
C15 PEF LA . 12.24 15.93 -10.13
C16 PEF LA . 13.46 15.19 -10.64
C17 PEF LA . 13.10 13.76 -11.01
C18 PEF LA . 14.22 13.17 -11.88
C19 PEF LA . 13.75 11.90 -12.56
C20 PEF LA . 14.28 11.86 -13.99
C21 PEF LA . 15.49 10.93 -14.09
C22 PEF LA . 16.15 11.08 -15.46
C23 PEF LA . 16.92 9.82 -15.83
C24 PEF LA . 18.24 9.75 -15.07
C25 PEF LA . 19.20 10.82 -15.57
C30 PEF LA . 14.17 23.67 -12.84
C31 PEF LA . 14.44 22.18 -12.77
C32 PEF LA . 15.67 21.90 -11.94
C33 PEF LA . 16.10 20.44 -12.12
C34 PEF LA . 15.61 19.60 -10.93
C35 PEF LA . 16.78 19.23 -10.03
C36 PEF LA . 17.40 17.90 -10.48
C37 PEF LA . 16.80 16.74 -9.69
C38 PEF LA . 17.63 16.48 -8.43
C39 PEF LA . 18.53 15.26 -8.62
C40 PEF LA . 20.00 15.66 -8.47
C41 PEF LA . 20.20 16.39 -7.14
C42 PEF LA . 21.25 17.49 -7.32
C43 PEF LA . 22.65 16.90 -7.23
C44 PEF LA . 22.94 16.44 -5.81
C45 PEF LA . 23.85 17.44 -5.10
O4 PEF LA . 11.58 20.90 -14.02
O5 PEF LA . 14.64 24.40 -12.03
O2 PEF LA . 10.70 22.63 -12.94
O3 PEF LA . 13.40 24.21 -13.87
O1P PEF LA . 9.51 24.37 -17.82
O2P PEF LA . 8.17 22.31 -17.67
O3P PEF LA . 9.38 23.10 -15.57
O4P PEF LA . 7.25 24.41 -16.57
P PEF LA . 8.59 23.55 -16.94
N PCF MA . -4.03 -21.86 -9.69
P PCF MA . 0.70 -21.36 -9.06
O11 PCF MA . 1.68 -21.68 -7.78
O12 PCF MA . 0.77 -22.49 -10.05
O13 PCF MA . -0.84 -21.19 -8.48
O14 PCF MA . 1.11 -20.07 -9.74
C11 PCF MA . -1.86 -20.79 -9.36
C12 PCF MA . -3.21 -21.14 -8.72
C13 PCF MA . -3.45 -23.18 -9.94
C14 PCF MA . -5.39 -22.03 -9.14
C15 PCF MA . -4.11 -21.13 -10.94
C1 PCF MA . 2.46 -22.85 -7.79
C2 PCF MA . 3.64 -22.65 -6.86
C3 PCF MA . 3.91 -23.95 -6.09
O31 PCF MA . 4.00 -23.64 -4.71
O32 PCF MA . 5.95 -24.73 -4.47
C31 PCF MA . 5.31 -23.77 -4.20
C32 PCF MA . 5.93 -22.66 -3.32
C33 PCF MA . 7.34 -23.12 -2.86
C34 PCF MA . 8.03 -21.97 -2.09
C35 PCF MA . 9.35 -22.49 -1.50
O21 PCF MA . 4.78 -22.28 -7.62
O22 PCF MA . 4.76 -20.31 -6.51
C21 PCF MA . 5.20 -20.94 -7.41
C22 PCF MA . 6.26 -20.29 -8.35
C23 PCF MA . 7.62 -21.01 -8.18
C24 PCF MA . 8.61 -20.08 -7.43
C25 PCF MA . 9.95 -20.85 -7.24
C26 PCF MA . 10.83 -20.16 -6.17
C27 PCF MA . 12.01 -21.09 -5.79
C28 PCF MA . 13.00 -20.35 -4.85
C29 PCF MA . 14.39 -21.02 -4.93
C30 PCF MA . 15.24 -20.34 -6.02
C47 PCF MA . 16.37 -21.27 -6.50
C48 PCF MA . 17.32 -20.46 -7.39
C49 PCF MA . 17.88 -21.33 -8.53
C50 PCF MA . 18.72 -20.45 -9.47
C51 PCF MA . 19.31 -21.31 -10.60
C52 PCF MA . 20.28 -20.48 -11.44
C1 UQ6 NA . 12.55 -0.57 -9.42
C1M UQ6 NA . 13.90 -0.89 -10.02
C2 UQ6 NA . 11.44 -0.52 -10.25
O2 UQ6 NA . 11.58 -0.74 -11.58
C3 UQ6 NA . 10.17 -0.24 -9.74
C4 UQ6 NA . 10.00 0.00 -8.38
C5 UQ6 NA . 11.11 -0.07 -7.55
O5 UQ6 NA . 10.89 0.17 -6.22
C6 UQ6 NA . 12.38 -0.34 -8.05
O3 UQ6 NA . 9.12 -0.19 -10.60
C3M UQ6 NA . 8.98 1.05 -11.29
O4 UQ6 NA . 8.77 0.27 -7.89
C4M UQ6 NA . 8.48 1.65 -7.69
C7 UQ6 NA . 13.50 -0.37 -7.04
C8 UQ6 NA . 14.60 0.66 -7.16
C9 UQ6 NA . 14.66 1.91 -7.66
C10 UQ6 NA . 13.56 2.70 -8.30
C11 UQ6 NA . 15.99 2.61 -7.59
C12 UQ6 NA . 16.98 2.04 -8.62
C13 UQ6 NA . 18.39 2.20 -8.16
C14 UQ6 NA . 19.42 2.77 -8.79
C15 UQ6 NA . 19.35 3.39 -10.16
C16 UQ6 NA . 20.75 2.82 -8.11
C17 UQ6 NA . 21.32 4.25 -8.11
C18 UQ6 NA . 22.01 4.63 -6.83
C19 UQ6 NA . 21.50 5.43 -5.90
C20 UQ6 NA . 20.13 6.04 -6.03
C21 UQ6 NA . 22.24 5.78 -4.63
C22 UQ6 NA . 23.12 7.04 -4.81
C23 UQ6 NA . 23.48 7.63 -3.48
C24 UQ6 NA . 24.38 8.57 -3.20
C25 UQ6 NA . 25.25 9.25 -4.23
C26 UQ6 NA . 24.57 9.02 -1.78
C27 UQ6 NA . 26.02 8.88 -1.26
C28 UQ6 NA . 26.20 9.65 0.01
C29 UQ6 NA . 26.54 10.92 0.17
C30 UQ6 NA . 26.83 11.87 -0.96
C31 UQ6 NA . 26.65 11.51 1.55
C32 UQ6 NA . 28.01 12.18 1.80
C33 UQ6 NA . 27.85 13.65 2.07
C34 UQ6 NA . 28.79 14.51 2.45
C35 UQ6 NA . 28.47 15.96 2.67
C36 UQ6 NA . 30.21 14.15 2.70
C2 PEF OA . 27.44 -23.80 4.46
C1 PEF OA . 28.05 -24.76 5.47
N PEF OA . 32.97 -27.25 8.84
C3 PEF OA . 28.42 -22.65 4.21
C4 PEF OA . 31.47 -27.19 6.91
C5 PEF OA . 31.65 -26.81 8.38
C10 PEF OA . 26.15 -24.13 2.50
C11 PEF OA . 25.39 -25.14 1.64
C12 PEF OA . 25.33 -24.61 0.22
C13 PEF OA . 23.98 -23.96 -0.05
C14 PEF OA . 23.52 -24.33 -1.45
C15 PEF OA . 23.43 -23.08 -2.31
C16 PEF OA . 22.00 -22.57 -2.30
C17 PEF OA . 21.64 -21.98 -3.65
C18 PEF OA . 20.13 -21.83 -3.74
C19 PEF OA . 19.66 -20.80 -2.72
C20 PEF OA . 18.15 -20.87 -2.57
C21 PEF OA . 17.72 -20.04 -1.36
C22 PEF OA . 17.71 -18.56 -1.72
C30 PEF OA . 27.59 -21.28 5.96
C31 PEF OA . 27.01 -20.05 5.25
C32 PEF OA . 25.78 -20.39 4.40
C33 PEF OA . 24.61 -20.88 5.25
C34 PEF OA . 23.58 -21.56 4.34
C35 PEF OA . 23.29 -20.68 3.13
C36 PEF OA . 21.89 -20.07 3.25
C37 PEF OA . 21.09 -20.44 2.00
C38 PEF OA . 19.60 -20.36 2.31
C39 PEF OA . 19.26 -19.02 2.98
C40 PEF OA . 17.95 -19.17 3.75
C41 PEF OA . 17.47 -17.79 4.19
O4 PEF OA . 25.80 -23.00 2.49
O5 PEF OA . 27.12 -21.63 6.99
O2 PEF OA . 27.23 -24.53 3.29
O3 PEF OA . 28.67 -21.99 5.42
O1P PEF OA . 28.36 -27.84 6.53
O2P PEF OA . 29.77 -28.05 4.51
O3P PEF OA . 28.33 -25.94 4.79
O4P PEF OA . 30.48 -26.37 6.35
P PEF OA . 29.23 -27.09 5.55
FE HEC PA . 48.49 -20.66 24.03
CHA HEC PA . 47.96 -21.94 20.89
CHB HEC PA . 45.19 -19.73 24.21
CHC HEC PA . 48.83 -19.96 27.37
CHD HEC PA . 51.82 -21.26 23.82
NA HEC PA . 46.87 -20.83 22.79
C1A HEC PA . 46.88 -21.35 21.51
C2A HEC PA . 45.55 -21.16 20.95
C3A HEC PA . 44.79 -20.55 21.87
C4A HEC PA . 45.60 -20.33 23.05
CMA HEC PA . 43.32 -20.16 21.71
CAA HEC PA . 45.08 -21.58 19.55
CBA HEC PA . 44.83 -23.07 19.49
CGA HEC PA . 44.43 -23.43 18.09
O1A HEC PA . 44.73 -22.64 17.17
O2A HEC PA . 43.81 -24.50 17.89
NB HEC PA . 47.26 -19.92 25.50
C1B HEC PA . 45.90 -19.69 25.38
C2B HEC PA . 45.37 -19.42 26.69
C3B HEC PA . 46.38 -19.49 27.57
C4B HEC PA . 47.58 -19.81 26.83
CMB HEC PA . 43.89 -19.11 26.96
CAB HEC PA . 46.36 -19.30 29.10
CBB HEC PA . 45.45 -20.32 29.80
NC HEC PA . 50.05 -20.60 25.35
C1C HEC PA . 49.97 -20.31 26.69
C2C HEC PA . 51.30 -20.22 27.22
C3C HEC PA . 52.11 -20.80 26.33
C4C HEC PA . 51.37 -20.92 25.07
CMC HEC PA . 51.58 -20.22 28.73
CAC HEC PA . 53.61 -21.06 26.64
CBC HEC PA . 54.56 -20.96 25.42
ND HEC PA . 49.69 -21.49 22.58
C1D HEC PA . 51.08 -21.59 22.70
C2D HEC PA . 51.62 -22.09 21.46
C3D HEC PA . 50.41 -22.31 20.55
C4D HEC PA . 49.26 -21.90 21.33
CMD HEC PA . 53.10 -22.36 21.14
CAD HEC PA . 50.43 -22.83 19.10
CBD HEC PA . 50.13 -24.33 19.10
CGD HEC PA . 50.17 -24.84 17.70
O1D HEC PA . 50.43 -26.05 17.50
O2D HEC PA . 49.97 -24.03 16.77
FE1 FES QA . 53.57 37.56 12.10
FE2 FES QA . 51.94 39.18 10.65
S1 FES QA . 53.45 39.76 12.14
S2 FES QA . 52.12 36.98 10.54
C2 PEF RA . 17.14 2.03 14.87
C1 PEF RA . 17.08 2.42 16.34
N PEF RA . 22.24 6.59 17.82
C3 PEF RA . 18.53 1.46 14.58
C4 PEF RA . 20.94 4.90 16.67
C5 PEF RA . 22.33 5.32 17.14
C10 PEF RA . 15.04 1.52 13.91
C11 PEF RA . 14.40 0.67 12.83
C12 PEF RA . 13.54 1.55 11.95
C13 PEF RA . 13.86 1.32 10.48
C14 PEF RA . 12.89 2.15 9.64
C15 PEF RA . 13.67 2.94 8.60
C16 PEF RA . 12.74 3.43 7.50
C17 PEF RA . 13.56 3.86 6.28
C18 PEF RA . 14.23 5.20 6.55
C19 PEF RA . 14.92 5.68 5.26
C20 PEF RA . 15.48 7.08 5.47
C30 PEF RA . 19.35 2.03 12.47
C31 PEF RA . 19.60 1.75 11.00
C32 PEF RA . 20.25 0.37 10.87
C33 PEF RA . 19.53 -0.43 9.80
C34 PEF RA . 18.06 -0.61 10.19
C35 PEF RA . 17.79 -2.08 10.47
C36 PEF RA . 18.19 -2.93 9.27
C37 PEF RA . 17.04 -2.95 8.26
C38 PEF RA . 17.56 -2.60 6.88
C39 PEF RA . 17.21 -1.15 6.57
C40 PEF RA . 18.35 -0.50 5.77
C41 PEF RA . 18.01 0.96 5.54
C42 PEF RA . 19.14 1.63 4.77
C43 PEF RA . 18.69 3.01 4.29
C44 PEF RA . 19.69 3.55 3.27
C45 PEF RA . 19.10 4.79 2.61
O4 PEF RA . 14.58 2.58 14.16
O5 PEF RA . 19.77 3.01 12.96
O2 PEF RA . 16.17 1.06 14.60
O3 PEF RA . 18.63 1.11 13.24
O1P PEF RA . 18.15 3.81 19.07
O2P PEF RA . 18.02 5.22 17.08
O3P PEF RA . 18.37 2.67 16.78
O4P PEF RA . 20.32 4.22 17.71
P PEF RA . 18.69 4.01 17.67
C1 CDL SA . -15.08 -2.37 10.61
O1 CDL SA . -14.06 -1.37 10.62
CA2 CDL SA . -16.33 -1.81 11.25
OA2 CDL SA . -15.99 -0.88 12.31
PA1 CDL SA . -15.85 0.66 12.04
OA3 CDL SA . -14.92 0.85 10.84
OA4 CDL SA . -17.14 1.34 11.93
OA5 CDL SA . -15.07 1.11 13.33
CA3 CDL SA . -15.00 2.51 13.71
CA4 CDL SA . -13.98 2.62 14.81
OA6 CDL SA . -14.23 1.54 15.75
CA5 CDL SA . -13.33 0.54 15.81
OA7 CDL SA . -13.17 -0.25 14.91
C11 CDL SA . -12.59 0.53 17.10
C12 CDL SA . -11.07 0.61 16.93
C13 CDL SA . -10.45 -0.75 16.65
CA6 CDL SA . -14.09 3.92 15.54
OA8 CDL SA . -12.86 4.12 16.26
CA7 CDL SA . -12.10 5.13 15.86
OA9 CDL SA . -12.44 5.95 15.04
C31 CDL SA . -10.77 5.13 16.57
C32 CDL SA . -10.50 6.42 17.32
C33 CDL SA . -9.73 7.45 16.51
C34 CDL SA . -8.57 8.06 17.26
C35 CDL SA . -8.13 9.42 16.74
CB2 CDL SA . -14.55 -3.63 11.22
OB2 CDL SA . -13.71 -4.28 10.26
PB2 CDL SA . -12.33 -4.92 10.68
OB3 CDL SA . -11.22 -4.09 10.04
OB4 CDL SA . -12.31 -6.35 10.34
OB5 CDL SA . -12.26 -4.72 12.25
CB3 CDL SA . -12.46 -5.83 13.15
CB4 CDL SA . -11.15 -6.12 13.84
OB6 CDL SA . -11.45 -6.87 15.05
CB5 CDL SA . -11.26 -8.19 15.03
OB7 CDL SA . -11.19 -8.83 14.02
C51 CDL SA . -11.19 -8.76 16.42
C52 CDL SA . -9.98 -9.65 16.61
C53 CDL SA . -9.84 -10.17 18.03
C54 CDL SA . -9.08 -11.47 18.14
C55 CDL SA . -7.76 -11.35 18.87
C56 CDL SA . -7.04 -12.66 19.07
C57 CDL SA . -5.90 -12.91 18.11
CB6 CDL SA . -10.46 -4.85 14.24
OB8 CDL SA . -9.04 -5.06 14.08
CB7 CDL SA . -8.24 -4.11 14.56
OB9 CDL SA . -8.63 -3.08 15.03
C71 CDL SA . -6.80 -4.51 14.45
C72 CDL SA . -6.01 -4.24 15.73
C73 CDL SA . -5.24 -2.94 15.68
C74 CDL SA . -5.81 -1.85 16.55
C75 CDL SA . -4.81 -1.18 17.46
C76 CDL SA . -4.67 -1.86 18.81
C2 PEF TA . -3.92 -33.93 -5.88
C1 PEF TA . -5.17 -33.16 -5.45
N PEF TA . -8.98 -33.08 -9.51
C3 PEF TA . -3.08 -33.05 -6.78
C4 PEF TA . -9.00 -32.50 -7.14
C5 PEF TA . -8.48 -33.47 -8.19
C10 PEF TA . -3.56 -35.47 -4.15
C11 PEF TA . -3.44 -35.65 -2.64
C12 PEF TA . -3.35 -37.13 -2.30
C13 PEF TA . -2.84 -37.30 -0.87
C14 PEF TA . -1.62 -38.22 -0.85
C15 PEF TA . -1.97 -39.51 -0.11
C30 PEF TA . -1.24 -34.15 -7.72
C31 PEF TA . -0.62 -35.18 -8.64
C32 PEF TA . 0.88 -34.92 -8.68
C33 PEF TA . 1.57 -36.03 -9.48
C34 PEF TA . 2.70 -35.41 -10.31
C35 PEF TA . 3.69 -36.51 -10.69
C36 PEF TA . 4.68 -35.95 -11.72
C37 PEF TA . 4.53 -36.69 -13.03
C38 PEF TA . 5.27 -38.02 -12.94
C39 PEF TA . 6.74 -37.81 -13.29
C40 PEF TA . 7.27 -39.04 -14.03
O4 PEF TA . -3.97 -36.35 -4.81
O5 PEF TA . -0.59 -33.62 -6.88
O2 PEF TA . -3.18 -34.25 -4.73
O3 PEF TA . -2.60 -33.81 -7.85
O1P PEF TA . -6.83 -30.37 -5.07
O2P PEF TA . -7.02 -30.50 -7.53
O3P PEF TA . -5.39 -32.09 -6.34
O4P PEF TA . -8.05 -32.40 -6.11
P PEF TA . -6.83 -31.30 -6.26
C1 CDL UA . 1.25 -18.26 -5.51
O1 CDL UA . 2.33 -19.16 -5.68
CA2 CDL UA . 1.60 -17.23 -4.47
OA2 CDL UA . 0.43 -16.42 -4.21
PA1 CDL UA . 0.46 -15.30 -3.11
OA3 CDL UA . 0.24 -13.94 -3.78
OA4 CDL UA . -0.48 -15.60 -2.02
OA5 CDL UA . 1.94 -15.39 -2.61
CA3 CDL UA . 2.28 -15.18 -1.22
CA4 CDL UA . 3.04 -16.40 -0.76
OA6 CDL UA . 3.02 -16.41 0.70
CA5 CDL UA . 1.92 -16.93 1.29
OA7 CDL UA . 1.56 -18.07 1.14
C11 CDL UA . 1.24 -15.91 2.15
C12 CDL UA . -0.05 -16.43 2.78
C13 CDL UA . 0.15 -16.94 4.19
C14 CDL UA . -0.19 -18.40 4.37
C15 CDL UA . 0.39 -19.03 5.62
C16 CDL UA . -0.59 -19.91 6.38
C17 CDL UA . 0.05 -20.89 7.33
C18 CDL UA . -0.86 -21.35 8.45
C19 CDL UA . -1.92 -20.35 8.85
CA6 CDL UA . 4.48 -16.33 -1.20
OA8 CDL UA . 5.00 -15.02 -0.91
CA7 CDL UA . 6.14 -14.68 -1.50
OA9 CDL UA . 6.69 -15.37 -2.31
C31 CDL UA . 6.64 -13.35 -1.03
C32 CDL UA . 8.13 -13.16 -1.25
C33 CDL UA . 8.90 -13.02 0.06
C34 CDL UA . 9.52 -11.65 0.25
C35 CDL UA . 10.33 -11.51 1.52
C36 CDL UA . 11.73 -12.08 1.42
C37 CDL UA . 12.74 -11.37 2.30
C38 CDL UA . 14.16 -11.54 1.82
C39 CDL UA . 14.97 -12.54 2.63
C40 CDL UA . 15.25 -13.83 1.90
C41 CDL UA . 14.65 -15.04 2.57
C42 CDL UA . 14.35 -16.18 1.62
CB2 CDL UA . 0.01 -19.03 -5.16
OB2 CDL UA . 0.31 -20.43 -5.04
PB2 CDL UA . -0.75 -21.46 -4.49
OB3 CDL UA . -1.94 -20.65 -3.98
OB4 CDL UA . -1.07 -22.50 -5.46
OB5 CDL UA . 0.01 -22.07 -3.27
CB3 CDL UA . 1.28 -21.56 -2.85
CB4 CDL UA . 1.38 -21.78 -1.36
OB6 CDL UA . 2.80 -21.88 -1.02
CB5 CDL UA . 3.46 -20.75 -0.76
OB7 CDL UA . 3.51 -19.80 -1.49
C51 CDL UA . 4.13 -20.82 0.59
C52 CDL UA . 5.63 -20.60 0.52
C53 CDL UA . 6.02 -19.14 0.44
C54 CDL UA . 7.36 -18.82 1.08
C55 CDL UA . 7.35 -17.55 1.90
C56 CDL UA . 8.73 -17.01 2.23
CB6 CDL UA . 0.71 -23.06 -0.97
OB8 CDL UA . 0.84 -23.23 0.45
CB7 CDL UA . -0.25 -23.03 1.19
OB9 CDL UA . -1.17 -23.79 1.24
C71 CDL UA . -0.18 -21.74 1.95
C72 CDL UA . 0.17 -21.95 3.42
C73 CDL UA . 0.84 -23.28 3.69
C74 CDL UA . 2.29 -23.18 4.14
C75 CDL UA . 2.62 -21.90 4.88
C76 CDL UA . 3.56 -22.08 6.06
C77 CDL UA . 4.55 -20.94 6.26
C1 CDL VA . -2.76 -14.30 0.34
O1 CDL VA . -1.36 -14.60 0.41
CA2 CDL VA . -3.05 -13.11 1.22
OA2 CDL VA . -2.52 -11.91 0.61
PA1 CDL VA . -3.02 -10.48 1.05
OA3 CDL VA . -2.27 -9.43 0.24
OA4 CDL VA . -4.48 -10.39 0.96
OA5 CDL VA . -2.56 -10.40 2.54
CA3 CDL VA . -1.24 -9.91 2.89
CA4 CDL VA . -0.45 -11.07 3.44
OA6 CDL VA . -1.04 -11.44 4.73
CA5 CDL VA . -0.55 -12.51 5.35
OA7 CDL VA . -0.49 -13.60 4.86
C11 CDL VA . -0.09 -12.17 6.74
C12 CDL VA . 0.96 -13.13 7.27
C13 CDL VA . 1.59 -12.65 8.55
C14 CDL VA . 1.26 -13.49 9.77
C15 CDL VA . 1.98 -13.07 11.03
C16 CDL VA . 1.19 -12.14 11.93
C17 CDL VA . 0.70 -12.79 13.22
C18 CDL VA . -0.81 -12.76 13.39
C19 CDL VA . -1.26 -12.78 14.85
CA6 CDL VA . 0.99 -10.71 3.66
OA8 CDL VA . 1.76 -11.22 2.56
CA7 CDL VA . 3.07 -11.35 2.75
OA9 CDL VA . 3.88 -10.62 2.27
C31 CDL VA . 3.39 -12.52 3.62
C32 CDL VA . 4.37 -13.50 2.99
C33 CDL VA . 4.37 -14.86 3.66
C34 CDL VA . 5.44 -15.04 4.71
C35 CDL VA . 5.02 -14.67 6.12
C36 CDL VA . 5.83 -15.35 7.21
C37 CDL VA . 6.92 -14.49 7.80
C38 CDL VA . 6.74 -14.19 9.28
C39 CDL VA . 7.68 -13.13 9.82
C40 CDL VA . 8.59 -13.60 10.93
C41 CDL VA . 10.03 -13.84 10.49
CB2 CDL VA . -3.56 -15.51 0.76
OB2 CDL VA . -4.60 -15.12 1.68
PB2 CDL VA . -5.89 -16.00 1.88
OB3 CDL VA . -5.46 -17.45 2.05
OB4 CDL VA . -6.88 -15.76 0.82
OB5 CDL VA . -6.41 -15.47 3.27
CB3 CDL VA . -5.84 -14.31 3.89
CB4 CDL VA . -5.44 -14.66 5.29
OB6 CDL VA . -4.54 -13.60 5.78
CB5 CDL VA . -4.66 -13.25 7.07
OB7 CDL VA . -5.23 -13.91 7.89
C51 CDL VA . -3.99 -11.94 7.32
C52 CDL VA . -3.86 -11.63 8.81
C53 CDL VA . -3.05 -10.39 9.09
C54 CDL VA . -3.71 -9.42 10.05
C55 CDL VA . -3.02 -8.08 10.17
C56 CDL VA . -3.86 -7.03 10.85
C57 CDL VA . -3.11 -6.20 11.86
C58 CDL VA . -3.86 -4.95 12.30
C59 CDL VA . -3.02 -3.87 12.92
C60 CDL VA . -1.97 -4.36 13.90
C61 CDL VA . -1.48 -3.29 14.86
C62 CDL VA . 0.02 -3.28 15.09
C63 CDL VA . 0.44 -2.54 16.35
C64 CDL VA . 1.12 -1.21 16.09
C65 CDL VA . 1.23 -0.31 17.30
C66 CDL VA . 0.72 1.10 17.07
C67 CDL VA . 0.61 1.93 18.33
CB6 CDL VA . -4.66 -15.96 5.33
OB8 CDL VA . -3.48 -15.75 6.12
CB7 CDL VA . -2.79 -16.83 6.47
OB9 CDL VA . -3.03 -17.93 6.04
C71 CDL VA . -1.70 -16.50 7.44
C72 CDL VA . -2.15 -16.57 8.88
C2 PEF WA . -16.03 -7.17 15.30
C1 PEF WA . -16.16 -7.99 14.03
N PEF WA . -18.62 -11.11 12.56
C3 PEF WA . -15.55 -8.08 16.43
C4 PEF WA . -20.29 -9.33 12.52
C5 PEF WA . -19.66 -10.47 13.32
C10 PEF WA . -15.46 -4.94 15.61
C11 PEF WA . -14.64 -3.70 15.26
C12 PEF WA . -13.34 -3.66 16.07
C13 PEF WA . -13.59 -4.03 17.53
C14 PEF WA . -12.26 -4.03 18.29
C15 PEF WA . -11.58 -5.38 18.13
C16 PEF WA . -10.57 -5.62 19.25
C17 PEF WA . -9.53 -6.62 18.75
C18 PEF WA . -8.22 -6.42 19.52
C30 PEF WA . -15.10 -7.70 18.73
C31 PEF WA . -14.22 -7.09 19.82
C32 PEF WA . -14.79 -7.40 21.20
C33 PEF WA . -15.82 -6.34 21.60
C34 PEF WA . -16.93 -7.02 22.39
C35 PEF WA . -16.34 -7.82 23.55
C36 PEF WA . -15.91 -6.86 24.65
C37 PEF WA . -15.03 -7.60 25.66
C38 PEF WA . -14.61 -6.63 26.76
C39 PEF WA . -13.17 -6.20 26.53
O4 PEF WA . -16.40 -4.86 16.33
O5 PEF WA . -15.94 -8.48 18.99
O2 PEF WA . -15.10 -6.17 15.08
O3 PEF WA . -14.89 -7.30 17.40
O1P PEF WA . -18.51 -6.07 13.57
O2P PEF WA . -18.06 -7.47 11.59
O3P PEF WA . -17.48 -8.41 13.89
O4P PEF WA . -20.03 -8.10 13.12
P PEF WA . -18.52 -7.47 13.03
N PCF XA . -18.70 -14.32 9.29
P PCF XA . -14.08 -15.17 10.24
O11 PCF XA . -14.60 -16.21 11.40
O12 PCF XA . -13.54 -13.91 10.87
O13 PCF XA . -15.34 -14.78 9.25
O14 PCF XA . -12.99 -15.86 9.44
C11 PCF XA . -16.34 -13.96 9.82
C12 PCF XA . -17.46 -13.71 8.80
C13 PCF XA . -18.49 -15.75 9.52
C14 PCF XA . -19.10 -13.68 10.53
C15 PCF XA . -19.76 -14.15 8.32
C1 PCF XA . -14.53 -17.59 11.13
C2 PCF XA . -14.48 -18.38 12.42
C3 PCF XA . -14.27 -19.85 12.08
O31 PCF XA . -13.57 -20.49 13.13
O32 PCF XA . -11.78 -20.98 11.86
C31 PCF XA . -12.18 -20.64 12.92
C32 PCF XA . -11.20 -20.38 14.08
C33 PCF XA . -9.74 -20.51 13.59
C34 PCF XA . -8.81 -19.68 14.50
C35 PCF XA . -7.34 -19.89 14.10
C36 PCF XA . -6.98 -21.38 14.21
O21 PCF XA . -13.39 -17.95 13.21
O22 PCF XA . -14.48 -16.16 14.05
C21 PCF XA . -13.74 -17.05 14.26
C22 PCF XA . -13.14 -17.23 15.68
C23 PCF XA . -11.68 -16.70 15.69
C24 PCF XA . -11.34 -16.20 17.11
C25 PCF XA . -9.97 -16.77 17.53
C26 PCF XA . -8.84 -15.74 17.27
C27 PCF XA . -7.58 -16.12 18.08
C28 PCF XA . -7.32 -17.66 17.98
N PCF YA . -6.63 14.26 4.74
P PCF YA . -3.29 11.07 3.15
O11 PCF YA . -1.70 11.18 3.60
O12 PCF YA . -3.45 11.58 1.73
O13 PCF YA . -4.20 11.99 4.17
O14 PCF YA . -3.74 9.63 3.23
C11 PCF YA . -5.53 12.26 3.83
C12 PCF YA . -5.69 13.78 3.72
C13 PCF YA . -6.59 15.72 4.75
C14 PCF YA . -7.99 13.83 4.42
C15 PCF YA . -6.24 13.75 6.03
C1 PCF YA . -1.38 11.60 4.91
C2 PCF YA . -0.06 12.36 4.87
C3 PCF YA . 0.67 12.18 6.21
O31 PCF YA . 1.64 11.14 6.11
O32 PCF YA . 3.04 12.44 7.33
C31 PCF YA . 2.86 11.40 6.81
C32 PCF YA . 3.94 10.30 6.89
C33 PCF YA . 5.35 10.92 6.76
C34 PCF YA . 6.40 9.77 6.91
C35 PCF YA . 7.79 10.23 6.46
C36 PCF YA . 8.73 9.01 6.40
C37 PCF YA . 9.93 9.29 5.49
O21 PCF YA . 0.73 11.85 3.82
O22 PCF YA . 0.90 13.97 3.05
C21 PCF YA . 1.25 12.84 2.94
C22 PCF YA . 2.28 12.43 1.85
C23 PCF YA . 3.59 11.96 2.54
C24 PCF YA . 4.48 11.21 1.52
C25 PCF YA . 5.83 10.84 2.19
C2 PEF ZA . -3.00 30.16 -6.09
C1 PEF ZA . -4.53 30.13 -6.17
N PEF ZA . -5.75 24.62 -9.33
C3 PEF ZA . -2.43 30.59 -7.44
C4 PEF ZA . -5.89 26.32 -7.62
C5 PEF ZA . -6.60 25.16 -8.29
C10 PEF ZA . -2.33 30.50 -3.87
C11 PEF ZA . -2.15 31.40 -2.65
C12 PEF ZA . -1.01 30.88 -1.79
C13 PEF ZA . 0.31 31.04 -2.56
C14 PEF ZA . 1.48 30.99 -1.58
C15 PEF ZA . 1.96 32.40 -1.30
C30 PEF ZA . -0.12 31.05 -7.28
C31 PEF ZA . 1.35 30.68 -7.49
C32 PEF ZA . 2.18 31.28 -6.36
C33 PEF ZA . 3.62 30.77 -6.46
C34 PEF ZA . 3.97 29.96 -5.21
O4 PEF ZA . -2.23 29.32 -3.75
O5 PEF ZA . -0.41 32.13 -6.89
O2 PEF ZA . -2.60 31.06 -5.12
O3 PEF ZA . -1.12 30.12 -7.59
O1P PEF ZA . -6.92 28.65 -4.78
O2P PEF ZA . -7.42 29.24 -7.09
O3P PEF ZA . -4.95 28.84 -6.46
O4P PEF ZA . -6.68 26.83 -6.57
P PEF ZA . -6.53 28.42 -6.21
C2 PEF AB . 25.69 14.24 16.23
C1 PEF AB . 26.76 13.41 16.93
N PEF AB . 24.67 7.99 16.84
C3 PEF AB . 26.33 15.09 15.14
C4 PEF AB . 25.03 9.76 18.47
C5 PEF AB . 25.48 8.40 17.97
C10 PEF AB . 23.51 13.98 15.37
C11 PEF AB . 22.58 13.36 14.34
C12 PEF AB . 22.45 14.30 13.14
C13 PEF AB . 21.26 15.22 13.33
C14 PEF AB . 21.15 16.14 12.12
C15 PEF AB . 20.40 15.43 11.01
C16 PEF AB . 19.88 16.43 9.99
C17 PEF AB . 19.14 17.55 10.71
C18 PEF AB . 18.80 18.66 9.72
C30 PEF AB . 26.44 17.36 14.47
C31 PEF AB . 26.57 16.91 13.02
C32 PEF AB . 25.98 17.97 12.10
C33 PEF AB . 26.18 17.54 10.65
C34 PEF AB . 25.05 18.05 9.77
O4 PEF AB . 23.19 14.97 15.94
O5 PEF AB . 26.47 18.51 14.72
O2 PEF AB . 24.75 13.38 15.65
O3 PEF AB . 26.28 16.44 15.51
O1P PEF AB . 27.72 12.18 19.83
O2P PEF AB . 28.04 10.82 17.81
O3P PEF AB . 26.13 12.56 17.84
O4P PEF AB . 26.00 10.32 19.31
P PEF AB . 27.01 11.48 18.70
C1 CDL BB . 21.85 -0.06 -42.93
O1 CDL BB . 21.84 -0.53 -41.58
CA2 CDL BB . 22.90 -0.79 -43.72
OA2 CDL BB . 24.25 -0.36 -43.40
PA1 CDL BB . 25.51 -0.97 -44.14
OA3 CDL BB . 25.07 -2.18 -44.96
OA4 CDL BB . 26.20 0.06 -44.91
OA5 CDL BB . 26.40 -1.48 -42.94
CA3 CDL BB . 25.87 -1.58 -41.60
CA4 CDL BB . 27.04 -1.55 -40.65
OA6 CDL BB . 28.13 -2.32 -41.24
CA5 CDL BB . 29.37 -1.84 -41.09
OA7 CDL BB . 29.63 -0.68 -40.93
C11 CDL BB . 30.39 -2.95 -41.13
C12 CDL BB . 31.80 -2.44 -41.42
C13 CDL BB . 32.52 -1.98 -40.17
C14 CDL BB . 34.00 -2.33 -40.15
C15 CDL BB . 34.89 -1.24 -39.59
C16 CDL BB . 35.87 -1.72 -38.54
C17 CDL BB . 36.53 -0.62 -37.75
C18 CDL BB . 36.82 -0.98 -36.31
CA6 CDL BB . 26.70 -2.17 -39.32
OA8 CDL BB . 27.75 -1.86 -38.39
CA7 CDL BB . 28.12 -2.82 -37.54
OA9 CDL BB . 28.13 -2.70 -36.35
C31 CDL BB . 28.52 -4.07 -38.27
CB2 CDL BB . 21.99 1.44 -42.93
OB2 CDL BB . 21.39 2.00 -41.75
PB2 CDL BB . 20.88 3.49 -41.73
OB3 CDL BB . 21.15 4.12 -43.09
OB4 CDL BB . 19.48 3.55 -41.27
OB5 CDL BB . 21.83 4.17 -40.68
CB3 CDL BB . 22.79 5.17 -41.08
CB4 CDL BB . 24.15 4.69 -40.62
OB6 CDL BB . 23.93 3.36 -40.05
CB5 CDL BB . 24.98 2.54 -39.95
OB7 CDL BB . 25.73 2.30 -40.86
C51 CDL BB . 25.11 1.99 -38.56
C52 CDL BB . 23.82 1.97 -37.77
C53 CDL BB . 23.56 3.23 -36.98
C54 CDL BB . 24.66 3.62 -36.00
C55 CDL BB . 25.10 2.52 -35.05
C56 CDL BB . 25.67 3.01 -33.74
C57 CDL BB . 26.41 4.33 -33.82
C58 CDL BB . 26.40 5.14 -32.55
C59 CDL BB . 27.49 4.79 -31.56
CB6 CDL BB . 24.71 5.56 -39.53
OB8 CDL BB . 26.01 6.03 -39.93
CB7 CDL BB . 26.94 6.10 -38.98
OB9 CDL BB . 28.00 5.54 -39.03
C71 CDL BB . 26.49 6.97 -37.84
C72 CDL BB . 27.36 6.82 -36.60
C73 CDL BB . 27.58 8.13 -35.87
C74 CDL BB . 28.96 8.26 -35.26
C75 CDL BB . 28.97 8.32 -33.74
C1 CDL CB . 16.71 -5.07 -42.39
O1 CDL CB . 15.44 -5.66 -42.66
CA2 CDL CB . 17.69 -6.15 -42.00
OA2 CDL CB . 17.71 -7.20 -42.97
PA1 CDL CB . 18.99 -7.50 -43.85
OA3 CDL CB . 18.63 -8.51 -44.93
OA4 CDL CB . 19.57 -6.25 -44.35
OA5 CDL CB . 19.94 -8.20 -42.80
CA3 CDL CB . 20.84 -9.26 -43.22
CA4 CDL CB . 22.16 -9.03 -42.51
OA6 CDL CB . 22.96 -10.24 -42.64
CA5 CDL CB . 24.25 -10.16 -42.30
OA7 CDL CB . 24.66 -10.22 -41.17
C11 CDL CB . 25.13 -10.00 -43.51
C12 CDL CB . 26.35 -9.13 -43.25
C13 CDL CB . 27.52 -9.91 -42.66
C14 CDL CB . 28.89 -9.35 -43.03
C15 CDL CB . 29.62 -8.67 -41.89
C16 CDL CB . 30.48 -7.51 -42.31
C17 CDL CB . 31.21 -6.82 -41.18
C18 CDL CB . 32.23 -7.69 -40.47
C19 CDL CB . 32.78 -7.08 -39.21
C20 CDL CB . 34.29 -7.16 -39.08
C21 CDL CB . 34.99 -5.81 -39.08
C22 CDL CB . 35.95 -5.61 -37.93
C23 CDL CB . 37.37 -5.36 -38.36
C24 CDL CB . 38.42 -5.83 -37.38
C25 CDL CB . 38.20 -5.34 -35.96
C26 CDL CB . 39.42 -4.68 -35.33
C27 CDL CB . 40.40 -5.67 -34.74
CA6 CDL CB . 21.95 -8.74 -41.05
OA8 CDL CB . 21.07 -9.74 -40.49
CA7 CDL CB . 21.19 -9.98 -39.20
OA9 CDL CB . 20.38 -9.63 -38.37
C31 CDL CB . 22.44 -10.74 -38.90
C32 CDL CB . 23.02 -10.44 -37.52
C33 CDL CB . 23.53 -9.02 -37.37
C34 CDL CB . 24.25 -8.76 -36.07
C35 CDL CB . 25.13 -9.91 -35.61
C36 CDL CB . 25.21 -10.07 -34.10
CB2 CDL CB . 16.55 -4.01 -41.32
OB2 CDL CB . 16.75 -2.71 -41.87
PB2 CDL CB . 18.18 -2.06 -41.97
OB3 CDL CB . 18.10 -0.66 -41.35
OB4 CDL CB . 18.66 -2.11 -43.35
OB5 CDL CB . 19.05 -2.97 -41.02
CB3 CDL CB . 20.20 -3.69 -41.54
CB4 CDL CB . 21.30 -3.58 -40.53
OB6 CDL CB . 22.12 -4.79 -40.63
CB5 CDL CB . 23.28 -4.68 -41.30
OB7 CDL CB . 23.56 -3.75 -41.99
C51 CDL CB . 24.16 -5.88 -41.05
C52 CDL CB . 25.40 -5.55 -40.24
C53 CDL CB . 26.49 -6.60 -40.36
C54 CDL CB . 26.50 -7.62 -39.24
C55 CDL CB . 27.82 -7.71 -38.50
CB6 CDL CB . 20.79 -3.49 -39.12
OB8 CDL CB . 21.85 -3.00 -38.28
CB7 CDL CB . 21.91 -1.68 -38.08
OB9 CDL CB . 21.34 -0.87 -38.78
C71 CDL CB . 22.75 -1.35 -36.90
C72 CDL CB . 24.01 -2.20 -36.78
C73 CDL CB . 23.93 -3.23 -35.67
C74 CDL CB . 25.17 -3.30 -34.81
C75 CDL CB . 24.90 -3.17 -33.32
C76 CDL CB . 25.46 -1.91 -32.68
C77 CDL CB . 25.79 -0.79 -33.66
CHA HEM DB . 43.58 14.55 -8.67
CHB HEM DB . 40.02 16.89 -11.01
CHC HEM DB . 37.78 12.67 -11.81
CHD HEM DB . 41.16 10.40 -9.21
C1A HEM DB . 42.84 15.54 -9.27
C2A HEM DB . 43.23 16.93 -9.42
C3A HEM DB . 42.25 17.57 -10.06
C4A HEM DB . 41.21 16.62 -10.35
CMA HEM DB . 42.24 19.07 -10.42
CAA HEM DB . 44.54 17.59 -8.94
CBA HEM DB . 45.70 16.98 -9.71
CGA HEM DB . 46.94 17.84 -9.64
O1A HEM DB . 46.83 19.06 -9.35
O2A HEM DB . 48.04 17.30 -9.89
C1B HEM DB . 39.12 15.95 -11.47
C2B HEM DB . 37.96 16.21 -12.29
C3B HEM DB . 37.34 15.03 -12.51
C4B HEM DB . 38.10 14.01 -11.83
CMB HEM DB . 37.57 17.62 -12.80
CAB HEM DB . 36.07 14.70 -13.32
CBB HEM DB . 35.25 15.61 -13.87
C1C HEM DB . 38.46 11.69 -11.12
C2C HEM DB . 38.01 10.33 -10.92
C3C HEM DB . 38.96 9.70 -10.18
C4C HEM DB . 40.01 10.65 -9.93
CMC HEM DB . 36.68 9.78 -11.46
CAC HEM DB . 39.03 8.24 -9.67
CBC HEM DB . 38.16 7.29 -9.99
C1D HEM DB . 42.13 11.30 -8.86
C2D HEM DB . 43.36 10.99 -8.16
C3D HEM DB . 44.05 12.10 -8.01
C4D HEM DB . 43.27 13.20 -8.59
CMD HEM DB . 43.78 9.58 -7.71
CAD HEM DB . 45.42 12.12 -7.28
CBD HEM DB . 46.36 13.27 -7.62
CGD HEM DB . 46.95 13.06 -8.99
O1D HEM DB . 47.00 11.90 -9.43
O2D HEM DB . 47.38 14.06 -9.61
NA HEM DB . 41.60 15.39 -9.85
NB HEM DB . 39.17 14.60 -11.20
NC HEM DB . 39.68 11.86 -10.50
ND HEM DB . 42.11 12.65 -9.10
FE HEM DB . 40.66 13.62 -10.20
CHA HEM EB . 23.92 23.20 -24.91
CHB HEM EB . 26.66 19.71 -22.97
CHC HEM EB . 27.52 22.51 -19.11
CHD HEM EB . 24.17 25.61 -20.73
C1A HEM EB . 24.67 22.06 -24.77
C2A HEM EB . 24.96 21.10 -25.80
C3A HEM EB . 25.70 20.13 -25.26
C4A HEM EB . 25.93 20.46 -23.87
CMA HEM EB . 26.25 18.88 -25.98
CAA HEM EB . 24.46 21.18 -27.25
CBA HEM EB . 25.61 21.55 -28.19
CGA HEM EB . 26.05 22.98 -28.00
O1A HEM EB . 25.18 23.86 -27.78
O2A HEM EB . 27.27 23.25 -28.10
C1B HEM EB . 27.15 20.16 -21.77
C2B HEM EB . 28.06 19.44 -20.91
C3B HEM EB . 28.30 20.21 -19.83
C4B HEM EB . 27.55 21.44 -19.99
CMB HEM EB . 28.61 18.04 -21.25
CAB HEM EB . 29.21 19.94 -18.60
CBB HEM EB . 29.92 18.83 -18.40
C1C HEM EB . 26.72 23.62 -19.24
C2C HEM EB . 26.75 24.80 -18.39
C3C HEM EB . 25.83 25.66 -18.85
C4C HEM EB . 25.19 25.05 -19.98
CMC HEM EB . 27.73 24.95 -17.20
CAC HEM EB . 25.42 27.06 -18.32
CBC HEM EB . 25.72 27.54 -17.10
C1D HEM EB . 23.81 25.25 -22.01
C2D HEM EB . 22.86 25.93 -22.86
C3D HEM EB . 22.79 25.26 -24.01
C4D HEM EB . 23.69 24.13 -23.93
CMD HEM EB . 22.07 27.20 -22.48
CAD HEM EB . 21.92 25.61 -25.24
CBD HEM EB . 22.58 26.74 -26.00
CGD HEM EB . 22.07 26.82 -27.40
O1D HEM EB . 21.92 27.95 -27.92
O2D HEM EB . 21.79 25.75 -28.00
NA HEM EB . 25.28 21.64 -23.61
NB HEM EB . 26.86 21.37 -21.18
NC HEM EB . 25.76 23.82 -20.21
ND HEM EB . 24.29 24.16 -22.69
FE HEM EB . 25.57 22.76 -21.92
C1 CDL FB . 31.59 34.15 -35.53
O1 CDL FB . 30.59 33.98 -34.52
CA2 CDL FB . 32.46 32.92 -35.59
OA2 CDL FB . 32.06 32.08 -36.68
PA1 CDL FB . 33.02 30.95 -37.23
OA3 CDL FB . 32.52 29.61 -36.72
OA4 CDL FB . 33.16 31.03 -38.69
OA5 CDL FB . 34.36 31.31 -36.51
CA3 CDL FB . 35.18 30.28 -35.91
CA4 CDL FB . 36.47 30.93 -35.48
OA6 CDL FB . 37.53 30.45 -36.35
CA5 CDL FB . 38.13 31.35 -37.15
OA7 CDL FB . 38.13 32.53 -36.94
C11 CDL FB . 38.78 30.68 -38.32
C12 CDL FB . 38.66 31.48 -39.62
C13 CDL FB . 39.70 32.57 -39.74
CA6 CDL FB . 36.83 30.57 -34.06
OA8 CDL FB . 36.10 29.38 -33.67
CA7 CDL FB . 35.74 29.29 -32.39
OA9 CDL FB . 34.91 30.01 -31.89
C31 CDL FB . 36.47 28.20 -31.68
C32 CDL FB . 37.31 28.69 -30.50
C33 CDL FB . 38.49 27.80 -30.20
C34 CDL FB . 38.15 26.52 -29.44
C35 CDL FB . 38.53 25.23 -30.16
C36 CDL FB . 39.64 24.44 -29.49
C37 CDL FB . 39.59 24.46 -27.98
C38 CDL FB . 40.95 24.46 -27.31
C39 CDL FB . 40.91 24.72 -25.82
C40 CDL FB . 41.63 25.99 -25.39
CB2 CDL FB . 32.39 35.39 -35.22
OB2 CDL FB . 31.85 36.50 -35.96
PB2 CDL FB . 32.69 37.23 -37.07
OB3 CDL FB . 33.19 36.16 -38.05
OB4 CDL FB . 31.92 38.31 -37.68
OB5 CDL FB . 33.91 37.78 -36.23
CB3 CDL FB . 35.06 38.37 -36.88
CB4 CDL FB . 36.21 37.40 -36.78
OB6 CDL FB . 36.14 36.78 -35.46
CB5 CDL FB . 36.45 35.48 -35.38
OB7 CDL FB . 36.45 34.73 -36.31
C51 CDL FB . 36.80 35.10 -33.97
C52 CDL FB . 38.26 34.70 -33.81
C53 CDL FB . 38.71 34.72 -32.36
C54 CDL FB . 39.44 33.47 -31.92
CB6 CDL FB . 37.54 38.07 -36.91
OB8 CDL FB . 38.27 37.42 -37.97
CB7 CDL FB . 39.59 37.64 -38.00
OB9 CDL FB . 40.10 38.57 -38.56
C71 CDL FB . 40.35 36.57 -37.28
C72 CDL FB . 41.34 37.11 -36.26
C73 CDL FB . 41.01 36.70 -34.83
C74 CDL FB . 42.21 36.52 -33.93
C2 PEF GB . 31.21 7.12 -41.76
C1 PEF GB . 30.06 6.66 -42.63
N PEF GB . 29.38 4.85 -46.80
C3 PEF GB . 30.90 6.76 -40.30
C4 PEF GB . 29.77 7.25 -46.73
C5 PEF GB . 28.84 6.13 -47.19
C10 PEF GB . 33.53 7.29 -42.01
C11 PEF GB . 34.93 6.69 -42.07
C12 PEF GB . 35.91 7.70 -41.48
C13 PEF GB . 36.75 7.03 -40.40
C14 PEF GB . 37.64 8.07 -39.72
C15 PEF GB . 37.94 7.63 -38.29
C16 PEF GB . 37.56 8.73 -37.31
C17 PEF GB . 38.00 8.31 -35.91
C18 PEF GB . 37.78 9.46 -34.92
C19 PEF GB . 38.71 9.28 -33.73
C20 PEF GB . 38.31 10.22 -32.60
C21 PEF GB . 37.32 9.52 -31.67
C22 PEF GB . 36.96 10.43 -30.51
C30 PEF GB . 32.34 7.88 -38.85
C31 PEF GB . 32.86 9.15 -38.19
C32 PEF GB . 33.13 8.87 -36.71
C33 PEF GB . 33.77 10.10 -36.08
C34 PEF GB . 32.96 10.53 -34.86
C35 PEF GB . 33.83 11.40 -33.96
C36 PEF GB . 33.09 12.68 -33.60
C37 PEF GB . 33.36 13.01 -32.14
C38 PEF GB . 32.16 13.73 -31.53
C39 PEF GB . 31.85 13.12 -30.17
C40 PEF GB . 32.93 13.50 -29.16
C41 PEF GB . 32.59 12.92 -27.79
O4 PEF GB . 33.41 8.44 -41.83
O5 PEF GB . 32.99 6.89 -38.82
O2 PEF GB . 32.40 6.47 -42.15
O3 PEF GB . 31.10 7.88 -39.50
O1P PEF GB . 27.83 8.20 -43.77
O2P PEF GB . 29.72 9.71 -44.10
O3P PEF GB . 30.19 7.17 -43.91
O4P PEF GB . 29.00 8.21 -46.06
P PEF GB . 29.17 8.35 -44.43
C2 PEF HB . 18.22 -7.31 -29.50
C1 PEF HB . 17.19 -7.73 -30.54
N PEF HB . 13.56 -11.18 -33.17
C3 PEF HB . 18.60 -8.49 -28.61
C4 PEF HB . 14.42 -9.15 -32.15
C5 PEF HB . 14.41 -10.03 -33.40
C10 PEF HB . 19.64 -5.49 -29.86
C11 PEF HB . 20.82 -4.81 -30.53
C12 PEF HB . 21.01 -3.43 -29.92
C13 PEF HB . 22.51 -3.11 -29.88
C14 PEF HB . 22.85 -2.48 -28.54
C15 PEF HB . 23.08 -0.99 -28.73
C16 PEF HB . 23.63 -0.41 -27.44
C17 PEF HB . 23.58 1.11 -27.50
C18 PEF HB . 23.82 1.69 -26.12
C19 PEF HB . 22.87 2.85 -25.88
C20 PEF HB . 21.94 2.51 -24.72
C21 PEF HB . 20.92 3.64 -24.55
C22 PEF HB . 20.35 3.60 -23.14
C23 PEF HB . 21.44 3.96 -22.14
C24 PEF HB . 20.83 4.59 -20.89
C25 PEF HB . 19.98 5.81 -21.30
C30 PEF HB . 20.01 -8.71 -26.75
C31 PEF HB . 20.80 -8.08 -25.61
C32 PEF HB . 21.35 -6.74 -26.09
C33 PEF HB . 21.93 -5.99 -24.89
C34 PEF HB . 23.26 -5.34 -25.29
C35 PEF HB . 23.42 -4.05 -24.51
C36 PEF HB . 24.79 -3.45 -24.81
C37 PEF HB . 25.43 -2.94 -23.51
C38 PEF HB . 26.11 -1.61 -23.77
C39 PEF HB . 26.22 -0.83 -22.46
C40 PEF HB . 26.29 0.66 -22.76
C41 PEF HB . 25.90 1.45 -21.50
O4 PEF HB . 18.96 -4.90 -29.10
O5 PEF HB . 20.23 -9.82 -27.08
O2 PEF HB . 19.36 -6.84 -30.14
O3 PEF HB . 19.05 -7.95 -27.40
O1P PEF HB . 14.42 -5.36 -31.83
O2P PEF HB . 14.08 -7.07 -30.12
O3P PEF HB . 16.48 -6.59 -30.93
O4P PEF HB . 14.68 -7.82 -32.51
P PEF HB . 14.89 -6.70 -31.33
N PCF IB . 27.00 39.11 -38.50
P PCF IB . 28.41 37.56 -34.62
O11 PCF IB . 29.57 37.32 -33.46
O12 PCF IB . 27.42 38.57 -34.10
O13 PCF IB . 29.14 38.12 -35.99
O14 PCF IB . 27.72 36.25 -34.90
C11 PCF IB . 28.64 37.76 -37.26
C12 PCF IB . 27.18 38.19 -37.37
C13 PCF IB . 27.73 40.35 -38.23
C14 PCF IB . 27.50 38.49 -39.72
C15 PCF IB . 25.59 39.41 -38.64
C1 PCF IB . 30.67 38.20 -33.41
C2 PCF IB . 31.50 37.86 -32.20
C3 PCF IB . 31.08 36.50 -31.63
O31 PCF IB . 30.90 36.61 -30.23
O32 PCF IB . 30.55 34.39 -30.20
C31 PCF IB . 30.73 35.38 -29.58
C32 PCF IB . 30.77 35.31 -28.03
C33 PCF IB . 31.94 34.39 -27.59
C34 PCF IB . 32.63 34.98 -26.35
C35 PCF IB . 33.59 33.93 -25.78
C36 PCF IB . 34.63 34.59 -24.84
C37 PCF IB . 35.60 33.50 -24.35
C38 PCF IB . 36.00 33.77 -22.87
C39 PCF IB . 34.76 33.63 -21.97
C40 PCF IB . 35.09 34.23 -20.59
C41 PCF IB . 34.25 33.56 -19.50
C42 PCF IB . 33.01 34.42 -19.20
C43 PCF IB . 32.86 34.58 -17.69
O21 PCF IB . 32.84 37.76 -32.60
O22 PCF IB . 33.27 39.74 -31.60
C21 PCF IB . 33.70 38.67 -31.93
C22 PCF IB . 35.17 38.26 -31.61
C23 PCF IB . 35.17 37.27 -30.43
C24 PCF IB . 36.59 36.71 -30.23
C25 PCF IB . 36.80 36.35 -28.73
C26 PCF IB . 36.46 37.59 -27.84
C27 PCF IB . 37.16 37.45 -26.47
C28 PCF IB . 38.70 37.41 -26.68
C29 PCF IB . 39.34 36.37 -25.72
C30 PCF IB . 39.05 36.75 -24.26
C47 PCF IB . 40.08 36.09 -23.34
C48 PCF IB . 39.67 36.32 -21.88
C49 PCF IB . 40.41 35.32 -20.98
C50 PCF IB . 41.82 35.84 -20.66
C51 PCF IB . 42.50 34.89 -19.66
C52 PCF IB . 43.99 35.26 -19.56
C44 PCF IB . 32.01 33.45 -17.11
C45 PCF IB . 31.31 33.98 -15.85
C46 PCF IB . 30.64 32.84 -15.08
C1 UQ6 JB . 28.58 12.69 -27.34
C1M UQ6 JB . 29.18 11.39 -26.88
C2 UQ6 JB . 28.32 12.87 -28.69
O2 UQ6 JB . 28.61 11.88 -29.57
C3 UQ6 JB . 27.75 14.07 -29.15
C4 UQ6 JB . 27.46 15.08 -28.25
C5 UQ6 JB . 27.72 14.91 -26.90
O5 UQ6 JB . 27.41 15.93 -26.07
C6 UQ6 JB . 28.28 13.71 -26.44
O3 UQ6 JB . 27.51 14.23 -30.48
C3M UQ6 JB . 28.59 14.82 -31.20
O4 UQ6 JB . 26.92 16.25 -28.71
C4M UQ6 JB . 25.50 16.20 -28.85
C7 UQ6 JB . 28.54 13.60 -24.95
C8 UQ6 JB . 27.31 13.24 -24.16
C9 UQ6 JB . 27.27 12.63 -22.97
C10 UQ6 JB . 26.02 12.29 -22.21
C11 UQ6 JB . 28.55 12.22 -22.30
C12 UQ6 JB . 28.70 10.69 -22.25
C13 UQ6 JB . 29.56 10.23 -21.11
C14 UQ6 JB . 29.21 10.06 -19.84
C15 UQ6 JB . 27.83 10.30 -19.29
C16 UQ6 JB . 30.24 9.58 -18.85
C17 UQ6 JB . 31.29 8.65 -19.47
C18 UQ6 JB . 31.54 7.43 -18.64
C19 UQ6 JB . 32.67 6.72 -18.62
C20 UQ6 JB . 33.85 7.06 -19.47
C21 UQ6 JB . 32.84 5.50 -17.74
C22 UQ6 JB . 33.58 4.36 -18.45
C23 UQ6 JB . 34.66 3.78 -17.58
C24 UQ6 JB . 35.34 2.66 -17.75
C25 UQ6 JB . 35.14 1.72 -18.91
C26 UQ6 JB . 36.39 2.25 -16.76
C27 UQ6 JB . 37.73 1.89 -17.40
C28 UQ6 JB . 38.42 0.79 -16.65
C29 UQ6 JB . 38.71 -0.44 -17.07
C30 UQ6 JB . 38.39 -0.94 -18.45
C31 UQ6 JB . 39.41 -1.41 -16.16
C32 UQ6 JB . 40.18 -2.53 -16.87
C33 UQ6 JB . 39.50 -3.85 -16.72
C34 UQ6 JB . 39.93 -4.94 -16.10
C35 UQ6 JB . 41.26 -4.96 -15.40
C36 UQ6 JB . 39.18 -6.23 -16.00
C2 PEF KB . 47.19 33.20 -14.35
C1 PEF KB . 48.40 32.94 -13.45
N PEF KB . 49.18 39.46 -13.79
C3 PEF KB . 46.91 34.71 -14.43
C4 PEF KB . 49.29 37.25 -12.79
C5 PEF KB . 50.10 38.39 -13.43
C10 PEF KB . 46.85 31.48 -15.91
C11 PEF KB . 46.51 31.11 -17.33
C12 PEF KB . 45.05 30.67 -17.41
C13 PEF KB . 44.67 30.40 -18.86
C14 PEF KB . 43.72 31.48 -19.35
C15 PEF KB . 43.80 31.59 -20.87
C30 PEF KB . 45.04 35.09 -13.02
C31 PEF KB . 44.10 35.10 -14.23
C32 PEF KB . 42.93 34.17 -13.96
C33 PEF KB . 42.20 33.85 -15.26
C34 PEF KB . 40.91 34.66 -15.33
C35 PEF KB . 39.74 33.73 -15.64
C36 PEF KB . 40.05 32.91 -16.90
C37 PEF KB . 39.10 33.32 -18.02
C38 PEF KB . 38.73 32.09 -18.84
C39 PEF KB . 39.78 31.83 -19.92
C40 PEF KB . 39.28 30.75 -20.88
O4 PEF KB . 46.62 30.72 -15.03
O5 PEF KB . 44.59 35.01 -11.94
O2 PEF KB . 47.43 32.72 -15.63
O3 PEF KB . 46.43 35.16 -13.20
O1P PEF KB . 48.35 34.83 -11.20
O2P PEF KB . 50.65 33.95 -11.29
O3P PEF KB . 49.26 34.03 -13.46
O4P PEF KB . 50.17 36.29 -12.29
P PEF KB . 49.61 34.76 -12.03
FE HEC LB . 71.80 23.71 1.66
CHA HEC LB . 68.89 25.43 2.16
CHB HEC LB . 71.01 23.34 -1.66
CHC HEC LB . 74.95 22.56 1.06
CHD HEC LB . 72.47 23.74 5.04
NA HEC LB . 70.25 24.29 0.47
C1A HEC LB . 69.14 24.99 0.88
C2A HEC LB . 68.28 25.18 -0.27
C3A HEC LB . 68.86 24.60 -1.32
C4A HEC LB . 70.11 24.03 -0.89
CMA HEC LB . 68.30 24.55 -2.76
CAA HEC LB . 66.92 25.90 -0.24
CBA HEC LB . 67.01 27.30 -0.81
CGA HEC LB . 65.65 27.92 -0.62
O1A HEC LB . 64.93 27.50 0.30
O2A HEC LB . 65.29 28.84 -1.40
NB HEC LB . 72.79 22.99 0.01
C1B HEC LB . 72.31 23.08 -1.28
C2B HEC LB . 73.40 22.82 -2.17
C3B HEC LB . 74.50 22.62 -1.46
C4B HEC LB . 74.14 22.72 -0.05
CMB HEC LB . 73.30 22.82 -3.72
CAB HEC LB . 75.88 22.34 -2.13
CBB HEC LB . 76.90 21.60 -1.24
NC HEC LB . 73.39 23.24 2.82
C1C HEC LB . 74.61 22.78 2.37
C2C HEC LB . 75.49 22.62 3.51
C3C HEC LB . 74.79 22.91 4.60
C4C HEC LB . 73.46 23.32 4.20
CMC HEC LB . 76.93 22.07 3.44
CAC HEC LB . 75.27 22.87 6.07
CBC HEC LB . 76.25 24.05 6.32
ND HEC LB . 70.83 24.47 3.34
C1D HEC LB . 71.30 24.36 4.64
C2D HEC LB . 70.37 25.00 5.53
C3D HEC LB . 69.25 25.54 4.63
C4D HEC LB . 69.62 25.16 3.29
CMD HEC LB . 70.48 25.12 7.07
CAD HEC LB . 67.99 26.31 5.06
CBD HEC LB . 68.25 27.80 4.91
CGD HEC LB . 67.11 28.54 5.55
O1D HEC LB . 66.03 27.93 5.73
O2D HEC LB . 67.28 29.74 5.88
C2 PEF MB . 51.36 8.52 -28.77
C1 PEF MB . 52.81 8.10 -29.03
N PEF MB . 53.38 3.14 -24.48
C3 PEF MB . 51.21 8.81 -27.27
C4 PEF MB . 53.37 5.04 -26.01
C5 PEF MB . 54.23 4.10 -25.16
C10 PEF MB . 50.02 9.47 -30.44
C11 PEF MB . 49.01 10.57 -30.71
C12 PEF MB . 47.71 9.93 -31.20
C13 PEF MB . 46.55 10.38 -30.30
C14 PEF MB . 45.25 10.16 -31.08
C15 PEF MB . 44.20 9.52 -30.16
C16 PEF MB . 42.92 9.30 -30.96
C17 PEF MB . 41.81 8.86 -30.00
C18 PEF MB . 41.85 7.34 -29.85
C19 PEF MB . 40.75 6.88 -28.90
C20 PEF MB . 40.95 5.41 -28.59
C21 PEF MB . 39.88 4.96 -27.60
C30 PEF MB . 49.45 8.28 -25.81
C31 PEF MB . 49.37 9.76 -25.47
C32 PEF MB . 47.93 10.23 -25.64
C33 PEF MB . 47.84 11.68 -25.16
C34 PEF MB . 47.77 12.60 -26.37
C35 PEF MB . 47.61 14.05 -25.90
C36 PEF MB . 46.26 14.63 -26.33
C37 PEF MB . 45.20 13.55 -26.41
C38 PEF MB . 44.22 13.70 -25.25
C39 PEF MB . 43.04 12.79 -25.50
C40 PEF MB . 43.23 11.44 -24.81
C41 PEF MB . 41.99 10.59 -25.02
C42 PEF MB . 41.94 9.47 -24.00
C43 PEF MB . 40.52 8.93 -23.91
C44 PEF MB . 40.49 7.69 -23.03
C45 PEF MB . 41.04 6.49 -23.80
O4 PEF MB . 49.94 8.44 -31.02
O5 PEF MB . 48.68 7.53 -25.33
O2 PEF MB . 51.03 9.66 -29.50
O3 PEF MB . 50.43 7.81 -26.69
O1P PEF MB . 55.01 5.62 -29.00
O2P PEF MB . 52.71 5.23 -29.73
O3P PEF MB . 53.17 7.16 -28.07
O4P PEF MB . 53.36 4.58 -27.33
P PEF MB . 53.58 5.64 -28.57
FE1 FES NB . 51.35 -32.19 1.54
FE2 FES NB . 48.99 -33.09 0.59
S1 FES NB . 50.88 -34.21 0.79
S2 FES NB . 49.58 -31.00 0.95
C2 PEF OB . 52.96 -6.30 -22.59
C1 PEF OB . 54.29 -5.55 -22.43
N PEF OB . 56.26 -3.77 -17.64
C3 PEF OB . 52.00 -5.95 -21.45
C4 PEF OB . 55.98 -2.35 -19.59
C5 PEF OB . 55.77 -3.75 -19.00
C10 PEF OB . 51.68 -4.83 -23.99
C11 PEF OB . 50.23 -4.89 -24.46
C12 PEF OB . 50.02 -3.91 -25.59
C13 PEF OB . 48.92 -4.46 -26.50
C14 PEF OB . 47.70 -4.79 -25.66
C15 PEF OB . 46.81 -5.75 -26.43
C16 PEF OB . 45.50 -5.04 -26.80
C17 PEF OB . 44.44 -6.10 -27.07
C18 PEF OB . 44.40 -6.41 -28.56
C19 PEF OB . 43.00 -6.12 -29.11
C20 PEF OB . 41.96 -6.86 -28.28
C21 PEF OB . 42.05 -8.37 -28.53
C30 PEF OB . 50.52 -7.81 -21.56
C31 PEF OB . 49.18 -8.42 -21.93
C32 PEF OB . 48.08 -7.76 -21.11
C33 PEF OB . 46.82 -7.60 -21.95
C34 PEF OB . 46.06 -8.91 -21.99
C35 PEF OB . 44.64 -8.69 -21.48
C36 PEF OB . 43.94 -7.62 -22.32
C37 PEF OB . 43.39 -6.54 -21.38
C38 PEF OB . 42.12 -5.94 -21.98
C39 PEF OB . 42.52 -4.85 -22.99
C40 PEF OB . 41.30 -4.02 -23.35
C41 PEF OB . 41.71 -2.56 -23.54
O4 PEF OB . 52.19 -3.78 -23.79
O5 PEF OB . 51.39 -8.50 -21.13
O2 PEF OB . 52.38 -6.03 -23.84
O3 PEF OB . 50.71 -6.44 -21.72
O1P PEF OB . 56.53 -3.66 -22.12
O2P PEF OB . 54.74 -2.35 -23.18
O3P PEF OB . 54.07 -4.36 -21.72
O4P PEF OB . 55.08 -2.13 -20.63
P PEF OB . 55.13 -3.12 -21.95
C1 CDL PB . 40.42 18.94 -58.07
O1 CDL PB . 39.83 20.15 -58.55
CA2 CDL PB . 39.86 17.77 -58.84
OA2 CDL PB . 40.44 16.53 -58.37
PA1 CDL PB . 40.51 15.26 -59.30
OA3 CDL PB . 39.51 14.23 -58.79
OA4 CDL PB . 40.34 15.64 -60.70
OA5 CDL PB . 41.96 14.70 -59.00
CA3 CDL PB . 42.21 13.29 -58.96
CA4 CDL PB . 43.56 13.04 -58.35
OA6 CDL PB . 44.53 13.81 -59.13
CA5 CDL PB . 45.03 14.93 -58.57
OA7 CDL PB . 45.23 15.05 -57.39
C11 CDL PB . 45.29 15.97 -59.61
C12 CDL PB . 46.59 15.76 -60.37
C13 CDL PB . 47.78 15.56 -59.46
CA6 CDL PB . 43.96 11.60 -58.45
OA8 CDL PB . 44.05 11.05 -57.11
CA7 CDL PB . 44.64 9.86 -57.00
OA9 CDL PB . 44.97 9.18 -57.93
C31 CDL PB . 44.80 9.47 -55.55
C32 CDL PB . 44.17 8.12 -55.22
C33 CDL PB . 45.19 7.09 -54.80
C34 CDL PB . 44.61 5.90 -54.06
CB2 CDL PB . 40.20 18.85 -56.59
OB2 CDL PB . 40.12 20.18 -56.03
PB2 CDL PB . 40.74 20.52 -54.62
OB3 CDL PB . 40.29 19.45 -53.62
OB4 CDL PB . 40.42 21.90 -54.25
OB5 CDL PB . 42.29 20.32 -54.87
CB3 CDL PB . 43.14 21.43 -55.20
CB4 CDL PB . 44.13 21.60 -54.08
OB6 CDL PB . 45.04 22.68 -54.41
CB5 CDL PB . 44.88 23.84 -53.77
OB7 CDL PB . 43.92 24.56 -53.88
C51 CDL PB . 46.05 24.13 -52.87
C52 CDL PB . 45.89 23.53 -51.48
C53 CDL PB . 47.05 23.86 -50.55
C54 CDL PB . 46.67 23.91 -49.09
C55 CDL PB . 47.44 24.93 -48.27
CB6 CDL PB . 44.95 20.35 -53.88
OB8 CDL PB . 45.64 20.47 -52.61
CB7 CDL PB . 45.41 19.52 -51.70
OB9 CDL PB . 44.61 19.62 -50.80
C71 CDL PB . 46.26 18.31 -51.95
C72 CDL PB . 46.20 17.29 -50.82
C73 CDL PB . 47.48 17.23 -50.01
C74 CDL PB . 47.93 15.82 -49.67
C1 CDL QB . 35.10 29.80 -41.44
O1 CDL QB . 35.03 30.42 -40.16
CA2 CDL QB . 35.25 28.30 -41.26
OA2 CDL QB . 35.75 27.71 -42.48
PA1 CDL QB . 35.50 26.20 -42.81
OA3 CDL QB . 34.66 25.58 -41.69
OA4 CDL QB . 34.94 26.06 -44.16
OA5 CDL QB . 36.95 25.60 -42.75
CA3 CDL QB . 37.47 24.99 -41.55
CA4 CDL QB . 38.23 26.03 -40.78
OA6 CDL QB . 39.39 26.41 -41.58
CA5 CDL QB . 40.23 27.31 -41.07
OA7 CDL QB . 39.91 28.40 -40.69
C11 CDL QB . 41.64 26.76 -41.02
C12 CDL QB . 42.44 27.32 -39.85
C13 CDL QB . 43.94 27.23 -40.07
C14 CDL QB . 44.38 26.01 -40.86
C15 CDL QB . 45.87 25.71 -40.77
C16 CDL QB . 46.23 24.72 -39.68
CA6 CDL QB . 38.71 25.49 -39.46
OA8 CDL QB . 38.10 26.27 -38.42
CA7 CDL QB . 38.28 25.83 -37.17
OA9 CDL QB . 38.75 24.76 -36.90
C31 CDL QB . 37.83 26.84 -36.17
C32 CDL QB . 38.93 27.25 -35.19
C33 CDL QB . 40.22 27.63 -35.87
C34 CDL QB . 41.02 28.69 -35.16
C35 CDL QB . 42.13 28.14 -34.28
C36 CDL QB . 43.11 27.25 -35.02
C37 CDL QB . 44.56 27.48 -34.66
C38 CDL QB . 45.56 26.84 -35.61
C39 CDL QB . 46.72 26.14 -34.92
CB2 CDL QB . 36.23 30.42 -42.24
OB2 CDL QB . 35.70 31.48 -43.05
PB2 CDL QB . 36.34 31.84 -44.45
OB3 CDL QB . 36.32 33.36 -44.60
OB4 CDL QB . 35.67 31.10 -45.52
OB5 CDL QB . 37.83 31.37 -44.29
CB3 CDL QB . 38.61 30.95 -45.43
CB4 CDL QB . 40.03 30.73 -44.97
OB6 CDL QB . 40.19 29.30 -44.74
CB5 CDL QB . 41.21 28.69 -45.35
OB7 CDL QB . 41.79 29.15 -46.29
C51 CDL QB . 41.53 27.37 -44.71
C52 CDL QB . 42.24 26.41 -45.65
C53 CDL QB . 42.85 25.23 -44.92
C54 CDL QB . 43.55 24.24 -45.83
C55 CDL QB . 43.20 22.79 -45.53
C56 CDL QB . 44.28 21.82 -45.93
C57 CDL QB . 43.75 20.48 -46.42
C58 CDL QB . 44.73 19.70 -47.27
C59 CDL QB . 45.13 18.37 -46.68
C60 CDL QB . 46.59 18.25 -46.34
C61 CDL QB . 47.01 16.88 -45.83
C62 CDL QB . 47.70 16.91 -44.47
C63 CDL QB . 49.01 16.16 -44.43
C64 CDL QB . 48.91 14.78 -43.81
C65 CDL QB . 50.03 13.83 -44.18
C66 CDL QB . 49.58 12.57 -44.89
C67 CDL QB . 50.72 11.76 -45.44
CB6 CDL QB . 40.33 31.47 -43.70
OB8 CDL QB . 41.29 30.69 -42.93
CB7 CDL QB . 42.46 31.26 -42.68
OB9 CDL QB . 43.53 30.70 -42.80
C71 CDL QB . 42.30 32.68 -42.22
C72 CDL QB . 43.59 33.49 -42.29
C73 CDL QB . 43.75 34.47 -41.15
C74 CDL QB . 44.92 35.42 -41.31
C75 CDL QB . 44.58 36.89 -41.10
C76 CDL QB . 44.79 37.75 -42.35
C77 CDL QB . 43.98 39.04 -42.36
C78 CDL QB . 43.34 39.39 -41.03
C79 CDL QB . 42.90 40.83 -40.92
C80 CDL QB . 43.46 41.57 -39.72
C81 CDL QB . 43.78 43.03 -39.97
C2 PEF RB . 32.81 50.15 -37.89
C1 PEF RB . 32.01 49.84 -39.16
N PEF RB . 30.43 49.44 -44.63
C3 PEF RB . 32.13 49.47 -36.68
C4 PEF RB . 30.12 49.82 -42.24
C5 PEF RB . 29.63 49.06 -43.47
C10 PEF RB . 35.02 50.63 -38.48
C11 PEF RB . 36.49 50.25 -38.69
C12 PEF RB . 37.32 51.51 -38.91
C13 PEF RB . 37.64 52.15 -37.56
C14 PEF RB . 39.00 52.85 -37.64
C30 PEF RB . 31.66 50.34 -34.56
C31 PEF RB . 31.31 51.50 -33.65
C32 PEF RB . 30.39 51.02 -32.53
C33 PEF RB . 30.56 51.93 -31.32
C34 PEF RB . 31.11 51.12 -30.15
C35 PEF RB . 30.03 51.04 -29.06
C36 PEF RB . 30.17 52.23 -28.13
C37 PEF RB . 28.79 52.59 -27.59
C38 PEF RB . 28.92 53.73 -26.58
C39 PEF RB . 29.39 53.16 -25.24
C40 PEF RB . 28.87 54.05 -24.11
C41 PEF RB . 27.34 53.93 -24.02
C42 PEF RB . 26.79 55.08 -23.18
C43 PEF RB . 25.33 54.78 -22.80
C44 PEF RB . 25.29 53.58 -21.85
C45 PEF RB . 23.94 53.53 -21.15
O4 PEF RB . 34.66 51.73 -38.73
O5 PEF RB . 32.06 49.33 -34.10
O2 PEF RB . 34.11 49.68 -38.01
O3 PEF RB . 31.49 50.47 -35.93
O1P PEF RB . 31.91 47.70 -41.59
O2P PEF RB . 30.14 46.67 -40.26
O3P PEF RB . 31.59 48.51 -39.18
O4P PEF RB . 29.80 49.07 -41.10
P PEF RB . 30.86 47.95 -40.54
N PCF SB . 32.98 1.97 -50.43
P PCF SB . 33.22 4.97 -46.44
O11 PCF SB . 34.13 3.81 -45.71
O12 PCF SB . 31.79 4.80 -45.99
O13 PCF SB . 33.33 4.74 -48.08
O14 PCF SB . 33.71 6.35 -46.07
C11 PCF SB . 33.39 3.43 -48.53
C12 PCF SB . 33.07 3.36 -50.02
C13 PCF SB . 34.26 1.31 -50.20
C14 PCF SB . 31.94 1.29 -49.64
C15 PCF SB . 32.64 1.89 -51.83
C1 PCF SB . 35.02 4.18 -44.68
C2 PCF SB . 35.18 3.00 -43.73
C3 PCF SB . 36.67 2.82 -43.46
O31 PCF SB . 37.03 3.67 -42.38
O32 PCF SB . 39.11 4.44 -42.03
C31 PCF SB . 38.37 3.52 -41.94
C32 PCF SB . 38.85 2.17 -41.36
C33 PCF SB . 38.55 2.09 -39.84
C34 PCF SB . 39.28 3.22 -39.09
C35 PCF SB . 39.35 2.86 -37.59
C36 PCF SB . 39.49 4.16 -36.76
C37 PCF SB . 39.49 3.83 -35.26
C38 PCF SB . 39.29 5.13 -34.46
C39 PCF SB . 39.02 4.82 -32.98
C40 PCF SB . 37.90 3.78 -32.85
C41 PCF SB . 37.71 3.40 -31.37
C42 PCF SB . 39.07 3.00 -30.78
C43 PCF SB . 38.87 1.91 -29.72
O21 PCF SB . 34.52 3.32 -42.52
O22 PCF SB . 33.73 1.20 -42.48
C21 PCF SB . 33.81 2.25 -41.93
C22 PCF SB . 33.14 2.45 -40.54
C23 PCF SB . 34.22 2.82 -39.51
C24 PCF SB . 33.59 3.58 -38.32
C25 PCF SB . 34.60 3.68 -37.15
C26 PCF SB . 34.26 4.92 -36.29
C27 PCF SB . 34.79 4.74 -34.85
C28 PCF SB . 34.21 5.85 -33.93
C29 PCF SB . 34.35 5.44 -32.45
C30 PCF SB . 33.99 6.64 -31.54
C47 PCF SB . 32.47 6.74 -31.38
C48 PCF SB . 32.09 8.16 -30.89
C49 PCF SB . 30.61 8.20 -30.47
C44 PCF SB . 39.55 0.63 -30.20
C45 PCF SB . 39.01 -0.56 -29.39
C46 PCF SB . 37.51 -0.69 -29.61
C2 PEF TB . 21.62 -12.07 -46.38
C1 PEF TB . 21.83 -11.05 -47.50
N PEF TB . 19.36 -5.85 -48.31
C3 PEF TB . 22.81 -12.06 -45.43
C4 PEF TB . 20.40 -8.03 -48.58
C5 PEF TB . 19.43 -7.18 -47.75
C10 PEF TB . 19.97 -12.83 -44.95
C11 PEF TB . 19.32 -12.60 -43.58
C12 PEF TB . 19.75 -13.73 -42.66
C13 PEF TB . 21.23 -13.58 -42.32
C14 PEF TB . 21.73 -14.86 -41.65
C15 PEF TB . 21.77 -14.66 -40.13
C16 PEF TB . 23.15 -15.07 -39.61
C17 PEF TB . 23.14 -15.09 -38.08
C18 PEF TB . 24.40 -15.78 -37.58
C19 PEF TB . 25.51 -14.75 -37.37
C20 PEF TB . 25.53 -14.30 -35.91
C21 PEF TB . 25.84 -15.49 -35.01
C22 PEF TB . 27.28 -15.95 -35.24
C23 PEF TB . 27.52 -17.27 -34.52
C24 PEF TB . 27.59 -17.03 -33.02
C25 PEF TB . 27.99 -18.33 -32.30
C30 PEF TB . 23.98 -13.98 -46.05
C31 PEF TB . 24.59 -14.72 -44.87
C32 PEF TB . 25.92 -14.07 -44.49
C33 PEF TB . 26.28 -14.43 -43.05
C34 PEF TB . 25.82 -15.86 -42.73
C35 PEF TB . 26.96 -16.64 -42.06
O4 PEF TB . 20.06 -13.93 -45.39
O5 PEF TB . 23.55 -14.60 -46.97
O2 PEF TB . 20.46 -11.75 -45.68
O3 PEF TB . 23.93 -12.59 -46.07
O1P PEF TB . 21.69 -9.79 -50.48
O2P PEF TB . 19.63 -11.12 -50.64
O3P PEF TB . 21.16 -11.50 -48.62
O4P PEF TB . 19.75 -9.22 -48.91
P PEF TB . 20.56 -10.40 -49.70
C2 PEF UB . -20.96 -3.21 20.29
C1 PEF UB . -22.45 -3.26 19.93
N PEF UB . -22.35 -7.48 14.61
C3 PEF UB . -20.15 -2.75 19.07
C4 PEF UB . -21.90 -5.92 16.40
C5 PEF UB . -22.36 -6.08 14.96
C10 PEF UB . -19.81 -2.86 22.28
C11 PEF UB . -19.41 -2.07 23.52
C12 PEF UB . -18.29 -2.82 24.24
C13 PEF UB . -18.06 -2.23 25.63
C14 PEF UB . -16.98 -3.06 26.32
C15 PEF UB . -16.85 -2.68 27.80
C16 PEF UB . -16.97 -1.17 27.96
C17 PEF UB . -16.29 -0.72 29.24
C18 PEF UB . -16.79 -1.56 30.41
C19 PEF UB . -15.95 -1.30 31.65
C20 PEF UB . -16.27 0.08 32.20
C21 PEF UB . -17.46 0.00 33.14
C22 PEF UB . -16.98 -0.29 34.56
C23 PEF UB . -16.72 1.04 35.27
C24 PEF UB . -17.31 1.00 36.68
C25 PEF UB . -16.21 0.63 37.66
C30 PEF UB . -17.86 -2.33 19.00
C31 PEF UB . -16.40 -2.70 19.30
C32 PEF UB . -16.16 -2.74 20.81
C33 PEF UB . -15.04 -1.77 21.16
C34 PEF UB . -14.12 -2.40 22.21
C35 PEF UB . -13.32 -1.29 22.90
C36 PEF UB . -12.50 -1.89 24.04
C37 PEF UB . -12.88 -1.26 25.37
C38 PEF UB . -12.33 -2.08 26.51
O4 PEF UB . -19.35 -3.93 22.11
O5 PEF UB . -18.12 -1.24 18.64
O2 PEF UB . -20.70 -2.33 21.36
O3 PEF UB . -18.86 -3.29 19.17
O1P PEF UB . -24.62 -3.88 17.97
O2P PEF UB . -24.12 -6.29 18.20
O3P PEF UB . -22.80 -4.57 19.62
O4P PEF UB . -22.45 -4.76 16.95
P PEF UB . -23.54 -4.89 18.19
CU CU VB . -20.85 -27.00 57.06
FE HEA WB . -13.90 -15.46 48.49
CHA HEA WB . -12.11 -16.21 51.22
CHB HEA WB . -11.06 -15.17 46.70
CHC HEA WB . -15.75 -14.60 45.70
CHD HEA WB . -16.76 -15.98 50.11
NA HEA WB . -11.96 -15.67 48.87
C1A HEA WB . -11.38 -16.00 50.10
C2A HEA WB . -9.94 -16.06 50.02
C3A HEA WB . -9.60 -15.78 48.73
C4A HEA WB . -10.86 -15.52 48.04
CMA HEA WB . -8.31 -15.73 48.25
OMA HEA WB . -8.09 -15.49 47.12
CAA HEA WB . -9.01 -16.43 51.21
CBA HEA WB . -8.07 -15.33 51.72
CGA HEA WB . -7.35 -15.76 52.99
O1A HEA WB . -6.92 -14.87 53.72
O2A HEA WB . -7.58 -16.88 53.43
NB HEA WB . -13.53 -14.99 46.62
C1B HEA WB . -12.29 -14.91 46.06
C2B HEA WB . -12.33 -14.53 44.68
C3B HEA WB . -13.63 -14.35 44.33
C4B HEA WB . -14.39 -14.64 45.58
CMB HEA WB . -11.14 -14.36 43.80
NC HEA WB . -15.87 -15.34 48.00
C1C HEA WB . -16.46 -14.97 46.79
C2C HEA WB . -17.89 -15.02 46.87
C3C HEA WB . -18.18 -15.43 48.13
C4C HEA WB . -16.91 -15.61 48.80
CMC HEA WB . -18.82 -14.70 45.74
CAC HEA WB . -19.49 -15.66 48.78
CBC HEA WB . -20.63 -15.00 48.57
ND HEA WB . -14.36 -15.99 50.28
C1D HEA WB . -15.60 -16.15 50.85
C2D HEA WB . -15.50 -16.52 52.28
C3D HEA WB . -14.16 -16.56 52.53
C4D HEA WB . -13.49 -16.25 51.32
CMD HEA WB . -16.59 -16.83 53.33
CAD HEA WB . -13.42 -16.92 53.83
CBD HEA WB . -13.17 -15.82 54.77
CGD HEA WB . -12.23 -16.23 55.83
O1D HEA WB . -12.34 -15.67 56.92
O2D HEA WB . -11.21 -16.87 55.47
C11 HEA WB . -13.98 -13.93 42.90
O11 HEA WB . -13.69 -15.04 42.04
C12 HEA WB . -15.41 -13.64 42.50
C13 HEA WB . -15.72 -14.16 41.10
C14 HEA WB . -17.01 -13.63 40.56
C15 HEA WB . -17.46 -12.38 40.73
C16 HEA WB . -18.66 -12.06 41.56
C17 HEA WB . -19.95 -11.66 40.82
C18 HEA WB . -20.22 -10.19 40.93
C19 HEA WB . -21.33 -9.61 41.41
C20 HEA WB . -22.59 -10.33 41.18
C21 HEA WB . -23.68 -9.49 40.58
C22 HEA WB . -24.84 -10.32 40.03
C23 HEA WB . -26.09 -9.87 39.77
C24 HEA WB . -27.03 -10.56 38.83
C25 HEA WB . -26.71 -8.83 40.61
C26 HEA WB . -16.63 -11.25 40.23
C27 HEA WB . -21.48 -8.20 41.97
FE HEA XB . -19.42 -27.01 52.81
CHA HEA XB . -16.69 -25.97 54.68
CHB HEA XB . -18.86 -30.39 53.60
CHC HEA XB . -22.12 -28.00 50.95
CHD HEA XB . -20.14 -23.68 52.09
NA HEA XB . -17.90 -27.99 53.68
C1A HEA XB . -17.12 -27.36 54.77
C2A HEA XB . -16.68 -28.27 55.82
C3A HEA XB . -17.33 -29.54 55.49
C4A HEA XB . -18.12 -29.33 54.28
CMA HEA XB . -17.17 -30.74 56.33
OMA HEA XB . -17.61 -31.82 56.08
CAA HEA XB . -15.79 -27.96 56.99
CBA HEA XB . -14.41 -28.39 56.54
CGA HEA XB . -13.37 -27.64 57.26
O1A HEA XB . -12.34 -28.20 57.57
O2A HEA XB . -13.54 -26.48 57.57
NB HEA XB . -20.34 -28.90 52.36
C1B HEA XB . -20.01 -30.15 52.75
C2B HEA XB . -20.87 -31.24 52.27
C3B HEA XB . -21.85 -30.55 51.45
C4B HEA XB . -21.43 -29.12 51.59
CMB HEA XB . -20.82 -32.74 52.46
NC HEA XB . -20.88 -25.99 51.69
C1C HEA XB . -21.88 -26.56 51.00
C2C HEA XB . -22.77 -25.61 50.30
C3C HEA XB . -22.16 -24.35 50.67
C4C HEA XB . -21.02 -24.69 51.50
CMC HEA XB . -23.97 -25.92 49.47
CAC HEA XB . -22.53 -22.96 50.29
CBC HEA XB . -23.28 -22.74 49.25
ND HEA XB . -18.57 -25.15 53.31
C1D HEA XB . -18.98 -23.92 52.96
C2D HEA XB . -18.17 -22.80 53.47
C3D HEA XB . -17.15 -23.52 54.24
C4D HEA XB . -17.50 -24.92 54.07
CMD HEA XB . -18.33 -21.31 53.29
CAD HEA XB . -16.00 -22.97 55.00
CBD HEA XB . -16.46 -22.17 56.17
CGD HEA XB . -15.29 -21.47 56.74
O1D HEA XB . -14.43 -22.14 57.29
O2D HEA XB . -15.21 -20.26 56.64
C11 HEA XB . -22.94 -31.32 50.75
O11 HEA XB . -24.18 -30.67 50.84
C12 HEA XB . -22.65 -31.54 49.27
C13 HEA XB . -23.63 -32.52 48.64
C14 HEA XB . -23.65 -32.39 47.13
C15 HEA XB . -23.22 -33.38 46.36
C16 HEA XB . -23.22 -33.25 44.85
C17 HEA XB . -24.27 -34.02 44.04
C18 HEA XB . -24.57 -35.41 44.57
C19 HEA XB . -24.75 -36.47 43.81
C20 HEA XB . -25.06 -37.79 44.49
C21 HEA XB . -24.13 -38.95 44.17
C22 HEA XB . -22.93 -38.84 45.07
C23 HEA XB . -22.37 -39.83 45.78
C24 HEA XB . -22.88 -41.23 45.81
C25 HEA XB . -21.18 -39.48 46.59
C26 HEA XB . -22.69 -34.60 47.02
C27 HEA XB . -24.69 -36.33 42.31
CA CA YB . 2.99 -11.79 49.04
MG MG ZB . -9.49 -23.72 62.46
C2 PEF AC . -21.41 -34.03 72.14
C1 PEF AC . -20.33 -34.63 73.01
N PEF AC . -16.63 -35.27 78.06
C3 PEF AC . -22.29 -35.11 71.52
C4 PEF AC . -16.96 -35.49 75.67
C5 PEF AC . -17.54 -35.78 77.05
C10 PEF AC . -22.23 -31.86 72.39
C11 PEF AC . -23.29 -30.90 72.88
C12 PEF AC . -24.24 -30.65 71.73
C13 PEF AC . -25.67 -30.71 72.24
C14 PEF AC . -26.57 -30.02 71.25
C15 PEF AC . -27.38 -28.95 71.95
C16 PEF AC . -28.41 -28.40 70.98
C17 PEF AC . -29.35 -27.47 71.73
C18 PEF AC . -30.17 -26.67 70.73
C19 PEF AC . -30.38 -25.26 71.26
C20 PEF AC . -30.80 -24.35 70.12
C21 PEF AC . -32.32 -24.33 70.01
C22 PEF AC . -32.75 -23.69 68.70
C30 PEF AC . -24.23 -35.21 70.10
C31 PEF AC . -25.56 -34.57 69.74
C32 PEF AC . -25.62 -34.34 68.24
C33 PEF AC . -27.08 -34.34 67.82
C34 PEF AC . -27.81 -33.22 68.55
C35 PEF AC . -29.00 -32.76 67.70
C36 PEF AC . -29.71 -31.64 68.46
C37 PEF AC . -29.80 -30.39 67.59
C38 PEF AC . -31.24 -29.89 67.61
C39 PEF AC . -31.71 -29.62 66.18
C40 PEF AC . -32.98 -28.78 66.23
C41 PEF AC . -33.69 -28.85 64.89
O4 PEF AC . -21.45 -31.52 71.57
O5 PEF AC . -24.02 -36.35 69.82
O2 PEF AC . -22.20 -33.17 72.90
O3 PEF AC . -23.27 -34.44 70.76
O1P PEF AC . -17.12 -35.00 72.33
O2P PEF AC . -16.92 -33.15 73.92
O3P PEF AC . -19.25 -33.73 73.03
O4P PEF AC . -17.99 -35.35 74.74
P PEF AC . -17.78 -34.30 73.49
C2 PEF BC . -46.62 -5.09 63.36
C1 PEF BC . -47.33 -4.07 62.49
N PEF BC . -51.92 -2.99 60.81
C3 PEF BC . -46.20 -4.41 64.66
C4 PEF BC . -50.08 -3.18 59.25
C5 PEF BC . -51.20 -3.94 59.98
C10 PEF BC . -47.04 -7.37 63.12
C11 PEF BC . -47.66 -8.66 63.62
C12 PEF BC . -46.57 -9.56 64.19
C13 PEF BC . -45.87 -8.86 65.35
C14 PEF BC . -44.37 -9.16 65.30
C15 PEF BC . -43.58 -7.96 65.80
C16 PEF BC . -42.14 -8.35 66.05
C17 PEF BC . -41.48 -7.31 66.96
C18 PEF BC . -40.43 -6.53 66.18
C19 PEF BC . -39.07 -6.57 66.88
C20 PEF BC . -38.31 -7.80 66.40
C21 PEF BC . -36.84 -7.72 66.79
C22 PEF BC . -36.24 -9.13 66.64
C23 PEF BC . -34.80 -9.14 67.13
C24 PEF BC . -34.79 -9.26 68.65
C25 PEF BC . -33.46 -8.75 69.17
C30 PEF BC . -44.03 -3.53 64.89
C31 PEF BC . -42.55 -3.68 65.18
C32 PEF BC . -41.83 -2.36 64.96
C33 PEF BC . -41.88 -1.52 66.23
C34 PEF BC . -40.55 -0.82 66.40
C35 PEF BC . -39.62 -1.69 67.25
C36 PEF BC . -38.19 -1.52 66.76
C37 PEF BC . -37.85 -2.68 65.82
C38 PEF BC . -36.34 -2.85 65.78
C39 PEF BC . -35.80 -2.93 67.20
C40 PEF BC . -34.79 -4.07 67.27
C41 PEF BC . -34.76 -4.61 68.69
C42 PEF BC . -33.89 -3.71 69.55
C43 PEF BC . -32.83 -4.55 70.22
C44 PEF BC . -31.83 -3.63 70.91
C45 PEF BC . -30.63 -3.43 69.99
O4 PEF BC . -46.17 -7.39 62.32
O5 PEF BC . -44.52 -2.47 64.71
O2 PEF BC . -47.48 -6.15 63.63
O3 PEF BC . -44.84 -4.67 64.82
O1P PEF BC . -47.52 -2.23 60.32
O2P PEF BC . -46.37 -3.98 59.13
O3P PEF BC . -47.59 -4.64 61.25
O4P PEF BC . -48.95 -3.98 59.05
P PEF BC . -47.59 -3.67 59.92
C2 PEF CC . -40.62 15.31 58.70
C1 PEF CC . -41.99 15.91 58.32
N PEF CC . -47.28 17.91 56.58
C3 PEF CC . -40.17 14.24 57.71
C4 PEF CC . -45.54 16.24 56.96
C5 PEF CC . -46.75 16.65 56.11
C10 PEF CC . -38.58 16.07 59.61
C11 PEF CC . -37.34 16.94 59.62
C12 PEF CC . -36.27 16.25 60.44
C13 PEF CC . -34.89 16.73 60.01
C14 PEF CC . -34.13 15.62 59.29
C15 PEF CC . -32.64 15.76 59.60
C16 PEF CC . -32.06 14.38 59.94
C17 PEF CC . -31.86 13.56 58.67
C18 PEF CC . -31.16 12.26 59.01
C30 PEF CC . -38.99 12.33 58.47
C31 PEF CC . -38.68 11.07 57.70
C32 PEF CC . -37.22 10.65 57.93
C33 PEF CC . -36.30 11.50 57.05
C34 PEF CC . -34.85 11.21 57.44
C35 PEF CC . -34.01 11.05 56.18
O4 PEF CC . -38.62 15.15 60.36
O5 PEF CC . -38.19 12.76 59.24
O2 PEF CC . -39.66 16.32 58.74
O3 PEF CC . -40.23 12.98 58.31
O1P PEF CC . -43.55 13.00 56.61
O2P PEF CC . -44.09 13.98 58.80
O3P PEF CC . -42.54 15.28 57.19
O4P PEF CC . -45.20 14.92 56.68
P PEF CC . -43.84 14.27 57.34
CU1 CUA DC . -0.31 -19.16 65.85
CU2 CUA DC . -1.60 -18.64 63.48
C2 PEF EC . -39.83 -43.07 31.82
C1 PEF EC . -41.32 -42.73 31.94
N PEF EC . -43.56 -46.37 35.41
C3 PEF EC . -39.10 -42.38 32.97
C4 PEF EC . -44.70 -45.41 33.49
C5 PEF EC . -43.37 -45.94 34.03
C10 PEF EC . -38.50 -44.93 31.30
C11 PEF EC . -37.83 -46.20 31.81
C12 PEF EC . -36.36 -45.91 32.09
C13 PEF EC . -35.59 -47.21 32.29
C14 PEF EC . -35.42 -47.48 33.78
C15 PEF EC . -33.99 -47.14 34.21
C16 PEF EC . -33.13 -48.39 34.14
C17 PEF EC . -31.72 -48.08 34.64
C18 PEF EC . -30.83 -49.30 34.46
C30 PEF EC . -37.17 -41.29 32.23
C31 PEF EC . -35.69 -41.24 31.88
C32 PEF EC . -34.89 -40.77 33.08
C33 PEF EC . -34.13 -39.52 32.68
C34 PEF EC . -32.72 -39.87 32.21
C35 PEF EC . -31.77 -38.78 32.67
C36 PEF EC . -31.36 -39.06 34.11
C37 PEF EC . -29.84 -39.00 34.22
C38 PEF EC . -29.41 -39.35 35.63
C39 PEF EC . -28.94 -40.80 35.66
C40 PEF EC . -28.99 -41.35 37.08
C41 PEF EC . -29.14 -42.85 36.99
C42 PEF EC . -28.56 -43.48 38.25
C43 PEF EC . -28.82 -44.97 38.20
C44 PEF EC . -28.16 -45.63 39.40
C45 PEF EC . -28.20 -47.14 39.24
O4 PEF EC . -38.01 -44.34 30.40
O5 PEF EC . -37.84 -40.34 32.03
O2 PEF EC . -39.68 -44.46 31.89
O3 PEF EC . -37.71 -42.44 32.77
O1P PEF EC . -44.10 -43.19 30.39
O2P PEF EC . -44.17 -42.58 32.78
O3P PEF EC . -42.11 -43.87 31.89
O4P PEF EC . -44.54 -45.05 32.14
P PEF EC . -43.75 -43.64 31.79
C2 PEF FC . 2.84 -31.94 37.49
C1 PEF FC . 3.88 -31.33 38.43
N PEF FC . 5.98 -35.96 37.94
C3 PEF FC . 2.72 -33.43 37.80
C4 PEF FC . 5.91 -34.75 40.02
C5 PEF FC . 6.49 -34.78 38.60
C10 PEF FC . 0.69 -31.38 36.64
C11 PEF FC . -0.65 -30.66 36.74
C12 PEF FC . -1.72 -31.46 35.99
C13 PEF FC . -3.05 -31.42 36.74
C14 PEF FC . -3.53 -32.85 36.97
C15 PEF FC . -4.99 -33.01 36.50
C16 PEF FC . -5.88 -33.33 37.69
C17 PEF FC . -7.00 -34.29 37.27
C18 PEF FC . -7.73 -34.82 38.50
C19 PEF FC . -9.23 -34.59 38.35
C20 PEF FC . -9.94 -34.74 39.69
C21 PEF FC . -11.46 -34.73 39.47
C22 PEF FC . -12.21 -34.44 40.76
C23 PEF FC . -13.08 -35.64 41.12
C24 PEF FC . -14.44 -35.17 41.63
C25 PEF FC . -14.21 -34.20 42.79
C30 PEF FC . 1.52 -35.00 39.03
C31 PEF FC . 0.12 -35.58 38.84
C32 PEF FC . -0.68 -35.48 40.14
C33 PEF FC . -2.06 -36.10 39.94
C34 PEF FC . -3.13 -35.16 40.50
C35 PEF FC . -3.69 -35.76 41.78
C36 PEF FC . -5.08 -35.19 42.03
C37 PEF FC . -5.34 -35.16 43.53
C38 PEF FC . -6.62 -34.38 43.78
C39 PEF FC . -6.38 -32.90 43.53
C40 PEF FC . -7.64 -32.12 43.83
C41 PEF FC . -8.63 -32.26 42.68
C42 PEF FC . -10.04 -32.03 43.20
C43 PEF FC . -10.90 -31.38 42.12
C44 PEF FC . -11.67 -30.22 42.74
C45 PEF FC . -12.79 -29.74 41.82
O4 PEF FC . 0.91 -32.04 35.69
O5 PEF FC . 2.41 -35.70 39.38
O2 PEF FC . 1.63 -31.26 37.67
O3 PEF FC . 1.76 -33.65 38.79
O1P PEF FC . 6.79 -31.69 38.94
O2P PEF FC . 5.81 -31.11 41.11
O3P PEF FC . 4.32 -32.29 39.34
O4P PEF FC . 6.30 -33.56 40.65
P PEF FC . 5.82 -32.13 40.00
C2 PEF GC . -54.03 -3.84 67.49
C1 PEF GC . -55.48 -3.43 67.25
N PEF GC . -61.44 -3.17 66.69
C3 PEF GC . -53.68 -3.60 68.96
C4 PEF GC . -59.73 -2.94 68.38
C5 PEF GC . -61.21 -3.23 68.12
C10 PEF GC . -52.51 -5.48 66.91
C11 PEF GC . -51.90 -6.81 67.30
C12 PEF GC . -50.39 -6.70 67.17
C13 PEF GC . -49.79 -6.20 68.47
C14 PEF GC . -48.30 -6.57 68.51
C15 PEF GC . -47.52 -5.40 69.09
C16 PEF GC . -46.01 -5.66 68.92
C17 PEF GC . -45.54 -6.66 69.97
C18 PEF GC . -44.08 -7.02 69.71
C19 PEF GC . -43.23 -5.75 69.77
C20 PEF GC . -41.88 -6.07 70.43
C21 PEF GC . -40.97 -4.84 70.30
C22 PEF GC . -39.77 -4.99 71.23
C23 PEF GC . -39.04 -6.30 70.97
C24 PEF GC . -37.73 -6.29 71.74
C25 PEF GC . -37.08 -7.68 71.70
C30 PEF GC . -51.90 -2.19 69.40
C31 PEF GC . -50.46 -1.82 69.70
C32 PEF GC . -50.09 -2.06 71.15
C33 PEF GC . -48.66 -2.61 71.23
C34 PEF GC . -47.86 -1.89 72.30
C35 PEF GC . -46.70 -2.79 72.73
C36 PEF GC . -45.77 -2.04 73.68
C37 PEF GC . -44.72 -2.99 74.24
C38 PEF GC . -43.49 -2.22 74.71
C39 PEF GC . -42.37 -2.39 73.70
C40 PEF GC . -41.63 -1.07 73.47
C41 PEF GC . -40.28 -1.34 72.82
C42 PEF GC . -39.47 -0.05 72.71
C43 PEF GC . -38.14 -0.18 73.44
C44 PEF GC . -37.39 1.16 73.41
C45 PEF GC . -36.34 1.22 74.52
O4 PEF GC . -51.83 -4.69 66.37
O5 PEF GC . -52.72 -1.34 69.39
O2 PEF GC . -53.84 -5.18 67.19
O3 PEF GC . -52.29 -3.50 69.13
O1P PEF GC . -57.82 -5.83 68.93
O2P PEF GC . -57.28 -3.50 69.62
O3P PEF GC . -56.34 -4.52 67.40
O4P PEF GC . -58.96 -3.91 67.73
P PEF GC . -57.59 -4.43 68.46
C2 PEF HC . -26.25 -7.62 86.58
C1 PEF HC . -26.50 -8.16 87.99
N PEF HC . -25.24 -7.02 94.23
C3 PEF HC . -27.56 -7.12 85.97
C4 PEF HC . -25.44 -7.94 92.02
C5 PEF HC . -24.64 -7.95 93.30
C10 PEF HC . -24.74 -6.27 85.47
C11 PEF HC . -24.10 -4.91 85.25
C12 PEF HC . -23.77 -4.77 83.77
C13 PEF HC . -25.00 -4.29 83.00
C14 PEF HC . -25.42 -5.39 82.02
C15 PEF HC . -26.17 -4.75 80.87
C16 PEF HC . -25.80 -5.50 79.59
C17 PEF HC . -26.66 -4.98 78.44
C18 PEF HC . -26.20 -5.63 77.13
C19 PEF HC . -27.25 -6.61 76.64
C20 PEF HC . -28.59 -5.88 76.50
C21 PEF HC . -29.74 -6.87 76.56
C22 PEF HC . -29.75 -7.74 75.29
C23 PEF HC . -30.97 -7.38 74.45
C24 PEF HC . -32.24 -7.67 75.24
C25 PEF HC . -33.46 -7.10 74.52
C30 PEF HC . -27.76 -8.23 83.95
C31 PEF HC . -28.50 -7.45 82.87
C32 PEF HC . -29.51 -8.38 82.20
C33 PEF HC . -28.78 -9.22 81.17
C34 PEF HC . -29.04 -8.61 79.79
C35 PEF HC . -29.19 -9.72 78.77
C36 PEF HC . -27.94 -10.58 78.82
C37 PEF HC . -28.23 -11.90 78.11
C38 PEF HC . -28.45 -11.60 76.65
C39 PEF HC . -27.50 -12.47 75.81
C40 PEF HC . -28.16 -12.76 74.46
C41 PEF HC . -29.03 -11.59 74.03
C42 PEF HC . -29.43 -11.74 72.58
C43 PEF HC . -30.20 -10.49 72.19
C44 PEF HC . -30.65 -10.63 70.74
C45 PEF HC . -29.99 -9.54 69.90
O4 PEF HC . -24.68 -7.10 84.61
O5 PEF HC . -26.83 -8.89 83.67
O2 PEF HC . -25.39 -6.55 86.65
O3 PEF HC . -28.18 -8.15 85.27
O1P PEF HC . -23.65 -8.03 88.62
O2P PEF HC . -24.06 -6.08 90.08
O3P PEF HC . -26.06 -7.24 88.94
O4P PEF HC . -24.65 -8.38 90.95
P PEF HC . -24.57 -7.43 89.63
C1 CDL IC . -56.25 8.20 70.50
O1 CDL IC . -56.42 6.82 70.83
CA2 CDL IC . -54.78 8.49 70.35
OA2 CDL IC . -54.38 9.36 71.42
PA1 CDL IC . -53.36 10.53 71.19
OA3 CDL IC . -53.15 10.69 69.68
OA4 CDL IC . -53.77 11.75 71.86
OA5 CDL IC . -52.05 9.92 71.82
CA3 CDL IC . -52.08 8.64 72.48
CA4 CDL IC . -50.65 8.20 72.67
OA6 CDL IC . -49.80 9.36 72.42
CA5 CDL IC . -48.50 9.24 72.66
OA7 CDL IC . -48.05 8.79 73.67
C11 CDL IC . -47.67 9.77 71.52
C12 CDL IC . -46.18 9.66 71.74
C13 CDL IC . -45.63 10.72 72.67
C14 CDL IC . -44.83 11.80 71.98
C15 CDL IC . -43.46 11.37 71.53
C16 CDL IC . -42.47 12.50 71.34
C17 CDL IC . -41.96 13.11 72.63
C18 CDL IC . -42.20 14.60 72.76
C19 CDL IC . -43.58 14.96 73.23
CA6 CDL IC . -50.28 7.14 71.68
OA8 CDL IC . -51.06 5.98 71.91
CA7 CDL IC . -50.43 4.81 71.87
OA9 CDL IC . -50.58 4.00 71.01
C31 CDL IC . -49.53 4.65 73.05
C32 CDL IC . -48.87 3.29 73.13
C33 CDL IC . -47.61 3.31 73.96
C34 CDL IC . -47.11 1.96 74.42
C35 CDL IC . -46.27 2.04 75.68
C36 CDL IC . -45.20 0.98 75.75
C37 CDL IC . -43.79 1.54 75.92
C38 CDL IC . -43.53 2.14 77.28
C39 CDL IC . -42.87 1.20 78.25
C40 CDL IC . -41.53 1.65 78.76
C41 CDL IC . -40.51 0.54 78.90
C42 CDL IC . -40.67 -0.57 77.89
C43 CDL IC . -39.37 -1.24 77.49
C44 CDL IC . -39.50 -2.71 77.20
C45 CDL IC . -38.48 -3.57 77.91
C46 CDL IC . -37.29 -3.95 77.07
C47 CDL IC . -35.99 -3.40 77.59
CB2 CDL IC . -56.88 9.06 71.56
OB2 CDL IC . -58.05 8.43 72.10
PB2 CDL IC . -58.33 8.44 73.65
OB3 CDL IC . -58.57 7.00 74.09
OB4 CDL IC . -59.39 9.40 74.00
OB5 CDL IC . -56.98 8.93 74.24
CB3 CDL IC . -56.93 9.85 75.37
CB4 CDL IC . -55.51 9.92 75.84
OB6 CDL IC . -55.22 8.69 76.58
CB5 CDL IC . -53.94 8.41 76.85
OB7 CDL IC . -53.23 9.11 77.53
C51 CDL IC . -53.52 7.10 76.27
C52 CDL IC . -52.04 6.84 76.42
C53 CDL IC . -51.67 5.37 76.37
C54 CDL IC . -51.46 4.74 77.72
C55 CDL IC . -50.47 3.59 77.74
C56 CDL IC . -50.11 3.12 79.12
C57 CDL IC . -48.65 2.69 79.27
C58 CDL IC . -48.46 1.29 79.79
C59 CDL IC . -48.13 1.20 81.27
C60 CDL IC . -46.70 1.50 81.60
C61 CDL IC . -46.16 0.75 82.80
C62 CDL IC . -44.88 -0.01 82.55
C63 CDL IC . -43.89 0.07 83.70
C64 CDL IC . -43.24 -1.24 84.06
C65 CDL IC . -43.17 -1.51 85.55
C66 CDL IC . -41.76 -1.61 86.11
C67 CDL IC . -41.63 -0.98 87.46
CB6 CDL IC . -55.32 11.09 76.75
OB8 CDL IC . -54.03 11.70 76.47
CB7 CDL IC . -53.94 13.02 76.67
OB9 CDL IC . -54.85 13.70 77.07
C71 CDL IC . -52.57 13.51 76.36
C72 CDL IC . -51.47 12.86 77.19
C73 CDL IC . -50.73 11.78 76.43
C74 CDL IC . -49.57 11.19 77.19
C75 CDL IC . -48.32 10.98 76.36
C76 CDL IC . -47.52 9.74 76.73
C77 CDL IC . -48.34 8.59 77.28
C78 CDL IC . -47.98 7.25 76.68
C79 CDL IC . -46.49 7.01 76.57
C80 CDL IC . -45.92 6.09 77.63
C81 CDL IC . -45.45 6.83 78.87
ZN ZN JC . -56.35 -26.71 29.60
C2 PEF KC . -28.76 8.19 40.78
C1 PEF KC . -28.60 8.35 42.29
N PEF KC . -27.35 6.88 46.75
C3 PEF KC . -28.65 9.59 40.16
C4 PEF KC . -29.25 6.56 45.24
C5 PEF KC . -28.30 7.57 45.90
C10 PEF KC . -28.02 6.00 40.31
C11 PEF KC . -27.41 5.03 39.31
C12 PEF KC . -27.89 3.65 39.71
C13 PEF KC . -28.03 2.76 38.49
C14 PEF KC . -27.65 1.34 38.86
C15 PEF KC . -28.88 0.55 39.27
C16 PEF KC . -29.12 -0.54 38.23
C17 PEF KC . -30.30 -1.42 38.64
C18 PEF KC . -31.33 -1.46 37.51
C19 PEF KC . -32.70 -1.86 38.07
C20 PEF KC . -32.86 -3.37 37.92
C21 PEF KC . -33.77 -3.89 39.02
C22 PEF KC . -33.91 -5.40 38.92
C23 PEF KC . -34.83 -5.82 40.06
C24 PEF KC . -34.88 -7.35 40.20
C25 PEF KC . -35.42 -7.70 41.58
C30 PEF KC . -30.48 10.71 39.24
C31 PEF KC . -30.43 11.64 40.43
C32 PEF KC . -31.16 12.93 40.08
C33 PEF KC . -30.30 13.77 39.16
C34 PEF KC . -31.22 14.46 38.15
C35 PEF KC . -30.57 14.41 36.77
C36 PEF KC . -30.96 15.68 36.01
C37 PEF KC . -29.77 16.61 35.95
C38 PEF KC . -30.23 17.95 36.50
C39 PEF KC . -29.12 18.54 37.36
C40 PEF KC . -28.96 17.70 38.62
C41 PEF KC . -27.47 17.49 38.88
C42 PEF KC . -27.07 16.11 38.36
C43 PEF KC . -26.71 15.20 39.52
C44 PEF KC . -26.10 13.91 38.98
C45 PEF KC . -25.10 13.36 39.99
O4 PEF KC . -28.70 5.56 41.14
O5 PEF KC . -31.35 10.81 38.47
O2 PEF KC . -27.77 7.37 40.27
O3 PEF KC . -29.50 9.74 39.06
O1P PEF KC . -32.25 8.22 43.43
O2P PEF KC . -30.84 6.41 42.57
O3P PEF KC . -29.81 8.76 42.84
O4P PEF KC . -30.47 7.21 44.98
P PEF KC . -30.85 7.63 43.43
C2 PEF LC . 4.73 -20.33 32.56
C1 PEF LC . 6.19 -20.54 32.89
N PEF LC . 7.06 -14.87 36.02
C3 PEF LC . 4.24 -19.12 33.33
C4 PEF LC . 7.47 -17.24 35.57
C5 PEF LC . 6.59 -16.22 36.29
C10 PEF LC . 3.53 -20.79 30.60
C11 PEF LC . 2.74 -20.25 29.42
C12 PEF LC . 1.28 -20.65 29.54
C13 PEF LC . 1.01 -21.99 28.86
C14 PEF LC . -0.31 -21.91 28.10
C15 PEF LC . -1.31 -22.93 28.63
C16 PEF LC . -2.65 -22.22 28.86
C17 PEF LC . -3.72 -23.24 29.20
C18 PEF LC . -4.44 -23.65 27.91
C19 PEF LC . -4.94 -25.09 28.02
C20 PEF LC . -5.10 -25.69 26.62
C21 PEF LC . -5.53 -27.14 26.73
C22 PEF LC . -4.45 -27.97 27.39
C23 PEF LC . -4.88 -29.43 27.40
C24 PEF LC . -3.83 -30.30 28.06
C25 PEF LC . -4.35 -31.73 28.11
C30 PEF LC . 2.22 -18.05 33.77
C31 PEF LC . 0.75 -18.13 34.13
C32 PEF LC . -0.03 -18.68 32.94
C33 PEF LC . -1.50 -18.85 33.33
C34 PEF LC . -2.33 -19.10 32.08
C35 PEF LC . -3.69 -18.41 32.24
C36 PEF LC . -4.76 -19.32 31.66
C37 PEF LC . -5.48 -18.62 30.51
C38 PEF LC . -6.80 -19.34 30.21
C39 PEF LC . -6.54 -20.74 29.67
C40 PEF LC . -7.06 -21.82 30.64
C41 PEF LC . -8.15 -22.65 29.95
C42 PEF LC . -9.51 -22.35 30.58
C43 PEF LC . -10.16 -23.64 31.07
C44 PEF LC . -11.41 -23.30 31.85
C45 PEF LC . -12.25 -24.56 32.01
O4 PEF LC . 3.28 -21.87 31.02
O5 PEF LC . 2.83 -17.04 33.86
O2 PEF LC . 4.55 -20.05 31.20
O3 PEF LC . 2.85 -19.20 33.30
O1P PEF LC . 7.91 -20.56 36.27
O2P PEF LC . 8.63 -19.59 34.14
O3P PEF LC . 6.35 -20.76 34.25
O4P PEF LC . 6.73 -18.41 35.43
P PEF LC . 7.45 -19.83 35.03
C2 PEF MC . -23.82 -23.15 19.40
C1 PEF MC . -25.11 -22.83 18.65
N PEF MC . -24.25 -17.39 14.52
C3 PEF MC . -22.67 -22.45 18.70
C4 PEF MC . -24.45 -19.75 15.16
C5 PEF MC . -25.16 -18.50 14.65
C10 PEF MC . -23.53 -23.68 21.69
C11 PEF MC . -23.38 -23.27 23.16
C12 PEF MC . -23.01 -24.48 24.03
C13 PEF MC . -23.71 -24.37 25.38
C14 PEF MC . -22.82 -24.94 26.50
C15 PEF MC . -23.44 -24.63 27.86
C16 PEF MC . -22.39 -24.17 28.86
C17 PEF MC . -21.16 -25.06 28.77
C18 PEF MC . -20.47 -25.19 30.12
C19 PEF MC . -21.02 -26.42 30.85
C20 PEF MC . -19.95 -27.50 31.01
C21 PEF MC . -20.03 -28.49 29.85
C22 PEF MC . -20.01 -29.93 30.36
C23 PEF MC . -18.58 -30.36 30.60
C24 PEF MC . -18.48 -31.88 30.61
C25 PEF MC . -18.46 -32.45 29.20
C30 PEF MC . -21.20 -21.15 19.89
C31 PEF MC . -20.76 -19.90 20.63
C32 PEF MC . -19.38 -19.43 20.15
C33 PEF MC . -18.30 -20.27 20.82
C34 PEF MC . -17.51 -19.41 21.80
C35 PEF MC . -16.74 -20.34 22.72
C36 PEF MC . -16.14 -19.52 23.86
C37 PEF MC . -14.74 -20.01 24.17
C38 PEF MC . -14.78 -21.52 24.38
C39 PEF MC . -14.85 -21.80 25.87
C40 PEF MC . -13.44 -22.09 26.38
C41 PEF MC . -13.54 -22.67 27.78
C42 PEF MC . -14.37 -23.95 27.77
C43 PEF MC . -13.67 -25.04 26.96
C44 PEF MC . -14.25 -26.40 27.30
C45 PEF MC . -15.77 -26.33 27.38
O4 PEF MC . -23.33 -24.80 21.38
O5 PEF MC . -20.49 -22.10 19.82
O2 PEF MC . -23.88 -22.72 20.74
O3 PEF MC . -22.45 -21.21 19.30
O1P PEF MC . -23.59 -22.61 15.60
O2P PEF MC . -25.96 -23.25 15.85
O3P PEF MC . -24.88 -21.82 17.71
O4P PEF MC . -25.37 -20.78 15.29
P PEF MC . -24.95 -22.16 16.10
N PCF NC . 8.65 -6.69 39.55
P PCF NC . 6.44 -10.25 37.02
O11 PCF NC . 5.82 -10.10 35.50
O12 PCF NC . 7.53 -11.29 37.03
O13 PCF NC . 7.05 -8.79 37.46
O14 PCF NC . 5.33 -10.62 37.97
C11 PCF NC . 7.92 -8.75 38.54
C12 PCF NC . 7.54 -7.65 39.53
C13 PCF NC . 8.34 -5.56 40.40
C14 PCF NC . 9.86 -7.36 40.04
C15 PCF NC . 8.84 -6.22 38.20
C1 PCF NC . 5.74 -8.81 34.96
C2 PCF NC . 6.36 -8.84 33.58
C3 PCF NC . 5.83 -10.09 32.90
O31 PCF NC . 4.42 -10.17 33.03
O32 PCF NC . 4.66 -12.38 32.79
C31 PCF NC . 3.92 -11.47 32.84
C32 PCF NC . 2.41 -11.71 32.70
C33 PCF NC . 2.21 -13.24 32.51
C34 PCF NC . 2.18 -13.61 31.02
C35 PCF NC . 1.24 -14.82 30.80
C36 PCF NC . 0.80 -14.83 29.31
C37 PCF NC . 0.35 -16.25 28.91
C38 PCF NC . -1.18 -16.34 29.01
C39 PCF NC . -1.74 -17.02 27.75
C40 PCF NC . -3.26 -16.78 27.66
C41 PCF NC . -3.79 -17.23 26.28
C42 PCF NC . -3.62 -18.74 26.14
C43 PCF NC . -4.33 -19.23 24.87
O21 PCF NC . 5.95 -7.67 32.93
O22 PCF NC . 7.39 -6.00 33.67
C21 PCF NC . 6.97 -6.67 32.75
C22 PCF NC . 7.48 -6.44 31.30
C23 PCF NC . 6.26 -6.32 30.35
C24 PCF NC . 5.59 -4.93 30.51
C25 PCF NC . 4.14 -4.98 29.97
C26 PCF NC . 4.14 -4.91 28.41
C27 PCF NC . 3.64 -6.27 27.80
C28 PCF NC . 2.38 -6.03 26.93
C29 PCF NC . 1.29 -5.30 27.75
C30 PCF NC . 0.80 -4.06 26.97
C47 PCF NC . -0.43 -3.45 27.68
C48 PCF NC . -1.71 -3.79 26.87
C49 PCF NC . -2.96 -3.75 27.77
C50 PCF NC . -2.80 -2.66 28.84
C51 PCF NC . -3.63 -1.42 28.43
C52 PCF NC . -3.39 -0.30 29.45
C44 PCF NC . -5.48 -20.17 25.24
C45 PCF NC . -5.46 -21.39 24.32
C46 PCF NC . -5.72 -20.96 22.88
#